data_5Y9F
#
_entry.id   5Y9F
#
_cell.length_a   116.265
_cell.length_b   417.233
_cell.length_c   134.942
_cell.angle_alpha   90.00
_cell.angle_beta   111.02
_cell.angle_gamma   90.00
#
_symmetry.space_group_name_H-M   'P 1 21 1'
#
loop_
_entity.id
_entity.type
_entity.pdbx_description
1 polymer 'Major capsid protein L1'
2 polymer 'light chains of Fab fragment of antibody 28F10'
3 polymer 'heavy chain of Fab fragment of antibody 28F10'
#
loop_
_entity_poly.entity_id
_entity_poly.type
_entity_poly.pdbx_seq_one_letter_code
_entity_poly.pdbx_strand_id
1 'polypeptide(L)'
;MKVYLPPPSVAKVVSTDEYVTRTSIFYHAGSSRLLTVGHPYFKVPKGGNGRQDVPKVSAYQYRVFRVKLPDPNKFGLPDN
TVYDPNSQRLVWACVGVEIGRGQPLGVGLSGHPLYNKLDDTENSHVASAVDTKDTRDNVSVDYKQTQLCIIGCVPAIGEH
WTKGTASKPTTVVQGDCPPLELINTPIEDGDMVDTGYGAMDFKLLQDNKSEVPLDICQSICKYPDYLQMSADAYGDSMFF
CLRREQVFARHFWNRSGTMGDQLPESLYIKGTDIRANPGSYLYSPSPSGSVVTSDSQLFNKPYWLHKAQGLNNGICWHNQ
LFLTVVDTTRSTNLSVCASTTSSIPNVYTPTSFKEYARHVEEFDLQFIFQLCKITLTTEVMSYIHNMNTTILEDWNFGVT
PPPTASLVDTYRFVQSAAVTCQKDTAPPVKQDPYDKLKFWPVDLKERFSADLDQFPLGRKFLLQLGARPKPTIGPRKRAA
PAPTSTPSPKRVKRRKSSRK
;
A,B,C,D,E,F,G,H,I,J
2 'polypeptide(L)'
;DVVMTQTPLSLPVSLGDQASISCRSSQSLVHSNGNTYLHWYLQKSGQSPKLLIYKVSNRFSGVPDRFSGSGSGTDFTLKI
SRVEAEDLGVYFCSQSTHVPFTFGAGTKLELKRADAAPTVSIFPPSSEQLTSGGASVVCFLNNFYPKDINVKWKIDGSER
QNGVLNSWTDQDSKDSTYSMSSTLTLTKDEYERHNSYTCEATHKTSTSPIVKSFNRNEC
;
K,O,Q,S,M,c,W,Y,a,U
3 'polypeptide(L)'
;DVKLVESGGGLVKPGGSLKLSCAASGFPFSDYTMSWIRQTPEKRLEWVASISSGGTYTYYPDTVKGRFTISRDNAKNTLY
LQMSSLKSEDTAMFYCTRASPYYDYDEGYMDYWGQGTSVTVSSAKTTAPSVYPLAPVCGGTTGSSVTLGCLVKGYFPEPV
TLTWNSGSLSSGVHTFPALLQSGLYTLSSSVTVTSNTWPSQTITCNVAHPASSTKVDKKIVPA
;
L,P,R,T,N,d,V,X,Z,b
#
# COMPACT_ATOMS: atom_id res chain seq x y z
N LYS A 12 -37.42 -94.54 -38.79
CA LYS A 12 -38.08 -93.98 -37.63
C LYS A 12 -37.91 -94.86 -36.39
N VAL A 13 -37.40 -94.27 -35.32
CA VAL A 13 -37.18 -95.00 -34.08
C VAL A 13 -38.49 -95.08 -33.30
N VAL A 14 -38.72 -96.21 -32.63
CA VAL A 14 -39.99 -96.50 -31.99
C VAL A 14 -39.77 -96.65 -30.50
N SER A 15 -40.73 -96.17 -29.71
CA SER A 15 -40.69 -96.30 -28.26
C SER A 15 -40.63 -97.77 -27.85
N THR A 16 -39.90 -98.05 -26.78
CA THR A 16 -39.78 -99.41 -26.29
C THR A 16 -41.06 -99.91 -25.63
N ASP A 17 -41.98 -99.01 -25.30
CA ASP A 17 -43.25 -99.44 -24.73
C ASP A 17 -44.19 -100.05 -25.76
N GLU A 18 -43.80 -100.08 -27.03
CA GLU A 18 -44.63 -100.67 -28.07
C GLU A 18 -44.19 -102.05 -28.51
N TYR A 19 -42.96 -102.45 -28.20
CA TYR A 19 -42.46 -103.77 -28.58
C TYR A 19 -41.78 -104.51 -27.44
N VAL A 20 -41.90 -104.03 -26.20
CA VAL A 20 -41.33 -104.69 -25.03
C VAL A 20 -42.42 -104.72 -23.97
N THR A 21 -43.12 -105.86 -23.86
CA THR A 21 -44.16 -106.01 -22.85
C THR A 21 -43.53 -106.37 -21.51
N ARG A 22 -44.07 -105.82 -20.44
CA ARG A 22 -43.52 -105.98 -19.11
C ARG A 22 -44.32 -107.00 -18.32
N THR A 23 -43.66 -107.59 -17.32
CA THR A 23 -44.25 -108.60 -16.46
C THR A 23 -44.26 -108.10 -15.02
N SER A 24 -44.87 -108.90 -14.15
CA SER A 24 -44.91 -108.60 -12.72
C SER A 24 -43.73 -109.20 -11.97
N ILE A 25 -42.76 -109.78 -12.66
CA ILE A 25 -41.57 -110.33 -12.03
C ILE A 25 -40.60 -109.20 -11.72
N PHE A 26 -40.32 -108.99 -10.43
CA PHE A 26 -39.40 -107.96 -9.98
C PHE A 26 -38.31 -108.59 -9.14
N TYR A 27 -37.08 -108.09 -9.30
CA TYR A 27 -35.93 -108.56 -8.55
C TYR A 27 -35.19 -107.37 -7.93
N HIS A 28 -34.59 -107.61 -6.78
CA HIS A 28 -33.71 -106.65 -6.13
C HIS A 28 -32.25 -107.04 -6.37
N ALA A 29 -31.45 -106.07 -6.75
CA ALA A 29 -30.02 -106.26 -6.96
C ALA A 29 -29.27 -105.17 -6.23
N GLY A 30 -28.18 -105.55 -5.56
CA GLY A 30 -27.42 -104.59 -4.79
C GLY A 30 -25.99 -105.00 -4.51
N SER A 31 -25.06 -104.07 -4.71
CA SER A 31 -23.68 -104.28 -4.29
C SER A 31 -23.57 -104.15 -2.78
N SER A 32 -22.52 -104.76 -2.23
CA SER A 32 -22.15 -104.50 -0.85
C SER A 32 -21.57 -103.10 -0.78
N ARG A 33 -20.99 -102.74 0.36
CA ARG A 33 -20.33 -101.45 0.45
C ARG A 33 -19.11 -101.43 -0.47
N LEU A 34 -19.04 -100.42 -1.33
CA LEU A 34 -17.88 -100.19 -2.18
C LEU A 34 -17.13 -99.00 -1.63
N LEU A 35 -15.81 -99.11 -1.50
CA LEU A 35 -15.05 -97.98 -1.00
C LEU A 35 -13.67 -97.96 -1.66
N THR A 36 -13.12 -96.76 -1.78
CA THR A 36 -11.79 -96.59 -2.34
C THR A 36 -11.12 -95.42 -1.64
N VAL A 37 -9.86 -95.62 -1.25
CA VAL A 37 -9.05 -94.59 -0.62
C VAL A 37 -7.87 -94.32 -1.54
N GLY A 38 -7.29 -93.13 -1.40
CA GLY A 38 -6.14 -92.80 -2.21
C GLY A 38 -5.68 -91.37 -2.00
N HIS A 39 -4.88 -90.88 -2.93
CA HIS A 39 -4.46 -89.49 -2.77
C HIS A 39 -5.43 -88.56 -3.51
N PRO A 40 -5.79 -87.43 -2.92
CA PRO A 40 -6.81 -86.57 -3.54
C PRO A 40 -6.33 -85.80 -4.75
N TYR A 41 -5.03 -85.66 -4.96
CA TYR A 41 -4.52 -84.77 -6.00
C TYR A 41 -3.89 -85.50 -7.17
N PHE A 42 -3.17 -86.61 -6.92
CA PHE A 42 -2.40 -87.26 -7.97
C PHE A 42 -2.04 -88.67 -7.52
N LYS A 43 -1.79 -89.54 -8.50
CA LYS A 43 -1.25 -90.86 -8.21
C LYS A 43 0.15 -90.73 -7.64
N VAL A 44 0.39 -91.36 -6.50
CA VAL A 44 1.69 -91.29 -5.83
C VAL A 44 2.41 -92.62 -6.02
N PRO A 45 3.39 -92.70 -6.92
CA PRO A 45 4.11 -93.96 -7.11
C PRO A 45 5.10 -94.22 -5.99
N LYS A 46 5.11 -95.47 -5.53
CA LYS A 46 6.10 -95.92 -4.54
C LYS A 46 6.77 -97.18 -5.09
N GLY A 47 8.09 -97.13 -5.25
CA GLY A 47 8.85 -98.24 -5.78
C GLY A 47 8.75 -99.49 -4.94
N GLY A 48 8.22 -100.57 -5.51
CA GLY A 48 8.10 -101.82 -4.80
C GLY A 48 9.04 -102.89 -5.30
N ASN A 49 8.65 -104.17 -5.38
CA ASN A 49 7.32 -104.73 -5.07
C ASN A 49 6.18 -104.01 -5.78
N GLY A 50 6.37 -103.79 -7.08
CA GLY A 50 5.41 -103.05 -7.88
C GLY A 50 4.05 -103.71 -8.00
N ARG A 51 3.00 -103.04 -7.53
CA ARG A 51 3.10 -101.72 -6.90
C ARG A 51 2.22 -101.64 -5.67
N GLN A 52 2.72 -101.00 -4.61
CA GLN A 52 1.91 -100.61 -3.46
C GLN A 52 1.57 -99.13 -3.50
N ASP A 53 1.37 -98.58 -4.69
CA ASP A 53 1.07 -97.17 -4.83
C ASP A 53 -0.35 -96.87 -4.39
N VAL A 54 -0.58 -95.62 -4.03
CA VAL A 54 -1.92 -95.11 -3.74
C VAL A 54 -2.44 -94.43 -5.00
N PRO A 55 -3.69 -94.67 -5.39
CA PRO A 55 -4.23 -94.06 -6.60
C PRO A 55 -4.81 -92.68 -6.34
N LYS A 56 -5.17 -92.01 -7.43
CA LYS A 56 -5.84 -90.72 -7.34
C LYS A 56 -7.31 -90.93 -7.05
N VAL A 57 -7.74 -90.61 -5.83
CA VAL A 57 -9.13 -90.74 -5.42
C VAL A 57 -9.57 -89.36 -4.96
N SER A 58 -10.20 -88.61 -5.87
CA SER A 58 -10.66 -87.27 -5.59
C SER A 58 -12.19 -87.23 -5.58
N ALA A 59 -12.73 -86.38 -4.70
CA ALA A 59 -14.18 -86.20 -4.65
C ALA A 59 -14.72 -85.54 -5.90
N TYR A 60 -13.87 -84.94 -6.72
CA TYR A 60 -14.27 -84.31 -7.97
C TYR A 60 -13.97 -85.22 -9.17
N GLN A 61 -14.12 -86.53 -8.97
CA GLN A 61 -13.95 -87.52 -10.01
C GLN A 61 -15.29 -88.13 -10.39
N TYR A 62 -15.47 -88.41 -11.67
CA TYR A 62 -16.64 -89.17 -12.11
C TYR A 62 -16.52 -90.61 -11.63
N ARG A 63 -17.59 -91.13 -11.04
CA ARG A 63 -17.68 -92.54 -10.67
C ARG A 63 -18.61 -93.22 -11.65
N VAL A 64 -18.05 -94.05 -12.53
CA VAL A 64 -18.82 -94.70 -13.58
C VAL A 64 -18.77 -96.21 -13.31
N PHE A 65 -19.87 -96.74 -12.80
CA PHE A 65 -20.00 -98.16 -12.51
C PHE A 65 -20.56 -98.89 -13.72
N ARG A 66 -19.88 -99.97 -14.12
CA ARG A 66 -20.38 -100.88 -15.14
C ARG A 66 -21.03 -102.06 -14.42
N VAL A 67 -22.36 -102.03 -14.33
CA VAL A 67 -23.13 -103.04 -13.61
C VAL A 67 -23.52 -104.12 -14.61
N LYS A 68 -22.96 -105.31 -14.43
CA LYS A 68 -23.30 -106.46 -15.27
C LYS A 68 -24.42 -107.25 -14.60
N LEU A 69 -25.47 -107.51 -15.35
CA LEU A 69 -26.66 -108.22 -14.91
C LEU A 69 -26.66 -109.64 -15.44
N PRO A 70 -27.29 -110.59 -14.73
CA PRO A 70 -27.37 -111.95 -15.25
C PRO A 70 -28.28 -112.04 -16.46
N ASP A 71 -27.92 -112.93 -17.37
CA ASP A 71 -28.70 -113.13 -18.59
C ASP A 71 -30.08 -113.67 -18.22
N PRO A 72 -31.16 -112.93 -18.45
CA PRO A 72 -32.50 -113.44 -18.10
C PRO A 72 -32.92 -114.63 -18.95
N ASN A 73 -32.38 -114.78 -20.16
CA ASN A 73 -32.67 -115.96 -20.96
C ASN A 73 -31.94 -117.18 -20.41
N LYS A 74 -30.68 -117.00 -20.00
CA LYS A 74 -29.94 -118.06 -19.34
C LYS A 74 -30.37 -118.26 -17.89
N PHE A 75 -31.08 -117.28 -17.32
CA PHE A 75 -31.57 -117.41 -15.95
C PHE A 75 -32.52 -118.61 -15.84
N GLY A 76 -32.24 -119.49 -14.89
CA GLY A 76 -33.01 -120.72 -14.77
C GLY A 76 -33.97 -120.69 -13.61
N LEU A 77 -34.26 -119.49 -13.11
CA LEU A 77 -35.18 -119.33 -12.00
C LEU A 77 -36.64 -119.19 -12.46
N PRO A 78 -36.95 -118.39 -13.50
CA PRO A 78 -38.33 -118.34 -13.97
C PRO A 78 -38.73 -119.61 -14.72
N ASP A 79 -40.00 -119.97 -14.58
CA ASP A 79 -40.57 -121.13 -15.25
C ASP A 79 -41.00 -120.78 -16.67
N ASN A 80 -41.20 -121.83 -17.48
CA ASN A 80 -41.60 -121.61 -18.88
C ASN A 80 -43.01 -121.04 -19.03
N THR A 81 -43.70 -120.69 -17.94
CA THR A 81 -45.00 -120.03 -18.06
C THR A 81 -44.85 -118.54 -18.34
N VAL A 82 -43.72 -117.94 -17.93
CA VAL A 82 -43.54 -116.52 -18.15
C VAL A 82 -43.25 -116.21 -19.62
N TYR A 83 -42.60 -117.14 -20.33
CA TYR A 83 -42.27 -116.92 -21.73
C TYR A 83 -41.93 -118.24 -22.38
N ASP A 84 -41.94 -118.24 -23.71
CA ASP A 84 -41.58 -119.39 -24.53
C ASP A 84 -40.35 -119.05 -25.36
N PRO A 85 -39.30 -119.87 -25.33
CA PRO A 85 -38.09 -119.53 -26.10
C PRO A 85 -38.24 -119.80 -27.58
N ASN A 86 -39.45 -119.67 -28.11
CA ASN A 86 -39.72 -119.86 -29.54
C ASN A 86 -39.83 -118.54 -30.30
N SER A 87 -40.59 -117.58 -29.76
CA SER A 87 -40.74 -116.28 -30.38
C SER A 87 -40.53 -115.13 -29.40
N GLN A 88 -40.07 -115.41 -28.17
CA GLN A 88 -39.89 -114.38 -27.16
C GLN A 88 -38.51 -114.52 -26.53
N ARG A 89 -37.95 -113.38 -26.15
CA ARG A 89 -36.67 -113.32 -25.44
C ARG A 89 -36.80 -112.34 -24.28
N LEU A 90 -35.96 -112.54 -23.27
CA LEU A 90 -36.04 -111.75 -22.05
C LEU A 90 -34.98 -110.67 -22.02
N VAL A 91 -35.28 -109.60 -21.30
CA VAL A 91 -34.35 -108.48 -21.11
C VAL A 91 -34.75 -107.77 -19.83
N TRP A 92 -33.74 -107.31 -19.09
CA TRP A 92 -33.98 -106.63 -17.83
C TRP A 92 -34.33 -105.16 -18.07
N ALA A 93 -35.26 -104.65 -17.27
CA ALA A 93 -35.66 -103.25 -17.32
C ALA A 93 -35.49 -102.62 -15.96
N CYS A 94 -34.78 -101.49 -15.91
CA CYS A 94 -34.51 -100.82 -14.65
C CYS A 94 -35.73 -100.04 -14.19
N VAL A 95 -36.10 -100.21 -12.92
CA VAL A 95 -37.27 -99.57 -12.34
C VAL A 95 -36.90 -98.67 -11.17
N GLY A 96 -36.06 -99.15 -10.27
CA GLY A 96 -35.68 -98.38 -9.10
C GLY A 96 -34.18 -98.34 -8.92
N VAL A 97 -33.70 -97.22 -8.38
CA VAL A 97 -32.29 -96.99 -8.13
C VAL A 97 -32.15 -96.20 -6.83
N GLU A 98 -31.26 -96.65 -5.95
CA GLU A 98 -30.87 -95.89 -4.76
C GLU A 98 -29.35 -95.92 -4.65
N ILE A 99 -28.73 -94.75 -4.70
CA ILE A 99 -27.28 -94.61 -4.62
C ILE A 99 -26.93 -94.23 -3.19
N GLY A 100 -26.22 -95.11 -2.49
CA GLY A 100 -25.83 -94.86 -1.12
C GLY A 100 -24.48 -94.17 -1.04
N ARG A 101 -24.41 -93.12 -0.23
CA ARG A 101 -23.16 -92.44 0.08
C ARG A 101 -22.85 -92.59 1.56
N GLY A 102 -21.58 -92.87 1.87
CA GLY A 102 -21.22 -93.29 3.21
C GLY A 102 -20.62 -92.24 4.13
N GLN A 103 -19.56 -91.57 3.68
CA GLN A 103 -18.83 -90.68 4.56
C GLN A 103 -19.67 -89.46 4.94
N PRO A 104 -19.31 -88.77 6.02
CA PRO A 104 -20.05 -87.57 6.41
C PRO A 104 -19.79 -86.41 5.46
N LEU A 105 -20.69 -85.44 5.50
CA LEU A 105 -20.56 -84.27 4.65
C LEU A 105 -19.40 -83.40 5.12
N GLY A 106 -18.59 -82.94 4.17
CA GLY A 106 -17.46 -82.09 4.48
C GLY A 106 -16.99 -81.38 3.24
N VAL A 107 -16.20 -80.33 3.44
CA VAL A 107 -15.61 -79.56 2.37
C VAL A 107 -14.10 -79.75 2.41
N GLY A 108 -13.51 -79.95 1.23
CA GLY A 108 -12.09 -80.20 1.14
C GLY A 108 -11.44 -79.25 0.13
N LEU A 109 -10.15 -79.00 0.36
CA LEU A 109 -9.41 -78.05 -0.45
C LEU A 109 -8.58 -78.76 -1.51
N SER A 110 -8.37 -78.06 -2.62
CA SER A 110 -7.43 -78.45 -3.66
C SER A 110 -6.61 -77.23 -4.03
N GLY A 111 -5.29 -77.41 -4.10
CA GLY A 111 -4.43 -76.27 -4.32
C GLY A 111 -3.20 -76.52 -5.17
N HIS A 112 -2.30 -75.55 -5.16
CA HIS A 112 -1.07 -75.56 -5.93
C HIS A 112 -0.07 -74.64 -5.25
N PRO A 113 1.16 -75.12 -4.99
CA PRO A 113 2.16 -74.23 -4.37
C PRO A 113 2.60 -73.12 -5.30
N LEU A 114 2.58 -73.33 -6.60
CA LEU A 114 2.99 -72.31 -7.55
C LEU A 114 1.81 -71.88 -8.42
N TYR A 115 0.74 -71.39 -7.79
CA TYR A 115 -0.44 -70.91 -8.49
C TYR A 115 -0.16 -69.55 -9.10
N ASN A 116 -0.67 -69.34 -10.32
CA ASN A 116 -0.44 -68.09 -11.06
C ASN A 116 -1.40 -67.03 -10.54
N LYS A 117 -1.01 -66.41 -9.44
CA LYS A 117 -1.76 -65.32 -8.82
C LYS A 117 -0.86 -64.09 -8.80
N LEU A 118 -1.19 -63.09 -9.62
CA LEU A 118 -0.39 -61.87 -9.69
C LEU A 118 -0.86 -60.84 -8.66
N ASP A 119 -2.00 -60.22 -8.90
CA ASP A 119 -2.52 -59.17 -8.03
C ASP A 119 -3.94 -59.50 -7.59
N ASP A 120 -4.28 -59.07 -6.38
CA ASP A 120 -5.65 -59.13 -5.89
C ASP A 120 -6.42 -57.95 -6.48
N THR A 121 -7.45 -58.23 -7.26
CA THR A 121 -8.24 -57.20 -7.92
C THR A 121 -9.59 -56.95 -7.25
N GLU A 122 -9.80 -57.52 -6.07
CA GLU A 122 -11.06 -57.43 -5.34
C GLU A 122 -10.96 -56.42 -4.20
N ASN A 123 -10.44 -55.23 -4.50
CA ASN A 123 -10.37 -54.11 -3.57
C ASN A 123 -9.19 -54.31 -2.61
N SER A 124 -8.02 -54.58 -3.19
CA SER A 124 -6.80 -54.77 -2.42
C SER A 124 -6.11 -53.43 -2.22
N HIS A 125 -5.95 -53.02 -0.95
CA HIS A 125 -5.15 -51.85 -0.61
C HIS A 125 -3.86 -52.23 0.11
N VAL A 126 -3.48 -53.51 0.05
CA VAL A 126 -2.27 -53.95 0.74
C VAL A 126 -1.03 -53.43 0.03
N ALA A 127 -0.84 -53.83 -1.22
CA ALA A 127 0.31 -53.42 -2.03
C ALA A 127 0.04 -53.83 -3.47
N SER A 128 1.06 -53.69 -4.32
CA SER A 128 1.00 -54.14 -5.70
C SER A 128 2.28 -54.89 -6.04
N ALA A 129 2.13 -56.03 -6.71
CA ALA A 129 3.25 -56.92 -6.97
C ALA A 129 3.92 -56.58 -8.30
N VAL A 130 5.25 -56.73 -8.33
CA VAL A 130 6.01 -56.55 -9.55
C VAL A 130 6.00 -57.85 -10.34
N ASP A 131 5.87 -57.73 -11.66
CA ASP A 131 5.71 -58.91 -12.51
C ASP A 131 7.04 -59.59 -12.82
N THR A 132 8.16 -58.90 -12.61
CA THR A 132 9.46 -59.40 -13.04
C THR A 132 9.77 -60.77 -12.43
N LYS A 133 9.79 -60.85 -11.10
CA LYS A 133 10.27 -62.04 -10.42
C LYS A 133 9.20 -63.13 -10.48
N ASP A 134 9.45 -64.26 -9.82
CA ASP A 134 8.50 -65.38 -9.80
C ASP A 134 7.36 -65.02 -8.86
N THR A 135 6.32 -64.40 -9.40
CA THR A 135 5.16 -63.96 -8.62
C THR A 135 4.06 -65.03 -8.63
N ARG A 136 4.40 -66.21 -8.11
CA ARG A 136 3.47 -67.31 -8.01
C ARG A 136 3.31 -67.68 -6.53
N ASP A 137 2.08 -67.57 -6.03
CA ASP A 137 1.78 -67.79 -4.62
C ASP A 137 1.22 -69.20 -4.41
N ASN A 138 1.35 -69.67 -3.17
CA ASN A 138 0.79 -70.96 -2.76
C ASN A 138 -0.69 -70.76 -2.47
N VAL A 139 -1.56 -71.28 -3.34
CA VAL A 139 -2.98 -70.99 -3.30
C VAL A 139 -3.76 -72.29 -3.24
N SER A 140 -4.74 -72.36 -2.34
CA SER A 140 -5.70 -73.44 -2.29
C SER A 140 -7.09 -72.88 -2.51
N VAL A 141 -8.05 -73.77 -2.79
CA VAL A 141 -9.40 -73.35 -3.12
C VAL A 141 -10.34 -74.53 -2.91
N ASP A 142 -11.57 -74.22 -2.50
CA ASP A 142 -12.63 -75.22 -2.46
C ASP A 142 -13.43 -75.14 -3.75
N TYR A 143 -13.56 -76.28 -4.44
CA TYR A 143 -14.11 -76.26 -5.78
C TYR A 143 -15.62 -75.99 -5.76
N LYS A 144 -16.17 -75.83 -6.96
CA LYS A 144 -17.61 -75.74 -7.15
C LYS A 144 -18.29 -77.02 -6.67
N GLN A 145 -19.48 -76.86 -6.09
CA GLN A 145 -20.23 -78.00 -5.58
C GLN A 145 -21.08 -78.61 -6.69
N THR A 146 -20.97 -79.92 -6.88
CA THR A 146 -21.65 -80.61 -7.96
C THR A 146 -22.17 -81.96 -7.49
N GLN A 147 -23.47 -82.21 -7.72
CA GLN A 147 -24.06 -83.52 -7.55
C GLN A 147 -24.76 -83.89 -8.84
N LEU A 148 -24.37 -85.01 -9.44
CA LEU A 148 -25.03 -85.44 -10.67
C LEU A 148 -25.12 -86.95 -10.71
N CYS A 149 -26.11 -87.44 -11.44
CA CYS A 149 -26.39 -88.86 -11.55
C CYS A 149 -27.04 -89.14 -12.91
N ILE A 150 -26.48 -90.09 -13.64
CA ILE A 150 -26.96 -90.47 -14.97
C ILE A 150 -26.98 -91.98 -15.04
N ILE A 151 -28.12 -92.54 -15.46
CA ILE A 151 -28.28 -93.99 -15.56
C ILE A 151 -28.60 -94.33 -17.01
N GLY A 152 -27.91 -95.34 -17.55
CA GLY A 152 -28.15 -95.76 -18.91
C GLY A 152 -27.73 -97.19 -19.14
N CYS A 153 -27.72 -97.57 -20.41
CA CYS A 153 -27.09 -98.82 -20.84
C CYS A 153 -25.91 -98.58 -21.76
N VAL A 154 -25.55 -97.32 -21.99
CA VAL A 154 -24.43 -96.90 -22.81
C VAL A 154 -23.68 -95.85 -21.99
N PRO A 155 -22.35 -95.85 -21.99
CA PRO A 155 -21.63 -94.86 -21.17
C PRO A 155 -22.05 -93.44 -21.54
N ALA A 156 -22.14 -92.60 -20.51
CA ALA A 156 -22.61 -91.24 -20.73
C ALA A 156 -21.64 -90.46 -21.61
N ILE A 157 -22.16 -89.47 -22.30
CA ILE A 157 -21.38 -88.65 -23.22
C ILE A 157 -21.09 -87.32 -22.55
N GLY A 158 -19.82 -86.95 -22.48
CA GLY A 158 -19.45 -85.67 -21.92
C GLY A 158 -18.76 -84.78 -22.95
N GLU A 159 -18.73 -83.49 -22.69
CA GLU A 159 -18.12 -82.52 -23.59
C GLU A 159 -16.98 -81.83 -22.87
N HIS A 160 -15.96 -81.44 -23.63
CA HIS A 160 -14.86 -80.66 -23.09
C HIS A 160 -14.12 -79.99 -24.23
N TRP A 161 -13.44 -78.90 -23.91
CA TRP A 161 -12.70 -78.13 -24.89
C TRP A 161 -11.24 -78.60 -24.94
N THR A 162 -10.73 -78.79 -26.15
CA THR A 162 -9.36 -79.25 -26.34
C THR A 162 -8.68 -78.39 -27.39
N LYS A 163 -7.35 -78.50 -27.45
CA LYS A 163 -6.59 -77.83 -28.49
C LYS A 163 -6.98 -78.37 -29.86
N GLY A 164 -7.82 -77.62 -30.58
CA GLY A 164 -8.28 -78.08 -31.87
C GLY A 164 -7.14 -78.14 -32.88
N THR A 165 -7.33 -78.99 -33.89
CA THR A 165 -6.37 -79.08 -34.98
C THR A 165 -6.19 -77.72 -35.64
N ALA A 166 -5.03 -77.53 -36.26
CA ALA A 166 -4.71 -76.28 -36.94
C ALA A 166 -5.83 -75.87 -37.88
N SER A 167 -6.16 -74.58 -37.85
CA SER A 167 -7.32 -74.07 -38.60
C SER A 167 -7.21 -74.43 -40.08
N LYS A 168 -6.11 -74.06 -40.71
CA LYS A 168 -5.85 -74.38 -42.11
C LYS A 168 -4.47 -75.00 -42.21
N PRO A 169 -4.04 -75.46 -43.40
CA PRO A 169 -2.60 -75.73 -43.59
C PRO A 169 -1.79 -74.45 -43.51
N THR A 170 -1.84 -73.80 -42.35
CA THR A 170 -1.28 -72.48 -42.15
C THR A 170 -0.20 -72.55 -41.07
N THR A 171 0.96 -71.95 -41.35
CA THR A 171 2.01 -71.84 -40.35
C THR A 171 1.66 -70.69 -39.40
N VAL A 172 1.37 -71.01 -38.16
CA VAL A 172 1.02 -70.03 -37.14
C VAL A 172 2.21 -69.86 -36.20
N VAL A 173 2.39 -68.64 -35.70
CA VAL A 173 3.53 -68.34 -34.87
C VAL A 173 3.40 -69.04 -33.51
N GLN A 174 4.54 -69.45 -32.96
CA GLN A 174 4.55 -70.04 -31.63
C GLN A 174 4.19 -68.99 -30.59
N GLY A 175 3.32 -69.38 -29.65
CA GLY A 175 2.82 -68.48 -28.64
C GLY A 175 1.45 -67.92 -28.94
N ASP A 176 0.94 -68.11 -30.15
CA ASP A 176 -0.42 -67.70 -30.48
C ASP A 176 -1.42 -68.63 -29.80
N CYS A 177 -2.65 -68.15 -29.69
CA CYS A 177 -3.70 -68.93 -29.05
C CYS A 177 -4.14 -70.05 -29.97
N PRO A 178 -4.09 -71.30 -29.53
CA PRO A 178 -4.52 -72.42 -30.39
C PRO A 178 -6.03 -72.41 -30.55
N PRO A 179 -6.55 -73.03 -31.61
CA PRO A 179 -8.01 -73.11 -31.76
C PRO A 179 -8.62 -74.02 -30.72
N LEU A 180 -9.79 -73.63 -30.23
CA LEU A 180 -10.52 -74.41 -29.24
C LEU A 180 -11.58 -75.25 -29.94
N GLU A 181 -11.58 -76.56 -29.65
CA GLU A 181 -12.51 -77.48 -30.28
C GLU A 181 -13.29 -78.22 -29.20
N LEU A 182 -14.62 -78.21 -29.32
CA LEU A 182 -15.47 -78.94 -28.40
C LEU A 182 -15.51 -80.41 -28.81
N ILE A 183 -15.36 -81.31 -27.85
CA ILE A 183 -15.23 -82.73 -28.12
C ILE A 183 -16.11 -83.52 -27.16
N ASN A 184 -16.83 -84.51 -27.70
CA ASN A 184 -17.59 -85.46 -26.91
C ASN A 184 -16.78 -86.73 -26.72
N THR A 185 -16.78 -87.24 -25.48
CA THR A 185 -16.06 -88.46 -25.14
C THR A 185 -16.87 -89.24 -24.11
N PRO A 186 -16.76 -90.56 -24.11
CA PRO A 186 -17.44 -91.34 -23.06
C PRO A 186 -16.81 -91.07 -21.70
N ILE A 187 -17.68 -90.89 -20.70
CA ILE A 187 -17.24 -90.56 -19.35
C ILE A 187 -16.82 -91.85 -18.65
N GLU A 188 -15.54 -91.96 -18.33
CA GLU A 188 -14.98 -93.13 -17.66
C GLU A 188 -14.84 -92.86 -16.17
N ASP A 189 -14.72 -93.95 -15.41
CA ASP A 189 -14.50 -93.82 -13.97
C ASP A 189 -13.11 -93.24 -13.72
N GLY A 190 -13.05 -92.15 -12.95
CA GLY A 190 -11.81 -91.47 -12.68
C GLY A 190 -11.63 -90.16 -13.41
N ASP A 191 -12.44 -89.89 -14.43
CA ASP A 191 -12.36 -88.62 -15.14
C ASP A 191 -12.69 -87.47 -14.17
N MET A 192 -12.15 -86.29 -14.48
CA MET A 192 -12.35 -85.13 -13.62
C MET A 192 -13.59 -84.35 -14.06
N VAL A 193 -14.31 -83.84 -13.07
CA VAL A 193 -15.52 -83.08 -13.33
C VAL A 193 -15.18 -81.60 -13.47
N ASP A 194 -16.10 -80.83 -14.04
CA ASP A 194 -15.99 -79.39 -14.02
C ASP A 194 -15.94 -78.90 -12.57
N THR A 195 -14.93 -78.08 -12.27
CA THR A 195 -14.68 -77.63 -10.90
C THR A 195 -14.86 -76.13 -10.71
N GLY A 196 -15.32 -75.40 -11.72
CA GLY A 196 -15.46 -73.96 -11.64
C GLY A 196 -14.51 -73.20 -12.53
N TYR A 197 -13.57 -73.89 -13.18
CA TYR A 197 -12.65 -73.29 -14.13
C TYR A 197 -13.01 -73.61 -15.57
N GLY A 198 -14.14 -74.27 -15.81
CA GLY A 198 -14.54 -74.66 -17.15
C GLY A 198 -14.26 -76.12 -17.43
N ALA A 199 -14.84 -76.59 -18.53
CA ALA A 199 -14.68 -77.96 -19.00
C ALA A 199 -13.72 -77.93 -20.19
N MET A 200 -12.44 -78.18 -19.93
CA MET A 200 -11.44 -78.08 -20.97
C MET A 200 -10.27 -78.99 -20.64
N ASP A 201 -9.34 -79.10 -21.61
CA ASP A 201 -8.13 -79.89 -21.46
C ASP A 201 -7.05 -78.97 -20.90
N PHE A 202 -6.90 -78.98 -19.58
CA PHE A 202 -5.94 -78.10 -18.94
C PHE A 202 -4.50 -78.49 -19.25
N LYS A 203 -4.27 -79.78 -19.53
CA LYS A 203 -2.92 -80.23 -19.86
C LYS A 203 -2.48 -79.72 -21.23
N LEU A 204 -3.41 -79.65 -22.18
CA LEU A 204 -3.09 -79.28 -23.55
C LEU A 204 -3.22 -77.79 -23.81
N LEU A 205 -4.08 -77.09 -23.06
CA LEU A 205 -4.33 -75.68 -23.28
C LEU A 205 -3.61 -74.77 -22.29
N GLN A 206 -2.89 -75.34 -21.32
CA GLN A 206 -2.14 -74.55 -20.34
C GLN A 206 -0.74 -75.17 -20.19
N ASP A 207 0.20 -74.70 -21.01
CA ASP A 207 1.59 -75.10 -20.87
C ASP A 207 2.21 -74.57 -19.58
N ASN A 208 1.55 -73.62 -18.92
CA ASN A 208 2.08 -73.05 -17.69
C ASN A 208 2.22 -74.08 -16.58
N LYS A 209 1.31 -75.05 -16.52
CA LYS A 209 1.21 -76.00 -15.41
C LYS A 209 1.04 -75.26 -14.08
N SER A 210 0.34 -74.11 -14.11
CA SER A 210 0.24 -73.29 -12.91
C SER A 210 -1.02 -72.43 -12.86
N GLU A 211 -2.02 -72.65 -13.72
CA GLU A 211 -3.23 -71.84 -13.71
C GLU A 211 -4.31 -72.40 -12.81
N VAL A 212 -4.33 -73.71 -12.61
CA VAL A 212 -5.37 -74.37 -11.81
C VAL A 212 -4.70 -75.30 -10.82
N PRO A 213 -5.39 -75.69 -9.75
CA PRO A 213 -4.76 -76.55 -8.73
C PRO A 213 -4.29 -77.87 -9.31
N LEU A 214 -3.50 -78.59 -8.49
CA LEU A 214 -2.89 -79.84 -8.91
C LEU A 214 -3.92 -80.89 -9.32
N ASP A 215 -5.14 -80.78 -8.78
CA ASP A 215 -6.19 -81.72 -9.13
C ASP A 215 -6.37 -81.84 -10.64
N ILE A 216 -6.31 -80.72 -11.36
CA ILE A 216 -6.72 -80.68 -12.77
C ILE A 216 -5.66 -80.06 -13.67
N CYS A 217 -4.53 -79.59 -13.11
CA CYS A 217 -3.56 -78.86 -13.91
C CYS A 217 -2.97 -79.70 -15.05
N GLN A 218 -3.09 -81.02 -14.98
CA GLN A 218 -2.63 -81.91 -16.04
C GLN A 218 -3.69 -82.95 -16.38
N SER A 219 -4.96 -82.58 -16.28
CA SER A 219 -6.06 -83.50 -16.52
C SER A 219 -7.10 -82.82 -17.41
N ILE A 220 -8.20 -83.53 -17.66
CA ILE A 220 -9.30 -83.03 -18.47
C ILE A 220 -10.55 -82.97 -17.62
N CYS A 221 -11.23 -81.83 -17.62
CA CYS A 221 -12.50 -81.66 -16.95
C CYS A 221 -13.63 -81.82 -17.96
N LYS A 222 -14.50 -82.80 -17.72
CA LYS A 222 -15.60 -83.10 -18.62
C LYS A 222 -16.93 -82.73 -17.96
N TYR A 223 -17.84 -82.18 -18.76
CA TYR A 223 -19.20 -81.88 -18.34
C TYR A 223 -20.16 -82.70 -19.17
N PRO A 224 -21.17 -83.33 -18.57
CA PRO A 224 -22.08 -84.18 -19.36
C PRO A 224 -22.81 -83.38 -20.41
N ASP A 225 -22.83 -83.90 -21.63
CA ASP A 225 -23.49 -83.24 -22.75
C ASP A 225 -24.97 -83.63 -22.73
N TYR A 226 -25.70 -83.00 -21.81
CA TYR A 226 -27.15 -83.25 -21.71
C TYR A 226 -27.86 -82.91 -23.00
N LEU A 227 -27.40 -81.88 -23.72
CA LEU A 227 -28.03 -81.49 -24.98
C LEU A 227 -27.92 -82.61 -26.01
N GLN A 228 -26.76 -83.25 -26.08
CA GLN A 228 -26.55 -84.32 -27.06
C GLN A 228 -27.24 -85.62 -26.64
N MET A 229 -27.14 -85.97 -25.35
CA MET A 229 -27.75 -87.21 -24.88
C MET A 229 -29.26 -87.15 -24.90
N SER A 230 -29.85 -85.97 -24.69
CA SER A 230 -31.30 -85.84 -24.72
C SER A 230 -31.84 -85.82 -26.16
N ALA A 231 -31.06 -85.32 -27.11
CA ALA A 231 -31.46 -85.34 -28.51
C ALA A 231 -31.12 -86.65 -29.20
N ASP A 232 -30.64 -87.65 -28.45
CA ASP A 232 -30.33 -88.95 -29.02
C ASP A 232 -31.57 -89.58 -29.64
N ALA A 233 -31.36 -90.34 -30.70
CA ALA A 233 -32.47 -91.01 -31.38
C ALA A 233 -33.09 -92.07 -30.49
N TYR A 234 -32.28 -93.02 -30.02
CA TYR A 234 -32.79 -94.12 -29.22
C TYR A 234 -32.85 -93.78 -27.73
N GLY A 235 -31.98 -92.89 -27.25
CA GLY A 235 -31.99 -92.54 -25.85
C GLY A 235 -31.32 -93.53 -24.94
N ASP A 236 -30.35 -94.30 -25.45
CA ASP A 236 -29.66 -95.28 -24.63
C ASP A 236 -28.64 -94.61 -23.70
N SER A 237 -28.08 -93.46 -24.11
CA SER A 237 -27.02 -92.84 -23.34
C SER A 237 -27.50 -92.39 -21.96
N MET A 238 -28.74 -91.91 -21.88
CA MET A 238 -29.24 -91.33 -20.64
C MET A 238 -30.76 -91.44 -20.62
N PHE A 239 -31.30 -92.29 -19.75
CA PHE A 239 -32.74 -92.30 -19.51
C PHE A 239 -33.09 -91.93 -18.07
N PHE A 240 -32.13 -91.42 -17.30
CA PHE A 240 -32.39 -90.89 -15.98
C PHE A 240 -31.25 -89.95 -15.61
N CYS A 241 -31.59 -88.72 -15.22
CA CYS A 241 -30.59 -87.67 -15.03
C CYS A 241 -31.01 -86.73 -13.91
N LEU A 242 -30.12 -86.55 -12.94
CA LEU A 242 -30.33 -85.61 -11.83
C LEU A 242 -29.09 -84.75 -11.68
N ARG A 243 -29.22 -83.45 -11.90
CA ARG A 243 -28.10 -82.53 -11.71
C ARG A 243 -28.46 -81.48 -10.67
N ARG A 244 -27.44 -81.02 -9.96
CA ARG A 244 -27.58 -80.00 -8.93
C ARG A 244 -26.21 -79.44 -8.59
N GLU A 245 -25.90 -78.26 -9.12
CA GLU A 245 -24.58 -77.65 -8.99
C GLU A 245 -24.72 -76.22 -8.52
N GLN A 246 -23.72 -75.76 -7.78
CA GLN A 246 -23.69 -74.38 -7.32
C GLN A 246 -22.26 -73.93 -7.12
N VAL A 247 -22.03 -72.63 -7.33
CA VAL A 247 -20.70 -72.03 -7.31
C VAL A 247 -20.82 -70.52 -7.23
N PHE A 248 -19.83 -69.86 -6.63
CA PHE A 248 -19.74 -68.42 -6.64
C PHE A 248 -18.26 -68.03 -6.59
N ALA A 249 -17.99 -66.77 -6.92
CA ALA A 249 -16.63 -66.25 -6.97
C ALA A 249 -16.24 -65.74 -5.59
N ARG A 250 -15.25 -66.39 -4.98
CA ARG A 250 -14.83 -66.05 -3.62
C ARG A 250 -13.77 -64.95 -3.60
N HIS A 251 -12.73 -65.10 -4.40
CA HIS A 251 -11.65 -64.11 -4.48
C HIS A 251 -11.31 -63.83 -5.93
N PHE A 252 -10.96 -62.58 -6.21
CA PHE A 252 -10.64 -62.13 -7.56
C PHE A 252 -9.15 -61.95 -7.68
N TRP A 253 -8.56 -62.48 -8.75
CA TRP A 253 -7.12 -62.51 -8.90
C TRP A 253 -6.72 -62.08 -10.31
N ASN A 254 -5.41 -61.90 -10.47
CA ASN A 254 -4.80 -61.52 -11.74
C ASN A 254 -3.82 -62.62 -12.15
N ARG A 255 -3.64 -62.77 -13.45
CA ARG A 255 -2.74 -63.78 -14.01
C ARG A 255 -1.50 -63.10 -14.54
N SER A 256 -0.33 -63.57 -14.11
CA SER A 256 0.93 -63.06 -14.63
C SER A 256 1.26 -63.74 -15.96
N GLY A 257 2.08 -63.06 -16.76
CA GLY A 257 2.37 -63.51 -18.10
C GLY A 257 1.96 -62.50 -19.14
N THR A 258 2.68 -62.44 -20.26
CA THR A 258 2.42 -61.42 -21.25
C THR A 258 1.06 -61.66 -21.91
N MET A 259 0.30 -60.58 -22.06
CA MET A 259 -1.04 -60.68 -22.63
C MET A 259 -0.96 -60.92 -24.13
N GLY A 260 -1.47 -62.07 -24.57
CA GLY A 260 -1.40 -62.39 -25.99
C GLY A 260 -2.33 -61.55 -26.84
N ASP A 261 -3.42 -61.06 -26.26
CA ASP A 261 -4.38 -60.22 -26.96
C ASP A 261 -4.13 -58.77 -26.56
N GLN A 262 -3.89 -57.92 -27.55
CA GLN A 262 -3.62 -56.51 -27.27
C GLN A 262 -4.89 -55.82 -26.80
N LEU A 263 -4.80 -55.17 -25.63
CA LEU A 263 -5.91 -54.39 -25.12
C LEU A 263 -6.17 -53.22 -26.05
N PRO A 264 -7.33 -53.13 -26.68
CA PRO A 264 -7.59 -52.03 -27.62
C PRO A 264 -7.51 -50.69 -26.91
N GLU A 265 -6.74 -49.77 -27.50
CA GLU A 265 -6.55 -48.46 -26.89
C GLU A 265 -7.80 -47.60 -26.93
N SER A 266 -8.86 -48.06 -27.59
CA SER A 266 -10.14 -47.38 -27.58
C SER A 266 -10.86 -47.52 -26.25
N LEU A 267 -10.42 -48.42 -25.38
CA LEU A 267 -11.16 -48.77 -24.17
C LEU A 267 -10.57 -48.16 -22.90
N TYR A 268 -9.52 -47.35 -23.00
CA TYR A 268 -8.95 -46.75 -21.80
C TYR A 268 -8.15 -45.51 -22.19
N ILE A 269 -7.72 -44.77 -21.17
CA ILE A 269 -6.86 -43.61 -21.34
C ILE A 269 -5.60 -43.84 -20.51
N LYS A 270 -4.44 -43.67 -21.13
CA LYS A 270 -3.20 -44.17 -20.57
C LYS A 270 -2.69 -43.34 -19.39
N GLY A 271 -3.12 -42.09 -19.28
CA GLY A 271 -2.59 -41.23 -18.24
C GLY A 271 -1.36 -40.48 -18.70
N THR A 272 -0.73 -39.79 -17.74
CA THR A 272 0.36 -38.88 -18.09
C THR A 272 1.56 -39.63 -18.67
N ASP A 273 1.90 -40.79 -18.10
CA ASP A 273 3.00 -41.61 -18.59
C ASP A 273 2.52 -42.29 -19.87
N ILE A 274 2.60 -41.55 -20.97
CA ILE A 274 2.03 -42.00 -22.24
C ILE A 274 2.74 -43.22 -22.83
N ARG A 275 3.82 -43.68 -22.21
CA ARG A 275 4.49 -44.90 -22.63
C ARG A 275 4.40 -46.01 -21.58
N ALA A 276 3.27 -46.08 -20.88
CA ALA A 276 3.07 -46.98 -19.76
C ALA A 276 2.41 -48.28 -20.22
N ASN A 277 3.00 -49.40 -19.85
CA ASN A 277 2.39 -50.69 -20.13
C ASN A 277 1.13 -50.90 -19.28
N PRO A 278 -0.02 -51.17 -19.90
CA PRO A 278 -1.22 -51.47 -19.11
C PRO A 278 -1.06 -52.76 -18.31
N GLY A 279 -1.49 -52.71 -17.06
CA GLY A 279 -1.41 -53.87 -16.19
C GLY A 279 -2.18 -55.07 -16.74
N SER A 280 -1.89 -56.23 -16.14
CA SER A 280 -2.52 -57.48 -16.55
C SER A 280 -4.04 -57.39 -16.46
N TYR A 281 -4.71 -57.74 -17.56
CA TYR A 281 -6.17 -57.66 -17.64
C TYR A 281 -6.80 -59.01 -17.94
N LEU A 282 -6.19 -60.09 -17.44
CA LEU A 282 -6.75 -61.43 -17.51
C LEU A 282 -7.13 -61.83 -16.08
N TYR A 283 -8.41 -61.75 -15.76
CA TYR A 283 -8.91 -61.95 -14.42
C TYR A 283 -9.53 -63.33 -14.28
N SER A 284 -9.14 -64.05 -13.23
CA SER A 284 -9.64 -65.39 -12.97
C SER A 284 -10.07 -65.49 -11.51
N PRO A 285 -11.33 -65.80 -11.22
CA PRO A 285 -11.78 -65.90 -9.83
C PRO A 285 -11.50 -67.27 -9.23
N SER A 286 -11.45 -67.28 -7.90
CA SER A 286 -11.38 -68.54 -7.16
C SER A 286 -12.80 -69.05 -6.94
N PRO A 287 -13.16 -70.22 -7.48
CA PRO A 287 -14.52 -70.73 -7.30
C PRO A 287 -14.75 -71.19 -5.87
N SER A 288 -16.02 -71.33 -5.52
CA SER A 288 -16.39 -71.86 -4.21
C SER A 288 -17.77 -72.46 -4.29
N GLY A 289 -17.96 -73.59 -3.62
CA GLY A 289 -19.20 -74.32 -3.64
C GLY A 289 -20.17 -73.93 -2.55
N SER A 290 -19.89 -72.85 -1.82
CA SER A 290 -20.74 -72.30 -0.76
C SER A 290 -21.01 -73.41 0.28
N VAL A 291 -22.19 -73.38 0.89
CA VAL A 291 -22.50 -74.27 1.99
C VAL A 291 -22.92 -75.63 1.44
N VAL A 292 -22.45 -76.69 2.10
CA VAL A 292 -22.92 -78.04 1.84
C VAL A 292 -23.91 -78.40 2.95
N THR A 293 -25.15 -78.66 2.57
CA THR A 293 -26.20 -78.98 3.52
C THR A 293 -26.93 -80.25 3.09
N SER A 294 -27.41 -81.00 4.08
CA SER A 294 -28.16 -82.21 3.78
C SER A 294 -29.55 -81.93 3.22
N ASP A 295 -30.02 -80.68 3.31
CA ASP A 295 -31.28 -80.33 2.67
C ASP A 295 -31.15 -80.41 1.15
N SER A 296 -30.02 -79.98 0.61
CA SER A 296 -29.74 -80.06 -0.82
C SER A 296 -29.17 -81.41 -1.23
N GLN A 297 -29.11 -82.38 -0.32
CA GLN A 297 -28.56 -83.68 -0.65
C GLN A 297 -29.40 -84.37 -1.71
N LEU A 298 -28.75 -85.13 -2.58
CA LEU A 298 -29.40 -85.72 -3.74
C LEU A 298 -29.34 -87.25 -3.76
N PHE A 299 -28.58 -87.88 -2.87
CA PHE A 299 -28.43 -89.33 -2.83
C PHE A 299 -29.01 -89.86 -1.53
N ASN A 300 -28.77 -91.15 -1.26
CA ASN A 300 -29.39 -91.87 -0.15
C ASN A 300 -30.91 -91.82 -0.22
N LYS A 301 -31.46 -91.59 -1.41
CA LYS A 301 -32.88 -91.52 -1.68
C LYS A 301 -33.27 -92.52 -2.74
N PRO A 302 -34.45 -93.13 -2.63
CA PRO A 302 -34.93 -94.00 -3.71
C PRO A 302 -35.47 -93.17 -4.86
N TYR A 303 -35.15 -93.60 -6.09
CA TYR A 303 -35.66 -92.96 -7.30
C TYR A 303 -36.31 -94.03 -8.16
N TRP A 304 -37.57 -93.80 -8.51
CA TRP A 304 -38.36 -94.76 -9.29
C TRP A 304 -38.49 -94.24 -10.72
N LEU A 305 -38.01 -95.03 -11.68
CA LEU A 305 -38.10 -94.67 -13.08
C LEU A 305 -39.40 -95.21 -13.64
N HIS A 306 -40.30 -94.30 -14.02
CA HIS A 306 -41.54 -94.69 -14.68
C HIS A 306 -41.43 -94.39 -16.17
N LYS A 307 -41.37 -93.12 -16.52
CA LYS A 307 -41.19 -92.66 -17.88
C LYS A 307 -39.76 -92.16 -18.05
N ALA A 308 -39.07 -92.68 -19.05
CA ALA A 308 -37.72 -92.21 -19.34
C ALA A 308 -37.78 -90.95 -20.21
N GLN A 309 -36.65 -90.25 -20.29
CA GLN A 309 -36.59 -89.06 -21.14
C GLN A 309 -36.54 -89.44 -22.61
N GLY A 310 -35.90 -90.56 -22.94
CA GLY A 310 -35.79 -91.02 -24.30
C GLY A 310 -36.76 -92.16 -24.59
N LEU A 311 -36.58 -92.75 -25.78
CA LEU A 311 -37.46 -93.83 -26.18
C LEU A 311 -37.13 -95.13 -25.45
N ASN A 312 -35.85 -95.37 -25.15
CA ASN A 312 -35.47 -96.50 -24.30
C ASN A 312 -35.92 -96.22 -22.88
N ASN A 313 -36.89 -96.98 -22.39
CA ASN A 313 -37.49 -96.73 -21.08
C ASN A 313 -36.85 -97.63 -20.02
N GLY A 314 -35.55 -97.43 -19.83
CA GLY A 314 -34.84 -98.14 -18.78
C GLY A 314 -34.61 -99.60 -19.09
N ILE A 315 -34.44 -99.96 -20.36
CA ILE A 315 -34.21 -101.35 -20.75
C ILE A 315 -32.71 -101.58 -20.84
N CYS A 316 -32.23 -102.59 -20.11
CA CYS A 316 -30.80 -102.84 -20.00
C CYS A 316 -30.39 -103.84 -21.08
N TRP A 317 -30.15 -103.31 -22.27
CA TRP A 317 -29.68 -104.14 -23.36
C TRP A 317 -28.34 -104.77 -23.01
N HIS A 318 -28.12 -105.98 -23.50
CA HIS A 318 -26.93 -106.78 -23.23
C HIS A 318 -26.74 -107.04 -21.73
N ASN A 319 -27.81 -106.89 -20.95
CA ASN A 319 -27.80 -107.20 -19.52
C ASN A 319 -26.71 -106.42 -18.79
N GLN A 320 -26.60 -105.13 -19.10
CA GLN A 320 -25.65 -104.25 -18.44
C GLN A 320 -26.29 -102.89 -18.21
N LEU A 321 -25.72 -102.14 -17.29
CA LEU A 321 -26.26 -100.85 -16.87
C LEU A 321 -25.13 -99.97 -16.39
N PHE A 322 -25.02 -98.78 -16.98
CA PHE A 322 -23.96 -97.83 -16.69
C PHE A 322 -24.48 -96.75 -15.75
N LEU A 323 -23.79 -96.55 -14.63
CA LEU A 323 -24.19 -95.58 -13.61
C LEU A 323 -23.07 -94.55 -13.43
N THR A 324 -23.30 -93.35 -13.91
CA THR A 324 -22.37 -92.23 -13.71
C THR A 324 -22.86 -91.38 -12.53
N VAL A 325 -21.95 -91.05 -11.63
CA VAL A 325 -22.33 -90.32 -10.41
C VAL A 325 -21.17 -89.42 -10.00
N VAL A 326 -21.50 -88.19 -9.62
CA VAL A 326 -20.55 -87.23 -9.05
C VAL A 326 -21.17 -86.69 -7.77
N ASP A 327 -20.40 -86.72 -6.68
CA ASP A 327 -20.86 -86.22 -5.39
C ASP A 327 -19.68 -85.53 -4.73
N THR A 328 -19.71 -84.19 -4.72
CA THR A 328 -18.64 -83.39 -4.14
C THR A 328 -19.00 -82.86 -2.76
N THR A 329 -20.10 -83.34 -2.18
CA THR A 329 -20.55 -82.91 -0.86
C THR A 329 -19.86 -83.67 0.27
N ARG A 330 -18.93 -84.57 -0.06
CA ARG A 330 -18.15 -85.33 0.90
C ARG A 330 -16.66 -85.23 0.55
N SER A 331 -16.20 -84.01 0.31
CA SER A 331 -14.86 -83.75 -0.19
C SER A 331 -13.82 -83.58 0.92
N THR A 332 -14.19 -83.83 2.17
CA THR A 332 -13.25 -83.71 3.27
C THR A 332 -12.07 -84.67 3.08
N ASN A 333 -10.88 -84.23 3.48
CA ASN A 333 -9.66 -84.98 3.29
C ASN A 333 -9.02 -85.30 4.64
N LEU A 334 -8.70 -86.57 4.85
CA LEU A 334 -8.00 -87.00 6.05
C LEU A 334 -6.53 -86.62 5.95
N SER A 335 -6.00 -86.05 7.02
CA SER A 335 -4.57 -85.73 7.13
C SER A 335 -3.97 -86.68 8.15
N VAL A 336 -3.16 -87.62 7.67
CA VAL A 336 -2.48 -88.59 8.53
C VAL A 336 -1.01 -88.20 8.60
N CYS A 337 -0.45 -88.18 9.80
CA CYS A 337 0.95 -87.82 9.98
C CYS A 337 1.62 -88.85 10.89
N ALA A 338 2.88 -89.15 10.58
CA ALA A 338 3.65 -90.14 11.33
C ALA A 338 5.01 -89.56 11.70
N SER A 339 5.43 -89.77 12.94
CA SER A 339 6.70 -89.26 13.40
C SER A 339 7.85 -89.97 12.70
N THR A 340 8.92 -89.23 12.40
CA THR A 340 10.08 -89.81 11.76
C THR A 340 10.97 -90.56 12.74
N THR A 341 10.92 -90.22 14.03
CA THR A 341 11.60 -91.00 15.05
C THR A 341 10.72 -92.17 15.47
N SER A 342 11.36 -93.28 15.84
CA SER A 342 10.62 -94.50 16.20
C SER A 342 9.61 -94.18 17.29
N SER A 343 10.02 -93.44 18.32
CA SER A 343 9.10 -92.85 19.28
C SER A 343 9.41 -91.37 19.36
N ILE A 344 8.36 -90.56 19.45
CA ILE A 344 8.52 -89.10 19.36
C ILE A 344 9.19 -88.57 20.64
N PRO A 345 10.27 -87.81 20.52
CA PRO A 345 10.68 -86.97 21.66
C PRO A 345 9.68 -85.82 21.82
N ASN A 346 9.26 -85.59 23.06
CA ASN A 346 8.16 -84.66 23.33
C ASN A 346 8.50 -83.22 23.00
N VAL A 347 8.96 -82.97 21.78
CA VAL A 347 9.25 -81.65 21.26
C VAL A 347 8.86 -81.63 19.80
N TYR A 348 8.11 -80.62 19.39
CA TYR A 348 7.61 -80.55 18.03
C TYR A 348 8.55 -79.74 17.14
N THR A 349 8.96 -80.35 16.02
CA THR A 349 9.66 -79.71 14.94
C THR A 349 9.07 -80.29 13.65
N PRO A 350 8.81 -79.45 12.65
CA PRO A 350 8.20 -79.96 11.41
C PRO A 350 9.02 -81.03 10.72
N THR A 351 10.33 -81.07 10.96
CA THR A 351 11.18 -82.06 10.31
C THR A 351 11.05 -83.45 10.92
N SER A 352 10.40 -83.57 12.08
CA SER A 352 10.25 -84.85 12.76
C SER A 352 8.84 -85.43 12.59
N PHE A 353 8.10 -84.97 11.58
CA PHE A 353 6.76 -85.48 11.31
C PHE A 353 6.52 -85.45 9.82
N LYS A 354 6.10 -86.58 9.26
CA LYS A 354 5.71 -86.68 7.86
C LYS A 354 4.20 -86.55 7.72
N GLU A 355 3.77 -85.70 6.79
CA GLU A 355 2.37 -85.38 6.58
C GLU A 355 1.88 -85.99 5.27
N TYR A 356 0.74 -86.66 5.31
CA TYR A 356 0.12 -87.32 4.17
C TYR A 356 -1.35 -86.93 4.09
N ALA A 357 -1.85 -86.77 2.87
CA ALA A 357 -3.25 -86.45 2.61
C ALA A 357 -3.91 -87.61 1.90
N ARG A 358 -4.97 -88.15 2.50
CA ARG A 358 -5.72 -89.27 1.93
C ARG A 358 -7.19 -88.92 1.83
N HIS A 359 -7.84 -89.40 0.77
CA HIS A 359 -9.25 -89.19 0.53
C HIS A 359 -9.97 -90.52 0.37
N VAL A 360 -11.27 -90.50 0.66
CA VAL A 360 -12.08 -91.70 0.81
C VAL A 360 -13.40 -91.50 0.07
N GLU A 361 -13.84 -92.54 -0.64
CA GLU A 361 -15.15 -92.56 -1.29
C GLU A 361 -15.86 -93.85 -0.93
N GLU A 362 -17.14 -93.76 -0.58
CA GLU A 362 -17.93 -94.91 -0.15
C GLU A 362 -19.30 -94.86 -0.81
N PHE A 363 -19.68 -95.98 -1.44
CA PHE A 363 -20.94 -96.12 -2.17
C PHE A 363 -21.65 -97.40 -1.75
N ASP A 364 -22.95 -97.45 -2.10
CA ASP A 364 -23.76 -98.64 -1.88
C ASP A 364 -24.90 -98.60 -2.90
N LEU A 365 -24.69 -99.28 -4.03
CA LEU A 365 -25.65 -99.25 -5.13
C LEU A 365 -26.76 -100.25 -4.91
N GLN A 366 -28.01 -99.83 -5.12
CA GLN A 366 -29.18 -100.68 -4.99
C GLN A 366 -30.10 -100.47 -6.18
N PHE A 367 -30.72 -101.55 -6.66
CA PHE A 367 -31.50 -101.51 -7.88
C PHE A 367 -32.73 -102.41 -7.75
N ILE A 368 -33.80 -102.01 -8.44
CA ILE A 368 -35.00 -102.83 -8.62
C ILE A 368 -35.19 -103.02 -10.12
N PHE A 369 -35.06 -104.25 -10.58
CA PHE A 369 -35.20 -104.58 -11.99
C PHE A 369 -36.50 -105.32 -12.26
N GLN A 370 -37.00 -105.20 -13.48
CA GLN A 370 -38.24 -105.83 -13.91
C GLN A 370 -37.97 -106.72 -15.11
N LEU A 371 -38.45 -107.96 -15.06
CA LEU A 371 -38.28 -108.89 -16.16
C LEU A 371 -39.27 -108.58 -17.27
N CYS A 372 -38.81 -108.68 -18.51
CA CYS A 372 -39.62 -108.29 -19.66
C CYS A 372 -39.52 -109.32 -20.77
N LYS A 373 -40.55 -109.34 -21.60
CA LYS A 373 -40.62 -110.18 -22.79
C LYS A 373 -40.56 -109.31 -24.04
N ILE A 374 -40.02 -109.88 -25.11
CA ILE A 374 -39.97 -109.22 -26.42
C ILE A 374 -40.41 -110.26 -27.45
N THR A 375 -41.60 -110.08 -27.99
CA THR A 375 -42.11 -110.99 -29.02
C THR A 375 -41.36 -110.73 -30.33
N LEU A 376 -40.54 -111.69 -30.75
CA LEU A 376 -39.67 -111.51 -31.92
C LEU A 376 -40.49 -111.74 -33.18
N THR A 377 -41.29 -110.73 -33.52
CA THR A 377 -42.05 -110.71 -34.75
C THR A 377 -41.15 -110.29 -35.92
N THR A 378 -41.72 -110.26 -37.11
CA THR A 378 -41.14 -109.45 -38.17
C THR A 378 -41.43 -107.98 -37.86
N GLU A 379 -40.97 -107.09 -38.74
CA GLU A 379 -41.00 -105.65 -38.47
C GLU A 379 -40.18 -105.34 -37.22
N VAL A 380 -40.60 -105.89 -36.08
CA VAL A 380 -39.74 -106.04 -34.91
C VAL A 380 -38.61 -106.98 -35.28
N MET A 381 -37.59 -107.07 -34.42
CA MET A 381 -36.41 -107.91 -34.65
C MET A 381 -35.56 -107.37 -35.80
N SER A 382 -36.18 -107.09 -36.94
CA SER A 382 -35.49 -106.33 -37.97
C SER A 382 -35.22 -104.91 -37.51
N TYR A 383 -36.17 -104.33 -36.76
CA TYR A 383 -35.93 -103.05 -36.09
C TYR A 383 -34.83 -103.22 -35.04
N ILE A 384 -34.86 -104.32 -34.29
CA ILE A 384 -33.80 -104.59 -33.33
C ILE A 384 -32.47 -104.81 -34.04
N HIS A 385 -32.51 -105.44 -35.20
CA HIS A 385 -31.28 -105.64 -35.98
C HIS A 385 -30.70 -104.30 -36.42
N ASN A 386 -31.55 -103.40 -36.93
CA ASN A 386 -31.08 -102.07 -37.31
C ASN A 386 -30.62 -101.27 -36.09
N MET A 387 -31.16 -101.58 -34.91
CA MET A 387 -30.73 -100.91 -33.69
C MET A 387 -29.34 -101.40 -33.27
N ASN A 388 -29.22 -102.69 -32.98
CA ASN A 388 -27.94 -103.28 -32.61
C ASN A 388 -27.96 -104.74 -33.05
N THR A 389 -27.18 -105.06 -34.09
CA THR A 389 -27.09 -106.45 -34.54
C THR A 389 -26.58 -107.36 -33.42
N THR A 390 -25.73 -106.83 -32.55
CA THR A 390 -25.18 -107.63 -31.47
C THR A 390 -26.23 -108.03 -30.43
N ILE A 391 -27.38 -107.37 -30.41
CA ILE A 391 -28.46 -107.80 -29.52
C ILE A 391 -29.00 -109.16 -29.96
N LEU A 392 -29.35 -109.28 -31.24
CA LEU A 392 -29.76 -110.57 -31.77
C LEU A 392 -28.61 -111.56 -31.74
N GLU A 393 -27.40 -111.09 -32.02
CA GLU A 393 -26.22 -111.95 -31.99
C GLU A 393 -26.04 -112.59 -30.62
N ASP A 394 -26.22 -111.84 -29.54
CA ASP A 394 -26.08 -112.42 -28.21
C ASP A 394 -27.25 -113.31 -27.83
N TRP A 395 -28.42 -113.12 -28.45
CA TRP A 395 -29.55 -114.02 -28.20
C TRP A 395 -29.47 -115.25 -29.10
N ASN A 396 -30.42 -115.34 -30.04
CA ASN A 396 -30.60 -116.43 -31.01
C ASN A 396 -31.88 -116.16 -31.80
N GLN A 431 -16.27 -110.17 -28.26
CA GLN A 431 -15.61 -108.89 -28.06
C GLN A 431 -16.56 -107.88 -27.42
N ASP A 432 -16.01 -106.74 -27.01
CA ASP A 432 -16.76 -105.72 -26.30
C ASP A 432 -16.17 -104.35 -26.62
N PRO A 433 -16.98 -103.40 -27.10
CA PRO A 433 -16.45 -102.08 -27.45
C PRO A 433 -16.17 -101.18 -26.25
N TYR A 434 -16.62 -101.57 -25.06
CA TYR A 434 -16.49 -100.73 -23.87
C TYR A 434 -15.31 -101.12 -23.00
N ASP A 435 -14.61 -102.21 -23.32
CA ASP A 435 -13.42 -102.59 -22.57
C ASP A 435 -12.22 -101.70 -22.90
N LYS A 436 -12.34 -100.85 -23.92
CA LYS A 436 -11.32 -99.86 -24.19
C LYS A 436 -11.34 -98.74 -23.15
N LEU A 437 -12.44 -98.60 -22.41
CA LEU A 437 -12.61 -97.59 -21.38
C LEU A 437 -12.49 -98.22 -20.00
N LYS A 438 -12.17 -97.38 -19.01
CA LYS A 438 -11.98 -97.83 -17.65
C LYS A 438 -13.25 -97.54 -16.85
N PHE A 439 -13.81 -98.59 -16.25
CA PHE A 439 -15.02 -98.47 -15.43
C PHE A 439 -14.79 -99.14 -14.09
N TRP A 440 -15.70 -98.86 -13.15
CA TRP A 440 -15.72 -99.56 -11.87
C TRP A 440 -16.62 -100.77 -12.03
N PRO A 441 -16.08 -101.99 -12.04
CA PRO A 441 -16.91 -103.17 -12.32
C PRO A 441 -17.81 -103.51 -11.14
N VAL A 442 -19.08 -103.77 -11.44
CA VAL A 442 -20.08 -104.17 -10.46
C VAL A 442 -20.76 -105.41 -11.02
N ASP A 443 -20.42 -106.58 -10.46
CA ASP A 443 -20.97 -107.84 -10.93
C ASP A 443 -22.19 -108.18 -10.06
N LEU A 444 -23.38 -108.14 -10.65
CA LEU A 444 -24.62 -108.45 -9.94
C LEU A 444 -25.28 -109.71 -10.46
N LYS A 445 -24.56 -110.54 -11.21
CA LYS A 445 -25.15 -111.77 -11.72
C LYS A 445 -25.55 -112.72 -10.59
N GLU A 446 -24.82 -112.69 -9.48
CA GLU A 446 -25.11 -113.54 -8.33
C GLU A 446 -25.82 -112.77 -7.21
N ARG A 447 -26.35 -111.59 -7.49
CA ARG A 447 -26.89 -110.72 -6.46
C ARG A 447 -28.36 -110.41 -6.65
N PHE A 448 -29.01 -110.99 -7.66
CA PHE A 448 -30.43 -110.81 -7.86
C PHE A 448 -31.23 -111.63 -6.86
N SER A 449 -32.33 -111.06 -6.36
CA SER A 449 -33.18 -111.75 -5.41
C SER A 449 -34.61 -111.30 -5.62
N ALA A 450 -35.53 -112.26 -5.61
CA ALA A 450 -36.95 -111.98 -5.79
C ALA A 450 -37.68 -111.65 -4.49
N ASP A 451 -37.06 -111.90 -3.34
CA ASP A 451 -37.67 -111.55 -2.05
C ASP A 451 -37.40 -110.07 -1.77
N LEU A 452 -38.25 -109.23 -2.35
CA LEU A 452 -38.04 -107.78 -2.28
C LEU A 452 -38.16 -107.26 -0.85
N ASP A 453 -39.04 -107.84 -0.04
CA ASP A 453 -39.26 -107.37 1.31
C ASP A 453 -38.06 -107.61 2.23
N GLN A 454 -37.01 -108.26 1.76
CA GLN A 454 -35.83 -108.52 2.56
C GLN A 454 -34.77 -107.42 2.43
N PHE A 455 -35.02 -106.40 1.62
CA PHE A 455 -34.04 -105.35 1.36
C PHE A 455 -34.70 -103.98 1.49
N PRO A 456 -33.93 -102.96 1.89
CA PRO A 456 -34.50 -101.62 2.07
C PRO A 456 -35.14 -101.05 0.81
N LEU A 457 -34.38 -101.00 -0.28
CA LEU A 457 -34.96 -100.53 -1.55
C LEU A 457 -36.12 -101.40 -1.98
N GLY A 458 -36.06 -102.70 -1.67
CA GLY A 458 -37.17 -103.58 -2.00
C GLY A 458 -38.44 -103.23 -1.25
N ARG A 459 -38.31 -102.92 0.05
CA ARG A 459 -39.47 -102.52 0.84
C ARG A 459 -40.02 -101.18 0.37
N LYS A 460 -39.14 -100.19 0.20
CA LYS A 460 -39.57 -98.90 -0.32
C LYS A 460 -40.25 -99.05 -1.66
N PHE A 461 -39.83 -100.03 -2.46
CA PHE A 461 -40.50 -100.33 -3.72
C PHE A 461 -41.82 -101.06 -3.50
N LEU A 462 -41.93 -101.83 -2.41
CA LEU A 462 -43.21 -102.46 -2.10
C LEU A 462 -44.24 -101.44 -1.66
N LEU A 463 -43.82 -100.26 -1.20
CA LEU A 463 -44.77 -99.18 -1.00
C LEU A 463 -45.07 -98.46 -2.32
N GLN A 464 -45.39 -99.22 -3.37
CA GLN A 464 -45.74 -98.64 -4.66
C GLN A 464 -46.94 -99.29 -5.34
N LEU A 465 -47.38 -100.48 -4.88
CA LEU A 465 -48.61 -101.12 -5.34
C LEU A 465 -49.73 -100.14 -5.70
N LYS B 12 -59.98 -50.30 -32.86
CA LYS B 12 -59.91 -51.18 -31.70
C LYS B 12 -59.26 -52.51 -32.06
N VAL B 13 -58.22 -52.88 -31.32
CA VAL B 13 -57.49 -54.11 -31.60
C VAL B 13 -58.22 -55.29 -30.98
N VAL B 14 -58.22 -56.43 -31.68
CA VAL B 14 -58.99 -57.60 -31.31
C VAL B 14 -58.03 -58.75 -31.05
N SER B 15 -58.37 -59.58 -30.06
CA SER B 15 -57.57 -60.77 -29.78
C SER B 15 -57.53 -61.68 -31.01
N THR B 16 -56.38 -62.31 -31.23
CA THR B 16 -56.22 -63.20 -32.37
C THR B 16 -56.98 -64.51 -32.23
N ASP B 17 -57.46 -64.83 -31.02
CA ASP B 17 -58.24 -66.04 -30.83
C ASP B 17 -59.65 -65.93 -31.38
N GLU B 18 -60.05 -64.78 -31.92
CA GLU B 18 -61.38 -64.59 -32.47
C GLU B 18 -61.44 -64.68 -33.98
N TYR B 19 -60.30 -64.57 -34.68
CA TYR B 19 -60.28 -64.65 -36.13
C TYR B 19 -59.18 -65.57 -36.65
N VAL B 20 -58.56 -66.36 -35.79
CA VAL B 20 -57.53 -67.32 -36.18
C VAL B 20 -57.87 -68.64 -35.50
N THR B 21 -58.51 -69.54 -36.24
CA THR B 21 -58.86 -70.86 -35.71
C THR B 21 -57.66 -71.79 -35.74
N ARG B 22 -57.53 -72.60 -34.70
CA ARG B 22 -56.38 -73.49 -34.52
C ARG B 22 -56.75 -74.92 -34.92
N THR B 23 -55.74 -75.68 -35.30
CA THR B 23 -55.90 -77.06 -35.73
C THR B 23 -55.11 -77.98 -34.82
N SER B 24 -55.27 -79.29 -35.05
CA SER B 24 -54.52 -80.31 -34.32
C SER B 24 -53.21 -80.67 -35.01
N ILE B 25 -52.84 -79.94 -36.05
CA ILE B 25 -51.57 -80.17 -36.75
C ILE B 25 -50.46 -79.53 -35.93
N PHE B 26 -49.54 -80.34 -35.43
CA PHE B 26 -48.42 -79.86 -34.64
C PHE B 26 -47.11 -80.32 -35.26
N TYR B 27 -46.10 -79.44 -35.22
CA TYR B 27 -44.79 -79.76 -35.73
C TYR B 27 -43.72 -79.43 -34.70
N HIS B 28 -42.65 -80.22 -34.70
CA HIS B 28 -41.48 -79.95 -33.90
C HIS B 28 -40.38 -79.37 -34.80
N ALA B 29 -39.77 -78.28 -34.36
CA ALA B 29 -38.68 -77.65 -35.08
C ALA B 29 -37.55 -77.37 -34.11
N GLY B 30 -36.32 -77.65 -34.53
CA GLY B 30 -35.21 -77.41 -33.64
C GLY B 30 -33.88 -77.29 -34.36
N SER B 31 -33.12 -76.26 -34.04
CA SER B 31 -31.76 -76.15 -34.55
C SER B 31 -30.86 -77.16 -33.84
N SER B 32 -29.75 -77.47 -34.49
CA SER B 32 -28.74 -78.30 -33.85
C SER B 32 -28.04 -77.48 -32.77
N ARG B 33 -26.95 -78.01 -32.22
CA ARG B 33 -26.18 -77.28 -31.23
C ARG B 33 -25.56 -76.03 -31.85
N LEU B 34 -25.81 -74.89 -31.24
CA LEU B 34 -25.21 -73.63 -31.65
C LEU B 34 -24.15 -73.26 -30.63
N LEU B 35 -22.97 -72.87 -31.11
CA LEU B 35 -21.92 -72.47 -30.18
C LEU B 35 -21.11 -71.34 -30.78
N THR B 36 -20.56 -70.50 -29.91
CA THR B 36 -19.69 -69.42 -30.33
C THR B 36 -18.62 -69.21 -29.28
N VAL B 37 -17.37 -69.07 -29.74
CA VAL B 37 -16.25 -68.78 -28.86
C VAL B 37 -15.70 -67.41 -29.26
N GLY B 38 -15.02 -66.78 -28.31
CA GLY B 38 -14.43 -65.48 -28.61
C GLY B 38 -13.80 -64.87 -27.38
N HIS B 39 -13.57 -63.56 -27.47
CA HIS B 39 -13.02 -62.88 -26.31
C HIS B 39 -14.13 -62.34 -25.43
N PRO B 40 -14.02 -62.47 -24.11
CA PRO B 40 -15.14 -62.06 -23.23
C PRO B 40 -15.27 -60.57 -23.07
N TYR B 41 -14.24 -59.78 -23.39
CA TYR B 41 -14.25 -58.35 -23.11
C TYR B 41 -14.35 -57.47 -24.35
N PHE B 42 -13.71 -57.87 -25.46
CA PHE B 42 -13.64 -56.99 -26.63
C PHE B 42 -13.27 -57.81 -27.86
N LYS B 43 -13.64 -57.27 -29.01
CA LYS B 43 -13.19 -57.85 -30.27
C LYS B 43 -11.68 -57.68 -30.43
N VAL B 44 -10.98 -58.77 -30.70
CA VAL B 44 -9.53 -58.74 -30.84
C VAL B 44 -9.17 -58.88 -32.32
N PRO B 45 -8.78 -57.81 -33.00
CA PRO B 45 -8.39 -57.93 -34.40
C PRO B 45 -6.98 -58.50 -34.54
N LYS B 46 -6.84 -59.42 -35.49
CA LYS B 46 -5.53 -59.96 -35.86
C LYS B 46 -5.35 -59.80 -37.35
N GLY B 47 -4.30 -59.10 -37.76
CA GLY B 47 -4.05 -58.84 -39.16
C GLY B 47 -3.85 -60.09 -40.00
N GLY B 48 -4.71 -60.29 -40.99
CA GLY B 48 -4.61 -61.43 -41.87
C GLY B 48 -4.19 -61.04 -43.27
N ASN B 49 -4.70 -61.67 -44.34
CA ASN B 49 -5.72 -62.74 -44.37
C ASN B 49 -7.01 -62.40 -43.59
N GLY B 50 -7.53 -61.20 -43.81
CA GLY B 50 -8.69 -60.72 -43.11
C GLY B 50 -9.97 -61.51 -43.37
N ARG B 51 -10.56 -62.09 -42.33
CA ARG B 51 -10.07 -62.00 -40.96
C ARG B 51 -10.17 -63.33 -40.22
N GLN B 52 -9.14 -63.68 -39.45
CA GLN B 52 -9.22 -64.76 -38.48
C GLN B 52 -9.33 -64.23 -37.06
N ASP B 53 -9.98 -63.08 -36.89
CA ASP B 53 -10.11 -62.45 -35.59
C ASP B 53 -11.10 -63.20 -34.71
N VAL B 54 -10.97 -63.01 -33.41
CA VAL B 54 -11.92 -63.54 -32.44
C VAL B 54 -12.93 -62.46 -32.10
N PRO B 55 -14.22 -62.77 -32.07
CA PRO B 55 -15.23 -61.75 -31.78
C PRO B 55 -15.48 -61.60 -30.28
N LYS B 56 -16.28 -60.59 -29.95
CA LYS B 56 -16.68 -60.36 -28.56
C LYS B 56 -17.81 -61.31 -28.20
N VAL B 57 -17.52 -62.29 -27.36
CA VAL B 57 -18.49 -63.28 -26.91
C VAL B 57 -18.52 -63.18 -25.39
N SER B 58 -19.49 -62.44 -24.86
CA SER B 58 -19.61 -62.25 -23.42
C SER B 58 -20.90 -62.92 -22.92
N ALA B 59 -20.83 -63.45 -21.70
CA ALA B 59 -22.02 -64.00 -21.08
C ALA B 59 -23.03 -62.92 -20.71
N TYR B 60 -22.61 -61.66 -20.71
CA TYR B 60 -23.50 -60.53 -20.46
C TYR B 60 -23.92 -59.84 -21.75
N GLN B 61 -24.09 -60.63 -22.81
CA GLN B 61 -24.55 -60.15 -24.10
C GLN B 61 -25.96 -60.69 -24.37
N TYR B 62 -26.78 -59.88 -25.02
CA TYR B 62 -28.09 -60.36 -25.47
C TYR B 62 -27.90 -61.36 -26.60
N ARG B 63 -28.59 -62.49 -26.52
CA ARG B 63 -28.64 -63.46 -27.60
C ARG B 63 -30.01 -63.36 -28.25
N VAL B 64 -30.05 -62.82 -29.46
CA VAL B 64 -31.32 -62.57 -30.17
C VAL B 64 -31.31 -63.44 -31.42
N PHE B 65 -32.06 -64.54 -31.37
CA PHE B 65 -32.18 -65.46 -32.49
C PHE B 65 -33.36 -65.07 -33.35
N ARG B 66 -33.13 -64.94 -34.66
CA ARG B 66 -34.19 -64.75 -35.65
C ARG B 66 -34.48 -66.11 -36.25
N VAL B 67 -35.56 -66.73 -35.81
CA VAL B 67 -35.95 -68.06 -36.26
C VAL B 67 -36.86 -67.89 -37.47
N LYS B 68 -36.38 -68.33 -38.63
CA LYS B 68 -37.15 -68.27 -39.86
C LYS B 68 -37.90 -69.58 -40.05
N LEU B 69 -39.23 -69.49 -40.24
CA LEU B 69 -40.13 -70.62 -40.39
C LEU B 69 -40.54 -70.82 -41.84
N PRO B 70 -40.87 -72.05 -42.23
CA PRO B 70 -41.35 -72.28 -43.60
C PRO B 70 -42.74 -71.70 -43.79
N ASP B 71 -42.98 -71.20 -44.99
CA ASP B 71 -44.28 -70.64 -45.34
C ASP B 71 -45.34 -71.73 -45.29
N PRO B 72 -46.32 -71.67 -44.39
CA PRO B 72 -47.33 -72.75 -44.34
C PRO B 72 -48.19 -72.82 -45.59
N ASN B 73 -48.35 -71.71 -46.31
CA ASN B 73 -49.07 -71.76 -47.58
C ASN B 73 -48.21 -72.42 -48.66
N LYS B 74 -46.91 -72.15 -48.64
CA LYS B 74 -45.97 -72.82 -49.54
C LYS B 74 -45.69 -74.26 -49.09
N PHE B 75 -46.03 -74.60 -47.84
CA PHE B 75 -45.82 -75.96 -47.35
C PHE B 75 -46.68 -76.94 -48.15
N GLY B 76 -46.02 -77.95 -48.71
CA GLY B 76 -46.71 -78.91 -49.57
C GLY B 76 -46.90 -80.29 -48.97
N LEU B 77 -46.74 -80.41 -47.65
CA LEU B 77 -46.91 -81.70 -46.98
C LEU B 77 -48.36 -81.96 -46.57
N PRO B 78 -49.08 -81.01 -45.97
CA PRO B 78 -50.49 -81.26 -45.67
C PRO B 78 -51.34 -81.27 -46.92
N ASP B 79 -52.40 -82.07 -46.88
CA ASP B 79 -53.31 -82.20 -48.02
C ASP B 79 -54.31 -81.05 -48.04
N ASN B 80 -54.93 -80.85 -49.20
CA ASN B 80 -55.90 -79.78 -49.37
C ASN B 80 -57.19 -80.00 -48.58
N THR B 81 -57.26 -81.04 -47.75
CA THR B 81 -58.40 -81.24 -46.86
C THR B 81 -58.33 -80.37 -45.63
N VAL B 82 -57.12 -79.95 -45.22
CA VAL B 82 -56.99 -79.14 -44.00
C VAL B 82 -57.49 -77.73 -44.25
N TYR B 83 -57.37 -77.21 -45.47
CA TYR B 83 -57.83 -75.86 -45.78
C TYR B 83 -57.93 -75.70 -47.28
N ASP B 84 -58.64 -74.65 -47.70
CA ASP B 84 -58.77 -74.33 -49.10
C ASP B 84 -58.13 -72.97 -49.38
N PRO B 85 -57.20 -72.88 -50.34
CA PRO B 85 -56.52 -71.60 -50.61
C PRO B 85 -57.38 -70.61 -51.37
N ASN B 86 -58.70 -70.64 -51.17
CA ASN B 86 -59.61 -69.73 -51.84
C ASN B 86 -60.02 -68.56 -50.96
N SER B 87 -60.40 -68.83 -49.70
CA SER B 87 -60.75 -67.79 -48.76
C SER B 87 -60.07 -67.96 -47.41
N GLN B 88 -59.12 -68.88 -47.30
CA GLN B 88 -58.42 -69.13 -46.04
C GLN B 88 -56.92 -69.17 -46.31
N ARG B 89 -56.14 -68.70 -45.33
CA ARG B 89 -54.69 -68.76 -45.42
C ARG B 89 -54.13 -69.25 -44.08
N LEU B 90 -52.95 -69.85 -44.16
CA LEU B 90 -52.32 -70.47 -43.00
C LEU B 90 -51.21 -69.60 -42.42
N VAL B 91 -50.97 -69.77 -41.12
CA VAL B 91 -49.91 -69.08 -40.41
C VAL B 91 -49.52 -69.92 -39.21
N TRP B 92 -48.24 -69.93 -38.89
CA TRP B 92 -47.74 -70.72 -37.77
C TRP B 92 -47.98 -70.01 -36.45
N ALA B 93 -48.33 -70.79 -35.42
CA ALA B 93 -48.52 -70.28 -34.07
C ALA B 93 -47.64 -71.09 -33.13
N CYS B 94 -46.82 -70.39 -32.34
CA CYS B 94 -45.91 -71.06 -31.43
C CYS B 94 -46.65 -71.55 -30.19
N VAL B 95 -46.39 -72.80 -29.81
CA VAL B 95 -47.05 -73.42 -28.67
C VAL B 95 -46.06 -73.81 -27.57
N GLY B 96 -44.93 -74.39 -27.95
CA GLY B 96 -43.95 -74.82 -26.98
C GLY B 96 -42.57 -74.31 -27.31
N VAL B 97 -41.79 -74.05 -26.25
CA VAL B 97 -40.43 -73.55 -26.39
C VAL B 97 -39.55 -74.19 -25.32
N GLU B 98 -38.39 -74.69 -25.73
CA GLU B 98 -37.35 -75.13 -24.79
C GLU B 98 -36.02 -74.56 -25.24
N ILE B 99 -35.39 -73.77 -24.38
CA ILE B 99 -34.11 -73.15 -24.66
C ILE B 99 -33.03 -73.98 -23.98
N GLY B 100 -32.16 -74.59 -24.79
CA GLY B 100 -31.11 -75.43 -24.26
C GLY B 100 -29.83 -74.65 -24.04
N ARG B 101 -29.25 -74.81 -22.85
CA ARG B 101 -27.95 -74.25 -22.51
C ARG B 101 -26.97 -75.39 -22.23
N GLY B 102 -25.75 -75.27 -22.74
CA GLY B 102 -24.84 -76.39 -22.75
C GLY B 102 -23.76 -76.41 -21.68
N GLN B 103 -22.99 -75.33 -21.57
CA GLN B 103 -21.82 -75.32 -20.72
C GLN B 103 -22.20 -75.40 -19.24
N PRO B 104 -21.26 -75.79 -18.38
CA PRO B 104 -21.55 -75.87 -16.95
C PRO B 104 -21.72 -74.50 -16.32
N LEU B 105 -22.38 -74.49 -15.15
CA LEU B 105 -22.59 -73.25 -14.42
C LEU B 105 -21.29 -72.72 -13.86
N GLY B 106 -21.07 -71.42 -14.01
CA GLY B 106 -19.86 -70.81 -13.49
C GLY B 106 -20.00 -69.31 -13.38
N VAL B 107 -19.08 -68.72 -12.61
CA VAL B 107 -19.02 -67.27 -12.42
C VAL B 107 -17.73 -66.76 -13.04
N GLY B 108 -17.84 -65.64 -13.76
CA GLY B 108 -16.69 -65.07 -14.43
C GLY B 108 -16.54 -63.60 -14.11
N LEU B 109 -15.30 -63.13 -14.17
CA LEU B 109 -14.95 -61.77 -13.81
C LEU B 109 -14.79 -60.89 -15.04
N SER B 110 -15.08 -59.60 -14.85
CA SER B 110 -14.80 -58.56 -15.83
C SER B 110 -14.14 -57.41 -15.09
N GLY B 111 -13.06 -56.87 -15.66
CA GLY B 111 -12.32 -55.85 -14.97
C GLY B 111 -11.73 -54.76 -15.85
N HIS B 112 -10.85 -53.97 -15.27
CA HIS B 112 -10.22 -52.84 -15.92
C HIS B 112 -8.91 -52.54 -15.20
N PRO B 113 -7.80 -52.44 -15.94
CA PRO B 113 -6.52 -52.12 -15.28
C PRO B 113 -6.49 -50.70 -14.73
N LEU B 114 -7.20 -49.77 -15.36
CA LEU B 114 -7.24 -48.39 -14.88
C LEU B 114 -8.64 -48.02 -14.44
N TYR B 115 -9.17 -48.77 -13.48
CA TYR B 115 -10.50 -48.51 -12.94
C TYR B 115 -10.44 -47.31 -12.00
N ASN B 116 -11.46 -46.46 -12.06
CA ASN B 116 -11.48 -45.23 -11.27
C ASN B 116 -11.93 -45.56 -9.85
N LYS B 117 -10.97 -46.03 -9.05
CA LYS B 117 -11.19 -46.34 -7.64
C LYS B 117 -10.26 -45.45 -6.82
N LEU B 118 -10.85 -44.49 -6.10
CA LEU B 118 -10.06 -43.56 -5.30
C LEU B 118 -9.80 -44.15 -3.91
N ASP B 119 -10.82 -44.18 -3.07
CA ASP B 119 -10.69 -44.65 -1.69
C ASP B 119 -11.75 -45.71 -1.40
N ASP B 120 -11.40 -46.64 -0.52
CA ASP B 120 -12.38 -47.58 0.01
C ASP B 120 -13.22 -46.84 1.04
N THR B 121 -14.52 -46.72 0.75
CA THR B 121 -15.45 -45.94 1.56
C THR B 121 -16.33 -46.81 2.47
N GLU B 122 -15.97 -48.07 2.67
CA GLU B 122 -16.83 -48.97 3.41
C GLU B 122 -16.39 -49.08 4.87
N ASN B 123 -15.24 -49.68 5.13
CA ASN B 123 -14.67 -49.70 6.47
C ASN B 123 -13.15 -49.75 6.34
N SER B 124 -12.60 -48.80 5.59
CA SER B 124 -11.16 -48.80 5.35
C SER B 124 -10.42 -48.09 6.48
N HIS B 125 -9.58 -48.85 7.17
CA HIS B 125 -8.63 -48.32 8.14
C HIS B 125 -7.19 -48.45 7.65
N VAL B 126 -6.99 -48.77 6.38
CA VAL B 126 -5.64 -48.94 5.86
C VAL B 126 -4.96 -47.59 5.68
N ALA B 127 -5.50 -46.75 4.79
CA ALA B 127 -4.93 -45.44 4.50
C ALA B 127 -5.93 -44.65 3.67
N SER B 128 -5.50 -43.50 3.17
CA SER B 128 -6.29 -42.64 2.29
C SER B 128 -5.40 -42.20 1.13
N ALA B 129 -5.95 -42.22 -0.07
CA ALA B 129 -5.16 -41.96 -1.28
C ALA B 129 -5.13 -40.48 -1.63
N VAL B 130 -4.00 -40.06 -2.17
CA VAL B 130 -3.81 -38.67 -2.63
C VAL B 130 -4.40 -38.53 -4.03
N ASP B 131 -5.05 -37.38 -4.27
CA ASP B 131 -5.78 -37.17 -5.51
C ASP B 131 -4.89 -36.71 -6.67
N THR B 132 -3.67 -36.24 -6.41
CA THR B 132 -2.85 -35.62 -7.45
C THR B 132 -2.59 -36.58 -8.61
N LYS B 133 -1.91 -37.69 -8.33
CA LYS B 133 -1.43 -38.58 -9.39
C LYS B 133 -2.58 -39.43 -9.93
N ASP B 134 -2.25 -40.37 -10.82
CA ASP B 134 -3.22 -41.27 -11.44
C ASP B 134 -3.62 -42.32 -10.40
N THR B 135 -4.68 -42.02 -9.66
CA THR B 135 -5.15 -42.92 -8.61
C THR B 135 -6.21 -43.88 -9.17
N ARG B 136 -5.78 -44.68 -10.14
CA ARG B 136 -6.63 -45.67 -10.79
C ARG B 136 -6.01 -47.05 -10.57
N ASP B 137 -6.77 -47.92 -9.91
CA ASP B 137 -6.31 -49.26 -9.54
C ASP B 137 -6.82 -50.30 -10.54
N ASN B 138 -6.15 -51.44 -10.57
CA ASN B 138 -6.56 -52.56 -11.39
C ASN B 138 -7.65 -53.32 -10.64
N VAL B 139 -8.89 -53.22 -11.12
CA VAL B 139 -10.06 -53.69 -10.40
C VAL B 139 -10.87 -54.62 -11.28
N SER B 140 -11.24 -55.78 -10.74
CA SER B 140 -12.17 -56.70 -11.39
C SER B 140 -13.41 -56.86 -10.54
N VAL B 141 -14.46 -57.42 -11.15
CA VAL B 141 -15.75 -57.55 -10.47
C VAL B 141 -16.57 -58.60 -11.20
N ASP B 142 -17.39 -59.32 -10.44
CA ASP B 142 -18.37 -60.22 -11.02
C ASP B 142 -19.70 -59.49 -11.12
N TYR B 143 -20.28 -59.50 -12.32
CA TYR B 143 -21.43 -58.65 -12.59
C TYR B 143 -22.69 -59.18 -11.91
N LYS B 144 -23.75 -58.37 -12.01
CA LYS B 144 -25.08 -58.76 -11.58
C LYS B 144 -25.56 -59.98 -12.36
N GLN B 145 -26.28 -60.88 -11.68
CA GLN B 145 -26.77 -62.10 -12.30
C GLN B 145 -28.12 -61.85 -12.95
N THR B 146 -28.25 -62.21 -14.22
CA THR B 146 -29.45 -61.92 -14.98
C THR B 146 -29.81 -63.10 -15.88
N GLN B 147 -31.06 -63.56 -15.77
CA GLN B 147 -31.64 -64.55 -16.68
C GLN B 147 -32.92 -63.98 -17.25
N LEU B 148 -33.01 -63.89 -18.57
CA LEU B 148 -34.25 -63.39 -19.16
C LEU B 148 -34.53 -64.11 -20.48
N CYS B 149 -35.80 -64.14 -20.84
CA CYS B 149 -36.28 -64.81 -22.04
C CYS B 149 -37.53 -64.11 -22.53
N ILE B 150 -37.54 -63.73 -23.81
CA ILE B 150 -38.64 -63.02 -24.43
C ILE B 150 -38.90 -63.63 -25.80
N ILE B 151 -40.14 -63.99 -26.08
CA ILE B 151 -40.53 -64.61 -27.35
C ILE B 151 -41.53 -63.69 -28.04
N GLY B 152 -41.31 -63.47 -29.33
CA GLY B 152 -42.23 -62.64 -30.09
C GLY B 152 -42.13 -62.95 -31.58
N CYS B 153 -42.80 -62.11 -32.37
CA CYS B 153 -42.63 -62.09 -33.81
C CYS B 153 -42.02 -60.79 -34.29
N VAL B 154 -41.67 -59.90 -33.37
CA VAL B 154 -41.02 -58.61 -33.64
C VAL B 154 -39.89 -58.51 -32.62
N PRO B 155 -38.71 -58.01 -32.99
CA PRO B 155 -37.62 -57.92 -32.01
C PRO B 155 -38.03 -57.13 -30.77
N ALA B 156 -37.56 -57.59 -29.62
CA ALA B 156 -37.95 -57.00 -28.35
C ALA B 156 -37.46 -55.57 -28.24
N ILE B 157 -38.15 -54.78 -27.42
CA ILE B 157 -37.85 -53.38 -27.23
C ILE B 157 -37.10 -53.21 -25.91
N GLY B 158 -35.94 -52.56 -25.96
CA GLY B 158 -35.18 -52.28 -24.77
C GLY B 158 -35.00 -50.80 -24.53
N GLU B 159 -34.68 -50.42 -23.31
CA GLU B 159 -34.50 -49.02 -22.94
C GLU B 159 -33.08 -48.81 -22.42
N HIS B 160 -32.57 -47.59 -22.63
CA HIS B 160 -31.30 -47.20 -22.04
C HIS B 160 -31.20 -45.68 -22.03
N TRP B 161 -30.35 -45.18 -21.15
CA TRP B 161 -30.15 -43.74 -21.00
C TRP B 161 -29.01 -43.26 -21.87
N THR B 162 -29.23 -42.13 -22.55
CA THR B 162 -28.23 -41.55 -23.43
C THR B 162 -28.10 -40.05 -23.16
N LYS B 163 -27.00 -39.48 -23.66
CA LYS B 163 -26.80 -38.04 -23.61
C LYS B 163 -27.86 -37.34 -24.45
N GLY B 164 -28.89 -36.79 -23.81
CA GLY B 164 -29.96 -36.15 -24.54
C GLY B 164 -29.50 -34.91 -25.27
N THR B 165 -30.21 -34.60 -26.35
CA THR B 165 -29.97 -33.37 -27.09
C THR B 165 -30.16 -32.15 -26.18
N ALA B 166 -29.48 -31.05 -26.55
CA ALA B 166 -29.56 -29.82 -25.79
C ALA B 166 -31.01 -29.41 -25.55
N SER B 167 -31.29 -28.99 -24.32
CA SER B 167 -32.66 -28.66 -23.92
C SER B 167 -33.25 -27.58 -24.82
N LYS B 168 -32.55 -26.46 -24.96
CA LYS B 168 -33.01 -25.34 -25.79
C LYS B 168 -31.89 -24.97 -26.76
N PRO B 169 -32.10 -24.01 -27.68
CA PRO B 169 -30.96 -23.43 -28.39
C PRO B 169 -30.04 -22.67 -27.47
N THR B 170 -29.45 -23.38 -26.50
CA THR B 170 -28.67 -22.78 -25.43
C THR B 170 -27.24 -23.31 -25.50
N THR B 171 -26.27 -22.39 -25.45
CA THR B 171 -24.86 -22.75 -25.38
C THR B 171 -24.52 -23.14 -23.95
N VAL B 172 -24.17 -24.40 -23.73
CA VAL B 172 -23.82 -24.89 -22.41
C VAL B 172 -22.30 -25.03 -22.32
N VAL B 173 -21.76 -24.78 -21.13
CA VAL B 173 -20.32 -24.80 -20.94
C VAL B 173 -19.80 -26.23 -21.03
N GLN B 174 -18.58 -26.36 -21.56
CA GLN B 174 -17.94 -27.68 -21.60
C GLN B 174 -17.61 -28.15 -20.19
N GLY B 175 -17.90 -29.41 -19.92
CA GLY B 175 -17.73 -29.98 -18.60
C GLY B 175 -18.98 -30.01 -17.76
N ASP B 176 -20.06 -29.37 -18.22
CA ASP B 176 -21.33 -29.44 -17.51
C ASP B 176 -21.96 -30.81 -17.70
N CYS B 177 -22.89 -31.14 -16.82
CA CYS B 177 -23.59 -32.42 -16.90
C CYS B 177 -24.58 -32.38 -18.05
N PRO B 178 -24.50 -33.29 -19.03
CA PRO B 178 -25.45 -33.28 -20.14
C PRO B 178 -26.82 -33.76 -19.70
N PRO B 179 -27.88 -33.39 -20.43
CA PRO B 179 -29.21 -33.91 -20.10
C PRO B 179 -29.31 -35.40 -20.40
N LEU B 180 -30.00 -36.12 -19.54
CA LEU B 180 -30.19 -37.56 -19.71
C LEU B 180 -31.54 -37.83 -20.36
N GLU B 181 -31.53 -38.63 -21.43
CA GLU B 181 -32.74 -38.95 -22.17
C GLU B 181 -32.90 -40.47 -22.25
N LEU B 182 -34.08 -40.95 -21.88
CA LEU B 182 -34.38 -42.37 -22.01
C LEU B 182 -34.79 -42.68 -23.44
N ILE B 183 -34.25 -43.78 -23.97
CA ILE B 183 -34.43 -44.12 -25.38
C ILE B 183 -34.77 -45.59 -25.49
N ASN B 184 -35.77 -45.90 -26.32
CA ASN B 184 -36.13 -47.27 -26.68
C ASN B 184 -35.52 -47.64 -28.02
N THR B 185 -34.95 -48.83 -28.10
CA THR B 185 -34.33 -49.35 -29.31
C THR B 185 -34.58 -50.85 -29.39
N PRO B 186 -34.65 -51.40 -30.61
CA PRO B 186 -34.77 -52.85 -30.75
C PRO B 186 -33.52 -53.56 -30.25
N ILE B 187 -33.72 -54.64 -29.50
CA ILE B 187 -32.62 -55.39 -28.90
C ILE B 187 -32.05 -56.34 -29.95
N GLU B 188 -30.81 -56.08 -30.35
CA GLU B 188 -30.10 -56.89 -31.34
C GLU B 188 -29.18 -57.88 -30.63
N ASP B 189 -28.79 -58.92 -31.37
CA ASP B 189 -27.84 -59.88 -30.83
C ASP B 189 -26.48 -59.23 -30.64
N GLY B 190 -25.92 -59.35 -29.43
CA GLY B 190 -24.65 -58.74 -29.11
C GLY B 190 -24.75 -57.54 -28.20
N ASP B 191 -25.95 -56.97 -28.01
CA ASP B 191 -26.11 -55.85 -27.10
C ASP B 191 -25.75 -56.28 -25.67
N MET B 192 -25.32 -55.32 -24.87
CA MET B 192 -24.91 -55.60 -23.50
C MET B 192 -26.09 -55.45 -22.55
N VAL B 193 -26.14 -56.33 -21.56
CA VAL B 193 -27.21 -56.32 -20.57
C VAL B 193 -26.80 -55.44 -19.40
N ASP B 194 -27.78 -55.06 -18.59
CA ASP B 194 -27.49 -54.42 -17.32
C ASP B 194 -26.61 -55.34 -16.46
N THR B 195 -25.49 -54.81 -15.98
CA THR B 195 -24.53 -55.61 -15.24
C THR B 195 -24.36 -55.15 -13.79
N GLY B 196 -25.16 -54.19 -13.33
CA GLY B 196 -25.04 -53.66 -11.99
C GLY B 196 -24.58 -52.22 -11.93
N TYR B 197 -24.19 -51.62 -13.06
CA TYR B 197 -23.84 -50.21 -13.12
C TYR B 197 -24.92 -49.37 -13.78
N GLY B 198 -26.06 -49.96 -14.10
CA GLY B 198 -27.15 -49.25 -14.75
C GLY B 198 -27.20 -49.55 -16.25
N ALA B 199 -28.32 -49.15 -16.84
CA ALA B 199 -28.58 -49.33 -18.27
C ALA B 199 -28.43 -47.98 -18.95
N MET B 200 -27.24 -47.70 -19.49
CA MET B 200 -26.96 -46.42 -20.11
C MET B 200 -25.89 -46.58 -21.17
N ASP B 201 -25.64 -45.48 -21.89
CA ASP B 201 -24.61 -45.43 -22.93
C ASP B 201 -23.32 -44.96 -22.27
N PHE B 202 -22.48 -45.92 -21.88
CA PHE B 202 -21.24 -45.59 -21.19
C PHE B 202 -20.25 -44.88 -22.11
N LYS B 203 -20.34 -45.11 -23.42
CA LYS B 203 -19.45 -44.46 -24.36
C LYS B 203 -19.74 -42.95 -24.45
N LEU B 204 -21.02 -42.58 -24.37
CA LEU B 204 -21.41 -41.20 -24.55
C LEU B 204 -21.48 -40.40 -23.26
N LEU B 205 -21.76 -41.06 -22.13
CA LEU B 205 -21.93 -40.37 -20.86
C LEU B 205 -20.72 -40.47 -19.93
N GLN B 206 -19.67 -41.19 -20.33
CA GLN B 206 -18.46 -41.32 -19.51
C GLN B 206 -17.25 -41.13 -20.42
N ASP B 207 -16.80 -39.89 -20.55
CA ASP B 207 -15.55 -39.60 -21.24
C ASP B 207 -14.33 -40.15 -20.51
N ASN B 208 -14.50 -40.55 -19.25
CA ASN B 208 -13.38 -41.06 -18.46
C ASN B 208 -12.79 -42.32 -19.09
N LYS B 209 -13.63 -43.17 -19.68
CA LYS B 209 -13.23 -44.50 -20.13
C LYS B 209 -12.60 -45.29 -18.99
N SER B 210 -13.10 -45.06 -17.77
CA SER B 210 -12.49 -45.69 -16.60
C SER B 210 -13.47 -45.90 -15.45
N GLU B 211 -14.77 -45.74 -15.66
CA GLU B 211 -15.74 -45.90 -14.59
C GLU B 211 -16.29 -47.32 -14.49
N VAL B 212 -16.32 -48.05 -15.60
CA VAL B 212 -16.87 -49.40 -15.62
C VAL B 212 -15.88 -50.31 -16.34
N PRO B 213 -15.97 -51.62 -16.12
CA PRO B 213 -15.00 -52.55 -16.72
C PRO B 213 -15.03 -52.51 -18.26
N LEU B 214 -14.03 -53.15 -18.83
CA LEU B 214 -13.84 -53.15 -20.29
C LEU B 214 -15.03 -53.76 -21.02
N ASP B 215 -15.79 -54.64 -20.35
CA ASP B 215 -16.98 -55.23 -20.97
C ASP B 215 -17.90 -54.16 -21.54
N ILE B 216 -18.09 -53.06 -20.82
CA ILE B 216 -19.15 -52.10 -21.12
C ILE B 216 -18.63 -50.68 -21.21
N CYS B 217 -17.34 -50.43 -20.96
CA CYS B 217 -16.85 -49.06 -20.88
C CYS B 217 -17.02 -48.29 -22.19
N GLN B 218 -17.21 -48.98 -23.31
CA GLN B 218 -17.43 -48.34 -24.60
C GLN B 218 -18.63 -48.96 -25.31
N SER B 219 -19.63 -49.40 -24.56
CA SER B 219 -20.80 -50.06 -25.10
C SER B 219 -22.06 -49.48 -24.46
N ILE B 220 -23.21 -50.05 -24.81
CA ILE B 220 -24.51 -49.65 -24.30
C ILE B 220 -25.12 -50.82 -23.57
N CYS B 221 -25.57 -50.59 -22.33
CA CYS B 221 -26.28 -51.59 -21.55
C CYS B 221 -27.78 -51.33 -21.70
N LYS B 222 -28.51 -52.30 -22.23
CA LYS B 222 -29.93 -52.17 -22.46
C LYS B 222 -30.71 -53.07 -21.52
N TYR B 223 -31.84 -52.58 -21.03
CA TYR B 223 -32.75 -53.34 -20.20
C TYR B 223 -34.09 -53.47 -20.91
N PRO B 224 -34.69 -54.66 -20.93
CA PRO B 224 -35.96 -54.82 -21.65
C PRO B 224 -37.04 -53.94 -21.07
N ASP B 225 -37.75 -53.22 -21.95
CA ASP B 225 -38.82 -52.32 -21.54
C ASP B 225 -40.10 -53.14 -21.39
N TYR B 226 -40.18 -53.88 -20.28
CA TYR B 226 -41.36 -54.69 -19.99
C TYR B 226 -42.61 -53.83 -19.91
N LEU B 227 -42.48 -52.61 -19.39
CA LEU B 227 -43.62 -51.71 -19.26
C LEU B 227 -44.17 -51.31 -20.63
N GLN B 228 -43.27 -51.02 -21.58
CA GLN B 228 -43.72 -50.60 -22.90
C GLN B 228 -44.20 -51.78 -23.74
N MET B 229 -43.47 -52.90 -23.68
CA MET B 229 -43.87 -54.06 -24.48
C MET B 229 -45.16 -54.69 -23.97
N SER B 230 -45.41 -54.59 -22.66
CA SER B 230 -46.66 -55.12 -22.11
C SER B 230 -47.83 -54.20 -22.40
N ALA B 231 -47.58 -52.89 -22.50
CA ALA B 231 -48.60 -51.93 -22.88
C ALA B 231 -48.79 -51.83 -24.38
N ASP B 232 -48.10 -52.66 -25.17
CA ASP B 232 -48.27 -52.66 -26.60
C ASP B 232 -49.71 -53.01 -26.96
N ALA B 233 -50.19 -52.42 -28.06
CA ALA B 233 -51.56 -52.65 -28.49
C ALA B 233 -51.78 -54.09 -28.92
N TYR B 234 -50.97 -54.56 -29.88
CA TYR B 234 -51.15 -55.89 -30.45
C TYR B 234 -50.44 -56.98 -29.65
N GLY B 235 -49.36 -56.65 -28.96
CA GLY B 235 -48.61 -57.65 -28.22
C GLY B 235 -47.68 -58.49 -29.07
N ASP B 236 -47.20 -57.96 -30.19
CA ASP B 236 -46.28 -58.69 -31.05
C ASP B 236 -44.87 -58.72 -30.47
N SER B 237 -44.47 -57.68 -29.74
CA SER B 237 -43.10 -57.58 -29.26
C SER B 237 -42.78 -58.67 -28.25
N MET B 238 -43.75 -59.04 -27.41
CA MET B 238 -43.49 -59.99 -26.33
C MET B 238 -44.80 -60.66 -25.94
N PHE B 239 -44.91 -61.96 -26.24
CA PHE B 239 -46.02 -62.75 -25.73
C PHE B 239 -45.56 -63.85 -24.79
N PHE B 240 -44.30 -63.83 -24.37
CA PHE B 240 -43.80 -64.75 -23.35
C PHE B 240 -42.52 -64.15 -22.78
N CYS B 241 -42.46 -64.04 -21.44
CA CYS B 241 -41.39 -63.32 -20.78
C CYS B 241 -41.08 -63.96 -19.44
N LEU B 242 -39.81 -64.31 -19.23
CA LEU B 242 -39.34 -64.85 -17.95
C LEU B 242 -38.08 -64.09 -17.54
N ARG B 243 -38.15 -63.37 -16.43
CA ARG B 243 -37.02 -62.64 -15.91
C ARG B 243 -36.68 -63.12 -14.51
N ARG B 244 -35.39 -63.04 -14.17
CA ARG B 244 -34.90 -63.49 -12.86
C ARG B 244 -33.49 -62.90 -12.68
N GLU B 245 -33.40 -61.84 -11.87
CA GLU B 245 -32.15 -61.11 -11.69
C GLU B 245 -31.87 -60.93 -10.21
N GLN B 246 -30.58 -60.89 -9.87
CA GLN B 246 -30.16 -60.66 -8.49
C GLN B 246 -28.79 -60.00 -8.49
N VAL B 247 -28.55 -59.19 -7.45
CA VAL B 247 -27.34 -58.39 -7.33
C VAL B 247 -27.22 -57.87 -5.91
N PHE B 248 -25.99 -57.66 -5.44
CA PHE B 248 -25.76 -56.99 -4.16
C PHE B 248 -24.46 -56.21 -4.23
N ALA B 249 -24.30 -55.28 -3.29
CA ALA B 249 -23.14 -54.40 -3.24
C ALA B 249 -22.02 -55.06 -2.44
N ARG B 250 -20.92 -55.35 -3.12
CA ARG B 250 -19.80 -56.08 -2.51
C ARG B 250 -18.80 -55.15 -1.85
N HIS B 251 -18.36 -54.10 -2.54
CA HIS B 251 -17.40 -53.16 -2.00
C HIS B 251 -17.85 -51.73 -2.31
N PHE B 252 -17.54 -50.82 -1.40
CA PHE B 252 -17.91 -49.41 -1.52
C PHE B 252 -16.68 -48.61 -1.89
N TRP B 253 -16.79 -47.74 -2.88
CA TRP B 253 -15.64 -47.04 -3.42
C TRP B 253 -15.93 -45.56 -3.62
N ASN B 254 -14.87 -44.84 -3.94
CA ASN B 254 -14.90 -43.41 -4.24
C ASN B 254 -14.39 -43.19 -5.66
N ARG B 255 -14.89 -42.14 -6.30
CA ARG B 255 -14.49 -41.81 -7.66
C ARG B 255 -13.62 -40.57 -7.64
N SER B 256 -12.46 -40.66 -8.27
CA SER B 256 -11.58 -39.50 -8.39
C SER B 256 -12.04 -38.61 -9.55
N GLY B 257 -11.66 -37.34 -9.47
CA GLY B 257 -12.14 -36.36 -10.42
C GLY B 257 -12.89 -35.24 -9.73
N THR B 258 -12.84 -34.04 -10.30
CA THR B 258 -13.45 -32.89 -9.66
C THR B 258 -14.97 -33.03 -9.62
N MET B 259 -15.56 -32.72 -8.48
CA MET B 259 -17.00 -32.87 -8.29
C MET B 259 -17.74 -31.77 -9.05
N GLY B 260 -18.55 -32.16 -10.03
CA GLY B 260 -19.27 -31.18 -10.82
C GLY B 260 -20.40 -30.53 -10.06
N ASP B 261 -20.98 -31.22 -9.08
CA ASP B 261 -22.06 -30.68 -8.26
C ASP B 261 -21.47 -30.21 -6.94
N GLN B 262 -21.68 -28.93 -6.63
CA GLN B 262 -21.16 -28.39 -5.39
C GLN B 262 -21.92 -28.94 -4.19
N LEU B 263 -21.20 -29.52 -3.25
CA LEU B 263 -21.81 -30.03 -2.03
C LEU B 263 -22.40 -28.88 -1.23
N PRO B 264 -23.71 -28.84 -1.00
CA PRO B 264 -24.31 -27.72 -0.27
C PRO B 264 -23.75 -27.65 1.14
N GLU B 265 -23.32 -26.45 1.52
CA GLU B 265 -22.70 -26.23 2.82
C GLU B 265 -23.68 -26.38 3.97
N SER B 266 -24.98 -26.54 3.68
CA SER B 266 -25.97 -26.79 4.73
C SER B 266 -25.89 -28.21 5.29
N LEU B 267 -25.15 -29.11 4.65
CA LEU B 267 -25.19 -30.52 5.00
C LEU B 267 -23.99 -31.00 5.80
N TYR B 268 -23.04 -30.12 6.15
CA TYR B 268 -21.88 -30.56 6.90
C TYR B 268 -21.26 -29.36 7.61
N ILE B 269 -20.31 -29.67 8.49
CA ILE B 269 -19.52 -28.68 9.21
C ILE B 269 -18.05 -28.93 8.90
N LYS B 270 -17.35 -27.87 8.49
CA LYS B 270 -16.04 -28.03 7.87
C LYS B 270 -14.94 -28.39 8.86
N GLY B 271 -15.12 -28.12 10.13
CA GLY B 271 -14.06 -28.35 11.09
C GLY B 271 -13.13 -27.17 11.22
N THR B 272 -12.04 -27.39 11.97
CA THR B 272 -11.15 -26.29 12.33
C THR B 272 -10.45 -25.70 11.12
N ASP B 273 -9.97 -26.55 10.20
CA ASP B 273 -9.31 -26.10 8.98
C ASP B 273 -10.38 -25.62 7.99
N ILE B 274 -10.78 -24.35 8.13
CA ILE B 274 -11.85 -23.79 7.33
C ILE B 274 -11.46 -23.65 5.87
N ARG B 275 -10.41 -24.35 5.46
CA ARG B 275 -9.98 -24.45 4.07
C ARG B 275 -10.22 -25.84 3.50
N ALA B 276 -10.75 -26.75 4.31
CA ALA B 276 -10.83 -28.16 3.99
C ALA B 276 -11.60 -28.41 2.69
N ASN B 277 -10.94 -29.05 1.75
CA ASN B 277 -11.61 -29.49 0.54
C ASN B 277 -12.52 -30.66 0.88
N PRO B 278 -13.81 -30.60 0.56
CA PRO B 278 -14.67 -31.76 0.83
C PRO B 278 -14.24 -32.96 0.00
N GLY B 279 -14.13 -34.09 0.67
CA GLY B 279 -13.74 -35.32 0.00
C GLY B 279 -14.73 -35.71 -1.09
N SER B 280 -14.28 -36.63 -1.93
CA SER B 280 -15.12 -37.13 -3.02
C SER B 280 -16.41 -37.71 -2.45
N TYR B 281 -17.55 -37.23 -2.96
CA TYR B 281 -18.86 -37.68 -2.49
C TYR B 281 -19.67 -38.29 -3.62
N LEU B 282 -18.98 -38.92 -4.57
CA LEU B 282 -19.60 -39.70 -5.64
C LEU B 282 -19.23 -41.16 -5.37
N TYR B 283 -20.17 -41.91 -4.79
CA TYR B 283 -19.91 -43.27 -4.35
C TYR B 283 -20.53 -44.25 -5.34
N SER B 284 -19.74 -45.24 -5.76
CA SER B 284 -20.18 -46.25 -6.71
C SER B 284 -19.81 -47.63 -6.17
N PRO B 285 -20.78 -48.52 -5.98
CA PRO B 285 -20.48 -49.85 -5.46
C PRO B 285 -20.08 -50.84 -6.54
N SER B 286 -19.37 -51.87 -6.12
CA SER B 286 -19.06 -52.99 -6.99
C SER B 286 -20.19 -54.00 -6.93
N PRO B 287 -20.88 -54.27 -8.04
CA PRO B 287 -21.98 -55.24 -8.01
C PRO B 287 -21.46 -56.66 -7.86
N SER B 288 -22.36 -57.57 -7.48
CA SER B 288 -22.01 -58.97 -7.39
C SER B 288 -23.27 -59.81 -7.54
N GLY B 289 -23.17 -60.90 -8.28
CA GLY B 289 -24.31 -61.76 -8.54
C GLY B 289 -24.50 -62.89 -7.56
N SER B 290 -23.75 -62.91 -6.47
CA SER B 290 -23.87 -63.91 -5.40
C SER B 290 -23.72 -65.31 -6.00
N VAL B 291 -24.41 -66.29 -5.41
CA VAL B 291 -24.25 -67.70 -5.77
C VAL B 291 -25.08 -68.01 -7.01
N VAL B 292 -24.50 -68.79 -7.91
CA VAL B 292 -25.21 -69.35 -9.06
C VAL B 292 -25.52 -70.81 -8.74
N THR B 293 -26.81 -71.14 -8.69
CA THR B 293 -27.24 -72.50 -8.37
C THR B 293 -28.23 -72.97 -9.42
N SER B 294 -28.22 -74.29 -9.68
CA SER B 294 -29.16 -74.86 -10.63
C SER B 294 -30.58 -74.88 -10.11
N ASP B 295 -30.79 -74.64 -8.81
CA ASP B 295 -32.15 -74.51 -8.29
C ASP B 295 -32.82 -73.25 -8.84
N SER B 296 -32.05 -72.18 -8.98
CA SER B 296 -32.54 -70.93 -9.55
C SER B 296 -32.46 -70.92 -11.07
N GLN B 297 -32.09 -72.04 -11.69
CA GLN B 297 -31.95 -72.10 -13.14
C GLN B 297 -33.29 -71.86 -13.83
N LEU B 298 -33.23 -71.23 -15.00
CA LEU B 298 -34.43 -70.81 -15.72
C LEU B 298 -34.53 -71.44 -17.10
N PHE B 299 -33.50 -72.12 -17.58
CA PHE B 299 -33.51 -72.72 -18.91
C PHE B 299 -33.41 -74.24 -18.78
N ASN B 300 -33.22 -74.90 -19.92
CA ASN B 300 -33.25 -76.37 -20.02
C ASN B 300 -34.57 -76.95 -19.54
N LYS B 301 -35.64 -76.15 -19.54
CA LYS B 301 -36.96 -76.56 -19.14
C LYS B 301 -37.95 -76.29 -20.26
N PRO B 302 -38.94 -77.15 -20.46
CA PRO B 302 -39.99 -76.85 -21.43
C PRO B 302 -40.99 -75.84 -20.89
N TYR B 303 -41.38 -74.91 -21.75
CA TYR B 303 -42.38 -73.90 -21.42
C TYR B 303 -43.47 -73.92 -22.49
N TRP B 304 -44.71 -74.08 -22.04
CA TRP B 304 -45.86 -74.19 -22.93
C TRP B 304 -46.66 -72.90 -22.89
N LEU B 305 -46.82 -72.26 -24.05
CA LEU B 305 -47.57 -71.02 -24.17
C LEU B 305 -49.03 -71.34 -24.46
N HIS B 306 -49.90 -71.02 -23.52
CA HIS B 306 -51.34 -71.16 -23.74
C HIS B 306 -51.97 -69.80 -23.98
N LYS B 307 -52.00 -68.95 -22.95
CA LYS B 307 -52.48 -67.59 -23.07
C LYS B 307 -51.29 -66.64 -23.07
N ALA B 308 -51.21 -65.78 -24.07
CA ALA B 308 -50.14 -64.79 -24.15
C ALA B 308 -50.50 -63.58 -23.30
N GLN B 309 -49.49 -62.73 -23.04
CA GLN B 309 -49.75 -61.53 -22.27
C GLN B 309 -50.52 -60.49 -23.07
N GLY B 310 -50.29 -60.44 -24.39
CA GLY B 310 -50.96 -59.50 -25.26
C GLY B 310 -52.08 -60.15 -26.07
N LEU B 311 -52.60 -59.38 -27.02
CA LEU B 311 -53.69 -59.89 -27.84
C LEU B 311 -53.20 -60.90 -28.87
N ASN B 312 -51.98 -60.70 -29.39
CA ASN B 312 -51.37 -61.70 -30.26
C ASN B 312 -50.99 -62.91 -29.41
N ASN B 313 -51.68 -64.03 -29.64
CA ASN B 313 -51.52 -65.22 -28.80
C ASN B 313 -50.53 -66.20 -29.44
N GLY B 314 -49.30 -65.73 -29.59
CA GLY B 314 -48.23 -66.58 -30.10
C GLY B 314 -48.32 -66.88 -31.57
N ILE B 315 -48.84 -65.95 -32.37
CA ILE B 315 -48.96 -66.14 -33.81
C ILE B 315 -47.73 -65.53 -34.48
N CYS B 316 -47.02 -66.34 -35.27
CA CYS B 316 -45.77 -65.92 -35.89
C CYS B 316 -46.07 -65.37 -37.28
N TRP B 317 -46.46 -64.09 -37.31
CA TRP B 317 -46.68 -63.41 -38.59
C TRP B 317 -45.40 -63.39 -39.41
N HIS B 318 -45.57 -63.46 -40.73
CA HIS B 318 -44.48 -63.50 -41.70
C HIS B 318 -43.57 -64.71 -41.49
N ASN B 319 -44.06 -65.72 -40.76
CA ASN B 319 -43.35 -66.99 -40.59
C ASN B 319 -41.97 -66.78 -39.99
N GLN B 320 -41.88 -65.93 -38.97
CA GLN B 320 -40.63 -65.68 -38.27
C GLN B 320 -40.93 -65.54 -36.78
N LEU B 321 -39.88 -65.69 -35.97
CA LEU B 321 -40.04 -65.66 -34.52
C LEU B 321 -38.74 -65.15 -33.90
N PHE B 322 -38.85 -64.10 -33.09
CA PHE B 322 -37.70 -63.48 -32.46
C PHE B 322 -37.59 -63.95 -31.02
N LEU B 323 -36.41 -64.48 -30.66
CA LEU B 323 -36.16 -65.02 -29.32
C LEU B 323 -34.99 -64.25 -28.71
N THR B 324 -35.28 -63.42 -27.72
CA THR B 324 -34.23 -62.73 -26.96
C THR B 324 -33.98 -63.50 -25.66
N VAL B 325 -32.72 -63.74 -25.35
CA VAL B 325 -32.38 -64.54 -24.18
C VAL B 325 -31.06 -64.04 -23.59
N VAL B 326 -31.01 -63.94 -22.28
CA VAL B 326 -29.81 -63.59 -21.53
C VAL B 326 -29.61 -64.62 -20.43
N ASP B 327 -28.40 -65.18 -20.34
CA ASP B 327 -28.06 -66.17 -19.33
C ASP B 327 -26.64 -65.89 -18.86
N THR B 328 -26.52 -65.33 -17.66
CA THR B 328 -25.22 -65.01 -17.07
C THR B 328 -24.78 -66.04 -16.03
N THR B 329 -25.49 -67.16 -15.93
CA THR B 329 -25.16 -68.21 -14.98
C THR B 329 -24.09 -69.17 -15.49
N ARG B 330 -23.55 -68.93 -16.68
CA ARG B 330 -22.47 -69.73 -17.26
C ARG B 330 -21.36 -68.81 -17.76
N SER B 331 -20.94 -67.88 -16.92
CA SER B 331 -20.01 -66.82 -17.30
C SER B 331 -18.55 -67.20 -17.07
N THR B 332 -18.26 -68.46 -16.77
CA THR B 332 -16.89 -68.90 -16.56
C THR B 332 -16.05 -68.66 -17.83
N ASN B 333 -14.78 -68.32 -17.63
CA ASN B 333 -13.87 -67.98 -18.71
C ASN B 333 -12.73 -68.97 -18.76
N LEU B 334 -12.48 -69.52 -19.95
CA LEU B 334 -11.33 -70.38 -20.19
C LEU B 334 -10.08 -69.52 -20.31
N SER B 335 -9.02 -69.92 -19.61
CA SER B 335 -7.73 -69.25 -19.71
C SER B 335 -6.76 -70.18 -20.43
N VAL B 336 -6.42 -69.83 -21.67
CA VAL B 336 -5.49 -70.60 -22.48
C VAL B 336 -4.19 -69.82 -22.57
N CYS B 337 -3.06 -70.49 -22.34
CA CYS B 337 -1.75 -69.84 -22.42
C CYS B 337 -0.82 -70.72 -23.24
N ALA B 338 0.04 -70.08 -24.03
CA ALA B 338 0.95 -70.78 -24.92
C ALA B 338 2.36 -70.26 -24.72
N SER B 339 3.33 -71.18 -24.67
CA SER B 339 4.71 -70.79 -24.44
C SER B 339 5.28 -70.05 -25.65
N THR B 340 6.13 -69.06 -25.36
CA THR B 340 6.80 -68.30 -26.42
C THR B 340 8.00 -69.03 -26.98
N THR B 341 8.61 -69.93 -26.21
CA THR B 341 9.65 -70.81 -26.70
C THR B 341 8.99 -72.03 -27.37
N SER B 342 9.66 -72.58 -28.39
CA SER B 342 9.11 -73.71 -29.13
C SER B 342 8.73 -74.85 -28.18
N SER B 343 9.65 -75.20 -27.28
CA SER B 343 9.34 -76.06 -26.16
C SER B 343 9.85 -75.38 -24.89
N ILE B 344 9.09 -75.50 -23.82
CA ILE B 344 9.43 -74.77 -22.60
C ILE B 344 10.67 -75.38 -21.96
N PRO B 345 11.69 -74.58 -21.64
CA PRO B 345 12.69 -75.04 -20.68
C PRO B 345 12.05 -75.11 -19.30
N ASN B 346 12.32 -76.20 -18.59
CA ASN B 346 11.61 -76.48 -17.35
C ASN B 346 11.93 -75.44 -16.27
N VAL B 347 11.74 -74.17 -16.62
CA VAL B 347 11.90 -73.03 -15.72
C VAL B 347 10.84 -72.01 -16.08
N TYR B 348 10.10 -71.53 -15.08
CA TYR B 348 9.00 -70.61 -15.32
C TYR B 348 9.48 -69.17 -15.18
N THR B 349 9.19 -68.36 -16.19
CA THR B 349 9.35 -66.92 -16.13
C THR B 349 8.11 -66.33 -16.80
N PRO B 350 7.53 -65.27 -16.24
CA PRO B 350 6.30 -64.70 -16.81
C PRO B 350 6.44 -64.24 -18.24
N THR B 351 7.66 -63.92 -18.69
CA THR B 351 7.88 -63.45 -20.05
C THR B 351 7.81 -64.56 -21.09
N SER B 352 7.80 -65.83 -20.66
CA SER B 352 7.83 -66.97 -21.57
C SER B 352 6.47 -67.63 -21.76
N PHE B 353 5.38 -66.92 -21.47
CA PHE B 353 4.04 -67.46 -21.65
C PHE B 353 3.10 -66.35 -22.07
N LYS B 354 2.37 -66.59 -23.16
CA LYS B 354 1.33 -65.67 -23.62
C LYS B 354 -0.01 -66.13 -23.07
N GLU B 355 -0.76 -65.20 -22.49
CA GLU B 355 -2.02 -65.50 -21.82
C GLU B 355 -3.19 -64.95 -22.62
N TYR B 356 -4.19 -65.80 -22.84
CA TYR B 356 -5.39 -65.48 -23.59
C TYR B 356 -6.61 -65.90 -22.79
N ALA B 357 -7.66 -65.09 -22.88
CA ALA B 357 -8.94 -65.36 -22.22
C ALA B 357 -9.99 -65.57 -23.28
N ARG B 358 -10.63 -66.74 -23.26
CA ARG B 358 -11.66 -67.10 -24.23
C ARG B 358 -12.95 -67.48 -23.49
N HIS B 359 -14.09 -67.11 -24.09
CA HIS B 359 -15.39 -67.44 -23.56
C HIS B 359 -16.21 -68.20 -24.60
N VAL B 360 -17.16 -68.99 -24.11
CA VAL B 360 -17.89 -69.96 -24.91
C VAL B 360 -19.37 -69.87 -24.56
N GLU B 361 -20.23 -69.92 -25.59
CA GLU B 361 -21.67 -69.96 -25.41
C GLU B 361 -22.26 -71.09 -26.26
N GLU B 362 -23.16 -71.87 -25.65
CA GLU B 362 -23.76 -73.03 -26.31
C GLU B 362 -25.26 -73.05 -26.07
N PHE B 363 -26.03 -73.18 -27.14
CA PHE B 363 -27.49 -73.17 -27.11
C PHE B 363 -28.03 -74.33 -27.92
N ASP B 364 -29.31 -74.64 -27.71
CA ASP B 364 -30.02 -75.66 -28.49
C ASP B 364 -31.51 -75.32 -28.41
N LEU B 365 -31.98 -74.57 -29.42
CA LEU B 365 -33.35 -74.08 -29.44
C LEU B 365 -34.30 -75.16 -29.93
N GLN B 366 -35.43 -75.33 -29.23
CA GLN B 366 -36.44 -76.30 -29.60
C GLN B 366 -37.82 -75.65 -29.50
N PHE B 367 -38.69 -75.99 -30.45
CA PHE B 367 -39.98 -75.35 -30.58
C PHE B 367 -41.04 -76.36 -31.02
N ILE B 368 -42.27 -76.13 -30.55
CA ILE B 368 -43.45 -76.86 -31.00
C ILE B 368 -44.42 -75.83 -31.57
N PHE B 369 -44.69 -75.92 -32.87
CA PHE B 369 -45.56 -74.99 -33.57
C PHE B 369 -46.89 -75.66 -33.91
N GLN B 370 -47.93 -74.85 -34.02
CA GLN B 370 -49.28 -75.30 -34.32
C GLN B 370 -49.79 -74.61 -35.58
N LEU B 371 -50.33 -75.39 -36.50
CA LEU B 371 -50.88 -74.85 -37.75
C LEU B 371 -52.26 -74.24 -37.50
N CYS B 372 -52.52 -73.10 -38.13
CA CYS B 372 -53.74 -72.35 -37.91
C CYS B 372 -54.33 -71.88 -39.23
N LYS B 373 -55.64 -71.65 -39.22
CA LYS B 373 -56.38 -71.13 -40.36
C LYS B 373 -56.83 -69.69 -40.08
N ILE B 374 -56.94 -68.91 -41.15
CA ILE B 374 -57.49 -67.56 -41.07
C ILE B 374 -58.45 -67.40 -42.25
N THR B 375 -59.74 -67.42 -41.98
CA THR B 375 -60.74 -67.23 -43.03
C THR B 375 -60.78 -65.75 -43.41
N LEU B 376 -60.35 -65.44 -44.63
CA LEU B 376 -60.19 -64.04 -45.07
C LEU B 376 -61.55 -63.48 -45.46
N THR B 377 -62.32 -63.13 -44.44
CA THR B 377 -63.58 -62.43 -44.61
C THR B 377 -63.30 -60.93 -44.81
N THR B 378 -64.35 -60.16 -45.03
CA THR B 378 -64.26 -58.73 -44.76
C THR B 378 -64.24 -58.53 -43.25
N GLU B 379 -64.17 -57.27 -42.81
CA GLU B 379 -63.93 -56.95 -41.40
C GLU B 379 -62.58 -57.54 -40.97
N VAL B 380 -62.45 -58.86 -41.04
CA VAL B 380 -61.14 -59.50 -41.06
C VAL B 380 -60.46 -59.04 -42.35
N MET B 381 -59.16 -59.28 -42.47
CA MET B 381 -58.37 -58.86 -43.63
C MET B 381 -58.25 -57.35 -43.68
N SER B 382 -59.38 -56.63 -43.58
CA SER B 382 -59.31 -55.19 -43.39
C SER B 382 -58.73 -54.85 -42.02
N TYR B 383 -59.09 -55.63 -41.00
CA TYR B 383 -58.41 -55.53 -39.71
C TYR B 383 -56.95 -55.92 -39.83
N ILE B 384 -56.67 -56.98 -40.59
CA ILE B 384 -55.29 -57.38 -40.83
C ILE B 384 -54.56 -56.30 -41.63
N HIS B 385 -55.26 -55.66 -42.58
CA HIS B 385 -54.66 -54.58 -43.35
C HIS B 385 -54.29 -53.40 -42.45
N ASN B 386 -55.20 -53.02 -41.56
CA ASN B 386 -54.89 -51.95 -40.61
C ASN B 386 -53.80 -52.37 -39.64
N MET B 387 -53.66 -53.67 -39.38
CA MET B 387 -52.58 -54.16 -38.53
C MET B 387 -51.24 -54.09 -39.25
N ASN B 388 -51.12 -54.83 -40.35
CA ASN B 388 -49.90 -54.86 -41.14
C ASN B 388 -50.30 -55.14 -42.58
N THR B 389 -50.20 -54.12 -43.44
CA THR B 389 -50.51 -54.31 -44.85
C THR B 389 -49.63 -55.40 -45.48
N THR B 390 -48.40 -55.52 -45.00
CA THR B 390 -47.44 -56.47 -45.53
C THR B 390 -47.82 -57.91 -45.22
N ILE B 391 -48.73 -58.14 -44.26
CA ILE B 391 -49.22 -59.50 -44.02
C ILE B 391 -50.04 -59.98 -45.22
N LEU B 392 -51.01 -59.16 -45.64
CA LEU B 392 -51.76 -59.48 -46.84
C LEU B 392 -50.88 -59.43 -48.08
N GLU B 393 -49.96 -58.47 -48.13
CA GLU B 393 -49.05 -58.37 -49.27
C GLU B 393 -48.21 -59.63 -49.44
N ASP B 394 -47.71 -60.21 -48.34
CA ASP B 394 -46.94 -61.44 -48.46
C ASP B 394 -47.83 -62.64 -48.76
N TRP B 395 -49.13 -62.55 -48.46
CA TRP B 395 -50.07 -63.60 -48.85
C TRP B 395 -50.54 -63.33 -50.27
N ASN B 396 -51.80 -63.63 -50.56
CA ASN B 396 -52.35 -63.42 -51.90
C ASN B 396 -53.86 -63.13 -51.82
N GLN B 431 -38.66 -56.62 -49.65
CA GLN B 431 -37.72 -56.00 -48.73
C GLN B 431 -38.14 -56.25 -47.28
N ASP B 432 -37.24 -55.92 -46.35
CA ASP B 432 -37.45 -56.22 -44.93
C ASP B 432 -36.76 -55.16 -44.07
N PRO B 433 -37.50 -54.54 -43.13
CA PRO B 433 -36.89 -53.49 -42.29
C PRO B 433 -35.98 -54.01 -41.19
N TYR B 434 -35.94 -55.32 -40.95
CA TYR B 434 -35.21 -55.86 -39.81
C TYR B 434 -33.80 -56.33 -40.16
N ASP B 435 -33.43 -56.34 -41.44
CA ASP B 435 -32.06 -56.71 -41.79
C ASP B 435 -31.08 -55.59 -41.50
N LYS B 436 -31.57 -54.39 -41.16
CA LYS B 436 -30.70 -53.33 -40.69
C LYS B 436 -30.15 -53.61 -39.29
N LEU B 437 -30.78 -54.53 -38.58
CA LEU B 437 -30.35 -54.93 -37.24
C LEU B 437 -29.62 -56.27 -37.32
N LYS B 438 -28.80 -56.54 -36.32
CA LYS B 438 -27.98 -57.73 -36.29
C LYS B 438 -28.66 -58.80 -35.43
N PHE B 439 -28.93 -59.96 -36.03
CA PHE B 439 -29.54 -61.08 -35.32
C PHE B 439 -28.72 -62.33 -35.58
N TRP B 440 -28.97 -63.36 -34.78
CA TRP B 440 -28.42 -64.69 -35.02
C TRP B 440 -29.41 -65.48 -35.85
N PRO B 441 -29.14 -65.73 -37.13
CA PRO B 441 -30.13 -66.41 -37.98
C PRO B 441 -30.22 -67.89 -37.65
N VAL B 442 -31.46 -68.38 -37.52
CA VAL B 442 -31.73 -69.80 -37.28
C VAL B 442 -32.78 -70.23 -38.28
N ASP B 443 -32.37 -71.01 -39.28
CA ASP B 443 -33.26 -71.44 -40.36
C ASP B 443 -33.85 -72.80 -39.98
N LEU B 444 -35.16 -72.84 -39.77
CA LEU B 444 -35.86 -74.07 -39.42
C LEU B 444 -36.81 -74.54 -40.52
N LYS B 445 -36.70 -73.98 -41.73
CA LYS B 445 -37.55 -74.43 -42.82
C LYS B 445 -37.30 -75.90 -43.17
N GLU B 446 -36.07 -76.36 -42.98
CA GLU B 446 -35.70 -77.74 -43.29
C GLU B 446 -35.68 -78.63 -42.05
N ARG B 447 -36.21 -78.15 -40.93
CA ARG B 447 -36.14 -78.87 -39.66
C ARG B 447 -37.52 -79.13 -39.06
N PHE B 448 -38.59 -78.78 -39.75
CA PHE B 448 -39.93 -79.09 -39.27
C PHE B 448 -40.22 -80.58 -39.42
N SER B 449 -40.86 -81.17 -38.42
CA SER B 449 -41.20 -82.58 -38.45
C SER B 449 -42.48 -82.81 -37.67
N ALA B 450 -43.36 -83.64 -38.23
CA ALA B 450 -44.63 -83.98 -37.57
C ALA B 450 -44.51 -85.16 -36.62
N ASP B 451 -43.40 -85.90 -36.67
CA ASP B 451 -43.17 -87.02 -35.77
C ASP B 451 -42.65 -86.47 -34.44
N LEU B 452 -43.59 -86.04 -33.61
CA LEU B 452 -43.22 -85.39 -32.35
C LEU B 452 -42.52 -86.34 -31.40
N ASP B 453 -42.88 -87.62 -31.41
CA ASP B 453 -42.27 -88.58 -30.49
C ASP B 453 -40.80 -88.85 -30.79
N GLN B 454 -40.26 -88.28 -31.87
CA GLN B 454 -38.85 -88.45 -32.21
C GLN B 454 -37.95 -87.41 -31.58
N PHE B 455 -38.50 -86.47 -30.82
CA PHE B 455 -37.73 -85.37 -30.25
C PHE B 455 -38.09 -85.21 -28.77
N PRO B 456 -37.12 -84.76 -27.95
CA PRO B 456 -37.41 -84.60 -26.51
C PRO B 456 -38.57 -83.65 -26.24
N LEU B 457 -38.50 -82.42 -26.76
CA LEU B 457 -39.62 -81.48 -26.58
C LEU B 457 -40.90 -82.03 -27.18
N GLY B 458 -40.79 -82.83 -28.24
CA GLY B 458 -41.98 -83.44 -28.81
C GLY B 458 -42.64 -84.43 -27.86
N ARG B 459 -41.83 -85.24 -27.16
CA ARG B 459 -42.38 -86.18 -26.19
C ARG B 459 -42.97 -85.43 -25.00
N LYS B 460 -42.22 -84.47 -24.45
CA LYS B 460 -42.74 -83.66 -23.36
C LYS B 460 -44.04 -82.97 -23.74
N PHE B 461 -44.19 -82.61 -25.02
CA PHE B 461 -45.46 -82.08 -25.51
C PHE B 461 -46.49 -83.18 -25.67
N LEU B 462 -46.06 -84.41 -25.92
CA LEU B 462 -47.01 -85.52 -25.96
C LEU B 462 -47.59 -85.79 -24.59
N LEU B 463 -46.91 -85.36 -23.52
CA LEU B 463 -47.56 -85.36 -22.21
C LEU B 463 -48.46 -84.14 -22.03
N GLN B 464 -49.32 -83.86 -23.03
CA GLN B 464 -50.27 -82.75 -22.93
C GLN B 464 -51.66 -83.07 -23.44
N LEU B 465 -51.86 -84.13 -24.22
CA LEU B 465 -53.19 -84.57 -24.65
C LEU B 465 -54.26 -84.42 -23.57
N LYS C 12 -34.95 -116.83 6.23
CA LYS C 12 -35.64 -115.62 5.79
C LYS C 12 -36.25 -114.86 6.95
N VAL C 13 -35.90 -113.58 7.06
CA VAL C 13 -36.40 -112.74 8.13
C VAL C 13 -37.79 -112.22 7.77
N VAL C 14 -38.67 -112.13 8.77
CA VAL C 14 -40.08 -111.81 8.57
C VAL C 14 -40.39 -110.50 9.29
N SER C 15 -41.24 -109.68 8.67
CA SER C 15 -41.67 -108.44 9.29
C SER C 15 -42.35 -108.70 10.62
N THR C 16 -42.12 -107.80 11.58
CA THR C 16 -42.73 -107.94 12.89
C THR C 16 -44.23 -107.69 12.88
N ASP C 17 -44.75 -107.08 11.81
CA ASP C 17 -46.19 -106.88 11.70
C ASP C 17 -46.92 -108.15 11.35
N GLU C 18 -46.22 -109.27 11.15
CA GLU C 18 -46.84 -110.53 10.82
C GLU C 18 -46.91 -111.50 11.99
N TYR C 19 -46.12 -111.28 13.05
CA TYR C 19 -46.16 -112.16 14.21
C TYR C 19 -46.25 -111.40 15.53
N VAL C 20 -46.53 -110.10 15.49
CA VAL C 20 -46.71 -109.29 16.71
C VAL C 20 -47.97 -108.45 16.50
N THR C 21 -49.09 -108.92 17.04
CA THR C 21 -50.34 -108.17 16.94
C THR C 21 -50.37 -107.05 17.97
N ARG C 22 -50.89 -105.90 17.57
CA ARG C 22 -50.90 -104.71 18.41
C ARG C 22 -52.26 -104.51 19.05
N THR C 23 -52.25 -103.81 20.18
CA THR C 23 -53.45 -103.54 20.95
C THR C 23 -53.71 -102.04 21.01
N SER C 24 -54.84 -101.66 21.58
CA SER C 24 -55.19 -100.26 21.79
C SER C 24 -54.69 -99.75 23.14
N ILE C 25 -53.94 -100.55 23.87
CA ILE C 25 -53.38 -100.13 25.15
C ILE C 25 -52.15 -99.26 24.89
N PHE C 26 -52.22 -98.00 25.30
CA PHE C 26 -51.13 -97.05 25.11
C PHE C 26 -50.70 -96.47 26.44
N TYR C 27 -49.40 -96.28 26.61
CA TYR C 27 -48.85 -95.68 27.82
C TYR C 27 -47.91 -94.54 27.44
N HIS C 28 -47.84 -93.54 28.32
CA HIS C 28 -46.88 -92.47 28.20
C HIS C 28 -45.75 -92.70 29.20
N ALA C 29 -44.51 -92.57 28.73
CA ALA C 29 -43.34 -92.72 29.58
C ALA C 29 -42.42 -91.54 29.36
N GLY C 30 -41.86 -91.01 30.44
CA GLY C 30 -41.00 -89.86 30.31
C GLY C 30 -40.01 -89.66 31.45
N SER C 31 -38.77 -89.37 31.09
CA SER C 31 -37.79 -88.97 32.08
C SER C 31 -38.08 -87.55 32.55
N SER C 32 -37.59 -87.22 33.73
CA SER C 32 -37.61 -85.85 34.19
C SER C 32 -36.57 -85.06 33.40
N ARG C 33 -36.32 -83.82 33.82
CA ARG C 33 -35.28 -83.03 33.19
C ARG C 33 -33.92 -83.67 33.46
N LEU C 34 -33.17 -83.94 32.40
CA LEU C 34 -31.82 -84.46 32.50
C LEU C 34 -30.84 -83.35 32.13
N LEU C 35 -29.80 -83.17 32.93
CA LEU C 35 -28.81 -82.16 32.60
C LEU C 35 -27.43 -82.63 33.02
N THR C 36 -26.42 -82.16 32.28
CA THR C 36 -25.04 -82.46 32.60
C THR C 36 -24.18 -81.26 32.26
N VAL C 37 -23.30 -80.88 33.18
CA VAL C 37 -22.36 -79.79 32.98
C VAL C 37 -20.96 -80.36 33.02
N GLY C 38 -20.03 -79.65 32.40
CA GLY C 38 -18.65 -80.11 32.45
C GLY C 38 -17.74 -79.24 31.60
N HIS C 39 -16.56 -79.77 31.31
CA HIS C 39 -15.70 -78.96 30.46
C HIS C 39 -15.91 -79.33 29.00
N PRO C 40 -15.95 -78.35 28.10
CA PRO C 40 -16.27 -78.66 26.70
C PRO C 40 -15.14 -79.33 25.94
N TYR C 41 -13.90 -79.25 26.42
CA TYR C 41 -12.75 -79.73 25.66
C TYR C 41 -12.13 -80.99 26.23
N PHE C 42 -12.06 -81.14 27.55
CA PHE C 42 -11.34 -82.25 28.15
C PHE C 42 -11.78 -82.42 29.60
N LYS C 43 -11.61 -83.63 30.11
CA LYS C 43 -11.82 -83.89 31.53
C LYS C 43 -10.77 -83.16 32.36
N VAL C 44 -11.22 -82.41 33.35
CA VAL C 44 -10.31 -81.66 34.22
C VAL C 44 -10.25 -82.35 35.57
N PRO C 45 -9.18 -83.09 35.88
CA PRO C 45 -9.09 -83.73 37.19
C PRO C 45 -8.68 -82.74 38.26
N LYS C 46 -9.34 -82.83 39.41
CA LYS C 46 -9.00 -82.02 40.58
C LYS C 46 -8.77 -82.95 41.76
N GLY C 47 -7.57 -82.90 42.32
CA GLY C 47 -7.21 -83.75 43.44
C GLY C 47 -8.05 -83.50 44.68
N GLY C 48 -8.77 -84.51 45.13
CA GLY C 48 -9.59 -84.37 46.33
C GLY C 48 -9.08 -85.15 47.53
N ASN C 49 -9.94 -85.72 48.37
CA ASN C 49 -11.41 -85.73 48.30
C ASN C 49 -11.95 -86.24 46.96
N GLY C 50 -11.41 -87.36 46.51
CA GLY C 50 -11.74 -87.93 45.22
C GLY C 50 -13.18 -88.38 45.05
N ARG C 51 -13.89 -87.82 44.06
CA ARG C 51 -13.35 -86.79 43.17
C ARG C 51 -14.39 -85.70 42.92
N GLN C 52 -13.92 -84.45 42.90
CA GLN C 52 -14.72 -83.32 42.42
C GLN C 52 -14.31 -82.89 41.02
N ASP C 53 -13.91 -83.83 40.19
CA ASP C 53 -13.48 -83.49 38.84
C ASP C 53 -14.68 -83.14 37.96
N VAL C 54 -14.43 -82.34 36.93
CA VAL C 54 -15.45 -82.05 35.93
C VAL C 54 -15.21 -82.96 34.73
N PRO C 55 -16.25 -83.57 34.17
CA PRO C 55 -16.07 -84.45 33.02
C PRO C 55 -16.08 -83.66 31.71
N LYS C 56 -15.78 -84.37 30.63
CA LYS C 56 -15.83 -83.77 29.30
C LYS C 56 -17.28 -83.77 28.84
N VAL C 57 -17.88 -82.58 28.79
CA VAL C 57 -19.25 -82.41 28.33
C VAL C 57 -19.20 -81.43 27.16
N SER C 58 -19.20 -81.98 25.95
CA SER C 58 -19.13 -81.19 24.73
C SER C 58 -20.44 -81.28 23.97
N ALA C 59 -20.80 -80.17 23.30
CA ALA C 59 -21.97 -80.18 22.44
C ALA C 59 -21.78 -81.08 21.22
N TYR C 60 -20.54 -81.46 20.92
CA TYR C 60 -20.22 -82.37 19.82
C TYR C 60 -19.99 -83.79 20.31
N GLN C 61 -20.74 -84.20 21.32
CA GLN C 61 -20.71 -85.55 21.86
C GLN C 61 -21.99 -86.28 21.52
N TYR C 62 -21.87 -87.58 21.25
CA TYR C 62 -23.05 -88.43 21.09
C TYR C 62 -23.74 -88.61 22.43
N ARG C 63 -25.06 -88.44 22.45
CA ARG C 63 -25.87 -88.73 23.63
C ARG C 63 -26.63 -90.02 23.36
N VAL C 64 -26.23 -91.10 24.03
CA VAL C 64 -26.82 -92.42 23.81
C VAL C 64 -27.48 -92.83 25.11
N PHE C 65 -28.80 -92.73 25.17
CA PHE C 65 -29.58 -93.10 26.33
C PHE C 65 -30.01 -94.55 26.25
N ARG C 66 -29.77 -95.31 27.32
CA ARG C 66 -30.30 -96.66 27.48
C ARG C 66 -31.54 -96.55 28.34
N VAL C 67 -32.70 -96.56 27.69
CA VAL C 67 -33.99 -96.44 28.37
C VAL C 67 -34.49 -97.83 28.69
N LYS C 68 -34.54 -98.17 29.98
CA LYS C 68 -35.07 -99.45 30.41
C LYS C 68 -36.55 -99.31 30.72
N LEU C 69 -37.35 -100.18 30.14
CA LEU C 69 -38.79 -100.20 30.26
C LEU C 69 -39.22 -101.32 31.20
N PRO C 70 -40.37 -101.18 31.86
CA PRO C 70 -40.84 -102.28 32.73
C PRO C 70 -41.30 -103.47 31.89
N ASP C 71 -41.06 -104.66 32.41
CA ASP C 71 -41.47 -105.88 31.74
C ASP C 71 -42.99 -105.93 31.66
N PRO C 72 -43.58 -105.91 30.46
CA PRO C 72 -45.05 -105.95 30.37
C PRO C 72 -45.65 -107.25 30.89
N ASN C 73 -44.89 -108.34 30.87
CA ASN C 73 -45.36 -109.57 31.48
C ASN C 73 -45.29 -109.49 33.00
N LYS C 74 -44.22 -108.87 33.52
CA LYS C 74 -44.10 -108.60 34.94
C LYS C 74 -44.98 -107.44 35.38
N PHE C 75 -45.46 -106.63 34.43
CA PHE C 75 -46.34 -105.51 34.74
C PHE C 75 -47.63 -106.00 35.37
N GLY C 76 -48.00 -105.41 36.50
CA GLY C 76 -49.16 -105.85 37.24
C GLY C 76 -50.35 -104.92 37.09
N LEU C 77 -50.32 -104.06 36.08
CA LEU C 77 -51.41 -103.12 35.83
C LEU C 77 -52.47 -103.73 34.90
N PRO C 78 -52.12 -104.38 33.79
CA PRO C 78 -53.15 -104.99 32.94
C PRO C 78 -53.74 -106.24 33.58
N ASP C 79 -55.03 -106.45 33.31
CA ASP C 79 -55.75 -107.62 33.79
C ASP C 79 -55.54 -108.80 32.84
N ASN C 80 -55.85 -109.99 33.34
CA ASN C 80 -55.65 -111.20 32.52
C ASN C 80 -56.63 -111.29 31.32
N THR C 81 -57.44 -110.26 31.06
CA THR C 81 -58.29 -110.25 29.88
C THR C 81 -57.52 -109.83 28.63
N VAL C 82 -56.43 -109.06 28.79
CA VAL C 82 -55.70 -108.59 27.61
C VAL C 82 -54.90 -109.71 26.98
N TYR C 83 -54.46 -110.69 27.77
CA TYR C 83 -53.67 -111.80 27.23
C TYR C 83 -53.66 -112.93 28.24
N ASP C 84 -53.27 -114.11 27.76
CA ASP C 84 -53.15 -115.30 28.59
C ASP C 84 -51.70 -115.75 28.60
N PRO C 85 -51.09 -115.94 29.76
CA PRO C 85 -49.67 -116.33 29.80
C PRO C 85 -49.44 -117.80 29.48
N ASN C 86 -50.32 -118.39 28.68
CA ASN C 86 -50.19 -119.79 28.26
C ASN C 86 -49.61 -119.91 26.85
N SER C 87 -50.12 -119.11 25.91
CA SER C 87 -49.62 -119.12 24.54
C SER C 87 -49.31 -117.73 24.02
N GLN C 88 -49.33 -116.70 24.87
CA GLN C 88 -49.08 -115.33 24.44
C GLN C 88 -48.10 -114.66 25.39
N ARG C 89 -47.29 -113.76 24.84
CA ARG C 89 -46.37 -112.93 25.61
C ARG C 89 -46.46 -111.49 25.14
N LEU C 90 -46.13 -110.57 26.04
CA LEU C 90 -46.24 -109.14 25.79
C LEU C 90 -44.89 -108.53 25.50
N VAL C 91 -44.91 -107.44 24.74
CA VAL C 91 -43.70 -106.69 24.42
C VAL C 91 -44.11 -105.25 24.11
N TRP C 92 -43.28 -104.30 24.54
CA TRP C 92 -43.57 -102.91 24.29
C TRP C 92 -43.14 -102.51 22.88
N ALA C 93 -43.94 -101.67 22.24
CA ALA C 93 -43.64 -101.16 20.91
C ALA C 93 -43.65 -99.64 20.96
N CYS C 94 -42.58 -99.04 20.48
CA CYS C 94 -42.46 -97.59 20.50
C CYS C 94 -43.30 -96.98 19.39
N VAL C 95 -44.11 -95.98 19.73
CA VAL C 95 -45.00 -95.33 18.78
C VAL C 95 -44.68 -93.85 18.63
N GLY C 96 -44.47 -93.15 19.74
CA GLY C 96 -44.20 -91.72 19.69
C GLY C 96 -42.96 -91.36 20.48
N VAL C 97 -42.26 -90.34 19.99
CA VAL C 97 -41.04 -89.85 20.64
C VAL C 97 -41.00 -88.34 20.51
N GLU C 98 -40.71 -87.66 21.62
CA GLU C 98 -40.41 -86.24 21.60
C GLU C 98 -39.17 -86.00 22.45
N ILE C 99 -38.12 -85.48 21.82
CA ILE C 99 -36.84 -85.22 22.48
C ILE C 99 -36.81 -83.75 22.86
N GLY C 100 -36.78 -83.47 24.16
CA GLY C 100 -36.78 -82.11 24.64
C GLY C 100 -35.36 -81.59 24.81
N ARG C 101 -35.12 -80.40 24.27
CA ARG C 101 -33.85 -79.71 24.44
C ARG C 101 -34.11 -78.41 25.20
N GLY C 102 -33.23 -78.12 26.16
CA GLY C 102 -33.53 -77.05 27.10
C GLY C 102 -32.86 -75.72 26.88
N GLN C 103 -31.53 -75.71 26.76
CA GLN C 103 -30.79 -74.46 26.73
C GLN C 103 -31.08 -73.67 25.45
N PRO C 104 -30.78 -72.38 25.45
CA PRO C 104 -31.01 -71.57 24.24
C PRO C 104 -30.04 -71.92 23.13
N LEU C 105 -30.41 -71.53 21.91
CA LEU C 105 -29.57 -71.78 20.75
C LEU C 105 -28.33 -70.89 20.80
N GLY C 106 -27.18 -71.49 20.50
CA GLY C 106 -25.94 -70.74 20.49
C GLY C 106 -24.86 -71.47 19.72
N VAL C 107 -23.82 -70.73 19.36
CA VAL C 107 -22.67 -71.27 18.65
C VAL C 107 -21.46 -71.18 19.58
N GLY C 108 -20.68 -72.25 19.62
CA GLY C 108 -19.53 -72.30 20.49
C GLY C 108 -18.28 -72.72 19.74
N LEU C 109 -17.14 -72.27 20.27
CA LEU C 109 -15.85 -72.50 19.62
C LEU C 109 -15.10 -73.64 20.27
N SER C 110 -14.27 -74.29 19.47
CA SER C 110 -13.31 -75.29 19.93
C SER C 110 -11.98 -74.97 19.27
N GLY C 111 -10.90 -74.98 20.06
CA GLY C 111 -9.63 -74.57 19.51
C GLY C 111 -8.42 -75.33 20.03
N HIS C 112 -7.24 -74.79 19.73
CA HIS C 112 -5.97 -75.39 20.07
C HIS C 112 -4.92 -74.29 20.11
N PRO C 113 -4.14 -74.19 21.19
CA PRO C 113 -3.08 -73.17 21.24
C PRO C 113 -1.97 -73.43 20.25
N LEU C 114 -1.69 -74.69 19.94
CA LEU C 114 -0.64 -75.03 18.98
C LEU C 114 -1.22 -75.74 17.77
N TYR C 115 -2.14 -75.07 17.07
CA TYR C 115 -2.74 -75.64 15.87
C TYR C 115 -1.75 -75.57 14.71
N ASN C 116 -1.72 -76.62 13.90
CA ASN C 116 -0.75 -76.71 12.80
C ASN C 116 -1.28 -75.90 11.62
N LYS C 117 -1.02 -74.59 11.70
CA LYS C 117 -1.39 -73.65 10.64
C LYS C 117 -0.10 -73.00 10.14
N LEU C 118 0.30 -73.33 8.91
CA LEU C 118 1.52 -72.78 8.36
C LEU C 118 1.25 -71.44 7.69
N ASP C 119 0.64 -71.47 6.51
CA ASP C 119 0.37 -70.28 5.72
C ASP C 119 -1.09 -70.21 5.33
N ASP C 120 -1.59 -68.98 5.22
CA ASP C 120 -2.92 -68.73 4.68
C ASP C 120 -2.85 -68.84 3.16
N THR C 121 -3.61 -69.79 2.60
CA THR C 121 -3.64 -70.02 1.16
C THR C 121 -4.89 -69.47 0.50
N GLU C 122 -5.68 -68.68 1.22
CA GLU C 122 -6.96 -68.14 0.75
C GLU C 122 -6.82 -66.67 0.35
N ASN C 123 -5.83 -66.38 -0.50
CA ASN C 123 -5.60 -65.05 -1.06
C ASN C 123 -4.87 -64.19 -0.03
N SER C 124 -3.80 -64.76 0.54
CA SER C 124 -2.99 -64.07 1.54
C SER C 124 -1.87 -63.28 0.87
N HIS C 125 -1.89 -61.96 1.06
CA HIS C 125 -0.77 -61.09 0.72
C HIS C 125 -0.11 -60.53 1.99
N VAL C 126 -0.42 -61.14 3.14
CA VAL C 126 0.09 -60.64 4.41
C VAL C 126 1.58 -60.92 4.54
N ALA C 127 1.95 -62.19 4.57
CA ALA C 127 3.35 -62.60 4.71
C ALA C 127 3.45 -64.09 4.41
N SER C 128 4.63 -64.65 4.65
CA SER C 128 4.89 -66.08 4.52
C SER C 128 5.68 -66.51 5.74
N ALA C 129 5.30 -67.65 6.31
CA ALA C 129 5.88 -68.12 7.56
C ALA C 129 7.11 -68.98 7.28
N VAL C 130 8.09 -68.88 8.17
CA VAL C 130 9.29 -69.69 8.07
C VAL C 130 9.00 -71.06 8.67
N ASP C 131 9.46 -72.11 8.00
CA ASP C 131 9.12 -73.46 8.43
C ASP C 131 10.01 -73.99 9.54
N THR C 132 11.19 -73.40 9.74
CA THR C 132 12.17 -73.94 10.68
C THR C 132 11.60 -73.98 12.10
N LYS C 133 11.24 -72.81 12.65
CA LYS C 133 10.85 -72.71 14.04
C LYS C 133 9.42 -73.22 14.24
N ASP C 134 8.89 -73.06 15.45
CA ASP C 134 7.54 -73.53 15.77
C ASP C 134 6.52 -72.58 15.16
N THR C 135 6.11 -72.89 13.92
CA THR C 135 5.13 -72.08 13.20
C THR C 135 3.72 -72.63 13.41
N ARG C 136 3.31 -72.63 14.68
CA ARG C 136 2.00 -73.11 15.09
C ARG C 136 1.26 -71.98 15.77
N ASP C 137 0.09 -71.62 15.23
CA ASP C 137 -0.69 -70.51 15.74
C ASP C 137 -1.81 -71.03 16.66
N ASN C 138 -2.28 -70.14 17.54
CA ASN C 138 -3.40 -70.44 18.41
C ASN C 138 -4.68 -70.22 17.61
N VAL C 139 -5.37 -71.29 17.28
CA VAL C 139 -6.48 -71.25 16.33
C VAL C 139 -7.71 -71.87 16.97
N SER C 140 -8.85 -71.17 16.86
CA SER C 140 -10.13 -71.72 17.24
C SER C 140 -11.04 -71.78 16.02
N VAL C 141 -12.13 -72.54 16.14
CA VAL C 141 -13.02 -72.76 15.01
C VAL C 141 -14.35 -73.26 15.57
N ASP C 142 -15.44 -72.91 14.88
CA ASP C 142 -16.74 -73.46 15.18
C ASP C 142 -16.98 -74.67 14.28
N TYR C 143 -17.32 -75.80 14.89
CA TYR C 143 -17.35 -77.04 14.15
C TYR C 143 -18.54 -77.08 13.19
N LYS C 144 -18.56 -78.14 12.37
CA LYS C 144 -19.69 -78.41 11.50
C LYS C 144 -20.95 -78.63 12.32
N GLN C 145 -22.09 -78.17 11.79
CA GLN C 145 -23.36 -78.30 12.48
C GLN C 145 -23.99 -79.64 12.17
N THR C 146 -24.39 -80.37 13.20
CA THR C 146 -24.93 -81.72 13.04
C THR C 146 -26.09 -81.93 14.00
N GLN C 147 -27.22 -82.37 13.45
CA GLN C 147 -28.38 -82.82 14.23
C GLN C 147 -28.73 -84.22 13.76
N LEU C 148 -28.73 -85.19 14.67
CA LEU C 148 -29.12 -86.54 14.30
C LEU C 148 -29.86 -87.21 15.44
N CYS C 149 -30.70 -88.17 15.08
CA CYS C 149 -31.51 -88.90 16.05
C CYS C 149 -31.79 -90.29 15.49
N ILE C 150 -31.48 -91.31 16.27
CA ILE C 150 -31.67 -92.71 15.87
C ILE C 150 -32.27 -93.46 17.05
N ILE C 151 -33.35 -94.19 16.80
CA ILE C 151 -34.06 -94.94 17.84
C ILE C 151 -34.01 -96.41 17.49
N GLY C 152 -33.67 -97.24 18.47
CA GLY C 152 -33.63 -98.67 18.25
C GLY C 152 -33.80 -99.43 19.55
N CYS C 153 -33.59 -100.74 19.48
CA CYS C 153 -33.47 -101.58 20.67
C CYS C 153 -32.08 -102.19 20.79
N VAL C 154 -31.17 -101.86 19.88
CA VAL C 154 -29.79 -102.32 19.87
C VAL C 154 -28.94 -101.07 19.65
N PRO C 155 -27.80 -100.91 20.30
CA PRO C 155 -27.02 -99.68 20.12
C PRO C 155 -26.68 -99.45 18.67
N ALA C 156 -26.71 -98.17 18.27
CA ALA C 156 -26.49 -97.81 16.87
C ALA C 156 -25.07 -98.14 16.45
N ILE C 157 -24.88 -98.37 15.15
CA ILE C 157 -23.59 -98.73 14.59
C ILE C 157 -23.00 -97.51 13.89
N GLY C 158 -21.79 -97.15 14.27
CA GLY C 158 -21.09 -96.06 13.64
C GLY C 158 -19.81 -96.51 12.96
N GLU C 159 -19.31 -95.71 12.02
CA GLU C 159 -18.10 -96.04 11.28
C GLU C 159 -17.04 -94.97 11.54
N HIS C 160 -15.78 -95.38 11.48
CA HIS C 160 -14.69 -94.41 11.54
C HIS C 160 -13.43 -95.07 11.01
N TRP C 161 -12.48 -94.22 10.59
CA TRP C 161 -11.22 -94.68 10.03
C TRP C 161 -10.17 -94.78 11.13
N THR C 162 -9.44 -95.88 11.14
CA THR C 162 -8.42 -96.13 12.14
C THR C 162 -7.14 -96.59 11.46
N LYS C 163 -6.05 -96.57 12.23
CA LYS C 163 -4.77 -97.12 11.78
C LYS C 163 -4.96 -98.60 11.52
N GLY C 164 -5.09 -98.97 10.24
CA GLY C 164 -5.35 -100.35 9.91
C GLY C 164 -4.20 -101.27 10.30
N THR C 165 -4.53 -102.53 10.51
CA THR C 165 -3.52 -103.54 10.79
C THR C 165 -2.50 -103.58 9.66
N ALA C 166 -1.28 -104.03 10.00
CA ALA C 166 -0.21 -104.10 9.02
C ALA C 166 -0.68 -104.80 7.75
N SER C 167 -0.35 -104.20 6.60
CA SER C 167 -0.85 -104.70 5.32
C SER C 167 -0.45 -106.15 5.10
N LYS C 168 0.85 -106.42 5.15
CA LYS C 168 1.39 -107.76 4.98
C LYS C 168 2.34 -108.05 6.12
N PRO C 169 2.91 -109.26 6.23
CA PRO C 169 4.09 -109.43 7.08
C PRO C 169 5.28 -108.66 6.54
N THR C 170 5.14 -107.35 6.44
CA THR C 170 6.08 -106.48 5.76
C THR C 170 6.67 -105.48 6.74
N THR C 171 8.00 -105.35 6.72
CA THR C 171 8.69 -104.32 7.50
C THR C 171 8.58 -103.00 6.75
N VAL C 172 7.84 -102.05 7.32
CA VAL C 172 7.63 -100.74 6.72
C VAL C 172 8.49 -99.73 7.46
N VAL C 173 8.99 -98.74 6.72
CA VAL C 173 9.87 -97.74 7.31
C VAL C 173 9.07 -96.87 8.29
N GLN C 174 9.73 -96.44 9.36
CA GLN C 174 9.10 -95.53 10.29
C GLN C 174 8.90 -94.16 9.64
N GLY C 175 7.71 -93.61 9.84
CA GLY C 175 7.33 -92.35 9.23
C GLY C 175 6.50 -92.48 7.97
N ASP C 176 6.37 -93.69 7.43
CA ASP C 176 5.49 -93.90 6.28
C ASP C 176 4.04 -93.82 6.70
N CYS C 177 3.17 -93.61 5.72
CA CYS C 177 1.74 -93.49 6.00
C CYS C 177 1.16 -94.86 6.35
N PRO C 178 0.54 -95.02 7.51
CA PRO C 178 -0.04 -96.32 7.88
C PRO C 178 -1.27 -96.62 7.06
N PRO C 179 -1.65 -97.89 6.93
CA PRO C 179 -2.89 -98.23 6.21
C PRO C 179 -4.12 -97.78 6.98
N LEU C 180 -5.11 -97.32 6.22
CA LEU C 180 -6.39 -96.86 6.78
C LEU C 180 -7.41 -97.99 6.71
N GLU C 181 -8.08 -98.26 7.84
CA GLU C 181 -9.08 -99.31 7.92
C GLU C 181 -10.39 -98.72 8.43
N LEU C 182 -11.47 -98.97 7.71
CA LEU C 182 -12.79 -98.55 8.16
C LEU C 182 -13.33 -99.55 9.16
N ILE C 183 -13.90 -99.04 10.25
CA ILE C 183 -14.32 -99.87 11.38
C ILE C 183 -15.72 -99.46 11.82
N ASN C 184 -16.57 -100.45 12.06
CA ASN C 184 -17.87 -100.25 12.68
C ASN C 184 -17.77 -100.56 14.16
N THR C 185 -18.33 -99.68 14.99
CA THR C 185 -18.33 -99.83 16.43
C THR C 185 -19.65 -99.32 16.98
N PRO C 186 -20.12 -99.86 18.09
CA PRO C 186 -21.33 -99.33 18.71
C PRO C 186 -21.09 -97.92 19.23
N ILE C 187 -22.04 -97.04 18.95
CA ILE C 187 -21.92 -95.64 19.35
C ILE C 187 -22.34 -95.52 20.81
N GLU C 188 -21.39 -95.17 21.68
CA GLU C 188 -21.65 -95.03 23.10
C GLU C 188 -21.84 -93.57 23.47
N ASP C 189 -22.46 -93.34 24.63
CA ASP C 189 -22.64 -91.99 25.13
C ASP C 189 -21.29 -91.40 25.50
N GLY C 190 -20.99 -90.22 24.95
CA GLY C 190 -19.73 -89.55 25.16
C GLY C 190 -18.79 -89.61 23.97
N ASP C 191 -19.08 -90.45 22.98
CA ASP C 191 -18.27 -90.49 21.77
C ASP C 191 -18.35 -89.15 21.04
N MET C 192 -17.30 -88.85 20.28
CA MET C 192 -17.22 -87.60 19.54
C MET C 192 -17.84 -87.76 18.15
N VAL C 193 -18.54 -86.73 17.70
CA VAL C 193 -19.19 -86.75 16.41
C VAL C 193 -18.24 -86.20 15.36
N ASP C 194 -18.55 -86.45 14.10
CA ASP C 194 -17.87 -85.77 13.02
C ASP C 194 -18.03 -84.26 13.18
N THR C 195 -16.92 -83.54 13.16
CA THR C 195 -16.94 -82.10 13.42
C THR C 195 -16.52 -81.27 12.21
N GLY C 196 -16.32 -81.90 11.06
CA GLY C 196 -15.89 -81.21 9.86
C GLY C 196 -14.49 -81.57 9.42
N TYR C 197 -13.75 -82.34 10.22
CA TYR C 197 -12.44 -82.83 9.84
C TYR C 197 -12.46 -84.29 9.42
N GLY C 198 -13.63 -84.91 9.35
CA GLY C 198 -13.75 -86.31 9.01
C GLY C 198 -13.98 -87.18 10.23
N ALA C 199 -14.35 -88.42 9.96
CA ALA C 199 -14.63 -89.41 11.00
C ALA C 199 -13.46 -90.40 11.05
N MET C 200 -12.52 -90.16 11.96
CA MET C 200 -11.33 -90.99 12.06
C MET C 200 -10.80 -90.97 13.48
N ASP C 201 -9.79 -91.81 13.72
CA ASP C 201 -9.12 -91.90 15.02
C ASP C 201 -7.95 -90.94 14.98
N PHE C 202 -8.16 -89.72 15.49
CA PHE C 202 -7.12 -88.71 15.45
C PHE C 202 -5.96 -89.05 16.37
N LYS C 203 -6.20 -89.84 17.42
CA LYS C 203 -5.13 -90.21 18.34
C LYS C 203 -4.15 -91.17 17.68
N LEU C 204 -4.65 -92.08 16.82
CA LEU C 204 -3.80 -93.10 16.22
C LEU C 204 -3.22 -92.67 14.87
N LEU C 205 -3.92 -91.79 14.14
CA LEU C 205 -3.49 -91.39 12.81
C LEU C 205 -2.83 -90.01 12.77
N GLN C 206 -2.74 -89.33 13.90
CA GLN C 206 -2.09 -88.01 13.96
C GLN C 206 -1.21 -87.98 15.21
N ASP C 207 0.05 -88.39 15.07
CA ASP C 207 1.02 -88.26 16.15
C ASP C 207 1.37 -86.81 16.43
N ASN C 208 1.01 -85.89 15.54
CA ASN C 208 1.34 -84.48 15.71
C ASN C 208 0.70 -83.90 16.97
N LYS C 209 -0.51 -84.36 17.31
CA LYS C 209 -1.31 -83.74 18.37
C LYS C 209 -1.52 -82.25 18.09
N SER C 210 -1.65 -81.90 16.81
CA SER C 210 -1.75 -80.49 16.44
C SER C 210 -2.53 -80.26 15.15
N GLU C 211 -3.23 -81.28 14.62
CA GLU C 211 -3.96 -81.11 13.37
C GLU C 211 -5.39 -80.66 13.59
N VAL C 212 -5.99 -81.01 14.73
CA VAL C 212 -7.38 -80.67 15.03
C VAL C 212 -7.44 -80.11 16.44
N PRO C 213 -8.50 -79.38 16.78
CA PRO C 213 -8.60 -78.77 18.10
C PRO C 213 -8.58 -79.81 19.22
N LEU C 214 -8.43 -79.29 20.45
CA LEU C 214 -8.31 -80.14 21.62
C LEU C 214 -9.51 -81.06 21.81
N ASP C 215 -10.68 -80.65 21.30
CA ASP C 215 -11.88 -81.47 21.41
C ASP C 215 -11.65 -82.90 20.93
N ILE C 216 -10.92 -83.06 19.81
CA ILE C 216 -10.86 -84.33 19.11
C ILE C 216 -9.45 -84.80 18.83
N CYS C 217 -8.42 -84.01 19.18
CA CYS C 217 -7.05 -84.35 18.81
C CYS C 217 -6.59 -85.67 19.41
N GLN C 218 -7.26 -86.16 20.46
CA GLN C 218 -6.91 -87.43 21.07
C GLN C 218 -8.15 -88.29 21.30
N SER C 219 -9.13 -88.18 20.39
CA SER C 219 -10.39 -88.89 20.49
C SER C 219 -10.73 -89.50 19.12
N ILE C 220 -11.89 -90.13 19.05
CA ILE C 220 -12.38 -90.75 17.82
C ILE C 220 -13.68 -90.07 17.43
N CYS C 221 -13.75 -89.65 16.16
CA CYS C 221 -14.97 -89.08 15.60
C CYS C 221 -15.69 -90.17 14.81
N LYS C 222 -16.92 -90.48 15.21
CA LYS C 222 -17.72 -91.52 14.58
C LYS C 222 -18.87 -90.91 13.80
N TYR C 223 -19.17 -91.50 12.65
CA TYR C 223 -20.33 -91.15 11.85
C TYR C 223 -21.25 -92.34 11.74
N PRO C 224 -22.55 -92.16 11.92
CA PRO C 224 -23.47 -93.32 11.88
C PRO C 224 -23.44 -94.01 10.53
N ASP C 225 -23.32 -95.34 10.56
CA ASP C 225 -23.26 -96.13 9.34
C ASP C 225 -24.70 -96.42 8.90
N TYR C 226 -25.32 -95.40 8.31
CA TYR C 226 -26.68 -95.54 7.80
C TYR C 226 -26.76 -96.64 6.75
N LEU C 227 -25.71 -96.77 5.94
CA LEU C 227 -25.71 -97.79 4.88
C LEU C 227 -25.76 -99.20 5.46
N GLN C 228 -25.02 -99.44 6.55
CA GLN C 228 -25.00 -100.75 7.16
C GLN C 228 -26.26 -101.01 8.00
N MET C 229 -26.70 -100.02 8.77
CA MET C 229 -27.88 -100.21 9.61
C MET C 229 -29.15 -100.35 8.78
N SER C 230 -29.20 -99.72 7.60
CA SER C 230 -30.37 -99.88 6.74
C SER C 230 -30.37 -101.23 6.05
N ALA C 231 -29.17 -101.78 5.78
CA ALA C 231 -29.03 -103.12 5.22
C ALA C 231 -29.08 -104.21 6.27
N ASP C 232 -29.35 -103.86 7.53
CA ASP C 232 -29.46 -104.86 8.59
C ASP C 232 -30.55 -105.87 8.27
N ALA C 233 -30.34 -107.11 8.72
CA ALA C 233 -31.31 -108.17 8.47
C ALA C 233 -32.61 -107.90 9.22
N TYR C 234 -32.54 -107.74 10.54
CA TYR C 234 -33.73 -107.54 11.35
C TYR C 234 -34.12 -106.08 11.47
N GLY C 235 -33.15 -105.16 11.40
CA GLY C 235 -33.45 -103.75 11.57
C GLY C 235 -33.62 -103.33 13.01
N ASP C 236 -32.99 -104.05 13.95
CA ASP C 236 -33.09 -103.69 15.36
C ASP C 236 -32.22 -102.49 15.71
N SER C 237 -31.11 -102.30 14.99
CA SER C 237 -30.17 -101.24 15.32
C SER C 237 -30.80 -99.87 15.11
N MET C 238 -31.63 -99.73 14.08
CA MET C 238 -32.19 -98.43 13.72
C MET C 238 -33.50 -98.65 12.99
N PHE C 239 -34.61 -98.28 13.63
CA PHE C 239 -35.89 -98.22 12.93
C PHE C 239 -36.44 -96.80 12.88
N PHE C 240 -35.65 -95.80 13.24
CA PHE C 240 -36.06 -94.41 13.09
C PHE C 240 -34.82 -93.53 13.07
N CYS C 241 -34.73 -92.67 12.06
CA CYS C 241 -33.53 -91.89 11.79
C CYS C 241 -33.90 -90.52 11.23
N LEU C 242 -33.38 -89.47 11.88
CA LEU C 242 -33.53 -88.09 11.41
C LEU C 242 -32.15 -87.44 11.44
N ARG C 243 -31.63 -87.11 10.26
CA ARG C 243 -30.34 -86.44 10.13
C ARG C 243 -30.48 -85.12 9.38
N ARG C 244 -29.61 -84.18 9.76
CA ARG C 244 -29.59 -82.83 9.21
C ARG C 244 -28.27 -82.16 9.58
N GLU C 245 -27.35 -82.06 8.63
CA GLU C 245 -26.02 -81.53 8.86
C GLU C 245 -25.70 -80.47 7.83
N GLN C 246 -24.86 -79.51 8.22
CA GLN C 246 -24.43 -78.47 7.31
C GLN C 246 -23.04 -77.96 7.73
N VAL C 247 -22.26 -77.55 6.73
CA VAL C 247 -20.88 -77.14 6.93
C VAL C 247 -20.38 -76.44 5.67
N PHE C 248 -19.43 -75.52 5.82
CA PHE C 248 -18.73 -74.92 4.70
C PHE C 248 -17.31 -74.59 5.12
N ALA C 249 -16.45 -74.33 4.14
CA ALA C 249 -15.05 -74.05 4.38
C ALA C 249 -14.85 -72.57 4.63
N ARG C 250 -14.41 -72.23 5.85
CA ARG C 250 -14.30 -70.83 6.24
C ARG C 250 -12.92 -70.25 5.91
N HIS C 251 -11.85 -70.94 6.28
CA HIS C 251 -10.49 -70.49 6.01
C HIS C 251 -9.65 -71.62 5.46
N PHE C 252 -8.75 -71.28 4.56
CA PHE C 252 -7.88 -72.24 3.88
C PHE C 252 -6.47 -72.09 4.43
N TRP C 253 -5.84 -73.21 4.80
CA TRP C 253 -4.57 -73.16 5.51
C TRP C 253 -3.59 -74.18 4.95
N ASN C 254 -2.35 -74.08 5.44
CA ASN C 254 -1.26 -74.97 5.08
C ASN C 254 -0.77 -75.70 6.32
N ARG C 255 -0.26 -76.91 6.12
CA ARG C 255 0.25 -77.74 7.21
C ARG C 255 1.76 -77.77 7.16
N SER C 256 2.39 -77.49 8.30
CA SER C 256 3.84 -77.60 8.38
C SER C 256 4.23 -79.06 8.61
N GLY C 257 5.46 -79.38 8.22
CA GLY C 257 5.90 -80.76 8.27
C GLY C 257 6.30 -81.26 6.90
N THR C 258 7.26 -82.18 6.84
CA THR C 258 7.76 -82.65 5.57
C THR C 258 6.71 -83.47 4.83
N MET C 259 6.57 -83.19 3.53
CA MET C 259 5.56 -83.87 2.72
C MET C 259 5.98 -85.31 2.46
N GLY C 260 5.18 -86.26 2.94
CA GLY C 260 5.54 -87.65 2.77
C GLY C 260 5.40 -88.15 1.35
N ASP C 261 4.50 -87.55 0.58
CA ASP C 261 4.28 -87.91 -0.82
C ASP C 261 4.99 -86.90 -1.71
N GLN C 262 5.87 -87.39 -2.58
CA GLN C 262 6.61 -86.51 -3.47
C GLN C 262 5.69 -85.93 -4.53
N LEU C 263 5.67 -84.60 -4.63
CA LEU C 263 4.89 -83.93 -5.65
C LEU C 263 5.43 -84.30 -7.03
N PRO C 264 4.65 -84.95 -7.88
CA PRO C 264 5.16 -85.35 -9.20
C PRO C 264 5.55 -84.12 -10.01
N GLU C 265 6.76 -84.16 -10.56
CA GLU C 265 7.29 -83.03 -11.31
C GLU C 265 6.56 -82.81 -12.64
N SER C 266 5.66 -83.71 -13.01
CA SER C 266 4.83 -83.51 -14.18
C SER C 266 3.76 -82.45 -13.98
N LEU C 267 3.51 -82.03 -12.74
CA LEU C 267 2.40 -81.16 -12.41
C LEU C 267 2.79 -79.71 -12.17
N TYR C 268 4.06 -79.35 -12.30
CA TYR C 268 4.47 -77.97 -12.09
C TYR C 268 5.79 -77.72 -12.78
N ILE C 269 6.18 -76.44 -12.80
CA ILE C 269 7.47 -75.99 -13.32
C ILE C 269 8.19 -75.25 -12.20
N LYS C 270 9.44 -75.62 -11.95
CA LYS C 270 10.11 -75.23 -10.70
C LYS C 270 10.52 -73.75 -10.67
N GLY C 271 10.65 -73.11 -11.82
CA GLY C 271 11.11 -71.73 -11.86
C GLY C 271 12.63 -71.63 -11.94
N THR C 272 13.10 -70.39 -11.82
CA THR C 272 14.51 -70.11 -12.05
C THR C 272 15.40 -70.76 -11.01
N ASP C 273 15.00 -70.70 -9.73
CA ASP C 273 15.79 -71.29 -8.66
C ASP C 273 15.64 -72.80 -8.69
N ILE C 274 16.34 -73.43 -9.65
CA ILE C 274 16.24 -74.87 -9.83
C ILE C 274 16.94 -75.43 -8.59
N ARG C 275 16.16 -75.58 -7.53
CA ARG C 275 16.61 -75.90 -6.19
C ARG C 275 15.38 -75.71 -5.34
N ALA C 276 14.32 -75.25 -5.99
CA ALA C 276 13.14 -74.79 -5.28
C ALA C 276 12.43 -75.96 -4.62
N ASN C 277 12.33 -75.90 -3.30
CA ASN C 277 11.55 -76.85 -2.56
C ASN C 277 10.08 -76.51 -2.77
N PRO C 278 9.25 -77.45 -3.23
CA PRO C 278 7.82 -77.13 -3.38
C PRO C 278 7.20 -76.84 -2.02
N GLY C 279 6.43 -75.76 -1.95
CA GLY C 279 5.75 -75.41 -0.72
C GLY C 279 4.81 -76.49 -0.27
N SER C 280 4.37 -76.37 0.98
CA SER C 280 3.45 -77.34 1.56
C SER C 280 2.19 -77.43 0.71
N TYR C 281 1.85 -78.65 0.28
CA TYR C 281 0.70 -78.88 -0.56
C TYR C 281 -0.28 -79.84 0.10
N LEU C 282 -0.36 -79.78 1.43
CA LEU C 282 -1.34 -80.50 2.23
C LEU C 282 -2.27 -79.43 2.82
N TYR C 283 -3.44 -79.27 2.21
CA TYR C 283 -4.36 -78.20 2.58
C TYR C 283 -5.51 -78.75 3.40
N SER C 284 -5.80 -78.10 4.52
CA SER C 284 -6.89 -78.50 5.41
C SER C 284 -7.71 -77.27 5.75
N PRO C 285 -9.00 -77.26 5.44
CA PRO C 285 -9.82 -76.08 5.73
C PRO C 285 -10.37 -76.09 7.15
N SER C 286 -10.71 -74.89 7.62
CA SER C 286 -11.41 -74.74 8.89
C SER C 286 -12.90 -74.85 8.65
N PRO C 287 -13.59 -75.85 9.22
CA PRO C 287 -15.03 -75.98 8.98
C PRO C 287 -15.83 -74.90 9.68
N SER C 288 -17.08 -74.75 9.25
CA SER C 288 -17.97 -73.80 9.90
C SER C 288 -19.41 -74.25 9.66
N GLY C 289 -20.24 -74.14 10.70
CA GLY C 289 -21.61 -74.58 10.65
C GLY C 289 -22.62 -73.53 10.24
N SER C 290 -22.17 -72.38 9.75
CA SER C 290 -23.03 -71.30 9.26
C SER C 290 -24.02 -70.90 10.37
N VAL C 291 -25.22 -70.46 9.98
CA VAL C 291 -26.19 -69.92 10.92
C VAL C 291 -26.96 -71.06 11.59
N VAL C 292 -27.19 -70.92 12.89
CA VAL C 292 -28.06 -71.81 13.64
C VAL C 292 -29.39 -71.10 13.83
N THR C 293 -30.46 -71.67 13.27
CA THR C 293 -31.79 -71.07 13.37
C THR C 293 -32.79 -72.13 13.83
N SER C 294 -33.80 -71.68 14.55
CA SER C 294 -34.84 -72.59 15.01
C SER C 294 -35.75 -73.06 13.88
N ASP C 295 -35.68 -72.43 12.70
CA ASP C 295 -36.44 -72.93 11.56
C ASP C 295 -35.94 -74.30 11.12
N SER C 296 -34.62 -74.51 11.16
CA SER C 296 -34.02 -75.80 10.85
C SER C 296 -33.98 -76.73 12.04
N GLN C 297 -34.60 -76.34 13.16
CA GLN C 297 -34.56 -77.16 14.36
C GLN C 297 -35.23 -78.50 14.12
N LEU C 298 -34.71 -79.54 14.79
CA LEU C 298 -35.15 -80.90 14.56
C LEU C 298 -35.72 -81.56 15.81
N PHE C 299 -35.60 -80.93 16.97
CA PHE C 299 -36.09 -81.49 18.23
C PHE C 299 -37.22 -80.60 18.78
N ASN C 300 -37.63 -80.90 20.02
CA ASN C 300 -38.78 -80.26 20.65
C ASN C 300 -40.07 -80.45 19.85
N LYS C 301 -40.09 -81.44 18.97
CA LYS C 301 -41.25 -81.77 18.15
C LYS C 301 -41.63 -83.23 18.36
N PRO C 302 -42.93 -83.54 18.31
CA PRO C 302 -43.34 -84.94 18.38
C PRO C 302 -43.11 -85.64 17.04
N TYR C 303 -42.61 -86.88 17.12
CA TYR C 303 -42.39 -87.71 15.95
C TYR C 303 -43.10 -89.04 16.19
N TRP C 304 -43.97 -89.42 15.25
CA TRP C 304 -44.80 -90.60 15.36
C TRP C 304 -44.26 -91.69 14.43
N LEU C 305 -43.91 -92.83 15.00
CA LEU C 305 -43.40 -93.97 14.24
C LEU C 305 -44.59 -94.83 13.83
N HIS C 306 -44.87 -94.88 12.53
CA HIS C 306 -45.91 -95.77 12.01
C HIS C 306 -45.27 -96.96 11.34
N LYS C 307 -44.63 -96.74 10.20
CA LYS C 307 -43.87 -97.76 9.50
C LYS C 307 -42.38 -97.49 9.69
N ALA C 308 -41.65 -98.50 10.15
CA ALA C 308 -40.22 -98.38 10.33
C ALA C 308 -39.48 -98.64 9.02
N GLN C 309 -38.20 -98.28 9.00
CA GLN C 309 -37.39 -98.50 7.80
C GLN C 309 -37.02 -99.98 7.64
N GLY C 310 -36.84 -100.70 8.76
CA GLY C 310 -36.49 -102.10 8.73
C GLY C 310 -37.69 -102.98 9.04
N LEU C 311 -37.41 -104.28 9.21
CA LEU C 311 -38.49 -105.21 9.50
C LEU C 311 -38.98 -105.08 10.93
N ASN C 312 -38.09 -104.79 11.87
CA ASN C 312 -38.50 -104.48 13.24
C ASN C 312 -39.21 -103.13 13.23
N ASN C 313 -40.52 -103.15 13.49
CA ASN C 313 -41.33 -101.95 13.39
C ASN C 313 -41.51 -101.30 14.76
N GLY C 314 -40.37 -100.90 15.33
CA GLY C 314 -40.38 -100.21 16.61
C GLY C 314 -40.70 -101.07 17.81
N ILE C 315 -40.32 -102.34 17.77
CA ILE C 315 -40.58 -103.25 18.88
C ILE C 315 -39.35 -103.30 19.78
N CYS C 316 -39.56 -103.02 21.07
CA CYS C 316 -38.47 -102.91 22.03
C CYS C 316 -38.24 -104.27 22.68
N TRP C 317 -37.48 -105.11 21.99
CA TRP C 317 -37.11 -106.41 22.56
C TRP C 317 -36.33 -106.23 23.86
N HIS C 318 -36.52 -107.16 24.78
CA HIS C 318 -35.93 -107.12 26.11
C HIS C 318 -36.34 -105.88 26.91
N ASN C 319 -37.41 -105.21 26.48
CA ASN C 319 -37.97 -104.07 27.20
C ASN C 319 -36.94 -102.97 27.41
N GLN C 320 -36.19 -102.66 26.37
CA GLN C 320 -35.21 -101.59 26.41
C GLN C 320 -35.24 -100.84 25.08
N LEU C 321 -34.70 -99.62 25.10
CA LEU C 321 -34.75 -98.74 23.94
C LEU C 321 -33.53 -97.83 23.96
N PHE C 322 -32.78 -97.83 22.87
CA PHE C 322 -31.57 -97.05 22.72
C PHE C 322 -31.86 -95.81 21.90
N LEU C 323 -31.52 -94.64 22.45
CA LEU C 323 -31.79 -93.36 21.80
C LEU C 323 -30.47 -92.64 21.60
N THR C 324 -30.00 -92.57 20.36
CA THR C 324 -28.81 -91.81 20.01
C THR C 324 -29.22 -90.46 19.45
N VAL C 325 -28.58 -89.40 19.94
CA VAL C 325 -28.95 -88.04 19.54
C VAL C 325 -27.70 -87.16 19.57
N VAL C 326 -27.58 -86.32 18.55
CA VAL C 326 -26.55 -85.29 18.46
C VAL C 326 -27.22 -83.97 18.13
N ASP C 327 -26.91 -82.93 18.91
CA ASP C 327 -27.48 -81.60 18.70
C ASP C 327 -26.39 -80.58 18.97
N THR C 328 -25.85 -79.99 17.89
CA THR C 328 -24.80 -78.99 18.00
C THR C 328 -25.34 -77.57 17.85
N THR C 329 -26.66 -77.40 17.87
CA THR C 329 -27.27 -76.09 17.74
C THR C 329 -27.34 -75.35 19.07
N ARG C 330 -26.81 -75.93 20.13
CA ARG C 330 -26.74 -75.32 21.46
C ARG C 330 -25.32 -75.45 22.00
N SER C 331 -24.34 -75.08 21.17
CA SER C 331 -22.94 -75.28 21.48
C SER C 331 -22.31 -74.11 22.24
N THR C 332 -23.11 -73.13 22.65
CA THR C 332 -22.58 -72.01 23.39
C THR C 332 -21.89 -72.48 24.67
N ASN C 333 -20.83 -71.79 25.05
CA ASN C 333 -20.01 -72.16 26.20
C ASN C 333 -20.06 -71.04 27.23
N LEU C 334 -20.38 -71.40 28.46
CA LEU C 334 -20.37 -70.44 29.56
C LEU C 334 -18.93 -70.19 29.99
N SER C 335 -18.57 -68.92 30.14
CA SER C 335 -17.26 -68.52 30.66
C SER C 335 -17.48 -67.93 32.04
N VAL C 336 -17.05 -68.66 33.06
CA VAL C 336 -17.15 -68.23 34.45
C VAL C 336 -15.76 -67.83 34.92
N CYS C 337 -15.65 -66.67 35.56
CA CYS C 337 -14.38 -66.19 36.04
C CYS C 337 -14.52 -65.74 37.49
N ALA C 338 -13.49 -66.00 38.30
CA ALA C 338 -13.51 -65.70 39.72
C ALA C 338 -12.24 -64.95 40.11
N SER C 339 -12.41 -63.92 40.93
CA SER C 339 -11.27 -63.12 41.35
C SER C 339 -10.36 -63.94 42.27
N THR C 340 -9.05 -63.73 42.12
CA THR C 340 -8.09 -64.42 42.96
C THR C 340 -7.95 -63.80 44.34
N THR C 341 -8.29 -62.53 44.48
CA THR C 341 -8.38 -61.89 45.79
C THR C 341 -9.75 -62.17 46.40
N SER C 342 -9.78 -62.26 47.74
CA SER C 342 -11.02 -62.58 48.44
C SER C 342 -12.13 -61.62 48.08
N SER C 343 -11.83 -60.33 48.04
CA SER C 343 -12.72 -59.30 47.51
C SER C 343 -11.96 -58.53 46.45
N ILE C 344 -12.67 -58.12 45.41
CA ILE C 344 -11.99 -57.53 44.24
C ILE C 344 -11.43 -56.17 44.61
N PRO C 345 -10.14 -55.91 44.35
CA PRO C 345 -9.66 -54.54 44.26
C PRO C 345 -10.14 -53.94 42.95
N ASN C 346 -10.68 -52.72 43.01
CA ASN C 346 -11.29 -52.14 41.82
C ASN C 346 -10.25 -51.81 40.76
N VAL C 347 -9.40 -52.77 40.42
CA VAL C 347 -8.37 -52.64 39.40
C VAL C 347 -8.23 -53.98 38.69
N TYR C 348 -8.25 -53.95 37.36
CA TYR C 348 -8.18 -55.17 36.57
C TYR C 348 -6.73 -55.49 36.19
N THR C 349 -6.32 -56.73 36.47
CA THR C 349 -5.08 -57.30 35.98
C THR C 349 -5.41 -58.73 35.57
N PRO C 350 -4.90 -59.20 34.43
CA PRO C 350 -5.25 -60.56 33.99
C PRO C 350 -4.85 -61.65 34.99
N THR C 351 -3.86 -61.39 35.83
CA THR C 351 -3.44 -62.36 36.83
C THR C 351 -4.38 -62.46 38.02
N SER C 352 -5.33 -61.54 38.14
CA SER C 352 -6.24 -61.50 39.29
C SER C 352 -7.62 -62.05 38.97
N PHE C 353 -7.74 -62.85 37.91
CA PHE C 353 -9.01 -63.46 37.56
C PHE C 353 -8.73 -64.82 36.94
N LYS C 354 -9.37 -65.86 37.46
CA LYS C 354 -9.30 -67.20 36.92
C LYS C 354 -10.48 -67.45 35.98
N GLU C 355 -10.18 -67.96 34.80
CA GLU C 355 -11.17 -68.19 33.75
C GLU C 355 -11.42 -69.68 33.60
N TYR C 356 -12.69 -70.06 33.58
CA TYR C 356 -13.14 -71.44 33.42
C TYR C 356 -14.20 -71.49 32.34
N ALA C 357 -14.19 -72.55 31.54
CA ALA C 357 -15.17 -72.75 30.49
C ALA C 357 -15.99 -73.99 30.84
N ARG C 358 -17.30 -73.80 30.95
CA ARG C 358 -18.22 -74.88 31.29
C ARG C 358 -19.29 -74.97 30.22
N HIS C 359 -19.71 -76.19 29.91
CA HIS C 359 -20.77 -76.44 28.95
C HIS C 359 -21.88 -77.23 29.62
N VAL C 360 -23.09 -77.07 29.08
CA VAL C 360 -24.32 -77.53 29.70
C VAL C 360 -25.18 -78.23 28.65
N GLU C 361 -25.77 -79.36 29.02
CA GLU C 361 -26.72 -80.07 28.18
C GLU C 361 -27.97 -80.40 28.98
N GLU C 362 -29.13 -80.16 28.36
CA GLU C 362 -30.41 -80.37 29.01
C GLU C 362 -31.36 -81.08 28.06
N PHE C 363 -31.96 -82.17 28.52
CA PHE C 363 -32.84 -83.01 27.73
C PHE C 363 -34.11 -83.30 28.52
N ASP C 364 -35.12 -83.78 27.81
CA ASP C 364 -36.39 -84.22 28.40
C ASP C 364 -36.98 -85.25 27.43
N LEU C 365 -36.70 -86.53 27.70
CA LEU C 365 -37.12 -87.58 26.79
C LEU C 365 -38.58 -87.95 27.06
N GLN C 366 -39.36 -88.06 25.99
CA GLN C 366 -40.77 -88.41 26.10
C GLN C 366 -41.13 -89.46 25.06
N PHE C 367 -41.96 -90.42 25.47
CA PHE C 367 -42.27 -91.58 24.66
C PHE C 367 -43.73 -91.97 24.84
N ILE C 368 -44.31 -92.50 23.76
CA ILE C 368 -45.61 -93.13 23.77
C ILE C 368 -45.41 -94.57 23.30
N PHE C 369 -45.64 -95.52 24.19
CA PHE C 369 -45.46 -96.94 23.92
C PHE C 369 -46.81 -97.63 23.76
N GLN C 370 -46.81 -98.70 22.99
CA GLN C 370 -48.01 -99.48 22.70
C GLN C 370 -47.79 -100.92 23.13
N LEU C 371 -48.75 -101.47 23.87
CA LEU C 371 -48.65 -102.85 24.31
C LEU C 371 -49.03 -103.80 23.17
N CYS C 372 -48.27 -104.89 23.05
CA CYS C 372 -48.45 -105.82 21.94
C CYS C 372 -48.44 -107.26 22.45
N LYS C 373 -49.06 -108.14 21.66
CA LYS C 373 -49.12 -109.56 21.93
C LYS C 373 -48.26 -110.31 20.93
N ILE C 374 -47.72 -111.45 21.37
CA ILE C 374 -46.99 -112.36 20.51
C ILE C 374 -47.50 -113.76 20.82
N THR C 375 -48.31 -114.32 19.93
CA THR C 375 -48.83 -115.67 20.09
C THR C 375 -47.71 -116.67 19.79
N LEU C 376 -47.29 -117.40 20.82
CA LEU C 376 -46.14 -118.30 20.72
C LEU C 376 -46.56 -119.57 20.00
N THR C 377 -46.67 -119.46 18.68
CA THR C 377 -46.94 -120.60 17.82
C THR C 377 -45.64 -121.38 17.56
N THR C 378 -45.75 -122.49 16.84
CA THR C 378 -44.60 -123.03 16.15
C THR C 378 -44.30 -122.15 14.94
N GLU C 379 -43.27 -122.50 14.17
CA GLU C 379 -42.77 -121.63 13.10
C GLU C 379 -42.32 -120.30 13.70
N VAL C 380 -43.26 -119.58 14.31
CA VAL C 380 -42.95 -118.53 15.28
C VAL C 380 -42.25 -119.20 16.47
N MET C 381 -41.67 -118.41 17.36
CA MET C 381 -40.94 -118.91 18.53
C MET C 381 -39.65 -119.62 18.11
N SER C 382 -39.73 -120.54 17.15
CA SER C 382 -38.50 -121.05 16.54
C SER C 382 -37.82 -119.95 15.73
N TYR C 383 -38.62 -119.12 15.06
CA TYR C 383 -38.08 -117.93 14.40
C TYR C 383 -37.49 -116.96 15.42
N ILE C 384 -38.19 -116.77 16.54
CA ILE C 384 -37.66 -115.92 17.61
C ILE C 384 -36.40 -116.56 18.21
N HIS C 385 -36.38 -117.89 18.32
CA HIS C 385 -35.21 -118.57 18.84
C HIS C 385 -34.00 -118.35 17.94
N ASN C 386 -34.17 -118.51 16.63
CA ASN C 386 -33.07 -118.25 15.71
C ASN C 386 -32.70 -116.77 15.69
N MET C 387 -33.65 -115.89 16.01
CA MET C 387 -33.36 -114.47 16.08
C MET C 387 -32.54 -114.16 17.34
N ASN C 388 -33.10 -114.44 18.51
CA ASN C 388 -32.41 -114.24 19.77
C ASN C 388 -32.93 -115.27 20.76
N THR C 389 -32.09 -116.26 21.08
CA THR C 389 -32.48 -117.26 22.08
C THR C 389 -32.82 -116.61 23.41
N THR C 390 -32.15 -115.50 23.72
CA THR C 390 -32.35 -114.81 24.99
C THR C 390 -33.71 -114.13 25.09
N ILE C 391 -34.44 -113.95 23.98
CA ILE C 391 -35.79 -113.41 24.06
C ILE C 391 -36.72 -114.41 24.74
N LEU C 392 -36.77 -115.64 24.21
CA LEU C 392 -37.58 -116.69 24.85
C LEU C 392 -36.99 -117.09 26.20
N GLU C 393 -35.67 -117.19 26.29
CA GLU C 393 -35.03 -117.53 27.56
C GLU C 393 -35.37 -116.51 28.63
N ASP C 394 -35.39 -115.22 28.26
CA ASP C 394 -35.74 -114.17 29.20
C ASP C 394 -37.22 -114.22 29.56
N TRP C 395 -38.04 -114.82 28.71
CA TRP C 395 -39.42 -115.11 29.04
C TRP C 395 -39.46 -116.45 29.76
N ASN C 396 -40.42 -117.32 29.44
CA ASN C 396 -40.53 -118.62 30.07
C ASN C 396 -41.26 -119.56 29.10
N PHE C 397 -40.55 -119.97 28.05
CA PHE C 397 -41.08 -120.85 27.01
C PHE C 397 -42.38 -120.31 26.41
N GLN C 431 -27.07 -112.14 32.47
CA GLN C 431 -25.93 -111.46 31.87
C GLN C 431 -26.41 -110.44 30.83
N ASP C 432 -25.48 -109.58 30.38
CA ASP C 432 -25.81 -108.51 29.46
C ASP C 432 -24.61 -108.20 28.59
N PRO C 433 -24.75 -108.25 27.25
CA PRO C 433 -23.60 -107.96 26.38
C PRO C 433 -23.29 -106.49 26.23
N TYR C 434 -24.16 -105.61 26.70
CA TYR C 434 -24.05 -104.17 26.49
C TYR C 434 -23.45 -103.43 27.68
N ASP C 435 -23.19 -104.13 28.79
CA ASP C 435 -22.60 -103.48 29.95
C ASP C 435 -21.11 -103.16 29.74
N LYS C 436 -20.50 -103.66 28.67
CA LYS C 436 -19.14 -103.25 28.32
C LYS C 436 -19.09 -101.84 27.77
N LEU C 437 -20.22 -101.30 27.33
CA LEU C 437 -20.29 -99.97 26.75
C LEU C 437 -20.89 -98.98 27.75
N LYS C 438 -20.60 -97.70 27.52
CA LYS C 438 -21.03 -96.63 28.41
C LYS C 438 -22.27 -95.95 27.81
N PHE C 439 -23.36 -95.94 28.57
CA PHE C 439 -24.60 -95.30 28.15
C PHE C 439 -25.10 -94.36 29.24
N TRP C 440 -26.05 -93.51 28.86
CA TRP C 440 -26.76 -92.67 29.82
C TRP C 440 -28.00 -93.43 30.29
N PRO C 441 -28.05 -93.90 31.52
CA PRO C 441 -29.19 -94.73 31.95
C PRO C 441 -30.44 -93.89 32.17
N VAL C 442 -31.56 -94.37 31.63
CA VAL C 442 -32.86 -93.74 31.82
C VAL C 442 -33.82 -94.84 32.23
N ASP C 443 -34.18 -94.87 33.51
CA ASP C 443 -35.07 -95.91 34.04
C ASP C 443 -36.50 -95.41 34.01
N LEU C 444 -37.33 -96.05 33.18
CA LEU C 444 -38.73 -95.67 33.06
C LEU C 444 -39.67 -96.75 33.57
N LYS C 445 -39.16 -97.74 34.31
CA LYS C 445 -40.02 -98.77 34.88
C LYS C 445 -41.02 -98.16 35.86
N GLU C 446 -40.63 -97.08 36.51
CA GLU C 446 -41.45 -96.38 37.49
C GLU C 446 -42.12 -95.14 36.90
N ARG C 447 -42.10 -94.99 35.57
CA ARG C 447 -42.57 -93.77 34.92
C ARG C 447 -43.67 -94.00 33.89
N PHE C 448 -44.16 -95.22 33.73
CA PHE C 448 -45.24 -95.49 32.80
C PHE C 448 -46.59 -95.02 33.36
N SER C 449 -47.41 -94.45 32.49
CA SER C 449 -48.73 -93.98 32.88
C SER C 449 -49.69 -94.11 31.71
N ALA C 450 -50.90 -94.60 31.99
CA ALA C 450 -51.93 -94.76 30.97
C ALA C 450 -52.79 -93.52 30.78
N ASP C 451 -52.69 -92.54 31.68
CA ASP C 451 -53.46 -91.29 31.57
C ASP C 451 -52.73 -90.37 30.60
N LEU C 452 -52.99 -90.57 29.31
CA LEU C 452 -52.26 -89.84 28.28
C LEU C 452 -52.56 -88.35 28.31
N ASP C 453 -53.78 -87.96 28.66
CA ASP C 453 -54.15 -86.55 28.66
C ASP C 453 -53.44 -85.75 29.75
N GLN C 454 -52.66 -86.41 30.63
CA GLN C 454 -51.93 -85.74 31.68
C GLN C 454 -50.55 -85.27 31.22
N PHE C 455 -50.17 -85.56 29.99
CA PHE C 455 -48.84 -85.24 29.50
C PHE C 455 -48.95 -84.58 28.12
N PRO C 456 -48.02 -83.67 27.81
CA PRO C 456 -48.10 -83.00 26.49
C PRO C 456 -48.01 -83.96 25.32
N LEU C 457 -46.98 -84.81 25.28
CA LEU C 457 -46.86 -85.79 24.22
C LEU C 457 -48.06 -86.74 24.19
N GLY C 458 -48.64 -87.03 25.35
CA GLY C 458 -49.84 -87.86 25.37
C GLY C 458 -51.02 -87.18 24.71
N ARG C 459 -51.21 -85.88 24.97
CA ARG C 459 -52.30 -85.15 24.33
C ARG C 459 -52.07 -85.05 22.83
N LYS C 460 -50.86 -84.67 22.42
CA LYS C 460 -50.54 -84.63 20.99
C LYS C 460 -50.74 -85.99 20.34
N PHE C 461 -50.51 -87.08 21.08
CA PHE C 461 -50.74 -88.41 20.54
C PHE C 461 -52.23 -88.74 20.46
N LEU C 462 -53.05 -88.19 21.34
CA LEU C 462 -54.48 -88.41 21.24
C LEU C 462 -55.08 -87.76 19.99
N LEU C 463 -54.38 -86.79 19.41
CA LEU C 463 -54.76 -86.23 18.12
C LEU C 463 -54.28 -87.13 16.97
N GLN C 464 -54.99 -88.25 16.77
CA GLN C 464 -54.70 -89.10 15.62
C GLN C 464 -55.94 -89.59 14.88
N LEU C 465 -57.14 -89.51 15.48
CA LEU C 465 -58.40 -89.86 14.82
C LEU C 465 -58.34 -91.01 13.81
N LYS D 12 -55.92 -85.97 40.00
CA LYS D 12 -55.79 -85.99 38.54
C LYS D 12 -56.41 -84.73 37.95
N VAL D 13 -55.64 -84.03 37.12
CA VAL D 13 -56.08 -82.76 36.55
C VAL D 13 -56.97 -83.02 35.34
N VAL D 14 -57.98 -82.18 35.16
CA VAL D 14 -59.02 -82.35 34.16
C VAL D 14 -58.98 -81.16 33.20
N SER D 15 -59.24 -81.43 31.91
CA SER D 15 -59.30 -80.37 30.92
C SER D 15 -60.39 -79.36 31.26
N THR D 16 -60.13 -78.09 30.96
CA THR D 16 -61.11 -77.04 31.25
C THR D 16 -62.29 -77.08 30.29
N ASP D 17 -62.19 -77.80 29.18
CA ASP D 17 -63.32 -77.94 28.28
C ASP D 17 -64.39 -78.87 28.81
N GLU D 18 -64.19 -79.46 29.99
CA GLU D 18 -65.17 -80.36 30.59
C GLU D 18 -65.98 -79.70 31.69
N TYR D 19 -65.53 -78.56 32.23
CA TYR D 19 -66.26 -77.87 33.28
C TYR D 19 -66.39 -76.37 33.02
N VAL D 20 -66.10 -75.92 31.81
CA VAL D 20 -66.25 -74.51 31.44
C VAL D 20 -66.98 -74.47 30.11
N THR D 21 -68.29 -74.26 30.15
CA THR D 21 -69.09 -74.15 28.94
C THR D 21 -68.95 -72.76 28.33
N ARG D 22 -68.87 -72.70 27.00
CA ARG D 22 -68.63 -71.46 26.29
C ARG D 22 -69.91 -70.93 25.67
N THR D 23 -69.93 -69.62 25.45
CA THR D 23 -71.06 -68.91 24.86
C THR D 23 -70.62 -68.25 23.56
N SER D 24 -71.59 -67.67 22.86
CA SER D 24 -71.32 -66.92 21.64
C SER D 24 -71.06 -65.44 21.91
N ILE D 25 -70.95 -65.06 23.18
CA ILE D 25 -70.67 -63.67 23.56
C ILE D 25 -69.18 -63.42 23.40
N PHE D 26 -68.81 -62.50 22.50
CA PHE D 26 -67.42 -62.16 22.24
C PHE D 26 -67.20 -60.67 22.45
N TYR D 27 -66.03 -60.33 23.00
CA TYR D 27 -65.66 -58.94 23.23
C TYR D 27 -64.25 -58.68 22.67
N HIS D 28 -64.04 -57.45 22.21
CA HIS D 28 -62.72 -57.00 21.81
C HIS D 28 -62.14 -56.11 22.90
N ALA D 29 -60.89 -56.36 23.28
CA ALA D 29 -60.21 -55.55 24.27
C ALA D 29 -58.84 -55.17 23.74
N GLY D 30 -58.45 -53.91 23.93
CA GLY D 30 -57.17 -53.49 23.41
C GLY D 30 -56.60 -52.25 24.04
N SER D 31 -55.32 -52.29 24.39
CA SER D 31 -54.64 -51.09 24.82
C SER D 31 -54.40 -50.18 23.63
N SER D 32 -54.24 -48.89 23.90
CA SER D 32 -53.82 -47.96 22.86
C SER D 32 -52.34 -48.21 22.56
N ARG D 33 -51.73 -47.31 21.79
CA ARG D 33 -50.31 -47.42 21.51
C ARG D 33 -49.52 -47.24 22.80
N LEU D 34 -48.68 -48.22 23.12
CA LEU D 34 -47.78 -48.16 24.26
C LEU D 34 -46.37 -47.94 23.75
N LEU D 35 -45.64 -47.03 24.37
CA LEU D 35 -44.26 -46.80 23.96
C LEU D 35 -43.42 -46.45 25.16
N THR D 36 -42.13 -46.79 25.07
CA THR D 36 -41.18 -46.47 26.14
C THR D 36 -39.83 -46.15 25.50
N VAL D 37 -39.21 -45.06 25.97
CA VAL D 37 -37.89 -44.65 25.51
C VAL D 37 -36.95 -44.71 26.71
N GLY D 38 -35.67 -44.84 26.43
CA GLY D 38 -34.69 -44.86 27.50
C GLY D 38 -33.29 -45.12 27.00
N HIS D 39 -32.42 -45.51 27.93
CA HIS D 39 -31.08 -45.84 27.45
C HIS D 39 -30.98 -47.33 27.14
N PRO D 40 -30.33 -47.71 26.04
CA PRO D 40 -30.31 -49.13 25.66
C PRO D 40 -29.41 -49.99 26.53
N TYR D 41 -28.47 -49.40 27.26
CA TYR D 41 -27.47 -50.17 27.99
C TYR D 41 -27.63 -50.14 29.50
N PHE D 42 -28.04 -49.01 30.07
CA PHE D 42 -28.07 -48.90 31.53
C PHE D 42 -28.95 -47.73 31.95
N LYS D 43 -29.45 -47.82 33.18
CA LYS D 43 -30.16 -46.71 33.78
C LYS D 43 -29.21 -45.55 34.01
N VAL D 44 -29.57 -44.38 33.51
CA VAL D 44 -28.72 -43.19 33.63
C VAL D 44 -29.32 -42.24 34.65
N PRO D 45 -28.76 -42.15 35.85
CA PRO D 45 -29.29 -41.22 36.85
C PRO D 45 -28.88 -39.79 36.55
N LYS D 46 -29.84 -38.88 36.70
CA LYS D 46 -29.61 -37.45 36.60
C LYS D 46 -30.12 -36.80 37.88
N GLY D 47 -29.23 -36.08 38.58
CA GLY D 47 -29.61 -35.46 39.83
C GLY D 47 -30.71 -34.43 39.65
N GLY D 48 -31.84 -34.65 40.31
CA GLY D 48 -32.97 -33.74 40.24
C GLY D 48 -33.21 -32.99 41.52
N ASN D 49 -34.46 -32.72 41.93
CA ASN D 49 -35.72 -33.11 41.28
C ASN D 49 -35.83 -34.62 40.98
N GLY D 50 -35.52 -35.44 41.97
CA GLY D 50 -35.52 -36.87 41.81
C GLY D 50 -36.90 -37.44 41.53
N ARG D 51 -37.07 -38.08 40.37
CA ARG D 51 -36.00 -38.28 39.39
C ARG D 51 -36.47 -38.01 37.97
N GLN D 52 -35.64 -37.33 37.19
CA GLN D 52 -35.83 -37.23 35.74
C GLN D 52 -34.85 -38.14 35.01
N ASP D 53 -34.55 -39.30 35.59
CA ASP D 53 -33.61 -40.23 35.01
C ASP D 53 -34.24 -40.94 33.81
N VAL D 54 -33.38 -41.43 32.93
CA VAL D 54 -33.82 -42.27 31.81
C VAL D 54 -33.65 -43.72 32.22
N PRO D 55 -34.64 -44.58 31.96
CA PRO D 55 -34.55 -45.98 32.38
C PRO D 55 -33.81 -46.83 31.34
N LYS D 56 -33.57 -48.07 31.72
CA LYS D 56 -32.94 -49.04 30.82
C LYS D 56 -34.01 -49.59 29.89
N VAL D 57 -33.95 -49.21 28.62
CA VAL D 57 -34.90 -49.66 27.61
C VAL D 57 -34.07 -50.32 26.51
N SER D 58 -33.95 -51.64 26.56
CA SER D 58 -33.21 -52.41 25.58
C SER D 58 -34.16 -53.29 24.77
N ALA D 59 -33.83 -53.47 23.49
CA ALA D 59 -34.61 -54.38 22.66
C ALA D 59 -34.44 -55.83 23.08
N TYR D 60 -33.43 -56.12 23.89
CA TYR D 60 -33.19 -57.46 24.42
C TYR D 60 -33.71 -57.61 25.84
N GLN D 61 -34.82 -56.94 26.13
CA GLN D 61 -35.51 -57.05 27.42
C GLN D 61 -36.82 -57.78 27.25
N TYR D 62 -37.18 -58.59 28.25
CA TYR D 62 -38.50 -59.20 28.27
C TYR D 62 -39.56 -58.14 28.53
N ARG D 63 -40.62 -58.16 27.72
CA ARG D 63 -41.78 -57.30 27.94
C ARG D 63 -42.91 -58.17 28.45
N VAL D 64 -43.23 -58.04 29.74
CA VAL D 64 -44.23 -58.88 30.38
C VAL D 64 -45.38 -57.98 30.82
N PHE D 65 -46.48 -58.02 30.07
CA PHE D 65 -47.65 -57.22 30.36
C PHE D 65 -48.59 -57.99 31.27
N ARG D 66 -49.01 -57.34 32.36
CA ARG D 66 -50.06 -57.84 33.25
C ARG D 66 -51.35 -57.16 32.83
N VAL D 67 -52.17 -57.88 32.07
CA VAL D 67 -53.42 -57.36 31.54
C VAL D 67 -54.54 -57.68 32.54
N LYS D 68 -55.10 -56.64 33.14
CA LYS D 68 -56.22 -56.80 34.05
C LYS D 68 -57.52 -56.66 33.29
N LEU D 69 -58.40 -57.65 33.42
CA LEU D 69 -59.69 -57.71 32.77
C LEU D 69 -60.81 -57.37 33.75
N PRO D 70 -61.92 -56.83 33.26
CA PRO D 70 -63.05 -56.55 34.16
C PRO D 70 -63.68 -57.84 34.63
N ASP D 71 -64.16 -57.82 35.87
CA ASP D 71 -64.82 -58.99 36.42
C ASP D 71 -66.10 -59.28 35.64
N PRO D 72 -66.20 -60.40 34.92
CA PRO D 72 -67.43 -60.65 34.16
C PRO D 72 -68.64 -60.87 35.03
N ASN D 73 -68.45 -61.29 36.28
CA ASN D 73 -69.58 -61.41 37.20
C ASN D 73 -70.04 -60.03 37.66
N LYS D 74 -69.09 -59.12 37.90
CA LYS D 74 -69.42 -57.73 38.18
C LYS D 74 -69.81 -56.96 36.93
N PHE D 75 -69.48 -57.48 35.75
CA PHE D 75 -69.87 -56.83 34.50
C PHE D 75 -71.39 -56.79 34.37
N GLY D 76 -71.93 -55.60 34.18
CA GLY D 76 -73.38 -55.42 34.14
C GLY D 76 -73.95 -55.15 32.76
N LEU D 77 -73.19 -55.45 31.71
CA LEU D 77 -73.67 -55.19 30.35
C LEU D 77 -74.50 -56.35 29.80
N PRO D 78 -74.07 -57.60 29.92
CA PRO D 78 -74.95 -58.70 29.48
C PRO D 78 -76.11 -58.89 30.44
N ASP D 79 -77.24 -59.34 29.89
CA ASP D 79 -78.41 -59.57 30.70
C ASP D 79 -78.33 -60.92 31.42
N ASN D 80 -79.13 -61.05 32.48
CA ASN D 80 -79.19 -62.24 33.33
C ASN D 80 -79.79 -63.46 32.64
N THR D 81 -80.06 -63.43 31.34
CA THR D 81 -80.52 -64.62 30.64
C THR D 81 -79.37 -65.55 30.30
N VAL D 82 -78.15 -65.03 30.21
CA VAL D 82 -77.01 -65.88 29.86
C VAL D 82 -76.62 -66.77 31.03
N TYR D 83 -76.84 -66.32 32.27
CA TYR D 83 -76.49 -67.12 33.44
C TYR D 83 -77.20 -66.55 34.65
N ASP D 84 -77.27 -67.37 35.71
CA ASP D 84 -77.84 -66.96 36.98
C ASP D 84 -76.78 -67.01 38.06
N PRO D 85 -76.58 -65.93 38.82
CA PRO D 85 -75.54 -65.93 39.85
C PRO D 85 -75.89 -66.74 41.08
N ASN D 86 -76.69 -67.78 40.90
CA ASN D 86 -77.10 -68.68 41.98
C ASN D 86 -76.26 -69.95 42.02
N SER D 87 -76.05 -70.57 40.85
CA SER D 87 -75.22 -71.78 40.76
C SER D 87 -74.18 -71.69 39.66
N GLN D 88 -74.01 -70.52 39.03
CA GLN D 88 -73.06 -70.35 37.94
C GLN D 88 -72.22 -69.10 38.16
N ARG D 89 -70.97 -69.16 37.70
CA ARG D 89 -70.07 -68.02 37.73
C ARG D 89 -69.37 -67.88 36.38
N LEU D 90 -68.94 -66.66 36.09
CA LEU D 90 -68.36 -66.30 34.80
C LEU D 90 -66.85 -66.23 34.87
N VAL D 91 -66.22 -66.45 33.71
CA VAL D 91 -64.77 -66.33 33.58
C VAL D 91 -64.46 -66.03 32.12
N TRP D 92 -63.47 -65.17 31.91
CA TRP D 92 -63.06 -64.81 30.55
C TRP D 92 -62.11 -65.86 29.99
N ALA D 93 -62.26 -66.16 28.70
CA ALA D 93 -61.37 -67.07 28.00
C ALA D 93 -60.82 -66.35 26.77
N CYS D 94 -59.50 -66.34 26.63
CA CYS D 94 -58.86 -65.65 25.53
C CYS D 94 -58.96 -66.49 24.26
N VAL D 95 -59.36 -65.85 23.16
CA VAL D 95 -59.56 -66.52 21.89
C VAL D 95 -58.63 -65.98 20.81
N GLY D 96 -58.47 -64.67 20.72
CA GLY D 96 -57.63 -64.06 19.71
C GLY D 96 -56.64 -63.09 20.32
N VAL D 97 -55.46 -63.02 19.69
CA VAL D 97 -54.39 -62.13 20.14
C VAL D 97 -53.68 -61.58 18.92
N GLU D 98 -53.46 -60.26 18.90
CA GLU D 98 -52.59 -59.62 17.92
C GLU D 98 -51.67 -58.64 18.64
N ILE D 99 -50.36 -58.87 18.54
CA ILE D 99 -49.35 -58.05 19.19
C ILE D 99 -48.81 -57.08 18.14
N GLY D 100 -49.07 -55.79 18.34
CA GLY D 100 -48.61 -54.77 17.41
C GLY D 100 -47.24 -54.25 17.75
N ARG D 101 -46.37 -54.19 16.75
CA ARG D 101 -45.05 -53.58 16.88
C ARG D 101 -44.99 -52.38 15.95
N GLY D 102 -44.43 -51.28 16.44
CA GLY D 102 -44.55 -50.02 15.72
C GLY D 102 -43.33 -49.58 14.93
N GLN D 103 -42.17 -49.54 15.57
CA GLN D 103 -40.99 -48.97 14.94
C GLN D 103 -40.52 -49.82 13.77
N PRO D 104 -39.72 -49.26 12.87
CA PRO D 104 -39.20 -50.05 11.74
C PRO D 104 -38.18 -51.08 12.18
N LEU D 105 -37.98 -52.06 11.31
CA LEU D 105 -37.01 -53.11 11.56
C LEU D 105 -35.59 -52.56 11.49
N GLY D 106 -34.76 -52.96 12.45
CA GLY D 106 -33.39 -52.51 12.47
C GLY D 106 -32.53 -53.39 13.34
N VAL D 107 -31.21 -53.27 13.16
CA VAL D 107 -30.23 -53.99 13.94
C VAL D 107 -29.45 -52.99 14.78
N GLY D 108 -29.22 -53.33 16.04
CA GLY D 108 -28.53 -52.44 16.95
C GLY D 108 -27.40 -53.15 17.66
N LEU D 109 -26.40 -52.37 18.05
CA LEU D 109 -25.20 -52.90 18.66
C LEU D 109 -25.23 -52.72 20.17
N SER D 110 -24.54 -53.62 20.87
CA SER D 110 -24.26 -53.52 22.29
C SER D 110 -22.78 -53.82 22.48
N GLY D 111 -22.11 -53.00 23.26
CA GLY D 111 -20.68 -53.15 23.38
C GLY D 111 -20.13 -52.87 24.76
N HIS D 112 -18.81 -52.76 24.85
CA HIS D 112 -18.11 -52.55 26.09
C HIS D 112 -16.76 -51.90 25.78
N PRO D 113 -16.43 -50.79 26.44
CA PRO D 113 -15.13 -50.17 26.20
C PRO D 113 -13.98 -51.01 26.71
N LEU D 114 -14.21 -51.80 27.76
CA LEU D 114 -13.16 -52.64 28.32
C LEU D 114 -13.54 -54.11 28.17
N TYR D 115 -13.76 -54.55 26.94
CA TYR D 115 -14.11 -55.94 26.66
C TYR D 115 -12.87 -56.82 26.75
N ASN D 116 -13.04 -58.02 27.34
CA ASN D 116 -11.94 -58.95 27.54
C ASN D 116 -11.70 -59.72 26.24
N LYS D 117 -10.97 -59.07 25.33
CA LYS D 117 -10.61 -59.66 24.05
C LYS D 117 -9.08 -59.72 23.97
N LEU D 118 -8.52 -60.92 24.01
CA LEU D 118 -7.08 -61.07 23.94
C LEU D 118 -6.58 -61.13 22.50
N ASP D 119 -6.76 -62.29 21.85
CA ASP D 119 -6.26 -62.50 20.50
C ASP D 119 -7.38 -63.01 19.59
N ASP D 120 -7.27 -62.64 18.31
CA ASP D 120 -8.14 -63.18 17.28
C ASP D 120 -7.63 -64.55 16.87
N THR D 121 -8.46 -65.58 17.06
CA THR D 121 -8.10 -66.96 16.76
C THR D 121 -8.72 -67.45 15.45
N GLU D 122 -9.31 -66.55 14.68
CA GLU D 122 -10.00 -66.86 13.42
C GLU D 122 -9.12 -66.52 12.22
N ASN D 123 -7.89 -67.00 12.25
CA ASN D 123 -6.93 -66.87 11.15
C ASN D 123 -6.27 -65.50 11.18
N SER D 124 -5.78 -65.09 12.35
CA SER D 124 -5.07 -63.84 12.52
C SER D 124 -3.58 -64.06 12.29
N HIS D 125 -3.02 -63.43 11.26
CA HIS D 125 -1.58 -63.37 11.07
C HIS D 125 -1.04 -61.96 11.21
N VAL D 126 -1.83 -61.05 11.78
CA VAL D 126 -1.41 -59.66 11.92
C VAL D 126 -0.30 -59.56 12.96
N ALA D 127 -0.59 -59.96 14.20
CA ALA D 127 0.37 -59.93 15.29
C ALA D 127 -0.21 -60.76 16.44
N SER D 128 0.47 -60.75 17.58
CA SER D 128 0.03 -61.43 18.78
C SER D 128 0.23 -60.49 19.95
N ALA D 129 -0.77 -60.43 20.83
CA ALA D 129 -0.75 -59.47 21.93
C ALA D 129 -0.06 -60.05 23.16
N VAL D 130 0.64 -59.18 23.88
CA VAL D 130 1.32 -59.56 25.11
C VAL D 130 0.32 -59.48 26.27
N ASP D 131 0.38 -60.45 27.17
CA ASP D 131 -0.59 -60.57 28.24
C ASP D 131 -0.31 -59.63 29.42
N THR D 132 0.89 -59.07 29.50
CA THR D 132 1.30 -58.29 30.66
C THR D 132 0.35 -57.14 30.94
N LYS D 133 0.22 -56.21 29.99
CA LYS D 133 -0.51 -54.97 30.22
C LYS D 133 -2.02 -55.23 30.15
N ASP D 134 -2.80 -54.15 30.22
CA ASP D 134 -4.27 -54.21 30.19
C ASP D 134 -4.70 -54.47 28.75
N THR D 135 -4.88 -55.75 28.42
CA THR D 135 -5.25 -56.16 27.07
C THR D 135 -6.77 -56.28 26.92
N ARG D 136 -7.44 -55.14 27.12
CA ARG D 136 -8.89 -55.05 27.00
C ARG D 136 -9.23 -54.06 25.90
N ASP D 137 -9.92 -54.54 24.87
CA ASP D 137 -10.26 -53.75 23.69
C ASP D 137 -11.70 -53.25 23.79
N ASN D 138 -11.97 -52.15 23.07
CA ASN D 138 -13.33 -51.61 22.97
C ASN D 138 -14.06 -52.38 21.87
N VAL D 139 -15.01 -53.23 22.27
CA VAL D 139 -15.63 -54.18 21.35
C VAL D 139 -17.14 -54.04 21.42
N SER D 140 -17.80 -53.97 20.27
CA SER D 140 -19.25 -54.01 20.18
C SER D 140 -19.66 -55.24 19.38
N VAL D 141 -20.95 -55.57 19.46
CA VAL D 141 -21.47 -56.78 18.82
C VAL D 141 -22.97 -56.65 18.68
N ASP D 142 -23.52 -57.24 17.61
CA ASP D 142 -24.96 -57.36 17.45
C ASP D 142 -25.41 -58.71 18.00
N TYR D 143 -26.38 -58.68 18.89
CA TYR D 143 -26.75 -59.88 19.63
C TYR D 143 -27.48 -60.87 18.74
N LYS D 144 -27.72 -62.05 19.30
CA LYS D 144 -28.56 -63.06 18.66
C LYS D 144 -29.97 -62.53 18.47
N GLN D 145 -30.59 -62.91 17.35
CA GLN D 145 -31.95 -62.47 17.04
C GLN D 145 -32.96 -63.41 17.67
N THR D 146 -33.92 -62.85 18.40
CA THR D 146 -34.90 -63.65 19.13
C THR D 146 -36.27 -63.00 19.06
N GLN D 147 -37.28 -63.77 18.64
CA GLN D 147 -38.68 -63.37 18.72
C GLN D 147 -39.43 -64.44 19.48
N LEU D 148 -40.08 -64.07 20.59
CA LEU D 148 -40.84 -65.05 21.34
C LEU D 148 -42.09 -64.40 21.92
N CYS D 149 -43.09 -65.23 22.15
CA CYS D 149 -44.37 -64.78 22.66
C CYS D 149 -45.02 -65.91 23.45
N ILE D 150 -45.40 -65.62 24.69
CA ILE D 150 -46.01 -66.60 25.59
C ILE D 150 -47.19 -65.94 26.28
N ILE D 151 -48.35 -66.58 26.23
CA ILE D 151 -49.57 -66.05 26.83
C ILE D 151 -50.07 -67.03 27.88
N GLY D 152 -50.43 -66.50 29.04
CA GLY D 152 -50.95 -67.33 30.10
C GLY D 152 -51.81 -66.52 31.04
N CYS D 153 -52.16 -67.14 32.17
CA CYS D 153 -52.78 -66.44 33.28
C CYS D 153 -51.89 -66.44 34.52
N VAL D 154 -50.68 -66.98 34.41
CA VAL D 154 -49.68 -67.02 35.47
C VAL D 154 -48.38 -66.56 34.82
N PRO D 155 -47.54 -65.76 35.49
CA PRO D 155 -46.32 -65.29 34.85
C PRO D 155 -45.46 -66.44 34.36
N ALA D 156 -44.84 -66.24 33.20
CA ALA D 156 -44.08 -67.29 32.56
C ALA D 156 -42.86 -67.67 33.39
N ILE D 157 -42.40 -68.90 33.21
CA ILE D 157 -41.26 -69.44 33.96
C ILE D 157 -40.03 -69.45 33.04
N GLY D 158 -38.95 -68.83 33.50
CA GLY D 158 -37.70 -68.84 32.79
C GLY D 158 -36.60 -69.53 33.58
N GLU D 159 -35.54 -69.96 32.89
CA GLU D 159 -34.43 -70.66 33.51
C GLU D 159 -33.15 -69.87 33.30
N HIS D 160 -32.23 -70.01 34.26
CA HIS D 160 -30.89 -69.42 34.08
C HIS D 160 -29.94 -70.09 35.05
N TRP D 161 -28.65 -70.02 34.71
CA TRP D 161 -27.60 -70.58 35.54
C TRP D 161 -27.06 -69.53 36.50
N THR D 162 -26.89 -69.92 37.76
CA THR D 162 -26.44 -69.01 38.79
C THR D 162 -25.33 -69.66 39.61
N LYS D 163 -24.63 -68.82 40.38
CA LYS D 163 -23.63 -69.31 41.33
C LYS D 163 -24.29 -70.19 42.36
N GLY D 164 -24.19 -71.50 42.19
CA GLY D 164 -24.82 -72.41 43.11
C GLY D 164 -24.22 -72.33 44.50
N THR D 165 -25.04 -72.73 45.48
CA THR D 165 -24.56 -72.82 46.85
C THR D 165 -23.34 -73.73 46.93
N ALA D 166 -22.51 -73.50 47.94
CA ALA D 166 -21.32 -74.30 48.15
C ALA D 166 -21.65 -75.78 48.10
N SER D 167 -20.79 -76.55 47.43
CA SER D 167 -21.07 -77.97 47.19
C SER D 167 -21.38 -78.69 48.50
N LYS D 168 -20.48 -78.59 49.47
CA LYS D 168 -20.69 -79.16 50.79
C LYS D 168 -20.41 -78.06 51.81
N PRO D 169 -20.61 -78.30 53.11
CA PRO D 169 -20.01 -77.40 54.11
C PRO D 169 -18.49 -77.53 54.09
N THR D 170 -17.90 -77.20 52.95
CA THR D 170 -16.49 -77.43 52.66
C THR D 170 -15.81 -76.10 52.39
N THR D 171 -14.65 -75.89 52.99
CA THR D 171 -13.85 -74.70 52.71
C THR D 171 -13.13 -74.90 51.38
N VAL D 172 -13.53 -74.10 50.38
CA VAL D 172 -12.96 -74.18 49.04
C VAL D 172 -12.05 -72.97 48.84
N VAL D 173 -10.99 -73.17 48.05
CA VAL D 173 -10.00 -72.12 47.84
C VAL D 173 -10.61 -70.99 47.01
N GLN D 174 -10.17 -69.77 47.31
CA GLN D 174 -10.59 -68.60 46.54
C GLN D 174 -10.00 -68.66 45.14
N GLY D 175 -10.84 -68.36 44.14
CA GLY D 175 -10.44 -68.45 42.75
C GLY D 175 -10.89 -69.72 42.05
N ASP D 176 -11.43 -70.68 42.79
CA ASP D 176 -11.97 -71.88 42.16
C ASP D 176 -13.27 -71.57 41.43
N CYS D 177 -13.63 -72.46 40.51
CA CYS D 177 -14.87 -72.30 39.75
C CYS D 177 -16.06 -72.60 40.65
N PRO D 178 -17.00 -71.68 40.81
CA PRO D 178 -18.15 -71.95 41.68
C PRO D 178 -19.07 -72.98 41.05
N PRO D 179 -19.87 -73.66 41.86
CA PRO D 179 -20.85 -74.61 41.29
C PRO D 179 -21.92 -73.86 40.52
N LEU D 180 -22.33 -74.45 39.40
CA LEU D 180 -23.37 -73.87 38.56
C LEU D 180 -24.70 -74.53 38.90
N GLU D 181 -25.71 -73.73 39.19
CA GLU D 181 -27.03 -74.24 39.56
C GLU D 181 -28.07 -73.66 38.62
N LEU D 182 -28.90 -74.54 38.04
CA LEU D 182 -29.99 -74.10 37.19
C LEU D 182 -31.17 -73.68 38.07
N ILE D 183 -31.77 -72.55 37.73
CA ILE D 183 -32.81 -71.93 38.55
C ILE D 183 -33.97 -71.49 37.67
N ASN D 184 -35.18 -71.79 38.13
CA ASN D 184 -36.41 -71.28 37.53
C ASN D 184 -36.91 -70.07 38.30
N THR D 185 -37.30 -69.04 37.57
CA THR D 185 -37.80 -67.80 38.15
C THR D 185 -38.91 -67.27 37.25
N PRO D 186 -39.88 -66.55 37.82
CA PRO D 186 -40.90 -65.92 36.97
C PRO D 186 -40.27 -64.83 36.10
N ILE D 187 -40.66 -64.82 34.83
CA ILE D 187 -40.11 -63.86 33.88
C ILE D 187 -40.84 -62.54 34.06
N GLU D 188 -40.12 -61.53 34.53
CA GLU D 188 -40.68 -60.21 34.81
C GLU D 188 -40.36 -59.26 33.66
N ASP D 189 -41.14 -58.18 33.60
CA ASP D 189 -40.89 -57.14 32.61
C ASP D 189 -39.57 -56.45 32.91
N GLY D 190 -38.68 -56.39 31.91
CA GLY D 190 -37.38 -55.79 32.07
C GLY D 190 -36.24 -56.79 32.18
N ASP D 191 -36.54 -58.07 32.38
CA ASP D 191 -35.51 -59.09 32.42
C ASP D 191 -34.78 -59.16 31.09
N MET D 192 -33.53 -59.60 31.13
CA MET D 192 -32.71 -59.68 29.93
C MET D 192 -32.85 -61.05 29.29
N VAL D 193 -32.87 -61.06 27.95
CA VAL D 193 -33.03 -62.28 27.19
C VAL D 193 -31.66 -62.87 26.87
N ASP D 194 -31.66 -64.14 26.47
CA ASP D 194 -30.47 -64.75 25.90
C ASP D 194 -30.03 -63.96 24.67
N THR D 195 -28.76 -63.56 24.66
CA THR D 195 -28.24 -62.73 23.59
C THR D 195 -27.14 -63.40 22.78
N GLY D 196 -26.83 -64.67 23.05
CA GLY D 196 -25.78 -65.38 22.36
C GLY D 196 -24.61 -65.74 23.25
N TYR D 197 -24.55 -65.24 24.48
CA TYR D 197 -23.52 -65.60 25.44
C TYR D 197 -24.03 -66.59 26.48
N GLY D 198 -25.25 -67.07 26.33
CA GLY D 198 -25.85 -68.00 27.27
C GLY D 198 -26.83 -67.33 28.21
N ALA D 199 -27.59 -68.17 28.91
CA ALA D 199 -28.59 -67.73 29.88
C ALA D 199 -28.02 -68.02 31.27
N MET D 200 -27.39 -67.01 31.86
CA MET D 200 -26.76 -67.19 33.17
C MET D 200 -26.70 -65.83 33.87
N ASP D 201 -26.25 -65.87 35.14
CA ASP D 201 -26.12 -64.68 35.97
C ASP D 201 -24.71 -64.12 35.76
N PHE D 202 -24.60 -63.14 34.87
CA PHE D 202 -23.30 -62.55 34.55
C PHE D 202 -22.72 -61.77 35.72
N LYS D 203 -23.56 -61.25 36.61
CA LYS D 203 -23.05 -60.51 37.76
C LYS D 203 -22.38 -61.44 38.77
N LEU D 204 -22.93 -62.65 38.95
CA LEU D 204 -22.44 -63.55 39.98
C LEU D 204 -21.36 -64.50 39.49
N LEU D 205 -21.36 -64.85 38.19
CA LEU D 205 -20.41 -65.81 37.67
C LEU D 205 -19.26 -65.15 36.92
N GLN D 206 -19.25 -63.82 36.80
CA GLN D 206 -18.18 -63.09 36.13
C GLN D 206 -17.83 -61.89 36.99
N ASP D 207 -16.88 -62.07 37.92
CA ASP D 207 -16.36 -60.95 38.70
C ASP D 207 -15.57 -59.96 37.84
N ASN D 208 -15.20 -60.35 36.63
CA ASN D 208 -14.42 -59.48 35.76
C ASN D 208 -15.15 -58.20 35.40
N LYS D 209 -16.48 -58.27 35.26
CA LYS D 209 -17.27 -57.16 34.72
C LYS D 209 -16.76 -56.76 33.33
N SER D 210 -16.29 -57.73 32.56
CA SER D 210 -15.69 -57.42 31.27
C SER D 210 -15.78 -58.56 30.26
N GLU D 211 -16.58 -59.60 30.52
CA GLU D 211 -16.68 -60.73 29.61
C GLU D 211 -17.77 -60.55 28.56
N VAL D 212 -18.81 -59.79 28.88
CA VAL D 212 -19.95 -59.58 27.99
C VAL D 212 -20.25 -58.09 27.96
N PRO D 213 -20.97 -57.63 26.93
CA PRO D 213 -21.24 -56.18 26.82
C PRO D 213 -22.00 -55.62 28.00
N LEU D 214 -22.05 -54.29 28.05
CA LEU D 214 -22.64 -53.58 29.18
C LEU D 214 -24.11 -53.91 29.37
N ASP D 215 -24.79 -54.32 28.28
CA ASP D 215 -26.20 -54.70 28.39
C ASP D 215 -26.43 -55.74 29.48
N ILE D 216 -25.52 -56.72 29.59
CA ILE D 216 -25.77 -57.91 30.39
C ILE D 216 -24.64 -58.20 31.38
N CYS D 217 -23.56 -57.42 31.38
CA CYS D 217 -22.41 -57.77 32.22
C CYS D 217 -22.74 -57.75 33.70
N GLN D 218 -23.84 -57.11 34.09
CA GLN D 218 -24.26 -57.08 35.49
C GLN D 218 -25.74 -57.41 35.61
N SER D 219 -26.24 -58.30 34.76
CA SER D 219 -27.64 -58.67 34.72
C SER D 219 -27.78 -60.19 34.63
N ILE D 220 -29.02 -60.65 34.52
CA ILE D 220 -29.34 -62.06 34.37
C ILE D 220 -30.05 -62.25 33.04
N CYS D 221 -29.56 -63.19 32.24
CA CYS D 221 -30.22 -63.55 30.99
C CYS D 221 -31.06 -64.80 31.23
N LYS D 222 -32.37 -64.69 31.01
CA LYS D 222 -33.30 -65.78 31.23
C LYS D 222 -33.80 -66.32 29.90
N TYR D 223 -33.95 -67.64 29.84
CA TYR D 223 -34.52 -68.32 28.70
C TYR D 223 -35.78 -69.04 29.13
N PRO D 224 -36.87 -68.93 28.36
CA PRO D 224 -38.13 -69.56 28.78
C PRO D 224 -37.95 -71.06 28.91
N ASP D 225 -38.39 -71.60 30.04
CA ASP D 225 -38.27 -73.03 30.31
C ASP D 225 -39.48 -73.72 29.69
N TYR D 226 -39.43 -73.87 28.37
CA TYR D 226 -40.51 -74.55 27.65
C TYR D 226 -40.70 -75.96 28.15
N LEU D 227 -39.62 -76.64 28.54
CA LEU D 227 -39.73 -77.99 29.06
C LEU D 227 -40.52 -78.02 30.36
N GLN D 228 -40.29 -77.04 31.25
CA GLN D 228 -40.98 -77.02 32.52
C GLN D 228 -42.40 -76.51 32.38
N MET D 229 -42.61 -75.46 31.57
CA MET D 229 -43.95 -74.92 31.40
C MET D 229 -44.86 -75.85 30.62
N SER D 230 -44.30 -76.64 29.70
CA SER D 230 -45.10 -77.59 28.95
C SER D 230 -45.47 -78.82 29.78
N ALA D 231 -44.62 -79.19 30.72
CA ALA D 231 -44.92 -80.28 31.64
C ALA D 231 -45.76 -79.84 32.83
N ASP D 232 -46.21 -78.58 32.83
CA ASP D 232 -47.05 -78.08 33.92
C ASP D 232 -48.31 -78.91 34.03
N ALA D 233 -48.79 -79.05 35.27
CA ALA D 233 -49.99 -79.86 35.52
C ALA D 233 -51.22 -79.21 34.91
N TYR D 234 -51.50 -77.97 35.30
CA TYR D 234 -52.71 -77.28 34.83
C TYR D 234 -52.50 -76.55 33.50
N GLY D 235 -51.26 -76.14 33.21
CA GLY D 235 -51.01 -75.39 31.99
C GLY D 235 -51.36 -73.92 32.06
N ASP D 236 -51.33 -73.35 33.26
CA ASP D 236 -51.63 -71.92 33.41
C ASP D 236 -50.45 -71.05 32.97
N SER D 237 -49.22 -71.56 33.11
CA SER D 237 -48.04 -70.74 32.81
C SER D 237 -47.98 -70.38 31.33
N MET D 238 -48.37 -71.30 30.46
CA MET D 238 -48.22 -71.07 29.02
C MET D 238 -49.26 -71.92 28.29
N PHE D 239 -50.24 -71.27 27.67
CA PHE D 239 -51.14 -71.95 26.75
C PHE D 239 -51.03 -71.41 25.34
N PHE D 240 -50.01 -70.60 25.04
CA PHE D 240 -49.73 -70.14 23.69
C PHE D 240 -48.28 -69.69 23.63
N CYS D 241 -47.54 -70.23 22.65
CA CYS D 241 -46.10 -70.04 22.58
C CYS D 241 -45.63 -70.00 21.13
N LEU D 242 -44.93 -68.93 20.78
CA LEU D 242 -44.32 -68.79 19.46
C LEU D 242 -42.88 -68.34 19.64
N ARG D 243 -41.93 -69.19 19.23
CA ARG D 243 -40.51 -68.87 19.32
C ARG D 243 -39.88 -68.91 17.93
N ARG D 244 -38.84 -68.08 17.76
CA ARG D 244 -38.11 -67.98 16.50
C ARG D 244 -36.81 -67.24 16.76
N GLU D 245 -35.70 -67.99 16.86
CA GLU D 245 -34.41 -67.42 17.22
C GLU D 245 -33.34 -67.90 16.24
N GLN D 246 -32.32 -67.05 16.04
CA GLN D 246 -31.22 -67.39 15.17
C GLN D 246 -29.95 -66.64 15.59
N VAL D 247 -28.80 -67.26 15.35
CA VAL D 247 -27.50 -66.75 15.77
C VAL D 247 -26.40 -67.48 15.02
N PHE D 248 -25.27 -66.81 14.80
CA PHE D 248 -24.08 -67.46 14.27
C PHE D 248 -22.85 -66.77 14.83
N ALA D 249 -21.72 -67.44 14.71
CA ALA D 249 -20.45 -66.95 15.25
C ALA D 249 -19.75 -66.07 14.22
N ARG D 250 -19.62 -64.78 14.54
CA ARG D 250 -19.05 -63.83 13.60
C ARG D 250 -17.53 -63.74 13.70
N HIS D 251 -17.01 -63.59 14.92
CA HIS D 251 -15.56 -63.52 15.14
C HIS D 251 -15.17 -64.41 16.30
N PHE D 252 -13.98 -64.99 16.19
CA PHE D 252 -13.45 -65.92 17.19
C PHE D 252 -12.37 -65.20 17.98
N TRP D 253 -12.43 -65.30 19.31
CA TRP D 253 -11.56 -64.51 20.17
C TRP D 253 -10.97 -65.37 21.27
N ASN D 254 -10.03 -64.76 22.00
CA ASN D 254 -9.36 -65.35 23.15
C ASN D 254 -9.66 -64.51 24.37
N ARG D 255 -9.68 -65.15 25.54
CA ARG D 255 -9.96 -64.47 26.80
C ARG D 255 -8.68 -64.36 27.61
N SER D 256 -8.36 -63.15 28.05
CA SER D 256 -7.21 -62.97 28.92
C SER D 256 -7.58 -63.30 30.37
N GLY D 257 -6.56 -63.64 31.14
CA GLY D 257 -6.77 -64.11 32.50
C GLY D 257 -6.19 -65.51 32.69
N THR D 258 -5.74 -65.82 33.90
CA THR D 258 -5.08 -67.09 34.13
C THR D 258 -6.08 -68.24 33.99
N MET D 259 -5.66 -69.29 33.29
CA MET D 259 -6.55 -70.42 33.02
C MET D 259 -6.75 -71.24 34.28
N GLY D 260 -7.99 -71.32 34.75
CA GLY D 260 -8.28 -72.04 35.97
C GLY D 260 -8.17 -73.55 35.82
N ASP D 261 -8.41 -74.07 34.62
CA ASP D 261 -8.30 -75.50 34.35
C ASP D 261 -6.97 -75.77 33.63
N GLN D 262 -6.17 -76.65 34.22
CA GLN D 262 -4.87 -76.98 33.63
C GLN D 262 -5.05 -77.81 32.36
N LEU D 263 -4.47 -77.32 31.27
CA LEU D 263 -4.51 -78.03 30.00
C LEU D 263 -3.77 -79.35 30.10
N PRO D 264 -4.43 -80.49 29.92
CA PRO D 264 -3.74 -81.78 30.04
C PRO D 264 -2.64 -81.92 28.99
N GLU D 265 -1.47 -82.33 29.44
CA GLU D 265 -0.32 -82.46 28.56
C GLU D 265 -0.46 -83.61 27.57
N SER D 266 -1.52 -84.42 27.68
CA SER D 266 -1.78 -85.47 26.72
C SER D 266 -2.27 -84.94 25.38
N LEU D 267 -2.65 -83.67 25.30
CA LEU D 267 -3.33 -83.14 24.13
C LEU D 267 -2.45 -82.27 23.23
N TYR D 268 -1.17 -82.11 23.55
CA TYR D 268 -0.31 -81.29 22.70
C TYR D 268 1.15 -81.67 22.96
N ILE D 269 2.03 -81.12 22.11
CA ILE D 269 3.47 -81.26 22.24
C ILE D 269 4.07 -79.86 22.33
N LYS D 270 4.89 -79.62 23.35
CA LYS D 270 5.28 -78.27 23.72
C LYS D 270 6.28 -77.64 22.76
N GLY D 271 7.04 -78.42 22.03
CA GLY D 271 8.07 -77.84 21.19
C GLY D 271 9.37 -77.64 21.94
N THR D 272 10.30 -76.95 21.27
CA THR D 272 11.65 -76.82 21.82
C THR D 272 11.65 -76.01 23.11
N ASP D 273 10.87 -74.93 23.16
CA ASP D 273 10.75 -74.10 24.35
C ASP D 273 9.86 -74.81 25.37
N ILE D 274 10.44 -75.80 26.06
CA ILE D 274 9.67 -76.60 27.01
C ILE D 274 9.33 -75.78 28.25
N ARG D 275 9.54 -74.47 28.16
CA ARG D 275 9.12 -73.49 29.16
C ARG D 275 8.07 -72.63 28.45
N ALA D 276 6.81 -73.00 28.58
CA ALA D 276 5.81 -72.29 27.79
C ALA D 276 4.44 -72.46 28.43
N ASN D 277 3.84 -71.36 28.84
CA ASN D 277 2.46 -71.40 29.24
C ASN D 277 1.62 -71.54 27.98
N PRO D 278 0.73 -72.52 27.89
CA PRO D 278 -0.11 -72.63 26.70
C PRO D 278 -0.97 -71.39 26.57
N GLY D 279 -1.05 -70.87 25.35
CA GLY D 279 -1.84 -69.68 25.12
C GLY D 279 -3.27 -69.89 25.58
N SER D 280 -3.99 -68.77 25.69
CA SER D 280 -5.36 -68.83 26.18
C SER D 280 -6.17 -69.79 25.33
N TYR D 281 -6.79 -70.76 25.98
CA TYR D 281 -7.59 -71.78 25.32
C TYR D 281 -9.03 -71.73 25.80
N LEU D 282 -9.49 -70.53 26.14
CA LEU D 282 -10.89 -70.25 26.44
C LEU D 282 -11.37 -69.36 25.31
N TYR D 283 -12.08 -69.95 24.36
CA TYR D 283 -12.49 -69.26 23.15
C TYR D 283 -13.97 -68.93 23.25
N SER D 284 -14.31 -67.67 22.98
CA SER D 284 -15.69 -67.19 23.05
C SER D 284 -15.99 -66.42 21.77
N PRO D 285 -16.98 -66.82 20.99
CA PRO D 285 -17.29 -66.12 19.75
C PRO D 285 -18.21 -64.92 19.98
N SER D 286 -18.16 -63.99 19.03
CA SER D 286 -19.08 -62.88 19.00
C SER D 286 -20.36 -63.31 18.30
N PRO D 287 -21.51 -63.31 18.97
CA PRO D 287 -22.75 -63.75 18.32
C PRO D 287 -23.21 -62.73 17.29
N SER D 288 -24.10 -63.17 16.41
CA SER D 288 -24.69 -62.27 15.43
C SER D 288 -26.02 -62.84 14.98
N GLY D 289 -27.00 -61.95 14.82
CA GLY D 289 -28.34 -62.35 14.44
C GLY D 289 -28.59 -62.35 12.95
N SER D 290 -27.55 -62.21 12.14
CA SER D 290 -27.63 -62.25 10.68
C SER D 290 -28.65 -61.23 10.19
N VAL D 291 -29.33 -61.53 9.08
CA VAL D 291 -30.23 -60.58 8.45
C VAL D 291 -31.57 -60.58 9.17
N VAL D 292 -32.14 -59.39 9.37
CA VAL D 292 -33.50 -59.23 9.88
C VAL D 292 -34.40 -58.89 8.70
N THR D 293 -35.37 -59.76 8.43
CA THR D 293 -36.29 -59.58 7.31
C THR D 293 -37.72 -59.75 7.80
N SER D 294 -38.65 -59.05 7.15
CA SER D 294 -40.05 -59.16 7.50
C SER D 294 -40.66 -60.51 7.11
N ASP D 295 -39.96 -61.31 6.30
CA ASP D 295 -40.43 -62.65 6.00
C ASP D 295 -40.40 -63.52 7.26
N SER D 296 -39.39 -63.36 8.10
CA SER D 296 -39.28 -64.06 9.36
C SER D 296 -40.04 -63.37 10.49
N GLN D 297 -40.76 -62.29 10.19
CA GLN D 297 -41.47 -61.54 11.22
C GLN D 297 -42.55 -62.39 11.87
N LEU D 298 -42.76 -62.17 13.16
CA LEU D 298 -43.66 -62.99 13.95
C LEU D 298 -44.82 -62.23 14.58
N PHE D 299 -44.81 -60.90 14.52
CA PHE D 299 -45.85 -60.09 15.14
C PHE D 299 -46.62 -59.34 14.05
N ASN D 300 -47.49 -58.43 14.49
CA ASN D 300 -48.42 -57.70 13.62
C ASN D 300 -49.34 -58.65 12.85
N LYS D 301 -49.51 -59.87 13.34
CA LYS D 301 -50.38 -60.86 12.74
C LYS D 301 -51.40 -61.35 13.77
N PRO D 302 -52.63 -61.65 13.35
CA PRO D 302 -53.59 -62.23 14.28
C PRO D 302 -53.31 -63.71 14.51
N TYR D 303 -53.44 -64.13 15.77
CA TYR D 303 -53.29 -65.51 16.17
C TYR D 303 -54.52 -65.93 16.94
N TRP D 304 -55.15 -67.02 16.50
CA TRP D 304 -56.39 -67.51 17.06
C TRP D 304 -56.11 -68.75 17.88
N LEU D 305 -56.45 -68.71 19.17
CA LEU D 305 -56.25 -69.84 20.08
C LEU D 305 -57.49 -70.73 20.05
N HIS D 306 -57.33 -71.94 19.53
CA HIS D 306 -58.40 -72.93 19.54
C HIS D 306 -58.13 -73.97 20.63
N LYS D 307 -57.11 -74.80 20.42
CA LYS D 307 -56.66 -75.76 21.41
C LYS D 307 -55.35 -75.25 22.02
N ALA D 308 -55.31 -75.20 23.35
CA ALA D 308 -54.10 -74.81 24.04
C ALA D 308 -53.16 -76.00 24.17
N GLN D 309 -51.90 -75.73 24.55
CA GLN D 309 -50.95 -76.82 24.72
C GLN D 309 -51.24 -77.61 25.99
N GLY D 310 -51.73 -76.95 27.03
CA GLY D 310 -52.04 -77.59 28.29
C GLY D 310 -53.53 -77.82 28.47
N LEU D 311 -53.89 -78.24 29.68
CA LEU D 311 -55.30 -78.50 29.97
C LEU D 311 -56.09 -77.20 30.12
N ASN D 312 -55.48 -76.16 30.67
CA ASN D 312 -56.10 -74.85 30.70
C ASN D 312 -56.14 -74.30 29.27
N ASN D 313 -57.34 -74.19 28.71
CA ASN D 313 -57.50 -73.82 27.30
C ASN D 313 -57.76 -72.31 27.16
N GLY D 314 -56.77 -71.52 27.59
CA GLY D 314 -56.84 -70.09 27.42
C GLY D 314 -57.85 -69.42 28.34
N ILE D 315 -58.07 -69.96 29.53
CA ILE D 315 -59.03 -69.39 30.47
C ILE D 315 -58.29 -68.45 31.42
N CYS D 316 -58.76 -67.21 31.49
CA CYS D 316 -58.08 -66.17 32.26
C CYS D 316 -58.67 -66.12 33.67
N TRP D 317 -58.15 -67.01 34.52
CA TRP D 317 -58.56 -67.02 35.92
C TRP D 317 -58.19 -65.69 36.57
N HIS D 318 -59.01 -65.27 37.53
CA HIS D 318 -58.86 -64.01 38.25
C HIS D 318 -58.92 -62.80 37.31
N ASN D 319 -59.47 -62.98 36.10
CA ASN D 319 -59.68 -61.90 35.16
C ASN D 319 -58.38 -61.16 34.84
N GLN D 320 -57.31 -61.93 34.61
CA GLN D 320 -56.03 -61.37 34.24
C GLN D 320 -55.39 -62.25 33.18
N LEU D 321 -54.40 -61.67 32.49
CA LEU D 321 -53.75 -62.35 31.38
C LEU D 321 -52.33 -61.82 31.29
N PHE D 322 -51.36 -62.73 31.33
CA PHE D 322 -49.94 -62.39 31.31
C PHE D 322 -49.38 -62.63 29.91
N LEU D 323 -48.76 -61.60 29.35
CA LEU D 323 -48.22 -61.64 27.99
C LEU D 323 -46.72 -61.36 28.05
N THR D 324 -45.91 -62.40 27.85
CA THR D 324 -44.47 -62.24 27.75
C THR D 324 -44.10 -62.18 26.28
N VAL D 325 -43.27 -61.21 25.90
CA VAL D 325 -42.92 -61.01 24.50
C VAL D 325 -41.51 -60.45 24.42
N VAL D 326 -40.73 -60.99 23.48
CA VAL D 326 -39.40 -60.51 23.15
C VAL D 326 -39.34 -60.30 21.64
N ASP D 327 -38.88 -59.11 21.23
CA ASP D 327 -38.75 -58.78 19.81
C ASP D 327 -37.45 -58.01 19.64
N THR D 328 -36.43 -58.68 19.11
CA THR D 328 -35.12 -58.08 18.89
C THR D 328 -34.91 -57.69 17.44
N THR D 329 -35.95 -57.74 16.60
CA THR D 329 -35.85 -57.37 15.20
C THR D 329 -35.98 -55.87 14.98
N ARG D 330 -36.14 -55.09 16.04
CA ARG D 330 -36.22 -53.64 15.99
C ARG D 330 -35.26 -53.03 17.00
N SER D 331 -34.02 -53.51 16.99
CA SER D 331 -33.03 -53.14 17.99
C SER D 331 -32.23 -51.91 17.62
N THR D 332 -32.60 -51.21 16.55
CA THR D 332 -31.87 -50.01 16.17
C THR D 332 -31.92 -48.97 17.28
N ASN D 333 -30.83 -48.23 17.45
CA ASN D 333 -30.68 -47.27 18.52
C ASN D 333 -30.51 -45.87 17.93
N LEU D 334 -31.31 -44.93 18.42
CA LEU D 334 -31.20 -43.53 18.02
C LEU D 334 -30.00 -42.89 18.70
N SER D 335 -29.20 -42.16 17.92
CA SER D 335 -28.08 -41.38 18.45
C SER D 335 -28.46 -39.91 18.34
N VAL D 336 -28.71 -39.28 19.49
CA VAL D 336 -29.03 -37.86 19.57
C VAL D 336 -27.85 -37.13 20.16
N CYS D 337 -27.44 -36.03 19.53
CA CYS D 337 -26.31 -35.25 20.01
C CYS D 337 -26.69 -33.78 20.05
N ALA D 338 -26.19 -33.07 21.06
CA ALA D 338 -26.51 -31.67 21.25
C ALA D 338 -25.21 -30.90 21.46
N SER D 339 -25.10 -29.75 20.80
CA SER D 339 -23.89 -28.95 20.89
C SER D 339 -23.73 -28.38 22.29
N THR D 340 -22.47 -28.29 22.74
CA THR D 340 -22.19 -27.70 24.05
C THR D 340 -22.21 -26.18 24.00
N THR D 341 -22.01 -25.60 22.83
CA THR D 341 -22.20 -24.16 22.65
C THR D 341 -23.68 -23.88 22.39
N SER D 342 -24.13 -22.71 22.88
CA SER D 342 -25.54 -22.35 22.75
C SER D 342 -26.00 -22.35 21.29
N SER D 343 -25.21 -21.77 20.40
CA SER D 343 -25.43 -21.85 18.96
C SER D 343 -24.15 -22.34 18.32
N ILE D 344 -24.30 -23.12 17.25
CA ILE D 344 -23.16 -23.82 16.67
C ILE D 344 -22.20 -22.81 16.03
N PRO D 345 -20.90 -22.84 16.39
CA PRO D 345 -19.88 -22.24 15.53
C PRO D 345 -19.63 -23.19 14.37
N ASN D 346 -19.57 -22.64 13.15
CA ASN D 346 -19.45 -23.52 11.98
C ASN D 346 -18.09 -24.19 11.90
N VAL D 347 -17.67 -24.81 13.00
CA VAL D 347 -16.41 -25.57 13.07
C VAL D 347 -16.65 -26.77 13.98
N TYR D 348 -16.27 -27.96 13.51
CA TYR D 348 -16.48 -29.19 14.27
C TYR D 348 -15.26 -29.54 15.10
N THR D 349 -15.48 -29.78 16.39
CA THR D 349 -14.50 -30.35 17.30
C THR D 349 -15.24 -31.36 18.17
N PRO D 350 -14.67 -32.53 18.42
CA PRO D 350 -15.38 -33.55 19.21
C PRO D 350 -15.76 -33.09 20.61
N THR D 351 -15.06 -32.12 21.18
CA THR D 351 -15.37 -31.64 22.52
C THR D 351 -16.59 -30.75 22.57
N SER D 352 -17.11 -30.31 21.43
CA SER D 352 -18.23 -29.37 21.38
C SER D 352 -19.55 -30.05 21.06
N PHE D 353 -19.65 -31.36 21.30
CA PHE D 353 -20.90 -32.09 21.05
C PHE D 353 -21.06 -33.18 22.09
N LYS D 354 -22.23 -33.21 22.73
CA LYS D 354 -22.59 -34.26 23.66
C LYS D 354 -23.38 -35.34 22.93
N GLU D 355 -22.98 -36.59 23.12
CA GLU D 355 -23.58 -37.72 22.42
C GLU D 355 -24.38 -38.58 23.39
N TYR D 356 -25.61 -38.90 23.01
CA TYR D 356 -26.53 -39.70 23.80
C TYR D 356 -27.13 -40.80 22.94
N ALA D 357 -27.33 -41.97 23.53
CA ALA D 357 -27.93 -43.11 22.85
C ALA D 357 -29.27 -43.43 23.50
N ARG D 358 -30.34 -43.39 22.72
CA ARG D 358 -31.69 -43.64 23.21
C ARG D 358 -32.33 -44.76 22.40
N HIS D 359 -33.12 -45.59 23.06
CA HIS D 359 -33.85 -46.68 22.41
C HIS D 359 -35.35 -46.53 22.67
N VAL D 360 -36.13 -47.10 21.75
CA VAL D 360 -37.57 -46.89 21.68
C VAL D 360 -38.25 -48.22 21.45
N GLU D 361 -39.35 -48.45 22.16
CA GLU D 361 -40.18 -49.61 21.94
C GLU D 361 -41.64 -49.18 21.82
N GLU D 362 -42.34 -49.74 20.83
CA GLU D 362 -43.72 -49.38 20.53
C GLU D 362 -44.54 -50.66 20.32
N PHE D 363 -45.66 -50.75 21.04
CA PHE D 363 -46.55 -51.89 21.04
C PHE D 363 -47.99 -51.43 20.86
N ASP D 364 -48.85 -52.38 20.51
CA ASP D 364 -50.29 -52.13 20.43
C ASP D 364 -50.96 -53.49 20.62
N LEU D 365 -51.34 -53.79 21.88
CA LEU D 365 -51.89 -55.09 22.22
C LEU D 365 -53.37 -55.16 21.87
N GLN D 366 -53.76 -56.26 21.24
CA GLN D 366 -55.15 -56.48 20.83
C GLN D 366 -55.57 -57.89 21.21
N PHE D 367 -56.80 -58.03 21.68
CA PHE D 367 -57.32 -59.29 22.21
C PHE D 367 -58.78 -59.46 21.83
N ILE D 368 -59.17 -60.70 21.62
CA ILE D 368 -60.56 -61.11 21.46
C ILE D 368 -60.84 -62.13 22.55
N PHE D 369 -61.74 -61.77 23.47
CA PHE D 369 -62.10 -62.62 24.59
C PHE D 369 -63.50 -63.20 24.40
N GLN D 370 -63.72 -64.37 25.00
CA GLN D 370 -64.98 -65.08 24.90
C GLN D 370 -65.53 -65.31 26.30
N LEU D 371 -66.79 -64.96 26.50
CA LEU D 371 -67.44 -65.14 27.79
C LEU D 371 -67.80 -66.60 28.00
N CYS D 372 -67.58 -67.11 29.21
CA CYS D 372 -67.81 -68.51 29.50
C CYS D 372 -68.51 -68.65 30.84
N LYS D 373 -69.25 -69.73 30.99
CA LYS D 373 -69.95 -70.05 32.23
C LYS D 373 -69.32 -71.27 32.89
N ILE D 374 -69.41 -71.31 34.22
CA ILE D 374 -68.96 -72.45 35.00
C ILE D 374 -70.06 -72.75 36.02
N THR D 375 -70.81 -73.83 35.78
CA THR D 375 -71.83 -74.24 36.73
C THR D 375 -71.14 -74.88 37.93
N LEU D 376 -71.21 -74.20 39.08
CA LEU D 376 -70.48 -74.62 40.28
C LEU D 376 -71.21 -75.77 40.96
N THR D 377 -71.02 -76.96 40.40
CA THR D 377 -71.51 -78.19 41.01
C THR D 377 -70.54 -78.62 42.10
N THR D 378 -70.87 -79.72 42.79
CA THR D 378 -69.85 -80.46 43.52
C THR D 378 -68.97 -81.20 42.52
N GLU D 379 -67.99 -81.95 43.04
CA GLU D 379 -66.94 -82.55 42.21
C GLU D 379 -66.16 -81.44 41.52
N VAL D 380 -66.84 -80.67 40.68
CA VAL D 380 -66.37 -79.34 40.28
C VAL D 380 -66.35 -78.50 41.56
N MET D 381 -65.73 -77.32 41.50
CA MET D 381 -65.63 -76.43 42.65
C MET D 381 -64.72 -77.03 43.73
N SER D 382 -64.95 -78.29 44.12
CA SER D 382 -63.95 -78.97 44.93
C SER D 382 -62.68 -79.21 44.12
N TYR D 383 -62.83 -79.54 42.84
CA TYR D 383 -61.70 -79.58 41.94
C TYR D 383 -61.10 -78.19 41.77
N ILE D 384 -61.94 -77.16 41.65
CA ILE D 384 -61.46 -75.79 41.59
C ILE D 384 -60.79 -75.40 42.90
N HIS D 385 -61.32 -75.89 44.01
CA HIS D 385 -60.71 -75.61 45.32
C HIS D 385 -59.31 -76.20 45.40
N ASN D 386 -59.16 -77.46 44.99
CA ASN D 386 -57.83 -78.07 44.97
C ASN D 386 -56.93 -77.39 43.94
N MET D 387 -57.52 -76.81 42.90
CA MET D 387 -56.75 -76.06 41.91
C MET D 387 -56.30 -74.72 42.47
N ASN D 388 -57.26 -73.86 42.82
CA ASN D 388 -56.96 -72.55 43.39
C ASN D 388 -58.11 -72.18 44.31
N THR D 389 -57.86 -72.22 45.63
CA THR D 389 -58.87 -71.80 46.58
C THR D 389 -59.29 -70.35 46.34
N THR D 390 -58.34 -69.52 45.90
CA THR D 390 -58.57 -68.10 45.69
C THR D 390 -59.49 -67.83 44.51
N ILE D 391 -59.73 -68.80 43.63
CA ILE D 391 -60.72 -68.62 42.57
C ILE D 391 -62.11 -68.53 43.17
N LEU D 392 -62.48 -69.51 44.00
CA LEU D 392 -63.77 -69.45 44.69
C LEU D 392 -63.80 -68.30 45.70
N GLU D 393 -62.69 -68.10 46.41
CA GLU D 393 -62.63 -67.01 47.38
C GLU D 393 -62.83 -65.66 46.71
N ASP D 394 -62.25 -65.48 45.51
CA ASP D 394 -62.42 -64.24 44.77
C ASP D 394 -63.84 -64.11 44.23
N TRP D 395 -64.55 -65.23 44.10
CA TRP D 395 -65.98 -65.22 43.82
C TRP D 395 -66.68 -65.10 45.17
N ASN D 396 -67.81 -65.78 45.34
CA ASN D 396 -68.53 -65.71 46.61
C ASN D 396 -69.28 -67.02 46.84
N PHE D 397 -68.57 -68.14 46.73
CA PHE D 397 -69.16 -69.44 47.01
C PHE D 397 -68.45 -70.13 48.17
N GLN D 431 -54.61 -60.06 49.55
CA GLN D 431 -53.22 -59.96 49.12
C GLN D 431 -53.02 -60.59 47.74
N ASP D 432 -51.82 -60.39 47.17
CA ASP D 432 -51.50 -60.82 45.82
C ASP D 432 -50.03 -61.20 45.75
N PRO D 433 -49.71 -62.41 45.27
CA PRO D 433 -48.30 -62.83 45.21
C PRO D 433 -47.52 -62.25 44.05
N TYR D 434 -48.18 -61.61 43.09
CA TYR D 434 -47.50 -61.16 41.89
C TYR D 434 -47.11 -59.68 41.92
N ASP D 435 -47.58 -58.92 42.91
CA ASP D 435 -47.16 -57.53 43.01
C ASP D 435 -45.76 -57.38 43.60
N LYS D 436 -45.21 -58.46 44.15
CA LYS D 436 -43.82 -58.44 44.57
C LYS D 436 -42.87 -58.47 43.37
N LEU D 437 -43.39 -58.83 42.20
CA LEU D 437 -42.65 -58.87 40.94
C LEU D 437 -43.02 -57.66 40.10
N LYS D 438 -42.14 -57.34 39.15
CA LYS D 438 -42.31 -56.16 38.30
C LYS D 438 -42.92 -56.56 36.95
N PHE D 439 -44.07 -55.98 36.64
CA PHE D 439 -44.75 -56.19 35.37
C PHE D 439 -45.10 -54.84 34.75
N TRP D 440 -45.47 -54.88 33.47
CA TRP D 440 -46.02 -53.72 32.79
C TRP D 440 -47.54 -53.76 32.92
N PRO D 441 -48.15 -52.89 33.74
CA PRO D 441 -49.59 -52.98 33.96
C PRO D 441 -50.38 -52.47 32.76
N VAL D 442 -51.37 -53.24 32.35
CA VAL D 442 -52.27 -52.88 31.24
C VAL D 442 -53.69 -53.07 31.74
N ASP D 443 -54.39 -51.97 32.01
CA ASP D 443 -55.73 -52.01 32.55
C ASP D 443 -56.72 -51.95 31.39
N LEU D 444 -57.46 -53.04 31.18
CA LEU D 444 -58.45 -53.13 30.11
C LEU D 444 -59.88 -53.26 30.63
N LYS D 445 -60.11 -52.93 31.91
CA LYS D 445 -61.45 -53.06 32.46
C LYS D 445 -62.44 -52.13 31.76
N GLU D 446 -61.98 -50.97 31.29
CA GLU D 446 -62.82 -50.00 30.61
C GLU D 446 -62.67 -50.03 29.09
N ARG D 447 -62.07 -51.10 28.56
CA ARG D 447 -61.74 -51.18 27.14
C ARG D 447 -62.45 -52.31 26.41
N PHE D 448 -63.33 -53.04 27.08
CA PHE D 448 -64.09 -54.11 26.44
C PHE D 448 -65.19 -53.53 25.58
N SER D 449 -65.40 -54.14 24.41
CA SER D 449 -66.45 -53.71 23.49
C SER D 449 -66.99 -54.90 22.73
N ALA D 450 -68.31 -54.97 22.61
CA ALA D 450 -68.96 -56.06 21.89
C ALA D 450 -69.09 -55.80 20.40
N ASP D 451 -68.89 -54.56 19.95
CA ASP D 451 -68.96 -54.22 18.53
C ASP D 451 -67.61 -54.58 17.89
N LEU D 452 -67.49 -55.86 17.52
CA LEU D 452 -66.22 -56.35 17.00
C LEU D 452 -65.86 -55.71 15.67
N ASP D 453 -66.86 -55.40 14.84
CA ASP D 453 -66.60 -54.82 13.52
C ASP D 453 -66.00 -53.42 13.59
N GLN D 454 -65.86 -52.84 14.79
CA GLN D 454 -65.27 -51.52 14.96
C GLN D 454 -63.77 -51.58 15.15
N PHE D 455 -63.18 -52.76 15.17
CA PHE D 455 -61.75 -52.93 15.41
C PHE D 455 -61.16 -53.86 14.36
N PRO D 456 -59.89 -53.66 13.99
CA PRO D 456 -59.27 -54.52 12.97
C PRO D 456 -59.23 -55.98 13.38
N LEU D 457 -58.66 -56.28 14.54
CA LEU D 457 -58.64 -57.65 15.03
C LEU D 457 -60.05 -58.19 15.21
N GLY D 458 -61.00 -57.32 15.56
CA GLY D 458 -62.38 -57.75 15.66
C GLY D 458 -62.95 -58.20 14.33
N ARG D 459 -62.65 -57.45 13.26
CA ARG D 459 -63.10 -57.83 11.93
C ARG D 459 -62.44 -59.13 11.48
N LYS D 460 -61.12 -59.22 11.62
CA LYS D 460 -60.44 -60.47 11.27
C LYS D 460 -60.99 -61.65 12.05
N PHE D 461 -61.43 -61.43 13.30
CA PHE D 461 -62.07 -62.51 14.03
C PHE D 461 -63.48 -62.78 13.54
N LEU D 462 -64.17 -61.76 13.02
CA LEU D 462 -65.47 -61.98 12.42
C LEU D 462 -65.35 -62.75 11.11
N LEU D 463 -64.16 -62.77 10.50
CA LEU D 463 -63.92 -63.65 9.36
C LEU D 463 -63.64 -65.07 9.81
N GLN D 464 -64.50 -65.62 10.68
CA GLN D 464 -64.33 -67.00 11.13
C GLN D 464 -65.62 -67.81 11.14
N LEU D 465 -66.78 -67.16 11.08
CA LEU D 465 -68.07 -67.84 10.93
C LEU D 465 -68.02 -69.05 9.99
N LYS E 12 -71.38 -44.46 15.49
CA LYS E 12 -70.87 -45.78 15.16
C LYS E 12 -70.61 -45.87 13.65
N VAL E 13 -69.39 -46.25 13.29
CA VAL E 13 -69.00 -46.32 11.88
C VAL E 13 -69.46 -47.65 11.29
N VAL E 14 -69.91 -47.60 10.03
CA VAL E 14 -70.52 -48.73 9.36
C VAL E 14 -69.69 -49.10 8.14
N SER E 15 -69.58 -50.39 7.86
CA SER E 15 -68.85 -50.84 6.67
C SER E 15 -69.49 -50.28 5.41
N THR E 16 -68.65 -49.95 4.43
CA THR E 16 -69.16 -49.40 3.18
C THR E 16 -69.88 -50.44 2.34
N ASP E 17 -69.71 -51.72 2.65
CA ASP E 17 -70.46 -52.76 1.95
C ASP E 17 -71.92 -52.80 2.35
N GLU E 18 -72.33 -51.97 3.31
CA GLU E 18 -73.70 -51.92 3.78
C GLU E 18 -74.50 -50.76 3.21
N TYR E 19 -73.84 -49.72 2.69
CA TYR E 19 -74.54 -48.57 2.14
C TYR E 19 -74.01 -48.15 0.78
N VAL E 20 -73.19 -48.96 0.12
CA VAL E 20 -72.67 -48.67 -1.21
C VAL E 20 -72.87 -49.92 -2.06
N THR E 21 -73.94 -49.94 -2.86
CA THR E 21 -74.21 -51.07 -3.73
C THR E 21 -73.34 -50.98 -4.98
N ARG E 22 -72.84 -52.13 -5.42
CA ARG E 22 -71.89 -52.20 -6.53
C ARG E 22 -72.59 -52.65 -7.81
N THR E 23 -71.97 -52.29 -8.93
CA THR E 23 -72.45 -52.65 -10.25
C THR E 23 -71.40 -53.50 -10.96
N SER E 24 -71.77 -54.00 -12.13
CA SER E 24 -70.87 -54.77 -12.98
C SER E 24 -70.10 -53.90 -13.96
N ILE E 25 -70.22 -52.58 -13.86
CA ILE E 25 -69.51 -51.67 -14.73
C ILE E 25 -68.07 -51.52 -14.24
N PHE E 26 -67.11 -51.91 -15.07
CA PHE E 26 -65.70 -51.84 -14.74
C PHE E 26 -64.96 -51.02 -15.77
N TYR E 27 -63.99 -50.22 -15.31
CA TYR E 27 -63.18 -49.39 -16.20
C TYR E 27 -61.71 -49.61 -15.89
N HIS E 28 -60.88 -49.48 -16.93
CA HIS E 28 -59.43 -49.49 -16.80
C HIS E 28 -58.91 -48.07 -16.88
N ALA E 29 -57.99 -47.75 -15.98
CA ALA E 29 -57.34 -46.44 -15.96
C ALA E 29 -55.84 -46.65 -15.87
N GLY E 30 -55.09 -45.86 -16.63
CA GLY E 30 -53.66 -46.03 -16.62
C GLY E 30 -52.86 -44.82 -17.05
N SER E 31 -51.85 -44.48 -16.26
CA SER E 31 -50.90 -43.46 -16.63
C SER E 31 -49.95 -43.96 -17.71
N SER E 32 -49.37 -43.03 -18.45
CA SER E 32 -48.27 -43.38 -19.32
C SER E 32 -47.05 -43.65 -18.44
N ARG E 33 -45.88 -43.81 -19.05
CA ARG E 33 -44.67 -43.97 -18.27
C ARG E 33 -44.35 -42.66 -17.55
N LEU E 34 -44.16 -42.75 -16.23
CA LEU E 34 -43.77 -41.60 -15.41
C LEU E 34 -42.31 -41.78 -15.03
N LEU E 35 -41.52 -40.72 -15.16
CA LEU E 35 -40.12 -40.83 -14.78
C LEU E 35 -39.64 -39.51 -14.20
N THR E 36 -38.66 -39.61 -13.31
CA THR E 36 -38.02 -38.43 -12.72
C THR E 36 -36.56 -38.73 -12.51
N VAL E 37 -35.70 -37.80 -12.91
CA VAL E 37 -34.26 -37.90 -12.73
C VAL E 37 -33.81 -36.75 -11.84
N GLY E 38 -32.68 -36.94 -11.18
CA GLY E 38 -32.15 -35.88 -10.35
C GLY E 38 -30.91 -36.30 -9.60
N HIS E 39 -30.59 -35.54 -8.56
CA HIS E 39 -29.43 -35.93 -7.76
C HIS E 39 -29.88 -36.84 -6.62
N PRO E 40 -29.13 -37.92 -6.34
CA PRO E 40 -29.59 -38.88 -5.34
C PRO E 40 -29.45 -38.40 -3.91
N TYR E 41 -28.64 -37.38 -3.64
CA TYR E 41 -28.33 -36.98 -2.27
C TYR E 41 -28.94 -35.64 -1.87
N PHE E 42 -29.01 -34.67 -2.76
CA PHE E 42 -29.42 -33.31 -2.38
C PHE E 42 -29.82 -32.52 -3.61
N LYS E 43 -30.63 -31.48 -3.38
CA LYS E 43 -30.94 -30.53 -4.44
C LYS E 43 -29.70 -29.74 -4.81
N VAL E 44 -29.37 -29.72 -6.10
CA VAL E 44 -28.19 -29.02 -6.58
C VAL E 44 -28.63 -27.76 -7.33
N PRO E 45 -28.49 -26.58 -6.75
CA PRO E 45 -28.88 -25.35 -7.45
C PRO E 45 -27.86 -24.97 -8.51
N LYS E 46 -28.37 -24.60 -9.68
CA LYS E 46 -27.53 -24.06 -10.76
C LYS E 46 -28.12 -22.73 -11.21
N GLY E 47 -27.32 -21.68 -11.11
CA GLY E 47 -27.75 -20.33 -11.45
C GLY E 47 -28.15 -20.13 -12.90
N GLY E 48 -29.39 -19.72 -13.13
CA GLY E 48 -29.87 -19.46 -14.48
C GLY E 48 -30.10 -17.99 -14.76
N ASN E 49 -31.13 -17.58 -15.51
CA ASN E 49 -32.17 -18.41 -16.15
C ASN E 49 -32.87 -19.33 -15.14
N GLY E 50 -33.26 -18.75 -14.02
CA GLY E 50 -33.84 -19.50 -12.92
C GLY E 50 -35.15 -20.21 -13.21
N ARG E 51 -35.17 -21.53 -13.06
CA ARG E 51 -34.01 -22.33 -12.66
C ARG E 51 -33.90 -23.63 -13.45
N GLN E 52 -32.66 -23.99 -13.80
CA GLN E 52 -32.35 -25.32 -14.34
C GLN E 52 -31.71 -26.22 -13.28
N ASP E 53 -32.15 -26.11 -12.03
CA ASP E 53 -31.59 -26.92 -10.97
C ASP E 53 -32.04 -28.37 -11.09
N VAL E 54 -31.24 -29.28 -10.55
CA VAL E 54 -31.63 -30.68 -10.47
C VAL E 54 -32.19 -30.96 -9.08
N PRO E 55 -33.30 -31.67 -8.96
CA PRO E 55 -33.88 -31.95 -7.65
C PRO E 55 -33.27 -33.18 -7.00
N LYS E 56 -33.65 -33.39 -5.74
CA LYS E 56 -33.23 -34.58 -5.00
C LYS E 56 -34.15 -35.74 -5.38
N VAL E 57 -33.61 -36.70 -6.13
CA VAL E 57 -34.36 -37.87 -6.56
C VAL E 57 -33.62 -39.08 -6.03
N SER E 58 -34.06 -39.59 -4.87
CA SER E 58 -33.43 -40.74 -4.23
C SER E 58 -34.39 -41.93 -4.25
N ALA E 59 -33.81 -43.12 -4.37
CA ALA E 59 -34.60 -44.35 -4.28
C ALA E 59 -35.15 -44.58 -2.88
N TYR E 60 -34.63 -43.86 -1.88
CA TYR E 60 -35.12 -43.94 -0.51
C TYR E 60 -36.07 -42.79 -0.18
N GLN E 61 -36.84 -42.36 -1.17
CA GLN E 61 -37.84 -41.32 -1.01
C GLN E 61 -39.23 -41.94 -1.15
N TYR E 62 -40.18 -41.41 -0.37
CA TYR E 62 -41.57 -41.81 -0.54
C TYR E 62 -42.10 -41.25 -1.86
N ARG E 63 -42.78 -42.09 -2.63
CA ARG E 63 -43.49 -41.66 -3.83
C ARG E 63 -44.98 -41.68 -3.51
N VAL E 64 -45.58 -40.51 -3.39
CA VAL E 64 -46.99 -40.41 -3.01
C VAL E 64 -47.72 -39.77 -4.18
N PHE E 65 -48.43 -40.60 -4.94
CA PHE E 65 -49.19 -40.14 -6.10
C PHE E 65 -50.61 -39.80 -5.68
N ARG E 66 -51.07 -38.61 -6.06
CA ARG E 66 -52.45 -38.20 -5.90
C ARG E 66 -53.15 -38.43 -7.25
N VAL E 67 -53.89 -39.53 -7.34
CA VAL E 67 -54.57 -39.92 -8.57
C VAL E 67 -55.98 -39.33 -8.55
N LYS E 68 -56.23 -38.39 -9.46
CA LYS E 68 -57.55 -37.79 -9.60
C LYS E 68 -58.36 -38.56 -10.64
N LEU E 69 -59.56 -38.96 -10.25
CA LEU E 69 -60.48 -39.71 -11.09
C LEU E 69 -61.60 -38.80 -11.60
N PRO E 70 -62.17 -39.11 -12.76
CA PRO E 70 -63.29 -38.30 -13.26
C PRO E 70 -64.53 -38.50 -12.41
N ASP E 71 -65.29 -37.44 -12.25
CA ASP E 71 -66.53 -37.51 -11.49
C ASP E 71 -67.52 -38.44 -12.20
N PRO E 72 -67.90 -39.57 -11.60
CA PRO E 72 -68.83 -40.48 -12.28
C PRO E 72 -70.22 -39.90 -12.44
N ASN E 73 -70.62 -38.94 -11.59
CA ASN E 73 -71.92 -38.30 -11.78
C ASN E 73 -71.89 -37.35 -12.97
N LYS E 74 -70.80 -36.61 -13.13
CA LYS E 74 -70.61 -35.77 -14.31
C LYS E 74 -70.20 -36.59 -15.53
N PHE E 75 -69.78 -37.84 -15.34
CA PHE E 75 -69.42 -38.71 -16.44
C PHE E 75 -70.62 -38.93 -17.37
N GLY E 76 -70.42 -38.65 -18.65
CA GLY E 76 -71.50 -38.73 -19.61
C GLY E 76 -71.42 -39.94 -20.53
N LEU E 77 -70.61 -40.93 -20.17
CA LEU E 77 -70.46 -42.14 -20.98
C LEU E 77 -71.50 -43.19 -20.60
N PRO E 78 -71.74 -43.48 -19.32
CA PRO E 78 -72.81 -44.42 -18.98
C PRO E 78 -74.18 -43.82 -19.20
N ASP E 79 -75.13 -44.67 -19.56
CA ASP E 79 -76.50 -44.22 -19.80
C ASP E 79 -77.26 -44.09 -18.48
N ASN E 80 -78.36 -43.34 -18.53
CA ASN E 80 -79.21 -43.06 -17.37
C ASN E 80 -79.98 -44.29 -16.88
N THR E 81 -79.74 -45.48 -17.41
CA THR E 81 -80.37 -46.69 -16.88
C THR E 81 -79.68 -47.19 -15.62
N VAL E 82 -78.40 -46.85 -15.43
CA VAL E 82 -77.68 -47.33 -14.26
C VAL E 82 -78.13 -46.61 -12.98
N TYR E 83 -78.55 -45.36 -13.08
CA TYR E 83 -78.98 -44.62 -11.90
C TYR E 83 -79.77 -43.39 -12.32
N ASP E 84 -80.50 -42.83 -11.35
CA ASP E 84 -81.25 -41.61 -11.52
C ASP E 84 -80.69 -40.54 -10.59
N PRO E 85 -80.34 -39.35 -11.10
CA PRO E 85 -79.72 -38.33 -10.25
C PRO E 85 -80.68 -37.64 -9.30
N ASN E 86 -81.69 -38.36 -8.82
CA ASN E 86 -82.65 -37.78 -7.88
C ASN E 86 -82.35 -38.15 -6.43
N SER E 87 -82.11 -39.44 -6.16
CA SER E 87 -81.78 -39.88 -4.81
C SER E 87 -80.54 -40.77 -4.76
N GLN E 88 -79.83 -40.92 -5.86
CA GLN E 88 -78.64 -41.76 -5.91
C GLN E 88 -77.51 -41.00 -6.60
N ARG E 89 -76.29 -41.20 -6.11
CA ARG E 89 -75.11 -40.61 -6.73
C ARG E 89 -74.00 -41.64 -6.79
N LEU E 90 -73.07 -41.42 -7.71
CA LEU E 90 -72.05 -42.40 -8.07
C LEU E 90 -70.71 -42.09 -7.39
N VAL E 91 -69.92 -43.15 -7.19
CA VAL E 91 -68.58 -43.03 -6.63
C VAL E 91 -67.75 -44.20 -7.12
N TRP E 92 -66.48 -43.94 -7.40
CA TRP E 92 -65.57 -44.98 -7.87
C TRP E 92 -65.03 -45.81 -6.72
N ALA E 93 -64.89 -47.12 -6.97
CA ALA E 93 -64.31 -48.04 -6.00
C ALA E 93 -63.15 -48.78 -6.66
N CYS E 94 -61.99 -48.76 -6.00
CA CYS E 94 -60.80 -49.37 -6.56
C CYS E 94 -60.86 -50.88 -6.40
N VAL E 95 -60.57 -51.59 -7.49
CA VAL E 95 -60.64 -53.05 -7.52
C VAL E 95 -59.27 -53.67 -7.82
N GLY E 96 -58.56 -53.15 -8.80
CA GLY E 96 -57.27 -53.69 -9.18
C GLY E 96 -56.21 -52.62 -9.24
N VAL E 97 -54.98 -53.02 -8.92
CA VAL E 97 -53.83 -52.11 -8.93
C VAL E 97 -52.61 -52.86 -9.42
N GLU E 98 -51.89 -52.27 -10.37
CA GLU E 98 -50.59 -52.77 -10.81
C GLU E 98 -49.61 -51.62 -10.87
N ILE E 99 -48.54 -51.70 -10.08
CA ILE E 99 -47.52 -50.66 -10.02
C ILE E 99 -46.34 -51.12 -10.87
N GLY E 100 -46.09 -50.39 -11.96
CA GLY E 100 -45.01 -50.73 -12.86
C GLY E 100 -43.72 -50.03 -12.47
N ARG E 101 -42.64 -50.80 -12.41
CA ARG E 101 -41.30 -50.27 -12.18
C ARG E 101 -40.43 -50.58 -13.40
N GLY E 102 -39.63 -49.60 -13.81
CA GLY E 102 -38.95 -49.69 -15.09
C GLY E 102 -37.50 -50.09 -15.05
N GLN E 103 -36.69 -49.39 -14.25
CA GLN E 103 -35.25 -49.57 -14.29
C GLN E 103 -34.85 -50.96 -13.78
N PRO E 104 -33.65 -51.42 -14.13
CA PRO E 104 -33.20 -52.73 -13.64
C PRO E 104 -32.86 -52.70 -12.16
N LEU E 105 -32.83 -53.89 -11.57
CA LEU E 105 -32.52 -54.03 -10.16
C LEU E 105 -31.05 -53.70 -9.90
N GLY E 106 -30.80 -52.92 -8.86
CA GLY E 106 -29.45 -52.56 -8.51
C GLY E 106 -29.39 -52.04 -7.08
N VAL E 107 -28.17 -52.02 -6.54
CA VAL E 107 -27.91 -51.51 -5.20
C VAL E 107 -27.04 -50.27 -5.32
N GLY E 108 -27.39 -49.24 -4.56
CA GLY E 108 -26.68 -47.98 -4.62
C GLY E 108 -26.25 -47.52 -3.24
N LEU E 109 -25.18 -46.72 -3.24
CA LEU E 109 -24.56 -46.23 -2.02
C LEU E 109 -24.98 -44.82 -1.70
N SER E 110 -25.00 -44.50 -0.41
CA SER E 110 -25.16 -43.14 0.09
C SER E 110 -24.11 -42.91 1.16
N GLY E 111 -23.43 -41.78 1.11
CA GLY E 111 -22.35 -41.54 2.04
C GLY E 111 -22.19 -40.12 2.52
N HIS E 112 -21.07 -39.85 3.17
CA HIS E 112 -20.74 -38.56 3.76
C HIS E 112 -19.23 -38.45 3.88
N PRO E 113 -18.63 -37.35 3.39
CA PRO E 113 -17.17 -37.20 3.52
C PRO E 113 -16.71 -37.04 4.96
N LEU E 114 -17.52 -36.43 5.81
CA LEU E 114 -17.13 -36.23 7.21
C LEU E 114 -18.03 -37.01 8.14
N TYR E 115 -18.07 -38.33 7.96
CA TYR E 115 -18.88 -39.20 8.80
C TYR E 115 -18.24 -39.35 10.17
N ASN E 116 -19.07 -39.34 11.22
CA ASN E 116 -18.58 -39.44 12.59
C ASN E 116 -18.30 -40.90 12.90
N LYS E 117 -17.12 -41.35 12.48
CA LYS E 117 -16.65 -42.71 12.69
C LYS E 117 -15.36 -42.64 13.51
N LEU E 118 -15.43 -43.10 14.76
CA LEU E 118 -14.24 -43.07 15.62
C LEU E 118 -13.38 -44.31 15.42
N ASP E 119 -13.80 -45.44 15.97
CA ASP E 119 -13.03 -46.67 15.92
C ASP E 119 -13.88 -47.82 15.40
N ASP E 120 -13.22 -48.76 14.73
CA ASP E 120 -13.85 -50.02 14.34
C ASP E 120 -13.90 -50.94 15.55
N THR E 121 -15.10 -51.30 16.00
CA THR E 121 -15.30 -52.15 17.17
C THR E 121 -15.66 -53.58 16.79
N GLU E 122 -15.53 -53.94 15.52
CA GLU E 122 -15.90 -55.26 15.00
C GLU E 122 -14.65 -56.12 14.79
N ASN E 123 -13.80 -56.18 15.82
CA ASN E 123 -12.61 -57.02 15.85
C ASN E 123 -11.48 -56.37 15.05
N SER E 124 -11.20 -55.11 15.35
CA SER E 124 -10.15 -54.36 14.70
C SER E 124 -8.82 -54.62 15.41
N HIS E 125 -7.86 -55.19 14.69
CA HIS E 125 -6.49 -55.33 15.16
C HIS E 125 -5.53 -54.44 14.40
N VAL E 126 -6.04 -53.49 13.63
CA VAL E 126 -5.19 -52.61 12.83
C VAL E 126 -4.52 -51.57 13.72
N ALA E 127 -5.31 -50.69 14.32
CA ALA E 127 -4.81 -49.62 15.17
C ALA E 127 -5.99 -49.00 15.92
N SER E 128 -5.72 -47.90 16.63
CA SER E 128 -6.74 -47.15 17.34
C SER E 128 -6.52 -45.66 17.09
N ALA E 129 -7.63 -44.95 16.86
CA ALA E 129 -7.58 -43.54 16.48
C ALA E 129 -7.58 -42.64 17.70
N VAL E 130 -6.88 -41.51 17.59
CA VAL E 130 -6.83 -40.53 18.66
C VAL E 130 -8.05 -39.62 18.58
N ASP E 131 -8.63 -39.30 19.73
CA ASP E 131 -9.89 -38.56 19.78
C ASP E 131 -9.72 -37.05 19.65
N THR E 132 -8.51 -36.53 19.87
CA THR E 132 -8.31 -35.08 19.93
C THR E 132 -8.71 -34.41 18.61
N LYS E 133 -8.04 -34.77 17.52
CA LYS E 133 -8.19 -34.07 16.25
C LYS E 133 -9.49 -34.49 15.56
N ASP E 134 -9.70 -34.01 14.34
CA ASP E 134 -10.90 -34.32 13.56
C ASP E 134 -10.78 -35.74 13.03
N THR E 135 -11.29 -36.70 13.80
CA THR E 135 -11.26 -38.11 13.44
C THR E 135 -12.56 -38.52 12.72
N ARG E 136 -12.78 -37.89 11.57
CA ARG E 136 -13.96 -38.14 10.76
C ARG E 136 -13.53 -38.68 9.41
N ASP E 137 -14.00 -39.89 9.08
CA ASP E 137 -13.64 -40.58 7.85
C ASP E 137 -14.71 -40.37 6.79
N ASN E 138 -14.31 -40.53 5.53
CA ASN E 138 -15.23 -40.50 4.41
C ASN E 138 -15.87 -41.87 4.29
N VAL E 139 -17.16 -41.96 4.64
CA VAL E 139 -17.81 -43.26 4.79
C VAL E 139 -19.07 -43.29 3.92
N SER E 140 -19.23 -44.37 3.17
CA SER E 140 -20.45 -44.64 2.42
C SER E 140 -21.07 -45.92 2.95
N VAL E 141 -22.33 -46.16 2.57
CA VAL E 141 -23.08 -47.28 3.08
C VAL E 141 -24.24 -47.56 2.14
N ASP E 142 -24.61 -48.83 2.02
CA ASP E 142 -25.82 -49.20 1.31
C ASP E 142 -26.96 -49.31 2.31
N TYR E 143 -28.05 -48.61 2.05
CA TYR E 143 -29.08 -48.49 3.06
C TYR E 143 -29.85 -49.80 3.21
N LYS E 144 -30.71 -49.83 4.23
CA LYS E 144 -31.62 -50.94 4.44
C LYS E 144 -32.55 -51.09 3.23
N GLN E 145 -32.89 -52.33 2.90
CA GLN E 145 -33.77 -52.60 1.76
C GLN E 145 -35.22 -52.51 2.22
N THR E 146 -36.01 -51.72 1.50
CA THR E 146 -37.41 -51.48 1.87
C THR E 146 -38.27 -51.46 0.62
N GLN E 147 -39.32 -52.28 0.63
CA GLN E 147 -40.38 -52.24 -0.38
C GLN E 147 -41.70 -52.10 0.36
N LEU E 148 -42.45 -51.04 0.07
CA LEU E 148 -43.75 -50.90 0.70
C LEU E 148 -44.72 -50.25 -0.27
N CYS E 149 -46.00 -50.51 -0.06
CA CYS E 149 -47.06 -49.99 -0.91
C CYS E 149 -48.33 -49.86 -0.09
N ILE E 150 -48.93 -48.68 -0.13
CA ILE E 150 -50.14 -48.37 0.63
C ILE E 150 -51.09 -47.62 -0.28
N ILE E 151 -52.33 -48.11 -0.37
CA ILE E 151 -53.35 -47.49 -1.21
C ILE E 151 -54.51 -47.08 -0.33
N GLY E 152 -54.97 -45.86 -0.52
CA GLY E 152 -56.10 -45.33 0.22
C GLY E 152 -56.78 -44.24 -0.56
N CYS E 153 -57.67 -43.53 0.12
CA CYS E 153 -58.26 -42.31 -0.42
C CYS E 153 -57.86 -41.08 0.39
N VAL E 154 -57.01 -41.24 1.39
CA VAL E 154 -56.50 -40.15 2.21
C VAL E 154 -54.99 -40.36 2.30
N PRO E 155 -54.17 -39.32 2.24
CA PRO E 155 -52.72 -39.54 2.28
C PRO E 155 -52.32 -40.31 3.53
N ALA E 156 -51.34 -41.20 3.36
CA ALA E 156 -50.92 -42.10 4.43
C ALA E 156 -50.30 -41.32 5.59
N ILE E 157 -50.38 -41.92 6.78
CA ILE E 157 -49.86 -41.32 7.99
C ILE E 157 -48.57 -42.03 8.37
N GLY E 158 -47.51 -41.25 8.57
CA GLY E 158 -46.24 -41.80 9.00
C GLY E 158 -45.83 -41.27 10.36
N GLU E 159 -44.91 -41.97 11.01
CA GLU E 159 -44.45 -41.61 12.34
C GLU E 159 -42.96 -41.30 12.30
N HIS E 160 -42.53 -40.40 13.18
CA HIS E 160 -41.10 -40.16 13.33
C HIS E 160 -40.85 -39.48 14.66
N TRP E 161 -39.63 -39.62 15.15
CA TRP E 161 -39.22 -39.02 16.41
C TRP E 161 -38.62 -37.66 16.16
N THR E 162 -39.03 -36.67 16.94
CA THR E 162 -38.59 -35.30 16.78
C THR E 162 -38.17 -34.74 18.13
N LYS E 163 -37.49 -33.59 18.07
CA LYS E 163 -37.14 -32.84 19.27
C LYS E 163 -38.42 -32.41 19.97
N GLY E 164 -38.79 -33.12 21.02
CA GLY E 164 -40.01 -32.81 21.73
C GLY E 164 -39.96 -31.45 22.39
N THR E 165 -41.14 -30.89 22.60
CA THR E 165 -41.25 -29.63 23.33
C THR E 165 -40.58 -29.75 24.69
N ALA E 166 -40.14 -28.61 25.21
CA ALA E 166 -39.46 -28.58 26.51
C ALA E 166 -40.26 -29.36 27.54
N SER E 167 -39.55 -30.17 28.33
CA SER E 167 -40.20 -31.08 29.26
C SER E 167 -41.15 -30.35 30.19
N LYS E 168 -40.65 -29.34 30.89
CA LYS E 168 -41.45 -28.51 31.77
C LYS E 168 -41.15 -27.05 31.42
N PRO E 169 -41.81 -26.07 32.05
CA PRO E 169 -41.27 -24.70 32.00
C PRO E 169 -39.95 -24.64 32.75
N THR E 170 -38.98 -25.40 32.27
CA THR E 170 -37.72 -25.63 32.96
C THR E 170 -36.56 -25.14 32.10
N THR E 171 -35.65 -24.40 32.72
CA THR E 171 -34.42 -24.00 32.05
C THR E 171 -33.47 -25.18 32.08
N VAL E 172 -33.18 -25.75 30.90
CA VAL E 172 -32.31 -26.91 30.78
C VAL E 172 -30.97 -26.44 30.22
N VAL E 173 -29.90 -27.10 30.68
CA VAL E 173 -28.57 -26.72 30.26
C VAL E 173 -28.35 -27.07 28.79
N GLN E 174 -27.59 -26.25 28.09
CA GLN E 174 -27.24 -26.55 26.71
C GLN E 174 -26.31 -27.76 26.68
N GLY E 175 -26.60 -28.70 25.77
CA GLY E 175 -25.87 -29.93 25.69
C GLY E 175 -26.54 -31.12 26.34
N ASP E 176 -27.63 -30.90 27.09
CA ASP E 176 -28.40 -32.01 27.61
C ASP E 176 -29.19 -32.68 26.50
N CYS E 177 -29.60 -33.92 26.74
CA CYS E 177 -30.36 -34.64 25.73
C CYS E 177 -31.78 -34.09 25.65
N PRO E 178 -32.24 -33.65 24.49
CA PRO E 178 -33.59 -33.11 24.39
C PRO E 178 -34.63 -34.22 24.49
N PRO E 179 -35.86 -33.88 24.87
CA PRO E 179 -36.90 -34.91 24.91
C PRO E 179 -37.27 -35.39 23.51
N LEU E 180 -37.53 -36.68 23.39
CA LEU E 180 -37.92 -37.29 22.12
C LEU E 180 -39.44 -37.43 22.10
N GLU E 181 -40.06 -36.95 21.02
CA GLU E 181 -41.51 -37.00 20.88
C GLU E 181 -41.88 -37.70 19.58
N LEU E 182 -42.75 -38.69 19.66
CA LEU E 182 -43.26 -39.35 18.48
C LEU E 182 -44.36 -38.52 17.84
N ILE E 183 -44.30 -38.39 16.51
CA ILE E 183 -45.19 -37.51 15.78
C ILE E 183 -45.73 -38.22 14.55
N ASN E 184 -47.04 -38.08 14.32
CA ASN E 184 -47.69 -38.52 13.11
C ASN E 184 -47.82 -37.35 12.14
N THR E 185 -47.50 -37.58 10.88
CA THR E 185 -47.56 -36.57 9.84
C THR E 185 -48.02 -37.22 8.55
N PRO E 186 -48.70 -36.46 7.68
CA PRO E 186 -49.04 -37.02 6.37
C PRO E 186 -47.78 -37.27 5.55
N ILE E 187 -47.74 -38.42 4.90
CA ILE E 187 -46.58 -38.81 4.11
C ILE E 187 -46.70 -38.14 2.74
N GLU E 188 -45.81 -37.20 2.46
CA GLU E 188 -45.82 -36.48 1.21
C GLU E 188 -44.81 -37.06 0.24
N ASP E 189 -45.00 -36.77 -1.04
CA ASP E 189 -44.07 -37.23 -2.05
C ASP E 189 -42.72 -36.54 -1.86
N GLY E 190 -41.66 -37.35 -1.74
CA GLY E 190 -40.33 -36.84 -1.50
C GLY E 190 -39.80 -37.04 -0.09
N ASP E 191 -40.64 -37.40 0.87
CA ASP E 191 -40.16 -37.67 2.22
C ASP E 191 -39.19 -38.85 2.22
N MET E 192 -38.31 -38.86 3.21
CA MET E 192 -37.30 -39.90 3.32
C MET E 192 -37.81 -41.07 4.15
N VAL E 193 -37.44 -42.28 3.75
CA VAL E 193 -37.86 -43.48 4.44
C VAL E 193 -36.81 -43.84 5.49
N ASP E 194 -37.21 -44.69 6.43
CA ASP E 194 -36.23 -45.29 7.34
C ASP E 194 -35.18 -46.04 6.53
N THR E 195 -33.91 -45.74 6.80
CA THR E 195 -32.81 -46.28 6.01
C THR E 195 -31.89 -47.20 6.81
N GLY E 196 -32.24 -47.51 8.06
CA GLY E 196 -31.41 -48.33 8.92
C GLY E 196 -30.84 -47.58 10.10
N TYR E 197 -31.01 -46.26 10.16
CA TYR E 197 -30.59 -45.46 11.30
C TYR E 197 -31.77 -45.03 12.16
N GLY E 198 -32.98 -45.50 11.85
CA GLY E 198 -34.17 -45.12 12.57
C GLY E 198 -34.99 -44.08 11.83
N ALA E 199 -36.22 -43.89 12.30
CA ALA E 199 -37.15 -42.92 11.73
C ALA E 199 -37.23 -41.75 12.72
N MET E 200 -36.46 -40.70 12.45
CA MET E 200 -36.38 -39.56 13.34
C MET E 200 -36.01 -38.31 12.55
N ASP E 201 -36.00 -37.17 13.23
CA ASP E 201 -35.64 -35.89 12.63
C ASP E 201 -34.15 -35.68 12.82
N PHE E 202 -33.37 -36.03 11.80
CA PHE E 202 -31.92 -35.90 11.88
C PHE E 202 -31.47 -34.45 11.90
N LYS E 203 -32.26 -33.55 11.33
CA LYS E 203 -31.89 -32.13 11.34
C LYS E 203 -32.00 -31.54 12.74
N LEU E 204 -33.01 -31.97 13.50
CA LEU E 204 -33.28 -31.38 14.81
C LEU E 204 -32.59 -32.10 15.95
N LEU E 205 -32.32 -33.39 15.82
CA LEU E 205 -31.75 -34.17 16.90
C LEU E 205 -30.26 -34.44 16.73
N GLN E 206 -29.65 -33.97 15.65
CA GLN E 206 -28.21 -34.17 15.42
C GLN E 206 -27.61 -32.85 14.94
N ASP E 207 -27.13 -32.04 15.88
CA ASP E 207 -26.38 -30.83 15.54
C ASP E 207 -25.04 -31.16 14.91
N ASN E 208 -24.60 -32.41 14.99
CA ASN E 208 -23.30 -32.81 14.47
C ASN E 208 -23.21 -32.62 12.96
N LYS E 209 -24.31 -32.84 12.24
CA LYS E 209 -24.30 -32.89 10.77
C LYS E 209 -23.29 -33.92 10.26
N SER E 210 -23.12 -35.02 11.01
CA SER E 210 -22.09 -35.99 10.65
C SER E 210 -22.40 -37.40 11.14
N GLU E 211 -23.62 -37.69 11.60
CA GLU E 211 -23.95 -39.02 12.09
C GLU E 211 -24.49 -39.94 11.02
N VAL E 212 -25.14 -39.39 10.00
CA VAL E 212 -25.77 -40.18 8.94
C VAL E 212 -25.39 -39.58 7.60
N PRO E 213 -25.49 -40.36 6.52
CA PRO E 213 -25.08 -39.84 5.20
C PRO E 213 -25.87 -38.62 4.77
N LEU E 214 -25.39 -37.99 3.69
CA LEU E 214 -25.99 -36.76 3.20
C LEU E 214 -27.44 -36.94 2.79
N ASP E 215 -27.83 -38.17 2.43
CA ASP E 215 -29.22 -38.44 2.07
C ASP E 215 -30.19 -37.93 3.12
N ILE E 216 -29.87 -38.13 4.40
CA ILE E 216 -30.81 -37.94 5.48
C ILE E 216 -30.28 -37.03 6.58
N CYS E 217 -29.02 -36.58 6.50
CA CYS E 217 -28.43 -35.85 7.61
C CYS E 217 -29.15 -34.53 7.90
N GLN E 218 -29.94 -34.02 6.96
CA GLN E 218 -30.70 -32.80 7.19
C GLN E 218 -32.16 -32.97 6.75
N SER E 219 -32.71 -34.17 6.91
CA SER E 219 -34.07 -34.47 6.50
C SER E 219 -34.77 -35.23 7.62
N ILE E 220 -36.00 -35.64 7.36
CA ILE E 220 -36.81 -36.40 8.30
C ILE E 220 -37.11 -37.77 7.68
N CYS E 221 -36.83 -38.82 8.43
CA CYS E 221 -37.13 -40.19 8.02
C CYS E 221 -38.44 -40.62 8.67
N LYS E 222 -39.43 -40.96 7.85
CA LYS E 222 -40.75 -41.35 8.33
C LYS E 222 -40.98 -42.83 8.05
N TYR E 223 -41.64 -43.49 9.00
CA TYR E 223 -42.07 -44.87 8.85
C TYR E 223 -43.59 -44.93 8.93
N PRO E 224 -44.25 -45.66 8.03
CA PRO E 224 -45.72 -45.69 8.05
C PRO E 224 -46.26 -46.22 9.36
N ASP E 225 -47.22 -45.50 9.94
CA ASP E 225 -47.80 -45.89 11.22
C ASP E 225 -48.94 -46.88 10.94
N TYR E 226 -48.55 -48.13 10.67
CA TYR E 226 -49.53 -49.18 10.43
C TYR E 226 -50.43 -49.38 11.64
N LEU E 227 -49.90 -49.20 12.85
CA LEU E 227 -50.72 -49.36 14.04
C LEU E 227 -51.85 -48.33 14.09
N GLN E 228 -51.53 -47.08 13.73
CA GLN E 228 -52.53 -46.03 13.76
C GLN E 228 -53.47 -46.11 12.56
N MET E 229 -52.92 -46.36 11.36
CA MET E 229 -53.76 -46.42 10.17
C MET E 229 -54.70 -47.62 10.19
N SER E 230 -54.29 -48.73 10.80
CA SER E 230 -55.18 -49.89 10.89
C SER E 230 -56.24 -49.69 11.97
N ALA E 231 -55.93 -48.92 13.01
CA ALA E 231 -56.88 -48.58 14.05
C ALA E 231 -57.77 -47.40 13.69
N ASP E 232 -57.67 -46.89 12.46
CA ASP E 232 -58.52 -45.79 12.04
C ASP E 232 -59.99 -46.17 12.12
N ALA E 233 -60.83 -45.18 12.42
CA ALA E 233 -62.27 -45.42 12.55
C ALA E 233 -62.88 -45.82 11.22
N TYR E 234 -62.73 -44.98 10.20
CA TYR E 234 -63.31 -45.25 8.90
C TYR E 234 -62.41 -46.09 8.00
N GLY E 235 -61.10 -46.01 8.19
CA GLY E 235 -60.15 -46.75 7.36
C GLY E 235 -59.87 -46.12 6.02
N ASP E 236 -60.00 -44.80 5.90
CA ASP E 236 -59.72 -44.11 4.64
C ASP E 236 -58.24 -43.97 4.38
N SER E 237 -57.41 -43.88 5.44
CA SER E 237 -55.99 -43.64 5.26
C SER E 237 -55.30 -44.78 4.53
N MET E 238 -55.74 -46.01 4.77
CA MET E 238 -55.08 -47.18 4.21
C MET E 238 -56.08 -48.31 4.11
N PHE E 239 -56.47 -48.67 2.89
CA PHE E 239 -57.23 -49.90 2.68
C PHE E 239 -56.47 -50.91 1.85
N PHE E 240 -55.16 -50.72 1.63
CA PHE E 240 -54.35 -51.77 1.01
C PHE E 240 -52.89 -51.56 1.39
N CYS E 241 -52.24 -52.63 1.86
CA CYS E 241 -50.91 -52.49 2.45
C CYS E 241 -50.04 -53.71 2.21
N LEU E 242 -48.85 -53.50 1.62
CA LEU E 242 -47.87 -54.55 1.37
C LEU E 242 -46.49 -54.08 1.82
N ARG E 243 -45.89 -54.80 2.77
CA ARG E 243 -44.56 -54.48 3.26
C ARG E 243 -43.59 -55.64 3.05
N ARG E 244 -42.32 -55.29 2.87
CA ARG E 244 -41.24 -56.26 2.70
C ARG E 244 -39.91 -55.53 2.88
N GLU E 245 -39.30 -55.68 4.05
CA GLU E 245 -38.08 -54.97 4.39
C GLU E 245 -37.03 -55.94 4.92
N GLN E 246 -35.76 -55.61 4.70
CA GLN E 246 -34.66 -56.43 5.21
C GLN E 246 -33.45 -55.55 5.46
N VAL E 247 -32.65 -55.94 6.45
CA VAL E 247 -31.50 -55.15 6.89
C VAL E 247 -30.61 -56.01 7.79
N PHE E 248 -29.31 -55.74 7.78
CA PHE E 248 -28.39 -56.35 8.73
C PHE E 248 -27.25 -55.39 9.00
N ALA E 249 -26.51 -55.67 10.09
CA ALA E 249 -25.42 -54.83 10.54
C ALA E 249 -24.13 -55.27 9.86
N ARG E 250 -23.56 -54.41 9.03
CA ARG E 250 -22.40 -54.75 8.22
C ARG E 250 -21.09 -54.47 8.95
N HIS E 251 -20.93 -53.28 9.51
CA HIS E 251 -19.72 -52.92 10.23
C HIS E 251 -20.08 -52.23 11.54
N PHE E 252 -19.26 -52.45 12.56
CA PHE E 252 -19.49 -51.90 13.89
C PHE E 252 -18.51 -50.76 14.12
N TRP E 253 -19.01 -49.61 14.58
CA TRP E 253 -18.22 -48.41 14.68
C TRP E 253 -18.43 -47.72 16.03
N ASN E 254 -17.61 -46.71 16.26
CA ASN E 254 -17.66 -45.88 17.45
C ASN E 254 -17.90 -44.43 17.03
N ARG E 255 -18.58 -43.67 17.89
CA ARG E 255 -18.90 -42.28 17.61
C ARG E 255 -18.03 -41.37 18.46
N SER E 256 -17.38 -40.41 17.82
CA SER E 256 -16.58 -39.42 18.54
C SER E 256 -17.48 -38.31 19.10
N GLY E 257 -16.99 -37.66 20.14
CA GLY E 257 -17.78 -36.69 20.86
C GLY E 257 -17.93 -37.06 22.31
N THR E 258 -18.06 -36.05 23.19
CA THR E 258 -18.10 -36.32 24.62
C THR E 258 -19.38 -37.06 24.98
N MET E 259 -19.25 -38.10 25.81
CA MET E 259 -20.39 -38.92 26.19
C MET E 259 -21.27 -38.16 27.17
N GLY E 260 -22.51 -37.88 26.76
CA GLY E 260 -23.41 -37.13 27.62
C GLY E 260 -23.91 -37.92 28.81
N ASP E 261 -23.99 -39.23 28.68
CA ASP E 261 -24.44 -40.10 29.76
C ASP E 261 -23.21 -40.74 30.41
N GLN E 262 -23.05 -40.54 31.72
CA GLN E 262 -21.91 -41.08 32.43
C GLN E 262 -22.04 -42.59 32.54
N LEU E 263 -21.02 -43.29 32.07
CA LEU E 263 -21.00 -44.75 32.16
C LEU E 263 -20.94 -45.17 33.63
N PRO E 264 -21.94 -45.88 34.15
CA PRO E 264 -21.93 -46.25 35.57
C PRO E 264 -20.72 -47.11 35.91
N GLU E 265 -20.02 -46.73 36.96
CA GLU E 265 -18.82 -47.45 37.37
C GLU E 265 -19.12 -48.85 37.90
N SER E 266 -20.41 -49.19 38.09
CA SER E 266 -20.79 -50.54 38.47
C SER E 266 -20.65 -51.53 37.32
N LEU E 267 -20.46 -51.06 36.10
CA LEU E 267 -20.49 -51.90 34.91
C LEU E 267 -19.10 -52.22 34.37
N TYR E 268 -18.04 -51.77 35.03
CA TYR E 268 -16.69 -52.06 34.56
C TYR E 268 -15.72 -51.89 35.72
N ILE E 269 -14.48 -52.30 35.46
CA ILE E 269 -13.37 -52.13 36.38
C ILE E 269 -12.28 -51.35 35.65
N LYS E 270 -11.76 -50.29 36.29
CA LYS E 270 -10.99 -49.29 35.57
C LYS E 270 -9.59 -49.75 35.19
N GLY E 271 -9.03 -50.75 35.88
CA GLY E 271 -7.67 -51.17 35.59
C GLY E 271 -6.63 -50.39 36.37
N THR E 272 -5.37 -50.62 36.00
CA THR E 272 -4.26 -50.09 36.79
C THR E 272 -4.22 -48.57 36.74
N ASP E 273 -4.46 -47.97 35.56
CA ASP E 273 -4.50 -46.52 35.42
C ASP E 273 -5.82 -46.05 36.04
N ILE E 274 -5.83 -45.93 37.36
CA ILE E 274 -7.06 -45.67 38.10
C ILE E 274 -7.62 -44.28 37.79
N ARG E 275 -7.01 -43.58 36.83
CA ARG E 275 -7.52 -42.31 36.33
C ARG E 275 -7.87 -42.39 34.85
N ALA E 276 -8.38 -43.54 34.41
CA ALA E 276 -8.58 -43.85 33.00
C ALA E 276 -9.97 -43.44 32.54
N ASN E 277 -10.02 -42.62 31.51
CA ASN E 277 -11.29 -42.27 30.89
C ASN E 277 -11.82 -43.48 30.12
N PRO E 278 -13.05 -43.93 30.40
CA PRO E 278 -13.64 -45.03 29.62
C PRO E 278 -13.86 -44.62 28.17
N GLY E 279 -13.48 -45.49 27.25
CA GLY E 279 -13.64 -45.23 25.83
C GLY E 279 -15.09 -45.00 25.43
N SER E 280 -15.25 -44.49 24.21
CA SER E 280 -16.57 -44.21 23.66
C SER E 280 -17.43 -45.46 23.65
N TYR E 281 -18.63 -45.35 24.22
CA TYR E 281 -19.56 -46.47 24.32
C TYR E 281 -20.89 -46.18 23.63
N LEU E 282 -20.85 -45.38 22.56
CA LEU E 282 -22.00 -45.13 21.71
C LEU E 282 -21.74 -45.79 20.38
N TYR E 283 -22.34 -46.95 20.16
CA TYR E 283 -22.05 -47.79 19.00
C TYR E 283 -23.18 -47.69 17.99
N SER E 284 -22.81 -47.45 16.73
CA SER E 284 -23.79 -47.35 15.64
C SER E 284 -23.30 -48.21 14.48
N PRO E 285 -24.07 -49.20 14.04
CA PRO E 285 -23.64 -50.04 12.92
C PRO E 285 -23.99 -49.44 11.58
N SER E 286 -23.27 -49.88 10.56
CA SER E 286 -23.59 -49.52 9.19
C SER E 286 -24.65 -50.47 8.66
N PRO E 287 -25.84 -50.00 8.31
CA PRO E 287 -26.87 -50.90 7.82
C PRO E 287 -26.54 -51.42 6.43
N SER E 288 -27.21 -52.51 6.05
CA SER E 288 -27.04 -53.05 4.71
C SER E 288 -28.28 -53.85 4.34
N GLY E 289 -28.71 -53.72 3.08
CA GLY E 289 -29.91 -54.38 2.59
C GLY E 289 -29.69 -55.74 1.99
N SER E 290 -28.51 -56.32 2.14
CA SER E 290 -28.17 -57.66 1.67
C SER E 290 -28.47 -57.77 0.16
N VAL E 291 -28.84 -58.96 -0.28
CA VAL E 291 -29.01 -59.23 -1.71
C VAL E 291 -30.38 -58.74 -2.16
N VAL E 292 -30.41 -58.15 -3.35
CA VAL E 292 -31.65 -57.76 -4.00
C VAL E 292 -31.96 -58.81 -5.07
N THR E 293 -33.10 -59.48 -4.93
CA THR E 293 -33.49 -60.52 -5.87
C THR E 293 -34.91 -60.26 -6.37
N SER E 294 -35.15 -60.65 -7.63
CA SER E 294 -36.47 -60.51 -8.22
C SER E 294 -37.48 -61.50 -7.66
N ASP E 295 -37.02 -62.53 -6.93
CA ASP E 295 -37.95 -63.44 -6.27
C ASP E 295 -38.73 -62.73 -5.18
N SER E 296 -38.07 -61.84 -4.43
CA SER E 296 -38.73 -61.03 -3.41
C SER E 296 -39.35 -59.76 -3.98
N GLN E 297 -39.35 -59.60 -5.30
CA GLN E 297 -39.90 -58.40 -5.89
C GLN E 297 -41.38 -58.28 -5.58
N LEU E 298 -41.85 -57.05 -5.42
CA LEU E 298 -43.21 -56.79 -4.94
C LEU E 298 -44.06 -56.00 -5.93
N PHE E 299 -43.47 -55.49 -7.00
CA PHE E 299 -44.20 -54.71 -7.98
C PHE E 299 -44.21 -55.44 -9.32
N ASN E 300 -44.68 -54.75 -10.36
CA ASN E 300 -44.91 -55.34 -11.69
C ASN E 300 -45.88 -56.52 -11.64
N LYS E 301 -46.67 -56.61 -10.58
CA LYS E 301 -47.66 -57.67 -10.40
C LYS E 301 -49.04 -57.07 -10.19
N PRO E 302 -50.09 -57.74 -10.69
CA PRO E 302 -51.44 -57.29 -10.40
C PRO E 302 -51.87 -57.68 -8.99
N TYR E 303 -52.55 -56.75 -8.32
CA TYR E 303 -53.10 -56.97 -6.99
C TYR E 303 -54.58 -56.63 -7.00
N TRP E 304 -55.40 -57.58 -6.56
CA TRP E 304 -56.86 -57.44 -6.57
C TRP E 304 -57.33 -57.21 -5.13
N LEU E 305 -58.02 -56.10 -4.92
CA LEU E 305 -58.55 -55.77 -3.60
C LEU E 305 -59.95 -56.35 -3.47
N HIS E 306 -60.12 -57.32 -2.56
CA HIS E 306 -61.42 -57.89 -2.26
C HIS E 306 -61.92 -57.38 -0.92
N LYS E 307 -61.30 -57.77 0.19
CA LYS E 307 -61.63 -57.26 1.51
C LYS E 307 -60.54 -56.30 1.96
N ALA E 308 -60.94 -55.09 2.35
CA ALA E 308 -59.99 -54.13 2.87
C ALA E 308 -59.75 -54.37 4.36
N GLN E 309 -58.69 -53.76 4.90
CA GLN E 309 -58.41 -53.91 6.32
C GLN E 309 -59.38 -53.11 7.17
N GLY E 310 -59.84 -51.97 6.67
CA GLY E 310 -60.78 -51.13 7.39
C GLY E 310 -62.19 -51.26 6.85
N LEU E 311 -63.06 -50.37 7.35
CA LEU E 311 -64.45 -50.40 6.92
C LEU E 311 -64.62 -49.83 5.51
N ASN E 312 -63.82 -48.83 5.15
CA ASN E 312 -63.79 -48.35 3.77
C ASN E 312 -63.17 -49.43 2.90
N ASN E 313 -63.97 -50.02 2.02
CA ASN E 313 -63.53 -51.15 1.21
C ASN E 313 -63.10 -50.67 -0.18
N GLY E 314 -62.08 -49.82 -0.20
CA GLY E 314 -61.51 -49.35 -1.44
C GLY E 314 -62.38 -48.36 -2.20
N ILE E 315 -63.15 -47.55 -1.49
CA ILE E 315 -64.02 -46.56 -2.13
C ILE E 315 -63.29 -45.22 -2.19
N CYS E 316 -63.21 -44.67 -3.41
CA CYS E 316 -62.44 -43.45 -3.65
C CYS E 316 -63.35 -42.24 -3.54
N TRP E 317 -63.55 -41.79 -2.29
CA TRP E 317 -64.32 -40.58 -2.05
C TRP E 317 -63.66 -39.39 -2.73
N HIS E 318 -64.50 -38.46 -3.20
CA HIS E 318 -64.06 -37.28 -3.95
C HIS E 318 -63.31 -37.64 -5.22
N ASN E 319 -63.48 -38.88 -5.70
CA ASN E 319 -62.89 -39.32 -6.97
C ASN E 319 -61.38 -39.13 -6.99
N GLN E 320 -60.73 -39.51 -5.89
CA GLN E 320 -59.28 -39.44 -5.79
C GLN E 320 -58.78 -40.67 -5.05
N LEU E 321 -57.49 -40.96 -5.22
CA LEU E 321 -56.88 -42.14 -4.63
C LEU E 321 -55.41 -41.85 -4.39
N PHE E 322 -54.96 -42.05 -3.16
CA PHE E 322 -53.59 -41.77 -2.76
C PHE E 322 -52.79 -43.06 -2.72
N LEU E 323 -51.67 -43.07 -3.44
CA LEU E 323 -50.80 -44.25 -3.55
C LEU E 323 -49.42 -43.89 -3.02
N THR E 324 -49.08 -44.40 -1.85
CA THR E 324 -47.76 -44.25 -1.28
C THR E 324 -46.94 -45.49 -1.58
N VAL E 325 -45.73 -45.31 -2.08
CA VAL E 325 -44.91 -46.44 -2.51
C VAL E 325 -43.44 -46.13 -2.26
N VAL E 326 -42.72 -47.14 -1.75
CA VAL E 326 -41.28 -47.07 -1.55
C VAL E 326 -40.67 -48.30 -2.22
N ASP E 327 -39.67 -48.07 -3.07
CA ASP E 327 -39.00 -49.14 -3.81
C ASP E 327 -37.51 -48.82 -3.85
N THR E 328 -36.73 -49.51 -3.02
CA THR E 328 -35.29 -49.33 -2.97
C THR E 328 -34.53 -50.41 -3.70
N THR E 329 -35.21 -51.27 -4.45
CA THR E 329 -34.57 -52.35 -5.18
C THR E 329 -33.99 -51.90 -6.52
N ARG E 330 -34.10 -50.61 -6.83
CA ARG E 330 -33.53 -50.03 -8.05
C ARG E 330 -32.74 -48.78 -7.70
N SER E 331 -31.88 -48.91 -6.68
CA SER E 331 -31.16 -47.78 -6.11
C SER E 331 -29.82 -47.53 -6.79
N THR E 332 -29.52 -48.22 -7.88
CA THR E 332 -28.28 -47.98 -8.60
C THR E 332 -28.22 -46.54 -9.10
N ASN E 333 -27.01 -45.98 -9.10
CA ASN E 333 -26.80 -44.58 -9.43
C ASN E 333 -25.93 -44.47 -10.67
N LEU E 334 -26.39 -43.69 -11.64
CA LEU E 334 -25.61 -43.41 -12.85
C LEU E 334 -24.53 -42.38 -12.54
N SER E 335 -23.32 -42.65 -13.00
CA SER E 335 -22.20 -41.72 -12.88
C SER E 335 -21.89 -41.18 -14.27
N VAL E 336 -22.17 -39.90 -14.49
CA VAL E 336 -21.91 -39.22 -15.74
C VAL E 336 -20.71 -38.31 -15.54
N CYS E 337 -19.75 -38.35 -16.45
CA CYS E 337 -18.56 -37.52 -16.34
C CYS E 337 -18.30 -36.81 -17.65
N ALA E 338 -17.84 -35.56 -17.57
CA ALA E 338 -17.61 -34.73 -18.73
C ALA E 338 -16.23 -34.09 -18.65
N SER E 339 -15.51 -34.09 -19.78
CA SER E 339 -14.17 -33.54 -19.80
C SER E 339 -14.23 -32.02 -19.63
N THR E 340 -13.25 -31.47 -18.92
CA THR E 340 -13.18 -30.02 -18.73
C THR E 340 -12.58 -29.31 -19.94
N THR E 341 -11.78 -30.02 -20.74
CA THR E 341 -11.31 -29.48 -22.00
C THR E 341 -12.36 -29.71 -23.09
N SER E 342 -12.42 -28.78 -24.04
CA SER E 342 -13.41 -28.86 -25.11
C SER E 342 -13.35 -30.20 -25.83
N SER E 343 -12.13 -30.66 -26.15
CA SER E 343 -11.92 -32.01 -26.64
C SER E 343 -10.86 -32.67 -25.76
N ILE E 344 -11.03 -33.96 -25.53
CA ILE E 344 -10.18 -34.66 -24.55
C ILE E 344 -8.76 -34.79 -25.10
N PRO E 345 -7.73 -34.37 -24.35
CA PRO E 345 -6.38 -34.88 -24.63
C PRO E 345 -6.31 -36.32 -24.13
N ASN E 346 -5.77 -37.20 -24.97
CA ASN E 346 -5.78 -38.62 -24.65
C ASN E 346 -4.84 -38.95 -23.49
N VAL E 347 -4.98 -38.22 -22.38
CA VAL E 347 -4.21 -38.45 -21.17
C VAL E 347 -5.12 -38.16 -19.98
N TYR E 348 -5.15 -39.07 -19.02
CA TYR E 348 -6.05 -38.95 -17.89
C TYR E 348 -5.37 -38.25 -16.72
N THR E 349 -6.01 -37.21 -16.21
CA THR E 349 -5.68 -36.55 -14.96
C THR E 349 -7.01 -36.27 -14.28
N PRO E 350 -7.10 -36.49 -12.96
CA PRO E 350 -8.38 -36.28 -12.28
C PRO E 350 -8.90 -34.86 -12.40
N THR E 351 -8.02 -33.89 -12.65
CA THR E 351 -8.44 -32.50 -12.77
C THR E 351 -9.12 -32.19 -14.09
N SER E 352 -9.07 -33.10 -15.06
CA SER E 352 -9.64 -32.86 -16.38
C SER E 352 -10.97 -33.58 -16.59
N PHE E 353 -11.66 -33.95 -15.52
CA PHE E 353 -12.95 -34.62 -15.64
C PHE E 353 -13.85 -34.22 -14.48
N LYS E 354 -15.06 -33.77 -14.82
CA LYS E 354 -16.09 -33.46 -13.83
C LYS E 354 -17.01 -34.67 -13.67
N GLU E 355 -17.25 -35.05 -12.43
CA GLU E 355 -18.04 -36.24 -12.09
C GLU E 355 -19.37 -35.80 -11.49
N TYR E 356 -20.45 -36.39 -12.00
CA TYR E 356 -21.82 -36.11 -11.56
C TYR E 356 -22.52 -37.43 -11.27
N ALA E 357 -23.36 -37.42 -10.24
CA ALA E 357 -24.14 -38.59 -9.86
C ALA E 357 -25.62 -38.28 -10.06
N ARG E 358 -26.28 -39.09 -10.88
CA ARG E 358 -27.70 -38.91 -11.18
C ARG E 358 -28.45 -40.20 -10.87
N HIS E 359 -29.68 -40.03 -10.37
CA HIS E 359 -30.56 -41.15 -10.06
C HIS E 359 -31.86 -41.00 -10.83
N VAL E 360 -32.52 -42.13 -11.06
CA VAL E 360 -33.63 -42.26 -11.98
C VAL E 360 -34.74 -43.08 -11.34
N GLU E 361 -35.99 -42.64 -11.52
CA GLU E 361 -37.16 -43.39 -11.08
C GLU E 361 -38.15 -43.49 -12.23
N GLU E 362 -38.69 -44.69 -12.45
CA GLU E 362 -39.63 -44.94 -13.54
C GLU E 362 -40.79 -45.79 -13.04
N PHE E 363 -42.02 -45.32 -13.29
CA PHE E 363 -43.24 -45.96 -12.84
C PHE E 363 -44.23 -46.07 -13.99
N ASP E 364 -45.24 -46.92 -13.78
CA ASP E 364 -46.35 -47.05 -14.74
C ASP E 364 -47.55 -47.58 -13.93
N LEU E 365 -48.37 -46.65 -13.45
CA LEU E 365 -49.49 -46.98 -12.58
C LEU E 365 -50.70 -47.44 -13.38
N GLN E 366 -51.31 -48.54 -12.96
CA GLN E 366 -52.49 -49.09 -13.61
C GLN E 366 -53.54 -49.46 -12.58
N PHE E 367 -54.81 -49.22 -12.92
CA PHE E 367 -55.92 -49.40 -11.98
C PHE E 367 -57.13 -49.97 -12.71
N ILE E 368 -57.91 -50.76 -11.98
CA ILE E 368 -59.21 -51.27 -12.42
C ILE E 368 -60.24 -50.78 -11.41
N PHE E 369 -61.15 -49.92 -11.86
CA PHE E 369 -62.17 -49.32 -11.01
C PHE E 369 -63.54 -49.90 -11.31
N GLN E 370 -64.41 -49.87 -10.28
CA GLN E 370 -65.77 -50.37 -10.37
C GLN E 370 -66.75 -49.27 -10.01
N LEU E 371 -67.76 -49.08 -10.86
CA LEU E 371 -68.77 -48.05 -10.63
C LEU E 371 -69.76 -48.51 -9.57
N CYS E 372 -70.15 -47.59 -8.69
CA CYS E 372 -71.00 -47.91 -7.56
C CYS E 372 -72.11 -46.89 -7.39
N LYS E 373 -73.20 -47.33 -6.78
CA LYS E 373 -74.34 -46.49 -6.45
C LYS E 373 -74.43 -46.31 -4.95
N ILE E 374 -74.96 -45.16 -4.53
CA ILE E 374 -75.24 -44.90 -3.12
C ILE E 374 -76.63 -44.27 -3.06
N THR E 375 -77.62 -45.04 -2.59
CA THR E 375 -78.98 -44.52 -2.43
C THR E 375 -79.00 -43.59 -1.22
N LEU E 376 -79.15 -42.30 -1.46
CA LEU E 376 -79.04 -41.29 -0.42
C LEU E 376 -80.35 -41.21 0.36
N THR E 377 -80.55 -42.18 1.23
CA THR E 377 -81.66 -42.17 2.17
C THR E 377 -81.33 -41.24 3.34
N THR E 378 -82.25 -41.11 4.28
CA THR E 378 -81.87 -40.63 5.60
C THR E 378 -81.08 -41.72 6.31
N GLU E 379 -80.64 -41.44 7.54
CA GLU E 379 -79.70 -42.30 8.25
C GLU E 379 -78.40 -42.39 7.45
N VAL E 380 -78.47 -42.91 6.23
CA VAL E 380 -77.43 -42.68 5.23
C VAL E 380 -77.42 -41.19 4.96
N MET E 381 -76.38 -40.70 4.28
CA MET E 381 -76.21 -39.29 3.97
C MET E 381 -75.98 -38.46 5.23
N SER E 382 -76.84 -38.62 6.24
CA SER E 382 -76.54 -38.05 7.55
C SER E 382 -75.32 -38.73 8.16
N TYR E 383 -75.19 -40.05 7.96
CA TYR E 383 -73.95 -40.73 8.31
C TYR E 383 -72.79 -40.21 7.46
N ILE E 384 -73.03 -40.00 6.16
CA ILE E 384 -72.01 -39.40 5.30
C ILE E 384 -71.72 -37.97 5.74
N HIS E 385 -72.76 -37.26 6.18
CA HIS E 385 -72.57 -35.88 6.66
C HIS E 385 -71.66 -35.85 7.88
N ASN E 386 -71.93 -36.73 8.85
CA ASN E 386 -71.05 -36.81 10.03
C ASN E 386 -69.66 -37.32 9.64
N MET E 387 -69.57 -38.08 8.55
CA MET E 387 -68.27 -38.56 8.07
C MET E 387 -67.50 -37.42 7.40
N ASN E 388 -68.04 -36.88 6.32
CA ASN E 388 -67.41 -35.77 5.61
C ASN E 388 -68.50 -34.95 4.94
N THR E 389 -68.77 -33.76 5.49
CA THR E 389 -69.76 -32.88 4.89
C THR E 389 -69.39 -32.53 3.45
N THR E 390 -68.09 -32.43 3.16
CA THR E 390 -67.63 -32.04 1.84
C THR E 390 -67.91 -33.10 0.79
N ILE E 391 -68.16 -34.34 1.19
CA ILE E 391 -68.56 -35.36 0.23
C ILE E 391 -69.92 -35.02 -0.35
N LEU E 392 -70.90 -34.74 0.53
CA LEU E 392 -72.21 -34.33 0.07
C LEU E 392 -72.15 -32.97 -0.62
N GLU E 393 -71.38 -32.02 -0.08
CA GLU E 393 -71.30 -30.70 -0.71
C GLU E 393 -70.77 -30.80 -2.14
N ASP E 394 -69.77 -31.64 -2.37
CA ASP E 394 -69.24 -31.81 -3.73
C ASP E 394 -70.18 -32.58 -4.64
N TRP E 395 -71.10 -33.36 -4.08
CA TRP E 395 -72.17 -34.01 -4.84
C TRP E 395 -73.40 -33.13 -4.99
N ASN E 396 -73.30 -31.83 -4.68
CA ASN E 396 -74.43 -30.92 -4.63
C ASN E 396 -75.25 -31.32 -3.40
N PHE E 397 -76.22 -30.49 -3.01
CA PHE E 397 -76.95 -30.48 -1.73
C PHE E 397 -76.40 -29.35 -0.87
N GLY E 398 -75.21 -28.87 -1.22
CA GLY E 398 -74.69 -27.65 -0.62
C GLY E 398 -74.32 -27.78 0.84
N VAL E 399 -74.10 -26.61 1.45
CA VAL E 399 -73.66 -26.49 2.84
C VAL E 399 -74.88 -26.49 3.75
N THR E 400 -74.65 -26.44 5.06
CA THR E 400 -75.73 -26.35 6.03
C THR E 400 -76.25 -24.92 6.10
N PRO E 401 -77.53 -24.72 6.40
CA PRO E 401 -78.10 -23.37 6.40
C PRO E 401 -77.76 -22.63 7.69
N PRO E 402 -77.31 -21.39 7.58
CA PRO E 402 -77.02 -20.59 8.78
C PRO E 402 -78.29 -20.31 9.56
N PRO E 403 -78.19 -19.90 10.84
CA PRO E 403 -79.35 -19.60 11.68
C PRO E 403 -80.20 -18.45 11.15
N GLN E 431 -62.53 -25.05 -1.60
CA GLN E 431 -61.19 -25.15 -1.03
C GLN E 431 -60.78 -26.61 -0.85
N ASP E 432 -59.51 -26.83 -0.54
CA ASP E 432 -58.96 -28.19 -0.44
C ASP E 432 -57.84 -28.21 0.57
N PRO E 433 -57.89 -29.09 1.58
CA PRO E 433 -56.84 -29.13 2.61
C PRO E 433 -55.55 -29.81 2.17
N TYR E 434 -55.54 -30.49 1.03
CA TYR E 434 -54.38 -31.28 0.63
C TYR E 434 -53.45 -30.58 -0.35
N ASP E 435 -53.80 -29.40 -0.85
CA ASP E 435 -52.88 -28.69 -1.74
C ASP E 435 -51.74 -28.04 -0.99
N LYS E 436 -51.79 -27.99 0.34
CA LYS E 436 -50.66 -27.54 1.13
C LYS E 436 -49.55 -28.58 1.17
N LEU E 437 -49.85 -29.81 0.80
CA LEU E 437 -48.88 -30.90 0.80
C LEU E 437 -48.39 -31.18 -0.61
N LYS E 438 -47.22 -31.81 -0.69
CA LYS E 438 -46.57 -32.10 -1.96
C LYS E 438 -46.86 -33.54 -2.37
N PHE E 439 -47.49 -33.71 -3.53
CA PHE E 439 -47.77 -35.03 -4.08
C PHE E 439 -47.33 -35.06 -5.54
N TRP E 440 -47.27 -36.26 -6.10
CA TRP E 440 -47.08 -36.42 -7.53
C TRP E 440 -48.46 -36.51 -8.17
N PRO E 441 -48.92 -35.50 -8.90
CA PRO E 441 -50.27 -35.53 -9.44
C PRO E 441 -50.38 -36.49 -10.61
N VAL E 442 -51.45 -37.28 -10.60
CA VAL E 442 -51.74 -38.24 -11.67
C VAL E 442 -53.16 -37.98 -12.13
N ASP E 443 -53.31 -37.39 -13.31
CA ASP E 443 -54.61 -37.05 -13.85
C ASP E 443 -55.12 -38.19 -14.73
N LEU E 444 -56.16 -38.88 -14.27
CA LEU E 444 -56.75 -39.98 -15.02
C LEU E 444 -58.18 -39.66 -15.46
N LYS E 445 -58.59 -38.39 -15.37
CA LYS E 445 -59.92 -38.01 -15.83
C LYS E 445 -60.09 -38.26 -17.31
N GLU E 446 -59.00 -38.16 -18.07
CA GLU E 446 -58.99 -38.37 -19.52
C GLU E 446 -58.48 -39.74 -19.93
N ARG E 447 -58.36 -40.68 -18.99
CA ARG E 447 -57.74 -41.97 -19.26
C ARG E 447 -58.62 -43.17 -18.97
N PHE E 448 -59.88 -42.97 -18.56
CA PHE E 448 -60.78 -44.09 -18.29
C PHE E 448 -61.27 -44.72 -19.59
N SER E 449 -61.34 -46.05 -19.59
CA SER E 449 -61.81 -46.79 -20.75
C SER E 449 -62.50 -48.06 -20.27
N ALA E 450 -63.64 -48.39 -20.89
CA ALA E 450 -64.38 -49.59 -20.54
C ALA E 450 -63.93 -50.81 -21.32
N ASP E 451 -63.12 -50.63 -22.36
CA ASP E 451 -62.59 -51.74 -23.16
C ASP E 451 -61.40 -52.34 -22.42
N LEU E 452 -61.70 -53.23 -21.47
CA LEU E 452 -60.66 -53.79 -20.61
C LEU E 452 -59.67 -54.65 -21.38
N ASP E 453 -60.13 -55.37 -22.41
CA ASP E 453 -59.22 -56.26 -23.14
C ASP E 453 -58.16 -55.51 -23.94
N GLN E 454 -58.21 -54.18 -23.96
CA GLN E 454 -57.21 -53.37 -24.65
C GLN E 454 -56.01 -53.05 -23.79
N PHE E 455 -55.99 -53.49 -22.54
CA PHE E 455 -54.93 -53.16 -21.60
C PHE E 455 -54.46 -54.41 -20.87
N PRO E 456 -53.17 -54.46 -20.50
CA PRO E 456 -52.68 -55.67 -19.80
C PRO E 456 -53.40 -55.93 -18.48
N LEU E 457 -53.43 -54.95 -17.58
CA LEU E 457 -54.18 -55.12 -16.34
C LEU E 457 -55.65 -55.40 -16.61
N GLY E 458 -56.19 -54.84 -17.69
CA GLY E 458 -57.57 -55.13 -18.04
C GLY E 458 -57.78 -56.59 -18.40
N ARG E 459 -56.85 -57.17 -19.15
CA ARG E 459 -56.95 -58.59 -19.49
C ARG E 459 -56.78 -59.45 -18.25
N LYS E 460 -55.76 -59.17 -17.44
CA LYS E 460 -55.56 -59.91 -16.20
C LYS E 460 -56.78 -59.83 -15.29
N PHE E 461 -57.49 -58.71 -15.30
CA PHE E 461 -58.72 -58.61 -14.53
C PHE E 461 -59.87 -59.35 -15.20
N LEU E 462 -59.85 -59.44 -16.53
CA LEU E 462 -60.85 -60.24 -17.23
C LEU E 462 -60.64 -61.73 -16.98
N LEU E 463 -59.44 -62.14 -16.57
CA LEU E 463 -59.25 -63.50 -16.09
C LEU E 463 -59.69 -63.59 -14.62
N GLN E 464 -60.87 -63.04 -14.31
CA GLN E 464 -61.41 -63.16 -12.96
C GLN E 464 -62.90 -63.46 -12.93
N LEU E 465 -63.63 -63.28 -14.03
CA LEU E 465 -65.02 -63.70 -14.17
C LEU E 465 -65.34 -65.04 -13.49
N LYS F 12 37.06 115.81 -3.76
CA LYS F 12 35.65 115.78 -4.10
C LYS F 12 35.41 115.46 -5.57
N VAL F 13 34.61 114.42 -5.84
CA VAL F 13 34.30 114.02 -7.20
C VAL F 13 33.16 114.87 -7.73
N VAL F 14 33.23 115.22 -9.01
CA VAL F 14 32.31 116.17 -9.64
C VAL F 14 31.54 115.47 -10.75
N SER F 15 30.26 115.83 -10.90
CA SER F 15 29.45 115.28 -11.98
C SER F 15 30.04 115.63 -13.33
N THR F 16 29.94 114.69 -14.28
CA THR F 16 30.47 114.92 -15.62
C THR F 16 29.65 115.92 -16.41
N ASP F 17 28.42 116.20 -15.99
CA ASP F 17 27.62 117.22 -16.67
C ASP F 17 28.08 118.64 -16.37
N GLU F 18 29.09 118.80 -15.52
CA GLU F 18 29.59 120.12 -15.16
C GLU F 18 30.87 120.50 -15.88
N TYR F 19 31.59 119.53 -16.46
CA TYR F 19 32.83 119.81 -17.17
C TYR F 19 32.91 119.10 -18.51
N VAL F 20 31.82 118.54 -19.02
CA VAL F 20 31.79 117.88 -20.31
C VAL F 20 30.56 118.40 -21.06
N THR F 21 30.77 119.38 -21.94
CA THR F 21 29.67 119.93 -22.73
C THR F 21 29.34 119.00 -23.89
N ARG F 22 28.05 118.86 -24.17
CA ARG F 22 27.55 117.95 -25.18
C ARG F 22 27.18 118.71 -26.45
N THR F 23 27.21 117.99 -27.58
CA THR F 23 26.89 118.55 -28.87
C THR F 23 25.67 117.83 -29.45
N SER F 24 25.20 118.32 -30.59
CA SER F 24 24.10 117.69 -31.31
C SER F 24 24.59 116.66 -32.32
N ILE F 25 25.88 116.35 -32.32
CA ILE F 25 26.43 115.34 -33.21
C ILE F 25 26.17 113.96 -32.62
N PHE F 26 25.40 113.15 -33.33
CA PHE F 26 25.05 111.80 -32.91
C PHE F 26 25.46 110.80 -33.97
N TYR F 27 25.91 109.63 -33.52
CA TYR F 27 26.31 108.55 -34.41
C TYR F 27 25.64 107.26 -33.99
N HIS F 28 25.34 106.41 -34.96
CA HIS F 28 24.87 105.06 -34.68
C HIS F 28 26.01 104.08 -34.92
N ALA F 29 26.22 103.19 -33.95
CA ALA F 29 27.23 102.15 -34.07
C ALA F 29 26.62 100.82 -33.70
N GLY F 30 26.90 99.79 -34.48
CA GLY F 30 26.30 98.50 -34.20
C GLY F 30 27.03 97.33 -34.80
N SER F 31 27.21 96.27 -34.01
CA SER F 31 27.74 95.03 -34.55
C SER F 31 26.67 94.35 -35.39
N SER F 32 27.13 93.51 -36.32
CA SER F 32 26.22 92.64 -37.05
C SER F 32 25.74 91.54 -36.12
N ARG F 33 25.11 90.52 -36.68
CA ARG F 33 24.69 89.39 -35.87
C ARG F 33 25.92 88.68 -35.32
N LEU F 34 25.97 88.55 -33.99
CA LEU F 34 27.02 87.81 -33.30
C LEU F 34 26.43 86.51 -32.78
N LEU F 35 27.12 85.41 -32.98
CA LEU F 35 26.61 84.15 -32.46
C LEU F 35 27.77 83.27 -32.03
N THR F 36 27.49 82.40 -31.05
CA THR F 36 28.48 81.45 -30.56
C THR F 36 27.77 80.16 -30.21
N VAL F 37 28.33 79.04 -30.65
CA VAL F 37 27.80 77.71 -30.36
C VAL F 37 28.85 76.96 -29.54
N GLY F 38 28.38 75.97 -28.79
CA GLY F 38 29.31 75.17 -28.03
C GLY F 38 28.61 74.16 -27.16
N HIS F 39 29.34 73.64 -26.17
CA HIS F 39 28.70 72.69 -25.27
C HIS F 39 28.14 73.42 -24.06
N PRO F 40 26.93 73.06 -23.62
CA PRO F 40 26.29 73.82 -22.53
C PRO F 40 26.89 73.56 -21.16
N TYR F 41 27.62 72.47 -20.98
CA TYR F 41 28.09 72.08 -19.64
C TYR F 41 29.59 72.24 -19.44
N PHE F 42 30.40 71.95 -20.44
CA PHE F 42 31.85 71.91 -20.26
C PHE F 42 32.56 71.97 -21.59
N LYS F 43 33.80 72.45 -21.56
CA LYS F 43 34.67 72.41 -22.73
C LYS F 43 35.03 70.95 -23.06
N VAL F 44 34.79 70.56 -24.31
CA VAL F 44 35.08 69.19 -24.74
C VAL F 44 36.30 69.19 -25.66
N PRO F 45 37.46 68.76 -25.19
CA PRO F 45 38.63 68.72 -26.07
C PRO F 45 38.56 67.55 -27.05
N LYS F 46 38.91 67.84 -28.30
CA LYS F 46 39.02 66.82 -29.34
C LYS F 46 40.39 66.94 -29.99
N GLY F 47 41.16 65.86 -29.93
CA GLY F 47 42.51 65.85 -30.47
C GLY F 47 42.61 66.12 -31.96
N GLY F 48 43.33 67.18 -32.32
CA GLY F 48 43.52 67.55 -33.71
C GLY F 48 44.96 67.32 -34.17
N ASN F 49 45.54 68.18 -35.02
CA ASN F 49 44.98 69.44 -35.59
C ASN F 49 44.42 70.39 -34.52
N GLY F 50 45.22 70.61 -33.49
CA GLY F 50 44.80 71.42 -32.35
C GLY F 50 44.50 72.87 -32.67
N ARG F 51 43.26 73.32 -32.43
CA ARG F 51 42.21 72.46 -31.88
C ARG F 51 40.88 72.72 -32.58
N GLN F 52 40.12 71.66 -32.85
CA GLN F 52 38.73 71.76 -33.28
C GLN F 52 37.77 71.44 -32.14
N ASP F 53 38.15 71.82 -30.91
CA ASP F 53 37.33 71.55 -29.74
C ASP F 53 36.09 72.46 -29.73
N VAL F 54 35.08 72.01 -29.01
CA VAL F 54 33.88 72.82 -28.76
C VAL F 54 34.05 73.51 -27.41
N PRO F 55 33.73 74.80 -27.31
CA PRO F 55 33.89 75.51 -26.05
C PRO F 55 32.64 75.39 -25.17
N LYS F 56 32.77 75.88 -23.94
CA LYS F 56 31.66 75.91 -23.00
C LYS F 56 30.79 77.13 -23.30
N VAL F 57 29.60 76.90 -23.86
CA VAL F 57 28.67 77.97 -24.19
C VAL F 57 27.36 77.66 -23.46
N SER F 58 27.19 78.27 -22.28
CA SER F 58 26.00 78.08 -21.48
C SER F 58 25.18 79.37 -21.42
N ALA F 59 23.87 79.22 -21.38
CA ALA F 59 22.99 80.36 -21.20
C ALA F 59 23.15 81.02 -19.84
N TYR F 60 23.78 80.33 -18.89
CA TYR F 60 24.06 80.87 -17.57
C TYR F 60 25.49 81.36 -17.45
N GLN F 61 26.03 81.91 -18.54
CA GLN F 61 27.35 82.51 -18.57
C GLN F 61 27.22 84.01 -18.75
N TYR F 62 28.10 84.76 -18.08
CA TYR F 62 28.16 86.20 -18.30
C TYR F 62 28.70 86.50 -19.70
N ARG F 63 28.01 87.38 -20.43
CA ARG F 63 28.50 87.87 -21.71
C ARG F 63 28.98 89.31 -21.51
N VAL F 64 30.30 89.50 -21.53
CA VAL F 64 30.91 90.79 -21.26
C VAL F 64 31.61 91.24 -22.53
N PHE F 65 31.00 92.17 -23.26
CA PHE F 65 31.56 92.70 -24.49
C PHE F 65 32.40 93.93 -24.17
N ARG F 66 33.63 93.94 -24.68
CA ARG F 66 34.49 95.12 -24.64
C ARG F 66 34.36 95.81 -26.00
N VAL F 67 33.53 96.84 -26.04
CA VAL F 67 33.26 97.58 -27.28
C VAL F 67 34.23 98.74 -27.36
N LYS F 68 35.14 98.69 -28.33
CA LYS F 68 36.09 99.78 -28.55
C LYS F 68 35.53 100.74 -29.59
N LEU F 69 35.54 102.01 -29.27
CA LEU F 69 35.05 103.08 -30.11
C LEU F 69 36.21 103.82 -30.76
N PRO F 70 35.99 104.42 -31.93
CA PRO F 70 37.06 105.17 -32.58
C PRO F 70 37.37 106.45 -31.80
N ASP F 71 38.65 106.80 -31.79
CA ASP F 71 39.08 108.01 -31.10
C ASP F 71 38.45 109.22 -31.77
N PRO F 72 37.59 109.97 -31.07
CA PRO F 72 36.95 111.13 -31.70
C PRO F 72 37.92 112.25 -32.04
N ASN F 73 39.06 112.33 -31.37
CA ASN F 73 40.06 113.33 -31.73
C ASN F 73 40.77 112.95 -33.02
N LYS F 74 41.08 111.67 -33.19
CA LYS F 74 41.62 111.19 -34.46
C LYS F 74 40.55 111.07 -35.53
N PHE F 75 39.27 111.07 -35.15
CA PHE F 75 38.19 111.01 -36.11
C PHE F 75 38.24 112.22 -37.04
N GLY F 76 38.25 111.98 -38.35
CA GLY F 76 38.39 113.04 -39.31
C GLY F 76 37.11 113.39 -40.04
N LEU F 77 35.97 112.98 -39.48
CA LEU F 77 34.67 113.27 -40.09
C LEU F 77 34.13 114.63 -39.63
N PRO F 78 34.16 114.98 -38.34
CA PRO F 78 33.73 116.32 -37.94
C PRO F 78 34.74 117.37 -38.36
N ASP F 79 34.23 118.57 -38.67
CA ASP F 79 35.10 119.65 -39.08
C ASP F 79 35.69 120.35 -37.87
N ASN F 80 36.80 121.07 -38.11
CA ASN F 80 37.48 121.78 -37.03
C ASN F 80 36.73 123.00 -36.51
N THR F 81 35.50 123.26 -36.97
CA THR F 81 34.69 124.34 -36.41
C THR F 81 33.99 123.92 -35.13
N VAL F 82 33.75 122.63 -34.94
CA VAL F 82 33.04 122.17 -33.75
C VAL F 82 33.93 122.24 -32.52
N TYR F 83 35.25 122.11 -32.69
CA TYR F 83 36.17 122.18 -31.57
C TYR F 83 37.58 122.44 -32.09
N ASP F 84 38.44 122.92 -31.20
CA ASP F 84 39.83 123.18 -31.50
C ASP F 84 40.72 122.32 -30.62
N PRO F 85 41.67 121.59 -31.18
CA PRO F 85 42.55 120.74 -30.36
C PRO F 85 43.60 121.55 -29.61
N ASN F 86 43.26 122.78 -29.24
CA ASN F 86 44.15 123.67 -28.51
C ASN F 86 43.87 123.67 -27.01
N SER F 87 42.59 123.77 -26.63
CA SER F 87 42.20 123.72 -25.22
C SER F 87 41.05 122.75 -25.00
N GLN F 88 40.66 121.99 -26.02
CA GLN F 88 39.55 121.05 -25.92
C GLN F 88 39.94 119.71 -26.52
N ARG F 89 39.37 118.65 -25.95
CA ARG F 89 39.52 117.29 -26.47
C ARG F 89 38.16 116.62 -26.49
N LEU F 90 38.04 115.63 -27.36
CA LEU F 90 36.75 115.01 -27.64
C LEU F 90 36.64 113.68 -26.89
N VAL F 91 35.41 113.29 -26.58
CA VAL F 91 35.14 112.03 -25.90
C VAL F 91 33.72 111.58 -26.24
N TRP F 92 33.55 110.28 -26.40
CA TRP F 92 32.25 109.71 -26.74
C TRP F 92 31.39 109.55 -25.49
N ALA F 93 30.10 109.82 -25.64
CA ALA F 93 29.12 109.63 -24.57
C ALA F 93 27.99 108.76 -25.08
N CYS F 94 27.70 107.69 -24.35
CA CYS F 94 26.66 106.75 -24.74
C CYS F 94 25.29 107.33 -24.41
N VAL F 95 24.37 107.27 -25.38
CA VAL F 95 23.02 107.81 -25.24
C VAL F 95 21.98 106.71 -25.37
N GLY F 96 22.11 105.85 -26.36
CA GLY F 96 21.13 104.80 -26.60
C GLY F 96 21.78 103.44 -26.73
N VAL F 97 21.06 102.42 -26.28
CA VAL F 97 21.51 101.03 -26.34
C VAL F 97 20.31 100.14 -26.64
N GLU F 98 20.46 99.24 -27.61
CA GLU F 98 19.49 98.18 -27.85
C GLU F 98 20.25 96.87 -28.02
N ILE F 99 19.98 95.92 -27.12
CA ILE F 99 20.64 94.62 -27.12
C ILE F 99 19.69 93.62 -27.79
N GLY F 100 20.10 93.11 -28.94
CA GLY F 100 19.28 92.16 -29.68
C GLY F 100 19.59 90.73 -29.27
N ARG F 101 18.54 89.96 -29.03
CA ARG F 101 18.66 88.53 -28.79
C ARG F 101 17.92 87.79 -29.90
N GLY F 102 18.54 86.72 -30.40
CA GLY F 102 18.07 86.10 -31.62
C GLY F 102 17.24 84.84 -31.45
N GLN F 103 17.76 83.88 -30.70
CA GLN F 103 17.12 82.58 -30.63
C GLN F 103 15.76 82.67 -29.92
N PRO F 104 14.89 81.68 -30.14
CA PRO F 104 13.58 81.71 -29.48
C PRO F 104 13.68 81.44 -27.99
N LEU F 105 12.62 81.85 -27.28
CA LEU F 105 12.56 81.64 -25.85
C LEU F 105 12.41 80.16 -25.54
N GLY F 106 13.18 79.68 -24.57
CA GLY F 106 13.12 78.28 -24.19
C GLY F 106 13.75 78.08 -22.83
N VAL F 107 13.45 76.92 -22.24
CA VAL F 107 14.01 76.52 -20.95
C VAL F 107 14.91 75.32 -21.18
N GLY F 108 16.07 75.32 -20.54
CA GLY F 108 17.03 74.25 -20.69
C GLY F 108 17.46 73.70 -19.36
N LEU F 109 17.85 72.43 -19.38
CA LEU F 109 18.23 71.72 -18.17
C LEU F 109 19.74 71.64 -18.01
N SER F 110 20.17 71.57 -16.76
CA SER F 110 21.55 71.27 -16.41
C SER F 110 21.52 70.21 -15.33
N GLY F 111 22.36 69.18 -15.47
CA GLY F 111 22.31 68.09 -14.53
C GLY F 111 23.64 67.48 -14.18
N HIS F 112 23.60 66.33 -13.51
CA HIS F 112 24.77 65.63 -13.04
C HIS F 112 24.43 64.15 -12.85
N PRO F 113 25.23 63.25 -13.41
CA PRO F 113 24.97 61.81 -13.21
C PRO F 113 25.17 61.37 -11.76
N LEU F 114 26.08 62.00 -11.04
CA LEU F 114 26.34 61.63 -9.65
C LEU F 114 25.98 62.78 -8.71
N TYR F 115 24.73 63.21 -8.73
CA TYR F 115 24.27 64.28 -7.85
C TYR F 115 24.08 63.74 -6.44
N ASN F 116 24.51 64.52 -5.44
CA ASN F 116 24.43 64.10 -4.05
C ASN F 116 23.01 64.35 -3.52
N LYS F 117 22.12 63.41 -3.82
CA LYS F 117 20.73 63.45 -3.39
C LYS F 117 20.48 62.22 -2.52
N LEU F 118 20.27 62.44 -1.22
CA LEU F 118 20.04 61.33 -0.29
C LEU F 118 18.56 60.96 -0.24
N ASP F 119 17.75 61.78 0.42
CA ASP F 119 16.34 61.49 0.61
C ASP F 119 15.49 62.67 0.15
N ASP F 120 14.29 62.34 -0.34
CA ASP F 120 13.29 63.35 -0.64
C ASP F 120 12.60 63.78 0.65
N THR F 121 12.72 65.05 1.01
CA THR F 121 12.15 65.58 2.24
C THR F 121 10.87 66.38 1.99
N GLU F 122 10.32 66.30 0.79
CA GLU F 122 9.13 67.06 0.38
C GLU F 122 7.89 66.17 0.40
N ASN F 123 7.65 65.49 1.54
CA ASN F 123 6.47 64.67 1.74
C ASN F 123 6.61 63.37 0.99
N SER F 124 7.75 62.69 1.19
CA SER F 124 8.03 61.42 0.53
C SER F 124 7.43 60.30 1.37
N HIS F 125 6.46 59.59 0.79
CA HIS F 125 5.93 58.36 1.37
C HIS F 125 6.29 57.15 0.53
N VAL F 126 7.23 57.31 -0.40
CA VAL F 126 7.64 56.22 -1.28
C VAL F 126 8.49 55.22 -0.52
N ALA F 127 9.66 55.65 -0.06
CA ALA F 127 10.59 54.81 0.67
C ALA F 127 11.66 55.70 1.28
N SER F 128 12.71 55.08 1.85
CA SER F 128 13.85 55.79 2.39
C SER F 128 15.12 55.09 1.92
N ALA F 129 16.11 55.89 1.52
CA ALA F 129 17.32 55.35 0.92
C ALA F 129 18.38 55.06 1.98
N VAL F 130 19.15 54.01 1.74
CA VAL F 130 20.26 53.63 2.62
C VAL F 130 21.49 54.43 2.25
N ASP F 131 22.22 54.89 3.26
CA ASP F 131 23.37 55.78 3.07
C ASP F 131 24.66 55.03 2.75
N THR F 132 24.72 53.73 3.01
CA THR F 132 25.98 52.99 2.93
C THR F 132 26.62 53.09 1.56
N LYS F 133 25.92 52.64 0.52
CA LYS F 133 26.50 52.54 -0.81
C LYS F 133 26.55 53.93 -1.45
N ASP F 134 26.94 53.99 -2.72
CA ASP F 134 27.01 55.27 -3.42
C ASP F 134 25.60 55.74 -3.73
N THR F 135 25.01 56.51 -2.81
CA THR F 135 23.64 56.97 -2.96
C THR F 135 23.59 58.32 -3.67
N ARG F 136 24.06 58.30 -4.91
CA ARG F 136 24.08 59.49 -5.77
C ARG F 136 23.23 59.20 -7.01
N ASP F 137 22.19 60.00 -7.20
CA ASP F 137 21.25 59.83 -8.29
C ASP F 137 21.60 60.76 -9.44
N ASN F 138 21.15 60.38 -10.64
CA ASN F 138 21.31 61.20 -11.84
C ASN F 138 20.19 62.24 -11.84
N VAL F 139 20.54 63.50 -11.59
CA VAL F 139 19.55 64.54 -11.35
C VAL F 139 19.81 65.71 -12.29
N SER F 140 18.76 66.19 -12.93
CA SER F 140 18.81 67.43 -13.72
C SER F 140 17.87 68.45 -13.10
N VAL F 141 18.03 69.70 -13.52
CA VAL F 141 17.27 70.80 -12.94
C VAL F 141 17.32 71.97 -13.91
N ASP F 142 16.24 72.75 -13.95
CA ASP F 142 16.22 74.00 -14.68
C ASP F 142 16.57 75.13 -13.71
N TYR F 143 17.58 75.92 -14.07
CA TYR F 143 18.13 76.89 -13.15
C TYR F 143 17.18 78.06 -12.91
N LYS F 144 17.56 78.89 -11.97
CA LYS F 144 16.87 80.15 -11.71
C LYS F 144 16.95 81.05 -12.94
N GLN F 145 15.86 81.79 -13.21
CA GLN F 145 15.81 82.66 -14.37
C GLN F 145 16.39 84.02 -14.01
N THR F 146 17.34 84.50 -14.83
CA THR F 146 18.04 85.75 -14.54
C THR F 146 18.27 86.51 -15.84
N GLN F 147 17.84 87.78 -15.86
CA GLN F 147 18.16 88.71 -16.93
C GLN F 147 18.78 89.95 -16.31
N LEU F 148 20.00 90.30 -16.72
CA LEU F 148 20.63 91.49 -16.21
C LEU F 148 21.46 92.14 -17.32
N CYS F 149 21.67 93.45 -17.18
CA CYS F 149 22.39 94.24 -18.16
C CYS F 149 23.03 95.42 -17.43
N ILE F 150 24.33 95.59 -17.63
CA ILE F 150 25.10 96.65 -16.99
C ILE F 150 26.00 97.29 -18.04
N ILE F 151 25.97 98.62 -18.13
CA ILE F 151 26.75 99.35 -19.10
C ILE F 151 27.71 100.27 -18.35
N GLY F 152 28.97 100.27 -18.76
CA GLY F 152 29.94 101.14 -18.13
C GLY F 152 31.10 101.42 -19.06
N CYS F 153 32.14 102.04 -18.50
CA CYS F 153 33.42 102.18 -19.17
C CYS F 153 34.52 101.42 -18.44
N VAL F 154 34.17 100.70 -17.39
CA VAL F 154 35.09 99.86 -16.62
C VAL F 154 34.38 98.53 -16.44
N PRO F 155 35.07 97.39 -16.55
CA PRO F 155 34.38 96.10 -16.39
C PRO F 155 33.66 96.03 -15.05
N ALA F 156 32.47 95.44 -15.06
CA ALA F 156 31.62 95.41 -13.89
C ALA F 156 32.26 94.57 -12.78
N ILE F 157 31.89 94.90 -11.54
CA ILE F 157 32.42 94.22 -10.36
C ILE F 157 31.34 93.28 -9.82
N GLY F 158 31.70 92.02 -9.65
CA GLY F 158 30.81 91.03 -9.08
C GLY F 158 31.35 90.47 -7.78
N GLU F 159 30.48 89.87 -6.97
CA GLU F 159 30.87 89.32 -5.69
C GLU F 159 30.61 87.82 -5.68
N HIS F 160 31.42 87.10 -4.91
CA HIS F 160 31.19 85.68 -4.69
C HIS F 160 31.95 85.23 -3.45
N TRP F 161 31.48 84.13 -2.87
CA TRP F 161 32.07 83.57 -1.66
C TRP F 161 33.13 82.55 -2.03
N THR F 162 34.29 82.64 -1.37
CA THR F 162 35.38 81.72 -1.62
C THR F 162 35.94 81.21 -0.30
N LYS F 163 36.73 80.15 -0.40
CA LYS F 163 37.46 79.63 0.75
C LYS F 163 38.44 80.68 1.25
N GLY F 164 38.08 81.38 2.32
CA GLY F 164 38.92 82.43 2.83
C GLY F 164 40.25 81.91 3.33
N THR F 165 41.24 82.79 3.35
CA THR F 165 42.54 82.47 3.90
C THR F 165 42.38 81.98 5.34
N ALA F 166 43.35 81.18 5.79
CA ALA F 166 43.30 80.62 7.14
C ALA F 166 42.99 81.70 8.16
N SER F 167 42.06 81.40 9.07
CA SER F 167 41.56 82.39 10.01
C SER F 167 42.69 83.00 10.81
N LYS F 168 43.48 82.16 11.49
CA LYS F 168 44.62 82.61 12.27
C LYS F 168 45.82 81.77 11.86
N PRO F 169 47.03 82.06 12.38
CA PRO F 169 48.10 81.05 12.28
C PRO F 169 47.76 79.82 13.11
N THR F 170 46.65 79.16 12.76
CA THR F 170 46.07 78.09 13.55
C THR F 170 46.05 76.80 12.73
N THR F 171 46.49 75.71 13.34
CA THR F 171 46.39 74.39 12.72
C THR F 171 44.97 73.88 12.92
N VAL F 172 44.23 73.77 11.82
CA VAL F 172 42.84 73.32 11.85
C VAL F 172 42.79 71.88 11.34
N VAL F 173 41.88 71.10 11.91
CA VAL F 173 41.77 69.69 11.54
C VAL F 173 41.23 69.57 10.12
N GLN F 174 41.71 68.54 9.41
CA GLN F 174 41.20 68.28 8.07
C GLN F 174 39.74 67.82 8.16
N GLY F 175 38.90 68.38 7.29
CA GLY F 175 37.48 68.10 7.32
C GLY F 175 36.65 69.14 8.03
N ASP F 176 37.28 70.07 8.74
CA ASP F 176 36.56 71.15 9.39
C ASP F 176 36.06 72.15 8.34
N CYS F 177 35.09 72.95 8.75
CA CYS F 177 34.50 73.93 7.85
C CYS F 177 35.49 75.08 7.65
N PRO F 178 35.89 75.38 6.42
CA PRO F 178 36.83 76.48 6.19
C PRO F 178 36.14 77.82 6.37
N PRO F 179 36.89 78.88 6.66
CA PRO F 179 36.28 80.21 6.74
C PRO F 179 35.83 80.69 5.37
N LEU F 180 34.68 81.33 5.33
CA LEU F 180 34.11 81.86 4.09
C LEU F 180 34.44 83.34 3.97
N GLU F 181 34.97 83.74 2.82
CA GLU F 181 35.33 85.14 2.59
C GLU F 181 34.65 85.63 1.33
N LEU F 182 33.97 86.78 1.43
CA LEU F 182 33.36 87.41 0.28
C LEU F 182 34.41 88.19 -0.50
N ILE F 183 34.38 88.05 -1.83
CA ILE F 183 35.41 88.60 -2.69
C ILE F 183 34.74 89.30 -3.88
N ASN F 184 35.25 90.49 -4.20
CA ASN F 184 34.87 91.23 -5.39
C ASN F 184 35.90 90.99 -6.48
N THR F 185 35.44 90.73 -7.69
CA THR F 185 36.28 90.46 -8.84
C THR F 185 35.66 91.07 -10.08
N PRO F 186 36.47 91.48 -11.06
CA PRO F 186 35.89 91.96 -12.32
C PRO F 186 35.17 90.84 -13.05
N ILE F 187 33.99 91.15 -13.57
CA ILE F 187 33.15 90.17 -14.25
C ILE F 187 33.64 90.01 -15.67
N GLU F 188 34.17 88.84 -15.99
CA GLU F 188 34.69 88.54 -17.31
C GLU F 188 33.66 87.76 -18.13
N ASP F 189 33.85 87.79 -19.45
CA ASP F 189 33.00 87.01 -20.34
C ASP F 189 33.26 85.52 -20.14
N GLY F 190 32.18 84.78 -19.89
CA GLY F 190 32.27 83.36 -19.63
C GLY F 190 32.06 82.98 -18.19
N ASP F 191 32.09 83.95 -17.26
CA ASP F 191 31.83 83.67 -15.86
C ASP F 191 30.42 83.11 -15.69
N MET F 192 30.23 82.34 -14.62
CA MET F 192 28.93 81.72 -14.36
C MET F 192 28.08 82.62 -13.50
N VAL F 193 26.77 82.65 -13.79
CA VAL F 193 25.83 83.47 -13.06
C VAL F 193 25.26 82.68 -11.90
N ASP F 194 24.66 83.39 -10.94
CA ASP F 194 23.89 82.72 -9.92
C ASP F 194 22.76 81.93 -10.56
N THR F 195 22.67 80.64 -10.21
CA THR F 195 21.73 79.74 -10.84
C THR F 195 20.70 79.18 -9.86
N GLY F 196 20.70 79.63 -8.61
CA GLY F 196 19.78 79.12 -7.60
C GLY F 196 20.45 78.35 -6.50
N TYR F 197 21.76 78.06 -6.62
CA TYR F 197 22.52 77.40 -5.58
C TYR F 197 23.42 78.34 -4.81
N GLY F 198 23.34 79.64 -5.08
CA GLY F 198 24.17 80.63 -4.42
C GLY F 198 25.33 81.08 -5.29
N ALA F 199 25.94 82.17 -4.87
CA ALA F 199 27.09 82.75 -5.56
C ALA F 199 28.34 82.46 -4.74
N MET F 200 29.03 81.39 -5.10
CA MET F 200 30.21 80.96 -4.36
C MET F 200 31.13 80.18 -5.29
N ASP F 201 32.30 79.82 -4.77
CA ASP F 201 33.28 79.03 -5.51
C ASP F 201 33.01 77.56 -5.23
N PHE F 202 32.26 76.91 -6.12
CA PHE F 202 31.90 75.52 -5.94
C PHE F 202 33.12 74.62 -6.06
N LYS F 203 34.14 75.04 -6.80
CA LYS F 203 35.35 74.24 -6.95
C LYS F 203 36.16 74.20 -5.66
N LEU F 204 36.18 75.31 -4.92
CA LEU F 204 37.03 75.41 -3.74
C LEU F 204 36.33 75.00 -2.45
N LEU F 205 35.01 75.16 -2.37
CA LEU F 205 34.27 74.90 -1.14
C LEU F 205 33.52 73.57 -1.16
N GLN F 206 33.58 72.83 -2.26
CA GLN F 206 32.90 71.52 -2.35
C GLN F 206 33.86 70.53 -2.99
N ASP F 207 34.63 69.85 -2.14
CA ASP F 207 35.48 68.75 -2.58
C ASP F 207 34.69 67.56 -3.10
N ASN F 208 33.38 67.54 -2.83
CA ASN F 208 32.53 66.43 -3.25
C ASN F 208 32.49 66.29 -4.77
N LYS F 209 32.53 67.41 -5.49
CA LYS F 209 32.30 67.44 -6.93
C LYS F 209 30.95 66.80 -7.29
N SER F 210 29.96 66.96 -6.40
CA SER F 210 28.69 66.30 -6.61
C SER F 210 27.51 67.03 -5.95
N GLU F 211 27.68 68.27 -5.50
CA GLU F 211 26.60 68.99 -4.84
C GLU F 211 25.76 69.81 -5.81
N VAL F 212 26.34 70.25 -6.93
CA VAL F 212 25.63 71.09 -7.89
C VAL F 212 25.88 70.52 -9.28
N PRO F 213 25.03 70.86 -10.25
CA PRO F 213 25.15 70.28 -11.59
C PRO F 213 26.50 70.59 -12.24
N LEU F 214 26.74 69.89 -13.35
CA LEU F 214 28.02 69.99 -14.06
C LEU F 214 28.32 71.40 -14.55
N ASP F 215 27.27 72.20 -14.78
CA ASP F 215 27.46 73.59 -15.21
C ASP F 215 28.40 74.35 -14.28
N ILE F 216 28.27 74.12 -12.96
CA ILE F 216 28.89 74.97 -11.96
C ILE F 216 29.70 74.20 -10.94
N CYS F 217 29.73 72.87 -10.99
CA CYS F 217 30.37 72.10 -9.94
C CYS F 217 31.87 72.37 -9.80
N GLN F 218 32.51 72.93 -10.84
CA GLN F 218 33.93 73.26 -10.77
C GLN F 218 34.21 74.68 -11.29
N SER F 219 33.28 75.60 -11.08
CA SER F 219 33.43 76.97 -11.56
C SER F 219 33.03 77.93 -10.45
N ILE F 220 33.02 79.22 -10.76
CA ILE F 220 32.67 80.27 -9.82
C ILE F 220 31.42 80.98 -10.32
N CYS F 221 30.42 81.10 -9.45
CA CYS F 221 29.20 81.84 -9.74
C CYS F 221 29.30 83.23 -9.13
N LYS F 222 29.21 84.26 -9.96
CA LYS F 222 29.33 85.64 -9.51
C LYS F 222 27.99 86.34 -9.61
N TYR F 223 27.71 87.20 -8.63
CA TYR F 223 26.53 88.04 -8.63
C TYR F 223 26.97 89.50 -8.65
N PRO F 224 26.36 90.36 -9.47
CA PRO F 224 26.83 91.74 -9.54
C PRO F 224 26.68 92.45 -8.20
N ASP F 225 27.75 93.13 -7.79
CA ASP F 225 27.77 93.86 -6.52
C ASP F 225 27.18 95.24 -6.76
N TYR F 226 25.85 95.28 -6.88
CA TYR F 226 25.16 96.56 -7.06
C TYR F 226 25.45 97.52 -5.92
N LEU F 227 25.62 97.00 -4.71
CA LEU F 227 25.91 97.84 -3.55
C LEU F 227 27.25 98.56 -3.73
N GLN F 228 28.26 97.86 -4.24
CA GLN F 228 29.57 98.46 -4.41
C GLN F 228 29.61 99.38 -5.63
N MET F 229 29.03 98.96 -6.75
CA MET F 229 29.05 99.78 -7.95
C MET F 229 28.20 101.04 -7.80
N SER F 230 27.13 100.99 -7.01
CA SER F 230 26.33 102.18 -6.80
C SER F 230 26.99 103.15 -5.83
N ALA F 231 27.77 102.63 -4.89
CA ALA F 231 28.54 103.47 -3.98
C ALA F 231 29.86 103.91 -4.58
N ASP F 232 30.13 103.60 -5.84
CA ASP F 232 31.37 104.01 -6.49
C ASP F 232 31.48 105.53 -6.49
N ALA F 233 32.71 106.01 -6.37
CA ALA F 233 32.95 107.45 -6.33
C ALA F 233 32.63 108.09 -7.67
N TYR F 234 33.28 107.63 -8.74
CA TYR F 234 33.10 108.21 -10.06
C TYR F 234 31.93 107.60 -10.82
N GLY F 235 31.58 106.35 -10.54
CA GLY F 235 30.50 105.70 -11.25
C GLY F 235 30.88 105.15 -12.61
N ASP F 236 32.14 104.78 -12.80
CA ASP F 236 32.57 104.21 -14.08
C ASP F 236 32.11 102.76 -14.24
N SER F 237 32.02 102.02 -13.14
CA SER F 237 31.71 100.60 -13.22
C SER F 237 30.31 100.36 -13.76
N MET F 238 29.36 101.21 -13.40
CA MET F 238 27.95 100.96 -13.76
C MET F 238 27.22 102.29 -13.80
N PHE F 239 26.83 102.73 -15.00
CA PHE F 239 25.92 103.85 -15.13
C PHE F 239 24.60 103.45 -15.79
N PHE F 240 24.35 102.16 -15.94
CA PHE F 240 23.07 101.66 -16.43
C PHE F 240 22.93 100.21 -16.01
N CYS F 241 21.80 99.88 -15.37
CA CYS F 241 21.61 98.59 -14.73
C CYS F 241 20.16 98.16 -14.83
N LEU F 242 19.94 96.97 -15.38
CA LEU F 242 18.62 96.35 -15.45
C LEU F 242 18.73 94.93 -14.91
N ARG F 243 18.06 94.67 -13.79
CA ARG F 243 18.07 93.36 -13.18
C ARG F 243 16.65 92.81 -13.12
N ARG F 244 16.54 91.49 -13.23
CA ARG F 244 15.26 90.82 -13.19
C ARG F 244 15.47 89.32 -13.00
N GLU F 245 15.27 88.83 -11.79
CA GLU F 245 15.54 87.44 -11.46
C GLU F 245 14.34 86.83 -10.77
N GLN F 246 14.15 85.53 -10.97
CA GLN F 246 13.06 84.80 -10.33
C GLN F 246 13.46 83.35 -10.17
N VAL F 247 12.95 82.73 -9.10
CA VAL F 247 13.31 81.38 -8.71
C VAL F 247 12.32 80.88 -7.67
N PHE F 248 12.11 79.57 -7.62
CA PHE F 248 11.35 78.94 -6.54
C PHE F 248 11.90 77.54 -6.32
N ALA F 249 11.56 76.98 -5.17
CA ALA F 249 12.06 75.66 -4.77
C ALA F 249 11.13 74.59 -5.32
N ARG F 250 11.66 73.76 -6.21
CA ARG F 250 10.83 72.77 -6.88
C ARG F 250 10.75 71.46 -6.10
N HIS F 251 11.88 70.92 -5.67
CA HIS F 251 11.92 69.68 -4.91
C HIS F 251 12.87 69.84 -3.73
N PHE F 252 12.53 69.17 -2.63
CA PHE F 252 13.29 69.25 -1.38
C PHE F 252 14.06 67.96 -1.20
N TRP F 253 15.36 68.07 -0.89
CA TRP F 253 16.23 66.90 -0.86
C TRP F 253 17.12 66.92 0.37
N ASN F 254 17.82 65.81 0.57
CA ASN F 254 18.77 65.62 1.65
C ASN F 254 20.15 65.33 1.06
N ARG F 255 21.19 65.70 1.78
CA ARG F 255 22.57 65.52 1.34
C ARG F 255 23.22 64.40 2.14
N SER F 256 23.83 63.45 1.43
CA SER F 256 24.57 62.39 2.11
C SER F 256 25.96 62.88 2.48
N GLY F 257 26.55 62.24 3.49
CA GLY F 257 27.80 62.70 4.04
C GLY F 257 27.68 63.03 5.52
N THR F 258 28.76 62.84 6.27
CA THR F 258 28.70 63.03 7.71
C THR F 258 28.47 64.50 8.05
N MET F 259 27.58 64.73 9.01
CA MET F 259 27.21 66.09 9.40
C MET F 259 28.35 66.72 10.19
N GLY F 260 28.93 67.78 9.65
CA GLY F 260 30.04 68.43 10.33
C GLY F 260 29.60 69.19 11.58
N ASP F 261 28.37 69.67 11.60
CA ASP F 261 27.82 70.39 12.74
C ASP F 261 26.93 69.46 13.55
N GLN F 262 27.25 69.31 14.83
CA GLN F 262 26.45 68.45 15.70
C GLN F 262 25.09 69.08 15.97
N LEU F 263 24.03 68.33 15.70
CA LEU F 263 22.68 68.78 15.98
C LEU F 263 22.49 68.93 17.48
N PRO F 264 22.21 70.12 17.98
CA PRO F 264 22.07 70.31 19.43
C PRO F 264 20.92 69.47 19.98
N GLU F 265 21.21 68.73 21.06
CA GLU F 265 20.22 67.84 21.66
C GLU F 265 19.07 68.58 22.32
N SER F 266 19.15 69.91 22.42
CA SER F 266 18.04 70.70 22.91
C SER F 266 16.89 70.81 21.90
N LEU F 267 17.12 70.44 20.65
CA LEU F 267 16.16 70.69 19.58
C LEU F 267 15.35 69.46 19.17
N TYR F 268 15.53 68.32 19.82
CA TYR F 268 14.75 67.15 19.45
C TYR F 268 14.72 66.17 20.61
N ILE F 269 13.89 65.14 20.47
CA ILE F 269 13.79 64.05 21.42
C ILE F 269 14.07 62.76 20.67
N LYS F 270 14.99 61.94 21.19
CA LYS F 270 15.57 60.88 20.38
C LYS F 270 14.62 59.71 20.16
N GLY F 271 13.64 59.51 21.02
CA GLY F 271 12.78 58.36 20.87
C GLY F 271 13.34 57.13 21.57
N THR F 272 12.68 56.00 21.31
CA THR F 272 13.00 54.77 22.03
C THR F 272 14.42 54.30 21.72
N ASP F 273 14.84 54.40 20.46
CA ASP F 273 16.19 54.00 20.05
C ASP F 273 17.20 55.04 20.51
N ILE F 274 17.58 54.97 21.78
CA ILE F 274 18.50 55.94 22.36
C ILE F 274 19.91 55.76 21.79
N ARG F 275 20.01 54.96 20.73
CA ARG F 275 21.25 54.80 19.97
C ARG F 275 21.13 55.35 18.56
N ALA F 276 20.05 56.05 18.26
CA ALA F 276 19.71 56.42 16.88
C ALA F 276 20.36 57.75 16.53
N ASN F 277 21.16 57.74 15.48
CA ASN F 277 21.76 58.95 14.95
C ASN F 277 20.71 59.82 14.26
N PRO F 278 20.72 61.13 14.51
CA PRO F 278 19.78 62.01 13.81
C PRO F 278 20.02 61.93 12.30
N GLY F 279 18.94 61.80 11.55
CA GLY F 279 19.03 61.76 10.10
C GLY F 279 19.67 63.02 9.54
N SER F 280 20.05 62.93 8.27
CA SER F 280 20.68 64.06 7.59
C SER F 280 19.80 65.29 7.65
N TYR F 281 20.35 66.39 8.13
CA TYR F 281 19.61 67.64 8.31
C TYR F 281 20.24 68.80 7.52
N LEU F 282 20.82 68.49 6.37
CA LEU F 282 21.32 69.50 5.44
C LEU F 282 20.42 69.47 4.21
N TYR F 283 19.50 70.42 4.11
CA TYR F 283 18.49 70.44 3.08
C TYR F 283 18.84 71.48 2.02
N SER F 284 18.80 71.05 0.75
CA SER F 284 19.09 71.93 -0.38
C SER F 284 18.00 71.72 -1.42
N PRO F 285 17.28 72.77 -1.82
CA PRO F 285 16.22 72.61 -2.81
C PRO F 285 16.77 72.70 -4.24
N SER F 286 16.02 72.12 -5.16
CA SER F 286 16.32 72.28 -6.57
C SER F 286 15.67 73.56 -7.07
N PRO F 287 16.45 74.55 -7.52
CA PRO F 287 15.84 75.80 -7.98
C PRO F 287 15.09 75.62 -9.28
N SER F 288 14.24 76.59 -9.58
CA SER F 288 13.50 76.55 -10.84
C SER F 288 13.10 77.96 -11.22
N GLY F 289 13.19 78.27 -12.51
CA GLY F 289 12.89 79.59 -13.01
C GLY F 289 11.46 79.79 -13.46
N SER F 290 10.57 78.85 -13.16
CA SER F 290 9.14 78.95 -13.46
C SER F 290 8.97 79.24 -14.96
N VAL F 291 7.93 79.99 -15.32
CA VAL F 291 7.58 80.22 -16.71
C VAL F 291 8.47 81.30 -17.30
N VAL F 292 8.90 81.10 -18.54
CA VAL F 292 9.60 82.11 -19.32
C VAL F 292 8.60 82.70 -20.30
N THR F 293 8.33 84.00 -20.18
CA THR F 293 7.37 84.67 -21.04
C THR F 293 7.98 85.94 -21.62
N SER F 294 7.54 86.27 -22.84
CA SER F 294 8.01 87.48 -23.48
C SER F 294 7.46 88.74 -22.82
N ASP F 295 6.46 88.62 -21.95
CA ASP F 295 6.00 89.77 -21.18
C ASP F 295 7.08 90.24 -20.22
N SER F 296 7.80 89.30 -19.63
CA SER F 296 8.93 89.63 -18.75
C SER F 296 10.22 89.86 -19.53
N GLN F 297 10.17 89.84 -20.85
CA GLN F 297 11.38 90.02 -21.64
C GLN F 297 11.95 91.41 -21.42
N LEU F 298 13.28 91.48 -21.45
CA LEU F 298 14.00 92.70 -21.10
C LEU F 298 14.85 93.24 -22.24
N PHE F 299 15.01 92.50 -23.33
CA PHE F 299 15.85 92.91 -24.45
C PHE F 299 14.99 93.11 -25.70
N ASN F 300 15.67 93.30 -26.83
CA ASN F 300 15.06 93.67 -28.10
C ASN F 300 14.28 94.98 -28.02
N LYS F 301 14.56 95.79 -27.01
CA LYS F 301 13.93 97.08 -26.82
C LYS F 301 15.00 98.16 -26.70
N PRO F 302 14.72 99.36 -27.22
CA PRO F 302 15.66 100.46 -27.04
C PRO F 302 15.59 101.06 -25.64
N TYR F 303 16.77 101.38 -25.11
CA TYR F 303 16.91 102.03 -23.81
C TYR F 303 17.74 103.29 -23.99
N TRP F 304 17.21 104.42 -23.55
CA TRP F 304 17.86 105.71 -23.69
C TRP F 304 18.39 106.15 -22.34
N LEU F 305 19.71 106.36 -22.26
CA LEU F 305 20.36 106.79 -21.03
C LEU F 305 20.39 108.31 -21.01
N HIS F 306 19.68 108.91 -20.06
CA HIS F 306 19.71 110.35 -19.90
C HIS F 306 20.56 110.73 -18.68
N LYS F 307 20.08 110.41 -17.48
CA LYS F 307 20.83 110.61 -16.25
C LYS F 307 21.29 109.26 -15.73
N ALA F 308 22.60 109.14 -15.47
CA ALA F 308 23.17 107.93 -14.92
C ALA F 308 22.99 107.86 -13.42
N GLN F 309 23.24 106.67 -12.86
CA GLN F 309 23.14 106.50 -11.42
C GLN F 309 24.31 107.15 -10.68
N GLY F 310 25.50 107.16 -11.28
CA GLY F 310 26.67 107.76 -10.68
C GLY F 310 26.98 109.12 -11.29
N LEU F 311 28.15 109.64 -10.91
CA LEU F 311 28.56 110.94 -11.40
C LEU F 311 29.01 110.87 -12.86
N ASN F 312 29.64 109.76 -13.26
CA ASN F 312 29.95 109.54 -14.67
C ASN F 312 28.64 109.31 -15.41
N ASN F 313 28.25 110.25 -16.25
CA ASN F 313 26.94 110.22 -16.92
C ASN F 313 27.07 109.62 -18.32
N GLY F 314 27.50 108.36 -18.36
CA GLY F 314 27.57 107.65 -19.61
C GLY F 314 28.68 108.11 -20.55
N ILE F 315 29.79 108.57 -19.99
CA ILE F 315 30.92 109.03 -20.79
C ILE F 315 31.91 107.90 -20.96
N CYS F 316 32.25 107.59 -22.21
CA CYS F 316 33.09 106.43 -22.52
C CYS F 316 34.55 106.88 -22.57
N TRP F 317 35.17 106.93 -21.39
CA TRP F 317 36.58 107.25 -21.30
C TRP F 317 37.41 106.22 -22.04
N HIS F 318 38.53 106.68 -22.60
CA HIS F 318 39.46 105.85 -23.37
C HIS F 318 38.79 105.22 -24.60
N ASN F 319 37.65 105.76 -25.01
CA ASN F 319 36.95 105.31 -26.22
C ASN F 319 36.61 103.82 -26.14
N GLN F 320 36.15 103.38 -24.97
CA GLN F 320 35.74 102.00 -24.78
C GLN F 320 34.50 101.97 -23.89
N LEU F 321 33.80 100.84 -23.96
CA LEU F 321 32.54 100.67 -23.24
C LEU F 321 32.34 99.19 -22.96
N PHE F 322 32.14 98.86 -21.70
CA PHE F 322 31.97 97.47 -21.26
C PHE F 322 30.48 97.18 -21.05
N LEU F 323 30.00 96.13 -21.70
CA LEU F 323 28.59 95.74 -21.64
C LEU F 323 28.52 94.33 -21.06
N THR F 324 28.04 94.22 -19.82
CA THR F 324 27.79 92.94 -19.19
C THR F 324 26.32 92.59 -19.34
N VAL F 325 26.04 91.35 -19.75
CA VAL F 325 24.65 90.94 -20.01
C VAL F 325 24.52 89.46 -19.69
N VAL F 326 23.41 89.13 -19.03
CA VAL F 326 23.01 87.75 -18.74
C VAL F 326 21.57 87.59 -19.19
N ASP F 327 21.31 86.56 -19.99
CA ASP F 327 19.97 86.27 -20.50
C ASP F 327 19.80 84.75 -20.48
N THR F 328 19.03 84.25 -19.51
CA THR F 328 18.78 82.83 -19.37
C THR F 328 17.40 82.43 -19.92
N THR F 329 16.73 83.34 -20.61
CA THR F 329 15.41 83.06 -21.18
C THR F 329 15.50 82.34 -22.52
N ARG F 330 16.69 82.01 -22.99
CA ARG F 330 16.91 81.25 -24.22
C ARG F 330 17.87 80.10 -23.96
N SER F 331 17.59 79.35 -22.91
CA SER F 331 18.49 78.30 -22.42
C SER F 331 18.20 76.95 -23.06
N THR F 332 17.31 76.90 -24.05
CA THR F 332 17.02 75.64 -24.72
C THR F 332 18.28 75.07 -25.37
N ASN F 333 18.38 73.74 -25.36
CA ASN F 333 19.57 73.04 -25.83
C ASN F 333 19.20 72.16 -27.02
N LEU F 334 19.96 72.31 -28.11
CA LEU F 334 19.79 71.47 -29.28
C LEU F 334 20.41 70.10 -29.01
N SER F 335 19.67 69.04 -29.34
CA SER F 335 20.16 67.67 -29.22
C SER F 335 20.40 67.13 -30.62
N VAL F 336 21.67 66.94 -30.96
CA VAL F 336 22.07 66.39 -32.25
C VAL F 336 22.56 64.96 -32.03
N CYS F 337 22.10 64.03 -32.85
CA CYS F 337 22.54 62.64 -32.75
C CYS F 337 22.92 62.13 -34.13
N ALA F 338 23.98 61.31 -34.18
CA ALA F 338 24.49 60.79 -35.44
C ALA F 338 24.70 59.29 -35.32
N SER F 339 24.31 58.56 -36.35
CA SER F 339 24.43 57.11 -36.33
C SER F 339 25.89 56.68 -36.38
N THR F 340 26.20 55.61 -35.65
CA THR F 340 27.56 55.08 -35.67
C THR F 340 27.83 54.23 -36.90
N THR F 341 26.79 53.67 -37.52
CA THR F 341 26.92 53.03 -38.81
C THR F 341 26.83 54.09 -39.91
N SER F 342 27.52 53.83 -41.03
CA SER F 342 27.57 54.81 -42.11
C SER F 342 26.16 55.23 -42.55
N SER F 343 25.27 54.25 -42.72
CA SER F 343 23.85 54.50 -42.93
C SER F 343 23.06 53.69 -41.92
N ILE F 344 21.95 54.25 -41.47
CA ILE F 344 21.19 53.63 -40.37
C ILE F 344 20.59 52.31 -40.84
N PRO F 345 20.81 51.20 -40.13
CA PRO F 345 19.94 50.04 -40.30
C PRO F 345 18.58 50.35 -39.70
N ASN F 346 17.52 50.02 -40.43
CA ASN F 346 16.18 50.42 -40.02
C ASN F 346 15.74 49.72 -38.75
N VAL F 347 16.60 49.75 -37.73
CA VAL F 347 16.32 49.18 -36.41
C VAL F 347 17.01 50.07 -35.37
N TYR F 348 16.28 50.43 -34.32
CA TYR F 348 16.82 51.32 -33.30
C TYR F 348 17.43 50.49 -32.18
N THR F 349 18.68 50.80 -31.83
CA THR F 349 19.36 50.29 -30.66
C THR F 349 20.13 51.46 -30.06
N PRO F 350 20.11 51.62 -28.74
CA PRO F 350 20.80 52.77 -28.13
C PRO F 350 22.29 52.80 -28.41
N THR F 351 22.91 51.66 -28.70
CA THR F 351 24.35 51.62 -28.98
C THR F 351 24.70 52.12 -30.37
N SER F 352 23.71 52.32 -31.25
CA SER F 352 23.96 52.69 -32.64
C SER F 352 23.71 54.18 -32.90
N PHE F 353 23.74 55.02 -31.86
CA PHE F 353 23.55 56.45 -32.05
C PHE F 353 24.39 57.20 -31.03
N LYS F 354 25.17 58.16 -31.52
CA LYS F 354 25.95 59.05 -30.67
C LYS F 354 25.16 60.31 -30.41
N GLU F 355 25.08 60.71 -29.14
CA GLU F 355 24.28 61.84 -28.70
C GLU F 355 25.19 63.00 -28.28
N TYR F 356 24.89 64.19 -28.80
CA TYR F 356 25.63 65.41 -28.50
C TYR F 356 24.63 66.50 -28.13
N ALA F 357 25.00 67.32 -27.15
CA ALA F 357 24.19 68.45 -26.71
C ALA F 357 24.94 69.73 -27.03
N ARG F 358 24.29 70.60 -27.82
CA ARG F 358 24.89 71.86 -28.23
C ARG F 358 23.98 73.02 -27.85
N HIS F 359 24.59 74.14 -27.47
CA HIS F 359 23.87 75.34 -27.12
C HIS F 359 24.34 76.50 -27.99
N VAL F 360 23.45 77.47 -28.16
CA VAL F 360 23.61 78.55 -29.13
C VAL F 360 23.23 79.87 -28.46
N GLU F 361 24.03 80.91 -28.71
CA GLU F 361 23.72 82.25 -28.23
C GLU F 361 23.85 83.23 -29.39
N GLU F 362 22.89 84.15 -29.51
CA GLU F 362 22.84 85.10 -30.61
C GLU F 362 22.53 86.49 -30.06
N PHE F 363 23.35 87.47 -30.44
CA PHE F 363 23.23 88.84 -29.99
C PHE F 363 23.33 89.79 -31.18
N ASP F 364 22.91 91.03 -30.94
CA ASP F 364 23.02 92.09 -31.97
C ASP F 364 23.05 93.43 -31.21
N LEU F 365 24.26 93.92 -30.95
CA LEU F 365 24.43 95.12 -30.15
C LEU F 365 24.22 96.37 -31.01
N GLN F 366 23.45 97.32 -30.49
CA GLN F 366 23.17 98.57 -31.18
C GLN F 366 23.33 99.72 -30.19
N PHE F 367 23.91 100.83 -30.67
CA PHE F 367 24.27 101.96 -29.83
C PHE F 367 24.05 103.27 -30.56
N ILE F 368 23.68 104.29 -29.80
CA ILE F 368 23.62 105.68 -30.24
C ILE F 368 24.56 106.47 -29.35
N PHE F 369 25.64 107.00 -29.93
CA PHE F 369 26.65 107.74 -29.20
C PHE F 369 26.56 109.23 -29.52
N GLN F 370 26.98 110.05 -28.56
CA GLN F 370 26.94 111.49 -28.67
C GLN F 370 28.34 112.06 -28.48
N LEU F 371 28.75 112.94 -29.40
CA LEU F 371 30.05 113.58 -29.32
C LEU F 371 30.02 114.71 -28.30
N CYS F 372 31.08 114.82 -27.50
CA CYS F 372 31.15 115.81 -26.44
C CYS F 372 32.52 116.46 -26.43
N LYS F 373 32.56 117.70 -25.94
CA LYS F 373 33.81 118.44 -25.80
C LYS F 373 34.15 118.60 -24.32
N ILE F 374 35.45 118.68 -24.03
CA ILE F 374 35.95 118.92 -22.69
C ILE F 374 37.02 120.01 -22.79
N THR F 375 36.68 121.21 -22.35
CA THR F 375 37.65 122.32 -22.35
C THR F 375 38.66 122.08 -21.24
N LEU F 376 39.91 121.79 -21.62
CA LEU F 376 40.94 121.41 -20.66
C LEU F 376 41.51 122.65 -19.99
N THR F 377 40.75 123.18 -19.04
CA THR F 377 41.23 124.26 -18.19
C THR F 377 42.11 123.69 -17.08
N THR F 378 42.64 124.58 -16.23
CA THR F 378 43.11 124.11 -14.94
C THR F 378 41.92 123.77 -14.06
N GLU F 379 42.19 123.34 -12.83
CA GLU F 379 41.16 122.78 -11.93
C GLU F 379 40.53 121.56 -12.61
N VAL F 380 39.89 121.76 -13.75
CA VAL F 380 39.65 120.66 -14.69
C VAL F 380 41.02 120.20 -15.14
N MET F 381 41.08 119.04 -15.81
CA MET F 381 42.34 118.46 -16.26
C MET F 381 43.17 118.00 -15.07
N SER F 382 43.37 118.88 -14.08
CA SER F 382 43.93 118.41 -12.81
C SER F 382 42.96 117.49 -12.10
N TYR F 383 41.65 117.80 -12.19
CA TYR F 383 40.64 116.86 -11.72
C TYR F 383 40.64 115.60 -12.58
N ILE F 384 40.77 115.75 -13.90
CA ILE F 384 40.86 114.59 -14.78
C ILE F 384 42.14 113.81 -14.50
N HIS F 385 43.23 114.51 -14.22
CA HIS F 385 44.49 113.84 -13.88
C HIS F 385 44.35 113.04 -12.59
N ASN F 386 43.73 113.64 -11.57
CA ASN F 386 43.48 112.93 -10.33
C ASN F 386 42.52 111.76 -10.53
N MET F 387 41.65 111.86 -11.55
CA MET F 387 40.76 110.75 -11.87
C MET F 387 41.52 109.61 -12.55
N ASN F 388 42.12 109.89 -13.70
CA ASN F 388 42.90 108.90 -14.44
C ASN F 388 43.98 109.65 -15.21
N THR F 389 45.23 109.52 -14.76
CA THR F 389 46.35 110.16 -15.44
C THR F 389 46.43 109.73 -16.90
N THR F 390 46.05 108.49 -17.18
CA THR F 390 46.13 107.94 -18.52
C THR F 390 45.14 108.58 -19.49
N ILE F 391 44.13 109.29 -18.99
CA ILE F 391 43.23 110.02 -19.88
C ILE F 391 43.96 111.17 -20.54
N LEU F 392 44.59 112.03 -19.74
CA LEU F 392 45.40 113.11 -20.29
C LEU F 392 46.62 112.57 -21.04
N GLU F 393 47.25 111.51 -20.49
CA GLU F 393 48.40 110.93 -21.16
C GLU F 393 48.04 110.44 -22.56
N ASP F 394 46.88 109.80 -22.72
CA ASP F 394 46.47 109.34 -24.05
C ASP F 394 46.01 110.48 -24.95
N TRP F 395 45.60 111.62 -24.38
CA TRP F 395 45.25 112.77 -25.19
C TRP F 395 46.43 113.64 -25.57
N ASN F 396 47.65 113.28 -25.15
CA ASN F 396 48.86 114.02 -25.51
C ASN F 396 48.80 115.47 -25.04
N PHE F 397 48.47 115.66 -23.75
CA PHE F 397 48.37 117.00 -23.20
C PHE F 397 49.37 117.23 -22.07
N GLN F 431 49.93 100.90 -22.72
CA GLN F 431 49.61 99.67 -22.00
C GLN F 431 48.16 99.68 -21.52
N ASP F 432 47.66 98.52 -21.06
CA ASP F 432 46.26 98.38 -20.69
C ASP F 432 46.09 97.32 -19.60
N PRO F 433 45.45 97.66 -18.48
CA PRO F 433 45.28 96.66 -17.41
C PRO F 433 44.17 95.66 -17.65
N TYR F 434 43.35 95.84 -18.68
CA TYR F 434 42.17 95.00 -18.90
C TYR F 434 42.40 93.88 -19.90
N ASP F 435 43.55 93.86 -20.59
CA ASP F 435 43.84 92.77 -21.51
C ASP F 435 44.24 91.49 -20.78
N LYS F 436 44.49 91.56 -19.48
CA LYS F 436 44.72 90.38 -18.66
C LYS F 436 43.43 89.60 -18.41
N LEU F 437 42.28 90.21 -18.63
CA LEU F 437 40.98 89.59 -18.43
C LEU F 437 40.39 89.17 -19.76
N LYS F 438 39.43 88.24 -19.70
CA LYS F 438 38.81 87.68 -20.89
C LYS F 438 37.51 88.40 -21.18
N PHE F 439 37.42 89.02 -22.35
CA PHE F 439 36.22 89.70 -22.81
C PHE F 439 35.90 89.27 -24.23
N TRP F 440 34.68 89.60 -24.67
CA TRP F 440 34.30 89.43 -26.06
C TRP F 440 34.62 90.73 -26.80
N PRO F 441 35.62 90.76 -27.67
CA PRO F 441 36.01 92.02 -28.31
C PRO F 441 35.00 92.44 -29.37
N VAL F 442 34.64 93.72 -29.34
CA VAL F 442 33.70 94.29 -30.30
C VAL F 442 34.31 95.58 -30.86
N ASP F 443 34.77 95.52 -32.11
CA ASP F 443 35.40 96.66 -32.76
C ASP F 443 34.35 97.43 -33.56
N LEU F 444 34.04 98.65 -33.14
CA LEU F 444 33.08 99.49 -33.82
C LEU F 444 33.71 100.73 -34.43
N LYS F 445 35.05 100.77 -34.52
CA LYS F 445 35.72 101.93 -35.14
C LYS F 445 35.35 102.08 -36.60
N GLU F 446 35.04 100.97 -37.27
CA GLU F 446 34.65 100.98 -38.67
C GLU F 446 33.14 100.90 -38.85
N ARG F 447 32.38 101.13 -37.78
CA ARG F 447 30.95 100.91 -37.79
C ARG F 447 30.15 102.17 -37.45
N PHE F 448 30.82 103.30 -37.25
CA PHE F 448 30.12 104.55 -36.96
C PHE F 448 29.50 105.14 -38.21
N SER F 449 28.30 105.67 -38.07
CA SER F 449 27.60 106.30 -39.18
C SER F 449 26.71 107.41 -38.62
N ALA F 450 26.73 108.56 -39.29
CA ALA F 450 25.91 109.70 -38.89
C ALA F 450 24.51 109.67 -39.48
N ASP F 451 24.27 108.80 -40.46
CA ASP F 451 22.95 108.68 -41.08
C ASP F 451 22.08 107.80 -40.19
N LEU F 452 21.49 108.42 -39.17
CA LEU F 452 20.72 107.67 -38.18
C LEU F 452 19.47 107.03 -38.79
N ASP F 453 18.86 107.67 -39.78
CA ASP F 453 17.65 107.14 -40.38
C ASP F 453 17.88 105.84 -41.15
N GLN F 454 19.13 105.38 -41.28
CA GLN F 454 19.44 104.15 -41.96
C GLN F 454 19.43 102.94 -41.04
N PHE F 455 19.15 103.13 -39.75
CA PHE F 455 19.19 102.06 -38.77
C PHE F 455 17.94 102.09 -37.91
N PRO F 456 17.46 100.93 -37.45
CA PRO F 456 16.25 100.92 -36.62
C PRO F 456 16.42 101.73 -35.34
N LEU F 457 17.45 101.43 -34.55
CA LEU F 457 17.71 102.21 -33.34
C LEU F 457 17.94 103.67 -33.66
N GLY F 458 18.52 103.96 -34.83
CA GLY F 458 18.69 105.35 -35.23
C GLY F 458 17.36 106.06 -35.45
N ARG F 459 16.40 105.38 -36.07
CA ARG F 459 15.08 105.97 -36.26
C ARG F 459 14.37 106.15 -34.94
N LYS F 460 14.36 105.10 -34.10
CA LYS F 460 13.77 105.21 -32.77
C LYS F 460 14.41 106.34 -31.97
N PHE F 461 15.69 106.60 -32.19
CA PHE F 461 16.33 107.74 -31.55
C PHE F 461 15.90 109.05 -32.20
N LEU F 462 15.56 109.02 -33.50
CA LEU F 462 15.01 110.21 -34.13
C LEU F 462 13.61 110.52 -33.60
N LEU F 463 12.93 109.53 -33.03
CA LEU F 463 11.69 109.79 -32.31
C LEU F 463 11.98 110.33 -30.91
N GLN F 464 12.81 111.37 -30.81
CA GLN F 464 13.11 112.01 -29.54
C GLN F 464 13.06 113.53 -29.61
N LEU F 465 13.09 114.12 -30.80
CA LEU F 465 12.85 115.55 -31.01
C LEU F 465 11.75 116.10 -30.10
N LYS G 12 -3.68 115.93 25.73
CA LYS G 12 -3.80 115.76 24.29
C LYS G 12 -2.44 115.89 23.60
N VAL G 13 -2.08 114.88 22.82
CA VAL G 13 -0.80 114.86 22.12
C VAL G 13 -0.92 115.66 20.84
N VAL G 14 0.15 116.38 20.49
CA VAL G 14 0.15 117.33 19.38
C VAL G 14 1.15 116.86 18.34
N SER G 15 0.82 117.08 17.07
CA SER G 15 1.71 116.72 15.98
C SER G 15 3.04 117.45 16.11
N THR G 16 4.12 116.78 15.72
CA THR G 16 5.45 117.36 15.82
C THR G 16 5.69 118.46 14.81
N ASP G 17 4.84 118.58 13.77
CA ASP G 17 4.98 119.66 12.81
C ASP G 17 4.53 121.00 13.36
N GLU G 18 4.02 121.05 14.60
CA GLU G 18 3.57 122.29 15.20
C GLU G 18 4.57 122.89 16.19
N TYR G 19 5.53 122.10 16.67
CA TYR G 19 6.52 122.60 17.61
C TYR G 19 7.95 122.21 17.23
N VAL G 20 8.15 121.71 16.02
CA VAL G 20 9.49 121.38 15.51
C VAL G 20 9.58 121.98 14.12
N THR G 21 10.19 123.15 14.01
CA THR G 21 10.37 123.80 12.72
C THR G 21 11.54 123.19 11.97
N ARG G 22 11.38 123.01 10.67
CA ARG G 22 12.35 122.33 9.84
C ARG G 22 13.18 123.35 9.05
N THR G 23 14.39 122.93 8.68
CA THR G 23 15.33 123.74 7.94
C THR G 23 15.64 123.09 6.60
N SER G 24 16.42 123.81 5.78
CA SER G 24 16.89 123.30 4.51
C SER G 24 18.23 122.57 4.65
N ILE G 25 18.71 122.37 5.87
CA ILE G 25 19.95 121.65 6.12
C ILE G 25 19.68 120.15 6.03
N PHE G 26 20.31 119.49 5.08
CA PHE G 26 20.15 118.05 4.88
C PHE G 26 21.52 117.37 4.92
N TYR G 27 21.56 116.18 5.50
CA TYR G 27 22.78 115.38 5.57
C TYR G 27 22.49 113.97 5.07
N HIS G 28 23.50 113.35 4.47
CA HIS G 28 23.45 111.95 4.09
C HIS G 28 24.28 111.15 5.09
N ALA G 29 23.72 110.05 5.59
CA ALA G 29 24.42 109.17 6.50
C ALA G 29 24.27 107.73 6.03
N GLY G 30 25.38 106.99 6.07
CA GLY G 30 25.32 105.61 5.61
C GLY G 30 26.43 104.72 6.14
N SER G 31 26.06 103.54 6.60
CA SER G 31 27.04 102.52 6.95
C SER G 31 27.62 101.92 5.69
N SER G 32 28.81 101.33 5.83
CA SER G 32 29.39 100.55 4.75
C SER G 32 28.60 99.24 4.63
N ARG G 33 29.12 98.31 3.82
CA ARG G 33 28.47 97.01 3.69
C ARG G 33 28.54 96.25 5.01
N LEU G 34 27.38 95.80 5.49
CA LEU G 34 27.28 94.96 6.68
C LEU G 34 26.95 93.54 6.25
N LEU G 35 27.64 92.56 6.80
CA LEU G 35 27.34 91.18 6.45
C LEU G 35 27.57 90.28 7.66
N THR G 36 26.82 89.18 7.70
CA THR G 36 26.97 88.19 8.76
C THR G 36 26.74 86.80 8.21
N VAL G 37 27.61 85.86 8.57
CA VAL G 37 27.49 84.47 8.17
C VAL G 37 27.30 83.64 9.42
N GLY G 38 26.70 82.46 9.25
CA GLY G 38 26.52 81.58 10.39
C GLY G 38 25.74 80.34 10.01
N HIS G 39 25.20 79.68 11.03
CA HIS G 39 24.40 78.52 10.69
C HIS G 39 22.93 78.91 10.55
N PRO G 40 22.23 78.40 9.54
CA PRO G 40 20.85 78.84 9.29
C PRO G 40 19.84 78.29 10.28
N TYR G 41 20.15 77.22 11.00
CA TYR G 41 19.17 76.54 11.85
C TYR G 41 19.41 76.72 13.34
N PHE G 42 20.67 76.73 13.77
CA PHE G 42 20.96 76.74 15.20
C PHE G 42 22.40 77.18 15.42
N LYS G 43 22.67 77.73 16.60
CA LYS G 43 24.04 78.03 16.99
C LYS G 43 24.82 76.74 17.17
N VAL G 44 25.97 76.66 16.51
CA VAL G 44 26.81 75.46 16.56
C VAL G 44 28.03 75.75 17.43
N PRO G 45 28.07 75.27 18.67
CA PRO G 45 29.24 75.49 19.51
C PRO G 45 30.39 74.59 19.11
N LYS G 46 31.59 75.18 19.07
CA LYS G 46 32.82 74.44 18.85
C LYS G 46 33.79 74.78 19.98
N GLY G 47 34.21 73.76 20.72
CA GLY G 47 35.08 73.98 21.85
C GLY G 47 36.42 74.58 21.50
N GLY G 48 36.70 75.76 22.03
CA GLY G 48 37.96 76.43 21.76
C GLY G 48 38.88 76.48 22.97
N ASN G 49 39.66 77.55 23.16
CA ASN G 49 39.75 78.78 22.35
C ASN G 49 38.40 79.47 22.12
N GLY G 50 37.66 79.64 23.21
CA GLY G 50 36.33 80.24 23.14
C GLY G 50 36.31 81.68 22.67
N ARG G 51 35.63 81.96 21.57
CA ARG G 51 34.90 80.96 20.81
C ARG G 51 35.09 81.16 19.31
N GLN G 52 35.26 80.05 18.58
CA GLN G 52 35.16 80.06 17.12
C GLN G 52 33.84 79.48 16.65
N ASP G 53 32.78 79.66 17.43
CA ASP G 53 31.48 79.11 17.09
C ASP G 53 30.84 79.92 15.96
N VAL G 54 29.94 79.28 15.23
CA VAL G 54 29.11 79.94 14.23
C VAL G 54 27.77 80.28 14.86
N PRO G 55 27.25 81.49 14.67
CA PRO G 55 25.96 81.86 15.26
C PRO G 55 24.79 81.45 14.37
N LYS G 56 23.59 81.65 14.89
CA LYS G 56 22.37 81.40 14.14
C LYS G 56 22.11 82.59 13.22
N VAL G 57 22.30 82.39 11.93
CA VAL G 57 22.07 83.41 10.92
C VAL G 57 21.05 82.85 9.95
N SER G 58 19.78 83.18 10.16
CA SER G 58 18.70 82.70 9.31
C SER G 58 18.10 83.86 8.53
N ALA G 59 17.68 83.56 7.30
CA ALA G 59 16.97 84.56 6.49
C ALA G 59 15.60 84.89 7.08
N TYR G 60 15.10 84.07 7.99
CA TYR G 60 13.82 84.29 8.65
C TYR G 60 14.02 84.89 10.04
N GLN G 61 15.03 85.76 10.17
CA GLN G 61 15.33 86.46 11.41
C GLN G 61 15.01 87.94 11.28
N TYR G 62 14.53 88.53 12.37
CA TYR G 62 14.35 89.97 12.41
C TYR G 62 15.71 90.66 12.44
N ARG G 63 15.89 91.67 11.60
CA ARG G 63 17.08 92.50 11.61
C ARG G 63 16.70 93.85 12.19
N VAL G 64 17.14 94.12 13.42
CA VAL G 64 16.78 95.33 14.14
C VAL G 64 18.07 96.12 14.40
N PHE G 65 18.28 97.16 13.61
CA PHE G 65 19.46 98.01 13.74
C PHE G 65 19.19 99.18 14.68
N ARG G 66 20.10 99.37 15.64
CA ARG G 66 20.11 100.56 16.50
C ARG G 66 21.15 101.52 15.92
N VAL G 67 20.68 102.51 15.18
CA VAL G 67 21.53 103.50 14.53
C VAL G 67 21.70 104.69 15.46
N LYS G 68 22.92 104.92 15.94
CA LYS G 68 23.20 106.09 16.76
C LYS G 68 23.64 107.24 15.88
N LEU G 69 22.98 108.38 16.04
CA LEU G 69 23.24 109.60 15.30
C LEU G 69 24.03 110.59 16.14
N PRO G 70 24.82 111.46 15.52
CA PRO G 70 25.54 112.47 16.30
C PRO G 70 24.60 113.51 16.86
N ASP G 71 24.94 113.99 18.06
CA ASP G 71 24.13 115.00 18.71
C ASP G 71 24.18 116.28 17.89
N PRO G 72 23.07 116.75 17.33
CA PRO G 72 23.11 117.97 16.51
C PRO G 72 23.43 119.21 17.32
N ASN G 73 23.14 119.22 18.62
CA ASN G 73 23.54 120.33 19.47
C ASN G 73 25.04 120.28 19.78
N LYS G 74 25.56 119.07 20.01
CA LYS G 74 26.99 118.87 20.18
C LYS G 74 27.74 118.95 18.84
N PHE G 75 27.01 118.87 17.73
CA PHE G 75 27.60 118.98 16.40
C PHE G 75 28.27 120.33 16.20
N GLY G 76 29.53 120.31 15.80
CA GLY G 76 30.29 121.53 15.65
C GLY G 76 30.52 121.94 14.22
N LEU G 77 29.74 121.37 13.29
CA LEU G 77 29.88 121.71 11.88
C LEU G 77 29.02 122.90 11.47
N PRO G 78 27.74 122.98 11.85
CA PRO G 78 26.96 124.17 11.50
C PRO G 78 27.36 125.40 12.30
N ASP G 79 27.24 126.55 11.65
CA ASP G 79 27.54 127.83 12.29
C ASP G 79 26.36 128.32 13.11
N ASN G 80 26.63 129.25 14.03
CA ASN G 80 25.62 129.80 14.93
C ASN G 80 24.58 130.68 14.23
N THR G 81 24.58 130.81 12.90
CA THR G 81 23.54 131.56 12.21
C THR G 81 22.25 130.74 12.04
N VAL G 82 22.36 129.41 12.02
CA VAL G 82 21.17 128.59 11.81
C VAL G 82 20.28 128.58 13.05
N TYR G 83 20.86 128.72 14.24
CA TYR G 83 20.07 128.73 15.47
C TYR G 83 20.93 129.30 16.59
N ASP G 84 20.26 129.69 17.67
CA ASP G 84 20.91 130.18 18.87
C ASP G 84 20.60 129.25 20.05
N PRO G 85 21.61 128.78 20.77
CA PRO G 85 21.34 127.85 21.88
C PRO G 85 20.77 128.51 23.11
N ASN G 86 19.95 129.56 22.92
CA ASN G 86 19.32 130.27 24.02
C ASN G 86 17.88 129.82 24.25
N SER G 87 17.09 129.70 23.18
CA SER G 87 15.72 129.24 23.29
C SER G 87 15.39 128.15 22.28
N GLN G 88 16.39 127.64 21.55
CA GLN G 88 16.18 126.61 20.55
C GLN G 88 17.20 125.50 20.73
N ARG G 89 16.77 124.27 20.41
CA ARG G 89 17.64 123.11 20.43
C ARG G 89 17.41 122.30 19.17
N LEU G 90 18.41 121.52 18.79
CA LEU G 90 18.40 120.79 17.52
C LEU G 90 18.05 119.33 17.72
N VAL G 91 17.48 118.74 16.67
CA VAL G 91 17.11 117.32 16.65
C VAL G 91 17.09 116.86 15.19
N TRP G 92 17.54 115.64 14.96
CA TRP G 92 17.54 115.08 13.62
C TRP G 92 16.18 114.50 13.26
N ALA G 93 15.77 114.70 12.01
CA ALA G 93 14.52 114.18 11.48
C ALA G 93 14.81 113.37 10.23
N CYS G 94 14.32 112.14 10.19
CA CYS G 94 14.56 111.25 9.06
C CYS G 94 13.67 111.62 7.89
N VAL G 95 14.27 111.72 6.70
CA VAL G 95 13.56 112.10 5.49
C VAL G 95 13.62 111.00 4.43
N GLY G 96 14.78 110.41 4.21
CA GLY G 96 14.93 109.38 3.20
C GLY G 96 15.60 108.15 3.76
N VAL G 97 15.20 106.99 3.22
CA VAL G 97 15.76 105.71 3.61
C VAL G 97 15.88 104.81 2.39
N GLU G 98 17.05 104.18 2.23
CA GLU G 98 17.23 103.13 1.25
C GLU G 98 17.97 101.98 1.91
N ILE G 99 17.33 100.81 1.93
CA ILE G 99 17.89 99.60 2.54
C ILE G 99 18.47 98.73 1.43
N GLY G 100 19.78 98.54 1.46
CA GLY G 100 20.46 97.75 0.45
C GLY G 100 20.56 96.29 0.84
N ARG G 101 20.17 95.41 -0.09
CA ARG G 101 20.33 93.97 0.06
C ARG G 101 21.28 93.48 -1.01
N GLY G 102 22.20 92.59 -0.64
CA GLY G 102 23.30 92.26 -1.52
C GLY G 102 23.19 90.96 -2.28
N GLN G 103 22.97 89.86 -1.57
CA GLN G 103 23.04 88.54 -2.17
C GLN G 103 21.93 88.33 -3.21
N PRO G 104 22.09 87.38 -4.11
CA PRO G 104 21.05 87.11 -5.10
C PRO G 104 19.81 86.48 -4.48
N LEU G 105 18.71 86.59 -5.22
CA LEU G 105 17.46 86.01 -4.77
C LEU G 105 17.53 84.49 -4.79
N GLY G 106 17.04 83.86 -3.73
CA GLY G 106 17.05 82.42 -3.67
C GLY G 106 16.07 81.91 -2.64
N VAL G 107 15.77 80.61 -2.76
CA VAL G 107 14.87 79.93 -1.83
C VAL G 107 15.68 78.89 -1.06
N GLY G 108 15.44 78.84 0.25
CA GLY G 108 16.15 77.92 1.10
C GLY G 108 15.18 77.12 1.96
N LEU G 109 15.62 75.92 2.32
CA LEU G 109 14.79 74.99 3.07
C LEU G 109 15.14 75.01 4.54
N SER G 110 14.15 74.71 5.36
CA SER G 110 14.32 74.48 6.79
C SER G 110 13.57 73.20 7.15
N GLY G 111 14.22 72.32 7.90
CA GLY G 111 13.61 71.05 8.18
C GLY G 111 13.88 70.49 9.56
N HIS G 112 13.54 69.22 9.75
CA HIS G 112 13.68 68.51 11.00
C HIS G 112 13.74 67.02 10.71
N PRO G 113 14.74 66.31 11.26
CA PRO G 113 14.81 64.86 11.04
C PRO G 113 13.67 64.11 11.69
N LEU G 114 13.14 64.61 12.80
CA LEU G 114 12.04 63.94 13.50
C LEU G 114 10.77 64.81 13.48
N TYR G 115 10.29 65.14 12.29
CA TYR G 115 9.08 65.93 12.13
C TYR G 115 7.84 65.08 12.42
N ASN G 116 6.87 65.68 13.10
CA ASN G 116 5.64 64.97 13.49
C ASN G 116 4.70 64.94 12.29
N LYS G 117 4.96 63.98 11.40
CA LYS G 117 4.14 63.76 10.21
C LYS G 117 3.58 62.35 10.29
N LEU G 118 2.26 62.24 10.51
CA LEU G 118 1.63 60.94 10.61
C LEU G 118 1.22 60.40 9.25
N ASP G 119 0.14 60.95 8.68
CA ASP G 119 -0.39 60.48 7.42
C ASP G 119 -0.55 61.64 6.46
N ASP G 120 -0.38 61.36 5.17
CA ASP G 120 -0.66 62.32 4.11
C ASP G 120 -2.18 62.36 3.87
N THR G 121 -2.79 63.52 4.11
CA THR G 121 -4.22 63.70 3.95
C THR G 121 -4.60 64.46 2.69
N GLU G 122 -3.64 64.67 1.79
CA GLU G 122 -3.84 65.46 0.56
C GLU G 122 -3.99 64.54 -0.65
N ASN G 123 -4.88 63.54 -0.52
CA ASN G 123 -5.23 62.63 -1.61
C ASN G 123 -4.10 61.62 -1.74
N SER G 124 -3.72 61.01 -0.62
CA SER G 124 -2.67 60.01 -0.58
C SER G 124 -3.27 58.64 -0.84
N HIS G 125 -2.84 57.99 -1.93
CA HIS G 125 -3.18 56.61 -2.19
C HIS G 125 -1.94 55.71 -2.08
N VAL G 126 -0.87 56.23 -1.47
CA VAL G 126 0.37 55.45 -1.34
C VAL G 126 0.20 54.35 -0.31
N ALA G 127 -0.03 54.73 0.94
CA ALA G 127 -0.21 53.78 2.03
C ALA G 127 -0.74 54.53 3.25
N SER G 128 -0.84 53.84 4.38
CA SER G 128 -1.26 54.42 5.64
C SER G 128 -0.33 53.92 6.74
N ALA G 129 0.08 54.82 7.63
CA ALA G 129 1.05 54.50 8.65
C ALA G 129 0.36 53.98 9.91
N VAL G 130 1.01 53.03 10.57
CA VAL G 130 0.53 52.49 11.83
C VAL G 130 0.98 53.40 12.97
N ASP G 131 0.11 53.59 13.97
CA ASP G 131 0.38 54.54 15.04
C ASP G 131 1.33 54.00 16.10
N THR G 132 1.53 52.69 16.15
CA THR G 132 2.33 52.09 17.23
C THR G 132 3.75 52.64 17.26
N LYS G 133 4.49 52.46 16.17
CA LYS G 133 5.92 52.76 16.16
C LYS G 133 6.14 54.27 16.01
N ASP G 134 7.41 54.66 15.86
CA ASP G 134 7.82 56.06 15.71
C ASP G 134 7.52 56.53 14.30
N THR G 135 6.33 57.12 14.12
CA THR G 135 5.90 57.60 12.80
C THR G 135 6.30 59.06 12.61
N ARG G 136 7.60 59.30 12.64
CA ARG G 136 8.17 60.63 12.44
C ARG G 136 9.10 60.60 11.24
N ASP G 137 8.80 61.40 10.23
CA ASP G 137 9.56 61.45 9.00
C ASP G 137 10.53 62.63 9.02
N ASN G 138 11.59 62.50 8.23
CA ASN G 138 12.55 63.59 8.04
C ASN G 138 11.97 64.54 7.00
N VAL G 139 11.54 65.72 7.44
CA VAL G 139 10.74 66.61 6.60
C VAL G 139 11.40 67.98 6.55
N SER G 140 11.52 68.53 5.34
CA SER G 140 11.95 69.90 5.13
C SER G 140 10.83 70.67 4.45
N VAL G 141 10.94 72.00 4.46
CA VAL G 141 9.90 72.87 3.94
C VAL G 141 10.50 74.23 3.69
N ASP G 142 10.01 74.92 2.66
CA ASP G 142 10.37 76.31 2.42
C ASP G 142 9.32 77.21 3.08
N TYR G 143 9.78 78.14 3.90
CA TYR G 143 8.86 78.90 4.73
C TYR G 143 8.07 79.90 3.89
N LYS G 144 7.10 80.53 4.55
CA LYS G 144 6.34 81.62 3.95
C LYS G 144 7.26 82.78 3.59
N GLN G 145 6.97 83.44 2.48
CA GLN G 145 7.79 84.55 2.03
C GLN G 145 7.31 85.84 2.67
N THR G 146 8.22 86.58 3.30
CA THR G 146 7.85 87.79 4.03
C THR G 146 8.91 88.87 3.84
N GLN G 147 8.48 90.05 3.42
CA GLN G 147 9.31 91.24 3.37
C GLN G 147 8.62 92.34 4.18
N LEU G 148 9.30 92.87 5.19
CA LEU G 148 8.72 93.93 5.98
C LEU G 148 9.80 94.92 6.39
N CYS G 149 9.38 96.16 6.63
CA CYS G 149 10.29 97.24 6.99
C CYS G 149 9.54 98.25 7.84
N ILE G 150 10.12 98.58 8.99
CA ILE G 150 9.54 99.50 9.96
C ILE G 150 10.65 100.43 10.44
N ILE G 151 10.38 101.73 10.41
CA ILE G 151 11.36 102.74 10.82
C ILE G 151 10.78 103.52 11.99
N GLY G 152 11.58 103.69 13.04
CA GLY G 152 11.13 104.44 14.19
C GLY G 152 12.29 105.00 14.98
N CYS G 153 11.97 105.54 16.15
CA CYS G 153 12.97 105.90 17.15
C CYS G 153 12.83 105.09 18.43
N VAL G 154 11.91 104.13 18.46
CA VAL G 154 11.66 103.25 19.59
C VAL G 154 11.60 101.84 19.00
N PRO G 155 12.14 100.81 19.67
CA PRO G 155 12.10 99.47 19.07
C PRO G 155 10.69 99.04 18.74
N ALA G 156 10.54 98.33 17.62
CA ALA G 156 9.23 97.96 17.13
C ALA G 156 8.56 96.99 18.11
N ILE G 157 7.23 97.00 18.08
CA ILE G 157 6.43 96.17 18.98
C ILE G 157 5.91 94.97 18.20
N GLY G 158 6.18 93.77 18.70
CA GLY G 158 5.68 92.57 18.08
C GLY G 158 4.76 91.79 19.00
N GLU G 159 3.94 90.92 18.42
CA GLU G 159 3.00 90.12 19.18
C GLU G 159 3.30 88.65 18.97
N HIS G 160 3.00 87.84 19.99
CA HIS G 160 3.08 86.40 19.84
C HIS G 160 2.27 85.73 20.94
N TRP G 161 1.87 84.50 20.68
CA TRP G 161 1.08 83.74 21.63
C TRP G 161 2.00 82.90 22.50
N THR G 162 1.75 82.93 23.81
CA THR G 162 2.57 82.21 24.78
C THR G 162 1.67 81.45 25.74
N LYS G 163 2.31 80.55 26.50
CA LYS G 163 1.63 79.84 27.58
C LYS G 163 1.17 80.85 28.62
N GLY G 164 -0.12 81.19 28.58
CA GLY G 164 -0.63 82.20 29.47
C GLY G 164 -0.58 81.79 30.93
N THR G 165 -0.54 82.80 31.80
CA THR G 165 -0.60 82.57 33.22
C THR G 165 -1.86 81.78 33.57
N ALA G 166 -1.79 81.04 34.68
CA ALA G 166 -2.92 80.23 35.12
C ALA G 166 -4.20 81.04 35.15
N SER G 167 -5.28 80.47 34.60
CA SER G 167 -6.54 81.19 34.48
C SER G 167 -7.05 81.64 35.85
N LYS G 168 -7.19 80.70 36.76
CA LYS G 168 -7.63 80.97 38.13
C LYS G 168 -6.65 80.29 39.08
N PRO G 169 -6.81 80.46 40.40
CA PRO G 169 -6.11 79.54 41.32
C PRO G 169 -6.64 78.12 41.21
N THR G 170 -6.50 77.52 40.02
CA THR G 170 -7.13 76.25 39.70
C THR G 170 -6.05 75.22 39.38
N THR G 171 -6.17 74.04 39.98
CA THR G 171 -5.30 72.91 39.68
C THR G 171 -5.77 72.25 38.39
N VAL G 172 -4.94 72.31 37.34
CA VAL G 172 -5.28 71.73 36.04
C VAL G 172 -4.49 70.45 35.87
N VAL G 173 -5.11 69.48 35.19
CA VAL G 173 -4.49 68.17 35.00
C VAL G 173 -3.30 68.29 34.05
N GLN G 174 -2.29 67.45 34.28
CA GLN G 174 -1.14 67.40 33.39
C GLN G 174 -1.55 66.84 32.03
N GLY G 175 -1.10 67.51 30.97
CA GLY G 175 -1.46 67.14 29.62
C GLY G 175 -2.59 67.95 29.03
N ASP G 176 -3.28 68.76 29.84
CA ASP G 176 -4.32 69.63 29.33
C ASP G 176 -3.70 70.79 28.55
N CYS G 177 -4.52 71.41 27.71
CA CYS G 177 -4.06 72.54 26.92
C CYS G 177 -3.92 73.77 27.82
N PRO G 178 -2.74 74.39 27.89
CA PRO G 178 -2.58 75.57 28.73
C PRO G 178 -3.30 76.76 28.14
N PRO G 179 -3.62 77.77 28.95
CA PRO G 179 -4.26 78.97 28.40
C PRO G 179 -3.28 79.73 27.50
N LEU G 180 -3.83 80.27 26.40
CA LEU G 180 -3.05 81.02 25.44
C LEU G 180 -3.19 82.51 25.72
N GLU G 181 -2.05 83.20 25.81
CA GLU G 181 -2.02 84.64 26.08
C GLU G 181 -1.25 85.37 25.00
N LEU G 182 -1.86 86.40 24.44
CA LEU G 182 -1.17 87.24 23.47
C LEU G 182 -0.30 88.25 24.19
N ILE G 183 0.93 88.41 23.71
CA ILE G 183 1.94 89.23 24.39
C ILE G 183 2.63 90.13 23.38
N ASN G 184 2.81 91.39 23.76
CA ASN G 184 3.61 92.36 23.02
C ASN G 184 5.00 92.42 23.64
N THR G 185 6.03 92.38 22.79
CA THR G 185 7.41 92.43 23.22
C THR G 185 8.21 93.25 22.21
N PRO G 186 9.29 93.90 22.64
CA PRO G 186 10.15 94.61 21.68
C PRO G 186 10.83 93.62 20.75
N ILE G 187 10.84 93.96 19.46
CA ILE G 187 11.42 93.10 18.44
C ILE G 187 12.92 93.36 18.39
N GLU G 188 13.71 92.37 18.78
CA GLU G 188 15.16 92.47 18.80
C GLU G 188 15.77 91.81 17.57
N ASP G 189 17.01 92.18 17.28
CA ASP G 189 17.74 91.57 16.18
C ASP G 189 18.02 90.10 16.49
N GLY G 190 17.63 89.22 15.58
CA GLY G 190 17.79 87.79 15.76
C GLY G 190 16.51 87.04 16.08
N ASP G 191 15.45 87.75 16.46
CA ASP G 191 14.17 87.09 16.71
C ASP G 191 13.65 86.45 15.44
N MET G 192 12.82 85.42 15.59
CA MET G 192 12.30 84.68 14.45
C MET G 192 10.97 85.29 13.99
N VAL G 193 10.78 85.33 12.68
CA VAL G 193 9.58 85.89 12.09
C VAL G 193 8.53 84.80 11.95
N ASP G 194 7.29 85.22 11.74
CA ASP G 194 6.24 84.27 11.35
C ASP G 194 6.65 83.57 10.06
N THR G 195 6.63 82.24 10.09
CA THR G 195 7.11 81.43 8.98
C THR G 195 6.02 80.61 8.30
N GLY G 196 4.76 80.77 8.70
CA GLY G 196 3.67 79.99 8.14
C GLY G 196 3.02 79.05 9.12
N TYR G 197 3.58 78.88 10.31
CA TYR G 197 2.99 78.07 11.36
C TYR G 197 2.35 78.92 12.45
N GLY G 198 2.32 80.23 12.27
CA GLY G 198 1.77 81.13 13.26
C GLY G 198 2.86 81.81 14.07
N ALA G 199 2.45 82.83 14.82
CA ALA G 199 3.33 83.61 15.67
C ALA G 199 3.08 83.18 17.11
N MET G 200 3.92 82.27 17.61
CA MET G 200 3.72 81.73 18.95
C MET G 200 5.07 81.28 19.51
N ASP G 201 5.04 80.89 20.78
CA ASP G 201 6.22 80.39 21.48
C ASP G 201 6.24 78.87 21.32
N PHE G 202 6.99 78.40 20.32
CA PHE G 202 7.04 76.97 20.05
C PHE G 202 7.75 76.21 21.16
N LYS G 203 8.65 76.87 21.89
CA LYS G 203 9.35 76.20 22.99
C LYS G 203 8.42 75.92 24.16
N LEU G 204 7.49 76.84 24.44
CA LEU G 204 6.63 76.72 25.61
C LEU G 204 5.31 76.02 25.32
N LEU G 205 4.82 76.08 24.08
CA LEU G 205 3.53 75.49 23.74
C LEU G 205 3.66 74.16 23.01
N GLN G 206 4.89 73.70 22.73
CA GLN G 206 5.12 72.41 22.06
C GLN G 206 6.25 71.70 22.79
N ASP G 207 5.90 70.89 23.79
CA ASP G 207 6.87 70.03 24.43
C ASP G 207 7.39 68.92 23.52
N ASN G 208 6.72 68.69 22.38
CA ASN G 208 7.14 67.64 21.46
C ASN G 208 8.54 67.89 20.92
N LYS G 209 8.90 69.15 20.70
CA LYS G 209 10.13 69.51 20.00
C LYS G 209 10.19 68.85 18.64
N SER G 210 9.03 68.69 18.00
CA SER G 210 8.96 67.95 16.74
C SER G 210 7.81 68.38 15.85
N GLU G 211 7.13 69.49 16.12
CA GLU G 211 6.01 69.92 15.31
C GLU G 211 6.41 70.85 14.17
N VAL G 212 7.51 71.59 14.34
CA VAL G 212 7.97 72.56 13.34
C VAL G 212 9.46 72.36 13.14
N PRO G 213 10.01 72.84 12.03
CA PRO G 213 11.43 72.60 11.74
C PRO G 213 12.34 73.19 12.81
N LEU G 214 13.62 72.82 12.72
CA LEU G 214 14.61 73.21 13.72
C LEU G 214 14.75 74.73 13.82
N ASP G 215 14.42 75.45 12.75
CA ASP G 215 14.49 76.92 12.77
C ASP G 215 13.73 77.50 13.96
N ILE G 216 12.54 76.95 14.25
CA ILE G 216 11.61 77.58 15.18
C ILE G 216 11.13 76.62 16.27
N CYS G 217 11.54 75.35 16.23
CA CYS G 217 11.00 74.37 17.17
C CYS G 217 11.31 74.70 18.62
N GLN G 218 12.31 75.55 18.87
CA GLN G 218 12.66 75.99 20.22
C GLN G 218 12.86 77.50 20.26
N SER G 219 12.09 78.24 19.47
CA SER G 219 12.23 79.69 19.37
C SER G 219 10.85 80.34 19.47
N ILE G 220 10.84 81.66 19.33
CA ILE G 220 9.61 82.45 19.38
C ILE G 220 9.45 83.17 18.05
N CYS G 221 8.28 83.03 17.43
CA CYS G 221 7.94 83.74 16.21
C CYS G 221 7.11 84.96 16.56
N LYS G 222 7.60 86.15 16.23
CA LYS G 222 6.93 87.39 16.53
C LYS G 222 6.41 88.01 15.23
N TYR G 223 5.22 88.61 15.31
CA TYR G 223 4.67 89.33 14.19
C TYR G 223 4.48 90.79 14.56
N PRO G 224 4.85 91.73 13.68
CA PRO G 224 4.72 93.15 14.04
C PRO G 224 3.28 93.51 14.31
N ASP G 225 3.06 94.20 15.45
CA ASP G 225 1.73 94.60 15.86
C ASP G 225 1.39 95.93 15.20
N TYR G 226 1.06 95.85 13.91
CA TYR G 226 0.66 97.05 13.17
C TYR G 226 -0.56 97.71 13.79
N LEU G 227 -1.47 96.91 14.35
CA LEU G 227 -2.67 97.47 14.97
C LEU G 227 -2.31 98.31 16.20
N GLN G 228 -1.35 97.83 17.01
CA GLN G 228 -0.98 98.57 18.21
C GLN G 228 -0.09 99.76 17.88
N MET G 229 0.89 99.57 17.00
CA MET G 229 1.81 100.66 16.67
C MET G 229 1.12 101.77 15.88
N SER G 230 0.10 101.42 15.08
CA SER G 230 -0.62 102.46 14.35
C SER G 230 -1.58 103.22 15.25
N ALA G 231 -2.13 102.56 16.26
CA ALA G 231 -2.96 103.21 17.26
C ALA G 231 -2.15 103.87 18.37
N ASP G 232 -0.83 103.85 18.27
CA ASP G 232 0.03 104.45 19.29
C ASP G 232 -0.29 105.93 19.45
N ALA G 233 -0.15 106.41 20.69
CA ALA G 233 -0.44 107.81 20.97
C ALA G 233 0.55 108.75 20.28
N TYR G 234 1.84 108.56 20.55
CA TYR G 234 2.85 109.45 20.01
C TYR G 234 3.35 109.02 18.64
N GLY G 235 3.31 107.72 18.34
CA GLY G 235 3.80 107.23 17.06
C GLY G 235 5.30 107.10 16.96
N ASP G 236 5.99 106.90 18.09
CA ASP G 236 7.44 106.73 18.06
C ASP G 236 7.84 105.32 17.63
N SER G 237 7.00 104.32 17.89
CA SER G 237 7.36 102.94 17.59
C SER G 237 7.48 102.70 16.09
N MET G 238 6.61 103.34 15.30
CA MET G 238 6.58 103.11 13.86
C MET G 238 5.99 104.34 13.19
N PHE G 239 6.82 105.08 12.45
CA PHE G 239 6.31 106.14 11.59
C PHE G 239 6.56 105.88 10.12
N PHE G 240 6.96 104.65 9.75
CA PHE G 240 7.08 104.26 8.35
C PHE G 240 7.05 102.75 8.28
N CYS G 241 6.17 102.20 7.44
CA CYS G 241 5.89 100.78 7.44
C CYS G 241 5.59 100.30 6.03
N LEU G 242 6.32 99.26 5.60
CA LEU G 242 6.09 98.59 4.32
C LEU G 242 6.06 97.10 4.58
N ARG G 243 4.91 96.47 4.36
CA ARG G 243 4.78 95.04 4.56
C ARG G 243 4.32 94.38 3.26
N ARG G 244 4.76 93.13 3.06
CA ARG G 244 4.45 92.37 1.86
C ARG G 244 4.78 90.90 2.10
N GLU G 245 3.75 90.08 2.32
CA GLU G 245 3.90 88.68 2.67
C GLU G 245 3.03 87.81 1.76
N GLN G 246 3.49 86.58 1.52
CA GLN G 246 2.73 85.63 0.72
C GLN G 246 3.07 84.21 1.16
N VAL G 247 2.07 83.33 1.03
CA VAL G 247 2.17 81.95 1.51
C VAL G 247 1.03 81.12 0.92
N PHE G 248 1.27 79.83 0.73
CA PHE G 248 0.21 78.89 0.38
C PHE G 248 0.54 77.53 0.96
N ALA G 249 -0.48 76.67 1.01
CA ALA G 249 -0.36 75.35 1.61
C ALA G 249 0.10 74.35 0.55
N ARG G 250 1.28 73.78 0.74
CA ARG G 250 1.87 72.88 -0.25
C ARG G 250 1.45 71.43 -0.04
N HIS G 251 1.56 70.91 1.18
CA HIS G 251 1.18 69.54 1.48
C HIS G 251 0.36 69.47 2.77
N PHE G 252 -0.59 68.54 2.80
CA PHE G 252 -1.50 68.36 3.91
C PHE G 252 -1.10 67.11 4.68
N TRP G 253 -1.00 67.22 6.00
CA TRP G 253 -0.45 66.16 6.83
C TRP G 253 -1.33 65.90 8.05
N ASN G 254 -0.96 64.83 8.76
CA ASN G 254 -1.59 64.41 10.00
C ASN G 254 -0.55 64.44 11.11
N ARG G 255 -1.01 64.70 12.33
CA ARG G 255 -0.13 64.77 13.48
C ARG G 255 -0.34 63.54 14.37
N SER G 256 0.75 62.87 14.72
CA SER G 256 0.65 61.75 15.65
C SER G 256 0.61 62.27 17.09
N GLY G 257 0.05 61.45 17.97
CA GLY G 257 -0.17 61.86 19.34
C GLY G 257 -1.65 61.80 19.71
N THR G 258 -1.96 61.54 20.97
CA THR G 258 -3.34 61.38 21.38
C THR G 258 -4.08 62.70 21.27
N MET G 259 -5.29 62.65 20.72
CA MET G 259 -6.08 63.85 20.50
C MET G 259 -6.62 64.37 21.83
N GLY G 260 -6.20 65.59 22.19
CA GLY G 260 -6.64 66.15 23.47
C GLY G 260 -8.08 66.56 23.50
N ASP G 261 -8.64 66.95 22.35
CA ASP G 261 -10.05 67.34 22.25
C ASP G 261 -10.86 66.19 21.68
N GLN G 262 -11.89 65.76 22.42
CA GLN G 262 -12.73 64.67 21.98
C GLN G 262 -13.58 65.09 20.79
N LEU G 263 -13.47 64.36 19.69
CA LEU G 263 -14.31 64.61 18.53
C LEU G 263 -15.76 64.29 18.87
N PRO G 264 -16.67 65.26 18.83
CA PRO G 264 -18.07 64.98 19.17
C PRO G 264 -18.66 63.97 18.20
N GLU G 265 -19.31 62.94 18.74
CA GLU G 265 -19.91 61.91 17.88
C GLU G 265 -21.07 62.43 17.07
N SER G 266 -21.50 63.67 17.30
CA SER G 266 -22.53 64.29 16.48
C SER G 266 -22.02 64.64 15.10
N LEU G 267 -20.70 64.59 14.88
CA LEU G 267 -20.09 65.06 13.64
C LEU G 267 -19.66 63.93 12.71
N TYR G 268 -19.90 62.67 13.07
CA TYR G 268 -19.51 61.56 12.22
C TYR G 268 -20.33 60.33 12.58
N ILE G 269 -20.17 59.30 11.74
CA ILE G 269 -20.80 57.99 11.96
C ILE G 269 -19.70 56.95 12.01
N LYS G 270 -19.73 56.11 13.05
CA LYS G 270 -18.56 55.28 13.38
C LYS G 270 -18.36 54.12 12.42
N GLY G 271 -19.40 53.68 11.72
CA GLY G 271 -19.26 52.50 10.88
C GLY G 271 -19.57 51.22 11.63
N THR G 272 -19.32 50.10 10.95
CA THR G 272 -19.75 48.81 11.48
C THR G 272 -19.03 48.46 12.78
N ASP G 273 -17.73 48.71 12.85
CA ASP G 273 -16.94 48.48 14.05
C ASP G 273 -17.22 49.60 15.06
N ILE G 274 -18.30 49.43 15.84
CA ILE G 274 -18.72 50.47 16.77
C ILE G 274 -17.71 50.60 17.90
N ARG G 275 -16.53 49.98 17.72
CA ARG G 275 -15.37 50.10 18.58
C ARG G 275 -14.23 50.79 17.85
N ALA G 276 -14.55 51.80 17.03
CA ALA G 276 -13.61 52.47 16.15
C ALA G 276 -13.00 53.68 16.84
N ASN G 277 -11.67 53.69 16.96
CA ASN G 277 -10.95 54.89 17.39
C ASN G 277 -10.95 55.90 16.25
N PRO G 278 -11.42 57.13 16.44
CA PRO G 278 -11.36 58.12 15.36
C PRO G 278 -9.92 58.47 15.00
N GLY G 279 -9.63 58.47 13.70
CA GLY G 279 -8.30 58.81 13.24
C GLY G 279 -7.90 60.23 13.63
N SER G 280 -6.61 60.50 13.51
CA SER G 280 -6.09 61.82 13.84
C SER G 280 -6.76 62.89 12.99
N TYR G 281 -7.30 63.90 13.67
CA TYR G 281 -8.02 65.01 13.03
C TYR G 281 -7.35 66.34 13.35
N LEU G 282 -6.04 66.35 13.52
CA LEU G 282 -5.27 67.57 13.71
C LEU G 282 -4.43 67.76 12.45
N TYR G 283 -4.88 68.64 11.57
CA TYR G 283 -4.27 68.83 10.26
C TYR G 283 -3.46 70.12 10.26
N SER G 284 -2.20 70.02 9.82
CA SER G 284 -1.30 71.16 9.73
C SER G 284 -0.65 71.14 8.36
N PRO G 285 -0.77 72.20 7.58
CA PRO G 285 -0.17 72.20 6.24
C PRO G 285 1.29 72.61 6.28
N SER G 286 2.00 72.19 5.24
CA SER G 286 3.37 72.65 5.04
C SER G 286 3.34 73.97 4.29
N PRO G 287 3.81 75.06 4.87
CA PRO G 287 3.77 76.36 4.18
C PRO G 287 4.74 76.40 3.00
N SER G 288 4.50 77.35 2.11
CA SER G 288 5.41 77.56 1.00
C SER G 288 5.26 78.99 0.50
N GLY G 289 6.38 79.62 0.18
CA GLY G 289 6.39 81.00 -0.25
C GLY G 289 6.28 81.20 -1.75
N SER G 290 5.97 80.16 -2.50
CA SER G 290 5.76 80.22 -3.95
C SER G 290 6.98 80.84 -4.61
N VAL G 291 6.77 81.56 -5.71
CA VAL G 291 7.87 82.10 -6.50
C VAL G 291 8.39 83.38 -5.87
N VAL G 292 9.71 83.52 -5.84
CA VAL G 292 10.37 84.75 -5.43
C VAL G 292 10.85 85.45 -6.69
N THR G 293 10.35 86.65 -6.93
CA THR G 293 10.69 87.42 -8.11
C THR G 293 11.08 88.84 -7.70
N SER G 294 11.96 89.44 -8.50
CA SER G 294 12.38 90.82 -8.22
C SER G 294 11.26 91.83 -8.49
N ASP G 295 10.19 91.41 -9.17
CA ASP G 295 9.04 92.30 -9.32
C ASP G 295 8.36 92.53 -7.97
N SER G 296 8.31 91.50 -7.13
CA SER G 296 7.77 91.64 -5.79
C SER G 296 8.80 92.15 -4.80
N GLN G 297 10.00 92.48 -5.26
CA GLN G 297 11.05 92.95 -4.37
C GLN G 297 10.66 94.29 -3.74
N LEU G 298 11.07 94.48 -2.49
CA LEU G 298 10.66 95.63 -1.71
C LEU G 298 11.82 96.49 -1.24
N PHE G 299 13.06 96.06 -1.42
CA PHE G 299 14.23 96.79 -0.96
C PHE G 299 15.05 97.25 -2.16
N ASN G 300 16.24 97.78 -1.88
CA ASN G 300 17.11 98.40 -2.88
C ASN G 300 16.41 99.55 -3.61
N LYS G 301 15.37 100.11 -3.00
CA LYS G 301 14.62 101.22 -3.54
C LYS G 301 14.62 102.38 -2.56
N PRO G 302 14.67 103.62 -3.04
CA PRO G 302 14.56 104.76 -2.14
C PRO G 302 13.12 105.01 -1.71
N TYR G 303 12.95 105.30 -0.43
CA TYR G 303 11.66 105.65 0.14
C TYR G 303 11.80 106.96 0.89
N TRP G 304 10.97 107.93 0.55
CA TRP G 304 11.01 109.27 1.12
C TRP G 304 9.84 109.44 2.08
N LEU G 305 10.16 109.75 3.33
CA LEU G 305 9.14 109.92 4.36
C LEU G 305 8.69 111.38 4.35
N HIS G 306 7.44 111.59 3.98
CA HIS G 306 6.86 112.93 4.02
C HIS G 306 5.91 113.06 5.19
N LYS G 307 4.78 112.35 5.13
CA LYS G 307 3.82 112.30 6.22
C LYS G 307 3.92 110.94 6.91
N ALA G 308 4.11 110.97 8.23
CA ALA G 308 4.16 109.74 9.00
C ALA G 308 2.74 109.30 9.36
N GLN G 309 2.63 108.04 9.82
CA GLN G 309 1.33 107.53 10.22
C GLN G 309 0.89 108.12 11.55
N GLY G 310 1.83 108.38 12.45
CA GLY G 310 1.54 108.93 13.76
C GLY G 310 1.86 110.42 13.83
N LEU G 311 1.78 110.94 15.06
CA LEU G 311 2.05 112.36 15.26
C LEU G 311 3.53 112.67 15.17
N ASN G 312 4.39 111.76 15.61
CA ASN G 312 5.83 111.91 15.40
C ASN G 312 6.12 111.72 13.92
N ASN G 313 6.54 112.78 13.25
CA ASN G 313 6.74 112.76 11.80
C ASN G 313 8.21 112.51 11.47
N GLY G 314 8.69 111.35 11.88
CA GLY G 314 10.05 110.95 11.56
C GLY G 314 11.12 111.70 12.31
N ILE G 315 10.85 112.11 13.55
CA ILE G 315 11.81 112.82 14.36
C ILE G 315 12.56 111.82 15.23
N CYS G 316 13.89 111.85 15.14
CA CYS G 316 14.74 110.86 15.82
C CYS G 316 15.13 111.40 17.19
N TRP G 317 14.24 111.23 18.16
CA TRP G 317 14.53 111.61 19.53
C TRP G 317 15.74 110.85 20.07
N HIS G 318 16.50 111.52 20.92
CA HIS G 318 17.73 110.98 21.52
C HIS G 318 18.78 110.64 20.47
N ASN G 319 18.64 111.18 19.25
CA ASN G 319 19.64 111.02 18.19
C ASN G 319 19.90 109.55 17.90
N GLN G 320 18.83 108.77 17.83
CA GLN G 320 18.92 107.35 17.50
C GLN G 320 17.75 106.98 16.59
N LEU G 321 17.89 105.86 15.92
CA LEU G 321 16.90 105.43 14.93
C LEU G 321 16.91 103.91 14.87
N PHE G 322 15.73 103.32 15.07
CA PHE G 322 15.55 101.87 15.09
C PHE G 322 14.97 101.42 13.76
N LEU G 323 15.65 100.46 13.11
CA LEU G 323 15.25 99.97 11.80
C LEU G 323 14.99 98.47 11.90
N THR G 324 13.71 98.09 11.81
CA THR G 324 13.32 96.69 11.77
C THR G 324 13.10 96.28 10.32
N VAL G 325 13.67 95.14 9.93
CA VAL G 325 13.59 94.70 8.54
C VAL G 325 13.64 93.18 8.50
N VAL G 326 12.77 92.60 7.66
CA VAL G 326 12.74 91.17 7.38
C VAL G 326 12.75 90.97 5.87
N ASP G 327 13.66 90.12 5.40
CA ASP G 327 13.79 89.82 3.97
C ASP G 327 14.07 88.33 3.82
N THR G 328 13.06 87.59 3.38
CA THR G 328 13.17 86.15 3.17
C THR G 328 13.34 85.79 1.70
N THR G 329 13.55 86.79 0.84
CA THR G 329 13.73 86.57 -0.58
C THR G 329 15.16 86.20 -0.96
N ARG G 330 16.05 86.08 0.02
CA ARG G 330 17.44 85.68 -0.18
C ARG G 330 17.81 84.57 0.79
N SER G 331 16.96 83.55 0.87
CA SER G 331 17.06 82.50 1.86
C SER G 331 17.91 81.31 1.41
N THR G 332 18.58 81.41 0.26
CA THR G 332 19.43 80.32 -0.20
C THR G 332 20.54 80.04 0.81
N ASN G 333 20.90 78.77 0.92
CA ASN G 333 21.88 78.31 1.90
C ASN G 333 23.08 77.72 1.18
N LEU G 334 24.27 78.19 1.53
CA LEU G 334 25.50 77.63 0.97
C LEU G 334 25.82 76.31 1.66
N SER G 335 26.14 75.29 0.86
CA SER G 335 26.55 74.00 1.38
C SER G 335 28.04 73.82 1.09
N VAL G 336 28.86 73.87 2.14
CA VAL G 336 30.31 73.69 2.02
C VAL G 336 30.66 72.33 2.59
N CYS G 337 31.45 71.56 1.87
CA CYS G 337 31.86 70.24 2.32
C CYS G 337 33.36 70.08 2.17
N ALA G 338 33.98 69.39 3.14
CA ALA G 338 35.42 69.20 3.16
C ALA G 338 35.74 67.73 3.39
N SER G 339 36.70 67.21 2.65
CA SER G 339 37.06 65.80 2.76
C SER G 339 37.74 65.54 4.11
N THR G 340 37.45 64.36 4.67
CA THR G 340 38.05 63.97 5.93
C THR G 340 39.48 63.45 5.78
N THR G 341 39.84 62.97 4.60
CA THR G 341 41.22 62.62 4.31
C THR G 341 41.99 63.86 3.89
N SER G 342 43.29 63.88 4.21
CA SER G 342 44.13 65.05 3.93
C SER G 342 44.06 65.43 2.45
N SER G 343 44.17 64.45 1.56
CA SER G 343 43.89 64.64 0.15
C SER G 343 42.88 63.59 -0.28
N ILE G 344 41.99 63.98 -1.18
CA ILE G 344 40.88 63.09 -1.55
C ILE G 344 41.41 61.92 -2.35
N PRO G 345 41.10 60.68 -1.98
CA PRO G 345 41.24 59.57 -2.92
C PRO G 345 40.14 59.65 -3.97
N ASN G 346 40.52 59.45 -5.23
CA ASN G 346 39.55 59.64 -6.31
C ASN G 346 38.46 58.59 -6.26
N VAL G 347 37.84 58.42 -5.08
CA VAL G 347 36.74 57.51 -4.85
C VAL G 347 35.82 58.17 -3.83
N TYR G 348 34.53 58.20 -4.14
CA TYR G 348 33.56 58.85 -3.27
C TYR G 348 32.94 57.84 -2.32
N THR G 349 32.98 58.18 -1.02
CA THR G 349 32.26 57.47 0.02
C THR G 349 31.66 58.52 0.94
N PRO G 350 30.42 58.33 1.38
CA PRO G 350 29.79 59.35 2.23
C PRO G 350 30.54 59.60 3.53
N THR G 351 31.35 58.64 4.00
CA THR G 351 32.11 58.81 5.23
C THR G 351 33.33 59.70 5.05
N SER G 352 33.71 60.03 3.81
CA SER G 352 34.92 60.80 3.53
C SER G 352 34.62 62.25 3.19
N PHE G 353 33.46 62.76 3.56
CA PHE G 353 33.12 64.16 3.31
C PHE G 353 32.25 64.69 4.45
N LYS G 354 32.67 65.79 5.03
CA LYS G 354 31.90 66.50 6.05
C LYS G 354 31.09 67.60 5.39
N GLU G 355 29.80 67.66 5.72
CA GLU G 355 28.87 68.60 5.12
C GLU G 355 28.47 69.66 6.13
N TYR G 356 28.54 70.91 5.72
CA TYR G 356 28.20 72.06 6.55
C TYR G 356 27.26 72.97 5.78
N ALA G 357 26.31 73.58 6.50
CA ALA G 357 25.37 74.52 5.93
C ALA G 357 25.62 75.90 6.54
N ARG G 358 25.91 76.88 5.70
CA ARG G 358 26.17 78.24 6.12
C ARG G 358 25.23 79.21 5.40
N HIS G 359 24.81 80.25 6.11
CA HIS G 359 23.94 81.27 5.57
C HIS G 359 24.58 82.64 5.73
N VAL G 360 24.16 83.56 4.85
CA VAL G 360 24.80 84.84 4.66
C VAL G 360 23.72 85.93 4.58
N GLU G 361 23.98 87.07 5.23
CA GLU G 361 23.12 88.24 5.15
C GLU G 361 23.99 89.45 4.82
N GLU G 362 23.52 90.26 3.87
CA GLU G 362 24.26 91.44 3.42
C GLU G 362 23.33 92.63 3.30
N PHE G 363 23.71 93.74 3.93
CA PHE G 363 22.93 94.96 4.00
C PHE G 363 23.81 96.15 3.68
N ASP G 364 23.14 97.27 3.37
CA ASP G 364 23.83 98.54 3.15
C ASP G 364 22.80 99.64 3.43
N LEU G 365 22.80 100.13 4.67
CA LEU G 365 21.80 101.10 5.10
C LEU G 365 22.19 102.51 4.67
N GLN G 366 21.23 103.24 4.11
CA GLN G 366 21.45 104.62 3.69
C GLN G 366 20.28 105.49 4.14
N PHE G 367 20.61 106.71 4.57
CA PHE G 367 19.64 107.60 5.18
C PHE G 367 19.90 109.03 4.75
N ILE G 368 18.82 109.80 4.64
CA ILE G 368 18.86 111.25 4.42
C ILE G 368 18.13 111.89 5.60
N PHE G 369 18.88 112.64 6.41
CA PHE G 369 18.38 113.30 7.60
C PHE G 369 18.26 114.80 7.37
N GLN G 370 17.34 115.42 8.11
CA GLN G 370 17.09 116.85 8.02
C GLN G 370 17.27 117.48 9.39
N LEU G 371 18.05 118.54 9.46
CA LEU G 371 18.28 119.23 10.72
C LEU G 371 17.08 120.10 11.07
N CYS G 372 16.70 120.10 12.35
CA CYS G 372 15.51 120.80 12.78
C CYS G 372 15.79 121.58 14.05
N LYS G 373 15.00 122.63 14.27
CA LYS G 373 15.05 123.44 15.47
C LYS G 373 13.79 123.22 16.29
N ILE G 374 13.92 123.37 17.60
CA ILE G 374 12.79 123.27 18.52
C ILE G 374 12.88 124.46 19.47
N THR G 375 11.99 125.43 19.30
CA THR G 375 11.96 126.61 20.16
C THR G 375 11.44 126.22 21.54
N LEU G 376 12.30 126.30 22.54
CA LEU G 376 11.97 125.85 23.90
C LEU G 376 11.10 126.91 24.55
N THR G 377 9.83 126.92 24.15
CA THR G 377 8.83 127.80 24.74
C THR G 377 8.34 127.21 26.06
N THR G 378 7.49 127.96 26.76
CA THR G 378 6.61 127.35 27.75
C THR G 378 5.51 126.59 27.02
N GLU G 379 4.62 125.95 27.78
CA GLU G 379 3.61 125.06 27.22
C GLU G 379 4.32 123.94 26.44
N VAL G 380 5.07 124.30 25.41
CA VAL G 380 6.09 123.44 24.83
C VAL G 380 7.13 123.19 25.92
N MET G 381 8.02 122.23 25.71
CA MET G 381 9.03 121.82 26.67
C MET G 381 8.38 121.17 27.89
N SER G 382 7.37 121.80 28.46
CA SER G 382 6.52 121.11 29.44
C SER G 382 5.74 119.99 28.76
N TYR G 383 5.29 120.24 27.53
CA TYR G 383 4.72 119.16 26.71
C TYR G 383 5.78 118.11 26.40
N ILE G 384 6.99 118.56 26.08
CA ILE G 384 8.09 117.62 25.85
C ILE G 384 8.43 116.88 27.13
N HIS G 385 8.34 117.56 28.28
CA HIS G 385 8.61 116.91 29.56
C HIS G 385 7.58 115.82 29.84
N ASN G 386 6.29 116.12 29.63
CA ASN G 386 5.26 115.10 29.79
C ASN G 386 5.40 113.99 28.76
N MET G 387 6.00 114.29 27.61
CA MET G 387 6.26 113.27 26.59
C MET G 387 7.39 112.35 27.04
N ASN G 388 8.57 112.92 27.25
CA ASN G 388 9.73 112.16 27.71
C ASN G 388 10.58 113.09 28.55
N THR G 389 10.58 112.87 29.87
CA THR G 389 11.40 113.68 30.76
C THR G 389 12.87 113.59 30.41
N THR G 390 13.31 112.43 29.91
CA THR G 390 14.71 112.22 29.58
C THR G 390 15.18 113.03 28.38
N ILE G 391 14.24 113.56 27.57
CA ILE G 391 14.64 114.43 26.47
C ILE G 391 15.23 115.73 27.01
N LEU G 392 14.49 116.40 27.90
CA LEU G 392 15.01 117.59 28.56
C LEU G 392 16.17 117.25 29.49
N GLU G 393 16.07 116.12 30.19
CA GLU G 393 17.14 115.72 31.10
C GLU G 393 18.47 115.56 30.39
N ASP G 394 18.45 114.93 29.20
CA ASP G 394 19.67 114.78 28.43
C ASP G 394 20.10 116.08 27.76
N TRP G 395 19.16 117.01 27.54
CA TRP G 395 19.52 118.33 27.06
C TRP G 395 19.87 119.25 28.21
N ASN G 396 19.35 120.48 28.19
CA ASN G 396 19.61 121.47 29.23
C ASN G 396 18.47 122.47 29.31
N GLN G 431 21.46 106.66 32.24
CA GLN G 431 21.12 105.26 32.01
C GLN G 431 20.21 105.12 30.79
N ASP G 432 19.99 103.88 30.36
CA ASP G 432 19.25 103.60 29.13
C ASP G 432 18.50 102.28 29.26
N PRO G 433 17.18 102.28 29.01
CA PRO G 433 16.40 101.04 29.16
C PRO G 433 16.56 100.04 28.02
N TYR G 434 17.22 100.43 26.93
CA TYR G 434 17.30 99.58 25.75
C TYR G 434 18.59 98.76 25.67
N ASP G 435 19.54 98.97 26.59
CA ASP G 435 20.75 98.18 26.57
C ASP G 435 20.55 96.77 27.11
N LYS G 436 19.41 96.50 27.73
CA LYS G 436 19.08 95.13 28.12
C LYS G 436 18.66 94.28 26.93
N LEU G 437 18.33 94.90 25.81
CA LEU G 437 17.91 94.19 24.60
C LEU G 437 19.06 94.12 23.61
N LYS G 438 18.97 93.16 22.70
CA LYS G 438 20.02 92.91 21.71
C LYS G 438 19.64 93.56 20.39
N PHE G 439 20.51 94.45 19.89
CA PHE G 439 20.32 95.12 18.61
C PHE G 439 21.60 94.97 17.78
N TRP G 440 21.47 95.28 16.48
CA TRP G 440 22.63 95.39 15.61
C TRP G 440 23.09 96.85 15.65
N PRO G 441 24.20 97.17 16.28
CA PRO G 441 24.60 98.59 16.42
C PRO G 441 25.13 99.13 15.10
N VAL G 442 24.67 100.32 14.73
CA VAL G 442 25.12 101.02 13.54
C VAL G 442 25.47 102.44 13.96
N ASP G 443 26.76 102.74 14.03
CA ASP G 443 27.25 104.04 14.46
C ASP G 443 27.47 104.93 13.25
N LEU G 444 26.66 105.98 13.13
CA LEU G 444 26.77 106.92 12.03
C LEU G 444 27.21 108.30 12.48
N LYS G 445 27.73 108.44 13.70
CA LYS G 445 28.18 109.74 14.17
C LYS G 445 29.33 110.30 13.35
N GLU G 446 30.18 109.43 12.80
CA GLU G 446 31.31 109.86 11.98
C GLU G 446 31.03 109.74 10.50
N ARG G 447 29.76 109.55 10.11
CA ARG G 447 29.40 109.27 8.73
C ARG G 447 28.47 110.31 8.12
N PHE G 448 28.16 111.38 8.84
CA PHE G 448 27.33 112.45 8.30
C PHE G 448 28.12 113.31 7.32
N SER G 449 27.46 113.69 6.22
CA SER G 449 28.09 114.54 5.23
C SER G 449 27.01 115.40 4.58
N ALA G 450 27.33 116.67 4.39
CA ALA G 450 26.40 117.62 3.77
C ALA G 450 26.49 117.63 2.25
N ASP G 451 27.53 117.03 1.68
CA ASP G 451 27.68 116.95 0.22
C ASP G 451 26.84 115.79 -0.29
N LEU G 452 25.55 116.05 -0.48
CA LEU G 452 24.61 115.01 -0.85
C LEU G 452 24.89 114.46 -2.24
N ASP G 453 25.39 115.29 -3.15
CA ASP G 453 25.64 114.85 -4.52
C ASP G 453 26.78 113.84 -4.63
N GLN G 454 27.45 113.53 -3.53
CA GLN G 454 28.54 112.56 -3.52
C GLN G 454 28.07 111.14 -3.24
N PHE G 455 26.77 110.94 -3.01
CA PHE G 455 26.24 109.63 -2.65
C PHE G 455 25.04 109.30 -3.51
N PRO G 456 24.81 108.01 -3.81
CA PRO G 456 23.67 107.62 -4.65
C PRO G 456 22.33 108.06 -4.05
N LEU G 457 22.07 107.66 -2.81
CA LEU G 457 20.84 108.10 -2.15
C LEU G 457 20.80 109.62 -2.04
N GLY G 458 21.96 110.26 -1.87
CA GLY G 458 22.00 111.70 -1.82
C GLY G 458 21.60 112.33 -3.15
N ARG G 459 22.06 111.76 -4.26
CA ARG G 459 21.66 112.26 -5.57
C ARG G 459 20.17 112.04 -5.81
N LYS G 460 19.69 110.83 -5.52
CA LYS G 460 18.25 110.57 -5.65
C LYS G 460 17.43 111.52 -4.79
N PHE G 461 17.96 111.93 -3.64
CA PHE G 461 17.24 112.91 -2.82
C PHE G 461 17.34 114.32 -3.40
N LEU G 462 18.44 114.63 -4.09
CA LEU G 462 18.53 115.92 -4.77
C LEU G 462 17.59 116.00 -5.96
N LEU G 463 17.14 114.87 -6.49
CA LEU G 463 16.08 114.85 -7.50
C LEU G 463 14.72 115.01 -6.83
N GLN G 464 14.60 116.00 -5.95
CA GLN G 464 13.33 116.29 -5.30
C GLN G 464 13.00 117.76 -5.19
N LEU G 465 13.96 118.66 -5.40
CA LEU G 465 13.74 120.11 -5.44
C LEU G 465 12.40 120.52 -6.05
N LYS H 12 -43.54 105.78 -2.90
CA LYS H 12 -42.28 106.00 -3.60
C LYS H 12 -41.18 106.36 -2.60
N VAL H 13 -40.08 105.62 -2.63
CA VAL H 13 -38.97 105.83 -1.71
C VAL H 13 -38.07 106.94 -2.24
N VAL H 14 -37.56 107.77 -1.33
CA VAL H 14 -36.80 108.96 -1.66
C VAL H 14 -35.40 108.83 -1.06
N SER H 15 -34.40 109.34 -1.78
CA SER H 15 -33.03 109.32 -1.28
C SER H 15 -32.92 110.07 0.04
N THR H 16 -32.08 109.56 0.95
CA THR H 16 -31.91 110.19 2.25
C THR H 16 -31.13 111.49 2.18
N ASP H 17 -30.43 111.75 1.07
CA ASP H 17 -29.72 113.01 0.94
C ASP H 17 -30.65 114.20 0.69
N GLU H 18 -31.96 113.97 0.57
CA GLU H 18 -32.91 115.04 0.32
C GLU H 18 -33.66 115.49 1.57
N TYR H 19 -33.65 114.69 2.64
CA TYR H 19 -34.33 115.06 3.87
C TYR H 19 -33.45 114.86 5.10
N VAL H 20 -32.14 114.67 4.92
CA VAL H 20 -31.20 114.53 6.01
C VAL H 20 -30.02 115.44 5.69
N THR H 21 -30.02 116.65 6.25
CA THR H 21 -28.93 117.59 6.04
C THR H 21 -27.74 117.25 6.93
N ARG H 22 -26.56 117.39 6.37
CA ARG H 22 -25.32 117.00 7.04
C ARG H 22 -24.61 118.22 7.61
N THR H 23 -23.78 117.97 8.63
CA THR H 23 -23.01 119.01 9.29
C THR H 23 -21.52 118.72 9.13
N SER H 24 -20.71 119.66 9.58
CA SER H 24 -19.26 119.50 9.61
C SER H 24 -18.77 118.86 10.90
N ILE H 25 -19.69 118.43 11.76
CA ILE H 25 -19.34 117.77 13.01
C ILE H 25 -19.00 116.31 12.69
N PHE H 26 -17.75 115.93 12.94
CA PHE H 26 -17.27 114.57 12.70
C PHE H 26 -16.69 114.00 13.98
N TYR H 27 -16.92 112.71 14.21
CA TYR H 27 -16.39 112.02 15.37
C TYR H 27 -15.67 110.75 14.95
N HIS H 28 -14.64 110.40 15.70
CA HIS H 28 -13.94 109.13 15.54
C HIS H 28 -14.38 108.17 16.65
N ALA H 29 -14.72 106.96 16.27
CA ALA H 29 -15.11 105.93 17.23
C ALA H 29 -14.34 104.65 16.92
N GLY H 30 -13.87 103.97 17.97
CA GLY H 30 -13.10 102.77 17.74
C GLY H 30 -13.05 101.80 18.90
N SER H 31 -13.27 100.53 18.62
CA SER H 31 -13.08 99.50 19.63
C SER H 31 -11.59 99.28 19.86
N SER H 32 -11.28 98.76 21.04
CA SER H 32 -9.92 98.32 21.35
C SER H 32 -9.62 97.03 20.60
N ARG H 33 -8.53 96.37 20.98
CA ARG H 33 -8.21 95.07 20.37
C ARG H 33 -9.31 94.07 20.69
N LEU H 34 -9.83 93.44 19.64
CA LEU H 34 -10.78 92.34 19.78
C LEU H 34 -10.04 91.05 19.43
N LEU H 35 -10.19 90.03 20.27
CA LEU H 35 -9.57 88.76 19.96
C LEU H 35 -10.45 87.64 20.46
N THR H 36 -10.39 86.51 19.77
CA THR H 36 -11.12 85.31 20.18
C THR H 36 -10.29 84.10 19.81
N VAL H 37 -10.16 83.17 20.76
CA VAL H 37 -9.44 81.93 20.55
C VAL H 37 -10.44 80.79 20.72
N GLY H 38 -10.14 79.65 20.11
CA GLY H 38 -11.01 78.51 20.28
C GLY H 38 -10.59 77.34 19.43
N HIS H 39 -11.51 76.40 19.25
CA HIS H 39 -11.19 75.28 18.38
C HIS H 39 -11.65 75.60 16.96
N PRO H 40 -10.85 75.28 15.94
CA PRO H 40 -11.20 75.68 14.58
C PRO H 40 -12.33 74.88 13.96
N TYR H 41 -12.65 73.70 14.50
CA TYR H 41 -13.61 72.81 13.86
C TYR H 41 -14.93 72.69 14.60
N PHE H 42 -14.93 72.70 15.93
CA PHE H 42 -16.15 72.43 16.68
C PHE H 42 -15.99 72.91 18.11
N LYS H 43 -17.12 73.17 18.76
CA LYS H 43 -17.11 73.48 20.18
C LYS H 43 -16.67 72.27 20.98
N VAL H 44 -15.66 72.46 21.84
CA VAL H 44 -15.14 71.36 22.65
C VAL H 44 -15.61 71.58 24.09
N PRO H 45 -16.62 70.84 24.54
CA PRO H 45 -17.10 71.01 25.92
C PRO H 45 -16.17 70.34 26.95
N LYS H 46 -15.97 71.05 28.05
CA LYS H 46 -15.23 70.53 29.20
C LYS H 46 -16.13 70.67 30.43
N GLY H 47 -16.41 69.55 31.09
CA GLY H 47 -17.26 69.57 32.26
C GLY H 47 -16.67 70.39 33.38
N GLY H 48 -17.38 71.44 33.79
CA GLY H 48 -16.90 72.30 34.85
C GLY H 48 -17.72 72.20 36.13
N ASN H 49 -17.95 73.29 36.88
CA ASN H 49 -17.53 74.67 36.60
C ASN H 49 -17.94 75.19 35.22
N GLY H 50 -19.20 74.96 34.86
CA GLY H 50 -19.70 75.33 33.56
C GLY H 50 -19.70 76.83 33.31
N ARG H 51 -18.96 77.28 32.29
CA ARG H 51 -18.17 76.40 31.43
C ARG H 51 -16.79 77.00 31.15
N GLN H 52 -15.75 76.17 31.18
CA GLN H 52 -14.44 76.54 30.65
C GLN H 52 -14.20 75.95 29.27
N ASP H 53 -15.25 75.81 28.48
CA ASP H 53 -15.15 75.23 27.16
C ASP H 53 -14.49 76.22 26.20
N VAL H 54 -13.93 75.68 25.12
CA VAL H 54 -13.41 76.49 24.03
C VAL H 54 -14.49 76.56 22.96
N PRO H 55 -14.76 77.73 22.40
CA PRO H 55 -15.81 77.86 21.38
C PRO H 55 -15.27 77.54 19.98
N LYS H 56 -16.19 77.48 19.03
CA LYS H 56 -15.82 77.28 17.64
C LYS H 56 -15.37 78.61 17.07
N VAL H 57 -14.07 78.75 16.83
CA VAL H 57 -13.48 79.97 16.27
C VAL H 57 -12.78 79.55 14.99
N SER H 58 -13.46 79.68 13.86
CA SER H 58 -12.93 79.32 12.57
C SER H 58 -12.71 80.56 11.72
N ALA H 59 -11.67 80.52 10.89
CA ALA H 59 -11.45 81.61 9.94
C ALA H 59 -12.53 81.66 8.87
N TYR H 60 -13.31 80.59 8.73
CA TYR H 60 -14.42 80.53 7.78
C TYR H 60 -15.76 80.78 8.46
N GLN H 61 -15.76 81.66 9.46
CA GLN H 61 -16.98 82.07 10.15
C GLN H 61 -17.29 83.52 9.82
N TYR H 62 -18.57 83.84 9.69
CA TYR H 62 -18.98 85.23 9.53
C TYR H 62 -18.75 85.98 10.84
N ARG H 63 -18.15 87.16 10.73
CA ARG H 63 -17.98 88.06 11.86
C ARG H 63 -18.96 89.22 11.69
N VAL H 64 -20.00 89.25 12.52
CA VAL H 64 -21.07 90.24 12.42
C VAL H 64 -21.03 91.07 13.70
N PHE H 65 -20.48 92.27 13.62
CA PHE H 65 -20.40 93.17 14.75
C PHE H 65 -21.64 94.07 14.80
N ARG H 66 -22.29 94.12 15.95
CA ARG H 66 -23.37 95.07 16.22
C ARG H 66 -22.76 96.24 16.98
N VAL H 67 -22.50 97.33 16.28
CA VAL H 67 -21.87 98.51 16.86
C VAL H 67 -23.00 99.42 17.35
N LYS H 68 -23.08 99.61 18.66
CA LYS H 68 -24.07 100.49 19.24
C LYS H 68 -23.46 101.88 19.41
N LEU H 69 -24.14 102.88 18.89
CA LEU H 69 -23.71 104.26 18.91
C LEU H 69 -24.49 105.06 19.95
N PRO H 70 -23.89 106.12 20.50
CA PRO H 70 -24.63 106.95 21.44
C PRO H 70 -25.72 107.74 20.73
N ASP H 71 -26.84 107.92 21.41
CA ASP H 71 -27.94 108.70 20.85
C ASP H 71 -27.50 110.14 20.66
N PRO H 72 -27.43 110.65 19.42
CA PRO H 72 -27.00 112.04 19.23
C PRO H 72 -27.95 113.05 19.81
N ASN H 73 -29.24 112.71 19.96
CA ASN H 73 -30.17 113.60 20.64
C ASN H 73 -29.92 113.60 22.14
N LYS H 74 -29.62 112.44 22.71
CA LYS H 74 -29.24 112.35 24.12
C LYS H 74 -27.81 112.84 24.35
N PHE H 75 -26.99 112.92 23.31
CA PHE H 75 -25.64 113.45 23.44
C PHE H 75 -25.69 114.91 23.85
N GLY H 76 -25.02 115.24 24.95
CA GLY H 76 -25.07 116.60 25.48
C GLY H 76 -23.80 117.41 25.28
N LEU H 77 -22.94 116.98 24.37
CA LEU H 77 -21.69 117.67 24.12
C LEU H 77 -21.84 118.80 23.09
N PRO H 78 -22.50 118.60 21.95
CA PRO H 78 -22.69 119.72 21.04
C PRO H 78 -23.68 120.74 21.60
N ASP H 79 -23.46 122.00 21.22
CA ASP H 79 -24.31 123.08 21.70
C ASP H 79 -25.59 123.17 20.87
N ASN H 80 -26.60 123.84 21.44
CA ASN H 80 -27.92 124.01 20.84
C ASN H 80 -27.90 124.91 19.60
N THR H 81 -26.74 125.33 19.11
CA THR H 81 -26.67 126.11 17.88
C THR H 81 -26.78 125.21 16.65
N VAL H 82 -26.43 123.93 16.78
CA VAL H 82 -26.48 123.03 15.63
C VAL H 82 -27.92 122.64 15.27
N TYR H 83 -28.82 122.60 16.24
CA TYR H 83 -30.20 122.21 15.98
C TYR H 83 -31.08 122.63 17.14
N ASP H 84 -32.39 122.62 16.90
CA ASP H 84 -33.39 122.91 17.90
C ASP H 84 -34.26 121.68 18.14
N PRO H 85 -34.40 121.23 19.39
CA PRO H 85 -35.18 120.00 19.64
C PRO H 85 -36.69 120.20 19.55
N ASN H 86 -37.13 121.14 18.71
CA ASN H 86 -38.54 121.40 18.49
C ASN H 86 -39.07 120.76 17.22
N SER H 87 -38.34 120.88 16.11
CA SER H 87 -38.75 120.28 14.85
C SER H 87 -37.62 119.50 14.18
N GLN H 88 -36.50 119.30 14.85
CA GLN H 88 -35.36 118.60 14.27
C GLN H 88 -34.86 117.52 15.22
N ARG H 89 -34.36 116.43 14.64
CA ARG H 89 -33.77 115.33 15.40
C ARG H 89 -32.45 114.95 14.77
N LEU H 90 -31.58 114.36 15.58
CA LEU H 90 -30.22 114.03 15.15
C LEU H 90 -30.11 112.54 14.83
N VAL H 91 -29.17 112.23 13.94
CA VAL H 91 -28.89 110.85 13.56
C VAL H 91 -27.45 110.77 13.06
N TRP H 92 -26.78 109.67 13.38
CA TRP H 92 -25.40 109.47 12.97
C TRP H 92 -25.34 108.94 11.53
N ALA H 93 -24.34 109.40 10.79
CA ALA H 93 -24.10 108.96 9.42
C ALA H 93 -22.68 108.44 9.32
N CYS H 94 -22.54 107.22 8.79
CA CYS H 94 -21.23 106.60 8.66
C CYS H 94 -20.49 107.18 7.46
N VAL H 95 -19.23 107.57 7.68
CA VAL H 95 -18.40 108.17 6.64
C VAL H 95 -17.15 107.34 6.37
N GLY H 96 -16.46 106.90 7.42
CA GLY H 96 -15.23 106.15 7.26
C GLY H 96 -15.24 104.87 8.07
N VAL H 97 -14.57 103.85 7.53
CA VAL H 97 -14.45 102.55 8.18
C VAL H 97 -13.07 101.99 7.90
N GLU H 98 -12.40 101.51 8.95
CA GLU H 98 -11.15 100.77 8.82
C GLU H 98 -11.24 99.52 9.69
N ILE H 99 -11.14 98.35 9.07
CA ILE H 99 -11.22 97.07 9.77
C ILE H 99 -9.79 96.57 9.95
N GLY H 100 -9.35 96.49 11.21
CA GLY H 100 -8.01 96.04 11.51
C GLY H 100 -7.96 94.54 11.73
N ARG H 101 -7.00 93.88 11.07
CA ARG H 101 -6.73 92.46 11.27
C ARG H 101 -5.33 92.31 11.84
N GLY H 102 -5.19 91.43 12.83
CA GLY H 102 -3.97 91.37 13.60
C GLY H 102 -2.99 90.27 13.24
N GLN H 103 -3.46 89.03 13.20
CA GLN H 103 -2.58 87.89 13.04
C GLN H 103 -1.94 87.90 11.65
N PRO H 104 -0.82 87.18 11.48
CA PRO H 104 -0.17 87.12 10.17
C PRO H 104 -0.96 86.29 9.17
N LEU H 105 -0.66 86.53 7.89
CA LEU H 105 -1.33 85.80 6.82
C LEU H 105 -0.86 84.34 6.82
N GLY H 106 -1.82 83.42 6.69
CA GLY H 106 -1.51 82.01 6.67
C GLY H 106 -2.67 81.21 6.10
N VAL H 107 -2.37 79.98 5.73
CA VAL H 107 -3.37 79.05 5.22
C VAL H 107 -3.51 77.91 6.21
N GLY H 108 -4.76 77.53 6.48
CA GLY H 108 -5.05 76.49 7.45
C GLY H 108 -5.97 75.43 6.86
N LEU H 109 -5.85 74.22 7.39
CA LEU H 109 -6.58 73.08 6.88
C LEU H 109 -7.81 72.77 7.72
N SER H 110 -8.81 72.19 7.06
CA SER H 110 -9.99 71.63 7.70
C SER H 110 -10.23 70.26 7.08
N GLY H 111 -10.48 69.26 7.92
CA GLY H 111 -10.60 67.91 7.42
C GLY H 111 -11.62 67.05 8.12
N HIS H 112 -11.57 65.74 7.85
CA HIS H 112 -12.50 64.75 8.36
C HIS H 112 -11.82 63.38 8.32
N PRO H 113 -11.83 62.64 9.44
CA PRO H 113 -11.22 61.31 9.42
C PRO H 113 -11.97 60.31 8.54
N LEU H 114 -13.28 60.45 8.42
CA LEU H 114 -14.07 59.53 7.61
C LEU H 114 -14.71 60.26 6.43
N TYR H 115 -13.87 60.85 5.58
CA TYR H 115 -14.37 61.55 4.40
C TYR H 115 -14.81 60.55 3.34
N ASN H 116 -15.93 60.84 2.68
CA ASN H 116 -16.50 59.93 1.68
C ASN H 116 -15.74 60.13 0.36
N LYS H 117 -14.58 59.47 0.28
CA LYS H 117 -13.73 59.50 -0.90
C LYS H 117 -13.59 58.07 -1.41
N LEU H 118 -14.19 57.80 -2.57
CA LEU H 118 -14.13 56.46 -3.14
C LEU H 118 -12.88 56.28 -3.98
N ASP H 119 -12.87 56.85 -5.18
CA ASP H 119 -11.77 56.68 -6.11
C ASP H 119 -11.25 58.03 -6.58
N ASP H 120 -9.95 58.06 -6.86
CA ASP H 120 -9.31 59.22 -7.49
C ASP H 120 -9.62 59.21 -8.98
N THR H 121 -10.32 60.25 -9.45
CA THR H 121 -10.70 60.36 -10.86
C THR H 121 -9.82 61.35 -11.62
N GLU H 122 -8.74 61.81 -11.01
CA GLU H 122 -7.82 62.79 -11.59
C GLU H 122 -6.57 62.11 -12.13
N ASN H 123 -6.77 61.07 -12.94
CA ASN H 123 -5.70 60.36 -13.63
C ASN H 123 -5.00 59.42 -12.64
N SER H 124 -5.79 58.62 -11.95
CA SER H 124 -5.27 57.65 -10.99
C SER H 124 -4.90 56.36 -11.73
N HIS H 125 -3.62 56.03 -11.72
CA HIS H 125 -3.15 54.74 -12.21
C HIS H 125 -2.64 53.87 -11.08
N VAL H 126 -2.92 54.25 -9.84
CA VAL H 126 -2.44 53.49 -8.69
C VAL H 126 -3.25 52.20 -8.53
N ALA H 127 -4.55 52.33 -8.27
CA ALA H 127 -5.43 51.18 -8.08
C ALA H 127 -6.87 51.68 -8.10
N SER H 128 -7.81 50.78 -7.81
CA SER H 128 -9.23 51.11 -7.70
C SER H 128 -9.80 50.44 -6.45
N ALA H 129 -10.61 51.17 -5.71
CA ALA H 129 -11.13 50.71 -4.43
C ALA H 129 -12.43 49.93 -4.60
N VAL H 130 -12.61 48.92 -3.75
CA VAL H 130 -13.82 48.12 -3.73
C VAL H 130 -14.88 48.83 -2.88
N ASP H 131 -16.13 48.78 -3.34
CA ASP H 131 -17.21 49.53 -2.73
C ASP H 131 -17.81 48.85 -1.49
N THR H 132 -17.56 47.56 -1.29
CA THR H 132 -18.25 46.81 -0.24
C THR H 132 -18.04 47.43 1.14
N LYS H 133 -16.80 47.45 1.61
CA LYS H 133 -16.51 47.86 2.98
C LYS H 133 -16.53 49.38 3.11
N ASP H 134 -16.15 49.87 4.30
CA ASP H 134 -16.13 51.30 4.61
C ASP H 134 -14.93 51.93 3.92
N THR H 135 -15.14 52.41 2.71
CA THR H 135 -14.08 53.06 1.91
C THR H 135 -14.11 54.58 2.13
N ARG H 136 -13.85 54.96 3.38
CA ARG H 136 -13.82 56.36 3.79
C ARG H 136 -12.42 56.69 4.29
N ASP H 137 -11.78 57.64 3.63
CA ASP H 137 -10.41 58.01 3.91
C ASP H 137 -10.34 59.25 4.80
N ASN H 138 -9.20 59.40 5.48
CA ASN H 138 -8.92 60.59 6.29
C ASN H 138 -8.42 61.68 5.37
N VAL H 139 -9.25 62.71 5.15
CA VAL H 139 -8.98 63.72 4.13
C VAL H 139 -9.03 65.11 4.75
N SER H 140 -8.03 65.92 4.45
CA SER H 140 -8.03 67.34 4.82
C SER H 140 -8.00 68.18 3.55
N VAL H 141 -8.31 69.47 3.72
CA VAL H 141 -8.42 70.36 2.57
C VAL H 141 -8.31 71.80 3.05
N ASP H 142 -7.73 72.65 2.21
CA ASP H 142 -7.73 74.09 2.44
C ASP H 142 -8.90 74.71 1.66
N TYR H 143 -9.74 75.45 2.37
CA TYR H 143 -10.99 75.90 1.78
C TYR H 143 -10.76 76.99 0.75
N LYS H 144 -11.85 77.35 0.08
CA LYS H 144 -11.87 78.50 -0.83
C LYS H 144 -11.55 79.78 -0.06
N GLN H 145 -10.82 80.68 -0.71
CA GLN H 145 -10.42 81.94 -0.08
C GLN H 145 -11.49 83.00 -0.30
N THR H 146 -11.93 83.64 0.78
CA THR H 146 -13.02 84.60 0.72
C THR H 146 -12.74 85.78 1.63
N GLN H 147 -12.80 86.99 1.08
CA GLN H 147 -12.75 88.22 1.85
C GLN H 147 -13.97 89.06 1.49
N LEU H 148 -14.77 89.42 2.50
CA LEU H 148 -15.94 90.25 2.23
C LEU H 148 -16.18 91.20 3.39
N CYS H 149 -16.84 92.31 3.08
CA CYS H 149 -17.13 93.37 4.04
C CYS H 149 -18.41 94.07 3.62
N ILE H 150 -19.36 94.17 4.55
CA ILE H 150 -20.66 94.76 4.32
C ILE H 150 -21.01 95.66 5.49
N ILE H 151 -21.42 96.89 5.22
CA ILE H 151 -21.78 97.86 6.24
C ILE H 151 -23.26 98.23 6.08
N GLY H 152 -23.99 98.23 7.18
CA GLY H 152 -25.39 98.61 7.12
C GLY H 152 -25.88 99.07 8.48
N CYS H 153 -27.20 99.25 8.56
CA CYS H 153 -27.89 99.45 9.82
C CYS H 153 -28.87 98.33 10.11
N VAL H 154 -28.94 97.33 9.23
CA VAL H 154 -29.80 96.15 9.37
C VAL H 154 -28.92 94.95 9.07
N PRO H 155 -29.06 93.83 9.79
CA PRO H 155 -28.19 92.68 9.51
C PRO H 155 -28.28 92.25 8.05
N ALA H 156 -27.13 91.84 7.51
CA ALA H 156 -27.06 91.49 6.10
C ALA H 156 -27.92 90.26 5.81
N ILE H 157 -28.35 90.15 4.55
CA ILE H 157 -29.20 89.07 4.11
C ILE H 157 -28.35 88.07 3.34
N GLY H 158 -28.40 86.80 3.76
CA GLY H 158 -27.68 85.76 3.09
C GLY H 158 -28.61 84.70 2.51
N GLU H 159 -28.10 83.92 1.55
CA GLU H 159 -28.88 82.88 0.91
C GLU H 159 -28.21 81.53 1.14
N HIS H 160 -29.04 80.49 1.20
CA HIS H 160 -28.51 79.13 1.25
C HIS H 160 -29.61 78.17 0.87
N TRP H 161 -29.20 76.99 0.41
CA TRP H 161 -30.13 75.94 0.00
C TRP H 161 -30.41 75.01 1.17
N THR H 162 -31.68 74.68 1.37
CA THR H 162 -32.11 73.83 2.46
C THR H 162 -33.05 72.75 1.93
N LYS H 163 -33.26 71.73 2.76
CA LYS H 163 -34.25 70.71 2.43
C LYS H 163 -35.64 71.34 2.41
N GLY H 164 -36.14 71.63 1.21
CA GLY H 164 -37.42 72.27 1.09
C GLY H 164 -38.56 71.41 1.61
N THR H 165 -39.65 72.06 1.98
CA THR H 165 -40.87 71.38 2.40
C THR H 165 -41.33 70.40 1.32
N ALA H 166 -42.08 69.38 1.71
CA ALA H 166 -42.54 68.37 0.76
C ALA H 166 -43.16 69.03 -0.47
N SER H 167 -42.80 68.51 -1.64
CA SER H 167 -43.20 69.13 -2.91
C SER H 167 -44.71 69.30 -2.99
N LYS H 168 -45.45 68.23 -2.81
CA LYS H 168 -46.91 68.25 -2.83
C LYS H 168 -47.41 67.56 -1.57
N PRO H 169 -48.74 67.53 -1.32
CA PRO H 169 -49.25 66.58 -0.32
C PRO H 169 -49.05 65.15 -0.78
N THR H 170 -47.79 64.78 -1.00
CA THR H 170 -47.41 63.51 -1.62
C THR H 170 -46.53 62.71 -0.67
N THR H 171 -46.86 61.44 -0.50
CA THR H 171 -46.00 60.53 0.25
C THR H 171 -44.87 60.08 -0.68
N VAL H 172 -43.65 60.48 -0.36
CA VAL H 172 -42.48 60.18 -1.17
C VAL H 172 -41.70 59.06 -0.51
N VAL H 173 -41.08 58.21 -1.33
CA VAL H 173 -40.35 57.05 -0.83
C VAL H 173 -39.11 57.51 -0.08
N GLN H 174 -38.75 56.74 0.95
CA GLN H 174 -37.54 57.04 1.70
C GLN H 174 -36.31 56.77 0.83
N GLY H 175 -35.35 57.70 0.89
CA GLY H 175 -34.17 57.63 0.07
C GLY H 175 -34.21 58.46 -1.20
N ASP H 176 -35.38 59.00 -1.55
CA ASP H 176 -35.45 59.89 -2.70
C ASP H 176 -34.80 61.23 -2.39
N CYS H 177 -34.47 61.95 -3.45
CA CYS H 177 -33.82 63.25 -3.29
C CYS H 177 -34.84 64.27 -2.80
N PRO H 178 -34.61 64.93 -1.67
CA PRO H 178 -35.57 65.91 -1.15
C PRO H 178 -35.59 67.16 -2.01
N PRO H 179 -36.67 67.93 -1.97
CA PRO H 179 -36.69 69.18 -2.73
C PRO H 179 -35.73 70.21 -2.13
N LEU H 180 -35.07 70.95 -3.00
CA LEU H 180 -34.14 72.00 -2.60
C LEU H 180 -34.84 73.35 -2.65
N GLU H 181 -34.73 74.10 -1.56
CA GLU H 181 -35.36 75.41 -1.44
C GLU H 181 -34.32 76.46 -1.10
N LEU H 182 -34.29 77.54 -1.87
CA LEU H 182 -33.41 78.66 -1.57
C LEU H 182 -34.06 79.52 -0.50
N ILE H 183 -33.28 79.91 0.50
CA ILE H 183 -33.80 80.61 1.67
C ILE H 183 -32.86 81.77 2.02
N ASN H 184 -33.47 82.92 2.33
CA ASN H 184 -32.76 84.08 2.85
C ASN H 184 -32.87 84.09 4.37
N THR H 185 -31.74 84.37 5.02
CA THR H 185 -31.67 84.42 6.47
C THR H 185 -30.71 85.53 6.87
N PRO H 186 -30.92 86.15 8.03
CA PRO H 186 -29.97 87.16 8.50
C PRO H 186 -28.63 86.52 8.82
N ILE H 187 -27.56 87.18 8.39
CA ILE H 187 -26.21 86.66 8.61
C ILE H 187 -25.80 87.01 10.03
N GLU H 188 -25.67 85.99 10.87
CA GLU H 188 -25.31 86.15 12.27
C GLU H 188 -23.83 85.86 12.48
N ASP H 189 -23.31 86.36 13.60
CA ASP H 189 -21.93 86.08 13.97
C ASP H 189 -21.76 84.61 14.33
N GLY H 190 -20.81 83.95 13.67
CA GLY H 190 -20.56 82.53 13.88
C GLY H 190 -21.05 81.65 12.76
N ASP H 191 -21.88 82.16 11.86
CA ASP H 191 -22.31 81.38 10.71
C ASP H 191 -21.12 81.02 9.83
N MET H 192 -21.27 79.93 9.09
CA MET H 192 -20.20 79.44 8.24
C MET H 192 -20.30 80.04 6.85
N VAL H 193 -19.15 80.34 6.26
CA VAL H 193 -19.09 80.95 4.93
C VAL H 193 -19.04 79.85 3.89
N ASP H 194 -19.32 80.23 2.64
CA ASP H 194 -19.09 79.33 1.52
C ASP H 194 -17.63 78.92 1.47
N THR H 195 -17.39 77.60 1.41
CA THR H 195 -16.04 77.07 1.47
C THR H 195 -15.60 76.35 0.21
N GLY H 196 -16.41 76.36 -0.84
CA GLY H 196 -16.10 75.66 -2.07
C GLY H 196 -16.99 74.48 -2.38
N TYR H 197 -17.85 74.08 -1.45
CA TYR H 197 -18.82 73.01 -1.66
C TYR H 197 -20.22 73.53 -1.90
N GLY H 198 -20.41 74.84 -1.97
CA GLY H 198 -21.71 75.43 -2.12
C GLY H 198 -22.26 75.98 -0.81
N ALA H 199 -23.32 76.76 -0.93
CA ALA H 199 -23.98 77.38 0.23
C ALA H 199 -25.27 76.62 0.50
N MET H 200 -25.22 75.68 1.43
CA MET H 200 -26.37 74.85 1.73
C MET H 200 -26.31 74.37 3.18
N ASP H 201 -27.39 73.70 3.59
CA ASP H 201 -27.50 73.14 4.95
C ASP H 201 -26.97 71.71 4.89
N PHE H 202 -25.70 71.55 5.25
CA PHE H 202 -25.07 70.23 5.22
C PHE H 202 -25.65 69.29 6.26
N LYS H 203 -26.16 69.84 7.37
CA LYS H 203 -26.75 68.98 8.40
C LYS H 203 -28.07 68.38 7.93
N LEU H 204 -28.86 69.14 7.16
CA LEU H 204 -30.19 68.70 6.77
C LEU H 204 -30.20 67.96 5.43
N LEU H 205 -29.26 68.26 4.53
CA LEU H 205 -29.23 67.67 3.21
C LEU H 205 -28.20 66.56 3.06
N GLN H 206 -27.42 66.27 4.10
CA GLN H 206 -26.43 65.20 4.05
C GLN H 206 -26.53 64.40 5.35
N ASP H 207 -27.37 63.37 5.33
CA ASP H 207 -27.45 62.43 6.44
C ASP H 207 -26.17 61.60 6.58
N ASN H 208 -25.30 61.63 5.56
CA ASN H 208 -24.07 60.86 5.60
C ASN H 208 -23.16 61.30 6.74
N LYS H 209 -23.18 62.60 7.07
CA LYS H 209 -22.23 63.19 8.01
C LYS H 209 -20.79 62.90 7.60
N SER H 210 -20.54 62.85 6.29
CA SER H 210 -19.22 62.47 5.81
C SER H 210 -18.90 63.04 4.43
N GLU H 211 -19.66 63.99 3.91
CA GLU H 211 -19.40 64.54 2.58
C GLU H 211 -18.47 65.75 2.63
N VAL H 212 -18.49 66.50 3.73
CA VAL H 212 -17.68 67.71 3.86
C VAL H 212 -16.96 67.66 5.20
N PRO H 213 -15.88 68.43 5.35
CA PRO H 213 -15.10 68.38 6.59
C PRO H 213 -15.92 68.73 7.82
N LEU H 214 -15.31 68.48 8.99
CA LEU H 214 -15.99 68.68 10.27
C LEU H 214 -16.43 70.13 10.48
N ASP H 215 -15.75 71.07 9.82
CA ASP H 215 -16.14 72.48 9.93
C ASP H 215 -17.61 72.69 9.64
N ILE H 216 -18.13 72.02 8.61
CA ILE H 216 -19.44 72.32 8.05
C ILE H 216 -20.34 71.12 7.93
N CYS H 217 -19.87 69.91 8.26
CA CYS H 217 -20.65 68.70 8.02
C CYS H 217 -21.97 68.70 8.78
N GLN H 218 -22.09 69.53 9.83
CA GLN H 218 -23.33 69.66 10.58
C GLN H 218 -23.67 71.12 10.79
N SER H 219 -23.34 71.97 9.82
CA SER H 219 -23.55 73.41 9.90
C SER H 219 -24.18 73.89 8.59
N ILE H 220 -24.37 75.20 8.50
CA ILE H 220 -24.95 75.85 7.33
C ILE H 220 -23.95 76.82 6.76
N CYS H 221 -23.70 76.72 5.45
CA CYS H 221 -22.86 77.66 4.74
C CYS H 221 -23.74 78.69 4.05
N LYS H 222 -23.57 79.95 4.41
CA LYS H 222 -24.36 81.05 3.86
C LYS H 222 -23.50 81.91 2.95
N TYR H 223 -24.10 82.37 1.86
CA TYR H 223 -23.49 83.29 0.93
C TYR H 223 -24.31 84.57 0.90
N PRO H 224 -23.67 85.74 0.95
CA PRO H 224 -24.44 87.00 0.96
C PRO H 224 -25.26 87.15 -0.31
N ASP H 225 -26.54 87.47 -0.14
CA ASP H 225 -27.46 87.65 -1.26
C ASP H 225 -27.35 89.09 -1.75
N TYR H 226 -26.27 89.36 -2.48
CA TYR H 226 -26.07 90.69 -3.05
C TYR H 226 -27.22 91.08 -3.98
N LEU H 227 -27.78 90.10 -4.69
CA LEU H 227 -28.89 90.40 -5.60
C LEU H 227 -30.11 90.91 -4.84
N GLN H 228 -30.41 90.32 -3.69
CA GLN H 228 -31.57 90.74 -2.91
C GLN H 228 -31.30 92.05 -2.17
N MET H 229 -30.11 92.18 -1.58
CA MET H 229 -29.77 93.39 -0.83
C MET H 229 -29.64 94.60 -1.74
N SER H 230 -29.20 94.39 -2.98
CA SER H 230 -29.07 95.51 -3.92
C SER H 230 -30.42 95.94 -4.49
N ALA H 231 -31.37 95.01 -4.60
CA ALA H 231 -32.72 95.35 -5.03
C ALA H 231 -33.60 95.85 -3.90
N ASP H 232 -33.03 96.03 -2.71
CA ASP H 232 -33.80 96.54 -1.58
C ASP H 232 -34.36 97.92 -1.90
N ALA H 233 -35.55 98.20 -1.35
CA ALA H 233 -36.20 99.48 -1.59
C ALA H 233 -35.41 100.62 -0.94
N TYR H 234 -35.17 100.51 0.37
CA TYR H 234 -34.49 101.56 1.10
C TYR H 234 -32.97 101.45 1.08
N GLY H 235 -32.44 100.25 0.95
CA GLY H 235 -31.00 100.07 0.96
C GLY H 235 -30.38 100.08 2.34
N ASP H 236 -31.14 99.70 3.37
CA ASP H 236 -30.62 99.69 4.74
C ASP H 236 -29.71 98.49 5.01
N SER H 237 -29.96 97.35 4.34
CA SER H 237 -29.22 96.14 4.63
C SER H 237 -27.74 96.26 4.30
N MET H 238 -27.42 96.96 3.22
CA MET H 238 -26.04 97.04 2.75
C MET H 238 -25.87 98.33 1.95
N PHE H 239 -25.10 99.27 2.49
CA PHE H 239 -24.70 100.44 1.74
C PHE H 239 -23.19 100.52 1.51
N PHE H 240 -22.47 99.44 1.78
CA PHE H 240 -21.05 99.35 1.46
C PHE H 240 -20.69 97.87 1.38
N CYS H 241 -20.07 97.47 0.27
CA CYS H 241 -19.85 96.06 -0.02
C CYS H 241 -18.54 95.87 -0.76
N LEU H 242 -17.68 95.01 -0.22
CA LEU H 242 -16.42 94.62 -0.85
C LEU H 242 -16.29 93.11 -0.82
N ARG H 243 -16.28 92.47 -1.98
CA ARG H 243 -16.09 91.03 -2.05
C ARG H 243 -14.84 90.72 -2.88
N ARG H 244 -14.21 89.61 -2.54
CA ARG H 244 -12.99 89.14 -3.20
C ARG H 244 -12.75 87.68 -2.83
N GLU H 245 -13.09 86.78 -3.75
CA GLU H 245 -13.02 85.34 -3.51
C GLU H 245 -12.26 84.66 -4.64
N GLN H 246 -11.60 83.55 -4.30
CA GLN H 246 -10.91 82.75 -5.29
C GLN H 246 -10.86 81.31 -4.83
N VAL H 247 -10.87 80.40 -5.81
CA VAL H 247 -10.94 78.97 -5.55
C VAL H 247 -10.59 78.22 -6.83
N PHE H 248 -10.02 77.02 -6.69
CA PHE H 248 -9.80 76.13 -7.81
C PHE H 248 -9.88 74.69 -7.32
N ALA H 249 -10.04 73.77 -8.27
CA ALA H 249 -10.18 72.35 -7.97
C ALA H 249 -8.81 71.71 -7.88
N ARG H 250 -8.45 71.23 -6.69
CA ARG H 250 -7.12 70.68 -6.46
C ARG H 250 -7.04 69.19 -6.78
N HIS H 251 -7.98 68.40 -6.26
CA HIS H 251 -8.00 66.96 -6.50
C HIS H 251 -9.42 66.53 -6.84
N PHE H 252 -9.52 65.52 -7.71
CA PHE H 252 -10.80 65.02 -8.18
C PHE H 252 -11.07 63.67 -7.53
N TRP H 253 -12.28 63.50 -7.00
CA TRP H 253 -12.61 62.31 -6.21
C TRP H 253 -13.96 61.77 -6.63
N ASN H 254 -14.27 60.58 -6.09
CA ASN H 254 -15.53 59.89 -6.31
C ASN H 254 -16.23 59.68 -4.97
N ARG H 255 -17.56 59.61 -5.00
CA ARG H 255 -18.36 59.45 -3.80
C ARG H 255 -18.90 58.03 -3.76
N SER H 256 -18.70 57.35 -2.62
CA SER H 256 -19.27 56.03 -2.43
C SER H 256 -20.72 56.14 -1.98
N GLY H 257 -21.49 55.08 -2.25
CA GLY H 257 -22.91 55.10 -1.99
C GLY H 257 -23.72 54.84 -3.24
N THR H 258 -24.89 54.23 -3.10
CA THR H 258 -25.68 53.86 -4.26
C THR H 258 -26.21 55.10 -4.97
N MET H 259 -26.09 55.11 -6.30
CA MET H 259 -26.50 56.26 -7.09
C MET H 259 -28.02 56.34 -7.16
N GLY H 260 -28.57 57.43 -6.63
CA GLY H 260 -30.02 57.59 -6.62
C GLY H 260 -30.61 57.87 -7.99
N ASP H 261 -29.83 58.49 -8.88
CA ASP H 261 -30.26 58.81 -10.23
C ASP H 261 -29.70 57.77 -11.19
N GLN H 262 -30.60 57.13 -11.95
CA GLN H 262 -30.18 56.10 -12.89
C GLN H 262 -29.42 56.72 -14.05
N LEU H 263 -28.21 56.25 -14.28
CA LEU H 263 -27.40 56.71 -15.41
C LEU H 263 -28.06 56.28 -16.71
N PRO H 264 -28.48 57.22 -17.57
CA PRO H 264 -29.15 56.83 -18.82
C PRO H 264 -28.24 55.99 -19.71
N GLU H 265 -28.76 54.86 -20.18
CA GLU H 265 -27.98 53.95 -21.01
C GLU H 265 -27.70 54.53 -22.40
N SER H 266 -28.27 55.67 -22.74
CA SER H 266 -27.97 56.34 -24.00
C SER H 266 -26.60 56.98 -24.02
N LEU H 267 -25.94 57.10 -22.87
CA LEU H 267 -24.71 57.87 -22.75
C LEU H 267 -23.45 57.00 -22.68
N TYR H 268 -23.57 55.69 -22.79
CA TYR H 268 -22.39 54.84 -22.70
C TYR H 268 -22.67 53.49 -23.37
N ILE H 269 -21.60 52.71 -23.51
CA ILE H 269 -21.66 51.34 -24.03
C ILE H 269 -21.08 50.42 -22.97
N LYS H 270 -21.80 49.35 -22.66
CA LYS H 270 -21.54 48.60 -21.44
C LYS H 270 -20.26 47.75 -21.49
N GLY H 271 -19.73 47.45 -22.67
CA GLY H 271 -18.58 46.57 -22.71
C GLY H 271 -19.01 45.11 -22.83
N THR H 272 -18.02 44.23 -22.65
CA THR H 272 -18.27 42.81 -22.94
C THR H 272 -19.34 42.23 -22.02
N ASP H 273 -19.29 42.54 -20.73
CA ASP H 273 -20.31 42.08 -19.81
C ASP H 273 -21.56 42.92 -19.94
N ILE H 274 -22.72 42.28 -20.04
CA ILE H 274 -23.97 43.01 -20.16
C ILE H 274 -24.53 43.16 -18.75
N ARG H 275 -23.70 42.83 -17.77
CA ARG H 275 -24.02 43.00 -16.36
C ARG H 275 -23.13 44.05 -15.71
N ALA H 276 -22.79 45.10 -16.44
CA ALA H 276 -21.78 46.03 -15.97
C ALA H 276 -22.46 47.10 -15.14
N ASN H 277 -22.11 47.15 -13.85
CA ASN H 277 -22.57 48.21 -12.99
C ASN H 277 -21.76 49.46 -13.31
N PRO H 278 -22.39 50.58 -13.67
CA PRO H 278 -21.62 51.80 -13.90
C PRO H 278 -20.97 52.27 -12.61
N GLY H 279 -19.68 52.58 -12.68
CA GLY H 279 -18.98 53.08 -11.52
C GLY H 279 -19.61 54.35 -11.01
N SER H 280 -19.21 54.73 -9.79
CA SER H 280 -19.75 55.94 -9.19
C SER H 280 -19.48 57.12 -10.11
N TYR H 281 -20.54 57.85 -10.45
CA TYR H 281 -20.44 58.99 -11.36
C TYR H 281 -20.93 60.27 -10.69
N LEU H 282 -20.72 60.36 -9.38
CA LEU H 282 -20.97 61.57 -8.61
C LEU H 282 -19.61 62.10 -8.18
N TYR H 283 -19.13 63.10 -8.89
CA TYR H 283 -17.78 63.62 -8.70
C TYR H 283 -17.84 64.95 -7.95
N SER H 284 -17.02 65.07 -6.91
CA SER H 284 -16.94 66.29 -6.11
C SER H 284 -15.46 66.64 -5.96
N PRO H 285 -15.03 67.82 -6.37
CA PRO H 285 -13.62 68.17 -6.26
C PRO H 285 -13.27 68.73 -4.88
N SER H 286 -12.00 68.63 -4.55
CA SER H 286 -11.49 69.24 -3.33
C SER H 286 -11.14 70.70 -3.63
N PRO H 287 -11.81 71.66 -2.99
CA PRO H 287 -11.52 73.07 -3.27
C PRO H 287 -10.17 73.48 -2.71
N SER H 288 -9.67 74.61 -3.22
CA SER H 288 -8.42 75.16 -2.70
C SER H 288 -8.39 76.66 -2.98
N GLY H 289 -7.91 77.42 -2.00
CA GLY H 289 -7.86 78.86 -2.10
C GLY H 289 -6.58 79.42 -2.68
N SER H 290 -5.73 78.57 -3.24
CA SER H 290 -4.48 78.96 -3.89
C SER H 290 -3.62 79.80 -2.94
N VAL H 291 -2.84 80.72 -3.49
CA VAL H 291 -1.88 81.50 -2.72
C VAL H 291 -2.59 82.67 -2.05
N VAL H 292 -2.23 82.93 -0.79
CA VAL H 292 -2.68 84.11 -0.07
C VAL H 292 -1.51 85.11 -0.04
N THR H 293 -1.73 86.28 -0.63
CA THR H 293 -0.72 87.32 -0.68
C THR H 293 -1.32 88.63 -0.19
N SER H 294 -0.46 89.48 0.39
CA SER H 294 -0.91 90.77 0.87
C SER H 294 -1.27 91.74 -0.25
N ASP H 295 -0.93 91.44 -1.49
CA ASP H 295 -1.37 92.27 -2.60
C ASP H 295 -2.87 92.20 -2.78
N SER H 296 -3.46 91.02 -2.59
CA SER H 296 -4.90 90.83 -2.65
C SER H 296 -5.60 91.16 -1.34
N GLN H 297 -4.86 91.65 -0.35
CA GLN H 297 -5.46 91.96 0.95
C GLN H 297 -6.50 93.06 0.80
N LEU H 298 -7.56 92.97 1.61
CA LEU H 298 -8.70 93.86 1.49
C LEU H 298 -8.96 94.65 2.77
N PHE H 299 -8.28 94.35 3.87
CA PHE H 299 -8.50 95.04 5.14
C PHE H 299 -7.22 95.79 5.53
N ASN H 300 -7.19 96.30 6.76
CA ASN H 300 -6.15 97.18 7.26
C ASN H 300 -6.01 98.44 6.41
N LYS H 301 -7.06 98.78 5.66
CA LYS H 301 -7.10 99.96 4.82
C LYS H 301 -8.29 100.84 5.19
N PRO H 302 -8.14 102.15 5.10
CA PRO H 302 -9.30 103.04 5.29
C PRO H 302 -10.20 103.06 4.06
N TYR H 303 -11.51 103.03 4.31
CA TYR H 303 -12.51 103.09 3.26
C TYR H 303 -13.48 104.24 3.58
N TRP H 304 -13.64 105.14 2.62
CA TRP H 304 -14.48 106.33 2.79
C TRP H 304 -15.78 106.14 2.01
N LEU H 305 -16.90 106.20 2.71
CA LEU H 305 -18.22 106.05 2.10
C LEU H 305 -18.72 107.43 1.67
N HIS H 306 -18.86 107.63 0.37
CA HIS H 306 -19.43 108.86 -0.17
C HIS H 306 -20.85 108.60 -0.68
N LYS H 307 -21.00 107.84 -1.77
CA LYS H 307 -22.29 107.46 -2.30
C LYS H 307 -22.55 105.98 -1.99
N ALA H 308 -23.70 105.70 -1.39
CA ALA H 308 -24.08 104.33 -1.08
C ALA H 308 -24.71 103.66 -2.30
N GLN H 309 -24.82 102.33 -2.23
CA GLN H 309 -25.46 101.60 -3.32
C GLN H 309 -26.97 101.79 -3.31
N GLY H 310 -27.55 101.94 -2.12
CA GLY H 310 -28.98 102.16 -1.99
C GLY H 310 -29.30 103.61 -1.69
N LEU H 311 -30.57 103.85 -1.37
CA LEU H 311 -31.00 105.21 -1.09
C LEU H 311 -30.53 105.68 0.28
N ASN H 312 -30.46 104.77 1.26
CA ASN H 312 -29.88 105.08 2.55
C ASN H 312 -28.37 105.26 2.38
N ASN H 313 -27.91 106.49 2.58
CA ASN H 313 -26.50 106.83 2.32
C ASN H 313 -25.69 106.78 3.62
N GLY H 314 -25.64 105.60 4.21
CA GLY H 314 -24.84 105.39 5.41
C GLY H 314 -25.41 106.01 6.66
N ILE H 315 -26.73 106.07 6.77
CA ILE H 315 -27.39 106.64 7.94
C ILE H 315 -27.71 105.54 8.93
N CYS H 316 -27.24 105.71 10.16
CA CYS H 316 -27.37 104.68 11.20
C CYS H 316 -28.63 104.93 12.01
N TRP H 317 -29.75 104.45 11.45
CA TRP H 317 -31.02 104.54 12.17
C TRP H 317 -30.93 103.77 13.49
N HIS H 318 -31.64 104.29 14.50
CA HIS H 318 -31.66 103.71 15.84
C HIS H 318 -30.27 103.65 16.48
N ASN H 319 -29.33 104.44 15.96
CA ASN H 319 -27.99 104.58 16.55
C ASN H 319 -27.27 103.24 16.64
N GLN H 320 -27.35 102.44 15.58
CA GLN H 320 -26.66 101.16 15.52
C GLN H 320 -26.11 100.96 14.11
N LEU H 321 -25.14 100.05 13.99
CA LEU H 321 -24.46 99.81 12.73
C LEU H 321 -23.99 98.37 12.69
N PHE H 322 -24.38 97.65 11.64
CA PHE H 322 -24.07 96.23 11.48
C PHE H 322 -22.92 96.05 10.49
N LEU H 323 -21.89 95.34 10.93
CA LEU H 323 -20.67 95.10 10.13
C LEU H 323 -20.50 93.61 9.92
N THR H 324 -20.72 93.14 8.70
CA THR H 324 -20.46 91.75 8.33
C THR H 324 -19.11 91.67 7.64
N VAL H 325 -18.27 90.72 8.05
CA VAL H 325 -16.91 90.61 7.51
C VAL H 325 -16.49 89.15 7.53
N VAL H 326 -15.84 88.73 6.44
CA VAL H 326 -15.24 87.41 6.32
C VAL H 326 -13.79 87.59 5.87
N ASP H 327 -12.86 86.97 6.58
CA ASP H 327 -11.43 87.05 6.25
C ASP H 327 -10.81 85.68 6.45
N THR H 328 -10.55 84.99 5.34
CA THR H 328 -9.95 83.66 5.36
C THR H 328 -8.47 83.68 5.01
N THR H 329 -7.87 84.86 4.93
CA THR H 329 -6.45 84.97 4.61
C THR H 329 -5.55 84.81 5.83
N ARG H 330 -6.12 84.54 6.99
CA ARG H 330 -5.37 84.33 8.23
C ARG H 330 -5.86 83.06 8.91
N SER H 331 -5.97 81.98 8.14
CA SER H 331 -6.57 80.73 8.60
C SER H 331 -5.57 79.77 9.23
N THR H 332 -4.34 80.20 9.45
CA THR H 332 -3.34 79.33 10.07
C THR H 332 -3.81 78.91 11.47
N ASN H 333 -3.48 77.67 11.85
CA ASN H 333 -3.93 77.07 13.09
C ASN H 333 -2.74 76.74 13.98
N LEU H 334 -2.80 77.18 15.22
CA LEU H 334 -1.78 76.86 16.21
C LEU H 334 -1.98 75.44 16.72
N SER H 335 -0.90 74.65 16.76
CA SER H 335 -0.90 73.31 17.31
C SER H 335 -0.13 73.31 18.63
N VAL H 336 -0.84 73.13 19.73
CA VAL H 336 -0.26 73.09 21.06
C VAL H 336 -0.27 71.65 21.54
N CYS H 337 0.85 71.19 22.09
CA CYS H 337 0.95 69.83 22.61
C CYS H 337 1.55 69.86 24.01
N ALA H 338 1.06 68.98 24.87
CA ALA H 338 1.51 68.93 26.26
C ALA H 338 1.85 67.50 26.65
N SER H 339 2.97 67.33 27.35
CA SER H 339 3.39 65.99 27.75
C SER H 339 2.47 65.44 28.83
N THR H 340 2.22 64.14 28.78
CA THR H 340 1.38 63.50 29.79
C THR H 340 2.14 63.20 31.07
N THR H 341 3.46 63.05 31.00
CA THR H 341 4.28 62.95 32.20
C THR H 341 4.61 64.34 32.72
N SER H 342 4.75 64.44 34.04
CA SER H 342 5.01 65.73 34.68
C SER H 342 6.22 66.42 34.07
N SER H 343 7.31 65.67 33.87
CA SER H 343 8.46 66.12 33.11
C SER H 343 8.75 65.07 32.04
N ILE H 344 9.20 65.55 30.88
CA ILE H 344 9.33 64.64 29.73
C ILE H 344 10.47 63.65 29.98
N PRO H 345 10.23 62.36 29.84
CA PRO H 345 11.35 61.42 29.67
C PRO H 345 11.93 61.58 28.27
N ASN H 346 13.26 61.61 28.20
CA ASN H 346 13.92 61.90 26.94
C ASN H 346 13.70 60.79 25.91
N VAL H 347 12.45 60.40 25.72
CA VAL H 347 12.04 59.41 24.73
C VAL H 347 10.68 59.81 24.18
N TYR H 348 10.54 59.81 22.86
CA TYR H 348 9.30 60.22 22.23
C TYR H 348 8.43 59.00 21.94
N THR H 349 7.19 59.05 22.40
CA THR H 349 6.15 58.10 22.03
C THR H 349 4.86 58.90 21.83
N PRO H 350 4.09 58.60 20.78
CA PRO H 350 2.86 59.37 20.53
C PRO H 350 1.86 59.31 21.68
N THR H 351 1.91 58.28 22.52
CA THR H 351 0.98 58.15 23.63
C THR H 351 1.30 59.08 24.80
N SER H 352 2.47 59.72 24.81
CA SER H 352 2.89 60.57 25.92
C SER H 352 2.75 62.05 25.61
N PHE H 353 1.91 62.41 24.64
CA PHE H 353 1.70 63.81 24.29
C PHE H 353 0.26 64.01 23.86
N LYS H 354 -0.40 65.00 24.46
CA LYS H 354 -1.75 65.39 24.08
C LYS H 354 -1.67 66.55 23.08
N GLU H 355 -2.42 66.42 21.99
CA GLU H 355 -2.40 67.39 20.90
C GLU H 355 -3.71 68.15 20.86
N TYR H 356 -3.62 69.47 20.78
CA TYR H 356 -4.76 70.37 20.72
C TYR H 356 -4.55 71.35 19.56
N ALA H 357 -5.63 71.68 18.87
CA ALA H 357 -5.60 72.63 17.77
C ALA H 357 -6.43 73.85 18.16
N ARG H 358 -5.81 75.03 18.14
CA ARG H 358 -6.48 76.27 18.51
C ARG H 358 -6.32 77.29 17.39
N HIS H 359 -7.37 78.09 17.18
CA HIS H 359 -7.38 79.15 16.20
C HIS H 359 -7.69 80.48 16.86
N VAL H 360 -7.23 81.56 16.22
CA VAL H 360 -7.22 82.90 16.80
C VAL H 360 -7.72 83.88 15.75
N GLU H 361 -8.57 84.83 16.17
CA GLU H 361 -8.99 85.93 15.32
C GLU H 361 -8.84 87.24 16.08
N GLU H 362 -8.30 88.26 15.39
CA GLU H 362 -8.01 89.54 16.02
C GLU H 362 -8.47 90.67 15.10
N PHE H 363 -9.24 91.61 15.66
CA PHE H 363 -9.81 92.72 14.93
C PHE H 363 -9.55 94.03 15.67
N ASP H 364 -9.75 95.14 14.96
CA ASP H 364 -9.65 96.48 15.53
C ASP H 364 -10.52 97.39 14.65
N LEU H 365 -11.77 97.56 15.06
CA LEU H 365 -12.74 98.30 14.26
C LEU H 365 -12.58 99.80 14.49
N GLN H 366 -12.58 100.57 13.40
CA GLN H 366 -12.46 102.01 13.46
C GLN H 366 -13.47 102.65 12.52
N PHE H 367 -14.06 103.77 12.96
CA PHE H 367 -15.15 104.44 12.26
C PHE H 367 -15.01 105.95 12.38
N ILE H 368 -15.45 106.63 11.32
CA ILE H 368 -15.60 108.09 11.30
C ILE H 368 -17.07 108.37 10.99
N PHE H 369 -17.77 108.96 11.95
CA PHE H 369 -19.19 109.27 11.82
C PHE H 369 -19.42 110.77 11.65
N GLN H 370 -20.53 111.09 10.99
CA GLN H 370 -20.91 112.47 10.69
C GLN H 370 -22.28 112.76 11.29
N LEU H 371 -22.39 113.87 12.01
CA LEU H 371 -23.66 114.28 12.61
C LEU H 371 -24.56 114.91 11.56
N CYS H 372 -25.85 114.59 11.63
CA CYS H 372 -26.82 115.03 10.64
C CYS H 372 -28.10 115.51 11.32
N LYS H 373 -28.82 116.38 10.63
CA LYS H 373 -30.10 116.90 11.09
C LYS H 373 -31.23 116.34 10.24
N ILE H 374 -32.40 116.19 10.85
CA ILE H 374 -33.62 115.80 10.14
C ILE H 374 -34.73 116.69 10.65
N THR H 375 -35.15 117.66 9.83
CA THR H 375 -36.24 118.55 10.20
C THR H 375 -37.57 117.79 10.06
N LEU H 376 -38.23 117.55 11.18
CA LEU H 376 -39.44 116.72 11.19
C LEU H 376 -40.60 117.57 10.70
N THR H 377 -40.63 117.78 9.39
CA THR H 377 -41.72 118.43 8.69
C THR H 377 -42.85 117.42 8.47
N THR H 378 -43.94 117.87 7.84
CA THR H 378 -44.82 116.94 7.17
C THR H 378 -44.11 116.44 5.90
N GLU H 379 -44.78 115.57 5.15
CA GLU H 379 -44.14 114.84 4.05
C GLU H 379 -43.01 113.99 4.62
N VAL H 380 -42.00 114.63 5.19
CA VAL H 380 -41.08 113.96 6.11
C VAL H 380 -41.88 113.54 7.33
N MET H 381 -41.28 112.70 8.19
CA MET H 381 -41.94 112.19 9.40
C MET H 381 -43.10 111.27 9.05
N SER H 382 -44.00 111.72 8.18
CA SER H 382 -44.99 110.79 7.63
C SER H 382 -44.33 109.79 6.69
N TYR H 383 -43.36 110.24 5.89
CA TYR H 383 -42.54 109.31 5.13
C TYR H 383 -41.70 108.43 6.05
N ILE H 384 -41.15 109.02 7.11
CA ILE H 384 -40.43 108.25 8.11
C ILE H 384 -41.37 107.28 8.82
N HIS H 385 -42.61 107.71 9.06
CA HIS H 385 -43.59 106.82 9.69
C HIS H 385 -43.88 105.62 8.80
N ASN H 386 -44.09 105.86 7.50
CA ASN H 386 -44.29 104.74 6.59
C ASN H 386 -43.03 103.89 6.46
N MET H 387 -41.86 104.50 6.68
CA MET H 387 -40.61 103.75 6.65
C MET H 387 -40.44 102.90 7.90
N ASN H 388 -40.37 103.55 9.07
CA ASN H 388 -40.24 102.83 10.33
C ASN H 388 -40.89 103.66 11.43
N THR H 389 -42.05 103.20 11.92
CA THR H 389 -42.73 103.89 13.01
C THR H 389 -41.84 103.99 14.25
N THR H 390 -40.99 102.98 14.47
CA THR H 390 -40.13 102.95 15.64
C THR H 390 -39.04 104.02 15.60
N ILE H 391 -38.77 104.60 14.43
CA ILE H 391 -37.83 105.71 14.38
C ILE H 391 -38.42 106.94 15.08
N LEU H 392 -39.65 107.31 14.72
CA LEU H 392 -40.33 108.40 15.40
C LEU H 392 -40.62 108.05 16.86
N GLU H 393 -41.01 106.80 17.12
CA GLU H 393 -41.27 106.39 18.49
C GLU H 393 -40.03 106.52 19.36
N ASP H 394 -38.86 106.14 18.85
CA ASP H 394 -37.64 106.26 19.65
C ASP H 394 -37.19 107.70 19.81
N TRP H 395 -37.62 108.60 18.93
CA TRP H 395 -37.34 110.01 19.14
C TRP H 395 -38.40 110.62 20.04
N ASN H 396 -39.24 111.49 19.47
CA ASN H 396 -40.32 112.23 20.14
C ASN H 396 -40.96 113.19 19.14
N GLN H 431 -38.83 97.40 22.77
CA GLN H 431 -38.42 96.06 22.35
C GLN H 431 -37.54 96.11 21.10
N ASP H 432 -36.94 94.98 20.74
CA ASP H 432 -35.98 94.92 19.65
C ASP H 432 -36.04 93.56 18.96
N PRO H 433 -36.22 93.53 17.63
CA PRO H 433 -36.32 92.24 16.92
C PRO H 433 -34.98 91.56 16.70
N TYR H 434 -33.87 92.24 16.97
CA TYR H 434 -32.55 91.72 16.65
C TYR H 434 -31.86 91.04 17.83
N ASP H 435 -32.44 91.12 19.02
CA ASP H 435 -31.85 90.43 20.18
C ASP H 435 -32.11 88.94 20.16
N LYS H 436 -33.00 88.45 19.30
CA LYS H 436 -33.19 87.02 19.13
C LYS H 436 -32.03 86.39 18.34
N LEU H 437 -31.23 87.19 17.65
CA LEU H 437 -30.11 86.71 16.87
C LEU H 437 -28.81 86.96 17.60
N LYS H 438 -27.78 86.21 17.23
CA LYS H 438 -26.48 86.27 17.88
C LYS H 438 -25.55 87.16 17.07
N PHE H 439 -25.03 88.20 17.72
CA PHE H 439 -24.07 89.12 17.12
C PHE H 439 -22.87 89.27 18.04
N TRP H 440 -21.80 89.85 17.50
CA TRP H 440 -20.66 90.26 18.31
C TRP H 440 -20.88 91.70 18.73
N PRO H 441 -21.20 91.97 20.00
CA PRO H 441 -21.53 93.33 20.41
C PRO H 441 -20.29 94.21 20.51
N VAL H 442 -20.37 95.41 19.95
CA VAL H 442 -19.31 96.40 20.00
C VAL H 442 -19.95 97.70 20.47
N ASP H 443 -19.70 98.07 21.73
CA ASP H 443 -20.30 99.24 22.33
C ASP H 443 -19.37 100.43 22.16
N LEU H 444 -19.80 101.43 21.39
CA LEU H 444 -19.01 102.62 21.14
C LEU H 444 -19.64 103.87 21.74
N LYS H 445 -20.61 103.70 22.66
CA LYS H 445 -21.22 104.85 23.32
C LYS H 445 -20.19 105.63 24.13
N GLU H 446 -19.16 104.94 24.65
CA GLU H 446 -18.12 105.55 25.43
C GLU H 446 -16.86 105.82 24.62
N ARG H 447 -16.93 105.70 23.29
CA ARG H 447 -15.73 105.74 22.46
C ARG H 447 -15.75 106.84 21.41
N PHE H 448 -16.77 107.69 21.38
CA PHE H 448 -16.81 108.80 20.44
C PHE H 448 -15.86 109.90 20.89
N SER H 449 -15.15 110.50 19.92
CA SER H 449 -14.21 111.57 20.20
C SER H 449 -14.15 112.51 19.01
N ALA H 450 -14.15 113.81 19.29
CA ALA H 450 -14.06 114.83 18.26
C ALA H 450 -12.63 115.18 17.88
N ASP H 451 -11.64 114.76 18.67
CA ASP H 451 -10.23 115.01 18.36
C ASP H 451 -9.76 113.97 17.35
N LEU H 452 -10.04 114.26 16.07
CA LEU H 452 -9.75 113.29 15.02
C LEU H 452 -8.25 113.06 14.85
N ASP H 453 -7.43 114.09 15.05
CA ASP H 453 -5.99 113.97 14.86
C ASP H 453 -5.32 113.08 15.90
N GLN H 454 -6.05 112.60 16.91
CA GLN H 454 -5.48 111.73 17.93
C GLN H 454 -5.54 110.26 17.57
N PHE H 455 -6.11 109.91 16.42
CA PHE H 455 -6.31 108.53 16.01
C PHE H 455 -5.83 108.35 14.58
N PRO H 456 -5.34 107.16 14.24
CA PRO H 456 -4.84 106.95 12.86
C PRO H 456 -5.91 107.19 11.80
N LEU H 457 -7.05 106.50 11.90
CA LEU H 457 -8.13 106.72 10.94
C LEU H 457 -8.59 108.17 10.94
N GLY H 458 -8.55 108.84 12.09
CA GLY H 458 -8.89 110.24 12.13
C GLY H 458 -7.92 111.11 11.34
N ARG H 459 -6.62 110.80 11.45
CA ARG H 459 -5.62 111.55 10.68
C ARG H 459 -5.79 111.30 9.19
N LYS H 460 -5.93 110.02 8.80
CA LYS H 460 -6.18 109.71 7.39
C LYS H 460 -7.45 110.40 6.88
N PHE H 461 -8.45 110.57 7.75
CA PHE H 461 -9.66 111.27 7.36
C PHE H 461 -9.45 112.79 7.27
N LEU H 462 -8.52 113.35 8.04
CA LEU H 462 -8.25 114.77 7.93
C LEU H 462 -7.61 115.13 6.59
N LEU H 463 -6.99 114.17 5.90
CA LEU H 463 -6.53 114.36 4.54
C LEU H 463 -7.66 114.20 3.54
N GLN H 464 -8.78 114.91 3.73
CA GLN H 464 -9.89 114.83 2.81
C GLN H 464 -10.53 116.16 2.43
N LEU H 465 -10.25 117.24 3.17
CA LEU H 465 -10.70 118.60 2.79
C LEU H 465 -10.67 118.85 1.28
N LYS I 12 -27.57 99.14 -50.08
CA LYS I 12 -26.67 99.60 -49.03
C LYS I 12 -27.42 99.80 -47.71
N VAL I 13 -26.91 99.17 -46.65
CA VAL I 13 -27.54 99.25 -45.33
C VAL I 13 -27.10 100.55 -44.66
N VAL I 14 -28.01 101.15 -43.89
CA VAL I 14 -27.80 102.47 -43.31
C VAL I 14 -27.81 102.34 -41.80
N SER I 15 -26.94 103.10 -41.14
CA SER I 15 -26.88 103.12 -39.68
C SER I 15 -28.21 103.57 -39.10
N THR I 16 -28.59 102.99 -37.97
CA THR I 16 -29.84 103.34 -37.32
C THR I 16 -29.80 104.74 -36.70
N ASP I 17 -28.61 105.32 -36.53
CA ASP I 17 -28.49 106.66 -36.01
C ASP I 17 -28.91 107.74 -37.01
N GLU I 18 -29.26 107.37 -38.24
CA GLU I 18 -29.67 108.34 -39.24
C GLU I 18 -31.18 108.41 -39.45
N TYR I 19 -31.94 107.41 -39.00
CA TYR I 19 -33.38 107.41 -39.18
C TYR I 19 -34.14 107.06 -37.90
N VAL I 20 -33.49 107.05 -36.75
CA VAL I 20 -34.14 106.78 -35.47
C VAL I 20 -33.67 107.86 -34.51
N THR I 21 -34.49 108.89 -34.33
CA THR I 21 -34.16 109.96 -33.40
C THR I 21 -34.46 109.54 -31.97
N ARG I 22 -33.56 109.89 -31.06
CA ARG I 22 -33.65 109.45 -29.68
C ARG I 22 -34.18 110.57 -28.78
N THR I 23 -34.75 110.16 -27.66
CA THR I 23 -35.33 111.08 -26.68
C THR I 23 -34.60 110.91 -25.35
N SER I 24 -34.94 111.79 -24.40
CA SER I 24 -34.41 111.72 -23.05
C SER I 24 -35.28 110.86 -22.14
N ILE I 25 -36.31 110.22 -22.68
CA ILE I 25 -37.17 109.35 -21.89
C ILE I 25 -36.48 108.02 -21.70
N PHE I 26 -36.18 107.68 -20.45
CA PHE I 26 -35.51 106.43 -20.11
C PHE I 26 -36.37 105.65 -19.12
N TYR I 27 -36.37 104.33 -19.28
CA TYR I 27 -37.12 103.43 -18.40
C TYR I 27 -36.20 102.34 -17.90
N HIS I 28 -36.47 101.88 -16.68
CA HIS I 28 -35.79 100.71 -16.13
C HIS I 28 -36.72 99.52 -16.19
N ALA I 29 -36.19 98.40 -16.68
CA ALA I 29 -36.93 97.15 -16.74
C ALA I 29 -36.07 96.04 -16.16
N GLY I 30 -36.67 95.19 -15.34
CA GLY I 30 -35.90 94.12 -14.74
C GLY I 30 -36.74 92.96 -14.24
N SER I 31 -36.31 91.75 -14.58
CA SER I 31 -36.93 90.58 -14.00
C SER I 31 -36.49 90.43 -12.54
N SER I 32 -37.30 89.73 -11.76
CA SER I 32 -36.92 89.39 -10.41
C SER I 32 -35.82 88.32 -10.46
N ARG I 33 -35.53 87.73 -9.31
CA ARG I 33 -34.55 86.65 -9.26
C ARG I 33 -35.04 85.46 -10.07
N LEU I 34 -34.21 85.02 -11.01
CA LEU I 34 -34.47 83.84 -11.82
C LEU I 34 -33.57 82.71 -11.34
N LEU I 35 -34.11 81.52 -11.17
CA LEU I 35 -33.29 80.39 -10.75
C LEU I 35 -33.80 79.12 -11.40
N THR I 36 -32.88 78.18 -11.60
CA THR I 36 -33.22 76.87 -12.14
C THR I 36 -32.31 75.83 -11.50
N VAL I 37 -32.91 74.72 -11.06
CA VAL I 37 -32.17 73.62 -10.46
C VAL I 37 -32.36 72.39 -11.34
N GLY I 38 -31.42 71.45 -11.24
CA GLY I 38 -31.55 70.22 -11.99
C GLY I 38 -30.34 69.34 -11.82
N HIS I 39 -30.22 68.36 -12.73
CA HIS I 39 -29.04 67.51 -12.68
C HIS I 39 -27.93 68.07 -13.57
N PRO I 40 -26.69 68.06 -13.11
CA PRO I 40 -25.62 68.71 -13.89
C PRO I 40 -25.18 67.92 -15.11
N TYR I 41 -25.48 66.63 -15.20
CA TYR I 41 -24.94 65.78 -16.26
C TYR I 41 -25.96 65.37 -17.30
N PHE I 42 -27.20 65.09 -16.89
CA PHE I 42 -28.18 64.54 -17.82
C PHE I 42 -29.58 64.72 -17.24
N LYS I 43 -30.56 64.75 -18.14
CA LYS I 43 -31.96 64.75 -17.72
C LYS I 43 -32.30 63.41 -17.06
N VAL I 44 -32.83 63.48 -15.85
CA VAL I 44 -33.17 62.26 -15.10
C VAL I 44 -34.68 62.10 -15.04
N PRO I 45 -35.28 61.22 -15.84
CA PRO I 45 -36.72 61.01 -15.75
C PRO I 45 -37.07 60.16 -14.53
N LYS I 46 -38.14 60.56 -13.84
CA LYS I 46 -38.70 59.80 -12.73
C LYS I 46 -40.17 59.56 -13.01
N GLY I 47 -40.57 58.30 -13.04
CA GLY I 47 -41.94 57.93 -13.36
C GLY I 47 -42.97 58.49 -12.40
N GLY I 48 -43.87 59.31 -12.94
CA GLY I 48 -44.93 59.92 -12.15
C GLY I 48 -46.30 59.37 -12.50
N ASN I 49 -47.37 60.18 -12.54
CA ASN I 49 -47.41 61.63 -12.29
C ASN I 49 -46.43 62.46 -13.13
N GLY I 50 -46.41 62.21 -14.44
CA GLY I 50 -45.49 62.89 -15.34
C GLY I 50 -45.76 64.39 -15.37
N ARG I 51 -44.76 65.20 -15.01
CA ARG I 51 -43.44 64.70 -14.62
C ARG I 51 -42.90 65.38 -13.37
N GLN I 52 -42.29 64.58 -12.48
CA GLN I 52 -41.46 65.11 -11.41
C GLN I 52 -39.98 64.95 -11.71
N ASP I 53 -39.62 65.02 -12.99
CA ASP I 53 -38.24 64.81 -13.43
C ASP I 53 -37.40 66.04 -13.11
N VAL I 54 -36.09 65.81 -12.98
CA VAL I 54 -35.11 66.89 -12.86
C VAL I 54 -34.51 67.12 -14.25
N PRO I 55 -34.38 68.36 -14.69
CA PRO I 55 -33.84 68.63 -16.03
C PRO I 55 -32.31 68.71 -16.01
N LYS I 56 -31.74 68.82 -17.20
CA LYS I 56 -30.30 69.00 -17.33
C LYS I 56 -29.98 70.46 -17.07
N VAL I 57 -29.37 70.74 -15.93
CA VAL I 57 -28.98 72.09 -15.54
C VAL I 57 -27.48 72.05 -15.26
N SER I 58 -26.68 72.42 -16.26
CA SER I 58 -25.23 72.44 -16.14
C SER I 58 -24.72 73.87 -16.19
N ALA I 59 -23.64 74.13 -15.45
CA ALA I 59 -23.01 75.43 -15.52
C ALA I 59 -22.37 75.70 -16.87
N TYR I 60 -22.19 74.66 -17.69
CA TYR I 60 -21.65 74.77 -19.03
C TYR I 60 -22.75 74.74 -20.08
N GLN I 61 -23.90 75.33 -19.76
CA GLN I 61 -25.02 75.46 -20.69
C GLN I 61 -25.21 76.91 -21.07
N TYR I 62 -25.59 77.14 -22.33
CA TYR I 62 -25.96 78.49 -22.76
C TYR I 62 -27.27 78.90 -22.12
N ARG I 63 -27.31 80.12 -21.57
CA ARG I 63 -28.54 80.71 -21.05
C ARG I 63 -28.96 81.80 -22.03
N VAL I 64 -30.04 81.55 -22.77
CA VAL I 64 -30.51 82.47 -23.79
C VAL I 64 -31.89 82.96 -23.37
N PHE I 65 -31.94 84.19 -22.86
CA PHE I 65 -33.18 84.81 -22.41
C PHE I 65 -33.83 85.57 -23.56
N ARG I 66 -35.11 85.31 -23.79
CA ARG I 66 -35.94 86.08 -24.71
C ARG I 66 -36.72 87.09 -23.91
N VAL I 67 -36.25 88.33 -23.91
CA VAL I 67 -36.87 89.42 -23.14
C VAL I 67 -37.90 90.08 -24.03
N LYS I 68 -39.17 89.94 -23.67
CA LYS I 68 -40.26 90.58 -24.40
C LYS I 68 -40.56 91.93 -23.77
N LEU I 69 -40.57 92.98 -24.60
CA LEU I 69 -40.81 94.35 -24.16
C LEU I 69 -42.22 94.80 -24.54
N PRO I 70 -42.80 95.71 -23.77
CA PRO I 70 -44.13 96.23 -24.13
C PRO I 70 -44.06 97.12 -25.37
N ASP I 71 -45.12 97.07 -26.16
CA ASP I 71 -45.22 97.88 -27.36
C ASP I 71 -45.27 99.36 -26.98
N PRO I 72 -44.27 100.16 -27.36
CA PRO I 72 -44.30 101.58 -26.99
C PRO I 72 -45.43 102.35 -27.66
N ASN I 73 -45.94 101.88 -28.80
CA ASN I 73 -47.09 102.54 -29.43
C ASN I 73 -48.36 102.25 -28.65
N LYS I 74 -48.53 101.01 -28.18
CA LYS I 74 -49.65 100.68 -27.30
C LYS I 74 -49.43 101.21 -25.89
N PHE I 75 -48.19 101.56 -25.54
CA PHE I 75 -47.90 102.12 -24.23
C PHE I 75 -48.64 103.45 -24.04
N GLY I 76 -49.37 103.55 -22.94
CA GLY I 76 -50.19 104.72 -22.71
C GLY I 76 -49.58 105.64 -21.67
N LEU I 77 -48.28 105.47 -21.42
CA LEU I 77 -47.55 106.27 -20.45
C LEU I 77 -47.01 107.55 -21.10
N PRO I 78 -46.40 107.51 -22.28
CA PRO I 78 -45.99 108.77 -22.91
C PRO I 78 -47.20 109.53 -23.45
N ASP I 79 -47.10 110.86 -23.37
CA ASP I 79 -48.17 111.72 -23.85
C ASP I 79 -48.04 111.95 -25.36
N ASN I 80 -49.13 112.38 -25.98
CA ASN I 80 -49.11 112.63 -27.42
C ASN I 80 -48.28 113.86 -27.79
N THR I 81 -47.58 114.48 -26.84
CA THR I 81 -46.67 115.58 -27.15
C THR I 81 -45.32 115.07 -27.66
N VAL I 82 -44.94 113.85 -27.27
CA VAL I 82 -43.64 113.32 -27.70
C VAL I 82 -43.69 112.92 -29.17
N TYR I 83 -44.85 112.47 -29.66
CA TYR I 83 -44.99 112.03 -31.03
C TYR I 83 -46.46 111.98 -31.40
N ASP I 84 -46.71 111.91 -32.71
CA ASP I 84 -48.05 111.78 -33.24
C ASP I 84 -48.19 110.45 -33.96
N PRO I 85 -49.19 109.63 -33.63
CA PRO I 85 -49.31 108.31 -34.26
C PRO I 85 -49.83 108.37 -35.69
N ASN I 86 -49.55 109.47 -36.39
CA ASN I 86 -49.96 109.64 -37.78
C ASN I 86 -48.82 109.36 -38.75
N SER I 87 -47.63 109.89 -38.48
CA SER I 87 -46.48 109.66 -39.34
C SER I 87 -45.24 109.23 -38.55
N GLN I 88 -45.38 108.95 -37.26
CA GLN I 88 -44.25 108.54 -36.42
C GLN I 88 -44.66 107.31 -35.61
N ARG I 89 -43.70 106.43 -35.37
CA ARG I 89 -43.93 105.26 -34.53
C ARG I 89 -42.75 105.10 -33.57
N LEU I 90 -43.01 104.45 -32.44
CA LEU I 90 -42.05 104.30 -31.37
C LEU I 90 -41.40 102.92 -31.38
N VAL I 91 -40.19 102.86 -30.85
CA VAL I 91 -39.44 101.61 -30.75
C VAL I 91 -38.47 101.75 -29.59
N TRP I 92 -38.28 100.66 -28.84
CA TRP I 92 -37.38 100.67 -27.70
C TRP I 92 -35.93 100.47 -28.14
N ALA I 93 -35.02 101.17 -27.48
CA ALA I 93 -33.59 101.05 -27.73
C ALA I 93 -32.88 100.75 -26.41
N CYS I 94 -32.08 99.69 -26.41
CA CYS I 94 -31.38 99.28 -25.20
C CYS I 94 -30.17 100.17 -24.95
N VAL I 95 -30.03 100.63 -23.71
CA VAL I 95 -28.94 101.52 -23.32
C VAL I 95 -28.06 100.90 -22.25
N GLY I 96 -28.65 100.29 -21.24
CA GLY I 96 -27.89 99.70 -20.16
C GLY I 96 -28.30 98.27 -19.88
N VAL I 97 -27.33 97.47 -19.46
CA VAL I 97 -27.53 96.06 -19.13
C VAL I 97 -26.69 95.70 -17.93
N GLU I 98 -27.29 95.05 -16.94
CA GLU I 98 -26.55 94.47 -15.82
C GLU I 98 -27.07 93.05 -15.59
N ILE I 99 -26.18 92.07 -15.73
CA ILE I 99 -26.51 90.66 -15.56
C ILE I 99 -26.07 90.24 -14.17
N GLY I 100 -27.05 89.89 -13.32
CA GLY I 100 -26.76 89.49 -11.96
C GLY I 100 -26.57 87.99 -11.84
N ARG I 101 -25.50 87.59 -11.16
CA ARG I 101 -25.26 86.20 -10.82
C ARG I 101 -25.29 86.03 -9.31
N GLY I 102 -25.95 84.96 -8.85
CA GLY I 102 -26.27 84.81 -7.45
C GLY I 102 -25.37 83.89 -6.66
N GLN I 103 -25.18 82.66 -7.15
CA GLN I 103 -24.49 81.65 -6.37
C GLN I 103 -23.02 82.01 -6.17
N PRO I 104 -22.37 81.43 -5.17
CA PRO I 104 -20.94 81.72 -4.95
C PRO I 104 -20.07 81.08 -6.02
N LEU I 105 -18.85 81.59 -6.13
CA LEU I 105 -17.89 81.05 -7.07
C LEU I 105 -17.43 79.67 -6.64
N GLY I 106 -17.37 78.75 -7.60
CA GLY I 106 -16.94 77.39 -7.31
C GLY I 106 -16.54 76.68 -8.57
N VAL I 107 -15.81 75.57 -8.39
CA VAL I 107 -15.38 74.74 -9.49
C VAL I 107 -16.07 73.38 -9.36
N GLY I 108 -16.57 72.87 -10.48
CA GLY I 108 -17.29 71.62 -10.49
C GLY I 108 -16.74 70.68 -11.53
N LEU I 109 -16.90 69.39 -11.26
CA LEU I 109 -16.36 68.33 -12.11
C LEU I 109 -17.42 67.75 -13.02
N SER I 110 -16.98 67.28 -14.19
CA SER I 110 -17.80 66.51 -15.11
C SER I 110 -16.98 65.31 -15.55
N GLY I 111 -17.60 64.13 -15.50
CA GLY I 111 -16.85 62.93 -15.78
C GLY I 111 -17.61 61.86 -16.53
N HIS I 112 -17.04 60.67 -16.56
CA HIS I 112 -17.59 59.53 -17.27
C HIS I 112 -17.05 58.25 -16.63
N PRO I 113 -17.93 57.30 -16.31
CA PRO I 113 -17.45 56.04 -15.72
C PRO I 113 -16.63 55.20 -16.69
N LEU I 114 -16.93 55.28 -17.99
CA LEU I 114 -16.20 54.50 -18.98
C LEU I 114 -15.45 55.42 -19.93
N TYR I 115 -14.56 56.25 -19.39
CA TYR I 115 -13.79 57.17 -20.21
C TYR I 115 -12.70 56.41 -20.95
N ASN I 116 -12.48 56.78 -22.22
CA ASN I 116 -11.51 56.09 -23.08
C ASN I 116 -10.13 56.65 -22.77
N LYS I 117 -9.53 56.12 -21.69
CA LYS I 117 -8.19 56.49 -21.25
C LYS I 117 -7.32 55.24 -21.29
N LEU I 118 -6.38 55.19 -22.22
CA LEU I 118 -5.49 54.03 -22.36
C LEU I 118 -4.26 54.18 -21.48
N ASP I 119 -3.32 55.03 -21.89
CA ASP I 119 -2.05 55.19 -21.19
C ASP I 119 -1.79 56.66 -20.87
N ASP I 120 -1.13 56.89 -19.75
CA ASP I 120 -0.63 58.22 -19.41
C ASP I 120 0.65 58.48 -20.19
N THR I 121 0.64 59.51 -21.03
CA THR I 121 1.79 59.85 -21.85
C THR I 121 2.56 61.05 -21.33
N GLU I 122 2.26 61.51 -20.12
CA GLU I 122 2.88 62.69 -19.51
C GLU I 122 3.91 62.29 -18.48
N ASN I 123 4.88 61.46 -18.88
CA ASN I 123 6.00 61.06 -18.04
C ASN I 123 5.53 59.99 -17.05
N SER I 124 4.87 58.96 -17.56
CA SER I 124 4.36 57.87 -16.74
C SER I 124 5.44 56.81 -16.57
N HIS I 125 5.86 56.58 -15.32
CA HIS I 125 6.71 55.45 -14.97
C HIS I 125 5.96 54.43 -14.12
N VAL I 126 4.63 54.53 -14.07
CA VAL I 126 3.84 53.63 -13.25
C VAL I 126 3.78 52.24 -13.88
N ALA I 127 3.19 52.14 -15.06
CA ALA I 127 3.06 50.87 -15.77
C ALA I 127 2.58 51.17 -17.19
N SER I 128 2.26 50.11 -17.93
CA SER I 128 1.69 50.22 -19.27
C SER I 128 0.52 49.26 -19.37
N ALA I 129 -0.58 49.74 -19.95
CA ALA I 129 -1.81 48.98 -20.00
C ALA I 129 -1.89 48.11 -21.26
N VAL I 130 -2.50 46.95 -21.12
CA VAL I 130 -2.74 46.06 -22.25
C VAL I 130 -4.00 46.51 -22.97
N ASP I 131 -3.95 46.51 -24.31
CA ASP I 131 -5.05 47.06 -25.10
C ASP I 131 -6.20 46.08 -25.29
N THR I 132 -5.98 44.79 -25.06
CA THR I 132 -6.96 43.77 -25.38
C THR I 132 -8.29 44.01 -24.67
N LYS I 133 -8.27 44.02 -23.34
CA LYS I 133 -9.50 44.05 -22.56
C LYS I 133 -10.09 45.45 -22.56
N ASP I 134 -11.15 45.65 -21.77
CA ASP I 134 -11.84 46.94 -21.67
C ASP I 134 -10.99 47.88 -20.83
N THR I 135 -10.13 48.64 -21.52
CA THR I 135 -9.24 49.58 -20.85
C THR I 135 -9.87 50.97 -20.76
N ARG I 136 -11.01 51.03 -20.08
CA ARG I 136 -11.76 52.27 -19.88
C ARG I 136 -11.85 52.57 -18.39
N ASP I 137 -11.29 53.70 -17.98
CA ASP I 137 -11.25 54.10 -16.58
C ASP I 137 -12.36 55.11 -16.28
N ASN I 138 -12.73 55.20 -15.01
CA ASN I 138 -13.67 56.20 -14.54
C ASN I 138 -12.93 57.51 -14.32
N VAL I 139 -13.16 58.49 -15.20
CA VAL I 139 -12.36 59.70 -15.24
C VAL I 139 -13.27 60.91 -15.17
N SER I 140 -12.93 61.87 -14.30
CA SER I 140 -13.60 63.16 -14.25
C SER I 140 -12.60 64.27 -14.57
N VAL I 141 -13.13 65.46 -14.85
CA VAL I 141 -12.30 66.57 -15.30
C VAL I 141 -13.09 67.86 -15.08
N ASP I 142 -12.36 68.94 -14.76
CA ASP I 142 -12.98 70.26 -14.69
C ASP I 142 -12.80 70.97 -16.03
N TYR I 143 -13.91 71.45 -16.58
CA TYR I 143 -13.90 71.94 -17.94
C TYR I 143 -13.17 73.27 -18.05
N LYS I 144 -12.99 73.71 -19.30
CA LYS I 144 -12.47 75.04 -19.59
C LYS I 144 -13.39 76.13 -19.03
N GLN I 145 -12.79 77.20 -18.54
CA GLN I 145 -13.54 78.30 -17.95
C GLN I 145 -13.95 79.30 -19.03
N THR I 146 -15.24 79.62 -19.09
CA THR I 146 -15.76 80.49 -20.14
C THR I 146 -16.82 81.43 -19.58
N GLN I 147 -16.64 82.72 -19.83
CA GLN I 147 -17.66 83.73 -19.54
C GLN I 147 -17.94 84.49 -20.84
N LEU I 148 -19.19 84.51 -21.27
CA LEU I 148 -19.53 85.24 -22.48
C LEU I 148 -20.91 85.87 -22.35
N CYS I 149 -21.12 86.95 -23.08
CA CYS I 149 -22.36 87.71 -23.05
C CYS I 149 -22.56 88.38 -24.39
N ILE I 150 -23.74 88.17 -24.98
CA ILE I 150 -24.10 88.69 -26.29
C ILE I 150 -25.52 89.25 -26.20
N ILE I 151 -25.70 90.49 -26.66
CA ILE I 151 -27.01 91.15 -26.62
C ILE I 151 -27.42 91.49 -28.04
N GLY I 152 -28.67 91.17 -28.39
CA GLY I 152 -29.19 91.48 -29.69
C GLY I 152 -30.69 91.58 -29.68
N CYS I 153 -31.27 91.67 -30.88
CA CYS I 153 -32.70 91.52 -31.08
C CYS I 153 -33.03 90.29 -31.90
N VAL I 154 -32.02 89.51 -32.26
CA VAL I 154 -32.15 88.27 -33.02
C VAL I 154 -31.30 87.24 -32.28
N PRO I 155 -31.74 85.99 -32.15
CA PRO I 155 -30.91 85.00 -31.43
C PRO I 155 -29.52 84.87 -32.03
N ALA I 156 -28.54 84.69 -31.16
CA ALA I 156 -27.14 84.65 -31.57
C ALA I 156 -26.85 83.44 -32.46
N ILE I 157 -25.83 83.58 -33.29
CA ILE I 157 -25.42 82.54 -34.23
C ILE I 157 -24.18 81.86 -33.68
N GLY I 158 -24.22 80.55 -33.57
CA GLY I 158 -23.08 79.78 -33.13
C GLY I 158 -22.59 78.80 -34.18
N GLU I 159 -21.34 78.34 -34.05
CA GLU I 159 -20.75 77.42 -34.99
C GLU I 159 -20.36 76.12 -34.28
N HIS I 160 -20.41 75.02 -35.03
CA HIS I 160 -19.92 73.75 -34.51
C HIS I 160 -19.67 72.82 -35.69
N TRP I 161 -18.83 71.82 -35.46
CA TRP I 161 -18.48 70.84 -36.49
C TRP I 161 -19.40 69.64 -36.39
N THR I 162 -19.90 69.19 -37.55
CA THR I 162 -20.80 68.05 -37.62
C THR I 162 -20.34 67.13 -38.75
N LYS I 163 -20.90 65.92 -38.74
CA LYS I 163 -20.68 64.96 -39.81
C LYS I 163 -21.23 65.49 -41.13
N GLY I 164 -20.35 65.98 -41.99
CA GLY I 164 -20.80 66.57 -43.24
C GLY I 164 -21.46 65.55 -44.15
N THR I 165 -22.33 66.06 -45.03
CA THR I 165 -22.98 65.22 -46.02
C THR I 165 -21.95 64.50 -46.89
N ALA I 166 -22.35 63.35 -47.43
CA ALA I 166 -21.48 62.55 -48.27
C ALA I 166 -20.85 63.40 -49.37
N SER I 167 -19.54 63.22 -49.56
CA SER I 167 -18.80 64.05 -50.50
C SER I 167 -19.37 63.95 -51.91
N LYS I 168 -19.43 62.72 -52.44
CA LYS I 168 -19.97 62.47 -53.76
C LYS I 168 -21.00 61.34 -53.68
N PRO I 169 -21.68 61.00 -54.78
CA PRO I 169 -22.39 59.71 -54.83
C PRO I 169 -21.41 58.55 -54.80
N THR I 170 -20.62 58.45 -53.73
CA THR I 170 -19.50 57.54 -53.63
C THR I 170 -19.74 56.57 -52.48
N THR I 171 -19.53 55.27 -52.73
CA THR I 171 -19.60 54.27 -51.68
C THR I 171 -18.32 54.31 -50.87
N VAL I 172 -18.44 54.70 -49.60
CA VAL I 172 -17.29 54.81 -48.71
C VAL I 172 -17.31 53.63 -47.75
N VAL I 173 -16.12 53.15 -47.39
CA VAL I 173 -16.01 51.97 -46.53
C VAL I 173 -16.45 52.33 -45.11
N GLN I 174 -17.05 51.35 -44.43
CA GLN I 174 -17.42 51.54 -43.04
C GLN I 174 -16.17 51.62 -42.18
N GLY I 175 -16.13 52.58 -41.26
CA GLY I 175 -14.98 52.83 -40.44
C GLY I 175 -14.08 53.96 -40.93
N ASP I 176 -14.30 54.45 -42.14
CA ASP I 176 -13.53 55.59 -42.63
C ASP I 176 -13.98 56.86 -41.92
N CYS I 177 -13.13 57.87 -41.96
CA CYS I 177 -13.43 59.13 -41.31
C CYS I 177 -14.45 59.90 -42.13
N PRO I 178 -15.60 60.28 -41.56
CA PRO I 178 -16.57 61.05 -42.31
C PRO I 178 -16.08 62.48 -42.54
N PRO I 179 -16.59 63.16 -43.55
CA PRO I 179 -16.19 64.56 -43.75
C PRO I 179 -16.71 65.46 -42.65
N LEU I 180 -15.90 66.43 -42.25
CA LEU I 180 -16.26 67.39 -41.22
C LEU I 180 -16.76 68.67 -41.87
N GLU I 181 -17.94 69.12 -41.44
CA GLU I 181 -18.55 70.33 -41.99
C GLU I 181 -18.86 71.30 -40.85
N LEU I 182 -18.41 72.54 -40.99
CA LEU I 182 -18.73 73.57 -40.01
C LEU I 182 -20.13 74.11 -40.31
N ILE I 183 -20.93 74.26 -39.26
CA ILE I 183 -22.34 74.62 -39.39
C ILE I 183 -22.68 75.70 -38.38
N ASN I 184 -23.42 76.71 -38.83
CA ASN I 184 -23.98 77.75 -37.98
C ASN I 184 -25.43 77.41 -37.63
N THR I 185 -25.77 77.59 -36.36
CA THR I 185 -27.11 77.33 -35.85
C THR I 185 -27.44 78.40 -34.82
N PRO I 186 -28.72 78.74 -34.67
CA PRO I 186 -29.11 79.68 -33.61
C PRO I 186 -28.88 79.06 -32.24
N ILE I 187 -28.31 79.86 -31.33
CA ILE I 187 -27.96 79.39 -30.00
C ILE I 187 -29.22 79.45 -29.14
N GLU I 188 -29.71 78.28 -28.73
CA GLU I 188 -30.90 78.17 -27.89
C GLU I 188 -30.49 77.98 -26.43
N ASP I 189 -31.44 78.27 -25.54
CA ASP I 189 -31.21 78.06 -24.11
C ASP I 189 -31.09 76.58 -23.82
N GLY I 190 -30.00 76.19 -23.16
CA GLY I 190 -29.74 74.81 -22.84
C GLY I 190 -28.65 74.16 -23.68
N ASP I 191 -28.25 74.79 -24.78
CA ASP I 191 -27.17 74.25 -25.60
C ASP I 191 -25.87 74.18 -24.80
N MET I 192 -24.99 73.27 -25.19
CA MET I 192 -23.73 73.07 -24.50
C MET I 192 -22.64 73.95 -25.09
N VAL I 193 -21.80 74.49 -24.23
CA VAL I 193 -20.71 75.38 -24.66
C VAL I 193 -19.47 74.55 -24.93
N ASP I 194 -18.51 75.15 -25.64
CA ASP I 194 -17.19 74.56 -25.75
C ASP I 194 -16.60 74.38 -24.35
N THR I 195 -16.18 73.15 -24.05
CA THR I 195 -15.70 72.80 -22.72
C THR I 195 -14.23 72.42 -22.67
N GLY I 196 -13.51 72.54 -23.78
CA GLY I 196 -12.12 72.16 -23.85
C GLY I 196 -11.83 70.98 -24.75
N TYR I 197 -12.87 70.29 -25.24
CA TYR I 197 -12.71 69.21 -26.20
C TYR I 197 -13.07 69.63 -27.61
N GLY I 198 -13.36 70.91 -27.83
CA GLY I 198 -13.75 71.42 -29.12
C GLY I 198 -15.25 71.63 -29.22
N ALA I 199 -15.63 72.36 -30.27
CA ALA I 199 -17.03 72.67 -30.55
C ALA I 199 -17.48 71.78 -31.72
N MET I 200 -18.08 70.65 -31.40
CA MET I 200 -18.50 69.69 -32.41
C MET I 200 -19.67 68.87 -31.87
N ASP I 201 -20.22 68.04 -32.76
CA ASP I 201 -21.34 67.16 -32.42
C ASP I 201 -20.76 65.84 -31.92
N PHE I 202 -20.64 65.69 -30.61
CA PHE I 202 -20.07 64.48 -30.03
C PHE I 202 -20.98 63.27 -30.24
N LYS I 203 -22.29 63.49 -30.35
CA LYS I 203 -23.19 62.38 -30.58
C LYS I 203 -23.03 61.80 -31.98
N LEU I 204 -22.77 62.66 -32.97
CA LEU I 204 -22.72 62.23 -34.36
C LEU I 204 -21.32 61.81 -34.81
N LEU I 205 -20.28 62.37 -34.22
CA LEU I 205 -18.91 62.09 -34.64
C LEU I 205 -18.18 61.13 -33.73
N GLN I 206 -18.81 60.67 -32.64
CA GLN I 206 -18.18 59.73 -31.71
C GLN I 206 -19.20 58.63 -31.38
N ASP I 207 -19.18 57.56 -32.15
CA ASP I 207 -19.99 56.38 -31.84
C ASP I 207 -19.52 55.68 -30.57
N ASN I 208 -18.32 56.00 -30.09
CA ASN I 208 -17.79 55.35 -28.88
C ASN I 208 -18.66 55.61 -27.67
N LYS I 209 -19.24 56.81 -27.58
CA LYS I 209 -19.93 57.28 -26.37
C LYS I 209 -19.02 57.19 -25.16
N SER I 210 -17.72 57.44 -25.39
CA SER I 210 -16.74 57.27 -24.30
C SER I 210 -15.52 58.16 -24.47
N GLU I 211 -15.54 59.14 -25.37
CA GLU I 211 -14.39 60.01 -25.58
C GLU I 211 -14.42 61.25 -24.71
N VAL I 212 -15.62 61.71 -24.35
CA VAL I 212 -15.79 62.93 -23.57
C VAL I 212 -16.78 62.62 -22.44
N PRO I 213 -16.78 63.43 -21.38
CA PRO I 213 -17.65 63.14 -20.24
C PRO I 213 -19.13 63.14 -20.61
N LEU I 214 -19.95 62.65 -19.68
CA LEU I 214 -21.38 62.49 -19.92
C LEU I 214 -22.06 63.81 -20.23
N ASP I 215 -21.50 64.92 -19.75
CA ASP I 215 -22.07 66.24 -20.04
C ASP I 215 -22.31 66.45 -21.53
N ILE I 216 -21.38 65.99 -22.36
CA ILE I 216 -21.35 66.35 -23.77
C ILE I 216 -21.26 65.14 -24.69
N CYS I 217 -21.16 63.93 -24.14
CA CYS I 217 -20.92 62.74 -24.97
C CYS I 217 -22.05 62.48 -25.96
N GLN I 218 -23.24 63.04 -25.72
CA GLN I 218 -24.37 62.87 -26.62
C GLN I 218 -25.05 64.20 -26.90
N SER I 219 -24.28 65.29 -26.94
CA SER I 219 -24.80 66.63 -27.15
C SER I 219 -23.93 67.33 -28.18
N ILE I 220 -24.23 68.61 -28.43
CA ILE I 220 -23.50 69.44 -29.37
C ILE I 220 -22.89 70.60 -28.59
N CYS I 221 -21.60 70.82 -28.78
CA CYS I 221 -20.89 71.96 -28.20
C CYS I 221 -20.80 73.04 -29.25
N LYS I 222 -21.38 74.20 -28.95
CA LYS I 222 -21.42 75.33 -29.88
C LYS I 222 -20.51 76.45 -29.38
N TYR I 223 -19.82 77.09 -30.31
CA TYR I 223 -19.01 78.25 -30.01
C TYR I 223 -19.55 79.45 -30.79
N PRO I 224 -19.69 80.61 -30.16
CA PRO I 224 -20.28 81.76 -30.86
C PRO I 224 -19.43 82.16 -32.07
N ASP I 225 -20.10 82.35 -33.21
CA ASP I 225 -19.42 82.73 -34.44
C ASP I 225 -19.31 84.25 -34.46
N TYR I 226 -18.35 84.76 -33.68
CA TYR I 226 -18.10 86.20 -33.64
C TYR I 226 -17.76 86.74 -35.02
N LEU I 227 -17.06 85.95 -35.83
CA LEU I 227 -16.70 86.39 -37.18
C LEU I 227 -17.93 86.62 -38.04
N GLN I 228 -18.93 85.73 -37.93
CA GLN I 228 -20.13 85.87 -38.75
C GLN I 228 -21.06 86.95 -38.20
N MET I 229 -21.23 87.00 -36.87
CA MET I 229 -22.12 87.99 -36.28
C MET I 229 -21.57 89.40 -36.43
N SER I 230 -20.25 89.55 -36.45
CA SER I 230 -19.65 90.86 -36.66
C SER I 230 -19.69 91.27 -38.12
N ALA I 231 -19.66 90.30 -39.03
CA ALA I 231 -19.79 90.55 -40.46
C ALA I 231 -21.24 90.66 -40.91
N ASP I 232 -22.18 90.65 -39.96
CA ASP I 232 -23.60 90.80 -40.28
C ASP I 232 -23.84 92.12 -41.00
N ALA I 233 -24.81 92.10 -41.92
CA ALA I 233 -25.15 93.31 -42.66
C ALA I 233 -25.78 94.34 -41.74
N TYR I 234 -26.87 93.98 -41.07
CA TYR I 234 -27.58 94.89 -40.20
C TYR I 234 -27.03 94.90 -38.78
N GLY I 235 -26.44 93.80 -38.33
CA GLY I 235 -25.92 93.74 -36.98
C GLY I 235 -26.96 93.48 -35.91
N ASP I 236 -28.07 92.81 -36.26
CA ASP I 236 -29.09 92.50 -35.28
C ASP I 236 -28.70 91.34 -34.38
N SER I 237 -27.89 90.41 -34.88
CA SER I 237 -27.55 89.21 -34.11
C SER I 237 -26.74 89.54 -32.87
N MET I 238 -25.86 90.53 -32.96
CA MET I 238 -24.97 90.84 -31.86
C MET I 238 -24.55 92.31 -31.97
N PHE I 239 -25.01 93.15 -31.05
CA PHE I 239 -24.48 94.50 -30.93
C PHE I 239 -23.78 94.76 -29.61
N PHE I 240 -23.52 93.72 -28.82
CA PHE I 240 -22.72 93.85 -27.60
C PHE I 240 -22.21 92.47 -27.23
N CYS I 241 -20.89 92.36 -27.04
CA CYS I 241 -20.24 91.06 -26.88
C CYS I 241 -19.07 91.18 -25.92
N LEU I 242 -19.08 90.34 -24.89
CA LEU I 242 -17.98 90.25 -23.92
C LEU I 242 -17.60 88.80 -23.73
N ARG I 243 -16.38 88.43 -24.11
CA ARG I 243 -15.90 87.07 -23.94
C ARG I 243 -14.64 87.07 -23.06
N ARG I 244 -14.46 85.97 -22.35
CA ARG I 244 -13.33 85.80 -21.44
C ARG I 244 -13.21 84.32 -21.08
N GLU I 245 -12.28 83.62 -21.71
CA GLU I 245 -12.13 82.18 -21.57
C GLU I 245 -10.68 81.83 -21.28
N GLN I 246 -10.48 80.73 -20.55
CA GLN I 246 -9.14 80.24 -20.26
C GLN I 246 -9.20 78.73 -20.04
N VAL I 247 -8.09 78.06 -20.38
CA VAL I 247 -7.99 76.61 -20.33
C VAL I 247 -6.53 76.21 -20.43
N PHE I 248 -6.17 75.08 -19.82
CA PHE I 248 -4.84 74.49 -20.00
C PHE I 248 -4.95 72.98 -19.89
N ALA I 249 -3.90 72.30 -20.35
CA ALA I 249 -3.85 70.84 -20.37
C ALA I 249 -3.27 70.33 -19.05
N ARG I 250 -4.09 69.59 -18.29
CA ARG I 250 -3.68 69.13 -16.97
C ARG I 250 -2.96 67.78 -17.03
N HIS I 251 -3.55 66.80 -17.72
CA HIS I 251 -2.96 65.48 -17.86
C HIS I 251 -3.04 65.02 -19.31
N PHE I 252 -2.03 64.27 -19.74
CA PHE I 252 -1.92 63.79 -21.11
C PHE I 252 -2.23 62.31 -21.13
N TRP I 253 -3.05 61.88 -22.08
CA TRP I 253 -3.56 60.52 -22.10
C TRP I 253 -3.47 59.92 -23.49
N ASN I 254 -3.75 58.62 -23.57
CA ASN I 254 -3.79 57.86 -24.80
C ASN I 254 -5.17 57.29 -25.00
N ARG I 255 -5.56 57.11 -26.27
CA ARG I 255 -6.87 56.59 -26.63
C ARG I 255 -6.73 55.17 -27.14
N SER I 256 -7.53 54.26 -26.57
CA SER I 256 -7.56 52.90 -27.07
C SER I 256 -8.47 52.81 -28.30
N GLY I 257 -8.22 51.80 -29.13
CA GLY I 257 -8.91 51.67 -30.39
C GLY I 257 -7.97 51.68 -31.57
N THR I 258 -8.32 50.98 -32.64
CA THR I 258 -7.43 50.85 -33.78
C THR I 258 -7.27 52.19 -34.50
N MET I 259 -6.02 52.52 -34.82
CA MET I 259 -5.71 53.80 -35.46
C MET I 259 -6.17 53.77 -36.92
N GLY I 260 -7.10 54.65 -37.27
CA GLY I 260 -7.60 54.69 -38.63
C GLY I 260 -6.61 55.23 -39.63
N ASP I 261 -5.70 56.09 -39.18
CA ASP I 261 -4.68 56.68 -40.04
C ASP I 261 -3.36 55.94 -39.82
N GLN I 262 -2.78 55.42 -40.89
CA GLN I 262 -1.52 54.69 -40.79
C GLN I 262 -0.38 55.65 -40.46
N LEU I 263 0.34 55.37 -39.40
CA LEU I 263 1.51 56.16 -39.04
C LEU I 263 2.59 55.99 -40.12
N PRO I 264 2.97 57.05 -40.82
CA PRO I 264 3.96 56.90 -41.89
C PRO I 264 5.30 56.40 -41.35
N GLU I 265 5.83 55.37 -41.99
CA GLU I 265 7.08 54.77 -41.53
C GLU I 265 8.28 55.69 -41.74
N SER I 266 8.11 56.83 -42.39
CA SER I 266 9.17 57.82 -42.51
C SER I 266 9.42 58.56 -41.20
N LEU I 267 8.55 58.43 -40.21
CA LEU I 267 8.61 59.24 -39.01
C LEU I 267 9.15 58.50 -37.79
N TYR I 268 9.56 57.24 -37.93
CA TYR I 268 10.09 56.51 -36.79
C TYR I 268 10.93 55.34 -37.28
N ILE I 269 11.61 54.70 -36.32
CA ILE I 269 12.40 53.50 -36.56
C ILE I 269 11.86 52.40 -35.65
N LYS I 270 11.56 51.24 -36.22
CA LYS I 270 10.74 50.25 -35.55
C LYS I 270 11.46 49.49 -34.45
N GLY I 271 12.78 49.42 -34.47
CA GLY I 271 13.50 48.65 -33.48
C GLY I 271 13.67 47.19 -33.86
N THR I 272 14.18 46.42 -32.89
CA THR I 272 14.58 45.04 -33.17
C THR I 272 13.37 44.16 -33.53
N ASP I 273 12.26 44.32 -32.82
CA ASP I 273 11.04 43.57 -33.12
C ASP I 273 10.43 44.17 -34.38
N ILE I 274 10.97 43.73 -35.53
CA ILE I 274 10.59 44.29 -36.82
C ILE I 274 9.14 43.98 -37.16
N ARG I 275 8.39 43.49 -36.17
CA ARG I 275 6.94 43.29 -36.23
C ARG I 275 6.26 44.24 -35.27
N ALA I 276 6.77 45.46 -35.15
CA ALA I 276 6.34 46.31 -34.06
C ALA I 276 5.08 47.05 -34.45
N ASN I 277 4.01 46.79 -33.71
CA ASN I 277 2.79 47.54 -33.87
C ASN I 277 3.00 48.89 -33.22
N PRO I 278 2.83 50.00 -33.95
CA PRO I 278 3.00 51.32 -33.32
C PRO I 278 1.95 51.54 -32.25
N GLY I 279 2.40 51.99 -31.08
CA GLY I 279 1.48 52.29 -30.00
C GLY I 279 0.50 53.37 -30.38
N SER I 280 -0.56 53.50 -29.57
CA SER I 280 -1.59 54.49 -29.83
C SER I 280 -0.95 55.88 -29.88
N TYR I 281 -1.20 56.60 -30.97
CA TYR I 281 -0.63 57.93 -31.18
C TYR I 281 -1.73 58.97 -31.38
N LEU I 282 -2.88 58.77 -30.73
CA LEU I 282 -3.98 59.73 -30.69
C LEU I 282 -4.05 60.24 -29.25
N TYR I 283 -3.52 61.45 -29.03
CA TYR I 283 -3.37 62.01 -27.70
C TYR I 283 -4.44 63.06 -27.45
N SER I 284 -5.12 62.97 -26.31
CA SER I 284 -6.15 63.92 -25.92
C SER I 284 -5.89 64.34 -24.48
N PRO I 285 -5.70 65.63 -24.21
CA PRO I 285 -5.45 66.09 -22.85
C PRO I 285 -6.74 66.32 -22.06
N SER I 286 -6.61 66.28 -20.74
CA SER I 286 -7.71 66.66 -19.87
C SER I 286 -7.68 68.17 -19.66
N PRO I 287 -8.69 68.91 -20.10
CA PRO I 287 -8.67 70.37 -19.93
C PRO I 287 -8.88 70.76 -18.47
N SER I 288 -8.54 72.00 -18.17
CA SER I 288 -8.74 72.55 -16.83
C SER I 288 -8.83 74.06 -16.92
N GLY I 289 -9.75 74.64 -16.14
CA GLY I 289 -9.99 76.06 -16.15
C GLY I 289 -9.16 76.86 -15.16
N SER I 290 -8.15 76.24 -14.55
CA SER I 290 -7.23 76.89 -13.61
C SER I 290 -8.02 77.55 -12.49
N VAL I 291 -7.52 78.65 -11.94
CA VAL I 291 -8.11 79.29 -10.78
C VAL I 291 -9.27 80.17 -11.21
N VAL I 292 -10.35 80.12 -10.43
CA VAL I 292 -11.48 81.03 -10.60
C VAL I 292 -11.38 82.10 -9.52
N THR I 293 -11.25 83.36 -9.93
CA THR I 293 -11.14 84.48 -9.01
C THR I 293 -12.14 85.55 -9.39
N SER I 294 -12.61 86.29 -8.38
CA SER I 294 -13.54 87.38 -8.62
C SER I 294 -12.89 88.58 -9.29
N ASP I 295 -11.55 88.63 -9.33
CA ASP I 295 -10.87 89.68 -10.07
C ASP I 295 -11.14 89.55 -11.56
N SER I 296 -11.19 88.32 -12.06
CA SER I 296 -11.50 88.04 -13.45
C SER I 296 -13.01 87.97 -13.71
N GLN I 297 -13.84 88.25 -12.71
CA GLN I 297 -15.27 88.17 -12.89
C GLN I 297 -15.74 89.20 -13.91
N LEU I 298 -16.76 88.83 -14.69
CA LEU I 298 -17.22 89.64 -15.80
C LEU I 298 -18.67 90.09 -15.66
N PHE I 299 -19.41 89.59 -14.69
CA PHE I 299 -20.82 89.94 -14.49
C PHE I 299 -20.98 90.67 -13.16
N ASN I 300 -22.25 90.87 -12.78
CA ASN I 300 -22.62 91.70 -11.63
C ASN I 300 -22.11 93.13 -11.76
N LYS I 301 -21.85 93.56 -12.99
CA LYS I 301 -21.38 94.89 -13.30
C LYS I 301 -22.32 95.57 -14.28
N PRO I 302 -22.53 96.88 -14.17
CA PRO I 302 -23.31 97.59 -15.17
C PRO I 302 -22.50 97.83 -16.43
N TYR I 303 -23.14 97.64 -17.57
CA TYR I 303 -22.54 97.89 -18.88
C TYR I 303 -23.44 98.83 -19.66
N TRP I 304 -22.87 99.93 -20.13
CA TRP I 304 -23.60 100.98 -20.84
C TRP I 304 -23.25 100.89 -22.31
N LEU I 305 -24.28 100.70 -23.15
CA LEU I 305 -24.10 100.60 -24.60
C LEU I 305 -24.18 101.99 -25.21
N HIS I 306 -23.06 102.45 -25.77
CA HIS I 306 -23.03 103.73 -26.47
C HIS I 306 -23.02 103.51 -27.98
N LYS I 307 -21.93 102.97 -28.50
CA LYS I 307 -21.81 102.60 -29.90
C LYS I 307 -21.87 101.09 -30.02
N ALA I 308 -22.76 100.58 -30.86
CA ALA I 308 -22.83 99.15 -31.08
C ALA I 308 -21.77 98.72 -32.09
N GLN I 309 -21.54 97.41 -32.17
CA GLN I 309 -20.56 96.91 -33.13
C GLN I 309 -21.09 96.95 -34.55
N GLY I 310 -22.40 96.76 -34.74
CA GLY I 310 -23.00 96.80 -36.04
C GLY I 310 -23.76 98.10 -36.29
N LEU I 311 -24.48 98.12 -37.41
CA LEU I 311 -25.24 99.33 -37.75
C LEU I 311 -26.47 99.48 -36.87
N ASN I 312 -27.10 98.37 -36.47
CA ASN I 312 -28.17 98.44 -35.48
C ASN I 312 -27.54 98.80 -34.14
N ASN I 313 -27.84 100.00 -33.66
CA ASN I 313 -27.21 100.52 -32.44
C ASN I 313 -28.10 100.28 -31.22
N GLY I 314 -28.32 98.99 -30.95
CA GLY I 314 -29.07 98.60 -29.77
C GLY I 314 -30.55 98.87 -29.85
N ILE I 315 -31.14 98.80 -31.05
CA ILE I 315 -32.56 99.03 -31.22
C ILE I 315 -33.27 97.69 -31.19
N CYS I 316 -34.25 97.56 -30.29
CA CYS I 316 -34.95 96.29 -30.08
C CYS I 316 -36.19 96.26 -30.96
N TRP I 317 -35.99 95.88 -32.21
CA TRP I 317 -37.10 95.70 -33.13
C TRP I 317 -38.06 94.64 -32.60
N HIS I 318 -39.35 94.84 -32.90
CA HIS I 318 -40.42 93.96 -32.45
C HIS I 318 -40.52 93.89 -30.93
N ASN I 319 -39.92 94.86 -30.24
CA ASN I 319 -40.01 94.97 -28.78
C ASN I 319 -39.52 93.69 -28.09
N GLN I 320 -38.41 93.15 -28.57
CA GLN I 320 -37.81 91.96 -27.99
C GLN I 320 -36.31 92.12 -27.98
N LEU I 321 -35.66 91.32 -27.13
CA LEU I 321 -34.22 91.41 -26.93
C LEU I 321 -33.71 90.05 -26.52
N PHE I 322 -32.73 89.52 -27.25
CA PHE I 322 -32.16 88.20 -26.98
C PHE I 322 -30.84 88.38 -26.26
N LEU I 323 -30.70 87.71 -25.11
CA LEU I 323 -29.50 87.81 -24.27
C LEU I 323 -28.92 86.42 -24.12
N THR I 324 -27.79 86.16 -24.78
CA THR I 324 -27.05 84.91 -24.62
C THR I 324 -25.94 85.11 -23.60
N VAL I 325 -25.82 84.19 -22.65
CA VAL I 325 -24.84 84.35 -21.57
C VAL I 325 -24.38 82.97 -21.13
N VAL I 326 -23.06 82.85 -20.91
CA VAL I 326 -22.44 81.66 -20.36
C VAL I 326 -21.56 82.07 -19.19
N ASP I 327 -21.72 81.41 -18.05
CA ASP I 327 -20.95 81.71 -16.85
C ASP I 327 -20.58 80.39 -16.18
N THR I 328 -19.31 79.99 -16.32
CA THR I 328 -18.82 78.75 -15.75
C THR I 328 -18.02 78.96 -14.47
N THR I 329 -18.04 80.17 -13.92
CA THR I 329 -17.32 80.48 -12.69
C THR I 329 -18.09 80.10 -11.43
N ARG I 330 -19.27 79.52 -11.57
CA ARG I 330 -20.10 79.08 -10.45
C ARG I 330 -20.56 77.64 -10.70
N SER I 331 -19.61 76.78 -11.05
CA SER I 331 -19.89 75.42 -11.48
C SER I 331 -19.92 74.41 -10.34
N THR I 332 -19.85 74.87 -9.09
CA THR I 332 -19.91 73.95 -7.97
C THR I 332 -21.22 73.18 -7.97
N ASN I 333 -21.16 71.92 -7.56
CA ASN I 333 -22.31 71.02 -7.58
C ASN I 333 -22.64 70.59 -6.16
N LEU I 334 -23.91 70.74 -5.78
CA LEU I 334 -24.36 70.26 -4.48
C LEU I 334 -24.54 68.75 -4.51
N SER I 335 -24.02 68.07 -3.50
CA SER I 335 -24.20 66.63 -3.35
C SER I 335 -25.12 66.39 -2.18
N VAL I 336 -26.35 65.97 -2.47
CA VAL I 336 -27.35 65.68 -1.45
C VAL I 336 -27.53 64.17 -1.39
N CYS I 337 -27.53 63.61 -0.18
CA CYS I 337 -27.69 62.18 0.01
C CYS I 337 -28.73 61.93 1.10
N ALA I 338 -29.53 60.89 0.91
CA ALA I 338 -30.60 60.54 1.84
C ALA I 338 -30.51 59.05 2.19
N SER I 339 -30.66 58.74 3.46
CA SER I 339 -30.54 57.36 3.91
C SER I 339 -31.69 56.51 3.41
N THR I 340 -31.40 55.26 3.07
CA THR I 340 -32.42 54.31 2.62
C THR I 340 -33.24 53.75 3.77
N THR I 341 -32.70 53.74 4.98
CA THR I 341 -33.46 53.39 6.16
C THR I 341 -34.26 54.60 6.64
N SER I 342 -35.41 54.34 7.25
CA SER I 342 -36.29 55.42 7.68
C SER I 342 -35.54 56.42 8.56
N SER I 343 -34.78 55.92 9.52
CA SER I 343 -33.82 56.71 10.27
C SER I 343 -32.47 56.02 10.20
N ILE I 344 -31.41 56.82 10.16
CA ILE I 344 -30.08 56.24 9.93
C ILE I 344 -29.69 55.40 11.15
N PRO I 345 -29.27 54.15 10.96
CA PRO I 345 -28.53 53.47 12.02
C PRO I 345 -27.14 54.06 12.14
N ASN I 346 -26.72 54.35 13.37
CA ASN I 346 -25.46 55.06 13.57
C ASN I 346 -24.28 54.20 13.16
N VAL I 347 -24.35 53.65 11.94
CA VAL I 347 -23.31 52.85 11.32
C VAL I 347 -23.34 53.16 9.84
N TYR I 348 -22.18 53.45 9.26
CA TYR I 348 -22.11 53.81 7.85
C TYR I 348 -21.86 52.59 6.99
N THR I 349 -22.70 52.40 5.98
CA THR I 349 -22.51 51.43 4.92
C THR I 349 -22.92 52.11 3.62
N PRO I 350 -22.15 51.95 2.54
CA PRO I 350 -22.49 52.63 1.28
C PRO I 350 -23.85 52.25 0.73
N THR I 351 -24.37 51.07 1.07
CA THR I 351 -25.67 50.64 0.57
C THR I 351 -26.84 51.33 1.27
N SER I 352 -26.59 52.03 2.37
CA SER I 352 -27.64 52.65 3.16
C SER I 352 -27.75 54.15 2.93
N PHE I 353 -27.23 54.64 1.81
CA PHE I 353 -27.33 56.07 1.48
C PHE I 353 -27.43 56.22 -0.02
N LYS I 354 -28.45 56.96 -0.46
CA LYS I 354 -28.62 57.30 -1.86
C LYS I 354 -27.99 58.66 -2.13
N GLU I 355 -27.17 58.72 -3.17
CA GLU I 355 -26.40 59.92 -3.51
C GLU I 355 -26.95 60.56 -4.78
N TYR I 356 -27.19 61.87 -4.70
CA TYR I 356 -27.71 62.66 -5.80
C TYR I 356 -26.86 63.90 -5.97
N ALA I 357 -26.67 64.31 -7.23
CA ALA I 357 -25.91 65.51 -7.57
C ALA I 357 -26.87 66.51 -8.21
N ARG I 358 -26.97 67.70 -7.63
CA ARG I 358 -27.84 68.75 -8.12
C ARG I 358 -27.05 70.02 -8.39
N HIS I 359 -27.43 70.74 -9.44
CA HIS I 359 -26.80 72.00 -9.79
C HIS I 359 -27.86 73.11 -9.87
N VAL I 360 -27.39 74.34 -9.66
CA VAL I 360 -28.24 75.51 -9.44
C VAL I 360 -27.70 76.67 -10.25
N GLU I 361 -28.60 77.43 -10.89
CA GLU I 361 -28.25 78.65 -11.59
C GLU I 361 -29.17 79.77 -11.16
N GLU I 362 -28.59 80.95 -10.89
CA GLU I 362 -29.33 82.10 -10.40
C GLU I 362 -28.89 83.35 -11.15
N PHE I 363 -29.87 84.08 -11.68
CA PHE I 363 -29.65 85.29 -12.47
C PHE I 363 -30.57 86.40 -11.97
N ASP I 364 -30.24 87.63 -12.40
CA ASP I 364 -31.05 88.81 -12.10
C ASP I 364 -30.78 89.84 -13.21
N LEU I 365 -31.62 89.81 -14.24
CA LEU I 365 -31.42 90.65 -15.41
C LEU I 365 -31.94 92.05 -15.15
N GLN I 366 -31.15 93.06 -15.53
CA GLN I 366 -31.52 94.46 -15.36
C GLN I 366 -31.20 95.21 -16.66
N PHE I 367 -32.09 96.12 -17.03
CA PHE I 367 -31.99 96.82 -18.31
C PHE I 367 -32.43 98.27 -18.15
N ILE I 368 -31.79 99.15 -18.92
CA ILE I 368 -32.18 100.54 -19.06
C ILE I 368 -32.46 100.78 -20.54
N PHE I 369 -33.71 101.07 -20.86
CA PHE I 369 -34.14 101.27 -22.24
C PHE I 369 -34.42 102.74 -22.49
N GLN I 370 -34.29 103.13 -23.76
CA GLN I 370 -34.50 104.51 -24.21
C GLN I 370 -35.57 104.51 -25.28
N LEU I 371 -36.56 105.39 -25.12
CA LEU I 371 -37.63 105.52 -26.11
C LEU I 371 -37.16 106.32 -27.32
N CYS I 372 -37.54 105.86 -28.50
CA CYS I 372 -37.09 106.48 -29.74
C CYS I 372 -38.26 106.62 -30.70
N LYS I 373 -38.15 107.61 -31.58
CA LYS I 373 -39.13 107.84 -32.64
C LYS I 373 -38.53 107.54 -34.00
N ILE I 374 -39.39 107.13 -34.93
CA ILE I 374 -39.01 106.89 -36.32
C ILE I 374 -40.04 107.59 -37.18
N THR I 375 -39.65 108.69 -37.81
CA THR I 375 -40.56 109.42 -38.69
C THR I 375 -40.72 108.65 -39.99
N LEU I 376 -41.93 108.13 -40.22
CA LEU I 376 -42.20 107.24 -41.35
C LEU I 376 -42.35 108.06 -42.63
N THR I 377 -41.21 108.47 -43.18
CA THR I 377 -41.16 109.14 -44.47
C THR I 377 -41.26 108.09 -45.58
N THR I 378 -41.29 108.55 -46.84
CA THR I 378 -40.92 107.65 -47.92
C THR I 378 -39.41 107.48 -47.91
N GLU I 379 -38.90 106.67 -48.84
CA GLU I 379 -37.49 106.26 -48.81
C GLU I 379 -37.19 105.54 -47.51
N VAL I 380 -37.37 106.24 -46.38
CA VAL I 380 -37.54 105.61 -45.08
C VAL I 380 -38.82 104.78 -45.18
N MET I 381 -39.06 103.89 -44.21
CA MET I 381 -40.22 103.01 -44.22
C MET I 381 -40.11 101.98 -45.35
N SER I 382 -39.80 102.44 -46.56
CA SER I 382 -39.44 101.50 -47.63
C SER I 382 -38.10 100.83 -47.33
N TYR I 383 -37.16 101.57 -46.74
CA TYR I 383 -35.93 100.95 -46.26
C TYR I 383 -36.21 99.97 -45.13
N ILE I 384 -37.08 100.34 -44.20
CA ILE I 384 -37.47 99.42 -43.13
C ILE I 384 -38.20 98.22 -43.72
N HIS I 385 -39.00 98.45 -44.76
CA HIS I 385 -39.70 97.35 -45.42
C HIS I 385 -38.71 96.39 -46.05
N ASN I 386 -37.69 96.91 -46.74
CA ASN I 386 -36.64 96.06 -47.30
C ASN I 386 -35.84 95.36 -46.20
N MET I 387 -35.76 95.97 -45.01
CA MET I 387 -35.08 95.33 -43.89
C MET I 387 -35.91 94.19 -43.32
N ASN I 388 -37.10 94.50 -42.82
CA ASN I 388 -38.00 93.51 -42.25
C ASN I 388 -39.43 93.99 -42.47
N THR I 389 -40.14 93.35 -43.41
CA THR I 389 -41.53 93.70 -43.66
C THR I 389 -42.37 93.59 -42.41
N THR I 390 -42.03 92.64 -41.53
CA THR I 390 -42.79 92.41 -40.31
C THR I 390 -42.67 93.55 -39.30
N ILE I 391 -41.68 94.43 -39.47
CA ILE I 391 -41.61 95.62 -38.61
C ILE I 391 -42.79 96.54 -38.88
N LEU I 392 -43.00 96.87 -40.16
CA LEU I 392 -44.18 97.65 -40.54
C LEU I 392 -45.45 96.86 -40.29
N GLU I 393 -45.41 95.54 -40.55
CA GLU I 393 -46.58 94.70 -40.32
C GLU I 393 -47.04 94.76 -38.86
N ASP I 394 -46.10 94.73 -37.92
CA ASP I 394 -46.52 94.85 -36.52
C ASP I 394 -46.94 96.27 -36.17
N TRP I 395 -46.46 97.26 -36.92
CA TRP I 395 -46.92 98.64 -36.78
C TRP I 395 -48.17 98.81 -37.66
N ASN I 396 -48.46 100.03 -38.06
CA ASN I 396 -49.60 100.33 -38.92
C ASN I 396 -49.36 101.58 -39.76
N GLN I 431 -47.83 84.52 -36.99
CA GLN I 431 -46.83 83.50 -36.74
C GLN I 431 -45.50 84.12 -36.33
N ASP I 432 -44.57 83.27 -35.86
CA ASP I 432 -43.29 83.72 -35.33
C ASP I 432 -42.25 82.64 -35.63
N PRO I 433 -41.13 82.98 -36.25
CA PRO I 433 -40.12 81.96 -36.58
C PRO I 433 -39.28 81.52 -35.39
N TYR I 434 -39.37 82.19 -34.26
CA TYR I 434 -38.49 81.90 -33.12
C TYR I 434 -39.14 81.01 -32.07
N ASP I 435 -40.44 80.73 -32.18
CA ASP I 435 -41.05 79.81 -31.24
C ASP I 435 -40.71 78.35 -31.54
N LYS I 436 -40.09 78.08 -32.69
CA LYS I 436 -39.57 76.76 -32.98
C LYS I 436 -38.32 76.45 -32.17
N LEU I 437 -37.68 77.47 -31.61
CA LEU I 437 -36.48 77.33 -30.81
C LEU I 437 -36.81 77.45 -29.33
N LYS I 438 -35.92 76.92 -28.49
CA LYS I 438 -36.13 76.90 -27.06
C LYS I 438 -35.36 78.06 -26.41
N PHE I 439 -36.08 78.95 -25.73
CA PHE I 439 -35.49 80.07 -25.02
C PHE I 439 -36.03 80.12 -23.60
N TRP I 440 -35.38 80.93 -22.76
CA TRP I 440 -35.91 81.22 -21.43
C TRP I 440 -36.74 82.50 -21.53
N PRO I 441 -38.06 82.42 -21.45
CA PRO I 441 -38.89 83.62 -21.64
C PRO I 441 -38.82 84.53 -20.43
N VAL I 442 -38.64 85.82 -20.70
CA VAL I 442 -38.60 86.86 -19.66
C VAL I 442 -39.55 87.96 -20.12
N ASP I 443 -40.71 88.05 -19.45
CA ASP I 443 -41.73 89.04 -19.81
C ASP I 443 -41.53 90.28 -18.95
N LEU I 444 -41.18 91.39 -19.60
CA LEU I 444 -40.95 92.66 -18.92
C LEU I 444 -41.99 93.71 -19.27
N LYS I 445 -43.12 93.30 -19.86
CA LYS I 445 -44.17 94.27 -20.18
C LYS I 445 -44.72 94.92 -18.92
N GLU I 446 -44.69 94.23 -17.79
CA GLU I 446 -45.18 94.75 -16.53
C GLU I 446 -44.07 95.29 -15.64
N ARG I 447 -42.86 95.46 -16.18
CA ARG I 447 -41.71 95.81 -15.36
C ARG I 447 -41.03 97.09 -15.80
N PHE I 448 -41.57 97.80 -16.78
CA PHE I 448 -41.01 99.08 -17.19
C PHE I 448 -41.38 100.15 -16.17
N SER I 449 -40.44 101.02 -15.85
CA SER I 449 -40.68 102.08 -14.89
C SER I 449 -39.82 103.28 -15.25
N ALA I 450 -40.42 104.47 -15.18
CA ALA I 450 -39.70 105.70 -15.46
C ALA I 450 -38.99 106.27 -14.23
N ASP I 451 -39.31 105.76 -13.04
CA ASP I 451 -38.65 106.17 -11.81
C ASP I 451 -37.33 105.41 -11.68
N LEU I 452 -36.31 105.92 -12.36
CA LEU I 452 -35.03 105.22 -12.41
C LEU I 452 -34.36 105.14 -11.04
N ASP I 453 -34.54 106.17 -10.21
CA ASP I 453 -33.90 106.21 -8.89
C ASP I 453 -34.42 105.14 -7.94
N GLN I 454 -35.43 104.36 -8.33
CA GLN I 454 -35.97 103.30 -7.50
C GLN I 454 -35.24 101.98 -7.67
N PHE I 455 -34.24 101.92 -8.55
CA PHE I 455 -33.53 100.69 -8.84
C PHE I 455 -32.02 100.93 -8.85
N PRO I 456 -31.23 99.92 -8.47
CA PRO I 456 -29.77 100.11 -8.46
C PRO I 456 -29.21 100.48 -9.82
N LEU I 457 -29.51 99.68 -10.85
CA LEU I 457 -29.07 100.00 -12.20
C LEU I 457 -29.59 101.36 -12.63
N GLY I 458 -30.77 101.75 -12.14
CA GLY I 458 -31.30 103.07 -12.46
C GLY I 458 -30.44 104.19 -11.89
N ARG I 459 -29.97 104.03 -10.64
CA ARG I 459 -29.09 105.02 -10.04
C ARG I 459 -27.74 105.07 -10.74
N LYS I 460 -27.12 103.90 -10.93
CA LYS I 460 -25.85 103.86 -11.66
C LYS I 460 -26.00 104.46 -13.05
N PHE I 461 -27.18 104.33 -13.65
CA PHE I 461 -27.44 105.00 -14.93
C PHE I 461 -27.65 106.49 -14.74
N LEU I 462 -28.14 106.91 -13.57
CA LEU I 462 -28.25 108.32 -13.28
C LEU I 462 -26.89 108.96 -13.10
N LEU I 463 -25.86 108.18 -12.79
CA LEU I 463 -24.50 108.72 -12.86
C LEU I 463 -24.00 108.73 -14.30
N GLN I 464 -24.81 109.26 -15.22
CA GLN I 464 -24.41 109.40 -16.61
C GLN I 464 -24.79 110.73 -17.25
N LEU I 465 -25.66 111.52 -16.62
CA LEU I 465 -26.00 112.87 -17.07
C LEU I 465 -24.85 113.62 -17.74
N LYS J 12 22.17 105.59 -50.46
CA LYS J 12 21.41 105.82 -49.23
C LYS J 12 19.91 105.62 -49.46
N VAL J 13 19.30 104.77 -48.64
CA VAL J 13 17.88 104.47 -48.77
C VAL J 13 17.07 105.55 -48.08
N VAL J 14 15.93 105.90 -48.67
CA VAL J 14 15.11 107.02 -48.22
C VAL J 14 13.74 106.51 -47.79
N SER J 15 13.19 107.12 -46.75
CA SER J 15 11.85 106.76 -46.28
C SER J 15 10.81 106.98 -47.37
N THR J 16 9.81 106.11 -47.41
CA THR J 16 8.77 106.19 -48.42
C THR J 16 7.82 107.36 -48.20
N ASP J 17 7.83 107.97 -47.02
CA ASP J 17 6.98 109.14 -46.77
C ASP J 17 7.50 110.40 -47.46
N GLU J 18 8.64 110.33 -48.14
CA GLU J 18 9.19 111.49 -48.83
C GLU J 18 8.93 111.50 -50.33
N TYR J 19 8.56 110.36 -50.92
CA TYR J 19 8.29 110.28 -52.34
C TYR J 19 6.97 109.56 -52.65
N VAL J 20 6.12 109.34 -51.65
CA VAL J 20 4.82 108.73 -51.86
C VAL J 20 3.81 109.58 -51.11
N THR J 21 3.14 110.48 -51.82
CA THR J 21 2.11 111.33 -51.22
C THR J 21 0.81 110.56 -51.07
N ARG J 22 0.13 110.77 -49.94
CA ARG J 22 -1.06 110.01 -49.61
C ARG J 22 -2.32 110.82 -49.89
N THR J 23 -3.42 110.11 -50.13
CA THR J 23 -4.72 110.71 -50.42
C THR J 23 -5.73 110.30 -49.37
N SER J 24 -6.92 110.88 -49.47
CA SER J 24 -8.03 110.54 -48.59
C SER J 24 -8.91 109.41 -49.14
N ILE J 25 -8.52 108.80 -50.24
CA ILE J 25 -9.27 107.68 -50.80
C ILE J 25 -8.92 106.41 -50.03
N PHE J 26 -9.93 105.82 -49.39
CA PHE J 26 -9.74 104.62 -48.58
C PHE J 26 -10.67 103.52 -49.07
N TYR J 27 -10.17 102.28 -49.04
CA TYR J 27 -10.95 101.12 -49.43
C TYR J 27 -10.85 100.04 -48.35
N HIS J 28 -11.92 99.27 -48.21
CA HIS J 28 -11.95 98.11 -47.34
C HIS J 28 -11.82 96.84 -48.16
N ALA J 29 -10.97 95.92 -47.71
CA ALA J 29 -10.78 94.63 -48.34
C ALA J 29 -10.88 93.56 -47.27
N GLY J 30 -11.55 92.46 -47.60
CA GLY J 30 -11.72 91.41 -46.62
C GLY J 30 -11.99 90.04 -47.20
N SER J 31 -11.29 89.03 -46.70
CA SER J 31 -11.57 87.66 -47.09
C SER J 31 -12.87 87.18 -46.46
N SER J 32 -13.46 86.18 -47.09
CA SER J 32 -14.57 85.46 -46.46
C SER J 32 -13.98 84.59 -45.35
N ARG J 33 -14.81 83.72 -44.76
CA ARG J 33 -14.28 82.79 -43.78
C ARG J 33 -13.37 81.78 -44.47
N LEU J 34 -12.15 81.65 -43.96
CA LEU J 34 -11.18 80.69 -44.44
C LEU J 34 -11.04 79.54 -43.44
N LEU J 35 -11.00 78.31 -43.94
CA LEU J 35 -10.86 77.16 -43.06
C LEU J 35 -9.97 76.11 -43.72
N THR J 36 -9.29 75.35 -42.87
CA THR J 36 -8.50 74.21 -43.31
C THR J 36 -8.55 73.15 -42.23
N VAL J 37 -8.86 71.93 -42.64
CA VAL J 37 -8.89 70.78 -41.73
C VAL J 37 -7.86 69.77 -42.21
N GLY J 38 -7.40 68.93 -41.29
CA GLY J 38 -6.46 67.90 -41.68
C GLY J 38 -5.96 67.11 -40.49
N HIS J 39 -4.84 66.42 -40.70
CA HIS J 39 -4.29 65.70 -39.57
C HIS J 39 -3.27 66.58 -38.85
N PRO J 40 -3.27 66.57 -37.51
CA PRO J 40 -2.39 67.50 -36.78
C PRO J 40 -0.92 67.10 -36.80
N TYR J 41 -0.59 65.86 -37.12
CA TYR J 41 0.78 65.36 -36.99
C TYR J 41 1.48 65.14 -38.31
N PHE J 42 0.78 64.67 -39.34
CA PHE J 42 1.42 64.29 -40.59
C PHE J 42 0.37 64.19 -41.68
N LYS J 43 0.82 64.32 -42.92
CA LYS J 43 -0.04 64.06 -44.07
C LYS J 43 -0.41 62.59 -44.12
N VAL J 44 -1.70 62.30 -44.20
CA VAL J 44 -2.18 60.92 -44.26
C VAL J 44 -2.63 60.62 -45.68
N PRO J 45 -1.84 59.88 -46.45
CA PRO J 45 -2.24 59.57 -47.83
C PRO J 45 -3.29 58.48 -47.90
N LYS J 46 -4.30 58.70 -48.75
CA LYS J 46 -5.29 57.69 -49.08
C LYS J 46 -5.35 57.56 -50.60
N GLY J 47 -5.10 56.36 -51.10
CA GLY J 47 -5.07 56.11 -52.53
C GLY J 47 -6.40 56.36 -53.21
N GLY J 48 -6.42 57.29 -54.17
CA GLY J 48 -7.64 57.60 -54.89
C GLY J 48 -7.63 57.13 -56.33
N ASN J 49 -8.23 57.87 -57.28
CA ASN J 49 -8.92 59.17 -57.13
C ASN J 49 -8.06 60.23 -56.45
N GLY J 50 -6.84 60.37 -56.94
CA GLY J 50 -5.89 61.29 -56.34
C GLY J 50 -6.28 62.76 -56.43
N ARG J 51 -6.45 63.40 -55.27
CA ARG J 51 -6.25 62.75 -53.97
C ARG J 51 -7.36 63.16 -53.00
N GLN J 52 -7.85 62.21 -52.21
CA GLN J 52 -8.68 62.51 -51.06
C GLN J 52 -7.91 62.41 -49.75
N ASP J 53 -6.62 62.75 -49.80
CA ASP J 53 -5.79 62.70 -48.61
C ASP J 53 -6.12 63.87 -47.70
N VAL J 54 -5.82 63.70 -46.41
CA VAL J 54 -5.94 64.80 -45.46
C VAL J 54 -4.57 65.45 -45.34
N PRO J 55 -4.48 66.78 -45.35
CA PRO J 55 -3.18 67.44 -45.27
C PRO J 55 -2.75 67.62 -43.83
N LYS J 56 -1.51 68.06 -43.66
CA LYS J 56 -0.97 68.35 -42.34
C LYS J 56 -1.45 69.73 -41.91
N VAL J 57 -2.36 69.77 -40.95
CA VAL J 57 -2.90 71.01 -40.41
C VAL J 57 -2.61 71.01 -38.92
N SER J 58 -1.51 71.65 -38.52
CA SER J 58 -1.09 71.73 -37.14
C SER J 58 -1.19 73.16 -36.66
N ALA J 59 -1.55 73.32 -35.37
CA ALA J 59 -1.58 74.66 -34.79
C ALA J 59 -0.18 75.27 -34.70
N TYR J 60 0.87 74.46 -34.83
CA TYR J 60 2.24 74.93 -34.82
C TYR J 60 2.81 75.05 -36.23
N GLN J 61 1.94 75.44 -37.18
CA GLN J 61 2.32 75.69 -38.55
C GLN J 61 2.25 77.18 -38.84
N TYR J 62 3.19 77.66 -39.66
CA TYR J 62 3.11 79.04 -40.14
C TYR J 62 1.97 79.17 -41.14
N ARG J 63 1.15 80.21 -40.96
CA ARG J 63 0.11 80.55 -41.92
C ARG J 63 0.57 81.80 -42.66
N VAL J 64 0.95 81.64 -43.94
CA VAL J 64 1.48 82.75 -44.73
C VAL J 64 0.50 82.99 -45.88
N PHE J 65 -0.30 84.05 -45.76
CA PHE J 65 -1.26 84.42 -46.78
C PHE J 65 -0.62 85.38 -47.78
N ARG J 66 -0.74 85.06 -49.07
CA ARG J 66 -0.35 85.94 -50.16
C ARG J 66 -1.59 86.65 -50.67
N VAL J 67 -1.76 87.89 -50.26
CA VAL J 67 -2.92 88.70 -50.61
C VAL J 67 -2.63 89.47 -51.89
N LYS J 68 -3.36 89.16 -52.95
CA LYS J 68 -3.24 89.86 -54.22
C LYS J 68 -4.22 91.02 -54.24
N LEU J 69 -3.71 92.21 -54.50
CA LEU J 69 -4.57 93.39 -54.54
C LEU J 69 -4.82 93.82 -55.98
N PRO J 70 -5.94 94.47 -56.26
CA PRO J 70 -6.20 94.94 -57.63
C PRO J 70 -5.25 96.08 -57.98
N ASP J 71 -4.85 96.11 -59.24
CA ASP J 71 -3.96 97.17 -59.72
C ASP J 71 -4.70 98.50 -59.65
N PRO J 72 -4.24 99.45 -58.82
CA PRO J 72 -4.96 100.73 -58.73
C PRO J 72 -4.91 101.55 -60.00
N ASN J 73 -3.91 101.33 -60.87
CA ASN J 73 -3.89 102.03 -62.15
C ASN J 73 -4.93 101.48 -63.11
N LYS J 74 -5.12 100.16 -63.12
CA LYS J 74 -6.21 99.56 -63.90
C LYS J 74 -7.56 99.75 -63.23
N PHE J 75 -7.59 100.10 -61.95
CA PHE J 75 -8.85 100.35 -61.27
C PHE J 75 -9.58 101.51 -61.95
N GLY J 76 -10.83 101.26 -62.34
CA GLY J 76 -11.59 102.23 -63.09
C GLY J 76 -12.67 102.94 -62.29
N LEU J 77 -12.58 102.87 -60.96
CA LEU J 77 -13.56 103.52 -60.11
C LEU J 77 -13.17 104.98 -59.83
N PRO J 78 -11.92 105.29 -59.48
CA PRO J 78 -11.57 106.71 -59.31
C PRO J 78 -11.48 107.43 -60.64
N ASP J 79 -11.85 108.71 -60.61
CA ASP J 79 -11.81 109.57 -61.78
C ASP J 79 -10.41 110.16 -61.96
N ASN J 80 -10.13 110.64 -63.17
CA ASN J 80 -8.82 111.23 -63.46
C ASN J 80 -8.56 112.54 -62.73
N THR J 81 -9.44 112.97 -61.81
CA THR J 81 -9.16 114.15 -61.00
C THR J 81 -8.21 113.85 -59.86
N VAL J 82 -8.19 112.60 -59.39
CA VAL J 82 -7.30 112.25 -58.28
C VAL J 82 -5.85 112.19 -58.73
N TYR J 83 -5.61 111.82 -59.99
CA TYR J 83 -4.26 111.74 -60.53
C TYR J 83 -4.33 111.68 -62.05
N ASP J 84 -3.20 111.95 -62.68
CA ASP J 84 -3.06 111.85 -64.13
C ASP J 84 -2.02 110.79 -64.47
N PRO J 85 -2.35 109.82 -65.32
CA PRO J 85 -1.41 108.74 -65.63
C PRO J 85 -0.29 109.15 -66.57
N ASN J 86 0.14 110.41 -66.51
CA ASN J 86 1.21 110.93 -67.35
C ASN J 86 2.55 110.98 -66.62
N SER J 87 2.57 111.46 -65.38
CA SER J 87 3.78 111.51 -64.57
C SER J 87 3.56 110.92 -63.19
N GLN J 88 2.42 110.26 -62.97
CA GLN J 88 2.08 109.70 -61.67
C GLN J 88 1.59 108.27 -61.84
N ARG J 89 1.87 107.45 -60.83
CA ARG J 89 1.39 106.08 -60.74
C ARG J 89 0.86 105.82 -59.33
N LEU J 90 -0.05 104.87 -59.23
CA LEU J 90 -0.74 104.56 -57.99
C LEU J 90 -0.15 103.31 -57.33
N VAL J 91 -0.29 103.25 -56.02
CA VAL J 91 0.15 102.10 -55.25
C VAL J 91 -0.68 102.03 -53.98
N TRP J 92 -1.03 100.81 -53.58
CA TRP J 92 -1.82 100.60 -52.37
C TRP J 92 -0.94 100.67 -51.14
N ALA J 93 -1.47 101.25 -50.07
CA ALA J 93 -0.76 101.35 -48.80
C ALA J 93 -1.62 100.75 -47.70
N CYS J 94 -1.06 99.81 -46.94
CA CYS J 94 -1.79 99.15 -45.87
C CYS J 94 -1.89 100.07 -44.67
N VAL J 95 -3.10 100.25 -44.15
CA VAL J 95 -3.36 101.13 -43.03
C VAL J 95 -3.94 100.38 -41.84
N GLY J 96 -4.91 99.49 -42.07
CA GLY J 96 -5.54 98.75 -41.00
C GLY J 96 -5.55 97.26 -41.29
N VAL J 97 -5.45 96.49 -40.21
CA VAL J 97 -5.44 95.03 -40.30
C VAL J 97 -6.21 94.47 -39.10
N GLU J 98 -7.12 93.53 -39.36
CA GLU J 98 -7.76 92.73 -38.32
C GLU J 98 -7.73 91.28 -38.75
N ILE J 99 -7.05 90.45 -37.97
CA ILE J 99 -6.90 89.03 -38.25
C ILE J 99 -7.91 88.27 -37.41
N GLY J 100 -8.88 87.63 -38.06
CA GLY J 100 -9.91 86.90 -37.36
C GLY J 100 -9.56 85.44 -37.16
N ARG J 101 -9.74 84.97 -35.93
CA ARG J 101 -9.61 83.56 -35.58
C ARG J 101 -10.96 83.04 -35.13
N GLY J 102 -11.31 81.85 -35.58
CA GLY J 102 -12.67 81.35 -35.42
C GLY J 102 -12.87 80.37 -34.28
N GLN J 103 -12.07 79.31 -34.24
CA GLN J 103 -12.29 78.23 -33.32
C GLN J 103 -12.06 78.70 -31.87
N PRO J 104 -12.61 77.97 -30.90
CA PRO J 104 -12.41 78.34 -29.49
C PRO J 104 -10.99 78.08 -29.04
N LEU J 105 -10.62 78.75 -27.95
CA LEU J 105 -9.30 78.58 -27.37
C LEU J 105 -9.17 77.18 -26.76
N GLY J 106 -8.05 76.53 -27.04
CA GLY J 106 -7.83 75.19 -26.53
C GLY J 106 -6.37 74.81 -26.58
N VAL J 107 -6.04 73.75 -25.85
CA VAL J 107 -4.69 73.20 -25.81
C VAL J 107 -4.71 71.82 -26.43
N GLY J 108 -3.71 71.54 -27.26
CA GLY J 108 -3.64 70.27 -27.96
C GLY J 108 -2.27 69.63 -27.77
N LEU J 109 -2.25 68.30 -27.84
CA LEU J 109 -1.05 67.54 -27.58
C LEU J 109 -0.39 67.09 -28.87
N SER J 110 0.92 66.92 -28.81
CA SER J 110 1.71 66.29 -29.86
C SER J 110 2.65 65.30 -29.20
N GLY J 111 2.72 64.09 -29.74
CA GLY J 111 3.52 63.06 -29.10
C GLY J 111 4.22 62.12 -30.04
N HIS J 112 4.75 61.03 -29.49
CA HIS J 112 5.51 60.05 -30.24
C HIS J 112 5.48 58.72 -29.48
N PRO J 113 5.12 57.62 -30.14
CA PRO J 113 5.11 56.32 -29.45
C PRO J 113 6.49 55.85 -29.06
N LEU J 114 7.53 56.20 -29.82
CA LEU J 114 8.88 55.79 -29.50
C LEU J 114 9.76 56.99 -29.16
N TYR J 115 9.35 57.75 -28.14
CA TYR J 115 10.12 58.89 -27.69
C TYR J 115 11.34 58.43 -26.92
N ASN J 116 12.48 59.10 -27.16
CA ASN J 116 13.74 58.70 -26.54
C ASN J 116 13.79 59.28 -25.13
N LYS J 117 13.15 58.57 -24.21
CA LYS J 117 13.09 58.93 -22.80
C LYS J 117 13.74 57.82 -21.99
N LEU J 118 14.90 58.09 -21.41
CA LEU J 118 15.63 57.09 -20.62
C LEU J 118 15.16 57.11 -19.17
N ASP J 119 15.59 58.13 -18.41
CA ASP J 119 15.30 58.21 -16.99
C ASP J 119 14.66 59.55 -16.64
N ASP J 120 13.80 59.53 -15.64
CA ASP J 120 13.27 60.75 -15.04
C ASP J 120 14.34 61.32 -14.12
N THR J 121 14.83 62.52 -14.42
CA THR J 121 15.88 63.13 -13.64
C THR J 121 15.36 64.19 -12.67
N GLU J 122 14.04 64.30 -12.54
CA GLU J 122 13.41 65.28 -11.65
C GLU J 122 12.89 64.52 -10.43
N ASN J 123 13.76 64.34 -9.43
CA ASN J 123 13.36 63.78 -8.14
C ASN J 123 12.67 62.43 -8.31
N SER J 124 13.34 61.52 -9.02
CA SER J 124 12.76 60.21 -9.28
C SER J 124 13.08 59.28 -8.11
N HIS J 125 12.05 58.84 -7.40
CA HIS J 125 12.17 57.80 -6.39
C HIS J 125 11.45 56.51 -6.79
N VAL J 126 11.02 56.42 -8.04
CA VAL J 126 10.29 55.23 -8.49
C VAL J 126 11.23 54.05 -8.71
N ALA J 127 12.13 54.18 -9.69
CA ALA J 127 13.07 53.12 -10.04
C ALA J 127 14.11 53.72 -11.00
N SER J 128 14.93 52.86 -11.58
CA SER J 128 15.91 53.25 -12.57
C SER J 128 15.85 52.28 -13.75
N ALA J 129 15.90 52.81 -14.96
CA ALA J 129 15.71 52.02 -16.17
C ALA J 129 17.05 51.48 -16.67
N VAL J 130 17.00 50.28 -17.24
CA VAL J 130 18.18 49.66 -17.82
C VAL J 130 18.38 50.17 -19.25
N ASP J 131 19.63 50.45 -19.61
CA ASP J 131 19.96 51.06 -20.89
C ASP J 131 20.04 50.06 -22.03
N THR J 132 20.19 48.78 -21.74
CA THR J 132 20.47 47.77 -22.77
C THR J 132 19.37 47.73 -23.83
N LYS J 133 18.15 47.41 -23.42
CA LYS J 133 17.08 47.13 -24.37
C LYS J 133 16.53 48.43 -24.95
N ASP J 134 15.46 48.32 -25.74
CA ASP J 134 14.82 49.47 -26.38
C ASP J 134 14.02 50.20 -25.32
N THR J 135 14.67 51.18 -24.67
CA THR J 135 14.04 51.96 -23.60
C THR J 135 13.42 53.25 -24.17
N ARG J 136 12.42 53.06 -25.02
CA ARG J 136 11.71 54.17 -25.66
C ARG J 136 10.26 54.13 -25.21
N ASP J 137 9.81 55.19 -24.55
CA ASP J 137 8.47 55.29 -24.01
C ASP J 137 7.55 56.08 -24.93
N ASN J 138 6.25 55.84 -24.80
CA ASN J 138 5.23 56.59 -25.53
C ASN J 138 4.96 57.89 -24.79
N VAL J 139 5.42 59.01 -25.34
CA VAL J 139 5.40 60.28 -24.63
C VAL J 139 4.69 61.33 -25.48
N SER J 140 3.77 62.07 -24.87
CA SER J 140 3.15 63.22 -25.50
C SER J 140 3.48 64.47 -24.70
N VAL J 141 3.24 65.63 -25.30
CA VAL J 141 3.62 66.90 -24.69
C VAL J 141 2.82 68.01 -25.37
N ASP J 142 2.51 69.05 -24.60
CA ASP J 142 1.93 70.27 -25.15
C ASP J 142 3.07 71.26 -25.42
N TYR J 143 3.14 71.76 -26.64
CA TYR J 143 4.29 72.54 -27.05
C TYR J 143 4.28 73.92 -26.39
N LYS J 144 5.37 74.65 -26.62
CA LYS J 144 5.47 76.04 -26.21
C LYS J 144 4.38 76.88 -26.88
N GLN J 145 3.84 77.85 -26.14
CA GLN J 145 2.78 78.69 -26.65
C GLN J 145 3.37 79.88 -27.41
N THR J 146 2.89 80.10 -28.62
CA THR J 146 3.45 81.13 -29.50
C THR J 146 2.33 81.83 -30.27
N GLN J 147 2.32 83.16 -30.19
CA GLN J 147 1.47 84.00 -31.03
C GLN J 147 2.36 85.01 -31.73
N LEU J 148 2.35 85.03 -33.05
CA LEU J 148 3.15 86.01 -33.76
C LEU J 148 2.42 86.43 -35.03
N CYS J 149 2.76 87.65 -35.48
CA CYS J 149 2.13 88.25 -36.65
C CYS J 149 3.12 89.19 -37.30
N ILE J 150 3.32 89.03 -38.60
CA ILE J 150 4.27 89.81 -39.39
C ILE J 150 3.58 90.22 -40.68
N ILE J 151 3.62 91.51 -41.00
CA ILE J 151 2.99 92.03 -42.20
C ILE J 151 4.07 92.67 -43.07
N GLY J 152 4.05 92.35 -44.36
CA GLY J 152 5.00 92.93 -45.28
C GLY J 152 4.49 92.89 -46.70
N CYS J 153 5.39 93.21 -47.63
CA CYS J 153 5.16 92.98 -49.05
C CYS J 153 6.16 91.97 -49.62
N VAL J 154 7.02 91.42 -48.76
CA VAL J 154 8.02 90.40 -49.12
C VAL J 154 7.90 89.31 -48.07
N PRO J 155 7.99 88.03 -48.43
CA PRO J 155 7.86 86.97 -47.43
C PRO J 155 8.87 87.14 -46.31
N ALA J 156 8.44 86.85 -45.08
CA ALA J 156 9.29 87.06 -43.92
C ALA J 156 10.48 86.12 -43.94
N ILE J 157 11.55 86.53 -43.27
CA ILE J 157 12.80 85.78 -43.19
C ILE J 157 12.88 85.11 -41.83
N GLY J 158 13.07 83.80 -41.83
CA GLY J 158 13.23 83.05 -40.59
C GLY J 158 14.59 82.41 -40.48
N GLU J 159 15.00 82.05 -39.27
CA GLU J 159 16.30 81.43 -39.04
C GLU J 159 16.10 80.04 -38.45
N HIS J 160 17.04 79.14 -38.76
CA HIS J 160 17.05 77.83 -38.12
C HIS J 160 18.42 77.21 -38.31
N TRP J 161 18.74 76.26 -37.44
CA TRP J 161 20.03 75.58 -37.48
C TRP J 161 19.93 74.32 -38.32
N THR J 162 20.92 74.12 -39.19
CA THR J 162 20.95 72.98 -40.09
C THR J 162 22.33 72.33 -40.05
N LYS J 163 22.40 71.12 -40.59
CA LYS J 163 23.66 70.41 -40.75
C LYS J 163 24.57 71.19 -41.69
N GLY J 164 25.53 71.91 -41.12
CA GLY J 164 26.42 72.72 -41.94
C GLY J 164 27.31 71.86 -42.81
N THR J 165 27.76 72.46 -43.91
CA THR J 165 28.72 71.79 -44.78
C THR J 165 29.98 71.41 -44.00
N ALA J 166 30.67 70.39 -44.49
CA ALA J 166 31.90 69.92 -43.85
C ALA J 166 32.83 71.09 -43.55
N SER J 167 33.41 71.07 -42.34
CA SER J 167 34.22 72.19 -41.88
C SER J 167 35.35 72.52 -42.85
N LYS J 168 36.16 71.52 -43.17
CA LYS J 168 37.26 71.67 -44.11
C LYS J 168 37.14 70.56 -45.15
N PRO J 169 38.01 70.52 -46.18
CA PRO J 169 38.12 69.29 -46.97
C PRO J 169 38.66 68.15 -46.12
N THR J 170 37.91 67.79 -45.08
CA THR J 170 38.37 66.87 -44.04
C THR J 170 37.45 65.66 -44.01
N THR J 171 38.05 64.47 -44.00
CA THR J 171 37.31 63.24 -43.79
C THR J 171 37.05 63.08 -42.30
N VAL J 172 35.79 63.16 -41.89
CA VAL J 172 35.39 63.05 -40.50
C VAL J 172 34.76 61.69 -40.29
N VAL J 173 34.98 61.13 -39.09
CA VAL J 173 34.49 59.79 -38.79
C VAL J 173 32.97 59.81 -38.69
N GLN J 174 32.34 58.70 -39.11
CA GLN J 174 30.90 58.56 -38.98
C GLN J 174 30.50 58.48 -37.52
N GLY J 175 29.44 59.20 -37.16
CA GLY J 175 28.99 59.29 -35.80
C GLY J 175 29.45 60.53 -35.07
N ASP J 176 30.38 61.30 -35.64
CA ASP J 176 30.79 62.55 -35.04
C ASP J 176 29.69 63.60 -35.21
N CYS J 177 29.76 64.63 -34.38
CA CYS J 177 28.77 65.69 -34.44
C CYS J 177 29.02 66.56 -35.66
N PRO J 178 28.04 66.73 -36.55
CA PRO J 178 28.24 67.56 -37.73
C PRO J 178 28.28 69.04 -37.35
N PRO J 179 28.89 69.88 -38.17
CA PRO J 179 28.89 71.32 -37.88
C PRO J 179 27.50 71.91 -38.01
N LEU J 180 27.18 72.85 -37.11
CA LEU J 180 25.89 73.51 -37.10
C LEU J 180 26.01 74.85 -37.81
N GLU J 181 25.11 75.09 -38.76
CA GLU J 181 25.11 76.32 -39.53
C GLU J 181 23.74 77.00 -39.41
N LEU J 182 23.74 78.28 -39.06
CA LEU J 182 22.51 79.05 -39.01
C LEU J 182 22.14 79.52 -40.41
N ILE J 183 20.86 79.39 -40.75
CA ILE J 183 20.39 79.64 -42.11
C ILE J 183 19.12 80.48 -42.06
N ASN J 184 19.05 81.48 -42.94
CA ASN J 184 17.86 82.27 -43.17
C ASN J 184 17.12 81.70 -44.38
N THR J 185 15.80 81.58 -44.25
CA THR J 185 14.96 81.05 -45.31
C THR J 185 13.64 81.79 -45.33
N PRO J 186 13.02 81.95 -46.50
CA PRO J 186 11.68 82.54 -46.54
C PRO J 186 10.67 81.63 -45.87
N ILE J 187 9.81 82.22 -45.05
CA ILE J 187 8.82 81.45 -44.29
C ILE J 187 7.63 81.18 -45.20
N GLU J 188 7.41 79.92 -45.53
CA GLU J 188 6.32 79.51 -46.40
C GLU J 188 5.14 79.01 -45.57
N ASP J 189 3.96 79.00 -46.19
CA ASP J 189 2.78 78.49 -45.52
C ASP J 189 2.91 76.99 -45.29
N GLY J 190 2.76 76.58 -44.03
CA GLY J 190 2.90 75.18 -43.66
C GLY J 190 4.18 74.86 -42.92
N ASP J 191 5.16 75.76 -42.93
CA ASP J 191 6.40 75.53 -42.18
C ASP J 191 6.09 75.41 -40.69
N MET J 192 6.96 74.70 -39.98
CA MET J 192 6.79 74.47 -38.56
C MET J 192 7.48 75.55 -37.75
N VAL J 193 6.83 75.97 -36.66
CA VAL J 193 7.36 77.00 -35.78
C VAL J 193 8.18 76.35 -34.68
N ASP J 194 8.99 77.16 -34.00
CA ASP J 194 9.63 76.71 -32.78
C ASP J 194 8.59 76.26 -31.77
N THR J 195 8.75 75.04 -31.24
CA THR J 195 7.76 74.44 -30.36
C THR J 195 8.29 74.19 -28.95
N GLY J 196 9.50 74.63 -28.63
CA GLY J 196 10.10 74.41 -27.33
C GLY J 196 11.31 73.51 -27.34
N TYR J 197 11.61 72.87 -28.46
CA TYR J 197 12.82 72.06 -28.60
C TYR J 197 13.89 72.76 -29.42
N GLY J 198 13.67 74.01 -29.79
CA GLY J 198 14.60 74.78 -30.59
C GLY J 198 14.16 74.88 -32.05
N ALA J 199 14.82 75.78 -32.76
CA ALA J 199 14.56 76.02 -34.18
C ALA J 199 15.72 75.42 -34.96
N MET J 200 15.52 74.19 -35.43
CA MET J 200 16.56 73.47 -36.14
C MET J 200 15.93 72.45 -37.07
N ASP J 201 16.78 71.80 -37.88
CA ASP J 201 16.34 70.79 -38.83
C ASP J 201 16.41 69.43 -38.13
N PHE J 202 15.26 68.99 -37.60
CA PHE J 202 15.21 67.73 -36.88
C PHE J 202 15.43 66.54 -37.81
N LYS J 203 15.07 66.68 -39.08
CA LYS J 203 15.28 65.57 -40.02
C LYS J 203 16.76 65.36 -40.31
N LEU J 204 17.52 66.45 -40.39
CA LEU J 204 18.92 66.37 -40.79
C LEU J 204 19.88 66.20 -39.60
N LEU J 205 19.51 66.70 -38.43
CA LEU J 205 20.40 66.66 -37.27
C LEU J 205 20.03 65.57 -36.26
N GLN J 206 18.97 64.81 -36.52
CA GLN J 206 18.55 63.72 -35.63
C GLN J 206 18.23 62.50 -36.49
N ASP J 207 19.24 61.65 -36.71
CA ASP J 207 19.03 60.37 -37.37
C ASP J 207 18.19 59.42 -36.54
N ASN J 208 18.00 59.72 -35.26
CA ASN J 208 17.24 58.85 -34.37
C ASN J 208 15.79 58.69 -34.82
N LYS J 209 15.21 59.77 -35.36
CA LYS J 209 13.77 59.82 -35.63
C LYS J 209 12.98 59.52 -34.36
N SER J 210 13.50 59.97 -33.21
CA SER J 210 12.88 59.63 -31.93
C SER J 210 13.14 60.66 -30.83
N GLU J 211 13.67 61.83 -31.14
CA GLU J 211 13.96 62.82 -30.11
C GLU J 211 12.81 63.79 -29.86
N VAL J 212 11.98 64.05 -30.87
CA VAL J 212 10.89 65.02 -30.74
C VAL J 212 9.63 64.39 -31.31
N PRO J 213 8.45 64.91 -30.93
CA PRO J 213 7.19 64.31 -31.38
C PRO J 213 7.04 64.33 -32.90
N LEU J 214 6.03 63.59 -33.36
CA LEU J 214 5.82 63.41 -34.79
C LEU J 214 5.58 64.72 -35.52
N ASP J 215 5.11 65.75 -34.82
CA ASP J 215 4.89 67.06 -35.43
C ASP J 215 6.13 67.55 -36.16
N ILE J 216 7.30 67.35 -35.56
CA ILE J 216 8.53 68.00 -36.00
C ILE J 216 9.68 67.03 -36.20
N CYS J 217 9.52 65.73 -35.90
CA CYS J 217 10.65 64.81 -35.95
C CYS J 217 11.23 64.66 -37.35
N GLN J 218 10.48 65.02 -38.39
CA GLN J 218 10.96 64.97 -39.76
C GLN J 218 10.65 66.26 -40.50
N SER J 219 10.68 67.39 -39.79
CA SER J 219 10.37 68.69 -40.34
C SER J 219 11.43 69.69 -39.90
N ILE J 220 11.24 70.95 -40.27
CA ILE J 220 12.14 72.04 -39.93
C ILE J 220 11.37 73.07 -39.11
N CYS J 221 11.93 73.44 -37.96
CA CYS J 221 11.35 74.47 -37.11
C CYS J 221 12.09 75.79 -37.38
N LYS J 222 11.34 76.80 -37.84
CA LYS J 222 11.88 78.10 -38.17
C LYS J 222 11.43 79.13 -37.16
N TYR J 223 12.33 80.05 -36.81
CA TYR J 223 12.02 81.18 -35.95
C TYR J 223 12.27 82.48 -36.72
N PRO J 224 11.36 83.45 -36.65
CA PRO J 224 11.55 84.69 -37.42
C PRO J 224 12.80 85.43 -37.00
N ASP J 225 13.60 85.83 -37.99
CA ASP J 225 14.84 86.56 -37.74
C ASP J 225 14.53 88.05 -37.66
N TYR J 226 13.97 88.45 -36.51
CA TYR J 226 13.68 89.87 -36.30
C TYR J 226 14.94 90.71 -36.38
N LEU J 227 16.08 90.16 -35.96
CA LEU J 227 17.34 90.90 -36.02
C LEU J 227 17.71 91.24 -37.46
N GLN J 228 17.52 90.29 -38.38
CA GLN J 228 17.88 90.52 -39.78
C GLN J 228 16.84 91.38 -40.48
N MET J 229 15.55 91.12 -40.24
CA MET J 229 14.51 91.89 -40.91
C MET J 229 14.47 93.33 -40.42
N SER J 230 14.83 93.58 -39.16
CA SER J 230 14.85 94.96 -38.67
C SER J 230 16.06 95.72 -39.18
N ALA J 231 17.17 95.03 -39.43
CA ALA J 231 18.35 95.65 -40.01
C ALA J 231 18.28 95.73 -41.54
N ASP J 232 17.16 95.34 -42.14
CA ASP J 232 17.00 95.44 -43.58
C ASP J 232 17.13 96.89 -44.04
N ALA J 233 17.64 97.06 -45.26
CA ALA J 233 17.82 98.40 -45.81
C ALA J 233 16.48 99.09 -46.04
N TYR J 234 15.60 98.47 -46.83
CA TYR J 234 14.31 99.06 -47.15
C TYR J 234 13.23 98.73 -46.12
N GLY J 235 13.32 97.59 -45.46
CA GLY J 235 12.30 97.21 -44.50
C GLY J 235 11.04 96.64 -45.13
N ASP J 236 11.16 96.03 -46.31
CA ASP J 236 10.00 95.46 -46.97
C ASP J 236 9.55 94.15 -46.34
N SER J 237 10.48 93.39 -45.76
CA SER J 237 10.14 92.08 -45.22
C SER J 237 9.19 92.19 -44.04
N MET J 238 9.35 93.23 -43.22
CA MET J 238 8.55 93.35 -42.00
C MET J 238 8.46 94.83 -41.64
N PHE J 239 7.27 95.41 -41.79
CA PHE J 239 7.00 96.74 -41.27
C PHE J 239 5.92 96.72 -40.19
N PHE J 240 5.54 95.55 -39.70
CA PHE J 240 4.63 95.43 -38.57
C PHE J 240 4.80 94.04 -37.98
N CYS J 241 5.03 93.99 -36.67
CA CYS J 241 5.42 92.76 -36.00
C CYS J 241 4.87 92.73 -34.58
N LEU J 242 4.15 91.66 -34.25
CA LEU J 242 3.65 91.43 -32.89
C LEU J 242 4.01 90.01 -32.49
N ARG J 243 4.86 89.87 -31.47
CA ARG J 243 5.24 88.56 -30.97
C ARG J 243 4.87 88.44 -29.50
N ARG J 244 4.57 87.21 -29.09
CA ARG J 244 4.17 86.91 -27.72
C ARG J 244 4.24 85.40 -27.48
N GLU J 245 5.28 84.96 -26.80
CA GLU J 245 5.55 83.54 -26.59
C GLU J 245 5.81 83.25 -25.12
N GLN J 246 5.44 82.05 -24.68
CA GLN J 246 5.69 81.63 -23.31
C GLN J 246 5.83 80.11 -23.25
N VAL J 247 6.65 79.64 -22.32
CA VAL J 247 7.00 78.23 -22.18
C VAL J 247 7.68 77.99 -20.84
N PHE J 248 7.56 76.78 -20.31
CA PHE J 248 8.32 76.37 -19.14
C PHE J 248 8.61 74.88 -19.24
N ALA J 249 9.57 74.43 -18.43
CA ALA J 249 10.00 73.03 -18.45
C ALA J 249 9.13 72.22 -17.49
N ARG J 250 8.37 71.28 -18.04
CA ARG J 250 7.40 70.52 -17.28
C ARG J 250 8.01 69.27 -16.63
N HIS J 251 8.73 68.46 -17.41
CA HIS J 251 9.37 67.26 -16.90
C HIS J 251 10.79 67.16 -17.40
N PHE J 252 11.65 66.60 -16.56
CA PHE J 252 13.07 66.47 -16.83
C PHE J 252 13.38 65.02 -17.15
N TRP J 253 14.13 64.79 -18.23
CA TRP J 253 14.34 63.44 -18.74
C TRP J 253 15.80 63.22 -19.09
N ASN J 254 16.11 61.95 -19.41
CA ASN J 254 17.42 61.51 -19.83
C ASN J 254 17.31 60.90 -21.23
N ARG J 255 18.38 61.00 -22.00
CA ARG J 255 18.43 60.46 -23.35
C ARG J 255 19.34 59.24 -23.38
N SER J 256 18.82 58.13 -23.93
CA SER J 256 19.63 56.94 -24.11
C SER J 256 20.46 57.06 -25.38
N GLY J 257 21.55 56.29 -25.43
CA GLY J 257 22.50 56.40 -26.52
C GLY J 257 23.89 56.74 -26.04
N THR J 258 24.90 56.28 -26.77
CA THR J 258 26.28 56.47 -26.34
C THR J 258 26.67 57.95 -26.39
N MET J 259 27.30 58.42 -25.33
CA MET J 259 27.67 59.83 -25.23
C MET J 259 28.85 60.12 -26.16
N GLY J 260 28.63 60.98 -27.15
CA GLY J 260 29.69 61.30 -28.09
C GLY J 260 30.78 62.17 -27.49
N ASP J 261 30.43 62.99 -26.50
CA ASP J 261 31.39 63.85 -25.83
C ASP J 261 31.77 63.20 -24.50
N GLN J 262 33.07 62.99 -24.30
CA GLN J 262 33.54 62.37 -23.07
C GLN J 262 33.37 63.33 -21.90
N LEU J 263 32.68 62.88 -20.87
CA LEU J 263 32.50 63.67 -19.66
C LEU J 263 33.85 63.86 -18.99
N PRO J 264 34.34 65.09 -18.84
CA PRO J 264 35.67 65.30 -18.24
C PRO J 264 35.69 64.79 -16.81
N GLU J 265 36.72 63.99 -16.51
CA GLU J 265 36.85 63.38 -15.19
C GLU J 265 37.15 64.40 -14.11
N SER J 266 37.39 65.66 -14.47
CA SER J 266 37.57 66.73 -13.49
C SER J 266 36.27 67.15 -12.81
N LEU J 267 35.12 66.73 -13.35
CA LEU J 267 33.83 67.23 -12.88
C LEU J 267 33.09 66.25 -11.99
N TYR J 268 33.67 65.10 -11.67
CA TYR J 268 33.00 64.14 -10.80
C TYR J 268 34.04 63.22 -10.18
N ILE J 269 33.59 62.43 -9.21
CA ILE J 269 34.40 61.41 -8.56
C ILE J 269 33.70 60.07 -8.73
N LYS J 270 34.44 59.06 -9.20
CA LYS J 270 33.81 57.85 -9.69
C LYS J 270 33.25 56.97 -8.59
N GLY J 271 33.75 57.08 -7.37
CA GLY J 271 33.28 56.22 -6.32
C GLY J 271 34.03 54.90 -6.22
N THR J 272 33.48 54.03 -5.37
CA THR J 272 34.15 52.79 -5.00
C THR J 272 34.33 51.84 -6.19
N ASP J 273 33.43 51.87 -7.17
CA ASP J 273 33.50 50.91 -8.27
C ASP J 273 34.72 51.13 -9.15
N ILE J 274 35.19 52.37 -9.30
CA ILE J 274 36.36 52.73 -10.12
C ILE J 274 36.21 52.32 -11.58
N ARG J 275 35.36 51.33 -11.87
CA ARG J 275 35.03 50.91 -13.23
C ARG J 275 33.62 51.35 -13.58
N ALA J 276 33.21 52.51 -13.08
CA ALA J 276 31.83 52.96 -13.14
C ALA J 276 31.59 53.73 -14.44
N ASN J 277 30.63 53.25 -15.22
CA ASN J 277 30.20 53.96 -16.42
C ASN J 277 29.43 55.21 -16.04
N PRO J 278 29.84 56.40 -16.50
CA PRO J 278 29.07 57.62 -16.19
C PRO J 278 27.69 57.56 -16.83
N GLY J 279 26.66 57.89 -16.04
CA GLY J 279 25.30 57.90 -16.53
C GLY J 279 25.10 58.92 -17.65
N SER J 280 23.96 58.76 -18.34
CA SER J 280 23.59 59.67 -19.41
C SER J 280 23.49 61.09 -18.90
N TYR J 281 24.20 62.01 -19.55
CA TYR J 281 24.20 63.41 -19.12
C TYR J 281 23.74 64.35 -20.24
N LEU J 282 22.82 63.88 -21.08
CA LEU J 282 22.17 64.69 -22.10
C LEU J 282 20.71 64.85 -21.71
N TYR J 283 20.37 66.00 -21.14
CA TYR J 283 19.06 66.27 -20.58
C TYR J 283 18.26 67.18 -21.49
N SER J 284 17.02 66.79 -21.78
CA SER J 284 16.13 67.59 -22.62
C SER J 284 14.79 67.69 -21.92
N PRO J 285 14.29 68.88 -21.63
CA PRO J 285 13.00 69.02 -20.95
C PRO J 285 11.82 68.97 -21.90
N SER J 286 10.67 68.59 -21.34
CA SER J 286 9.41 68.66 -22.08
C SER J 286 8.83 70.06 -21.95
N PRO J 287 8.67 70.80 -23.05
CA PRO J 287 8.14 72.16 -22.96
C PRO J 287 6.67 72.14 -22.60
N SER J 288 6.18 73.30 -22.16
CA SER J 288 4.76 73.45 -21.85
C SER J 288 4.37 74.92 -21.98
N GLY J 289 3.20 75.16 -22.54
CA GLY J 289 2.73 76.51 -22.75
C GLY J 289 1.89 77.10 -21.65
N SER J 290 1.82 76.45 -20.50
CA SER J 290 1.09 76.93 -19.32
C SER J 290 -0.36 77.24 -19.71
N VAL J 291 -0.96 78.23 -19.06
CA VAL J 291 -2.38 78.53 -19.26
C VAL J 291 -2.55 79.38 -20.51
N VAL J 292 -3.58 79.05 -21.29
CA VAL J 292 -4.00 79.87 -22.44
C VAL J 292 -5.21 80.67 -22.03
N THR J 293 -5.09 81.99 -22.06
CA THR J 293 -6.17 82.88 -21.67
C THR J 293 -6.42 83.92 -22.76
N SER J 294 -7.68 84.35 -22.87
CA SER J 294 -8.03 85.39 -23.84
C SER J 294 -7.50 86.75 -23.45
N ASP J 295 -7.02 86.92 -22.21
CA ASP J 295 -6.38 88.16 -21.82
C ASP J 295 -5.08 88.36 -22.59
N SER J 296 -4.34 87.27 -22.80
CA SER J 296 -3.11 87.31 -23.59
C SER J 296 -3.37 87.16 -25.08
N GLN J 297 -4.63 87.14 -25.51
CA GLN J 297 -4.94 86.98 -26.92
C GLN J 297 -4.40 88.15 -27.73
N LEU J 298 -3.99 87.85 -28.95
CA LEU J 298 -3.31 88.83 -29.80
C LEU J 298 -4.04 89.12 -31.10
N PHE J 299 -5.07 88.37 -31.42
CA PHE J 299 -5.82 88.54 -32.67
C PHE J 299 -7.26 88.95 -32.33
N ASN J 300 -8.11 88.97 -33.36
CA ASN J 300 -9.48 89.46 -33.27
C ASN J 300 -9.54 90.91 -32.79
N LYS J 301 -8.45 91.65 -32.95
CA LYS J 301 -8.35 93.05 -32.58
C LYS J 301 -7.93 93.87 -33.78
N PRO J 302 -8.42 95.11 -33.91
CA PRO J 302 -7.94 95.98 -34.99
C PRO J 302 -6.58 96.55 -34.66
N TYR J 303 -5.72 96.57 -35.67
CA TYR J 303 -4.38 97.14 -35.55
C TYR J 303 -4.18 98.16 -36.67
N TRP J 304 -3.83 99.38 -36.29
CA TRP J 304 -3.64 100.48 -37.23
C TRP J 304 -2.16 100.77 -37.36
N LEU J 305 -1.64 100.68 -38.59
CA LEU J 305 -0.24 100.96 -38.87
C LEU J 305 -0.12 102.44 -39.21
N HIS J 306 0.58 103.18 -38.36
CA HIS J 306 0.85 104.59 -38.64
C HIS J 306 2.29 104.76 -39.10
N LYS J 307 3.23 104.55 -38.20
CA LYS J 307 4.66 104.57 -38.51
C LYS J 307 5.18 103.14 -38.51
N ALA J 308 5.82 102.75 -39.60
CA ALA J 308 6.39 101.42 -39.70
C ALA J 308 7.76 101.37 -39.02
N GLN J 309 8.25 100.15 -38.79
CA GLN J 309 9.56 99.99 -38.19
C GLN J 309 10.67 100.31 -39.18
N GLY J 310 10.47 100.00 -40.46
CA GLY J 310 11.45 100.25 -41.48
C GLY J 310 11.11 101.47 -42.30
N LEU J 311 11.88 101.67 -43.38
CA LEU J 311 11.65 102.83 -44.23
C LEU J 311 10.41 102.67 -45.09
N ASN J 312 10.10 101.45 -45.52
CA ASN J 312 8.84 101.18 -46.21
C ASN J 312 7.71 101.30 -45.20
N ASN J 313 6.87 102.31 -45.36
CA ASN J 313 5.82 102.61 -44.38
C ASN J 313 4.48 102.01 -44.82
N GLY J 314 4.47 100.67 -44.91
CA GLY J 314 3.24 99.97 -45.23
C GLY J 314 2.78 100.09 -46.66
N ILE J 315 3.71 100.21 -47.59
CA ILE J 315 3.38 100.33 -49.01
C ILE J 315 3.44 98.96 -49.66
N CYS J 316 2.34 98.57 -50.31
CA CYS J 316 2.22 97.23 -50.90
C CYS J 316 2.65 97.29 -52.37
N TRP J 317 3.96 97.21 -52.58
CA TRP J 317 4.51 97.17 -53.93
C TRP J 317 3.98 95.95 -54.68
N HIS J 318 3.80 96.12 -55.99
CA HIS J 318 3.27 95.09 -56.88
C HIS J 318 1.87 94.63 -56.48
N ASN J 319 1.17 95.44 -55.69
CA ASN J 319 -0.23 95.17 -55.32
C ASN J 319 -0.35 93.81 -54.63
N GLN J 320 0.56 93.53 -53.70
CA GLN J 320 0.52 92.28 -52.95
C GLN J 320 0.86 92.58 -51.50
N LEU J 321 0.50 91.65 -50.62
CA LEU J 321 0.70 91.81 -49.19
C LEU J 321 0.88 90.44 -48.57
N PHE J 322 1.99 90.24 -47.88
CA PHE J 322 2.34 88.97 -47.26
C PHE J 322 2.04 89.03 -45.78
N LEU J 323 1.22 88.09 -45.30
CA LEU J 323 0.81 88.06 -43.89
C LEU J 323 1.24 86.74 -43.29
N THR J 324 2.24 86.77 -42.43
CA THR J 324 2.67 85.59 -41.68
C THR J 324 2.04 85.63 -40.31
N VAL J 325 1.46 84.51 -39.87
CA VAL J 325 0.74 84.47 -38.62
C VAL J 325 0.89 83.08 -38.00
N VAL J 326 1.13 83.06 -36.69
CA VAL J 326 1.18 81.84 -35.89
C VAL J 326 0.26 82.05 -34.68
N ASP J 327 -0.64 81.09 -34.46
CA ASP J 327 -1.57 81.16 -33.33
C ASP J 327 -1.72 79.73 -32.79
N THR J 328 -1.08 79.46 -31.65
CA THR J 328 -1.14 78.16 -31.02
C THR J 328 -2.11 78.13 -29.85
N THR J 329 -2.91 79.18 -29.68
CA THR J 329 -3.88 79.25 -28.61
C THR J 329 -5.19 78.57 -28.96
N ARG J 330 -5.29 77.96 -30.14
CA ARG J 330 -6.47 77.22 -30.59
C ARG J 330 -6.04 75.86 -31.12
N SER J 331 -5.23 75.16 -30.32
CA SER J 331 -4.59 73.91 -30.71
C SER J 331 -5.42 72.68 -30.37
N THR J 332 -6.67 72.85 -29.92
CA THR J 332 -7.51 71.72 -29.60
C THR J 332 -7.71 70.82 -30.82
N ASN J 333 -7.80 69.52 -30.58
CA ASN J 333 -7.88 68.52 -31.63
C ASN J 333 -9.19 67.74 -31.52
N LEU J 334 -9.92 67.66 -32.63
CA LEU J 334 -11.13 66.86 -32.70
C LEU J 334 -10.77 65.39 -32.82
N SER J 335 -11.42 64.54 -32.02
CA SER J 335 -11.25 63.10 -32.10
C SER J 335 -12.55 62.50 -32.64
N VAL J 336 -12.51 62.00 -33.86
CA VAL J 336 -13.65 61.38 -34.52
C VAL J 336 -13.43 59.87 -34.53
N CYS J 337 -14.46 59.11 -34.17
CA CYS J 337 -14.36 57.66 -34.16
C CYS J 337 -15.54 57.06 -34.89
N ALA J 338 -15.28 55.97 -35.62
CA ALA J 338 -16.30 55.31 -36.43
C ALA J 338 -16.26 53.81 -36.14
N SER J 339 -17.44 53.23 -35.99
CA SER J 339 -17.52 51.81 -35.67
C SER J 339 -17.07 50.94 -36.83
N THR J 340 -16.40 49.82 -36.51
CA THR J 340 -15.99 48.87 -37.53
C THR J 340 -17.14 47.98 -37.96
N THR J 341 -18.14 47.80 -37.10
CA THR J 341 -19.38 47.15 -37.47
C THR J 341 -20.32 48.19 -38.09
N SER J 342 -21.17 47.73 -39.01
CA SER J 342 -22.06 48.64 -39.72
C SER J 342 -22.88 49.49 -38.76
N SER J 343 -23.44 48.85 -37.73
CA SER J 343 -24.07 49.55 -36.61
C SER J 343 -23.47 49.01 -35.33
N ILE J 344 -23.34 49.86 -34.32
CA ILE J 344 -22.61 49.48 -33.12
C ILE J 344 -23.39 48.38 -32.38
N PRO J 345 -22.76 47.24 -32.08
CA PRO J 345 -23.33 46.37 -31.05
C PRO J 345 -23.10 47.00 -29.69
N ASN J 346 -24.14 47.01 -28.86
CA ASN J 346 -24.07 47.72 -27.58
C ASN J 346 -23.10 47.03 -26.63
N VAL J 347 -21.89 46.78 -27.11
CA VAL J 347 -20.80 46.20 -26.33
C VAL J 347 -19.51 46.83 -26.82
N TYR J 348 -18.69 47.33 -25.90
CA TYR J 348 -17.48 48.04 -26.27
C TYR J 348 -16.28 47.09 -26.28
N THR J 349 -15.54 47.10 -27.39
CA THR J 349 -14.25 46.46 -27.51
C THR J 349 -13.36 47.42 -28.28
N PRO J 350 -12.11 47.60 -27.85
CA PRO J 350 -11.22 48.54 -28.56
C PRO J 350 -11.00 48.19 -30.03
N THR J 351 -11.17 46.92 -30.40
CA THR J 351 -11.01 46.51 -31.79
C THR J 351 -12.17 46.91 -32.67
N SER J 352 -13.29 47.35 -32.09
CA SER J 352 -14.49 47.68 -32.83
C SER J 352 -14.70 49.17 -33.01
N PHE J 353 -13.63 49.98 -32.91
CA PHE J 353 -13.75 51.41 -33.11
C PHE J 353 -12.48 51.95 -33.75
N LYS J 354 -12.65 52.68 -34.84
CA LYS J 354 -11.55 53.37 -35.52
C LYS J 354 -11.45 54.80 -35.01
N GLU J 355 -10.23 55.20 -34.67
CA GLU J 355 -9.95 56.51 -34.09
C GLU J 355 -9.20 57.36 -35.09
N TYR J 356 -9.65 58.60 -35.27
CA TYR J 356 -9.04 59.57 -36.16
C TYR J 356 -8.88 60.88 -35.41
N ALA J 357 -7.76 61.56 -35.66
CA ALA J 357 -7.47 62.86 -35.05
C ALA J 357 -7.42 63.91 -36.15
N ARG J 358 -8.28 64.92 -36.04
CA ARG J 358 -8.35 66.00 -37.02
C ARG J 358 -8.18 67.33 -36.32
N HIS J 359 -7.52 68.26 -37.00
CA HIS J 359 -7.31 69.61 -36.51
C HIS J 359 -7.86 70.61 -37.51
N VAL J 360 -8.24 71.78 -37.00
CA VAL J 360 -9.01 72.77 -37.73
C VAL J 360 -8.41 74.15 -37.49
N GLU J 361 -8.30 74.93 -38.56
CA GLU J 361 -7.86 76.32 -38.48
C GLU J 361 -8.85 77.19 -39.24
N GLU J 362 -9.23 78.32 -38.64
CA GLU J 362 -10.23 79.21 -39.22
C GLU J 362 -9.73 80.65 -39.10
N PHE J 363 -9.74 81.37 -40.21
CA PHE J 363 -9.24 82.74 -40.27
C PHE J 363 -10.26 83.63 -40.99
N ASP J 364 -10.08 84.94 -40.82
CA ASP J 364 -10.91 85.93 -41.52
C ASP J 364 -10.08 87.22 -41.59
N LEU J 365 -9.38 87.39 -42.71
CA LEU J 365 -8.48 88.52 -42.87
C LEU J 365 -9.25 89.78 -43.27
N GLN J 366 -8.94 90.90 -42.62
CA GLN J 366 -9.57 92.17 -42.91
C GLN J 366 -8.51 93.25 -42.98
N PHE J 367 -8.67 94.16 -43.94
CA PHE J 367 -7.69 95.18 -44.24
C PHE J 367 -8.37 96.48 -44.62
N ILE J 368 -7.73 97.59 -44.26
CA ILE J 368 -8.11 98.92 -44.69
C ILE J 368 -6.92 99.50 -45.44
N PHE J 369 -7.08 99.71 -46.74
CA PHE J 369 -6.02 100.21 -47.60
C PHE J 369 -6.28 101.66 -47.99
N GLN J 370 -5.19 102.39 -48.25
CA GLN J 370 -5.23 103.79 -48.63
C GLN J 370 -4.56 103.95 -49.99
N LEU J 371 -5.23 104.63 -50.91
CA LEU J 371 -4.67 104.87 -52.23
C LEU J 371 -3.65 105.99 -52.16
N CYS J 372 -2.54 105.81 -52.89
CA CYS J 372 -1.42 106.75 -52.85
C CYS J 372 -0.94 107.08 -54.25
N LYS J 373 -0.33 108.25 -54.37
CA LYS J 373 0.22 108.76 -55.62
C LYS J 373 1.74 108.78 -55.53
N ILE J 374 2.40 108.57 -56.68
CA ILE J 374 3.85 108.67 -56.78
C ILE J 374 4.16 109.44 -58.06
N THR J 375 4.58 110.69 -57.94
CA THR J 375 4.97 111.48 -59.10
C THR J 375 6.34 111.01 -59.56
N LEU J 376 6.39 110.38 -60.74
CA LEU J 376 7.60 109.74 -61.24
C LEU J 376 8.53 110.80 -61.84
N THR J 377 9.24 111.51 -60.96
CA THR J 377 10.25 112.46 -61.38
C THR J 377 11.55 111.70 -61.72
N THR J 378 12.55 112.44 -62.18
CA THR J 378 13.91 111.95 -62.12
C THR J 378 14.41 111.98 -60.68
N GLU J 379 15.66 111.57 -60.47
CA GLU J 379 16.21 111.35 -59.13
C GLU J 379 15.39 110.29 -58.40
N VAL J 380 14.10 110.58 -58.18
CA VAL J 380 13.10 109.55 -57.91
C VAL J 380 13.03 108.70 -59.17
N MET J 381 12.35 107.54 -59.09
CA MET J 381 12.25 106.60 -60.21
C MET J 381 13.59 105.94 -60.49
N SER J 382 14.66 106.73 -60.60
CA SER J 382 15.99 106.14 -60.61
C SER J 382 16.31 105.49 -59.26
N TYR J 383 15.84 106.11 -58.18
CA TYR J 383 15.88 105.46 -56.87
C TYR J 383 15.00 104.22 -56.85
N ILE J 384 13.80 104.32 -57.44
CA ILE J 384 12.92 103.16 -57.56
C ILE J 384 13.55 102.09 -58.46
N HIS J 385 14.22 102.52 -59.53
CA HIS J 385 14.88 101.57 -60.41
C HIS J 385 15.99 100.82 -59.67
N ASN J 386 16.81 101.55 -58.92
CA ASN J 386 17.84 100.90 -58.12
C ASN J 386 17.23 100.02 -57.02
N MET J 387 16.01 100.36 -56.59
CA MET J 387 15.32 99.53 -55.60
C MET J 387 14.80 98.24 -56.23
N ASN J 388 13.91 98.37 -57.22
CA ASN J 388 13.36 97.21 -57.91
C ASN J 388 13.02 97.64 -59.32
N THR J 389 13.81 97.16 -60.29
CA THR J 389 13.56 97.47 -61.68
C THR J 389 12.18 97.02 -62.13
N THR J 390 11.68 95.92 -61.55
CA THR J 390 10.40 95.37 -61.92
C THR J 390 9.23 96.25 -61.49
N ILE J 391 9.45 97.19 -60.57
CA ILE J 391 8.40 98.14 -60.21
C ILE J 391 8.12 99.07 -61.38
N LEU J 392 9.17 99.69 -61.93
CA LEU J 392 9.00 100.52 -63.12
C LEU J 392 8.58 99.68 -64.31
N GLU J 393 9.13 98.46 -64.42
CA GLU J 393 8.75 97.58 -65.52
C GLU J 393 7.25 97.28 -65.50
N ASP J 394 6.68 97.03 -64.32
CA ASP J 394 5.24 96.78 -64.25
C ASP J 394 4.43 98.05 -64.45
N TRP J 395 5.00 99.22 -64.21
CA TRP J 395 4.35 100.48 -64.49
C TRP J 395 4.60 100.88 -65.95
N ASN J 396 4.42 102.14 -66.27
CA ASN J 396 4.63 102.63 -67.63
C ASN J 396 5.20 104.05 -67.63
N GLN J 431 6.81 87.26 -64.92
CA GLN J 431 7.45 86.26 -64.07
C GLN J 431 7.26 86.58 -62.59
N ASP J 432 7.58 85.62 -61.72
CA ASP J 432 7.39 85.78 -60.29
C ASP J 432 8.43 84.97 -59.53
N PRO J 433 9.20 85.60 -58.64
CA PRO J 433 10.22 84.86 -57.90
C PRO J 433 9.70 84.04 -56.74
N TYR J 434 8.43 84.22 -56.37
CA TYR J 434 7.85 83.61 -55.17
C TYR J 434 7.03 82.36 -55.45
N ASP J 435 6.85 81.98 -56.72
CA ASP J 435 6.06 80.79 -57.03
C ASP J 435 6.76 79.49 -56.67
N LYS J 436 8.05 79.53 -56.35
CA LYS J 436 8.72 78.35 -55.83
C LYS J 436 8.32 78.04 -54.39
N LEU J 437 7.71 79.01 -53.70
CA LEU J 437 7.31 78.85 -52.31
C LEU J 437 5.81 78.59 -52.18
N LYS J 438 5.43 78.01 -51.05
CA LYS J 438 4.05 77.62 -50.75
C LYS J 438 3.39 78.71 -49.91
N PHE J 439 2.30 79.27 -50.43
CA PHE J 439 1.52 80.27 -49.72
C PHE J 439 0.04 79.90 -49.76
N TRP J 440 -0.73 80.57 -48.90
CA TRP J 440 -2.18 80.49 -48.95
C TRP J 440 -2.67 81.64 -49.81
N PRO J 441 -3.16 81.40 -51.03
CA PRO J 441 -3.53 82.51 -51.91
C PRO J 441 -4.84 83.16 -51.47
N VAL J 442 -4.85 84.48 -51.43
CA VAL J 442 -6.03 85.27 -51.09
C VAL J 442 -6.18 86.36 -52.15
N ASP J 443 -7.15 86.18 -53.05
CA ASP J 443 -7.37 87.12 -54.14
C ASP J 443 -8.43 88.13 -53.70
N LEU J 444 -8.03 89.40 -53.57
CA LEU J 444 -8.93 90.46 -53.13
C LEU J 444 -9.20 91.49 -54.23
N LYS J 445 -8.87 91.16 -55.48
CA LYS J 445 -9.15 92.10 -56.57
C LYS J 445 -10.64 92.36 -56.72
N GLU J 446 -11.48 91.39 -56.36
CA GLU J 446 -12.93 91.48 -56.50
C GLU J 446 -13.63 91.83 -55.19
N ARG J 447 -12.90 92.26 -54.16
CA ARG J 447 -13.49 92.49 -52.85
C ARG J 447 -13.29 93.90 -52.32
N PHE J 448 -12.70 94.81 -53.08
CA PHE J 448 -12.52 96.18 -52.60
C PHE J 448 -13.84 96.95 -52.62
N SER J 449 -14.03 97.76 -51.59
CA SER J 449 -15.25 98.57 -51.47
C SER J 449 -14.92 99.87 -50.73
N ALA J 450 -15.46 100.97 -51.24
CA ALA J 450 -15.26 102.28 -50.64
C ALA J 450 -16.28 102.62 -49.56
N ASP J 451 -17.36 101.84 -49.44
CA ASP J 451 -18.37 102.05 -48.41
C ASP J 451 -17.87 101.41 -47.12
N LEU J 452 -17.03 102.16 -46.40
CA LEU J 452 -16.38 101.62 -45.21
C LEU J 452 -17.38 101.31 -44.11
N ASP J 453 -18.45 102.10 -43.99
CA ASP J 453 -19.43 101.89 -42.93
C ASP J 453 -20.22 100.59 -43.09
N GLN J 454 -20.00 99.84 -44.16
CA GLN J 454 -20.67 98.56 -44.39
C GLN J 454 -19.92 97.40 -43.78
N PHE J 455 -18.77 97.63 -43.16
CA PHE J 455 -17.91 96.58 -42.64
C PHE J 455 -17.48 96.92 -41.21
N PRO J 456 -17.27 95.91 -40.37
CA PRO J 456 -16.85 96.19 -38.99
C PRO J 456 -15.53 96.94 -38.91
N LEU J 457 -14.48 96.40 -39.55
CA LEU J 457 -13.19 97.09 -39.58
C LEU J 457 -13.32 98.46 -40.22
N GLY J 458 -14.24 98.62 -41.17
CA GLY J 458 -14.46 99.93 -41.76
C GLY J 458 -14.99 100.92 -40.75
N ARG J 459 -15.92 100.49 -39.90
CA ARG J 459 -16.44 101.37 -38.85
C ARG J 459 -15.35 101.70 -37.82
N LYS J 460 -14.64 100.67 -37.35
CA LYS J 460 -13.54 100.89 -36.42
C LYS J 460 -12.50 101.83 -37.01
N PHE J 461 -12.30 101.79 -38.32
CA PHE J 461 -11.41 102.73 -38.98
C PHE J 461 -12.03 104.11 -39.09
N LEU J 462 -13.37 104.19 -39.17
CA LEU J 462 -14.04 105.49 -39.13
C LEU J 462 -13.94 106.12 -37.76
N LEU J 463 -13.71 105.33 -36.70
CA LEU J 463 -13.37 105.93 -35.41
C LEU J 463 -11.90 106.30 -35.37
N GLN J 464 -11.42 106.98 -36.40
CA GLN J 464 -10.04 107.47 -36.44
C GLN J 464 -9.93 108.89 -36.93
N LEU J 465 -10.97 109.45 -37.55
CA LEU J 465 -11.06 110.86 -37.95
C LEU J 465 -10.36 111.81 -36.97
N ASP K 1 17.42 -31.81 -24.65
CA ASP K 1 17.48 -31.92 -23.19
C ASP K 1 18.77 -32.61 -22.75
N VAL K 2 18.72 -33.93 -22.59
CA VAL K 2 19.89 -34.69 -22.20
C VAL K 2 20.90 -34.70 -23.35
N VAL K 3 22.19 -34.59 -23.01
CA VAL K 3 23.27 -34.57 -23.97
C VAL K 3 24.11 -35.83 -23.82
N MET K 4 24.56 -36.38 -24.95
CA MET K 4 25.39 -37.58 -24.97
C MET K 4 26.76 -37.21 -25.50
N THR K 5 27.80 -37.54 -24.74
CA THR K 5 29.18 -37.22 -25.11
C THR K 5 29.96 -38.51 -25.28
N GLN K 6 30.44 -38.76 -26.49
CA GLN K 6 31.24 -39.94 -26.80
C GLN K 6 32.71 -39.57 -26.85
N THR K 7 33.56 -40.47 -26.35
CA THR K 7 35.01 -40.26 -26.37
C THR K 7 35.66 -41.54 -26.89
N PRO K 8 36.40 -41.47 -28.02
CA PRO K 8 36.54 -40.27 -28.83
C PRO K 8 35.59 -40.27 -30.01
N LEU K 9 35.72 -39.28 -30.90
CA LEU K 9 34.90 -39.26 -32.11
C LEU K 9 35.50 -40.13 -33.21
N SER K 10 36.82 -40.25 -33.25
CA SER K 10 37.52 -41.12 -34.18
C SER K 10 38.45 -42.02 -33.39
N LEU K 11 38.29 -43.33 -33.55
CA LEU K 11 39.08 -44.32 -32.81
C LEU K 11 39.80 -45.22 -33.80
N PRO K 12 41.00 -44.85 -34.26
CA PRO K 12 41.75 -45.71 -35.18
C PRO K 12 42.35 -46.89 -34.41
N VAL K 13 42.09 -48.10 -34.89
CA VAL K 13 42.61 -49.31 -34.28
C VAL K 13 42.99 -50.30 -35.36
N SER K 14 43.88 -51.23 -35.01
CA SER K 14 44.26 -52.31 -35.89
C SER K 14 43.44 -53.54 -35.56
N LEU K 15 43.37 -54.46 -36.54
CA LEU K 15 42.61 -55.68 -36.34
C LEU K 15 43.24 -56.56 -35.27
N GLY K 16 42.41 -57.19 -34.45
CA GLY K 16 42.86 -58.01 -33.36
C GLY K 16 43.07 -57.29 -32.05
N ASP K 17 43.03 -55.96 -32.05
CA ASP K 17 43.21 -55.18 -30.84
C ASP K 17 41.87 -55.01 -30.13
N GLN K 18 41.91 -54.38 -28.95
CA GLN K 18 40.70 -54.08 -28.20
C GLN K 18 40.27 -52.64 -28.47
N ALA K 19 38.95 -52.43 -28.53
CA ALA K 19 38.37 -51.12 -28.76
C ALA K 19 37.53 -50.72 -27.55
N SER K 20 37.56 -49.44 -27.22
CA SER K 20 36.78 -48.93 -26.09
C SER K 20 36.23 -47.55 -26.44
N ILE K 21 34.91 -47.41 -26.45
CA ILE K 21 34.24 -46.14 -26.72
C ILE K 21 33.48 -45.74 -25.47
N SER K 22 33.65 -44.49 -25.05
CA SER K 22 33.00 -43.98 -23.85
C SER K 22 31.79 -43.12 -24.21
N CYS K 23 30.79 -43.15 -23.33
CA CYS K 23 29.57 -42.36 -23.50
C CYS K 23 29.11 -41.88 -22.13
N ARG K 24 28.99 -40.56 -21.99
CA ARG K 24 28.54 -39.95 -20.75
C ARG K 24 27.28 -39.12 -21.03
N SER K 25 26.39 -39.08 -20.04
CA SER K 25 25.16 -38.33 -20.13
C SER K 25 25.14 -37.25 -19.05
N SER K 26 24.30 -36.24 -19.27
CA SER K 26 24.16 -35.16 -18.30
C SER K 26 23.27 -35.51 -17.13
N GLN K 27 22.38 -36.49 -17.29
CA GLN K 27 21.43 -36.87 -16.25
C GLN K 27 21.67 -38.32 -15.82
N SER K 28 20.95 -38.72 -14.78
CA SER K 28 21.21 -40.00 -14.13
C SER K 28 20.94 -41.20 -15.04
N LEU K 29 20.08 -41.04 -16.04
CA LEU K 29 19.76 -42.08 -17.01
C LEU K 29 19.07 -43.31 -16.40
N VAL K 30 18.99 -43.37 -15.08
CA VAL K 30 18.26 -44.44 -14.41
C VAL K 30 16.80 -44.01 -14.31
N HIS K 31 15.91 -44.81 -14.90
CA HIS K 31 14.51 -44.44 -14.98
C HIS K 31 13.85 -44.57 -13.62
N SER K 32 12.72 -43.88 -13.46
CA SER K 32 11.84 -44.12 -12.31
C SER K 32 11.19 -45.48 -12.49
N ASN K 33 12.02 -46.52 -12.59
CA ASN K 33 11.66 -47.84 -13.07
C ASN K 33 12.91 -48.70 -12.98
N GLY K 34 12.70 -50.02 -13.02
CA GLY K 34 13.75 -51.00 -12.81
C GLY K 34 15.09 -50.74 -13.47
N ASN K 35 15.11 -50.46 -14.76
CA ASN K 35 16.35 -50.53 -15.55
C ASN K 35 16.81 -49.16 -16.00
N THR K 36 17.99 -49.16 -16.62
CA THR K 36 18.59 -47.99 -17.26
C THR K 36 18.55 -48.18 -18.77
N TYR K 37 18.08 -47.17 -19.48
CA TYR K 37 17.74 -47.31 -20.90
C TYR K 37 18.77 -46.58 -21.76
N LEU K 38 19.98 -47.14 -21.82
CA LEU K 38 21.04 -46.67 -22.70
C LEU K 38 21.37 -47.74 -23.73
N HIS K 39 21.54 -47.32 -24.99
CA HIS K 39 21.72 -48.25 -26.09
C HIS K 39 22.92 -47.86 -26.95
N TRP K 40 23.38 -48.82 -27.75
CA TRP K 40 24.48 -48.64 -28.69
C TRP K 40 24.03 -49.14 -30.06
N TYR K 41 24.18 -48.28 -31.08
CA TYR K 41 23.86 -48.61 -32.46
C TYR K 41 25.12 -48.58 -33.31
N LEU K 42 25.08 -49.30 -34.44
CA LEU K 42 26.19 -49.33 -35.39
C LEU K 42 25.68 -49.03 -36.79
N GLN K 43 26.31 -48.06 -37.44
CA GLN K 43 25.96 -47.67 -38.80
C GLN K 43 27.15 -47.89 -39.68
N LYS K 44 26.97 -48.57 -40.79
CA LYS K 44 28.06 -48.87 -41.66
C LYS K 44 28.05 -48.23 -43.01
N SER K 45 28.86 -47.20 -43.12
CA SER K 45 29.05 -46.49 -44.35
C SER K 45 27.76 -45.99 -44.98
N GLY K 46 27.18 -46.74 -45.90
CA GLY K 46 25.98 -46.30 -46.56
C GLY K 46 24.94 -47.31 -46.28
N GLN K 47 24.67 -47.52 -45.02
CA GLN K 47 23.70 -48.49 -44.61
C GLN K 47 22.99 -47.93 -43.42
N SER K 48 21.70 -48.11 -43.35
CA SER K 48 20.97 -47.62 -42.19
C SER K 48 21.64 -48.10 -40.90
N PRO K 49 21.45 -47.35 -39.80
CA PRO K 49 21.95 -47.83 -38.51
C PRO K 49 21.28 -49.14 -38.12
N LYS K 50 21.97 -49.89 -37.25
CA LYS K 50 21.47 -51.17 -36.78
C LYS K 50 21.72 -51.29 -35.30
N LEU K 51 20.77 -51.91 -34.59
CA LEU K 51 20.88 -52.04 -33.15
C LEU K 51 22.02 -52.99 -32.79
N LEU K 52 22.89 -52.57 -31.87
CA LEU K 52 23.99 -53.39 -31.39
C LEU K 52 23.75 -53.88 -29.97
N ILE K 53 23.48 -52.98 -29.02
CA ILE K 53 23.21 -53.33 -27.64
C ILE K 53 22.05 -52.49 -27.15
N TYR K 54 21.11 -53.12 -26.44
CA TYR K 54 20.00 -52.40 -25.83
C TYR K 54 20.05 -52.57 -24.32
N LYS K 55 19.67 -51.51 -23.61
CA LYS K 55 19.68 -51.48 -22.15
C LYS K 55 21.07 -51.84 -21.61
N VAL K 56 22.03 -50.97 -21.94
CA VAL K 56 23.38 -50.89 -21.39
C VAL K 56 24.21 -52.14 -21.69
N SER K 57 23.64 -53.34 -21.53
CA SER K 57 24.49 -54.53 -21.55
C SER K 57 23.84 -55.75 -22.17
N ASN K 58 22.77 -55.59 -22.94
CA ASN K 58 22.09 -56.72 -23.58
C ASN K 58 22.43 -56.74 -25.06
N ARG K 59 23.11 -57.80 -25.50
CA ARG K 59 23.44 -57.94 -26.91
C ARG K 59 22.18 -58.25 -27.72
N PHE K 60 22.08 -57.61 -28.88
CA PHE K 60 20.96 -57.87 -29.77
C PHE K 60 21.14 -59.23 -30.45
N SER K 61 20.07 -59.72 -31.05
CA SER K 61 20.11 -61.01 -31.73
C SER K 61 21.08 -60.96 -32.90
N GLY K 62 22.05 -61.87 -32.89
CA GLY K 62 23.04 -61.92 -33.94
C GLY K 62 24.25 -61.04 -33.74
N VAL K 63 24.50 -60.57 -32.53
CA VAL K 63 25.65 -59.73 -32.20
C VAL K 63 26.74 -60.63 -31.62
N PRO K 64 27.96 -60.61 -32.16
CA PRO K 64 29.00 -61.50 -31.67
C PRO K 64 29.36 -61.25 -30.20
N ASP K 65 29.97 -62.26 -29.59
CA ASP K 65 30.35 -62.19 -28.18
C ASP K 65 31.42 -61.13 -27.92
N ARG K 66 32.12 -60.66 -28.95
CA ARG K 66 33.20 -59.70 -28.74
C ARG K 66 32.67 -58.38 -28.18
N PHE K 67 31.49 -57.96 -28.62
CA PHE K 67 30.92 -56.71 -28.14
C PHE K 67 30.43 -56.88 -26.71
N SER K 68 30.76 -55.92 -25.86
CA SER K 68 30.42 -55.99 -24.44
C SER K 68 30.18 -54.58 -23.94
N GLY K 69 28.93 -54.31 -23.54
CA GLY K 69 28.56 -53.02 -22.98
C GLY K 69 28.62 -53.06 -21.47
N SER K 70 28.98 -51.93 -20.88
CA SER K 70 29.08 -51.82 -19.43
C SER K 70 28.85 -50.37 -19.03
N GLY K 71 28.72 -50.15 -17.73
CA GLY K 71 28.53 -48.84 -17.17
C GLY K 71 27.23 -48.73 -16.40
N SER K 72 27.06 -47.56 -15.80
CA SER K 72 25.86 -47.26 -15.01
C SER K 72 25.82 -45.77 -14.76
N GLY K 73 24.70 -45.31 -14.19
CA GLY K 73 24.51 -43.92 -13.87
C GLY K 73 24.69 -43.00 -15.07
N THR K 74 25.78 -42.23 -15.07
CA THR K 74 26.08 -41.33 -16.16
C THR K 74 27.30 -41.75 -16.96
N ASP K 75 27.99 -42.82 -16.57
CA ASP K 75 29.22 -43.24 -17.24
C ASP K 75 29.01 -44.62 -17.84
N PHE K 76 29.17 -44.72 -19.16
CA PHE K 76 29.00 -45.98 -19.88
C PHE K 76 30.17 -46.20 -20.82
N THR K 77 30.46 -47.47 -21.08
CA THR K 77 31.58 -47.86 -21.94
C THR K 77 31.16 -49.04 -22.81
N LEU K 78 31.77 -49.10 -24.00
CA LEU K 78 31.59 -50.19 -24.95
C LEU K 78 32.95 -50.76 -25.29
N LYS K 79 33.10 -52.07 -25.12
CA LYS K 79 34.37 -52.77 -25.34
C LYS K 79 34.21 -53.78 -26.45
N ILE K 80 35.14 -53.78 -27.39
CA ILE K 80 35.25 -54.79 -28.44
C ILE K 80 36.52 -55.58 -28.18
N SER K 81 36.36 -56.89 -28.00
CA SER K 81 37.51 -57.74 -27.64
C SER K 81 38.53 -57.78 -28.76
N ARG K 82 38.12 -58.26 -29.93
CA ARG K 82 39.01 -58.38 -31.10
C ARG K 82 38.34 -57.68 -32.26
N VAL K 83 38.85 -56.49 -32.61
CA VAL K 83 38.30 -55.73 -33.73
C VAL K 83 38.56 -56.49 -35.02
N GLU K 84 37.49 -56.72 -35.79
CA GLU K 84 37.58 -57.45 -37.04
C GLU K 84 37.26 -56.53 -38.21
N ALA K 85 37.30 -57.10 -39.41
CA ALA K 85 37.12 -56.29 -40.62
C ALA K 85 35.74 -55.63 -40.66
N GLU K 86 34.68 -56.42 -40.49
CA GLU K 86 33.31 -55.93 -40.63
C GLU K 86 32.78 -55.28 -39.36
N ASP K 87 33.63 -54.63 -38.58
CA ASP K 87 33.22 -53.87 -37.41
C ASP K 87 33.45 -52.37 -37.57
N LEU K 88 33.86 -51.94 -38.77
CA LEU K 88 34.25 -50.56 -39.00
C LEU K 88 33.04 -49.74 -39.39
N GLY K 89 32.79 -48.68 -38.64
CA GLY K 89 31.66 -47.81 -38.91
C GLY K 89 31.49 -46.81 -37.79
N VAL K 90 30.41 -46.04 -37.86
CA VAL K 90 30.08 -45.06 -36.83
C VAL K 90 29.25 -45.74 -35.75
N TYR K 91 29.68 -45.60 -34.50
CA TYR K 91 28.99 -46.15 -33.36
C TYR K 91 28.24 -45.03 -32.65
N PHE K 92 26.93 -45.19 -32.53
CA PHE K 92 26.09 -44.20 -31.87
C PHE K 92 25.69 -44.68 -30.49
N CYS K 93 25.51 -43.74 -29.58
CA CYS K 93 25.14 -44.02 -28.20
C CYS K 93 23.85 -43.26 -27.89
N SER K 94 22.79 -43.99 -27.60
CA SER K 94 21.46 -43.40 -27.47
C SER K 94 20.95 -43.52 -26.05
N GLN K 95 20.12 -42.55 -25.67
CA GLN K 95 19.40 -42.59 -24.40
C GLN K 95 17.93 -42.35 -24.67
N SER K 96 17.09 -43.20 -24.07
CA SER K 96 15.63 -43.09 -24.15
C SER K 96 15.00 -43.10 -22.77
N THR K 97 15.79 -42.96 -21.71
CA THR K 97 15.24 -42.91 -20.36
C THR K 97 14.40 -41.64 -20.18
N HIS K 98 14.86 -40.52 -20.72
CA HIS K 98 14.18 -39.24 -20.60
C HIS K 98 13.71 -38.78 -21.98
N VAL K 99 12.54 -38.17 -22.01
CA VAL K 99 12.01 -37.57 -23.24
C VAL K 99 12.59 -36.17 -23.37
N PRO K 100 13.10 -35.77 -24.55
CA PRO K 100 13.12 -36.53 -25.80
C PRO K 100 14.21 -37.58 -25.90
N PHE K 101 13.93 -38.66 -26.65
CA PHE K 101 14.96 -39.65 -26.96
C PHE K 101 16.10 -38.96 -27.69
N THR K 102 17.28 -38.98 -27.10
CA THR K 102 18.39 -38.22 -27.67
C THR K 102 19.61 -39.10 -27.83
N PHE K 103 20.36 -38.86 -28.91
CA PHE K 103 21.60 -39.58 -29.14
C PHE K 103 22.53 -38.75 -30.01
N GLY K 104 23.82 -38.80 -29.67
CA GLY K 104 24.89 -38.29 -30.50
C GLY K 104 26.15 -39.04 -30.13
N ALA K 105 27.23 -38.73 -30.84
CA ALA K 105 27.19 -37.84 -32.00
C ALA K 105 27.86 -38.53 -33.17
N GLY K 106 28.24 -39.79 -32.95
CA GLY K 106 28.95 -40.57 -33.95
C GLY K 106 30.39 -40.81 -33.58
N THR K 107 30.80 -42.08 -33.58
CA THR K 107 32.17 -42.47 -33.28
C THR K 107 32.68 -43.34 -34.41
N LYS K 108 33.61 -42.81 -35.19
CA LYS K 108 34.14 -43.51 -36.36
C LYS K 108 35.18 -44.52 -35.91
N LEU K 109 34.88 -45.81 -36.10
CA LEU K 109 35.85 -46.87 -35.85
C LEU K 109 36.59 -47.12 -37.15
N GLU K 110 37.80 -46.59 -37.25
CA GLU K 110 38.57 -46.64 -38.49
C GLU K 110 39.77 -47.57 -38.30
N LEU K 111 40.37 -47.94 -39.43
CA LEU K 111 41.50 -48.85 -39.43
C LEU K 111 42.80 -48.08 -39.26
N LYS K 112 43.76 -48.71 -38.59
CA LYS K 112 45.06 -48.10 -38.38
C LYS K 112 46.02 -48.68 -39.42
N ARG K 113 46.73 -47.81 -40.12
CA ARG K 113 47.64 -48.22 -41.18
C ARG K 113 48.92 -47.39 -41.13
N ALA K 114 49.81 -47.70 -42.05
CA ALA K 114 51.08 -47.00 -42.19
C ALA K 114 50.88 -45.66 -42.88
N ASP K 115 51.77 -44.72 -42.55
CA ASP K 115 51.69 -43.37 -43.10
C ASP K 115 51.85 -43.40 -44.62
N ALA K 116 51.18 -42.44 -45.28
CA ALA K 116 51.24 -42.35 -46.73
C ALA K 116 51.16 -40.89 -47.14
N ALA K 117 52.06 -40.49 -48.04
CA ALA K 117 52.08 -39.12 -48.54
C ALA K 117 51.00 -38.91 -49.58
N PRO K 118 50.39 -37.73 -49.63
CA PRO K 118 49.33 -37.48 -50.61
C PRO K 118 49.87 -37.28 -52.02
N THR K 119 49.08 -37.70 -53.00
CA THR K 119 49.36 -37.46 -54.40
C THR K 119 48.51 -36.28 -54.86
N VAL K 120 49.17 -35.17 -55.20
CA VAL K 120 48.52 -33.90 -55.49
C VAL K 120 48.51 -33.66 -56.99
N SER K 121 47.39 -33.17 -57.51
CA SER K 121 47.24 -32.87 -58.93
C SER K 121 46.39 -31.62 -59.09
N ILE K 122 46.83 -30.72 -59.97
CA ILE K 122 46.09 -29.48 -60.24
C ILE K 122 45.48 -29.54 -61.63
N PHE K 123 44.32 -28.90 -61.76
CA PHE K 123 43.61 -28.79 -63.03
C PHE K 123 43.05 -27.38 -63.17
N PRO K 124 43.45 -26.66 -64.21
CA PRO K 124 42.93 -25.30 -64.43
C PRO K 124 41.50 -25.37 -64.95
N PRO K 125 40.80 -24.24 -65.06
CA PRO K 125 39.44 -24.27 -65.60
C PRO K 125 39.42 -24.80 -67.03
N SER K 126 38.40 -25.58 -67.34
CA SER K 126 38.27 -26.18 -68.65
C SER K 126 37.89 -25.13 -69.70
N SER K 127 38.02 -25.51 -70.96
CA SER K 127 37.63 -24.61 -72.05
C SER K 127 36.13 -24.37 -72.05
N GLU K 128 35.34 -25.35 -71.62
CA GLU K 128 33.88 -25.18 -71.61
C GLU K 128 33.44 -24.21 -70.53
N GLN K 129 34.07 -24.28 -69.35
CA GLN K 129 33.67 -23.39 -68.25
C GLN K 129 34.05 -21.94 -68.52
N LEU K 130 35.19 -21.71 -69.17
CA LEU K 130 35.61 -20.34 -69.46
C LEU K 130 34.69 -19.64 -70.45
N THR K 131 33.90 -20.40 -71.20
CA THR K 131 32.89 -19.81 -72.07
C THR K 131 31.65 -19.35 -71.30
N SER K 132 31.45 -19.85 -70.09
CA SER K 132 30.33 -19.48 -69.25
C SER K 132 30.60 -18.27 -68.36
N GLY K 133 31.83 -17.78 -68.33
CA GLY K 133 32.18 -16.63 -67.53
C GLY K 133 32.79 -16.93 -66.18
N GLY K 134 33.08 -18.20 -65.88
CA GLY K 134 33.68 -18.58 -64.62
C GLY K 134 34.95 -19.37 -64.85
N ALA K 135 35.71 -19.54 -63.77
CA ALA K 135 36.97 -20.27 -63.82
C ALA K 135 37.16 -20.99 -62.50
N SER K 136 37.21 -22.32 -62.56
CA SER K 136 37.39 -23.15 -61.37
C SER K 136 38.67 -23.95 -61.51
N VAL K 137 39.54 -23.83 -60.51
CA VAL K 137 40.79 -24.59 -60.45
C VAL K 137 40.64 -25.66 -59.37
N VAL K 138 40.95 -26.90 -59.71
CA VAL K 138 40.71 -28.02 -58.81
C VAL K 138 42.05 -28.63 -58.42
N CYS K 139 42.14 -29.09 -57.17
CA CYS K 139 43.33 -29.71 -56.63
C CYS K 139 42.94 -30.98 -55.90
N PHE K 140 43.43 -32.13 -56.39
CA PHE K 140 43.16 -33.42 -55.78
C PHE K 140 44.35 -33.85 -54.95
N LEU K 141 44.07 -34.30 -53.73
CA LEU K 141 45.07 -34.81 -52.79
C LEU K 141 44.61 -36.22 -52.43
N ASN K 142 45.11 -37.20 -53.16
CA ASN K 142 44.58 -38.56 -53.10
C ASN K 142 45.52 -39.50 -52.34
N ASN K 143 44.91 -40.42 -51.60
CA ASN K 143 45.60 -41.56 -51.00
C ASN K 143 46.68 -41.10 -50.02
N PHE K 144 46.22 -40.55 -48.90
CA PHE K 144 47.09 -40.13 -47.82
C PHE K 144 46.58 -40.69 -46.50
N TYR K 145 47.47 -40.67 -45.50
CA TYR K 145 47.17 -41.10 -44.16
C TYR K 145 48.17 -40.43 -43.23
N PRO K 146 47.75 -39.91 -42.06
CA PRO K 146 46.39 -39.96 -41.50
C PRO K 146 45.39 -39.00 -42.15
N LYS K 147 44.23 -38.86 -41.52
CA LYS K 147 43.14 -38.06 -42.07
C LYS K 147 43.46 -36.58 -42.06
N ASP K 148 44.30 -36.13 -41.12
CA ASP K 148 44.57 -34.71 -40.96
C ASP K 148 45.41 -34.17 -42.12
N ILE K 149 44.94 -33.09 -42.72
CA ILE K 149 45.66 -32.45 -43.83
C ILE K 149 45.14 -31.03 -43.97
N ASN K 150 45.98 -30.15 -44.53
CA ASN K 150 45.63 -28.75 -44.72
C ASN K 150 45.98 -28.33 -46.15
N VAL K 151 45.13 -27.52 -46.75
CA VAL K 151 45.39 -27.00 -48.09
C VAL K 151 45.39 -25.48 -48.03
N LYS K 152 46.22 -24.88 -48.88
CA LYS K 152 46.31 -23.43 -49.01
C LYS K 152 46.45 -23.09 -50.48
N TRP K 153 45.54 -22.27 -50.99
CA TRP K 153 45.65 -21.73 -52.33
C TRP K 153 46.35 -20.39 -52.27
N LYS K 154 47.29 -20.16 -53.19
CA LYS K 154 47.97 -18.88 -53.25
C LYS K 154 48.01 -18.38 -54.68
N ILE K 155 47.53 -17.14 -54.85
CA ILE K 155 47.56 -16.37 -56.09
C ILE K 155 47.94 -14.95 -55.68
N ASP K 156 49.12 -14.49 -56.11
CA ASP K 156 50.03 -15.23 -56.96
C ASP K 156 50.85 -16.35 -56.26
N GLY K 157 51.43 -16.11 -55.08
CA GLY K 157 51.42 -14.85 -54.35
C GLY K 157 50.81 -14.91 -52.96
N SER K 158 49.65 -14.28 -52.82
CA SER K 158 48.95 -14.14 -51.54
C SER K 158 47.86 -15.20 -51.39
N GLU K 159 47.65 -15.63 -50.16
CA GLU K 159 46.64 -16.64 -49.87
C GLU K 159 45.24 -16.06 -50.02
N ARG K 160 44.35 -16.86 -50.62
CA ARG K 160 42.97 -16.46 -50.87
C ARG K 160 42.03 -17.48 -50.28
N GLN K 161 41.18 -17.06 -49.34
CA GLN K 161 40.22 -17.96 -48.71
C GLN K 161 38.79 -17.75 -49.19
N ASN K 162 38.53 -16.72 -50.00
CA ASN K 162 37.18 -16.35 -50.39
C ASN K 162 36.68 -17.08 -51.63
N GLY K 163 37.14 -18.32 -51.86
CA GLY K 163 36.64 -19.06 -53.01
C GLY K 163 36.87 -20.56 -52.95
N VAL K 164 37.37 -21.06 -51.83
CA VAL K 164 37.77 -22.45 -51.70
C VAL K 164 36.59 -23.28 -51.21
N LEU K 165 36.33 -24.40 -51.90
CA LEU K 165 35.32 -25.38 -51.49
C LEU K 165 36.01 -26.73 -51.36
N ASN K 166 35.92 -27.32 -50.18
CA ASN K 166 36.64 -28.54 -49.87
C ASN K 166 35.69 -29.71 -49.63
N SER K 167 36.14 -30.90 -50.00
CA SER K 167 35.37 -32.13 -49.81
C SER K 167 36.32 -33.27 -49.49
N TRP K 168 35.95 -34.09 -48.51
CA TRP K 168 36.73 -35.23 -48.09
C TRP K 168 35.95 -36.51 -48.30
N THR K 169 36.67 -37.59 -48.59
CA THR K 169 36.10 -38.92 -48.65
C THR K 169 36.44 -39.68 -47.37
N ASP K 170 35.66 -40.71 -47.08
CA ASP K 170 35.92 -41.56 -45.93
C ASP K 170 36.99 -42.58 -46.28
N GLN K 171 37.29 -43.47 -45.33
CA GLN K 171 38.31 -44.49 -45.56
C GLN K 171 37.90 -45.37 -46.74
N ASP K 172 38.77 -45.46 -47.73
CA ASP K 172 38.51 -46.33 -48.88
C ASP K 172 38.45 -47.77 -48.41
N SER K 173 37.49 -48.52 -48.96
CA SER K 173 37.37 -49.93 -48.60
C SER K 173 38.61 -50.72 -49.00
N LYS K 174 39.40 -50.20 -49.93
CA LYS K 174 40.66 -50.81 -50.34
C LYS K 174 41.81 -50.00 -49.73
N ASP K 175 42.56 -50.62 -48.82
CA ASP K 175 43.79 -50.11 -48.21
C ASP K 175 43.56 -48.96 -47.23
N SER K 176 42.31 -48.53 -46.99
CA SER K 176 41.99 -47.62 -45.90
C SER K 176 42.73 -46.28 -46.00
N THR K 177 42.84 -45.74 -47.21
CA THR K 177 43.45 -44.43 -47.42
C THR K 177 42.38 -43.35 -47.59
N TYR K 178 42.74 -42.13 -47.22
CA TYR K 178 41.86 -40.98 -47.34
C TYR K 178 42.19 -40.20 -48.61
N SER K 179 41.25 -39.34 -49.01
CA SER K 179 41.45 -38.47 -50.16
C SER K 179 40.69 -37.17 -49.94
N MET K 180 41.06 -36.15 -50.69
CA MET K 180 40.50 -34.82 -50.52
C MET K 180 40.50 -34.09 -51.87
N SER K 181 39.48 -33.27 -52.08
CA SER K 181 39.38 -32.42 -53.26
C SER K 181 39.12 -30.99 -52.81
N SER K 182 39.82 -30.04 -53.43
CA SER K 182 39.63 -28.63 -53.14
C SER K 182 39.48 -27.87 -54.45
N THR K 183 38.30 -27.29 -54.66
CA THR K 183 37.99 -26.54 -55.87
C THR K 183 37.83 -25.06 -55.52
N LEU K 184 38.67 -24.22 -56.12
CA LEU K 184 38.60 -22.78 -55.94
C LEU K 184 37.99 -22.16 -57.19
N THR K 185 36.82 -21.53 -57.01
CA THR K 185 36.06 -20.97 -58.13
C THR K 185 36.10 -19.46 -58.04
N LEU K 186 36.66 -18.82 -59.07
CA LEU K 186 36.69 -17.37 -59.20
C LEU K 186 36.08 -16.96 -60.53
N THR K 187 35.79 -15.67 -60.65
CA THR K 187 35.32 -15.12 -61.92
C THR K 187 36.41 -15.18 -62.98
N LYS K 188 35.98 -15.09 -64.25
CA LYS K 188 36.92 -15.14 -65.36
C LYS K 188 37.85 -13.94 -65.36
N ASP K 189 37.33 -12.76 -65.00
CA ASP K 189 38.17 -11.56 -64.96
C ASP K 189 39.28 -11.70 -63.93
N GLU K 190 38.92 -12.14 -62.72
CA GLU K 190 39.93 -12.35 -61.69
C GLU K 190 40.91 -13.45 -62.09
N TYR K 191 40.46 -14.42 -62.86
CA TYR K 191 41.37 -15.47 -63.34
C TYR K 191 42.37 -14.91 -64.33
N GLU K 192 41.92 -14.05 -65.25
CA GLU K 192 42.80 -13.43 -66.23
C GLU K 192 43.67 -12.33 -65.64
N ARG K 193 43.44 -11.95 -64.39
CA ARG K 193 44.19 -10.88 -63.74
C ARG K 193 45.45 -11.40 -63.04
N HIS K 194 45.66 -12.72 -63.02
CA HIS K 194 46.82 -13.32 -62.37
C HIS K 194 47.40 -14.38 -63.29
N ASN K 195 48.66 -14.72 -63.05
CA ASN K 195 49.39 -15.64 -63.90
C ASN K 195 49.71 -16.97 -63.22
N SER K 196 50.26 -16.95 -62.01
CA SER K 196 50.68 -18.16 -61.32
C SER K 196 49.64 -18.55 -60.28
N TYR K 197 49.27 -19.83 -60.27
CA TYR K 197 48.31 -20.38 -59.33
C TYR K 197 48.97 -21.55 -58.61
N THR K 198 48.93 -21.54 -57.28
CA THR K 198 49.64 -22.56 -56.52
C THR K 198 48.71 -23.21 -55.50
N CYS K 199 48.66 -24.54 -55.54
CA CYS K 199 47.97 -25.36 -54.55
C CYS K 199 49.02 -25.99 -53.64
N GLU K 200 48.91 -25.73 -52.34
CA GLU K 200 49.89 -26.18 -51.35
C GLU K 200 49.20 -27.11 -50.36
N ALA K 201 49.85 -28.24 -50.07
CA ALA K 201 49.33 -29.25 -49.17
C ALA K 201 50.29 -29.42 -48.02
N THR K 202 49.85 -29.10 -46.81
CA THR K 202 50.61 -29.36 -45.60
C THR K 202 50.03 -30.61 -44.95
N HIS K 203 50.87 -31.62 -44.78
CA HIS K 203 50.41 -32.92 -44.29
C HIS K 203 51.36 -33.39 -43.19
N LYS K 204 50.85 -34.30 -42.36
CA LYS K 204 51.61 -34.79 -41.22
C LYS K 204 52.82 -35.63 -41.63
N THR K 205 52.92 -36.02 -42.90
CA THR K 205 54.05 -36.83 -43.35
C THR K 205 55.27 -35.93 -43.58
N SER K 206 56.44 -36.52 -43.41
CA SER K 206 57.70 -35.81 -43.60
C SER K 206 57.91 -35.51 -45.07
N THR K 207 58.46 -34.33 -45.37
CA THR K 207 58.75 -33.26 -44.41
C THR K 207 58.34 -31.94 -45.07
N SER K 208 57.74 -31.03 -44.30
CA SER K 208 57.42 -29.67 -44.77
C SER K 208 56.32 -29.74 -45.83
N PRO K 209 55.72 -28.61 -46.21
CA PRO K 209 54.62 -28.66 -47.19
C PRO K 209 55.04 -29.23 -48.53
N ILE K 210 54.13 -30.01 -49.13
CA ILE K 210 54.26 -30.52 -50.49
C ILE K 210 53.52 -29.55 -51.39
N VAL K 211 54.18 -29.11 -52.46
CA VAL K 211 53.66 -28.02 -53.28
C VAL K 211 53.41 -28.50 -54.70
N LYS K 212 52.31 -28.02 -55.28
CA LYS K 212 52.06 -28.13 -56.71
C LYS K 212 51.62 -26.77 -57.22
N SER K 213 52.05 -26.41 -58.43
CA SER K 213 51.76 -25.09 -58.95
C SER K 213 51.71 -25.14 -60.47
N PHE K 214 51.15 -24.09 -61.06
CA PHE K 214 51.20 -23.96 -62.51
C PHE K 214 51.04 -22.49 -62.88
N ASN K 215 51.56 -22.17 -64.06
CA ASN K 215 51.47 -20.85 -64.68
C ASN K 215 50.54 -20.95 -65.88
N ARG K 216 50.38 -19.84 -66.61
CA ARG K 216 49.41 -19.86 -67.69
C ARG K 216 49.88 -20.72 -68.87
N ASN K 217 51.11 -21.21 -68.81
CA ASN K 217 51.66 -22.17 -69.77
C ASN K 217 53.12 -22.43 -69.39
N VAL L 2 11.98 -59.71 -42.37
CA VAL L 2 11.23 -58.55 -41.90
C VAL L 2 11.65 -57.41 -42.82
N LYS L 3 10.73 -56.54 -43.22
CA LYS L 3 11.08 -55.46 -44.13
C LYS L 3 10.41 -54.18 -43.67
N LEU L 4 11.20 -53.12 -43.49
CA LEU L 4 10.67 -51.78 -43.26
C LEU L 4 11.13 -50.95 -44.45
N VAL L 5 10.18 -50.51 -45.28
CA VAL L 5 10.49 -49.80 -46.51
C VAL L 5 9.91 -48.39 -46.42
N GLU L 6 10.78 -47.39 -46.38
CA GLU L 6 10.29 -46.03 -46.45
C GLU L 6 9.99 -45.68 -47.90
N SER L 7 9.14 -44.67 -48.08
CA SER L 7 8.71 -44.24 -49.39
C SER L 7 8.08 -42.86 -49.24
N GLY L 8 8.07 -42.09 -50.32
CA GLY L 8 7.38 -40.81 -50.22
C GLY L 8 8.21 -39.71 -49.58
N GLY L 9 8.26 -38.56 -50.23
CA GLY L 9 7.85 -38.50 -51.63
C GLY L 9 8.84 -37.82 -52.53
N GLY L 10 9.52 -36.82 -52.01
CA GLY L 10 10.55 -36.15 -52.80
C GLY L 10 11.38 -35.13 -52.06
N LEU L 11 11.76 -34.09 -52.79
CA LEU L 11 12.48 -32.94 -52.27
C LEU L 11 11.67 -31.72 -52.65
N VAL L 12 11.20 -30.96 -51.66
CA VAL L 12 10.10 -30.03 -51.85
C VAL L 12 10.47 -28.65 -51.30
N LYS L 13 9.70 -27.65 -51.74
CA LYS L 13 9.95 -26.26 -51.40
C LYS L 13 9.81 -26.03 -49.89
N PRO L 14 10.45 -24.99 -49.36
CA PRO L 14 10.28 -24.67 -47.94
C PRO L 14 8.91 -24.08 -47.66
N GLY L 15 8.42 -24.36 -46.45
CA GLY L 15 7.10 -23.92 -46.06
C GLY L 15 5.96 -24.72 -46.63
N GLY L 16 6.24 -25.88 -47.24
CA GLY L 16 5.22 -26.72 -47.82
C GLY L 16 5.14 -28.06 -47.11
N SER L 17 4.05 -28.78 -47.39
CA SER L 17 3.80 -30.06 -46.75
C SER L 17 4.49 -31.19 -47.53
N LEU L 18 4.51 -32.37 -46.90
CA LEU L 18 5.10 -33.57 -47.46
C LEU L 18 4.73 -34.74 -46.56
N LYS L 19 4.31 -35.85 -47.16
CA LYS L 19 3.88 -37.03 -46.44
C LYS L 19 4.84 -38.18 -46.68
N LEU L 20 5.27 -38.83 -45.60
CA LEU L 20 6.19 -39.96 -45.66
C LEU L 20 5.46 -41.23 -45.28
N SER L 21 5.72 -42.30 -46.05
CA SER L 21 5.10 -43.60 -45.85
C SER L 21 6.16 -44.64 -45.53
N CYS L 22 5.71 -45.73 -44.90
CA CYS L 22 6.58 -46.83 -44.49
C CYS L 22 5.78 -48.11 -44.47
N ALA L 23 6.15 -49.07 -45.30
CA ALA L 23 5.49 -50.36 -45.36
C ALA L 23 6.27 -51.38 -44.55
N ALA L 24 5.56 -52.11 -43.69
CA ALA L 24 6.16 -53.11 -42.81
C ALA L 24 5.75 -54.51 -43.26
N SER L 25 6.65 -55.47 -43.03
CA SER L 25 6.40 -56.86 -43.39
C SER L 25 7.18 -57.78 -42.47
N GLY L 26 6.59 -58.93 -42.15
CA GLY L 26 7.28 -59.95 -41.40
C GLY L 26 7.07 -59.95 -39.90
N PHE L 27 6.11 -59.18 -39.40
CA PHE L 27 5.84 -59.11 -37.97
C PHE L 27 4.47 -58.48 -37.77
N PRO L 28 3.84 -58.72 -36.61
CA PRO L 28 2.56 -58.03 -36.34
C PRO L 28 2.75 -56.53 -36.20
N PHE L 29 2.44 -55.79 -37.27
CA PHE L 29 2.67 -54.35 -37.27
C PHE L 29 1.84 -53.65 -36.20
N SER L 30 0.60 -54.09 -36.01
CA SER L 30 -0.30 -53.46 -35.05
C SER L 30 0.07 -53.76 -33.61
N ASP L 31 1.10 -54.59 -33.38
CA ASP L 31 1.51 -54.97 -32.04
C ASP L 31 2.70 -54.17 -31.52
N TYR L 32 3.39 -53.42 -32.39
CA TYR L 32 4.58 -52.69 -32.01
C TYR L 32 4.34 -51.18 -32.09
N THR L 33 5.07 -50.44 -31.27
CA THR L 33 5.07 -48.99 -31.33
C THR L 33 6.14 -48.56 -32.33
N MET L 34 5.80 -47.62 -33.20
CA MET L 34 6.69 -47.26 -34.28
C MET L 34 7.28 -45.88 -34.01
N SER L 35 8.32 -45.54 -34.77
CA SER L 35 9.00 -44.27 -34.55
C SER L 35 9.70 -43.83 -35.82
N TRP L 36 9.92 -42.53 -35.93
CA TRP L 36 10.66 -41.93 -37.03
C TRP L 36 11.95 -41.34 -36.48
N ILE L 37 13.08 -41.71 -37.09
CA ILE L 37 14.40 -41.25 -36.71
C ILE L 37 15.08 -40.71 -37.96
N ARG L 38 15.52 -39.46 -37.92
CA ARG L 38 16.14 -38.84 -39.10
C ARG L 38 17.64 -38.65 -38.87
N GLN L 39 18.38 -38.64 -39.98
CA GLN L 39 19.82 -38.41 -39.95
C GLN L 39 20.11 -37.16 -40.76
N THR L 40 20.69 -36.15 -40.11
CA THR L 40 20.98 -34.88 -40.73
C THR L 40 22.03 -35.05 -41.83
N PRO L 41 22.15 -34.07 -42.75
CA PRO L 41 23.24 -34.13 -43.73
C PRO L 41 24.61 -34.11 -43.10
N GLU L 42 24.74 -33.57 -41.89
CA GLU L 42 25.99 -33.65 -41.14
C GLU L 42 26.18 -35.02 -40.49
N LYS L 43 25.32 -35.98 -40.83
CA LYS L 43 25.42 -37.37 -40.37
C LYS L 43 25.34 -37.49 -38.84
N ARG L 44 24.35 -36.82 -38.25
CA ARG L 44 24.01 -37.02 -36.86
C ARG L 44 22.56 -37.47 -36.76
N LEU L 45 22.31 -38.47 -35.91
CA LEU L 45 21.00 -39.10 -35.80
C LEU L 45 20.18 -38.40 -34.73
N GLU L 46 18.91 -38.12 -35.06
CA GLU L 46 17.99 -37.45 -34.15
C GLU L 46 16.64 -38.16 -34.14
N TRP L 47 16.00 -38.15 -32.97
CA TRP L 47 14.68 -38.75 -32.83
C TRP L 47 13.61 -37.77 -33.26
N VAL L 48 12.74 -38.21 -34.17
CA VAL L 48 11.74 -37.35 -34.78
C VAL L 48 10.37 -37.55 -34.16
N ALA L 49 9.91 -38.79 -34.08
CA ALA L 49 8.56 -39.03 -33.57
C ALA L 49 8.42 -40.46 -33.09
N SER L 50 7.35 -40.71 -32.35
CA SER L 50 7.00 -42.09 -32.00
C SER L 50 5.51 -42.17 -31.73
N ILE L 51 4.90 -43.25 -32.23
CA ILE L 51 3.47 -43.49 -32.11
C ILE L 51 3.26 -44.86 -31.47
N SER L 52 2.20 -44.96 -30.67
CA SER L 52 1.88 -46.19 -29.96
C SER L 52 1.45 -47.28 -30.95
N SER L 53 1.24 -48.49 -30.40
CA SER L 53 0.79 -49.61 -31.23
C SER L 53 -0.53 -49.28 -31.92
N GLY L 54 -1.49 -48.77 -31.17
CA GLY L 54 -2.64 -48.11 -31.76
C GLY L 54 -2.35 -46.63 -31.93
N GLY L 55 -2.89 -46.05 -32.99
CA GLY L 55 -2.55 -44.69 -33.35
C GLY L 55 -3.09 -43.61 -32.42
N THR L 56 -3.30 -43.95 -31.15
CA THR L 56 -3.89 -43.01 -30.20
C THR L 56 -2.87 -42.18 -29.45
N TYR L 57 -1.67 -42.70 -29.23
CA TYR L 57 -0.67 -42.01 -28.43
C TYR L 57 0.55 -41.71 -29.29
N THR L 58 0.86 -40.42 -29.44
CA THR L 58 2.02 -39.97 -30.19
C THR L 58 2.81 -39.00 -29.31
N TYR L 59 4.12 -38.95 -29.55
CA TYR L 59 4.95 -37.95 -28.88
C TYR L 59 6.18 -37.62 -29.73
N TYR L 60 6.59 -36.37 -29.61
CA TYR L 60 7.60 -35.69 -30.44
C TYR L 60 8.55 -34.92 -29.53
N PRO L 61 9.66 -34.43 -30.07
CA PRO L 61 10.43 -33.40 -29.36
C PRO L 61 9.85 -32.03 -29.61
N ASP L 62 10.23 -31.08 -28.72
CA ASP L 62 9.71 -29.72 -28.81
C ASP L 62 10.13 -29.04 -30.11
N THR L 63 11.19 -29.52 -30.76
CA THR L 63 11.69 -28.93 -32.00
C THR L 63 10.81 -29.22 -33.21
N VAL L 64 9.75 -30.01 -33.05
CA VAL L 64 8.95 -30.43 -34.19
C VAL L 64 7.48 -30.51 -33.77
N LYS L 65 7.18 -29.90 -32.61
CA LYS L 65 5.89 -30.09 -31.96
C LYS L 65 4.71 -29.69 -32.84
N GLY L 66 4.87 -28.63 -33.63
CA GLY L 66 3.75 -28.11 -34.39
C GLY L 66 3.70 -28.52 -35.85
N ARG L 67 4.83 -28.97 -36.39
CA ARG L 67 4.95 -29.20 -37.82
C ARG L 67 4.66 -30.64 -38.22
N PHE L 68 5.15 -31.61 -37.45
CA PHE L 68 5.06 -33.02 -37.83
C PHE L 68 3.89 -33.68 -37.12
N THR L 69 3.36 -34.73 -37.76
CA THR L 69 2.22 -35.47 -37.22
C THR L 69 2.39 -36.93 -37.63
N ILE L 70 2.78 -37.78 -36.69
CA ILE L 70 2.94 -39.20 -36.99
C ILE L 70 1.59 -39.88 -36.92
N SER L 71 1.36 -40.81 -37.84
CA SER L 71 0.11 -41.58 -37.86
C SER L 71 0.43 -42.99 -38.33
N ARG L 72 -0.57 -43.86 -38.30
CA ARG L 72 -0.37 -45.24 -38.73
C ARG L 72 -1.70 -45.85 -39.13
N ASP L 73 -1.63 -46.76 -40.10
CA ASP L 73 -2.76 -47.56 -40.54
C ASP L 73 -2.42 -49.02 -40.26
N ASN L 74 -3.00 -49.57 -39.18
CA ASN L 74 -2.73 -50.95 -38.80
C ASN L 74 -3.38 -51.94 -39.76
N ALA L 75 -4.46 -51.55 -40.45
CA ALA L 75 -5.08 -52.43 -41.43
C ALA L 75 -4.21 -52.57 -42.67
N LYS L 76 -3.53 -51.49 -43.06
CA LYS L 76 -2.61 -51.52 -44.18
C LYS L 76 -1.18 -51.83 -43.78
N ASN L 77 -0.91 -51.97 -42.48
CA ASN L 77 0.44 -52.18 -41.96
C ASN L 77 1.40 -51.10 -42.46
N THR L 78 1.01 -49.84 -42.24
CA THR L 78 1.75 -48.71 -42.77
C THR L 78 1.95 -47.65 -41.69
N LEU L 79 3.08 -46.97 -41.75
CA LEU L 79 3.41 -45.86 -40.86
C LEU L 79 3.55 -44.58 -41.69
N TYR L 80 3.07 -43.48 -41.15
CA TYR L 80 3.05 -42.21 -41.86
C TYR L 80 3.65 -41.09 -41.01
N LEU L 81 4.31 -40.16 -41.68
CA LEU L 81 4.82 -38.94 -41.07
C LEU L 81 4.35 -37.75 -41.90
N GLN L 82 3.44 -36.96 -41.34
CA GLN L 82 2.84 -35.81 -42.02
C GLN L 82 3.61 -34.57 -41.61
N MET L 83 4.51 -34.12 -42.49
CA MET L 83 5.30 -32.92 -42.25
C MET L 83 4.68 -31.73 -42.98
N SER L 84 4.69 -30.56 -42.32
CA SER L 84 4.10 -29.37 -42.92
C SER L 84 4.87 -28.14 -42.48
N SER L 85 4.92 -27.15 -43.38
CA SER L 85 5.64 -25.89 -43.18
C SER L 85 7.08 -26.14 -42.71
N LEU L 86 7.76 -27.04 -43.43
CA LEU L 86 9.12 -27.41 -43.08
C LEU L 86 10.08 -26.25 -43.31
N LYS L 87 11.13 -26.21 -42.50
CA LYS L 87 12.24 -25.30 -42.71
C LYS L 87 13.46 -26.06 -43.22
N SER L 88 14.43 -25.31 -43.73
CA SER L 88 15.64 -25.90 -44.29
C SER L 88 16.43 -26.71 -43.25
N GLU L 89 16.25 -26.42 -41.96
CA GLU L 89 16.97 -27.18 -40.93
C GLU L 89 16.45 -28.60 -40.79
N ASP L 90 15.29 -28.92 -41.36
CA ASP L 90 14.70 -30.25 -41.26
C ASP L 90 15.14 -31.17 -42.40
N THR L 91 16.17 -30.78 -43.15
CA THR L 91 16.69 -31.61 -44.23
C THR L 91 17.32 -32.86 -43.65
N ALA L 92 16.89 -34.04 -44.09
CA ALA L 92 17.42 -35.25 -43.47
C ALA L 92 17.05 -36.49 -44.27
N MET L 93 17.78 -37.56 -43.99
CA MET L 93 17.42 -38.91 -44.42
C MET L 93 16.52 -39.52 -43.35
N PHE L 94 15.25 -39.73 -43.69
CA PHE L 94 14.26 -40.16 -42.70
C PHE L 94 14.16 -41.67 -42.68
N TYR L 95 14.28 -42.23 -41.48
CA TYR L 95 14.27 -43.67 -41.25
C TYR L 95 13.06 -44.08 -40.44
N CYS L 96 12.47 -45.21 -40.83
CA CYS L 96 11.29 -45.78 -40.19
C CYS L 96 11.72 -46.93 -39.30
N THR L 97 11.52 -46.79 -37.99
CA THR L 97 12.06 -47.73 -37.02
C THR L 97 10.96 -48.33 -36.16
N ARG L 98 11.23 -49.55 -35.68
CA ARG L 98 10.31 -50.31 -34.85
C ARG L 98 10.83 -50.37 -33.42
N ALA L 99 9.98 -49.99 -32.47
CA ALA L 99 10.35 -50.00 -31.05
C ALA L 99 9.83 -51.25 -30.35
N SER L 100 9.41 -51.09 -29.09
CA SER L 100 8.97 -52.20 -28.26
C SER L 100 7.52 -52.56 -28.54
N PRO L 101 7.12 -53.82 -28.29
CA PRO L 101 5.72 -54.20 -28.51
C PRO L 101 4.77 -53.60 -27.49
N TYR L 102 3.48 -53.93 -27.61
CA TYR L 102 2.47 -53.36 -26.73
C TYR L 102 2.63 -53.84 -25.29
N TYR L 103 3.05 -55.10 -25.09
CA TYR L 103 3.12 -55.69 -23.77
C TYR L 103 4.39 -55.30 -23.01
N ASP L 104 5.18 -54.35 -23.53
CA ASP L 104 6.33 -53.82 -22.84
C ASP L 104 6.19 -52.33 -22.68
N TYR L 105 6.80 -51.79 -21.63
CA TYR L 105 7.00 -50.35 -21.53
C TYR L 105 7.77 -49.89 -22.76
N ASP L 106 7.41 -48.71 -23.28
CA ASP L 106 8.12 -48.22 -24.46
C ASP L 106 9.58 -47.99 -24.11
N GLU L 107 10.40 -49.03 -24.29
CA GLU L 107 11.78 -49.01 -23.83
C GLU L 107 12.66 -48.09 -24.67
N GLY L 108 12.20 -47.72 -25.86
CA GLY L 108 12.87 -46.69 -26.64
C GLY L 108 14.04 -47.13 -27.47
N TYR L 109 14.36 -48.42 -27.49
CA TYR L 109 15.37 -48.93 -28.42
C TYR L 109 14.70 -49.38 -29.69
N MET L 110 15.30 -49.01 -30.83
CA MET L 110 14.76 -49.35 -32.15
C MET L 110 15.65 -50.42 -32.76
N ASP L 111 15.15 -51.65 -32.77
CA ASP L 111 15.93 -52.79 -33.23
C ASP L 111 16.01 -52.85 -34.75
N TYR L 112 14.91 -52.59 -35.44
CA TYR L 112 14.83 -52.74 -36.89
C TYR L 112 14.67 -51.37 -37.54
N TRP L 113 15.51 -51.09 -38.52
CA TRP L 113 15.50 -49.83 -39.26
C TRP L 113 15.16 -50.08 -40.72
N GLY L 114 14.63 -49.04 -41.36
CA GLY L 114 14.31 -49.09 -42.78
C GLY L 114 15.50 -48.71 -43.64
N GLN L 115 15.24 -48.60 -44.95
CA GLN L 115 16.29 -48.21 -45.89
C GLN L 115 16.52 -46.70 -45.88
N GLY L 116 15.48 -45.91 -45.64
CA GLY L 116 15.59 -44.47 -45.55
C GLY L 116 15.07 -43.77 -46.79
N THR L 117 14.47 -42.59 -46.58
CA THR L 117 14.05 -41.71 -47.65
C THR L 117 14.52 -40.30 -47.33
N SER L 118 15.41 -39.77 -48.17
CA SER L 118 15.97 -38.44 -47.95
C SER L 118 15.04 -37.36 -48.48
N VAL L 119 14.68 -36.42 -47.62
CA VAL L 119 13.92 -35.24 -48.02
C VAL L 119 14.77 -34.01 -47.70
N THR L 120 14.83 -33.07 -48.66
CA THR L 120 15.52 -31.81 -48.48
C THR L 120 14.59 -30.67 -48.85
N VAL L 121 14.68 -29.57 -48.13
CA VAL L 121 13.80 -28.42 -48.30
C VAL L 121 14.68 -27.19 -48.45
N SER L 122 14.59 -26.53 -49.60
CA SER L 122 15.38 -25.35 -49.92
C SER L 122 14.66 -24.56 -51.00
N SER L 123 14.91 -23.25 -51.03
CA SER L 123 14.25 -22.40 -51.99
C SER L 123 14.83 -22.52 -53.40
N ALA L 124 15.97 -23.18 -53.56
CA ALA L 124 16.57 -23.34 -54.87
C ALA L 124 15.69 -24.25 -55.73
N LYS L 125 15.67 -23.97 -57.03
CA LYS L 125 14.90 -24.76 -57.98
C LYS L 125 15.79 -25.78 -58.69
N THR L 126 15.12 -26.74 -59.34
CA THR L 126 15.83 -27.80 -60.06
C THR L 126 16.61 -27.23 -61.24
N THR L 127 17.91 -27.50 -61.27
CA THR L 127 18.79 -27.00 -62.31
C THR L 127 19.71 -28.13 -62.75
N ALA L 128 19.90 -28.24 -64.07
CA ALA L 128 20.75 -29.28 -64.61
C ALA L 128 22.23 -28.94 -64.39
N PRO L 129 23.07 -29.95 -64.18
CA PRO L 129 24.48 -29.70 -63.89
C PRO L 129 25.28 -29.32 -65.12
N SER L 130 26.35 -28.55 -64.88
CA SER L 130 27.35 -28.26 -65.89
C SER L 130 28.57 -29.14 -65.62
N VAL L 131 28.91 -29.98 -66.59
CA VAL L 131 30.00 -30.95 -66.44
C VAL L 131 31.22 -30.43 -67.18
N TYR L 132 32.37 -30.44 -66.52
CA TYR L 132 33.61 -29.91 -67.07
C TYR L 132 34.70 -30.97 -66.95
N PRO L 133 35.47 -31.21 -68.00
CA PRO L 133 36.59 -32.14 -67.91
C PRO L 133 37.83 -31.49 -67.32
N LEU L 134 38.64 -32.32 -66.65
CA LEU L 134 39.85 -31.89 -65.95
C LEU L 134 41.03 -32.70 -66.50
N ALA L 135 41.82 -32.06 -67.36
CA ALA L 135 43.03 -32.59 -67.99
C ALA L 135 44.26 -31.76 -67.63
N PRO L 136 45.42 -32.41 -67.50
CA PRO L 136 46.68 -31.68 -67.24
C PRO L 136 47.18 -30.95 -68.48
N VAL L 137 47.50 -29.67 -68.33
CA VAL L 137 48.04 -28.86 -69.42
C VAL L 137 49.39 -29.41 -69.86
N CYS L 138 50.42 -29.23 -69.02
CA CYS L 138 51.75 -29.73 -69.29
C CYS L 138 52.03 -30.94 -68.41
N GLY L 139 53.21 -31.53 -68.60
CA GLY L 139 53.54 -32.74 -67.87
C GLY L 139 54.98 -32.88 -67.43
N GLY L 140 55.21 -32.80 -66.12
CA GLY L 140 56.50 -33.15 -65.53
C GLY L 140 56.35 -34.44 -64.73
N THR L 141 57.27 -35.37 -64.96
CA THR L 141 57.13 -36.75 -64.51
C THR L 141 55.77 -37.30 -64.95
N THR L 142 55.55 -37.23 -66.27
CA THR L 142 54.25 -37.54 -66.85
C THR L 142 53.85 -39.00 -66.67
N GLY L 143 54.78 -39.87 -66.30
CA GLY L 143 54.51 -41.29 -66.21
C GLY L 143 54.36 -41.80 -64.79
N SER L 144 53.57 -42.86 -64.65
CA SER L 144 53.34 -43.55 -63.38
C SER L 144 52.95 -42.57 -62.27
N SER L 145 51.69 -42.10 -62.32
CA SER L 145 50.73 -42.40 -63.39
C SER L 145 50.00 -41.12 -63.77
N VAL L 146 49.04 -41.20 -64.69
CA VAL L 146 48.28 -40.02 -65.09
C VAL L 146 46.94 -40.06 -64.38
N THR L 147 46.46 -38.88 -63.97
CA THR L 147 45.21 -38.74 -63.24
C THR L 147 44.36 -37.67 -63.93
N LEU L 148 43.17 -38.06 -64.36
CA LEU L 148 42.22 -37.17 -65.00
C LEU L 148 41.14 -36.78 -63.97
N GLY L 149 40.15 -36.03 -64.40
CA GLY L 149 39.14 -35.55 -63.49
C GLY L 149 37.91 -35.05 -64.22
N CYS L 150 36.80 -35.05 -63.50
CA CYS L 150 35.52 -34.60 -64.01
C CYS L 150 34.82 -33.84 -62.92
N LEU L 151 34.19 -32.72 -63.30
CA LEU L 151 33.61 -31.77 -62.38
C LEU L 151 32.14 -31.60 -62.69
N VAL L 152 31.31 -31.66 -61.65
CA VAL L 152 29.87 -31.49 -61.76
C VAL L 152 29.51 -30.24 -60.96
N LYS L 153 29.25 -29.14 -61.67
CA LYS L 153 29.10 -27.84 -61.05
C LYS L 153 27.67 -27.33 -61.20
N GLY L 154 27.11 -26.84 -60.10
CA GLY L 154 25.85 -26.11 -60.15
C GLY L 154 24.65 -26.95 -60.50
N TYR L 155 24.36 -27.97 -59.70
CA TYR L 155 23.16 -28.77 -59.90
C TYR L 155 22.33 -28.75 -58.62
N PHE L 156 21.06 -29.08 -58.77
CA PHE L 156 20.13 -29.13 -57.64
C PHE L 156 18.85 -29.82 -58.08
N PRO L 157 18.31 -30.76 -57.30
CA PRO L 157 18.91 -31.29 -56.07
C PRO L 157 19.68 -32.59 -56.32
N GLU L 158 20.22 -33.17 -55.25
CA GLU L 158 20.89 -34.46 -55.34
C GLU L 158 19.88 -35.56 -55.65
N PRO L 159 20.34 -36.73 -56.12
CA PRO L 159 21.72 -37.10 -56.45
C PRO L 159 22.04 -37.13 -57.94
N VAL L 160 23.30 -37.46 -58.24
CA VAL L 160 23.77 -37.67 -59.60
C VAL L 160 24.47 -39.03 -59.66
N THR L 161 24.66 -39.52 -60.88
CA THR L 161 25.31 -40.80 -61.09
C THR L 161 26.81 -40.61 -61.27
N LEU L 162 27.58 -41.50 -60.65
CA LEU L 162 29.04 -41.39 -60.60
C LEU L 162 29.62 -42.61 -61.32
N THR L 163 29.74 -42.51 -62.64
CA THR L 163 30.28 -43.59 -63.45
C THR L 163 31.34 -43.05 -64.39
N TRP L 164 32.34 -43.88 -64.67
CA TRP L 164 33.41 -43.57 -65.61
C TRP L 164 33.41 -44.59 -66.73
N ASN L 165 33.35 -44.11 -67.98
CA ASN L 165 33.39 -44.95 -69.17
C ASN L 165 32.26 -45.98 -69.17
N SER L 166 31.04 -45.50 -68.91
CA SER L 166 29.82 -46.32 -68.98
C SER L 166 29.89 -47.52 -68.04
N GLY L 167 30.47 -47.31 -66.86
CA GLY L 167 30.58 -48.34 -65.85
C GLY L 167 31.87 -49.14 -65.91
N SER L 168 32.68 -48.94 -66.95
CA SER L 168 33.97 -49.60 -67.06
C SER L 168 34.96 -48.93 -66.10
N LEU L 169 36.21 -49.40 -66.16
CA LEU L 169 37.29 -48.81 -65.36
C LEU L 169 37.00 -48.96 -63.88
N SER L 170 36.47 -47.89 -63.26
CA SER L 170 36.04 -47.90 -61.86
C SER L 170 37.19 -48.11 -60.87
N SER L 171 38.37 -48.47 -61.37
CA SER L 171 39.54 -48.68 -60.52
C SER L 171 40.31 -47.38 -60.35
N GLY L 172 40.72 -47.12 -59.12
CA GLY L 172 41.44 -45.89 -58.83
C GLY L 172 40.59 -44.64 -58.91
N VAL L 173 39.28 -44.78 -58.77
CA VAL L 173 38.35 -43.66 -58.90
C VAL L 173 38.01 -43.15 -57.50
N HIS L 174 38.08 -41.83 -57.32
CA HIS L 174 37.68 -41.17 -56.09
C HIS L 174 36.61 -40.15 -56.44
N THR L 175 35.36 -40.45 -56.06
CA THR L 175 34.24 -39.54 -56.24
C THR L 175 33.93 -38.89 -54.90
N PHE L 176 34.04 -37.60 -54.86
CA PHE L 176 33.97 -36.89 -53.59
C PHE L 176 32.53 -36.46 -53.29
N PRO L 177 32.14 -36.45 -52.02
CA PRO L 177 30.78 -36.02 -51.69
C PRO L 177 30.57 -34.58 -52.11
N ALA L 178 29.36 -34.28 -52.55
CA ALA L 178 29.06 -32.92 -52.99
C ALA L 178 29.03 -31.97 -51.80
N LEU L 179 29.44 -30.73 -52.05
CA LEU L 179 29.34 -29.67 -51.07
C LEU L 179 28.46 -28.56 -51.63
N LEU L 180 27.66 -27.96 -50.77
CA LEU L 180 26.65 -26.98 -51.15
C LEU L 180 27.10 -25.57 -50.78
N GLN L 181 26.88 -24.63 -51.71
CA GLN L 181 27.12 -23.22 -51.45
C GLN L 181 26.12 -22.42 -52.26
N SER L 182 25.55 -21.39 -51.62
CA SER L 182 24.56 -20.52 -52.25
C SER L 182 23.41 -21.31 -52.86
N GLY L 183 22.99 -22.36 -52.14
CA GLY L 183 21.89 -23.18 -52.61
C GLY L 183 22.17 -23.99 -53.85
N LEU L 184 23.45 -24.24 -54.17
CA LEU L 184 23.81 -25.05 -55.32
C LEU L 184 24.85 -26.07 -54.91
N TYR L 185 24.84 -27.21 -55.60
CA TYR L 185 25.76 -28.30 -55.29
C TYR L 185 26.98 -28.27 -56.20
N THR L 186 28.09 -28.80 -55.68
CA THR L 186 29.32 -28.95 -56.45
C THR L 186 29.94 -30.29 -56.07
N LEU L 187 30.30 -31.07 -57.08
CA LEU L 187 30.86 -32.40 -56.89
C LEU L 187 32.06 -32.57 -57.81
N SER L 188 33.01 -33.38 -57.36
CA SER L 188 34.24 -33.62 -58.11
C SER L 188 34.58 -35.10 -58.08
N SER L 189 35.25 -35.57 -59.13
CA SER L 189 35.70 -36.95 -59.20
C SER L 189 37.03 -37.00 -59.94
N SER L 190 37.95 -37.80 -59.43
CA SER L 190 39.27 -37.98 -60.03
C SER L 190 39.47 -39.45 -60.35
N VAL L 191 40.23 -39.73 -61.41
CA VAL L 191 40.49 -41.09 -61.83
C VAL L 191 41.97 -41.23 -62.18
N THR L 192 42.57 -42.37 -61.83
CA THR L 192 43.98 -42.61 -62.06
C THR L 192 44.15 -43.81 -62.98
N VAL L 193 44.89 -43.61 -64.08
CA VAL L 193 45.18 -44.64 -65.06
C VAL L 193 46.66 -44.51 -65.46
N THR L 194 47.14 -45.52 -66.17
CA THR L 194 48.52 -45.49 -66.63
C THR L 194 48.73 -44.35 -67.62
N SER L 195 49.92 -43.76 -67.59
CA SER L 195 50.20 -42.60 -68.43
C SER L 195 50.23 -42.95 -69.91
N ASN L 196 50.65 -44.16 -70.25
CA ASN L 196 50.72 -44.60 -71.64
C ASN L 196 49.43 -45.27 -72.10
N THR L 197 48.37 -45.17 -71.30
CA THR L 197 47.03 -45.67 -71.60
C THR L 197 46.13 -44.57 -72.14
N TRP L 198 46.27 -43.35 -71.60
CA TRP L 198 45.55 -42.16 -71.98
C TRP L 198 46.53 -41.11 -72.50
N PRO L 199 46.17 -40.36 -73.55
CA PRO L 199 44.89 -40.34 -74.28
C PRO L 199 44.76 -41.34 -75.43
N SER L 200 45.51 -42.45 -75.41
CA SER L 200 45.38 -43.43 -76.48
C SER L 200 43.97 -44.00 -76.54
N GLN L 201 43.38 -44.26 -75.38
CA GLN L 201 42.00 -44.73 -75.30
C GLN L 201 41.14 -43.67 -74.62
N THR L 202 39.88 -43.61 -75.04
CA THR L 202 38.99 -42.57 -74.55
C THR L 202 38.58 -42.82 -73.11
N ILE L 203 38.62 -41.77 -72.30
CA ILE L 203 38.14 -41.81 -70.92
C ILE L 203 37.10 -40.70 -70.78
N THR L 204 35.87 -41.09 -70.47
CA THR L 204 34.76 -40.15 -70.38
C THR L 204 33.98 -40.39 -69.09
N CYS L 205 33.57 -39.29 -68.45
CA CYS L 205 32.73 -39.35 -67.26
C CYS L 205 31.26 -39.19 -67.65
N ASN L 206 30.42 -40.04 -67.07
CA ASN L 206 28.99 -40.03 -67.35
C ASN L 206 28.27 -39.50 -66.12
N VAL L 207 27.50 -38.42 -66.30
CA VAL L 207 26.77 -37.79 -65.21
C VAL L 207 25.31 -37.71 -65.63
N ALA L 208 24.43 -38.30 -64.85
CA ALA L 208 23.00 -38.27 -65.08
C ALA L 208 22.32 -37.58 -63.91
N HIS L 209 21.43 -36.65 -64.21
CA HIS L 209 20.66 -35.94 -63.19
C HIS L 209 19.18 -36.17 -63.45
N PRO L 210 18.54 -37.09 -62.73
CA PRO L 210 17.12 -37.39 -62.99
C PRO L 210 16.19 -36.26 -62.56
N ALA L 211 16.58 -35.46 -61.56
CA ALA L 211 15.72 -34.39 -61.07
C ALA L 211 15.39 -33.40 -62.17
N SER L 212 16.36 -33.10 -63.03
CA SER L 212 16.15 -32.27 -64.20
C SER L 212 15.98 -33.09 -65.47
N SER L 213 15.94 -34.42 -65.35
CA SER L 213 15.74 -35.33 -66.47
C SER L 213 16.79 -35.11 -67.57
N THR L 214 18.04 -34.96 -67.16
CA THR L 214 19.13 -34.77 -68.10
C THR L 214 20.16 -35.89 -67.91
N LYS L 215 20.92 -36.14 -68.97
CA LYS L 215 21.94 -37.19 -68.96
C LYS L 215 23.03 -36.75 -69.92
N VAL L 216 24.22 -36.46 -69.39
CA VAL L 216 25.32 -35.94 -70.19
C VAL L 216 26.55 -36.77 -69.93
N ASP L 217 27.26 -37.13 -71.00
CA ASP L 217 28.54 -37.82 -70.92
C ASP L 217 29.60 -36.94 -71.58
N LYS L 218 30.69 -36.68 -70.84
CA LYS L 218 31.71 -35.74 -71.26
C LYS L 218 33.05 -36.46 -71.35
N LYS L 219 33.72 -36.33 -72.50
CA LYS L 219 35.02 -36.93 -72.72
C LYS L 219 36.12 -35.93 -72.40
N ILE L 220 37.16 -36.41 -71.73
CA ILE L 220 38.29 -35.57 -71.34
C ILE L 220 39.28 -35.53 -72.49
N VAL L 221 39.63 -34.32 -72.93
CA VAL L 221 40.52 -34.10 -74.06
C VAL L 221 41.80 -33.44 -73.55
N PRO L 222 42.98 -33.81 -74.05
CA PRO L 222 44.23 -33.21 -73.54
C PRO L 222 44.25 -31.69 -73.53
N ALA L 223 43.62 -31.05 -74.53
CA ALA L 223 43.55 -29.60 -74.61
C ALA L 223 44.93 -28.96 -74.59
N ASP M 1 33.13 -69.76 -10.11
CA ASP M 1 32.58 -68.54 -9.56
C ASP M 1 33.27 -68.18 -8.24
N VAL M 2 32.67 -68.61 -7.13
CA VAL M 2 33.25 -68.38 -5.82
C VAL M 2 34.52 -69.22 -5.67
N VAL M 3 35.53 -68.66 -5.01
CA VAL M 3 36.79 -69.35 -4.77
C VAL M 3 36.91 -69.63 -3.27
N MET M 4 37.43 -70.81 -2.94
CA MET M 4 37.62 -71.23 -1.56
C MET M 4 39.11 -71.37 -1.30
N THR M 5 39.61 -70.67 -0.28
CA THR M 5 41.02 -70.68 0.08
C THR M 5 41.17 -71.25 1.49
N GLN M 6 41.89 -72.35 1.61
CA GLN M 6 42.13 -72.98 2.90
C GLN M 6 43.52 -72.62 3.40
N THR M 7 43.62 -72.41 4.71
CA THR M 7 44.89 -72.07 5.35
C THR M 7 45.08 -72.98 6.55
N PRO M 8 46.15 -73.77 6.59
CA PRO M 8 47.10 -73.87 5.49
C PRO M 8 46.80 -75.06 4.58
N LEU M 9 47.66 -75.33 3.60
CA LEU M 9 47.47 -76.51 2.76
C LEU M 9 48.04 -77.75 3.43
N SER M 10 49.09 -77.59 4.24
CA SER M 10 49.65 -78.67 5.03
C SER M 10 49.76 -78.18 6.46
N LEU M 11 49.13 -78.88 7.40
CA LEU M 11 49.12 -78.53 8.81
C LEU M 11 49.65 -79.71 9.60
N PRO M 12 50.97 -79.82 9.77
CA PRO M 12 51.52 -80.94 10.56
C PRO M 12 51.31 -80.73 12.05
N VAL M 13 50.72 -81.72 12.70
CA VAL M 13 50.47 -81.69 14.14
C VAL M 13 50.71 -83.09 14.70
N SER M 14 50.97 -83.15 16.00
CA SER M 14 51.13 -84.41 16.71
C SER M 14 49.81 -84.82 17.37
N LEU M 15 49.72 -86.09 17.73
CA LEU M 15 48.50 -86.61 18.35
C LEU M 15 48.28 -85.96 19.71
N GLY M 16 47.01 -85.69 20.02
CA GLY M 16 46.64 -85.03 21.26
C GLY M 16 46.60 -83.52 21.20
N ASP M 17 47.06 -82.92 20.11
CA ASP M 17 47.08 -81.47 19.96
C ASP M 17 45.72 -80.98 19.41
N GLN M 18 45.60 -79.67 19.31
CA GLN M 18 44.43 -79.03 18.73
C GLN M 18 44.70 -78.72 17.26
N ALA M 19 43.67 -78.90 16.43
CA ALA M 19 43.77 -78.61 15.01
C ALA M 19 42.77 -77.53 14.62
N SER M 20 43.22 -76.63 13.74
CA SER M 20 42.37 -75.54 13.26
C SER M 20 42.70 -75.29 11.80
N ILE M 21 41.70 -75.43 10.93
CA ILE M 21 41.85 -75.17 9.50
C ILE M 21 40.95 -74.00 9.15
N SER M 22 41.49 -73.04 8.40
CA SER M 22 40.74 -71.87 8.00
C SER M 22 40.27 -72.01 6.57
N CYS M 23 39.11 -71.41 6.28
CA CYS M 23 38.55 -71.42 4.94
C CYS M 23 37.89 -70.07 4.70
N ARG M 24 38.33 -69.39 3.66
CA ARG M 24 37.83 -68.07 3.30
C ARG M 24 37.25 -68.11 1.89
N SER M 25 36.18 -67.35 1.67
CA SER M 25 35.51 -67.30 0.38
C SER M 25 35.53 -65.87 -0.17
N SER M 26 35.33 -65.76 -1.48
CA SER M 26 35.30 -64.46 -2.12
C SER M 26 33.96 -63.75 -1.98
N GLN M 27 32.87 -64.48 -1.77
CA GLN M 27 31.54 -63.90 -1.65
C GLN M 27 30.95 -64.20 -0.28
N SER M 28 29.78 -63.60 -0.03
CA SER M 28 29.20 -63.62 1.31
C SER M 28 28.83 -65.03 1.77
N LEU M 29 28.59 -65.95 0.83
CA LEU M 29 28.28 -67.35 1.12
C LEU M 29 26.96 -67.54 1.86
N VAL M 30 26.33 -66.45 2.31
CA VAL M 30 25.04 -66.54 2.97
C VAL M 30 23.95 -66.50 1.90
N HIS M 31 23.13 -67.54 1.87
CA HIS M 31 22.13 -67.67 0.83
C HIS M 31 20.99 -66.67 1.05
N SER M 32 20.24 -66.40 -0.02
CA SER M 32 18.98 -65.69 0.09
C SER M 32 17.98 -66.61 0.78
N ASN M 33 18.30 -67.01 2.01
CA ASN M 33 17.68 -68.12 2.72
C ASN M 33 18.32 -68.18 4.10
N GLY M 34 17.64 -68.86 5.02
CA GLY M 34 18.04 -68.93 6.41
C GLY M 34 19.51 -69.14 6.70
N ASN M 35 20.12 -70.14 6.07
CA ASN M 35 21.43 -70.62 6.49
C ASN M 35 22.49 -70.32 5.43
N THR M 36 23.74 -70.63 5.81
CA THR M 36 24.90 -70.53 4.93
C THR M 36 25.35 -71.95 4.62
N TYR M 37 25.61 -72.23 3.34
CA TYR M 37 25.81 -73.60 2.90
C TYR M 37 27.29 -73.85 2.65
N LEU M 38 28.05 -73.94 3.74
CA LEU M 38 29.45 -74.32 3.71
C LEU M 38 29.61 -75.65 4.44
N HIS M 39 30.41 -76.55 3.85
CA HIS M 39 30.56 -77.90 4.38
C HIS M 39 32.04 -78.25 4.46
N TRP M 40 32.32 -79.31 5.23
CA TRP M 40 33.66 -79.85 5.39
C TRP M 40 33.62 -81.35 5.10
N TYR M 41 34.48 -81.79 4.20
CA TYR M 41 34.62 -83.20 3.85
C TYR M 41 35.99 -83.70 4.27
N LEU M 42 36.08 -85.02 4.46
CA LEU M 42 37.31 -85.68 4.85
C LEU M 42 37.61 -86.81 3.87
N GLN M 43 38.83 -86.82 3.34
CA GLN M 43 39.30 -87.85 2.43
C GLN M 43 40.58 -88.45 2.99
N LYS M 44 40.52 -89.72 3.38
CA LYS M 44 41.71 -90.39 3.87
C LYS M 44 41.68 -91.82 3.33
N SER M 45 42.65 -92.17 2.48
CA SER M 45 43.55 -91.25 1.81
C SER M 45 43.54 -91.84 0.41
N GLY M 46 43.41 -93.16 0.41
CA GLY M 46 43.26 -93.96 -0.78
C GLY M 46 41.79 -94.30 -0.98
N GLN M 47 40.94 -93.58 -0.23
CA GLN M 47 39.49 -93.73 -0.28
C GLN M 47 38.77 -92.49 -0.80
N SER M 48 37.52 -92.72 -1.18
CA SER M 48 36.63 -91.67 -1.64
C SER M 48 36.36 -90.67 -0.51
N PRO M 49 36.06 -89.41 -0.86
CA PRO M 49 35.70 -88.44 0.18
C PRO M 49 34.44 -88.84 0.91
N LYS M 50 34.31 -88.35 2.14
CA LYS M 50 33.15 -88.62 2.97
C LYS M 50 32.77 -87.36 3.72
N LEU M 51 31.47 -87.14 3.90
CA LEU M 51 30.99 -85.93 4.53
C LEU M 51 31.34 -85.91 6.01
N LEU M 52 31.89 -84.80 6.47
CA LEU M 52 32.24 -84.60 7.87
C LEU M 52 31.30 -83.64 8.58
N ILE M 53 31.10 -82.45 8.04
CA ILE M 53 30.18 -81.47 8.62
C ILE M 53 29.41 -80.80 7.50
N TYR M 54 28.11 -80.65 7.69
CA TYR M 54 27.26 -79.94 6.73
C TYR M 54 26.64 -78.72 7.40
N LYS M 55 26.49 -77.65 6.62
CA LYS M 55 25.93 -76.39 7.09
C LYS M 55 26.68 -75.87 8.32
N VAL M 56 27.96 -75.58 8.11
CA VAL M 56 28.85 -74.85 9.00
C VAL M 56 29.08 -75.56 10.34
N SER M 57 28.02 -76.09 10.97
CA SER M 57 28.18 -76.54 12.34
C SER M 57 27.37 -77.78 12.70
N ASN M 58 26.90 -78.55 11.72
CA ASN M 58 26.13 -79.75 11.98
C ASN M 58 26.98 -80.98 11.70
N ARG M 59 27.23 -81.78 12.74
CA ARG M 59 27.99 -83.00 12.57
C ARG M 59 27.17 -84.04 11.83
N PHE M 60 27.83 -84.73 10.89
CA PHE M 60 27.19 -85.81 10.15
C PHE M 60 27.09 -87.06 11.04
N SER M 61 26.27 -88.02 10.60
CA SER M 61 26.08 -89.25 11.33
C SER M 61 27.39 -90.03 11.45
N GLY M 62 27.78 -90.34 12.68
CA GLY M 62 29.01 -91.06 12.92
C GLY M 62 30.25 -90.21 13.05
N VAL M 63 30.11 -88.91 13.27
CA VAL M 63 31.24 -88.00 13.44
C VAL M 63 31.46 -87.78 14.93
N PRO M 64 32.67 -88.03 15.45
CA PRO M 64 32.90 -87.87 16.89
C PRO M 64 32.71 -86.43 17.36
N ASP M 65 32.53 -86.29 18.67
CA ASP M 65 32.33 -84.98 19.27
C ASP M 65 33.55 -84.08 19.11
N ARG M 66 34.71 -84.65 18.80
CA ARG M 66 35.94 -83.86 18.70
C ARG M 66 35.85 -82.85 17.56
N PHE M 67 35.23 -83.23 16.45
CA PHE M 67 35.10 -82.32 15.31
C PHE M 67 34.08 -81.22 15.61
N SER M 68 34.44 -79.98 15.31
CA SER M 68 33.58 -78.84 15.60
C SER M 68 33.76 -77.80 14.52
N GLY M 69 32.70 -77.53 13.76
CA GLY M 69 32.75 -76.52 12.73
C GLY M 69 32.22 -75.18 13.23
N SER M 70 32.79 -74.11 12.69
CA SER M 70 32.41 -72.76 13.10
C SER M 70 32.67 -71.79 11.96
N GLY M 71 32.20 -70.57 12.15
CA GLY M 71 32.41 -69.50 11.20
C GLY M 71 31.10 -68.93 10.70
N SER M 72 31.23 -67.87 9.91
CA SER M 72 30.08 -67.19 9.32
C SER M 72 30.59 -66.24 8.24
N GLY M 73 29.66 -65.68 7.47
CA GLY M 73 29.99 -64.75 6.42
C GLY M 73 30.97 -65.31 5.42
N THR M 74 32.19 -64.77 5.43
CA THR M 74 33.25 -65.23 4.54
C THR M 74 34.38 -65.95 5.27
N ASP M 75 34.33 -66.02 6.59
CA ASP M 75 35.41 -66.61 7.39
C ASP M 75 34.86 -67.83 8.12
N PHE M 76 35.44 -69.00 7.85
CA PHE M 76 35.01 -70.24 8.46
C PHE M 76 36.22 -71.02 8.98
N THR M 77 35.98 -71.82 10.00
CA THR M 77 37.04 -72.61 10.63
C THR M 77 36.52 -74.00 10.98
N LEU M 78 37.44 -74.96 10.97
CA LEU M 78 37.17 -76.34 11.38
C LEU M 78 38.17 -76.69 12.47
N LYS M 79 37.65 -77.15 13.61
CA LYS M 79 38.46 -77.41 14.78
C LYS M 79 38.38 -78.89 15.15
N ILE M 80 39.55 -79.48 15.40
CA ILE M 80 39.65 -80.85 15.90
C ILE M 80 40.21 -80.78 17.31
N SER M 81 39.47 -81.32 18.27
CA SER M 81 39.87 -81.24 19.67
C SER M 81 41.16 -82.02 19.92
N ARG M 82 41.12 -83.33 19.66
CA ARG M 82 42.27 -84.21 19.85
C ARG M 82 42.51 -84.97 18.55
N VAL M 83 43.56 -84.58 17.82
CA VAL M 83 43.90 -85.28 16.58
C VAL M 83 44.28 -86.71 16.90
N GLU M 84 43.62 -87.67 16.26
CA GLU M 84 43.84 -89.08 16.48
C GLU M 84 44.44 -89.73 15.25
N ALA M 85 44.67 -91.05 15.35
CA ALA M 85 45.30 -91.78 14.25
C ALA M 85 44.45 -91.73 12.99
N GLU M 86 43.17 -92.10 13.10
CA GLU M 86 42.29 -92.17 11.95
C GLU M 86 41.66 -90.83 11.60
N ASP M 87 42.36 -89.73 11.86
CA ASP M 87 41.92 -88.41 11.46
C ASP M 87 42.84 -87.79 10.42
N LEU M 88 43.85 -88.52 9.96
CA LEU M 88 44.87 -87.98 9.07
C LEU M 88 44.42 -88.15 7.62
N GLY M 89 44.36 -87.03 6.90
CA GLY M 89 43.95 -87.05 5.52
C GLY M 89 43.77 -85.63 5.01
N VAL M 90 43.28 -85.52 3.79
CA VAL M 90 43.01 -84.22 3.18
C VAL M 90 41.60 -83.78 3.56
N TYR M 91 41.50 -82.58 4.11
CA TYR M 91 40.22 -81.99 4.50
C TYR M 91 39.81 -80.96 3.47
N PHE M 92 38.63 -81.14 2.88
CA PHE M 92 38.12 -80.22 1.88
C PHE M 92 37.05 -79.31 2.48
N CYS M 93 36.98 -78.10 1.94
CA CYS M 93 36.04 -77.08 2.37
C CYS M 93 35.20 -76.67 1.17
N SER M 94 33.90 -76.94 1.24
CA SER M 94 33.01 -76.79 0.10
C SER M 94 31.99 -75.70 0.33
N GLN M 95 31.57 -75.07 -0.78
CA GLN M 95 30.48 -74.12 -0.77
C GLN M 95 29.49 -74.51 -1.86
N SER M 96 28.20 -74.50 -1.50
CA SER M 96 27.12 -74.79 -2.42
C SER M 96 26.07 -73.70 -2.42
N THR M 97 26.35 -72.55 -1.81
CA THR M 97 25.40 -71.45 -1.80
C THR M 97 25.17 -70.90 -3.20
N HIS M 98 26.23 -70.77 -3.99
CA HIS M 98 26.14 -70.24 -5.34
C HIS M 98 26.52 -71.32 -6.35
N VAL M 99 25.82 -71.32 -7.48
CA VAL M 99 26.15 -72.24 -8.58
C VAL M 99 27.27 -71.61 -9.40
N PRO M 100 28.32 -72.37 -9.76
CA PRO M 100 28.49 -73.79 -9.47
C PRO M 100 28.96 -74.10 -8.05
N PHE M 101 28.58 -75.26 -7.54
CA PHE M 101 29.11 -75.73 -6.26
C PHE M 101 30.62 -75.84 -6.37
N THR M 102 31.34 -75.07 -5.56
CA THR M 102 32.77 -74.99 -5.72
C THR M 102 33.46 -75.27 -4.39
N PHE M 103 34.62 -75.95 -4.48
CA PHE M 103 35.39 -76.26 -3.30
C PHE M 103 36.86 -76.45 -3.69
N GLY M 104 37.73 -75.96 -2.81
CA GLY M 104 39.15 -76.22 -2.87
C GLY M 104 39.72 -76.07 -1.48
N ALA M 105 41.02 -76.32 -1.35
CA ALA M 105 41.83 -76.83 -2.44
C ALA M 105 42.58 -78.07 -1.95
N GLY M 106 42.26 -78.47 -0.73
CA GLY M 106 42.89 -79.60 -0.09
C GLY M 106 43.78 -79.18 1.07
N THR M 107 43.56 -79.76 2.24
CA THR M 107 44.33 -79.45 3.44
C THR M 107 44.84 -80.77 4.01
N LYS M 108 46.16 -80.98 3.91
CA LYS M 108 46.76 -82.23 4.37
C LYS M 108 46.97 -82.17 5.87
N LEU M 109 46.28 -83.02 6.62
CA LEU M 109 46.49 -83.15 8.06
C LEU M 109 47.58 -84.20 8.27
N GLU M 110 48.79 -83.73 8.50
CA GLU M 110 49.99 -84.56 8.57
C GLU M 110 50.53 -84.63 9.99
N LEU M 111 51.46 -85.57 10.19
CA LEU M 111 52.08 -85.78 11.49
C LEU M 111 53.29 -84.88 11.67
N LYS M 112 53.56 -84.53 12.92
CA LYS M 112 54.70 -83.69 13.27
C LYS M 112 55.87 -84.58 13.64
N ARG M 113 57.05 -84.23 13.15
CA ARG M 113 58.23 -85.04 13.34
C ARG M 113 59.41 -84.14 13.71
N ALA M 114 60.52 -84.76 14.10
CA ALA M 114 61.73 -84.04 14.42
C ALA M 114 62.46 -83.65 13.14
N ASP M 115 63.24 -82.57 13.22
CA ASP M 115 63.95 -82.12 12.04
C ASP M 115 64.92 -83.19 11.56
N ALA M 116 65.10 -83.29 10.24
CA ALA M 116 65.98 -84.29 9.66
C ALA M 116 66.56 -83.72 8.37
N ALA M 117 67.87 -83.84 8.21
CA ALA M 117 68.51 -83.32 7.01
C ALA M 117 68.26 -84.26 5.83
N PRO M 118 68.09 -83.71 4.63
CA PRO M 118 67.87 -84.56 3.45
C PRO M 118 69.15 -85.23 2.99
N THR M 119 68.98 -86.44 2.43
CA THR M 119 70.07 -87.17 1.81
C THR M 119 70.01 -86.98 0.30
N VAL M 120 71.01 -86.31 -0.26
CA VAL M 120 71.02 -85.91 -1.68
C VAL M 120 71.96 -86.83 -2.44
N SER M 121 71.53 -87.26 -3.63
CA SER M 121 72.33 -88.13 -4.47
C SER M 121 72.12 -87.79 -5.94
N ILE M 122 73.21 -87.74 -6.70
CA ILE M 122 73.14 -87.44 -8.12
C ILE M 122 73.49 -88.71 -8.91
N PHE M 123 72.86 -88.84 -10.09
CA PHE M 123 73.11 -89.95 -10.99
C PHE M 123 73.16 -89.45 -12.43
N PRO M 124 74.27 -89.65 -13.12
CA PRO M 124 74.40 -89.21 -14.51
C PRO M 124 73.59 -90.10 -15.44
N PRO M 125 73.44 -89.72 -16.71
CA PRO M 125 72.70 -90.57 -17.64
C PRO M 125 73.38 -91.92 -17.81
N SER M 126 72.56 -92.97 -17.93
CA SER M 126 73.08 -94.32 -18.06
C SER M 126 73.70 -94.52 -19.43
N SER M 127 74.46 -95.62 -19.55
CA SER M 127 75.04 -95.97 -20.85
C SER M 127 73.97 -96.36 -21.86
N GLU M 128 72.86 -96.95 -21.40
CA GLU M 128 71.80 -97.35 -22.31
C GLU M 128 71.05 -96.14 -22.86
N GLN M 129 70.82 -95.12 -22.02
CA GLN M 129 70.07 -93.95 -22.46
C GLN M 129 70.86 -93.12 -23.47
N LEU M 130 72.18 -93.03 -23.30
CA LEU M 130 73.00 -92.27 -24.24
C LEU M 130 73.06 -92.91 -25.61
N THR M 131 72.74 -94.20 -25.71
CA THR M 131 72.64 -94.85 -27.01
C THR M 131 71.36 -94.50 -27.75
N SER M 132 70.34 -94.03 -27.03
CA SER M 132 69.07 -93.62 -27.62
C SER M 132 69.04 -92.15 -28.04
N GLY M 133 70.07 -91.38 -27.71
CA GLY M 133 70.13 -89.98 -28.08
C GLY M 133 69.69 -88.99 -27.01
N GLY M 134 69.42 -89.44 -25.79
CA GLY M 134 69.03 -88.56 -24.72
C GLY M 134 69.93 -88.76 -23.51
N ALA M 135 69.83 -87.80 -22.58
CA ALA M 135 70.64 -87.85 -21.36
C ALA M 135 69.85 -87.27 -20.21
N SER M 136 69.56 -88.07 -19.20
CA SER M 136 68.81 -87.63 -18.04
C SER M 136 69.67 -87.78 -16.79
N VAL M 137 69.82 -86.68 -16.06
CA VAL M 137 70.56 -86.64 -14.79
C VAL M 137 69.54 -86.52 -13.67
N VAL M 138 69.69 -87.33 -12.64
CA VAL M 138 68.69 -87.44 -11.58
C VAL M 138 69.30 -87.02 -10.25
N CYS M 139 68.47 -86.36 -9.41
CA CYS M 139 68.86 -85.93 -8.08
C CYS M 139 67.78 -86.35 -7.11
N PHE M 140 68.14 -87.21 -6.16
CA PHE M 140 67.22 -87.69 -5.13
C PHE M 140 67.49 -86.97 -3.81
N LEU M 141 66.42 -86.51 -3.17
CA LEU M 141 66.48 -85.84 -1.87
C LEU M 141 65.57 -86.64 -0.94
N ASN M 142 66.16 -87.59 -0.22
CA ASN M 142 65.40 -88.59 0.52
C ASN M 142 65.42 -88.30 2.02
N ASN M 143 64.28 -88.56 2.67
CA ASN M 143 64.16 -88.58 4.12
C ASN M 143 64.51 -87.23 4.74
N PHE M 144 63.63 -86.27 4.49
CA PHE M 144 63.75 -84.94 5.09
C PHE M 144 62.44 -84.54 5.74
N TYR M 145 62.52 -83.51 6.60
CA TYR M 145 61.36 -82.95 7.27
C TYR M 145 61.70 -81.55 7.72
N PRO M 146 60.80 -80.56 7.56
CA PRO M 146 59.42 -80.69 7.05
C PRO M 146 59.29 -80.89 5.55
N LYS M 147 58.06 -80.79 5.06
CA LYS M 147 57.78 -81.06 3.65
C LYS M 147 58.36 -79.97 2.75
N ASP M 148 58.52 -78.76 3.26
CA ASP M 148 58.99 -77.66 2.43
C ASP M 148 60.47 -77.83 2.12
N ILE M 149 60.82 -77.74 0.84
CA ILE M 149 62.20 -77.87 0.39
C ILE M 149 62.29 -77.25 -1.01
N ASN M 150 63.48 -76.80 -1.36
CA ASN M 150 63.71 -76.17 -2.67
C ASN M 150 64.94 -76.77 -3.32
N VAL M 151 64.86 -76.99 -4.63
CA VAL M 151 65.96 -77.53 -5.41
C VAL M 151 66.31 -76.54 -6.51
N LYS M 152 67.59 -76.50 -6.86
CA LYS M 152 68.09 -75.63 -7.92
C LYS M 152 69.13 -76.39 -8.73
N TRP M 153 68.90 -76.51 -10.03
CA TRP M 153 69.88 -77.07 -10.94
C TRP M 153 70.72 -75.94 -11.55
N LYS M 154 72.02 -76.14 -11.61
CA LYS M 154 72.89 -75.17 -12.24
C LYS M 154 73.90 -75.85 -13.15
N ILE M 155 73.98 -75.35 -14.37
CA ILE M 155 74.98 -75.72 -15.36
C ILE M 155 75.43 -74.41 -16.01
N ASP M 156 76.66 -73.97 -15.71
CA ASP M 156 77.59 -74.64 -14.80
C ASP M 156 77.24 -74.50 -13.30
N GLY M 157 76.92 -73.30 -12.79
CA GLY M 157 76.83 -72.05 -13.53
C GLY M 157 75.47 -71.38 -13.45
N SER M 158 74.76 -71.36 -14.59
CA SER M 158 73.46 -70.71 -14.68
C SER M 158 72.34 -71.73 -14.53
N GLU M 159 71.25 -71.30 -13.91
CA GLU M 159 70.12 -72.18 -13.68
C GLU M 159 69.37 -72.46 -14.98
N ARG M 160 68.97 -73.71 -15.16
CA ARG M 160 68.23 -74.16 -16.33
C ARG M 160 66.96 -74.86 -15.89
N GLN M 161 65.81 -74.34 -16.33
CA GLN M 161 64.51 -74.88 -15.97
C GLN M 161 63.87 -75.71 -17.07
N ASN M 162 64.50 -75.79 -18.24
CA ASN M 162 63.89 -76.44 -19.40
C ASN M 162 64.08 -77.96 -19.41
N GLY M 163 64.18 -78.57 -18.24
CA GLY M 163 64.28 -80.01 -18.19
C GLY M 163 63.96 -80.63 -16.84
N VAL M 164 63.54 -79.82 -15.88
CA VAL M 164 63.38 -80.29 -14.50
C VAL M 164 61.96 -80.81 -14.32
N LEU M 165 61.85 -82.05 -13.82
CA LEU M 165 60.58 -82.65 -13.46
C LEU M 165 60.69 -83.14 -12.02
N ASN M 166 59.80 -82.68 -11.15
CA ASN M 166 59.87 -82.99 -9.74
C ASN M 166 58.69 -83.85 -9.32
N SER M 167 58.93 -84.74 -8.36
CA SER M 167 57.91 -85.62 -7.84
C SER M 167 58.14 -85.83 -6.35
N TRP M 168 57.05 -85.78 -5.57
CA TRP M 168 57.12 -85.93 -4.13
C TRP M 168 56.31 -87.14 -3.69
N THR M 169 56.75 -87.77 -2.61
CA THR M 169 56.01 -88.82 -1.94
C THR M 169 55.35 -88.26 -0.68
N ASP M 170 54.32 -88.96 -0.22
CA ASP M 170 53.65 -88.56 1.00
C ASP M 170 54.45 -89.04 2.21
N GLN M 171 53.92 -88.79 3.41
CA GLN M 171 54.60 -89.20 4.63
C GLN M 171 54.73 -90.72 4.67
N ASP M 172 55.97 -91.18 4.75
CA ASP M 172 56.22 -92.62 4.87
C ASP M 172 55.66 -93.14 6.18
N SER M 173 55.05 -94.33 6.13
CA SER M 173 54.51 -94.94 7.34
C SER M 173 55.59 -95.22 8.38
N LYS M 174 56.85 -95.28 7.96
CA LYS M 174 57.98 -95.45 8.86
C LYS M 174 58.66 -94.10 9.04
N ASP M 175 58.60 -93.57 10.27
CA ASP M 175 59.26 -92.35 10.72
C ASP M 175 58.68 -91.07 10.12
N SER M 176 57.64 -91.17 9.27
CA SER M 176 56.88 -90.00 8.81
C SER M 176 57.78 -88.97 8.13
N THR M 177 58.74 -89.45 7.33
CA THR M 177 59.63 -88.59 6.59
C THR M 177 59.20 -88.48 5.13
N TYR M 178 59.54 -87.37 4.51
CA TYR M 178 59.23 -87.11 3.11
C TYR M 178 60.42 -87.45 2.22
N SER M 179 60.15 -87.54 0.92
CA SER M 179 61.20 -87.76 -0.06
C SER M 179 60.83 -87.03 -1.34
N MET M 180 61.83 -86.80 -2.19
CA MET M 180 61.64 -85.99 -3.38
C MET M 180 62.60 -86.46 -4.47
N SER M 181 62.14 -86.39 -5.71
CA SER M 181 62.95 -86.70 -6.87
C SER M 181 62.89 -85.54 -7.85
N SER M 182 64.04 -85.18 -8.41
CA SER M 182 64.14 -84.15 -9.44
C SER M 182 64.96 -84.70 -10.58
N THR M 183 64.32 -84.87 -11.74
CA THR M 183 64.98 -85.42 -12.92
C THR M 183 65.12 -84.32 -13.97
N LEU M 184 66.35 -84.02 -14.33
CA LEU M 184 66.65 -83.02 -15.35
C LEU M 184 67.04 -83.76 -16.63
N THR M 185 66.22 -83.61 -17.67
CA THR M 185 66.37 -84.35 -18.91
C THR M 185 66.83 -83.39 -20.00
N LEU M 186 67.99 -83.68 -20.58
CA LEU M 186 68.51 -82.90 -21.70
C LEU M 186 68.76 -83.80 -22.90
N THR M 187 68.89 -83.15 -24.06
CA THR M 187 69.32 -83.84 -25.26
C THR M 187 70.79 -84.25 -25.12
N LYS M 188 71.19 -85.22 -25.95
CA LYS M 188 72.57 -85.68 -25.92
C LYS M 188 73.54 -84.56 -26.32
N ASP M 189 73.16 -83.75 -27.30
CA ASP M 189 74.01 -82.65 -27.73
C ASP M 189 74.19 -81.62 -26.61
N GLU M 190 73.09 -81.20 -25.99
CA GLU M 190 73.19 -80.24 -24.89
C GLU M 190 73.91 -80.82 -23.68
N TYR M 191 73.79 -82.13 -23.47
CA TYR M 191 74.52 -82.75 -22.36
C TYR M 191 76.02 -82.77 -22.63
N GLU M 192 76.43 -83.07 -23.86
CA GLU M 192 77.85 -83.10 -24.19
C GLU M 192 78.47 -81.72 -24.30
N ARG M 193 77.68 -80.66 -24.22
CA ARG M 193 78.19 -79.29 -24.33
C ARG M 193 78.64 -78.71 -23.01
N HIS M 194 78.45 -79.41 -21.90
CA HIS M 194 78.86 -78.95 -20.58
C HIS M 194 79.57 -80.07 -19.84
N ASN M 195 80.36 -79.68 -18.84
CA ASN M 195 81.17 -80.61 -18.07
C ASN M 195 80.70 -80.75 -16.63
N SER M 196 80.44 -79.64 -15.95
CA SER M 196 80.06 -79.65 -14.54
C SER M 196 78.54 -79.50 -14.42
N TYR M 197 77.95 -80.37 -13.62
CA TYR M 197 76.51 -80.36 -13.35
C TYR M 197 76.31 -80.30 -11.85
N THR M 198 75.48 -79.36 -11.37
CA THR M 198 75.32 -79.19 -9.94
C THR M 198 73.86 -79.20 -9.55
N CYS M 199 73.51 -80.07 -8.60
CA CYS M 199 72.21 -80.12 -7.96
C CYS M 199 72.37 -79.54 -6.55
N GLU M 200 71.61 -78.49 -6.26
CA GLU M 200 71.70 -77.78 -5.00
C GLU M 200 70.38 -77.88 -4.27
N ALA M 201 70.42 -78.20 -2.99
CA ALA M 201 69.23 -78.37 -2.17
C ALA M 201 69.23 -77.37 -1.03
N THR M 202 68.26 -76.46 -1.04
CA THR M 202 68.06 -75.54 0.06
C THR M 202 66.87 -76.06 0.89
N HIS M 203 67.12 -76.34 2.16
CA HIS M 203 66.13 -76.95 3.03
C HIS M 203 66.10 -76.21 4.35
N LYS M 204 65.00 -76.37 5.08
CA LYS M 204 64.80 -75.67 6.34
C LYS M 204 65.78 -76.15 7.41
N THR M 205 66.48 -77.26 7.19
CA THR M 205 67.44 -77.77 8.15
C THR M 205 68.77 -77.02 8.05
N SER M 206 69.49 -77.01 9.17
CA SER M 206 70.79 -76.34 9.25
C SER M 206 71.82 -77.07 8.41
N THR M 207 72.71 -76.32 7.76
CA THR M 207 72.73 -74.85 7.71
C THR M 207 73.07 -74.45 6.29
N SER M 208 72.30 -73.50 5.71
CA SER M 208 72.59 -72.96 4.39
C SER M 208 72.39 -74.05 3.34
N PRO M 209 72.39 -73.74 2.04
CA PRO M 209 72.15 -74.79 1.05
C PRO M 209 73.21 -75.89 1.11
N ILE M 210 72.76 -77.13 0.95
CA ILE M 210 73.62 -78.30 0.84
C ILE M 210 73.79 -78.58 -0.65
N VAL M 211 75.03 -78.77 -1.09
CA VAL M 211 75.34 -78.84 -2.51
C VAL M 211 75.88 -80.22 -2.85
N LYS M 212 75.43 -80.73 -4.00
CA LYS M 212 76.02 -81.91 -4.61
C LYS M 212 76.30 -81.60 -6.07
N SER M 213 77.41 -82.11 -6.59
CA SER M 213 77.81 -81.78 -7.94
C SER M 213 78.63 -82.93 -8.50
N PHE M 214 78.80 -82.93 -9.83
CA PHE M 214 79.68 -83.90 -10.44
C PHE M 214 80.15 -83.40 -11.79
N ASN M 215 81.28 -83.94 -12.22
CA ASN M 215 81.88 -83.71 -13.53
C ASN M 215 81.74 -85.00 -14.34
N ARG M 216 82.18 -84.95 -15.59
CA ARG M 216 81.99 -86.12 -16.44
C ARG M 216 82.95 -87.25 -16.06
N ASN M 217 84.12 -86.91 -15.54
CA ASN M 217 85.10 -87.86 -15.05
C ASN M 217 86.33 -87.13 -14.51
N GLU M 218 86.10 -86.05 -13.77
CA GLU M 218 87.16 -85.25 -13.16
C GLU M 218 88.18 -84.76 -14.18
N VAL N 2 23.25 -96.32 1.00
CA VAL N 2 24.08 -97.28 1.72
C VAL N 2 25.29 -97.60 0.86
N LYS N 3 25.03 -97.87 -0.42
CA LYS N 3 26.08 -98.24 -1.37
C LYS N 3 25.83 -97.56 -2.71
N LEU N 4 26.82 -96.82 -3.18
CA LEU N 4 26.84 -96.24 -4.52
C LEU N 4 28.03 -96.86 -5.26
N VAL N 5 27.75 -97.59 -6.32
CA VAL N 5 28.79 -98.30 -7.08
C VAL N 5 28.86 -97.72 -8.48
N GLU N 6 29.97 -97.05 -8.78
CA GLU N 6 30.19 -96.53 -10.13
C GLU N 6 30.66 -97.64 -11.07
N SER N 7 30.51 -97.39 -12.36
CA SER N 7 30.83 -98.35 -13.40
C SER N 7 30.90 -97.58 -14.71
N GLY N 8 31.63 -98.13 -15.68
CA GLY N 8 31.64 -97.48 -16.97
C GLY N 8 32.62 -96.34 -17.10
N GLY N 9 33.39 -96.35 -18.19
CA GLY N 9 33.49 -97.54 -19.01
C GLY N 9 34.91 -97.94 -19.30
N GLY N 10 35.77 -96.94 -19.45
CA GLY N 10 37.19 -97.20 -19.64
C GLY N 10 38.03 -95.95 -19.65
N LEU N 11 39.10 -95.99 -20.44
CA LEU N 11 39.98 -94.86 -20.69
C LEU N 11 40.06 -94.75 -22.20
N VAL N 12 39.59 -93.63 -22.76
CA VAL N 12 39.24 -93.56 -24.17
C VAL N 12 39.87 -92.34 -24.83
N LYS N 13 39.90 -92.36 -26.16
CA LYS N 13 40.55 -91.33 -26.97
C LYS N 13 39.86 -89.97 -26.77
N PRO N 14 40.57 -88.88 -27.03
CA PRO N 14 39.95 -87.56 -26.97
C PRO N 14 39.02 -87.34 -28.15
N GLY N 15 37.96 -86.56 -27.90
CA GLY N 15 36.95 -86.31 -28.91
C GLY N 15 35.96 -87.43 -29.10
N GLY N 16 35.93 -88.41 -28.19
CA GLY N 16 34.99 -89.51 -28.27
C GLY N 16 34.05 -89.50 -27.07
N SER N 17 32.98 -90.28 -27.18
CA SER N 17 31.98 -90.33 -26.14
C SER N 17 32.35 -91.36 -25.06
N LEU N 18 31.62 -91.31 -23.95
CA LEU N 18 31.81 -92.22 -22.83
C LEU N 18 30.66 -92.06 -21.85
N LYS N 19 30.09 -93.19 -21.39
CA LYS N 19 28.93 -93.18 -20.50
C LYS N 19 29.32 -93.78 -19.15
N LEU N 20 28.93 -93.09 -18.08
CA LEU N 20 29.20 -93.53 -16.72
C LEU N 20 27.89 -93.95 -16.06
N SER N 21 27.92 -95.08 -15.37
CA SER N 21 26.77 -95.62 -14.66
C SER N 21 27.05 -95.68 -13.16
N CYS N 22 25.98 -95.71 -12.38
CA CYS N 22 26.09 -95.74 -10.92
C CYS N 22 24.86 -96.44 -10.35
N ALA N 23 25.08 -97.56 -9.67
CA ALA N 23 24.01 -98.32 -9.05
C ALA N 23 23.91 -97.97 -7.57
N ALA N 24 22.70 -97.67 -7.11
CA ALA N 24 22.45 -97.28 -5.74
C ALA N 24 21.72 -98.39 -5.00
N SER N 25 21.97 -98.48 -3.70
CA SER N 25 21.35 -99.49 -2.85
C SER N 25 21.27 -98.96 -1.42
N GLY N 26 20.18 -99.31 -0.74
CA GLY N 26 20.02 -99.02 0.67
C GLY N 26 19.25 -97.77 1.01
N PHE N 27 18.56 -97.16 0.04
CA PHE N 27 17.78 -95.95 0.29
C PHE N 27 16.84 -95.75 -0.88
N PRO N 28 15.73 -95.01 -0.68
CA PRO N 28 14.84 -94.68 -1.81
C PRO N 28 15.53 -93.79 -2.83
N PHE N 29 15.99 -94.40 -3.93
CA PHE N 29 16.75 -93.65 -4.93
C PHE N 29 15.92 -92.55 -5.56
N SER N 30 14.64 -92.80 -5.83
CA SER N 30 13.79 -91.85 -6.52
C SER N 30 13.40 -90.65 -5.68
N ASP N 31 13.78 -90.60 -4.40
CA ASP N 31 13.43 -89.49 -3.53
C ASP N 31 14.53 -88.46 -3.36
N TYR N 32 15.75 -88.77 -3.80
CA TYR N 32 16.90 -87.89 -3.62
C TYR N 32 17.37 -87.35 -4.95
N THR N 33 17.99 -86.17 -4.89
CA THR N 33 18.65 -85.57 -6.04
C THR N 33 20.09 -86.05 -6.08
N MET N 34 20.54 -86.44 -7.27
CA MET N 34 21.85 -87.05 -7.40
C MET N 34 22.82 -86.07 -8.05
N SER N 35 24.11 -86.39 -7.95
CA SER N 35 25.12 -85.49 -8.49
C SER N 35 26.41 -86.25 -8.81
N TRP N 36 27.17 -85.70 -9.75
CA TRP N 36 28.48 -86.23 -10.11
C TRP N 36 29.55 -85.21 -9.72
N ILE N 37 30.57 -85.69 -8.99
CA ILE N 37 31.68 -84.87 -8.52
C ILE N 37 32.98 -85.56 -8.95
N ARG N 38 33.84 -84.84 -9.67
CA ARG N 38 35.08 -85.42 -10.17
C ARG N 38 36.28 -84.83 -9.44
N GLN N 39 37.34 -85.63 -9.35
CA GLN N 39 38.59 -85.23 -8.72
C GLN N 39 39.70 -85.27 -9.76
N THR N 40 40.35 -84.14 -9.99
CA THR N 40 41.39 -84.05 -11.01
C THR N 40 42.58 -84.92 -10.62
N PRO N 41 43.45 -85.27 -11.59
CA PRO N 41 44.65 -86.03 -11.23
C PRO N 41 45.55 -85.31 -10.25
N GLU N 42 45.51 -83.98 -10.21
CA GLU N 42 46.22 -83.20 -9.20
C GLU N 42 45.47 -83.18 -7.87
N LYS N 43 44.44 -84.02 -7.73
CA LYS N 43 43.65 -84.15 -6.50
C LYS N 43 42.92 -82.85 -6.15
N ARG N 44 42.21 -82.32 -7.14
CA ARG N 44 41.30 -81.19 -6.96
C ARG N 44 39.89 -81.67 -7.25
N LEU N 45 38.95 -81.33 -6.38
CA LEU N 45 37.57 -81.76 -6.50
C LEU N 45 36.76 -80.68 -7.21
N GLU N 46 35.97 -81.08 -8.19
CA GLU N 46 35.14 -80.17 -8.96
C GLU N 46 33.75 -80.76 -9.10
N TRP N 47 32.73 -79.89 -9.08
CA TRP N 47 31.36 -80.33 -9.24
C TRP N 47 31.04 -80.48 -10.72
N VAL N 48 30.51 -81.64 -11.09
CA VAL N 48 30.29 -81.99 -12.49
C VAL N 48 28.83 -81.82 -12.89
N ALA N 49 27.91 -82.40 -12.12
CA ALA N 49 26.51 -82.33 -12.52
C ALA N 49 25.61 -82.59 -11.33
N SER N 50 24.34 -82.27 -11.50
CA SER N 50 23.33 -82.68 -10.52
C SER N 50 21.97 -82.74 -11.20
N ILE N 51 21.21 -83.78 -10.86
CA ILE N 51 19.88 -84.02 -11.41
C ILE N 51 18.90 -84.15 -10.26
N SER N 52 17.68 -83.67 -10.49
CA SER N 52 16.64 -83.67 -9.47
C SER N 52 16.19 -85.11 -9.17
N SER N 53 15.33 -85.22 -8.16
CA SER N 53 14.78 -86.53 -7.79
C SER N 53 14.06 -87.16 -8.99
N GLY N 54 13.21 -86.38 -9.65
CA GLY N 54 12.73 -86.73 -10.96
C GLY N 54 13.65 -86.16 -12.03
N GLY N 55 13.80 -86.92 -13.12
CA GLY N 55 14.76 -86.55 -14.14
C GLY N 55 14.42 -85.33 -14.97
N THR N 56 13.65 -84.39 -14.42
CA THR N 56 13.22 -83.23 -15.17
C THR N 56 14.16 -82.03 -15.03
N TYR N 57 14.87 -81.92 -13.90
CA TYR N 57 15.70 -80.76 -13.63
C TYR N 57 17.15 -81.19 -13.49
N THR N 58 18.01 -80.67 -14.36
CA THR N 58 19.44 -80.92 -14.31
C THR N 58 20.17 -79.59 -14.36
N TYR N 59 21.36 -79.56 -13.76
CA TYR N 59 22.20 -78.38 -13.89
C TYR N 59 23.67 -78.75 -13.73
N TYR N 60 24.51 -77.99 -14.43
CA TYR N 60 25.93 -78.23 -14.62
C TYR N 60 26.67 -76.93 -14.38
N PRO N 61 28.00 -76.98 -14.29
CA PRO N 61 28.78 -75.75 -14.38
C PRO N 61 29.01 -75.35 -15.84
N ASP N 62 29.37 -74.07 -16.01
CA ASP N 62 29.57 -73.53 -17.36
C ASP N 62 30.72 -74.20 -18.09
N THR N 63 31.64 -74.83 -17.37
CA THR N 63 32.79 -75.50 -17.97
C THR N 63 32.43 -76.81 -18.67
N VAL N 64 31.18 -77.26 -18.58
CA VAL N 64 30.80 -78.57 -19.08
C VAL N 64 29.37 -78.48 -19.62
N LYS N 65 28.90 -77.25 -19.81
CA LYS N 65 27.48 -77.02 -20.10
C LYS N 65 27.00 -77.75 -21.35
N GLY N 66 27.87 -77.88 -22.36
CA GLY N 66 27.44 -78.45 -23.62
C GLY N 66 27.80 -79.91 -23.83
N ARG N 67 28.76 -80.41 -23.05
CA ARG N 67 29.31 -81.73 -23.31
C ARG N 67 28.65 -82.85 -22.50
N PHE N 68 28.36 -82.60 -21.22
CA PHE N 68 27.87 -83.66 -20.35
C PHE N 68 26.35 -83.62 -20.23
N THR N 69 25.77 -84.79 -19.95
CA THR N 69 24.31 -84.91 -19.83
C THR N 69 24.01 -85.94 -18.75
N ILE N 70 23.58 -85.48 -17.58
CA ILE N 70 23.23 -86.38 -16.49
C ILE N 70 21.81 -86.89 -16.68
N SER N 71 21.59 -88.16 -16.37
CA SER N 71 20.28 -88.77 -16.47
C SER N 71 20.12 -89.78 -15.35
N ARG N 72 18.93 -90.35 -15.24
CA ARG N 72 18.67 -91.33 -14.18
C ARG N 72 17.51 -92.22 -14.58
N ASP N 73 17.61 -93.48 -14.14
CA ASP N 73 16.53 -94.46 -14.28
C ASP N 73 16.11 -94.88 -12.88
N ASN N 74 14.97 -94.37 -12.44
CA ASN N 74 14.47 -94.68 -11.09
C ASN N 74 13.96 -96.11 -10.98
N ALA N 75 13.56 -96.72 -12.09
CA ALA N 75 13.14 -98.12 -12.04
C ALA N 75 14.32 -99.05 -11.80
N LYS N 76 15.49 -98.72 -12.37
CA LYS N 76 16.71 -99.49 -12.15
C LYS N 76 17.54 -98.96 -10.99
N ASN N 77 17.13 -97.85 -10.36
CA ASN N 77 17.90 -97.20 -9.31
C ASN N 77 19.32 -96.91 -9.80
N THR N 78 19.41 -96.24 -10.95
CA THR N 78 20.69 -96.01 -11.60
C THR N 78 20.84 -94.56 -12.01
N LEU N 79 22.06 -94.05 -11.92
CA LEU N 79 22.41 -92.71 -12.35
C LEU N 79 23.41 -92.79 -13.48
N TYR N 80 23.26 -91.91 -14.47
CA TYR N 80 24.09 -91.92 -15.67
C TYR N 80 24.69 -90.55 -15.91
N LEU N 81 25.91 -90.53 -16.43
CA LEU N 81 26.58 -89.32 -16.89
C LEU N 81 27.07 -89.57 -18.30
N GLN N 82 26.46 -88.89 -19.27
CA GLN N 82 26.77 -89.06 -20.68
C GLN N 82 27.76 -87.97 -21.08
N MET N 83 29.04 -88.36 -21.18
CA MET N 83 30.10 -87.45 -21.59
C MET N 83 30.37 -87.61 -23.08
N SER N 84 30.60 -86.49 -23.76
CA SER N 84 30.85 -86.51 -25.20
C SER N 84 31.82 -85.41 -25.56
N SER N 85 32.61 -85.66 -26.61
CA SER N 85 33.63 -84.73 -27.09
C SER N 85 34.56 -84.29 -25.96
N LEU N 86 35.04 -85.27 -25.20
CA LEU N 86 35.90 -84.97 -24.06
C LEU N 86 37.22 -84.37 -24.49
N LYS N 87 37.75 -83.49 -23.64
CA LYS N 87 39.07 -82.92 -23.76
C LYS N 87 39.99 -83.53 -22.72
N SER N 88 41.30 -83.32 -22.90
CA SER N 88 42.27 -83.84 -21.94
C SER N 88 42.08 -83.24 -20.57
N GLU N 89 41.45 -82.07 -20.47
CA GLU N 89 41.18 -81.43 -19.18
C GLU N 89 40.08 -82.13 -18.40
N ASP N 90 39.34 -83.05 -19.02
CA ASP N 90 38.28 -83.78 -18.36
C ASP N 90 38.78 -85.06 -17.70
N THR N 91 40.09 -85.24 -17.60
CA THR N 91 40.66 -86.40 -16.94
C THR N 91 40.39 -86.32 -15.44
N ALA N 92 39.77 -87.35 -14.88
CA ALA N 92 39.41 -87.26 -13.47
C ALA N 92 38.95 -88.61 -12.92
N MET N 93 38.96 -88.70 -11.60
CA MET N 93 38.30 -89.78 -10.86
C MET N 93 36.87 -89.34 -10.59
N PHE N 94 35.91 -90.01 -11.23
CA PHE N 94 34.52 -89.58 -11.18
C PHE N 94 33.79 -90.29 -10.03
N TYR N 95 33.13 -89.49 -9.19
CA TYR N 95 32.43 -89.98 -8.01
C TYR N 95 30.94 -89.70 -8.14
N CYS N 96 30.15 -90.69 -7.72
CA CYS N 96 28.70 -90.66 -7.76
C CYS N 96 28.17 -90.35 -6.36
N THR N 97 27.51 -89.21 -6.21
CA THR N 97 27.13 -88.69 -4.89
C THR N 97 25.63 -88.44 -4.81
N ARG N 98 25.11 -88.50 -3.58
CA ARG N 98 23.71 -88.27 -3.29
C ARG N 98 23.55 -86.93 -2.58
N ALA N 99 22.64 -86.10 -3.09
CA ALA N 99 22.39 -84.80 -2.48
C ALA N 99 21.20 -84.83 -1.53
N SER N 100 20.41 -83.74 -1.52
CA SER N 100 19.29 -83.61 -0.60
C SER N 100 18.04 -84.30 -1.14
N PRO N 101 17.12 -84.71 -0.25
CA PRO N 101 15.86 -85.32 -0.70
C PRO N 101 14.91 -84.33 -1.35
N TYR N 102 13.73 -84.81 -1.75
CA TYR N 102 12.77 -83.94 -2.43
C TYR N 102 12.19 -82.90 -1.48
N TYR N 103 11.99 -83.26 -0.21
CA TYR N 103 11.34 -82.37 0.74
C TYR N 103 12.29 -81.34 1.34
N ASP N 104 13.52 -81.24 0.85
CA ASP N 104 14.45 -80.22 1.28
C ASP N 104 14.89 -79.40 0.07
N TYR N 105 15.25 -78.15 0.33
CA TYR N 105 15.96 -77.36 -0.65
C TYR N 105 17.22 -78.12 -1.06
N ASP N 106 17.56 -78.08 -2.34
CA ASP N 106 18.78 -78.77 -2.76
C ASP N 106 19.97 -78.07 -2.09
N GLU N 107 20.31 -78.54 -0.89
CA GLU N 107 21.28 -77.86 -0.05
C GLU N 107 22.71 -78.03 -0.55
N GLY N 108 22.95 -78.99 -1.45
CA GLY N 108 24.21 -79.08 -2.13
C GLY N 108 25.32 -79.81 -1.39
N TYR N 109 25.04 -80.33 -0.20
CA TYR N 109 26.00 -81.20 0.48
C TYR N 109 25.70 -82.64 0.13
N MET N 110 26.75 -83.40 -0.17
CA MET N 110 26.64 -84.79 -0.57
C MET N 110 27.12 -85.66 0.58
N ASP N 111 26.17 -86.33 1.24
CA ASP N 111 26.48 -87.12 2.43
C ASP N 111 27.17 -88.43 2.09
N TYR N 112 26.70 -89.13 1.07
CA TYR N 112 27.21 -90.45 0.72
C TYR N 112 27.91 -90.41 -0.63
N TRP N 113 29.10 -90.98 -0.69
CA TRP N 113 29.91 -91.03 -1.90
C TRP N 113 30.09 -92.47 -2.35
N GLY N 114 30.36 -92.64 -3.64
CA GLY N 114 30.61 -93.95 -4.21
C GLY N 114 32.05 -94.37 -4.10
N GLN N 115 32.37 -95.49 -4.76
CA GLN N 115 33.74 -95.98 -4.76
C GLN N 115 34.62 -95.23 -5.75
N GLY N 116 34.05 -94.78 -6.87
CA GLY N 116 34.77 -94.00 -7.86
C GLY N 116 35.18 -94.77 -9.09
N THR N 117 35.15 -94.11 -10.25
CA THR N 117 35.66 -94.67 -11.49
C THR N 117 36.52 -93.63 -12.19
N SER N 118 37.81 -93.92 -12.33
CA SER N 118 38.74 -92.99 -12.96
C SER N 118 38.69 -93.13 -14.48
N VAL N 119 38.46 -92.02 -15.17
CA VAL N 119 38.56 -91.96 -16.62
C VAL N 119 39.65 -90.96 -16.99
N THR N 120 40.52 -91.36 -17.91
CA THR N 120 41.55 -90.50 -18.45
C THR N 120 41.47 -90.52 -19.97
N VAL N 121 41.70 -89.35 -20.57
CA VAL N 121 41.59 -89.16 -22.01
C VAL N 121 42.88 -88.50 -22.48
N SER N 122 43.60 -89.16 -23.36
CA SER N 122 44.87 -88.64 -23.84
C SER N 122 45.17 -89.23 -25.21
N SER N 123 45.93 -88.47 -26.01
CA SER N 123 46.28 -88.88 -27.36
C SER N 123 47.39 -89.94 -27.40
N ALA N 124 48.04 -90.22 -26.28
CA ALA N 124 49.14 -91.17 -26.28
C ALA N 124 48.66 -92.59 -26.58
N LYS N 125 49.49 -93.33 -27.27
CA LYS N 125 49.27 -94.74 -27.60
C LYS N 125 49.98 -95.63 -26.59
N THR N 126 49.64 -96.91 -26.60
CA THR N 126 50.31 -97.86 -25.71
C THR N 126 51.77 -97.97 -26.12
N THR N 127 52.68 -97.67 -25.20
CA THR N 127 54.10 -97.67 -25.46
C THR N 127 54.84 -98.33 -24.30
N ALA N 128 55.80 -99.20 -24.62
CA ALA N 128 56.58 -99.87 -23.60
C ALA N 128 57.60 -98.92 -22.99
N PRO N 129 57.90 -99.07 -21.70
CA PRO N 129 58.83 -98.15 -21.04
C PRO N 129 60.29 -98.46 -21.37
N SER N 130 61.11 -97.40 -21.31
CA SER N 130 62.55 -97.53 -21.41
C SER N 130 63.14 -97.42 -20.00
N VAL N 131 63.82 -98.48 -19.56
CA VAL N 131 64.35 -98.57 -18.20
C VAL N 131 65.85 -98.31 -18.24
N TYR N 132 66.31 -97.43 -17.36
CA TYR N 132 67.71 -97.04 -17.30
C TYR N 132 68.21 -97.19 -15.86
N PRO N 133 69.38 -97.80 -15.66
CA PRO N 133 69.94 -97.90 -14.31
C PRO N 133 70.70 -96.64 -13.93
N LEU N 134 70.70 -96.35 -12.63
CA LEU N 134 71.32 -95.13 -12.09
C LEU N 134 72.33 -95.53 -11.01
N ALA N 135 73.61 -95.50 -11.38
CA ALA N 135 74.77 -95.78 -10.55
C ALA N 135 75.71 -94.57 -10.45
N PRO N 136 76.34 -94.38 -9.29
CA PRO N 136 77.32 -93.30 -9.14
C PRO N 136 78.65 -93.60 -9.83
N VAL N 137 79.18 -92.59 -10.53
CA VAL N 137 80.48 -92.72 -11.21
C VAL N 137 81.59 -92.94 -10.18
N CYS N 138 81.93 -91.89 -9.44
CA CYS N 138 82.94 -91.94 -8.39
C CYS N 138 82.27 -91.92 -7.02
N GLY N 139 83.09 -92.00 -5.98
CA GLY N 139 82.56 -92.07 -4.63
C GLY N 139 83.29 -91.29 -3.57
N GLY N 140 82.65 -90.24 -3.06
CA GLY N 140 83.10 -89.52 -1.90
C GLY N 140 82.17 -89.83 -0.73
N THR N 141 82.76 -90.14 0.42
CA THR N 141 82.06 -90.76 1.54
C THR N 141 81.32 -92.00 1.03
N THR N 142 82.10 -92.88 0.41
CA THR N 142 81.54 -94.04 -0.27
C THR N 142 80.87 -95.02 0.68
N GLY N 143 81.14 -94.94 1.98
CA GLY N 143 80.62 -95.89 2.95
C GLY N 143 79.54 -95.29 3.81
N SER N 144 78.60 -96.15 4.22
CA SER N 144 77.53 -95.81 5.17
C SER N 144 76.79 -94.53 4.77
N SER N 145 75.95 -94.63 3.76
CA SER N 145 75.76 -95.85 2.96
C SER N 145 75.65 -95.46 1.50
N VAL N 146 75.48 -96.46 0.63
CA VAL N 146 75.31 -96.23 -0.80
C VAL N 146 73.84 -96.35 -1.14
N THR N 147 73.38 -95.52 -2.07
CA THR N 147 72.00 -95.49 -2.51
C THR N 147 72.02 -95.64 -4.02
N LEU N 148 71.29 -96.63 -4.53
CA LEU N 148 71.27 -96.92 -5.96
C LEU N 148 70.14 -96.13 -6.62
N GLY N 149 69.83 -96.45 -7.87
CA GLY N 149 68.74 -95.77 -8.53
C GLY N 149 68.29 -96.47 -9.78
N CYS N 150 67.01 -96.33 -10.10
CA CYS N 150 66.45 -96.95 -11.29
C CYS N 150 65.37 -96.03 -11.84
N LEU N 151 65.37 -95.89 -13.17
CA LEU N 151 64.51 -94.95 -13.85
C LEU N 151 63.65 -95.67 -14.88
N VAL N 152 62.35 -95.38 -14.88
CA VAL N 152 61.39 -95.95 -15.80
C VAL N 152 60.82 -94.77 -16.59
N LYS N 153 61.26 -94.61 -17.84
CA LYS N 153 60.98 -93.41 -18.61
C LYS N 153 60.09 -93.73 -19.80
N GLY N 154 59.08 -92.88 -20.00
CA GLY N 154 58.29 -92.89 -21.23
C GLY N 154 57.40 -94.09 -21.47
N TYR N 155 56.44 -94.32 -20.57
CA TYR N 155 55.47 -95.39 -20.76
C TYR N 155 54.06 -94.83 -20.73
N PHE N 156 53.13 -95.62 -21.28
CA PHE N 156 51.72 -95.25 -21.31
C PHE N 156 50.89 -96.48 -21.67
N PRO N 157 49.78 -96.75 -20.96
CA PRO N 157 49.39 -95.97 -19.78
C PRO N 157 49.87 -96.61 -18.48
N GLU N 158 49.52 -95.99 -17.35
CA GLU N 158 49.83 -96.53 -16.04
C GLU N 158 49.05 -97.82 -15.81
N PRO N 159 49.48 -98.64 -14.83
CA PRO N 159 50.62 -98.53 -13.93
C PRO N 159 51.80 -99.43 -14.28
N VAL N 160 52.85 -99.36 -13.46
CA VAL N 160 54.02 -100.23 -13.56
C VAL N 160 54.26 -100.89 -12.20
N THR N 161 55.09 -101.93 -12.23
CA THR N 161 55.39 -102.71 -11.04
C THR N 161 56.62 -102.14 -10.32
N LEU N 162 56.55 -102.10 -8.99
CA LEU N 162 57.58 -101.48 -8.16
C LEU N 162 58.21 -102.55 -7.28
N THR N 163 59.19 -103.26 -7.85
CA THR N 163 59.91 -104.31 -7.13
C THR N 163 61.41 -104.18 -7.37
N TRP N 164 62.18 -104.59 -6.37
CA TRP N 164 63.64 -104.65 -6.44
C TRP N 164 64.08 -106.09 -6.21
N ASN N 165 64.86 -106.63 -7.15
CA ASN N 165 65.41 -107.99 -7.05
C ASN N 165 64.29 -109.02 -6.86
N SER N 166 63.29 -108.94 -7.74
CA SER N 166 62.18 -109.90 -7.77
C SER N 166 61.41 -109.91 -6.45
N GLY N 167 61.23 -108.73 -5.86
CA GLY N 167 60.49 -108.59 -4.63
C GLY N 167 61.33 -108.64 -3.37
N SER N 168 62.62 -108.95 -3.47
CA SER N 168 63.50 -108.98 -2.31
C SER N 168 63.82 -107.54 -1.87
N LEU N 169 64.64 -107.44 -0.82
CA LEU N 169 65.11 -106.16 -0.32
C LEU N 169 63.92 -105.31 0.16
N SER N 170 63.45 -104.40 -0.70
CA SER N 170 62.26 -103.59 -0.45
C SER N 170 62.42 -102.62 0.72
N SER N 171 63.50 -102.76 1.48
CA SER N 171 63.76 -101.87 2.62
C SER N 171 64.55 -100.66 2.16
N GLY N 172 64.15 -99.49 2.64
CA GLY N 172 64.80 -98.27 2.21
C GLY N 172 64.52 -97.88 0.78
N VAL N 173 63.43 -98.39 0.20
CA VAL N 173 63.07 -98.13 -1.18
C VAL N 173 62.05 -97.01 -1.23
N HIS N 174 62.27 -96.04 -2.11
CA HIS N 174 61.36 -94.94 -2.36
C HIS N 174 60.97 -94.97 -3.83
N THR N 175 59.74 -95.37 -4.11
CA THR N 175 59.18 -95.36 -5.46
C THR N 175 58.24 -94.16 -5.56
N PHE N 176 58.54 -93.28 -6.45
CA PHE N 176 57.96 -91.95 -6.62
C PHE N 176 56.81 -91.98 -7.63
N PRO N 177 55.80 -91.14 -7.41
CA PRO N 177 54.66 -91.09 -8.33
C PRO N 177 55.11 -90.65 -9.72
N ALA N 178 54.43 -91.20 -10.73
CA ALA N 178 54.75 -90.86 -12.11
C ALA N 178 54.38 -89.41 -12.40
N LEU N 179 55.18 -88.79 -13.27
CA LEU N 179 54.91 -87.43 -13.73
C LEU N 179 54.72 -87.43 -15.24
N LEU N 180 53.83 -86.55 -15.70
CA LEU N 180 53.42 -86.53 -17.09
C LEU N 180 54.09 -85.37 -17.83
N GLN N 181 54.65 -85.67 -19.01
CA GLN N 181 55.16 -84.65 -19.91
C GLN N 181 55.05 -85.20 -21.33
N SER N 182 54.59 -84.36 -22.25
CA SER N 182 54.41 -84.73 -23.65
C SER N 182 53.58 -86.01 -23.79
N GLY N 183 52.56 -86.13 -22.94
CA GLY N 183 51.70 -87.29 -22.98
C GLY N 183 52.33 -88.60 -22.57
N LEU N 184 53.45 -88.56 -21.84
CA LEU N 184 54.12 -89.76 -21.38
C LEU N 184 54.46 -89.65 -19.90
N TYR N 185 54.49 -90.80 -19.23
CA TYR N 185 54.77 -90.86 -17.80
C TYR N 185 56.24 -91.18 -17.55
N THR N 186 56.73 -90.73 -16.40
CA THR N 186 58.09 -91.01 -15.96
C THR N 186 58.06 -91.28 -14.47
N LEU N 187 58.71 -92.37 -14.06
CA LEU N 187 58.74 -92.80 -12.68
C LEU N 187 60.17 -93.14 -12.29
N SER N 188 60.49 -92.95 -11.01
CA SER N 188 61.84 -93.19 -10.51
C SER N 188 61.76 -93.92 -9.18
N SER N 189 62.78 -94.70 -8.87
CA SER N 189 62.84 -95.40 -7.60
C SER N 189 64.28 -95.47 -7.11
N SER N 190 64.47 -95.22 -5.82
CA SER N 190 65.79 -95.26 -5.22
C SER N 190 65.81 -96.25 -4.07
N VAL N 191 66.95 -96.88 -3.85
CA VAL N 191 67.14 -97.85 -2.77
C VAL N 191 68.50 -97.60 -2.14
N THR N 192 68.56 -97.71 -0.81
CA THR N 192 69.78 -97.47 -0.04
C THR N 192 70.20 -98.72 0.70
N VAL N 193 71.46 -99.13 0.50
CA VAL N 193 72.03 -100.30 1.15
C VAL N 193 73.43 -99.96 1.64
N THR N 194 73.99 -100.82 2.49
CA THR N 194 75.34 -100.60 2.99
C THR N 194 76.35 -100.68 1.86
N SER N 195 77.44 -99.95 1.99
CA SER N 195 78.47 -99.91 0.95
C SER N 195 79.14 -101.27 0.78
N ASN N 196 79.16 -102.08 1.83
CA ASN N 196 79.79 -103.40 1.78
C ASN N 196 78.84 -104.48 1.26
N THR N 197 77.66 -104.10 0.78
CA THR N 197 76.72 -105.04 0.15
C THR N 197 76.76 -104.96 -1.37
N TRP N 198 76.89 -103.75 -1.92
CA TRP N 198 76.99 -103.49 -3.34
C TRP N 198 78.31 -102.79 -3.65
N PRO N 199 78.99 -103.14 -4.75
CA PRO N 199 78.59 -104.12 -5.77
C PRO N 199 79.01 -105.56 -5.46
N SER N 200 79.20 -105.88 -4.18
CA SER N 200 79.53 -107.25 -3.81
C SER N 200 78.43 -108.22 -4.21
N GLN N 201 77.18 -107.83 -4.01
CA GLN N 201 76.03 -108.61 -4.43
C GLN N 201 75.24 -107.83 -5.48
N THR N 202 74.62 -108.57 -6.40
CA THR N 202 73.90 -107.96 -7.50
C THR N 202 72.58 -107.36 -7.02
N ILE N 203 72.30 -106.14 -7.47
CA ILE N 203 71.06 -105.44 -7.19
C ILE N 203 70.45 -105.03 -8.53
N THR N 204 69.24 -105.53 -8.81
CA THR N 204 68.56 -105.28 -10.07
C THR N 204 67.14 -104.79 -9.83
N CYS N 205 66.72 -103.79 -10.60
CA CYS N 205 65.34 -103.33 -10.58
C CYS N 205 64.56 -104.00 -11.70
N ASN N 206 63.40 -104.56 -11.37
CA ASN N 206 62.55 -105.23 -12.33
C ASN N 206 61.24 -104.45 -12.50
N VAL N 207 60.91 -104.11 -13.73
CA VAL N 207 59.74 -103.30 -14.06
C VAL N 207 58.87 -104.07 -15.03
N ALA N 208 57.60 -104.26 -14.66
CA ALA N 208 56.61 -104.93 -15.48
C ALA N 208 55.52 -103.95 -15.87
N HIS N 209 55.18 -103.94 -17.16
CA HIS N 209 54.13 -103.08 -17.71
C HIS N 209 53.09 -103.95 -18.38
N PRO N 210 51.95 -104.21 -17.73
CA PRO N 210 50.94 -105.10 -18.34
C PRO N 210 50.23 -104.48 -19.52
N ALA N 211 50.12 -103.16 -19.59
CA ALA N 211 49.41 -102.52 -20.68
C ALA N 211 50.05 -102.84 -22.03
N SER N 212 51.39 -102.91 -22.06
CA SER N 212 52.11 -103.33 -23.25
C SER N 212 52.54 -104.79 -23.18
N SER N 213 52.14 -105.51 -22.13
CA SER N 213 52.46 -106.93 -21.96
C SER N 213 53.98 -107.16 -21.98
N THR N 214 54.71 -106.29 -21.29
CA THR N 214 56.16 -106.40 -21.24
C THR N 214 56.63 -106.52 -19.79
N LYS N 215 57.81 -107.11 -19.62
CA LYS N 215 58.42 -107.29 -18.30
C LYS N 215 59.92 -107.33 -18.51
N VAL N 216 60.64 -106.34 -17.98
CA VAL N 216 62.08 -106.21 -18.17
C VAL N 216 62.73 -106.09 -16.81
N ASP N 217 63.85 -106.80 -16.63
CA ASP N 217 64.64 -106.72 -15.41
C ASP N 217 66.03 -106.22 -15.76
N LYS N 218 66.46 -105.16 -15.07
CA LYS N 218 67.71 -104.47 -15.37
C LYS N 218 68.62 -104.52 -14.15
N LYS N 219 69.83 -105.04 -14.35
CA LYS N 219 70.84 -105.11 -13.30
C LYS N 219 71.81 -103.95 -13.41
N ILE N 220 72.16 -103.37 -12.27
CA ILE N 220 73.08 -102.23 -12.24
C ILE N 220 74.52 -102.73 -12.19
N ASP O 1 27.20 -71.97 31.33
CA ASP O 1 26.95 -71.05 30.22
C ASP O 1 27.13 -69.60 30.66
N VAL O 2 26.02 -68.96 31.04
CA VAL O 2 26.08 -67.58 31.53
C VAL O 2 26.76 -67.55 32.89
N VAL O 3 27.56 -66.52 33.12
CA VAL O 3 28.28 -66.35 34.38
C VAL O 3 27.70 -65.15 35.12
N MET O 4 27.57 -65.29 36.43
CA MET O 4 27.06 -64.22 37.30
C MET O 4 28.18 -63.79 38.24
N THR O 5 28.49 -62.50 38.24
CA THR O 5 29.54 -61.94 39.07
C THR O 5 28.92 -60.94 40.03
N GLN O 6 29.04 -61.20 41.32
CA GLN O 6 28.54 -60.32 42.37
C GLN O 6 29.70 -59.51 42.96
N THR O 7 29.43 -58.24 43.25
CA THR O 7 30.43 -57.35 43.83
C THR O 7 29.82 -56.63 45.01
N PRO O 8 30.39 -56.75 46.22
CA PRO O 8 31.53 -57.62 46.52
C PRO O 8 31.09 -58.94 47.14
N LEU O 9 32.05 -59.76 47.59
CA LEU O 9 31.70 -60.99 48.27
C LEU O 9 31.44 -60.76 49.75
N SER O 10 32.10 -59.77 50.35
CA SER O 10 31.88 -59.40 51.74
C SER O 10 31.60 -57.90 51.80
N LEU O 11 30.45 -57.54 52.38
CA LEU O 11 30.01 -56.15 52.48
C LEU O 11 29.73 -55.82 53.94
N PRO O 12 30.73 -55.38 54.70
CA PRO O 12 30.50 -55.01 56.10
C PRO O 12 29.78 -53.66 56.20
N VAL O 13 28.66 -53.65 56.92
CA VAL O 13 27.88 -52.44 57.14
C VAL O 13 27.34 -52.45 58.56
N SER O 14 27.00 -51.26 59.06
CA SER O 14 26.39 -51.07 60.36
C SER O 14 24.88 -50.99 60.22
N LEU O 15 24.18 -51.19 61.34
CA LEU O 15 22.72 -51.15 61.34
C LEU O 15 22.23 -49.75 60.99
N GLY O 16 21.17 -49.70 60.17
CA GLY O 16 20.61 -48.44 59.74
C GLY O 16 21.23 -47.85 58.50
N ASP O 17 22.34 -48.41 58.02
CA ASP O 17 23.02 -47.88 56.85
C ASP O 17 22.40 -48.46 55.58
N GLN O 18 22.89 -47.98 54.44
CA GLN O 18 22.45 -48.47 53.14
C GLN O 18 23.41 -49.53 52.62
N ALA O 19 22.87 -50.56 51.98
CA ALA O 19 23.65 -51.64 51.40
C ALA O 19 23.41 -51.68 49.90
N SER O 20 24.46 -52.00 49.14
CA SER O 20 24.36 -52.09 47.69
C SER O 20 25.22 -53.25 47.21
N ILE O 21 24.57 -54.21 46.55
CA ILE O 21 25.24 -55.38 45.99
C ILE O 21 25.06 -55.33 44.49
N SER O 22 26.15 -55.52 43.75
CA SER O 22 26.11 -55.49 42.30
C SER O 22 26.14 -56.90 41.74
N CYS O 23 25.47 -57.09 40.60
CA CYS O 23 25.46 -58.37 39.91
C CYS O 23 25.46 -58.11 38.42
N ARG O 24 26.49 -58.59 37.73
CA ARG O 24 26.57 -58.48 36.28
C ARG O 24 26.74 -59.84 35.64
N SER O 25 26.18 -59.98 34.44
CA SER O 25 26.18 -61.22 33.68
C SER O 25 26.92 -61.04 32.37
N SER O 26 27.30 -62.17 31.78
CA SER O 26 28.00 -62.15 30.50
C SER O 26 27.06 -61.95 29.31
N GLN O 27 25.77 -62.25 29.47
CA GLN O 27 24.80 -62.12 28.41
C GLN O 27 23.74 -61.09 28.77
N SER O 28 22.89 -60.77 27.80
CA SER O 28 21.94 -59.68 27.93
C SER O 28 20.91 -59.90 29.02
N LEU O 29 20.64 -61.16 29.38
CA LEU O 29 19.69 -61.52 30.43
C LEU O 29 18.25 -61.13 30.11
N VAL O 30 18.04 -60.36 29.04
CA VAL O 30 16.70 -60.03 28.58
C VAL O 30 16.24 -61.16 27.67
N HIS O 31 15.13 -61.78 28.02
CA HIS O 31 14.68 -62.98 27.32
C HIS O 31 14.16 -62.62 25.94
N SER O 32 14.13 -63.62 25.06
CA SER O 32 13.41 -63.50 23.80
C SER O 32 11.92 -63.47 24.11
N ASN O 33 11.52 -62.49 24.92
CA ASN O 33 10.25 -62.42 25.62
C ASN O 33 10.27 -61.12 26.39
N GLY O 34 9.09 -60.67 26.80
CA GLY O 34 8.91 -59.36 27.42
C GLY O 34 9.92 -58.90 28.46
N ASN O 35 10.18 -59.72 29.48
CA ASN O 35 10.88 -59.24 30.67
C ASN O 35 12.24 -59.91 30.83
N THR O 36 12.97 -59.46 31.86
CA THR O 36 14.27 -59.99 32.24
C THR O 36 14.14 -60.78 33.53
N TYR O 37 14.71 -61.98 33.55
CA TYR O 37 14.49 -62.97 34.61
C TYR O 37 15.73 -63.04 35.49
N LEU O 38 15.94 -62.00 36.29
CA LEU O 38 17.00 -61.96 37.28
C LEU O 38 16.38 -61.91 38.67
N HIS O 39 16.92 -62.71 39.58
CA HIS O 39 16.34 -62.84 40.91
C HIS O 39 17.42 -62.69 41.98
N TRP O 40 16.96 -62.43 43.20
CA TRP O 40 17.82 -62.30 44.37
C TRP O 40 17.27 -63.20 45.47
N TYR O 41 18.13 -64.05 46.01
CA TYR O 41 17.83 -64.94 47.13
C TYR O 41 18.65 -64.54 48.34
N LEU O 42 18.15 -64.91 49.51
CA LEU O 42 18.81 -64.63 50.78
C LEU O 42 18.92 -65.91 51.59
N GLN O 43 20.10 -66.23 52.07
CA GLN O 43 20.27 -67.39 52.92
C GLN O 43 20.94 -66.98 54.22
N LYS O 44 20.34 -67.41 55.32
CA LYS O 44 20.80 -67.09 56.68
C LYS O 44 20.20 -68.12 57.60
N SER O 45 21.04 -68.84 58.34
CA SER O 45 22.46 -68.89 58.10
C SER O 45 22.73 -70.29 57.60
N GLY O 46 22.26 -71.25 58.39
CA GLY O 46 22.38 -72.65 58.07
C GLY O 46 21.08 -73.13 57.48
N GLN O 47 20.27 -72.17 57.02
CA GLN O 47 18.94 -72.43 56.49
C GLN O 47 18.99 -72.47 54.97
N SER O 48 17.96 -73.10 54.38
CA SER O 48 17.87 -73.12 52.93
C SER O 48 17.71 -71.70 52.40
N PRO O 49 18.13 -71.46 51.15
CA PRO O 49 17.89 -70.13 50.55
C PRO O 49 16.41 -69.82 50.47
N LYS O 50 16.09 -68.52 50.46
CA LYS O 50 14.69 -68.10 50.40
C LYS O 50 14.61 -66.95 49.42
N LEU O 51 13.51 -66.92 48.67
CA LEU O 51 13.36 -65.91 47.63
C LEU O 51 13.18 -64.54 48.24
N LEU O 52 13.96 -63.58 47.76
CA LEU O 52 13.88 -62.20 48.18
C LEU O 52 13.25 -61.31 47.14
N ILE O 53 13.74 -61.35 45.91
CA ILE O 53 13.19 -60.57 44.81
C ILE O 53 13.15 -61.46 43.57
N TYR O 54 12.04 -61.42 42.85
CA TYR O 54 11.90 -62.13 41.59
C TYR O 54 11.64 -61.14 40.47
N LYS O 55 12.18 -61.43 39.29
CA LYS O 55 12.01 -60.59 38.11
C LYS O 55 12.46 -59.15 38.39
N VAL O 56 13.76 -59.02 38.66
CA VAL O 56 14.50 -57.77 38.73
C VAL O 56 14.05 -56.84 39.86
N SER O 57 12.74 -56.63 40.01
CA SER O 57 12.30 -55.58 40.90
C SER O 57 11.00 -55.89 41.63
N ASN O 58 10.58 -57.14 41.70
CA ASN O 58 9.35 -57.52 42.38
C ASN O 58 9.69 -58.19 43.70
N ARG O 59 9.27 -57.57 44.81
CA ARG O 59 9.49 -58.15 46.13
C ARG O 59 8.59 -59.35 46.35
N PHE O 60 9.15 -60.39 46.98
CA PHE O 60 8.38 -61.59 47.28
C PHE O 60 7.39 -61.30 48.43
N SER O 61 6.43 -62.21 48.58
CA SER O 61 5.42 -62.07 49.63
C SER O 61 6.05 -62.12 51.01
N GLY O 62 5.81 -61.08 51.81
CA GLY O 62 6.37 -60.99 53.14
C GLY O 62 7.76 -60.39 53.22
N VAL O 63 8.20 -59.70 52.18
CA VAL O 63 9.52 -59.07 52.16
C VAL O 63 9.36 -57.60 52.52
N PRO O 64 10.11 -57.09 53.51
CA PRO O 64 9.94 -55.69 53.92
C PRO O 64 10.26 -54.72 52.80
N ASP O 65 9.75 -53.50 52.95
CA ASP O 65 9.93 -52.46 51.94
C ASP O 65 11.39 -52.05 51.78
N ARG O 66 12.26 -52.39 52.75
CA ARG O 66 13.65 -51.94 52.71
C ARG O 66 14.38 -52.50 51.49
N PHE O 67 14.10 -53.75 51.11
CA PHE O 67 14.77 -54.36 49.98
C PHE O 67 14.25 -53.77 48.68
N SER O 68 15.17 -53.42 47.78
CA SER O 68 14.80 -52.79 46.52
C SER O 68 15.76 -53.25 45.42
N GLY O 69 15.23 -53.96 44.44
CA GLY O 69 16.01 -54.41 43.30
C GLY O 69 15.92 -53.47 42.11
N SER O 70 17.00 -53.38 41.36
CA SER O 70 17.06 -52.49 40.21
C SER O 70 18.08 -53.03 39.21
N GLY O 71 18.09 -52.43 38.04
CA GLY O 71 19.03 -52.77 36.99
C GLY O 71 18.33 -53.22 35.72
N SER O 72 19.15 -53.44 34.70
CA SER O 72 18.69 -53.89 33.39
C SER O 72 19.89 -54.34 32.58
N GLY O 73 19.61 -54.94 31.43
CA GLY O 73 20.65 -55.41 30.53
C GLY O 73 21.62 -56.36 31.21
N THR O 74 22.85 -55.90 31.41
CA THR O 74 23.88 -56.70 32.06
C THR O 74 24.26 -56.17 33.44
N ASP O 75 23.69 -55.04 33.86
CA ASP O 75 24.06 -54.40 35.12
C ASP O 75 22.86 -54.41 36.05
N PHE O 76 23.00 -55.06 37.21
CA PHE O 76 21.92 -55.15 38.17
C PHE O 76 22.44 -54.79 39.55
N THR O 77 21.55 -54.28 40.39
CA THR O 77 21.90 -53.87 41.75
C THR O 77 20.77 -54.23 42.70
N LEU O 78 21.15 -54.51 43.95
CA LEU O 78 20.21 -54.75 45.04
C LEU O 78 20.57 -53.82 46.18
N LYS O 79 19.63 -52.99 46.61
CA LYS O 79 19.88 -52.00 47.64
C LYS O 79 18.97 -52.25 48.84
N ILE O 80 19.55 -52.17 50.03
CA ILE O 80 18.82 -52.23 51.29
C ILE O 80 18.89 -50.84 51.91
N SER O 81 17.72 -50.25 52.17
CA SER O 81 17.68 -48.88 52.69
C SER O 81 18.29 -48.82 54.07
N ARG O 82 17.75 -49.57 55.03
CA ARG O 82 18.23 -49.60 56.41
C ARG O 82 18.48 -51.05 56.79
N VAL O 83 19.75 -51.43 56.84
CA VAL O 83 20.13 -52.78 57.23
C VAL O 83 19.76 -53.01 58.69
N GLU O 84 19.03 -54.09 58.95
CA GLU O 84 18.54 -54.42 60.28
C GLU O 84 19.20 -55.69 60.79
N ALA O 85 18.80 -56.09 62.00
CA ALA O 85 19.45 -57.21 62.67
C ALA O 85 19.33 -58.51 61.89
N GLU O 86 18.09 -58.91 61.55
CA GLU O 86 17.87 -60.20 60.90
C GLU O 86 18.03 -60.13 59.38
N ASP O 87 18.94 -59.31 58.88
CA ASP O 87 19.25 -59.24 57.46
C ASP O 87 20.64 -59.75 57.13
N LEU O 88 21.35 -60.32 58.11
CA LEU O 88 22.74 -60.72 57.92
C LEU O 88 22.78 -62.14 57.35
N GLY O 89 23.42 -62.30 56.21
CA GLY O 89 23.53 -63.59 55.56
C GLY O 89 24.13 -63.43 54.18
N VAL O 90 24.16 -64.53 53.44
CA VAL O 90 24.69 -64.55 52.08
C VAL O 90 23.56 -64.25 51.10
N TYR O 91 23.79 -63.28 50.22
CA TYR O 91 22.84 -62.88 49.21
C TYR O 91 23.28 -63.47 47.87
N PHE O 92 22.41 -64.26 47.26
CA PHE O 92 22.70 -64.87 45.97
C PHE O 92 21.94 -64.15 44.85
N CYS O 93 22.54 -64.15 43.66
CA CYS O 93 21.98 -63.49 42.49
C CYS O 93 21.84 -64.52 41.38
N SER O 94 20.60 -64.78 40.97
CA SER O 94 20.31 -65.87 40.05
C SER O 94 19.81 -65.37 38.71
N GLN O 95 20.10 -66.13 37.66
CA GLN O 95 19.54 -65.85 36.35
C GLN O 95 18.93 -67.13 35.80
N SER O 96 17.71 -66.99 35.25
CA SER O 96 16.99 -68.08 34.62
C SER O 96 16.54 -67.72 33.21
N THR O 97 17.05 -66.62 32.65
CA THR O 97 16.70 -66.25 31.29
C THR O 97 17.24 -67.26 30.29
N HIS O 98 18.46 -67.75 30.51
CA HIS O 98 19.11 -68.69 29.61
C HIS O 98 19.29 -70.03 30.32
N VAL O 99 19.10 -71.11 29.57
CA VAL O 99 19.34 -72.46 30.09
C VAL O 99 20.81 -72.79 29.92
N PRO O 100 21.50 -73.32 30.95
CA PRO O 100 20.96 -73.66 32.28
C PRO O 100 20.82 -72.47 33.21
N PHE O 101 19.86 -72.56 34.13
CA PHE O 101 19.71 -71.55 35.18
C PHE O 101 20.99 -71.48 35.99
N THR O 102 21.63 -70.31 36.00
CA THR O 102 22.95 -70.19 36.62
C THR O 102 22.97 -69.04 37.61
N PHE O 103 23.71 -69.25 38.71
CA PHE O 103 23.85 -68.22 39.73
C PHE O 103 25.12 -68.44 40.54
N GLY O 104 25.79 -67.34 40.86
CA GLY O 104 26.86 -67.30 41.84
C GLY O 104 26.93 -65.88 42.39
N ALA O 105 27.84 -65.66 43.34
CA ALA O 105 28.63 -66.71 43.95
C ALA O 105 28.53 -66.60 45.47
N GLY O 106 27.70 -65.67 45.93
CA GLY O 106 27.54 -65.42 47.35
C GLY O 106 28.08 -64.07 47.80
N THR O 107 27.25 -63.29 48.49
CA THR O 107 27.63 -61.98 49.00
C THR O 107 27.30 -61.93 50.49
N LYS O 108 28.35 -61.88 51.32
CA LYS O 108 28.18 -61.89 52.76
C LYS O 108 27.84 -60.49 53.26
N LEU O 109 26.64 -60.32 53.82
CA LEU O 109 26.25 -59.09 54.48
C LEU O 109 26.62 -59.23 55.95
N GLU O 110 27.73 -58.63 56.34
CA GLU O 110 28.31 -58.84 57.66
C GLU O 110 28.17 -57.60 58.53
N LEU O 111 28.37 -57.81 59.82
CA LEU O 111 28.30 -56.76 60.82
C LEU O 111 29.65 -56.08 61.01
N LYS O 112 29.60 -54.80 61.37
CA LYS O 112 30.79 -54.02 61.65
C LYS O 112 31.02 -54.00 63.16
N ARG O 113 32.27 -54.19 63.55
CA ARG O 113 32.70 -54.27 64.94
C ARG O 113 33.94 -53.42 65.13
N ALA O 114 34.32 -53.21 66.38
CA ALA O 114 35.54 -52.49 66.68
C ALA O 114 36.72 -53.43 66.50
N ASP O 115 37.87 -52.86 66.15
CA ASP O 115 39.04 -53.70 65.95
C ASP O 115 39.37 -54.44 67.23
N ALA O 116 39.85 -55.67 67.10
CA ALA O 116 40.16 -56.49 68.26
C ALA O 116 41.34 -57.39 67.93
N ALA O 117 42.29 -57.44 68.84
CA ALA O 117 43.45 -58.30 68.65
C ALA O 117 43.07 -59.75 68.90
N PRO O 118 43.66 -60.68 68.17
CA PRO O 118 43.30 -62.09 68.36
C PRO O 118 43.85 -62.65 69.67
N THR O 119 43.10 -63.59 70.24
CA THR O 119 43.54 -64.33 71.41
C THR O 119 44.05 -65.68 70.93
N VAL O 120 45.35 -65.90 71.08
CA VAL O 120 46.03 -67.07 70.51
C VAL O 120 46.33 -68.06 71.63
N SER O 121 46.11 -69.34 71.34
CA SER O 121 46.38 -70.41 72.29
C SER O 121 46.88 -71.64 71.55
N ILE O 122 47.93 -72.26 72.07
CA ILE O 122 48.51 -73.45 71.48
C ILE O 122 48.23 -74.65 72.38
N PHE O 123 48.08 -75.81 71.76
CA PHE O 123 47.82 -77.06 72.46
C PHE O 123 48.66 -78.19 71.85
N PRO O 124 49.49 -78.83 72.64
CA PRO O 124 50.33 -79.93 72.12
C PRO O 124 49.49 -81.17 71.88
N PRO O 125 50.05 -82.18 71.21
CA PRO O 125 49.30 -83.42 70.99
C PRO O 125 48.95 -84.13 72.29
N SER O 126 47.76 -84.71 72.32
CA SER O 126 47.29 -85.43 73.50
C SER O 126 48.05 -86.75 73.66
N SER O 127 47.91 -87.36 74.84
CA SER O 127 48.55 -88.65 75.09
C SER O 127 47.96 -89.76 74.23
N GLU O 128 46.67 -89.69 73.92
CA GLU O 128 46.05 -90.75 73.12
C GLU O 128 46.55 -90.72 71.67
N GLN O 129 46.72 -89.52 71.12
CA GLN O 129 47.21 -89.43 69.75
C GLN O 129 48.66 -89.87 69.68
N LEU O 130 49.44 -89.55 70.71
CA LEU O 130 50.82 -90.02 70.76
C LEU O 130 50.88 -91.53 70.99
N THR O 131 49.81 -92.12 71.55
CA THR O 131 49.70 -93.57 71.62
C THR O 131 49.27 -94.18 70.30
N SER O 132 48.67 -93.38 69.41
CA SER O 132 48.28 -93.86 68.10
C SER O 132 49.39 -93.71 67.06
N GLY O 133 50.47 -93.03 67.40
CA GLY O 133 51.58 -92.83 66.48
C GLY O 133 51.61 -91.50 65.76
N GLY O 134 50.71 -90.58 66.09
CA GLY O 134 50.68 -89.27 65.47
C GLY O 134 50.75 -88.17 66.51
N ALA O 135 51.01 -86.95 66.02
CA ALA O 135 51.12 -85.80 66.90
C ALA O 135 50.62 -84.56 66.17
N SER O 136 49.55 -83.96 66.70
CA SER O 136 48.96 -82.76 66.11
C SER O 136 49.02 -81.63 67.13
N VAL O 137 49.60 -80.50 66.71
CA VAL O 137 49.68 -79.30 67.54
C VAL O 137 48.67 -78.30 66.99
N VAL O 138 47.84 -77.74 67.87
CA VAL O 138 46.73 -76.90 67.43
C VAL O 138 46.94 -75.48 67.93
N CYS O 139 46.51 -74.52 67.10
CA CYS O 139 46.62 -73.11 67.43
C CYS O 139 45.28 -72.44 67.14
N PHE O 140 44.64 -71.91 68.19
CA PHE O 140 43.38 -71.20 68.05
C PHE O 140 43.63 -69.70 68.13
N LEU O 141 43.01 -68.97 67.21
CA LEU O 141 43.09 -67.51 67.14
C LEU O 141 41.65 -67.00 67.20
N ASN O 142 41.19 -66.70 68.40
CA ASN O 142 39.79 -66.44 68.66
C ASN O 142 39.53 -64.95 68.89
N ASN O 143 38.38 -64.48 68.39
CA ASN O 143 37.82 -63.16 68.69
C ASN O 143 38.77 -62.05 68.24
N PHE O 144 38.89 -61.92 66.92
CA PHE O 144 39.65 -60.85 66.30
C PHE O 144 38.81 -60.17 65.23
N TYR O 145 39.26 -58.98 64.83
CA TYR O 145 38.58 -58.23 63.78
C TYR O 145 39.55 -57.23 63.19
N PRO O 146 39.62 -57.08 61.84
CA PRO O 146 38.76 -57.76 60.86
C PRO O 146 39.10 -59.23 60.61
N LYS O 147 38.47 -59.82 59.59
CA LYS O 147 38.63 -61.25 59.34
C LYS O 147 40.01 -61.61 58.82
N ASP O 148 40.69 -60.68 58.16
CA ASP O 148 41.97 -60.99 57.54
C ASP O 148 43.05 -61.19 58.60
N ILE O 149 43.75 -62.32 58.50
CA ILE O 149 44.80 -62.67 59.45
C ILE O 149 45.67 -63.73 58.79
N ASN O 150 46.92 -63.83 59.22
CA ASN O 150 47.87 -64.79 58.67
C ASN O 150 48.54 -65.56 59.79
N VAL O 151 48.76 -66.85 59.57
CA VAL O 151 49.41 -67.72 60.55
C VAL O 151 50.67 -68.31 59.92
N LYS O 152 51.71 -68.49 60.74
CA LYS O 152 52.96 -69.10 60.31
C LYS O 152 53.45 -70.01 61.43
N TRP O 153 53.64 -71.28 61.11
CA TRP O 153 54.24 -72.24 62.03
C TRP O 153 55.74 -72.30 61.80
N LYS O 154 56.51 -72.32 62.89
CA LYS O 154 57.96 -72.44 62.80
C LYS O 154 58.49 -73.47 63.79
N ILE O 155 59.30 -74.38 63.28
CA ILE O 155 60.05 -75.37 64.05
C ILE O 155 61.45 -75.43 63.42
N ASP O 156 62.46 -74.96 64.14
CA ASP O 156 62.36 -74.40 65.48
C ASP O 156 61.81 -72.96 65.57
N GLY O 157 62.27 -72.00 64.75
CA GLY O 157 63.31 -72.17 63.74
C GLY O 157 62.85 -71.80 62.34
N SER O 158 62.75 -72.81 61.48
CA SER O 158 62.35 -72.60 60.10
C SER O 158 60.86 -72.87 59.95
N GLU O 159 60.21 -72.10 59.08
CA GLU O 159 58.78 -72.25 58.88
C GLU O 159 58.47 -73.54 58.12
N ARG O 160 57.44 -74.25 58.56
CA ARG O 160 57.03 -75.50 57.95
C ARG O 160 55.55 -75.43 57.59
N GLN O 161 55.26 -75.59 56.30
CA GLN O 161 53.89 -75.56 55.79
C GLN O 161 53.36 -76.95 55.45
N ASN O 162 54.20 -77.99 55.57
CA ASN O 162 53.86 -79.32 55.10
C ASN O 162 53.04 -80.09 56.13
N GLY O 163 52.25 -79.39 56.94
CA GLY O 163 51.38 -80.07 57.89
C GLY O 163 50.26 -79.21 58.41
N VAL O 164 50.14 -77.98 57.89
CA VAL O 164 49.22 -76.99 58.43
C VAL O 164 47.86 -77.12 57.74
N LEU O 165 46.80 -77.19 58.54
CA LEU O 165 45.43 -77.18 58.03
C LEU O 165 44.66 -76.07 58.74
N ASN O 166 44.09 -75.16 57.96
CA ASN O 166 43.43 -73.99 58.51
C ASN O 166 41.94 -74.03 58.26
N SER O 167 41.18 -73.48 59.21
CA SER O 167 39.72 -73.41 59.12
C SER O 167 39.25 -72.13 59.77
N TRP O 168 38.30 -71.46 59.13
CA TRP O 168 37.76 -70.20 59.62
C TRP O 168 36.27 -70.35 59.90
N THR O 169 35.80 -69.63 60.91
CA THR O 169 34.38 -69.52 61.22
C THR O 169 33.83 -68.19 60.72
N ASP O 170 32.51 -68.14 60.57
CA ASP O 170 31.86 -66.90 60.17
C ASP O 170 31.73 -65.96 61.36
N GLN O 171 31.09 -64.82 61.13
CA GLN O 171 30.89 -63.84 62.19
C GLN O 171 30.07 -64.45 63.32
N ASP O 172 30.61 -64.42 64.53
CA ASP O 172 29.89 -64.93 65.69
C ASP O 172 28.62 -64.13 65.90
N SER O 173 27.54 -64.81 66.27
CA SER O 173 26.27 -64.14 66.51
C SER O 173 26.36 -63.13 67.64
N LYS O 174 27.37 -63.25 68.51
CA LYS O 174 27.62 -62.29 69.58
C LYS O 174 28.80 -61.41 69.18
N ASP O 175 28.52 -60.14 68.93
CA ASP O 175 29.51 -59.08 68.65
C ASP O 175 30.23 -59.25 67.32
N SER O 176 29.91 -60.28 66.53
CA SER O 176 30.38 -60.39 65.14
C SER O 176 31.90 -60.43 65.03
N THR O 177 32.55 -61.19 65.92
CA THR O 177 33.99 -61.37 65.85
C THR O 177 34.31 -62.69 65.17
N TYR O 178 35.47 -62.75 64.53
CA TYR O 178 35.90 -63.94 63.80
C TYR O 178 36.81 -64.80 64.67
N SER O 179 37.01 -66.03 64.23
CA SER O 179 37.91 -66.96 64.88
C SER O 179 38.52 -67.88 63.83
N MET O 180 39.62 -68.52 64.20
CA MET O 180 40.37 -69.35 63.25
C MET O 180 41.06 -70.47 64.02
N SER O 181 41.17 -71.63 63.37
CA SER O 181 41.88 -72.78 63.92
C SER O 181 42.91 -73.26 62.90
N SER O 182 44.13 -73.53 63.37
CA SER O 182 45.19 -74.06 62.53
C SER O 182 45.83 -75.24 63.22
N THR O 183 45.71 -76.42 62.62
CA THR O 183 46.25 -77.65 63.18
C THR O 183 47.40 -78.15 62.33
N LEU O 184 48.57 -78.27 62.94
CA LEU O 184 49.77 -78.77 62.27
C LEU O 184 49.98 -80.21 62.72
N THR O 185 49.86 -81.15 61.77
CA THR O 185 49.89 -82.57 62.06
C THR O 185 51.17 -83.18 61.52
N LEU O 186 51.98 -83.76 62.41
CA LEU O 186 53.17 -84.49 62.06
C LEU O 186 53.10 -85.89 62.64
N THR O 187 53.98 -86.76 62.15
CA THR O 187 54.13 -88.07 62.76
C THR O 187 54.75 -87.91 64.15
N LYS O 188 54.58 -88.94 64.98
CA LYS O 188 55.13 -88.87 66.32
C LYS O 188 56.66 -88.82 66.28
N ASP O 189 57.26 -89.52 65.33
CA ASP O 189 58.71 -89.50 65.17
C ASP O 189 59.21 -88.11 64.84
N GLU O 190 58.58 -87.47 63.84
CA GLU O 190 58.97 -86.11 63.48
C GLU O 190 58.69 -85.13 64.62
N TYR O 191 57.67 -85.41 65.43
CA TYR O 191 57.40 -84.56 66.59
C TYR O 191 58.52 -84.68 67.62
N GLU O 192 59.00 -85.90 67.85
CA GLU O 192 60.08 -86.10 68.82
C GLU O 192 61.43 -85.64 68.28
N ARG O 193 61.52 -85.26 67.01
CA ARG O 193 62.77 -84.82 66.42
C ARG O 193 63.01 -83.32 66.60
N HIS O 194 62.04 -82.61 67.18
CA HIS O 194 62.17 -81.18 67.43
C HIS O 194 61.70 -80.88 68.84
N ASN O 195 62.14 -79.74 69.37
CA ASN O 195 61.84 -79.34 70.73
C ASN O 195 60.92 -78.13 70.81
N SER O 196 61.21 -77.09 70.05
CA SER O 196 60.46 -75.84 70.11
C SER O 196 59.45 -75.77 68.97
N TYR O 197 58.21 -75.43 69.31
CA TYR O 197 57.12 -75.27 68.36
C TYR O 197 56.53 -73.88 68.54
N THR O 198 56.43 -73.13 67.45
CA THR O 198 55.96 -71.75 67.53
C THR O 198 54.86 -71.49 66.52
N CYS O 199 53.73 -70.97 67.01
CA CYS O 199 52.63 -70.49 66.19
C CYS O 199 52.66 -68.97 66.22
N GLU O 200 52.75 -68.37 65.04
CA GLU O 200 52.89 -66.92 64.88
C GLU O 200 51.68 -66.37 64.13
N ALA O 201 51.12 -65.27 64.64
CA ALA O 201 49.94 -64.65 64.07
C ALA O 201 50.28 -63.22 63.66
N THR O 202 50.19 -62.95 62.35
CA THR O 202 50.34 -61.59 61.84
C THR O 202 48.92 -61.09 61.54
N HIS O 203 48.55 -59.99 62.18
CA HIS O 203 47.18 -59.48 62.09
C HIS O 203 47.18 -57.99 61.80
N LYS O 204 46.06 -57.50 61.27
CA LYS O 204 45.93 -56.10 60.90
C LYS O 204 45.92 -55.16 62.10
N THR O 205 45.79 -55.68 63.31
CA THR O 205 45.81 -54.86 64.51
C THR O 205 47.24 -54.48 64.86
N SER O 206 47.40 -53.35 65.54
CA SER O 206 48.72 -52.86 65.90
C SER O 206 49.38 -53.80 66.90
N THR O 207 50.68 -54.03 66.72
CA THR O 207 51.47 -53.50 65.60
C THR O 207 52.36 -54.59 65.03
N SER O 208 53.07 -55.27 65.91
CA SER O 208 53.90 -56.40 65.54
C SER O 208 53.12 -57.70 65.65
N PRO O 209 53.63 -58.79 65.08
CA PRO O 209 52.91 -60.07 65.16
C PRO O 209 52.82 -60.55 66.60
N ILE O 210 51.71 -61.22 66.91
CA ILE O 210 51.51 -61.84 68.21
C ILE O 210 52.02 -63.27 68.09
N VAL O 211 52.90 -63.67 69.02
CA VAL O 211 53.60 -64.94 68.93
C VAL O 211 53.25 -65.78 70.16
N LYS O 212 53.02 -67.06 69.94
CA LYS O 212 52.90 -68.03 71.03
C LYS O 212 53.76 -69.24 70.70
N SER O 213 54.35 -69.84 71.72
CA SER O 213 55.25 -70.97 71.50
C SER O 213 55.25 -71.87 72.74
N PHE O 214 55.75 -73.09 72.54
CA PHE O 214 55.97 -74.00 73.65
C PHE O 214 57.03 -75.01 73.23
N ASN O 215 57.73 -75.56 74.22
CA ASN O 215 58.75 -76.57 74.01
C ASN O 215 58.31 -77.91 74.60
N ARG O 216 59.15 -78.93 74.38
CA ARG O 216 58.92 -80.27 74.88
C ARG O 216 60.04 -80.62 75.85
N ASN O 217 60.12 -79.86 76.93
CA ASN O 217 61.10 -80.06 78.00
C ASN O 217 60.91 -79.00 79.08
N VAL P 2 2.89 -74.02 54.01
CA VAL P 2 3.52 -74.85 53.00
C VAL P 2 4.65 -75.67 53.63
N LYS P 3 4.84 -76.90 53.16
CA LYS P 3 5.86 -77.80 53.70
C LYS P 3 6.52 -78.57 52.57
N LEU P 4 7.85 -78.47 52.49
CA LEU P 4 8.66 -79.28 51.59
C LEU P 4 9.57 -80.16 52.42
N VAL P 5 9.40 -81.48 52.33
CA VAL P 5 10.14 -82.44 53.14
C VAL P 5 11.05 -83.24 52.22
N GLU P 6 12.35 -83.08 52.40
CA GLU P 6 13.33 -83.84 51.65
C GLU P 6 13.47 -85.24 52.22
N SER P 7 14.00 -86.16 51.42
CA SER P 7 14.13 -87.53 51.86
C SER P 7 15.09 -88.29 50.95
N GLY P 8 15.72 -89.32 51.51
CA GLY P 8 16.57 -90.21 50.75
C GLY P 8 17.97 -89.71 50.47
N GLY P 9 18.65 -89.14 51.46
CA GLY P 9 19.96 -88.57 51.22
C GLY P 9 21.00 -89.18 52.14
N GLY P 10 22.13 -89.58 51.57
CA GLY P 10 23.15 -90.25 52.35
C GLY P 10 24.50 -90.36 51.68
N LEU P 11 25.13 -91.52 51.81
CA LEU P 11 26.45 -91.80 51.27
C LEU P 11 26.37 -92.91 50.23
N VAL P 12 27.12 -92.70 49.14
CA VAL P 12 27.00 -93.50 47.93
C VAL P 12 28.35 -93.51 47.22
N LYS P 13 28.84 -94.69 46.85
CA LYS P 13 30.11 -94.79 46.16
C LYS P 13 29.99 -94.18 44.76
N PRO P 14 31.10 -93.77 44.15
CA PRO P 14 31.00 -93.19 42.81
C PRO P 14 30.60 -94.23 41.78
N GLY P 15 29.85 -93.77 40.78
CA GLY P 15 29.32 -94.63 39.75
C GLY P 15 28.08 -95.42 40.16
N GLY P 16 27.47 -95.10 41.29
CA GLY P 16 26.29 -95.82 41.73
C GLY P 16 25.05 -94.95 41.80
N SER P 17 23.87 -95.57 41.89
CA SER P 17 22.61 -94.85 41.88
C SER P 17 22.19 -94.41 43.29
N LEU P 18 21.17 -93.55 43.32
CA LEU P 18 20.58 -93.00 44.54
C LEU P 18 19.32 -92.24 44.16
N LYS P 19 18.25 -92.43 44.93
CA LYS P 19 16.97 -91.80 44.66
C LYS P 19 16.65 -90.81 45.77
N LEU P 20 16.24 -89.60 45.37
CA LEU P 20 15.85 -88.55 46.31
C LEU P 20 14.35 -88.34 46.20
N SER P 21 13.69 -88.23 47.35
CA SER P 21 12.25 -88.03 47.41
C SER P 21 11.95 -86.68 48.06
N CYS P 22 10.75 -86.17 47.79
CA CYS P 22 10.33 -84.87 48.30
C CYS P 22 8.82 -84.89 48.46
N ALA P 23 8.35 -84.73 49.69
CA ALA P 23 6.93 -84.70 50.00
C ALA P 23 6.49 -83.25 50.11
N ALA P 24 5.41 -82.90 49.42
CA ALA P 24 4.89 -81.55 49.39
C ALA P 24 3.58 -81.47 50.17
N SER P 25 3.34 -80.30 50.76
CA SER P 25 2.13 -80.06 51.53
C SER P 25 1.76 -78.59 51.48
N GLY P 26 0.46 -78.30 51.45
CA GLY P 26 -0.01 -76.93 51.58
C GLY P 26 -0.28 -76.19 50.30
N PHE P 27 -0.30 -76.87 49.15
CA PHE P 27 -0.56 -76.21 47.88
C PHE P 27 -0.90 -77.28 46.85
N PRO P 28 -1.60 -76.90 45.76
CA PRO P 28 -1.85 -77.88 44.69
C PRO P 28 -0.55 -78.30 44.01
N PHE P 29 -0.03 -79.47 44.40
CA PHE P 29 1.25 -79.92 43.88
C PHE P 29 1.22 -80.11 42.38
N SER P 30 0.12 -80.65 41.85
CA SER P 30 0.03 -80.95 40.43
C SER P 30 -0.12 -79.71 39.55
N ASP P 31 -0.20 -78.51 40.13
CA ASP P 31 -0.36 -77.28 39.37
C ASP P 31 0.94 -76.54 39.15
N TYR P 32 2.02 -76.90 39.85
CA TYR P 32 3.29 -76.20 39.77
C TYR P 32 4.35 -77.09 39.13
N THR P 33 5.34 -76.44 38.51
CA THR P 33 6.51 -77.14 38.01
C THR P 33 7.56 -77.19 39.12
N MET P 34 8.17 -78.35 39.29
CA MET P 34 9.10 -78.57 40.39
C MET P 34 10.54 -78.57 39.87
N SER P 35 11.48 -78.48 40.80
CA SER P 35 12.88 -78.41 40.40
C SER P 35 13.76 -78.85 41.55
N TRP P 36 14.97 -79.30 41.21
CA TRP P 36 16.00 -79.66 42.17
C TRP P 36 17.16 -78.70 42.04
N ILE P 37 17.58 -78.12 43.16
CA ILE P 37 18.70 -77.18 43.23
C ILE P 37 19.64 -77.66 44.32
N ARG P 38 20.91 -77.87 43.97
CA ARG P 38 21.89 -78.37 44.93
C ARG P 38 22.87 -77.27 45.31
N GLN P 39 23.39 -77.36 46.53
CA GLN P 39 24.41 -76.44 47.03
C GLN P 39 25.68 -77.23 47.33
N THR P 40 26.75 -76.90 46.62
CA THR P 40 28.00 -77.64 46.78
C THR P 40 28.57 -77.41 48.17
N PRO P 41 29.49 -78.28 48.63
CA PRO P 41 30.15 -78.03 49.91
C PRO P 41 30.93 -76.73 49.94
N GLU P 42 31.34 -76.22 48.78
CA GLU P 42 32.00 -74.92 48.70
C GLU P 42 31.00 -73.76 48.77
N LYS P 43 29.74 -74.04 49.10
CA LYS P 43 28.70 -73.03 49.29
C LYS P 43 28.42 -72.21 48.03
N ARG P 44 28.31 -72.90 46.90
CA ARG P 44 27.83 -72.28 45.67
C ARG P 44 26.61 -73.05 45.18
N LEU P 45 25.59 -72.32 44.75
CA LEU P 45 24.30 -72.91 44.37
C LEU P 45 24.28 -73.18 42.86
N GLU P 46 23.83 -74.38 42.49
CA GLU P 46 23.74 -74.79 41.09
C GLU P 46 22.38 -75.44 40.83
N TRP P 47 21.85 -75.22 39.63
CA TRP P 47 20.58 -75.79 39.24
C TRP P 47 20.77 -77.21 38.71
N VAL P 48 19.99 -78.15 39.25
CA VAL P 48 20.14 -79.57 38.94
C VAL P 48 19.09 -80.05 37.96
N ALA P 49 17.82 -79.77 38.21
CA ALA P 49 16.78 -80.31 37.32
C ALA P 49 15.50 -79.49 37.47
N SER P 50 14.58 -79.69 36.51
CA SER P 50 13.24 -79.16 36.66
C SER P 50 12.28 -79.97 35.80
N ILE P 51 11.11 -80.26 36.36
CA ILE P 51 10.07 -81.05 35.71
C ILE P 51 8.78 -80.25 35.68
N SER P 52 8.01 -80.44 34.61
CA SER P 52 6.77 -79.72 34.39
C SER P 52 5.71 -80.12 35.43
N SER P 53 4.58 -79.43 35.39
CA SER P 53 3.48 -79.74 36.29
C SER P 53 3.01 -81.19 36.10
N GLY P 54 2.81 -81.59 34.85
CA GLY P 54 2.71 -83.00 34.52
C GLY P 54 4.10 -83.53 34.19
N GLY P 55 4.35 -84.77 34.57
CA GLY P 55 5.69 -85.33 34.46
C GLY P 55 6.17 -85.62 33.05
N THR P 56 5.66 -84.89 32.05
CA THR P 56 6.00 -85.18 30.66
C THR P 56 7.20 -84.39 30.17
N TYR P 57 7.45 -83.20 30.73
CA TYR P 57 8.53 -82.33 30.27
C TYR P 57 9.53 -82.15 31.39
N THR P 58 10.77 -82.57 31.14
CA THR P 58 11.87 -82.43 32.09
C THR P 58 13.04 -81.77 31.37
N TYR P 59 13.85 -81.04 32.13
CA TYR P 59 15.09 -80.51 31.56
C TYR P 59 16.12 -80.29 32.65
N TYR P 60 17.39 -80.46 32.26
CA TYR P 60 18.55 -80.51 33.12
C TYR P 60 19.66 -79.67 32.50
N PRO P 61 20.73 -79.38 33.24
CA PRO P 61 21.96 -78.89 32.60
C PRO P 61 22.78 -80.04 32.05
N ASP P 62 23.70 -79.71 31.15
CA ASP P 62 24.51 -80.74 30.51
C ASP P 62 25.40 -81.48 31.51
N THR P 63 25.63 -80.91 32.70
CA THR P 63 26.48 -81.59 33.67
C THR P 63 25.81 -82.80 34.30
N VAL P 64 24.53 -83.06 34.00
CA VAL P 64 23.79 -84.16 34.60
C VAL P 64 22.81 -84.70 33.56
N LYS P 65 23.00 -84.33 32.29
CA LYS P 65 22.01 -84.61 31.26
C LYS P 65 21.74 -86.10 31.13
N GLY P 66 22.78 -86.92 31.27
CA GLY P 66 22.63 -88.35 31.07
C GLY P 66 22.50 -89.13 32.35
N ARG P 67 22.90 -88.52 33.46
CA ARG P 67 23.00 -89.23 34.73
C ARG P 67 21.76 -89.10 35.59
N PHE P 68 21.16 -87.92 35.64
CA PHE P 68 20.03 -87.65 36.52
C PHE P 68 18.72 -87.75 35.74
N THR P 69 17.66 -88.08 36.46
CA THR P 69 16.33 -88.22 35.87
C THR P 69 15.29 -87.78 36.89
N ILE P 70 14.71 -86.60 36.68
CA ILE P 70 13.69 -86.10 37.59
C ILE P 70 12.34 -86.69 37.21
N SER P 71 11.54 -87.03 38.21
CA SER P 71 10.22 -87.59 38.00
C SER P 71 9.29 -87.06 39.09
N ARG P 72 8.00 -87.39 38.98
CA ARG P 72 7.05 -86.92 39.97
C ARG P 72 5.84 -87.83 40.00
N ASP P 73 5.26 -87.97 41.19
CA ASP P 73 4.01 -88.69 41.41
C ASP P 73 3.01 -87.68 41.98
N ASN P 74 2.10 -87.20 41.13
CA ASN P 74 1.13 -86.20 41.57
C ASN P 74 0.07 -86.80 42.48
N ALA P 75 -0.18 -88.10 42.38
CA ALA P 75 -1.14 -88.73 43.29
C ALA P 75 -0.59 -88.83 44.70
N LYS P 76 0.71 -89.06 44.84
CA LYS P 76 1.38 -89.11 46.13
C LYS P 76 1.93 -87.77 46.57
N ASN P 77 1.80 -86.73 45.73
CA ASN P 77 2.37 -85.41 46.01
C ASN P 77 3.86 -85.51 46.30
N THR P 78 4.59 -86.17 45.41
CA THR P 78 5.99 -86.45 45.64
C THR P 78 6.81 -86.10 44.40
N LEU P 79 8.03 -85.62 44.64
CA LEU P 79 9.00 -85.32 43.60
C LEU P 79 10.20 -86.22 43.80
N TYR P 80 10.75 -86.73 42.70
CA TYR P 80 11.85 -87.67 42.74
C TYR P 80 12.99 -87.21 41.86
N LEU P 81 14.21 -87.49 42.33
CA LEU P 81 15.42 -87.27 41.55
C LEU P 81 16.21 -88.58 41.54
N GLN P 82 16.25 -89.24 40.39
CA GLN P 82 16.93 -90.51 40.23
C GLN P 82 18.31 -90.21 39.69
N MET P 83 19.30 -90.24 40.56
CA MET P 83 20.69 -90.01 40.19
C MET P 83 21.38 -91.35 39.97
N SER P 84 22.20 -91.43 38.92
CA SER P 84 22.87 -92.68 38.60
C SER P 84 24.24 -92.37 38.01
N SER P 85 25.19 -93.26 38.29
CA SER P 85 26.58 -93.10 37.86
C SER P 85 27.10 -91.72 38.26
N LEU P 86 26.88 -91.37 39.53
CA LEU P 86 27.26 -90.06 40.02
C LEU P 86 28.77 -89.88 39.98
N LYS P 87 29.18 -88.63 39.86
CA LYS P 87 30.59 -88.26 39.91
C LYS P 87 30.90 -87.68 41.28
N SER P 88 32.21 -87.61 41.58
CA SER P 88 32.63 -87.06 42.87
C SER P 88 32.25 -85.60 43.04
N GLU P 89 32.05 -84.88 41.93
CA GLU P 89 31.64 -83.49 41.99
C GLU P 89 30.18 -83.30 42.36
N ASP P 90 29.38 -84.36 42.39
CA ASP P 90 27.95 -84.23 42.66
C ASP P 90 27.61 -84.26 44.14
N THR P 91 28.60 -84.20 45.02
CA THR P 91 28.31 -84.12 46.44
C THR P 91 27.74 -82.74 46.76
N ALA P 92 26.57 -82.70 47.39
CA ALA P 92 25.92 -81.43 47.63
C ALA P 92 24.75 -81.61 48.59
N MET P 93 24.29 -80.49 49.12
CA MET P 93 23.04 -80.43 49.86
C MET P 93 21.92 -80.19 48.86
N PHE P 94 21.08 -81.19 48.66
CA PHE P 94 20.06 -81.15 47.61
C PHE P 94 18.74 -80.59 48.14
N TYR P 95 18.22 -79.59 47.44
CA TYR P 95 17.01 -78.87 47.82
C TYR P 95 15.91 -79.10 46.78
N CYS P 96 14.69 -79.26 47.28
CA CYS P 96 13.50 -79.47 46.48
C CYS P 96 12.73 -78.15 46.43
N THR P 97 12.64 -77.57 45.23
CA THR P 97 12.13 -76.22 45.06
C THR P 97 10.94 -76.20 44.11
N ARG P 98 10.10 -75.17 44.26
CA ARG P 98 8.92 -74.99 43.44
C ARG P 98 9.13 -73.82 42.49
N ALA P 99 8.85 -74.06 41.21
CA ALA P 99 9.00 -73.01 40.20
C ALA P 99 7.65 -72.37 39.93
N SER P 100 7.37 -72.03 38.67
CA SER P 100 6.14 -71.35 38.32
C SER P 100 5.00 -72.34 38.14
N PRO P 101 3.75 -71.89 38.33
CA PRO P 101 2.60 -72.78 38.11
C PRO P 101 2.40 -73.12 36.65
N TYR P 102 1.35 -73.89 36.34
CA TYR P 102 1.12 -74.31 34.96
C TYR P 102 0.77 -73.14 34.06
N TYR P 103 0.03 -72.15 34.57
CA TYR P 103 -0.46 -71.05 33.76
C TYR P 103 0.58 -69.96 33.54
N ASP P 104 1.82 -70.16 33.94
CA ASP P 104 2.89 -69.20 33.71
C ASP P 104 4.03 -69.84 32.93
N TYR P 105 4.73 -69.01 32.18
CA TYR P 105 6.03 -69.40 31.63
C TYR P 105 6.93 -69.79 32.80
N ASP P 106 7.74 -70.83 32.60
CA ASP P 106 8.65 -71.26 33.66
C ASP P 106 9.66 -70.15 33.94
N GLU P 107 9.31 -69.26 34.86
CA GLU P 107 10.09 -68.05 35.10
C GLU P 107 11.41 -68.33 35.80
N GLY P 108 11.56 -69.48 36.44
CA GLY P 108 12.88 -69.85 36.96
C GLY P 108 13.21 -69.30 38.32
N TYR P 109 12.28 -68.62 38.99
CA TYR P 109 12.48 -68.20 40.36
C TYR P 109 11.97 -69.28 41.30
N MET P 110 12.74 -69.53 42.35
CA MET P 110 12.41 -70.60 43.30
C MET P 110 11.86 -69.91 44.55
N ASP P 111 10.53 -69.93 44.69
CA ASP P 111 9.92 -69.22 45.82
C ASP P 111 10.03 -70.01 47.11
N TYR P 112 9.75 -71.31 47.06
CA TYR P 112 9.72 -72.16 48.25
C TYR P 112 10.82 -73.19 48.15
N TRP P 113 11.60 -73.33 49.22
CA TRP P 113 12.70 -74.28 49.29
C TRP P 113 12.44 -75.31 50.38
N GLY P 114 13.05 -76.47 50.23
CA GLY P 114 12.95 -77.53 51.21
C GLY P 114 13.99 -77.40 52.31
N GLN P 115 14.05 -78.44 53.15
CA GLN P 115 15.03 -78.45 54.24
C GLN P 115 16.41 -78.84 53.76
N GLY P 116 16.49 -79.71 52.76
CA GLY P 116 17.75 -80.15 52.19
C GLY P 116 18.13 -81.54 52.65
N THR P 117 18.75 -82.30 51.75
CA THR P 117 19.34 -83.60 52.08
C THR P 117 20.74 -83.64 51.49
N SER P 118 21.74 -83.76 52.35
CA SER P 118 23.12 -83.78 51.88
C SER P 118 23.47 -85.18 51.41
N VAL P 119 23.94 -85.28 50.17
CA VAL P 119 24.46 -86.53 49.63
C VAL P 119 25.93 -86.30 49.30
N THR P 120 26.74 -87.28 49.68
CA THR P 120 28.18 -87.25 49.41
C THR P 120 28.55 -88.51 48.66
N VAL P 121 29.45 -88.36 47.70
CA VAL P 121 29.85 -89.44 46.81
C VAL P 121 31.35 -89.55 46.93
N SER P 122 31.82 -90.66 47.48
CA SER P 122 33.24 -90.88 47.70
C SER P 122 33.47 -92.37 47.89
N SER P 123 34.68 -92.81 47.53
CA SER P 123 35.06 -94.20 47.72
C SER P 123 35.40 -94.50 49.17
N ALA P 124 35.52 -93.47 50.01
CA ALA P 124 35.89 -93.65 51.40
C ALA P 124 34.80 -94.40 52.15
N LYS P 125 35.23 -95.17 53.15
CA LYS P 125 34.30 -95.93 53.97
C LYS P 125 33.91 -95.14 55.20
N THR P 126 32.81 -95.56 55.82
CA THR P 126 32.34 -94.90 57.05
C THR P 126 33.34 -95.19 58.17
N THR P 127 33.86 -94.14 58.80
CA THR P 127 34.88 -94.28 59.83
C THR P 127 34.50 -93.43 61.03
N ALA P 128 34.60 -94.02 62.22
CA ALA P 128 34.30 -93.32 63.44
C ALA P 128 35.44 -92.36 63.81
N PRO P 129 35.12 -91.22 64.43
CA PRO P 129 36.16 -90.25 64.76
C PRO P 129 36.97 -90.64 65.98
N SER P 130 38.20 -90.16 66.00
CA SER P 130 39.07 -90.25 67.16
C SER P 130 39.07 -88.89 67.85
N VAL P 131 38.65 -88.86 69.11
CA VAL P 131 38.50 -87.62 69.86
C VAL P 131 39.69 -87.47 70.79
N TYR P 132 40.32 -86.29 70.76
CA TYR P 132 41.51 -86.00 71.54
C TYR P 132 41.31 -84.72 72.32
N PRO P 133 41.68 -84.70 73.60
CA PRO P 133 41.57 -83.47 74.40
C PRO P 133 42.75 -82.54 74.20
N LEU P 134 42.48 -81.25 74.34
CA LEU P 134 43.48 -80.18 74.16
C LEU P 134 43.51 -79.31 75.40
N ALA P 135 44.52 -79.53 76.25
CA ALA P 135 44.81 -78.75 77.43
C ALA P 135 46.21 -78.14 77.32
N PRO P 136 46.41 -76.93 77.84
CA PRO P 136 47.75 -76.33 77.82
C PRO P 136 48.68 -76.98 78.85
N VAL P 137 49.96 -77.01 78.52
CA VAL P 137 50.99 -77.53 79.41
C VAL P 137 51.08 -76.58 80.61
N CYS P 138 51.63 -75.39 80.39
CA CYS P 138 51.74 -74.36 81.41
C CYS P 138 50.71 -73.26 81.14
N GLY P 139 50.67 -72.30 82.05
CA GLY P 139 49.71 -71.22 81.96
C GLY P 139 50.28 -69.87 82.38
N GLY P 140 50.44 -68.95 81.43
CA GLY P 140 50.81 -67.58 81.72
C GLY P 140 49.62 -66.67 81.51
N THR P 141 49.40 -65.77 82.48
CA THR P 141 48.16 -65.02 82.60
C THR P 141 46.97 -65.98 82.56
N THR P 142 47.00 -66.93 83.50
CA THR P 142 46.04 -68.03 83.51
C THR P 142 44.61 -67.55 83.73
N GLY P 143 44.43 -66.33 84.21
CA GLY P 143 43.11 -65.83 84.56
C GLY P 143 42.60 -64.85 83.52
N SER P 144 41.29 -64.85 83.34
CA SER P 144 40.57 -63.93 82.45
C SER P 144 41.23 -63.89 81.06
N SER P 145 41.05 -64.99 80.30
CA SER P 145 40.38 -66.20 80.75
C SER P 145 41.19 -67.40 80.26
N VAL P 146 40.72 -68.61 80.56
CA VAL P 146 41.34 -69.85 80.12
C VAL P 146 40.57 -70.37 78.93
N THR P 147 41.28 -70.93 77.94
CA THR P 147 40.67 -71.49 76.75
C THR P 147 41.20 -72.90 76.54
N LEU P 148 40.33 -73.89 76.63
CA LEU P 148 40.71 -75.26 76.32
C LEU P 148 40.18 -75.63 74.94
N GLY P 149 40.27 -76.92 74.60
CA GLY P 149 39.89 -77.35 73.28
C GLY P 149 39.69 -78.84 73.16
N CYS P 150 38.96 -79.22 72.11
CA CYS P 150 38.64 -80.61 71.80
C CYS P 150 38.74 -80.83 70.30
N LEU P 151 39.34 -81.95 69.91
CA LEU P 151 39.67 -82.25 68.52
C LEU P 151 38.99 -83.54 68.10
N VAL P 152 38.35 -83.51 66.94
CA VAL P 152 37.66 -84.65 66.37
C VAL P 152 38.36 -84.97 65.04
N LYS P 153 39.18 -86.01 65.03
CA LYS P 153 40.07 -86.28 63.91
C LYS P 153 39.71 -87.60 63.23
N GLY P 154 39.68 -87.56 61.89
CA GLY P 154 39.59 -88.76 61.09
C GLY P 154 38.24 -89.46 61.12
N TYR P 155 37.19 -88.76 60.71
CA TYR P 155 35.85 -89.33 60.59
C TYR P 155 35.33 -89.13 59.18
N PHE P 156 34.32 -89.92 58.83
CA PHE P 156 33.69 -89.83 57.52
C PHE P 156 32.36 -90.56 57.52
N PRO P 157 31.28 -89.97 56.97
CA PRO P 157 31.21 -88.59 56.47
C PRO P 157 30.65 -87.62 57.50
N GLU P 158 30.49 -86.35 57.11
CA GLU P 158 29.87 -85.36 57.98
C GLU P 158 28.41 -85.71 58.23
N PRO P 159 27.80 -85.13 59.28
CA PRO P 159 28.33 -84.20 60.28
C PRO P 159 28.62 -84.82 61.64
N VAL P 160 29.10 -83.98 62.57
CA VAL P 160 29.32 -84.35 63.95
C VAL P 160 28.62 -83.37 64.87
N THR P 161 28.47 -83.76 66.13
CA THR P 161 27.77 -82.96 67.14
C THR P 161 28.75 -82.04 67.88
N LEU P 162 28.30 -80.81 68.13
CA LEU P 162 29.13 -79.77 68.74
C LEU P 162 28.49 -79.38 70.08
N THR P 163 28.82 -80.14 71.13
CA THR P 163 28.30 -79.87 72.46
C THR P 163 29.42 -79.92 73.49
N TRP P 164 29.27 -79.10 74.53
CA TRP P 164 30.18 -79.09 75.67
C TRP P 164 29.36 -79.37 76.93
N ASN P 165 29.76 -80.40 77.69
CA ASN P 165 29.09 -80.78 78.93
C ASN P 165 27.60 -81.05 78.71
N SER P 166 27.32 -81.90 77.71
CA SER P 166 25.97 -82.37 77.42
C SER P 166 25.03 -81.22 77.05
N GLY P 167 25.54 -80.24 76.29
CA GLY P 167 24.74 -79.13 75.84
C GLY P 167 24.79 -77.90 76.72
N SER P 168 25.44 -77.99 77.89
CA SER P 168 25.59 -76.85 78.78
C SER P 168 26.60 -75.86 78.21
N LEU P 169 26.91 -74.82 78.98
CA LEU P 169 27.88 -73.80 78.61
C LEU P 169 27.41 -73.01 77.39
N SER P 170 27.88 -73.39 76.21
CA SER P 170 27.49 -72.78 74.93
C SER P 170 27.95 -71.34 74.80
N SER P 171 28.44 -70.75 75.90
CA SER P 171 28.94 -69.38 75.88
C SER P 171 30.44 -69.39 75.58
N GLY P 172 30.87 -68.53 74.67
CA GLY P 172 32.28 -68.48 74.31
C GLY P 172 32.80 -69.68 73.58
N VAL P 173 31.94 -70.47 72.96
CA VAL P 173 32.34 -71.69 72.26
C VAL P 173 32.46 -71.39 70.78
N HIS P 174 33.57 -71.82 70.17
CA HIS P 174 33.79 -71.71 68.74
C HIS P 174 34.08 -73.10 68.17
N THR P 175 33.13 -73.64 67.42
CA THR P 175 33.31 -74.91 66.73
C THR P 175 33.59 -74.61 65.26
N PHE P 176 34.74 -75.04 64.78
CA PHE P 176 35.24 -74.64 63.47
C PHE P 176 34.82 -75.65 62.42
N PRO P 177 34.58 -75.19 61.19
CA PRO P 177 34.19 -76.11 60.12
C PRO P 177 35.27 -77.14 59.87
N ALA P 178 34.84 -78.35 59.52
CA ALA P 178 35.79 -79.42 59.26
C ALA P 178 36.58 -79.16 57.99
N LEU P 179 37.82 -79.62 58.00
CA LEU P 179 38.71 -79.59 56.85
C LEU P 179 39.11 -81.03 56.53
N LEU P 180 39.34 -81.30 55.26
CA LEU P 180 39.57 -82.66 54.80
C LEU P 180 41.06 -82.92 54.65
N GLN P 181 41.49 -84.09 55.13
CA GLN P 181 42.87 -84.54 55.02
C GLN P 181 42.89 -86.05 54.89
N SER P 182 43.69 -86.54 53.93
CA SER P 182 43.84 -87.97 53.68
C SER P 182 42.50 -88.69 53.52
N GLY P 183 41.55 -88.02 52.85
CA GLY P 183 40.25 -88.63 52.64
C GLY P 183 39.42 -88.80 53.89
N LEU P 184 39.74 -88.07 54.96
CA LEU P 184 39.00 -88.12 56.21
C LEU P 184 38.75 -86.69 56.67
N TYR P 185 37.71 -86.50 57.47
CA TYR P 185 37.37 -85.17 57.94
C TYR P 185 38.01 -84.92 59.30
N THR P 186 38.31 -83.64 59.56
CA THR P 186 38.86 -83.25 60.86
C THR P 186 38.24 -81.93 61.28
N LEU P 187 37.78 -81.87 62.53
CA LEU P 187 37.10 -80.71 63.07
C LEU P 187 37.68 -80.38 64.44
N SER P 188 37.64 -79.10 64.81
CA SER P 188 38.18 -78.64 66.08
C SER P 188 37.19 -77.68 66.73
N SER P 189 37.21 -77.63 68.06
CA SER P 189 36.37 -76.71 68.80
C SER P 189 37.10 -76.22 70.04
N SER P 190 36.98 -74.92 70.32
CA SER P 190 37.61 -74.31 71.47
C SER P 190 36.57 -73.67 72.37
N VAL P 191 36.85 -73.67 73.67
CA VAL P 191 35.92 -73.07 74.64
C VAL P 191 36.70 -72.25 75.65
N THR P 192 36.14 -71.10 76.02
CA THR P 192 36.77 -70.15 76.94
C THR P 192 35.91 -69.99 78.19
N VAL P 193 36.50 -70.21 79.35
CA VAL P 193 35.82 -70.05 80.64
C VAL P 193 36.78 -69.37 81.61
N THR P 194 36.22 -68.90 82.73
CA THR P 194 37.02 -68.27 83.77
C THR P 194 38.00 -69.27 84.39
N SER P 195 39.14 -68.76 84.85
CA SER P 195 40.18 -69.62 85.40
C SER P 195 39.75 -70.30 86.69
N ASN P 196 38.83 -69.70 87.44
CA ASN P 196 38.39 -70.26 88.71
C ASN P 196 37.24 -71.26 88.55
N THR P 197 36.89 -71.62 87.32
CA THR P 197 35.88 -72.63 87.06
C THR P 197 36.48 -73.99 86.67
N TRP P 198 37.55 -73.99 85.88
CA TRP P 198 38.25 -75.17 85.41
C TRP P 198 39.70 -75.17 85.90
N PRO P 199 40.24 -76.33 86.30
CA PRO P 199 39.61 -77.66 86.30
C PRO P 199 38.82 -77.97 87.58
N SER P 200 38.37 -76.93 88.29
CA SER P 200 37.57 -77.14 89.49
C SER P 200 36.30 -77.90 89.17
N GLN P 201 35.69 -77.60 88.02
CA GLN P 201 34.51 -78.31 87.55
C GLN P 201 34.87 -79.09 86.29
N THR P 202 34.20 -80.22 86.11
CA THR P 202 34.52 -81.09 84.98
C THR P 202 34.04 -80.48 83.68
N ILE P 203 34.91 -80.49 82.66
CA ILE P 203 34.55 -80.03 81.33
C ILE P 203 34.88 -81.16 80.36
N THR P 204 33.86 -81.66 79.68
CA THR P 204 34.00 -82.77 78.74
C THR P 204 33.30 -82.41 77.45
N CYS P 205 33.94 -82.74 76.32
CA CYS P 205 33.34 -82.54 75.01
C CYS P 205 32.63 -83.80 74.55
N ASN P 206 31.41 -83.62 74.04
CA ASN P 206 30.57 -84.72 73.58
C ASN P 206 30.51 -84.66 72.06
N VAL P 207 30.90 -85.76 71.42
CA VAL P 207 30.96 -85.85 69.96
C VAL P 207 30.10 -87.02 69.52
N ALA P 208 29.13 -86.76 68.66
CA ALA P 208 28.27 -87.79 68.12
C ALA P 208 28.48 -87.89 66.63
N HIS P 209 28.68 -89.12 66.15
CA HIS P 209 28.84 -89.43 64.74
C HIS P 209 27.78 -90.46 64.38
N PRO P 210 26.68 -90.05 63.77
CA PRO P 210 25.60 -91.02 63.47
C PRO P 210 25.94 -92.00 62.36
N ALA P 211 26.80 -91.61 61.42
CA ALA P 211 27.09 -92.48 60.28
C ALA P 211 27.67 -93.81 60.74
N SER P 212 28.53 -93.79 61.76
CA SER P 212 29.06 -95.00 62.37
C SER P 212 28.33 -95.36 63.65
N SER P 213 27.29 -94.60 64.00
CA SER P 213 26.48 -94.87 65.20
C SER P 213 27.34 -94.88 66.47
N THR P 214 28.25 -93.90 66.58
CA THR P 214 29.11 -93.80 67.74
C THR P 214 28.93 -92.44 68.39
N LYS P 215 29.21 -92.38 69.69
CA LYS P 215 29.14 -91.11 70.43
C LYS P 215 30.06 -91.21 71.63
N VAL P 216 31.10 -90.38 71.67
CA VAL P 216 32.11 -90.44 72.71
C VAL P 216 32.22 -89.07 73.37
N ASP P 217 32.33 -89.07 74.69
CA ASP P 217 32.53 -87.87 75.49
C ASP P 217 33.86 -87.97 76.20
N LYS P 218 34.68 -86.94 76.07
CA LYS P 218 36.04 -86.94 76.56
C LYS P 218 36.22 -85.82 77.58
N LYS P 219 36.69 -86.17 78.77
CA LYS P 219 36.94 -85.20 79.82
C LYS P 219 38.40 -84.76 79.79
N ILE P 220 38.62 -83.47 80.02
CA ILE P 220 39.94 -82.87 79.94
C ILE P 220 40.68 -83.10 81.26
N VAL P 221 42.00 -83.18 81.20
CA VAL P 221 42.78 -83.45 82.41
C VAL P 221 43.74 -82.30 82.74
N PRO P 222 44.78 -82.03 81.93
CA PRO P 222 45.69 -80.98 82.43
C PRO P 222 45.12 -79.57 82.30
N ASP Q 1 7.48 -37.22 45.80
CA ASP Q 1 8.13 -37.88 44.69
C ASP Q 1 8.83 -36.87 43.79
N VAL Q 2 8.14 -36.42 42.75
CA VAL Q 2 8.70 -35.41 41.85
C VAL Q 2 8.82 -34.09 42.59
N VAL Q 3 9.89 -33.35 42.32
CA VAL Q 3 10.15 -32.07 42.96
C VAL Q 3 10.01 -30.95 41.93
N MET Q 4 9.42 -29.84 42.35
CA MET Q 4 9.22 -28.66 41.51
C MET Q 4 10.04 -27.52 42.10
N THR Q 5 10.90 -26.93 41.26
CA THR Q 5 11.77 -25.84 41.68
C THR Q 5 11.44 -24.59 40.87
N GLN Q 6 11.02 -23.54 41.56
CA GLN Q 6 10.68 -22.27 40.94
C GLN Q 6 11.82 -21.27 41.13
N THR Q 7 12.07 -20.46 40.10
CA THR Q 7 13.10 -19.43 40.14
C THR Q 7 12.48 -18.13 39.65
N PRO Q 8 12.48 -17.06 40.45
CA PRO Q 8 12.98 -17.08 41.84
C PRO Q 8 11.87 -17.26 42.86
N LEU Q 9 12.21 -17.15 44.14
CA LEU Q 9 11.20 -17.22 45.20
C LEU Q 9 10.54 -15.87 45.43
N SER Q 10 11.27 -14.77 45.22
CA SER Q 10 10.73 -13.42 45.30
C SER Q 10 11.11 -12.67 44.03
N LEU Q 11 10.11 -12.15 43.33
CA LEU Q 11 10.32 -11.44 42.06
C LEU Q 11 9.73 -10.04 42.16
N PRO Q 12 10.50 -9.07 42.64
CA PRO Q 12 10.00 -7.68 42.71
C PRO Q 12 10.03 -7.02 41.34
N VAL Q 13 8.88 -6.48 40.93
CA VAL Q 13 8.75 -5.77 39.67
C VAL Q 13 7.79 -4.59 39.86
N SER Q 14 7.90 -3.61 38.98
CA SER Q 14 7.00 -2.47 38.97
C SER Q 14 5.86 -2.71 37.98
N LEU Q 15 4.79 -1.94 38.14
CA LEU Q 15 3.64 -2.07 37.26
C LEU Q 15 4.02 -1.66 35.84
N GLY Q 16 3.49 -2.41 34.86
CA GLY Q 16 3.80 -2.18 33.48
C GLY Q 16 5.00 -2.94 32.95
N ASP Q 17 5.76 -3.60 33.84
CA ASP Q 17 6.94 -4.34 33.44
C ASP Q 17 6.56 -5.76 33.02
N GLN Q 18 7.56 -6.51 32.56
CA GLN Q 18 7.39 -7.91 32.19
C GLN Q 18 7.80 -8.80 33.35
N ALA Q 19 7.05 -9.89 33.55
CA ALA Q 19 7.34 -10.85 34.60
C ALA Q 19 7.62 -12.22 33.98
N SER Q 20 8.57 -12.94 34.56
CA SER Q 20 8.91 -14.28 34.10
C SER Q 20 9.29 -15.14 35.30
N ILE Q 21 8.56 -16.23 35.51
CA ILE Q 21 8.84 -17.17 36.58
C ILE Q 21 9.19 -18.51 35.95
N SER Q 22 10.26 -19.12 36.41
CA SER Q 22 10.72 -20.40 35.88
C SER Q 22 10.34 -21.53 36.82
N CYS Q 23 10.08 -22.70 36.23
CA CYS Q 23 9.73 -23.90 36.98
C CYS Q 23 10.37 -25.11 36.30
N ARG Q 24 11.17 -25.85 37.04
CA ARG Q 24 11.79 -27.07 36.55
C ARG Q 24 11.38 -28.25 37.42
N SER Q 25 11.28 -29.41 36.79
CA SER Q 25 10.94 -30.65 37.47
C SER Q 25 12.09 -31.63 37.33
N SER Q 26 12.11 -32.62 38.20
CA SER Q 26 13.17 -33.63 38.16
C SER Q 26 12.93 -34.68 37.08
N GLN Q 27 11.69 -34.85 36.65
CA GLN Q 27 11.33 -35.87 35.66
C GLN Q 27 10.77 -35.19 34.41
N SER Q 28 10.53 -36.01 33.38
CA SER Q 28 10.18 -35.49 32.06
C SER Q 28 8.83 -34.79 32.05
N LEU Q 29 7.94 -35.11 32.98
CA LEU Q 29 6.62 -34.48 33.09
C LEU Q 29 5.71 -34.76 31.90
N VAL Q 30 6.24 -35.36 30.85
CA VAL Q 30 5.44 -35.75 29.69
C VAL Q 30 4.85 -37.12 29.98
N HIS Q 31 3.53 -37.21 29.97
CA HIS Q 31 2.83 -38.42 30.37
C HIS Q 31 2.99 -39.50 29.30
N SER Q 32 2.80 -40.75 29.71
CA SER Q 32 2.65 -41.84 28.75
C SER Q 32 1.31 -41.66 28.04
N ASN Q 33 1.15 -40.51 27.39
CA ASN Q 33 -0.10 -39.96 26.92
C ASN Q 33 0.23 -38.65 26.23
N GLY Q 34 -0.71 -38.17 25.41
CA GLY Q 34 -0.51 -37.01 24.56
C GLY Q 34 0.20 -35.79 25.14
N ASN Q 35 -0.24 -35.31 26.30
CA ASN Q 35 0.16 -33.98 26.76
C ASN Q 35 1.03 -34.05 28.01
N THR Q 36 1.52 -32.88 28.41
CA THR Q 36 2.29 -32.69 29.63
C THR Q 36 1.42 -31.91 30.60
N TYR Q 37 1.33 -32.36 31.85
CA TYR Q 37 0.33 -31.83 32.78
C TYR Q 37 1.02 -30.96 33.82
N LEU Q 38 1.42 -29.76 33.40
CA LEU Q 38 1.97 -28.74 34.28
C LEU Q 38 1.02 -27.55 34.32
N HIS Q 39 0.77 -27.03 35.52
CA HIS Q 39 -0.17 -25.95 35.71
C HIS Q 39 0.45 -24.85 36.57
N TRP Q 40 -0.18 -23.68 36.52
CA TRP Q 40 0.22 -22.51 37.28
C TRP Q 40 -0.98 -21.99 38.06
N TYR Q 41 -0.80 -21.83 39.37
CA TYR Q 41 -1.83 -21.29 40.24
C TYR Q 41 -1.37 -19.96 40.83
N LEU Q 42 -2.35 -19.14 41.20
CA LEU Q 42 -2.10 -17.85 41.81
C LEU Q 42 -2.91 -17.75 43.09
N GLN Q 43 -2.25 -17.35 44.18
CA GLN Q 43 -2.90 -17.16 45.46
C GLN Q 43 -2.66 -15.72 45.90
N LYS Q 44 -3.75 -15.03 46.22
CA LYS Q 44 -3.73 -13.62 46.58
C LYS Q 44 -3.98 -13.50 48.08
N SER Q 45 -2.89 -13.30 48.82
CA SER Q 45 -2.86 -13.06 50.26
C SER Q 45 -3.54 -14.12 51.10
N GLY Q 46 -4.74 -13.81 51.59
CA GLY Q 46 -5.48 -14.72 52.44
C GLY Q 46 -6.58 -15.47 51.74
N GLN Q 47 -6.54 -15.50 50.41
CA GLN Q 47 -7.58 -16.13 49.64
C GLN Q 47 -7.11 -17.52 49.21
N SER Q 48 -8.07 -18.39 48.89
CA SER Q 48 -7.71 -19.71 48.41
C SER Q 48 -6.96 -19.59 47.07
N PRO Q 49 -6.08 -20.54 46.76
CA PRO Q 49 -5.44 -20.51 45.43
C PRO Q 49 -6.51 -20.64 44.36
N LYS Q 50 -6.17 -20.14 43.17
CA LYS Q 50 -7.10 -20.19 42.04
C LYS Q 50 -6.32 -20.56 40.79
N LEU Q 51 -6.96 -21.35 39.93
CA LEU Q 51 -6.28 -21.84 38.74
C LEU Q 51 -6.03 -20.67 37.78
N LEU Q 52 -4.78 -20.57 37.31
CA LEU Q 52 -4.40 -19.56 36.34
C LEU Q 52 -4.16 -20.15 34.96
N ILE Q 53 -3.32 -21.17 34.85
CA ILE Q 53 -3.05 -21.82 33.57
C ILE Q 53 -3.02 -23.33 33.78
N TYR Q 54 -3.67 -24.07 32.88
CA TYR Q 54 -3.65 -25.52 32.91
C TYR Q 54 -3.04 -26.05 31.62
N LYS Q 55 -2.29 -27.15 31.73
CA LYS Q 55 -1.60 -27.79 30.62
C LYS Q 55 -0.71 -26.80 29.86
N VAL Q 56 0.30 -26.30 30.58
CA VAL Q 56 1.45 -25.55 30.09
C VAL Q 56 1.07 -24.23 29.42
N SER Q 57 0.05 -24.23 28.56
CA SER Q 57 -0.17 -23.05 27.73
C SER Q 57 -1.64 -22.73 27.49
N ASN Q 58 -2.56 -23.29 28.29
CA ASN Q 58 -3.98 -23.02 28.14
C ASN Q 58 -4.42 -22.08 29.25
N ARG Q 59 -4.86 -20.88 28.88
CA ARG Q 59 -5.36 -19.94 29.87
C ARG Q 59 -6.71 -20.40 30.39
N PHE Q 60 -6.90 -20.25 31.71
CA PHE Q 60 -8.18 -20.62 32.30
C PHE Q 60 -9.26 -19.61 31.92
N SER Q 61 -10.50 -20.00 32.13
CA SER Q 61 -11.64 -19.14 31.80
C SER Q 61 -11.58 -17.85 32.62
N GLY Q 62 -11.57 -16.72 31.93
CA GLY Q 62 -11.51 -15.43 32.60
C GLY Q 62 -10.11 -14.95 32.93
N VAL Q 63 -9.09 -15.49 32.30
CA VAL Q 63 -7.70 -15.08 32.54
C VAL Q 63 -7.30 -14.08 31.46
N PRO Q 64 -6.80 -12.90 31.82
CA PRO Q 64 -6.44 -11.90 30.81
C PRO Q 64 -5.34 -12.38 29.88
N ASP Q 65 -5.24 -11.71 28.73
CA ASP Q 65 -4.24 -12.06 27.74
C ASP Q 65 -2.81 -11.85 28.24
N ARG Q 66 -2.63 -11.07 29.32
CA ARG Q 66 -1.29 -10.78 29.80
C ARG Q 66 -0.58 -12.06 30.25
N PHE Q 67 -1.31 -12.98 30.87
CA PHE Q 67 -0.71 -14.23 31.32
C PHE Q 67 -0.45 -15.15 30.13
N SER Q 68 0.75 -15.72 30.08
CA SER Q 68 1.16 -16.57 28.97
C SER Q 68 2.08 -17.65 29.50
N GLY Q 69 1.64 -18.90 29.41
CA GLY Q 69 2.44 -20.03 29.84
C GLY Q 69 3.19 -20.64 28.68
N SER Q 70 4.38 -21.17 28.99
CA SER Q 70 5.24 -21.77 27.97
C SER Q 70 6.14 -22.80 28.64
N GLY Q 71 6.84 -23.55 27.79
CA GLY Q 71 7.80 -24.53 28.23
C GLY Q 71 7.46 -25.93 27.73
N SER Q 72 8.36 -26.85 28.01
CA SER Q 72 8.21 -28.25 27.64
C SER Q 72 9.26 -29.06 28.40
N GLY Q 73 9.13 -30.38 28.31
CA GLY Q 73 10.04 -31.29 28.97
C GLY Q 73 10.17 -31.04 30.45
N THR Q 74 11.32 -30.53 30.88
CA THR Q 74 11.55 -30.22 32.28
C THR Q 74 11.67 -28.72 32.54
N ASP Q 75 11.61 -27.88 31.51
CA ASP Q 75 11.81 -26.44 31.66
C ASP Q 75 10.53 -25.72 31.27
N PHE Q 76 9.95 -24.98 32.21
CA PHE Q 76 8.71 -24.25 31.97
C PHE Q 76 8.85 -22.82 32.46
N THR Q 77 8.09 -21.92 31.82
CA THR Q 77 8.12 -20.50 32.17
C THR Q 77 6.72 -19.92 32.12
N LEU Q 78 6.49 -18.91 32.95
CA LEU Q 78 5.25 -18.14 32.99
C LEU Q 78 5.59 -16.67 32.82
N LYS Q 79 4.97 -16.03 31.83
CA LYS Q 79 5.25 -14.64 31.50
C LYS Q 79 4.00 -13.79 31.71
N ILE Q 80 4.17 -12.65 32.36
CA ILE Q 80 3.13 -11.64 32.48
C ILE Q 80 3.56 -10.44 31.67
N SER Q 81 2.72 -10.04 30.70
CA SER Q 81 3.09 -8.96 29.79
C SER Q 81 3.25 -7.64 30.53
N ARG Q 82 2.19 -7.18 31.19
CA ARG Q 82 2.19 -5.94 31.95
C ARG Q 82 1.69 -6.27 33.35
N VAL Q 83 2.61 -6.33 34.31
CA VAL Q 83 2.24 -6.62 35.70
C VAL Q 83 1.37 -5.48 36.22
N GLU Q 84 0.20 -5.83 36.75
CA GLU Q 84 -0.74 -4.84 37.25
C GLU Q 84 -0.88 -4.98 38.76
N ALA Q 85 -1.71 -4.12 39.34
CA ALA Q 85 -1.84 -4.08 40.79
C ALA Q 85 -2.38 -5.39 41.36
N GLU Q 86 -3.53 -5.84 40.86
CA GLU Q 86 -4.20 -7.01 41.41
C GLU Q 86 -3.69 -8.33 40.80
N ASP Q 87 -2.41 -8.38 40.41
CA ASP Q 87 -1.78 -9.61 39.95
C ASP Q 87 -0.70 -10.07 40.90
N LEU Q 88 -0.56 -9.40 42.04
CA LEU Q 88 0.52 -9.65 42.99
C LEU Q 88 0.09 -10.72 43.99
N GLY Q 89 0.90 -11.77 44.10
CA GLY Q 89 0.59 -12.86 45.01
C GLY Q 89 1.60 -13.97 44.82
N VAL Q 90 1.35 -15.08 45.51
CA VAL Q 90 2.23 -16.24 45.42
C VAL Q 90 1.79 -17.11 44.26
N TYR Q 91 2.72 -17.42 43.37
CA TYR Q 91 2.47 -18.26 42.22
C TYR Q 91 3.03 -19.66 42.48
N PHE Q 92 2.17 -20.66 42.43
CA PHE Q 92 2.60 -22.04 42.62
C PHE Q 92 2.64 -22.76 41.27
N CYS Q 93 3.54 -23.74 41.18
CA CYS Q 93 3.75 -24.48 39.95
C CYS Q 93 3.49 -25.95 40.23
N SER Q 94 2.52 -26.52 39.53
CA SER Q 94 2.01 -27.86 39.83
C SER Q 94 2.30 -28.84 38.69
N GLN Q 95 2.48 -30.09 39.09
CA GLN Q 95 2.58 -31.22 38.18
C GLN Q 95 1.64 -32.30 38.66
N SER Q 96 0.87 -32.86 37.72
CA SER Q 96 -0.03 -33.97 37.98
C SER Q 96 0.20 -35.11 37.01
N THR Q 97 1.30 -35.08 36.24
CA THR Q 97 1.60 -36.16 35.33
C THR Q 97 1.90 -37.46 36.09
N HIS Q 98 2.62 -37.35 37.20
CA HIS Q 98 3.00 -38.50 38.01
C HIS Q 98 2.30 -38.41 39.36
N VAL Q 99 1.86 -39.57 39.87
CA VAL Q 99 1.26 -39.66 41.20
C VAL Q 99 2.42 -39.83 42.18
N PRO Q 100 2.46 -39.07 43.30
CA PRO Q 100 1.44 -38.10 43.71
C PRO Q 100 1.51 -36.74 43.01
N PHE Q 101 0.36 -36.09 42.88
CA PHE Q 101 0.30 -34.71 42.39
C PHE Q 101 1.12 -33.81 43.29
N THR Q 102 2.15 -33.18 42.74
CA THR Q 102 3.05 -32.39 43.57
C THR Q 102 3.20 -31.00 42.98
N PHE Q 103 3.32 -30.00 43.85
CA PHE Q 103 3.48 -28.62 43.40
C PHE Q 103 4.24 -27.80 44.43
N GLY Q 104 5.09 -26.92 43.92
CA GLY Q 104 5.76 -25.94 44.75
C GLY Q 104 6.16 -24.74 43.92
N ALA Q 105 6.80 -23.77 44.59
CA ALA Q 105 7.00 -23.81 46.03
C ALA Q 105 6.57 -22.47 46.62
N GLY Q 106 6.06 -21.61 45.74
CA GLY Q 106 5.62 -20.28 46.09
C GLY Q 106 6.55 -19.21 45.53
N THR Q 107 6.00 -18.29 44.74
CA THR Q 107 6.78 -17.20 44.15
C THR Q 107 6.04 -15.90 44.42
N LYS Q 108 6.61 -15.05 45.27
CA LYS Q 108 5.99 -13.80 45.64
C LYS Q 108 6.24 -12.75 44.57
N LEU Q 109 5.17 -12.31 43.90
CA LEU Q 109 5.25 -11.20 42.95
C LEU Q 109 4.99 -9.92 43.72
N GLU Q 110 6.06 -9.21 44.08
CA GLU Q 110 5.98 -8.03 44.93
C GLU Q 110 6.38 -6.79 44.14
N LEU Q 111 6.09 -5.63 44.72
CA LEU Q 111 6.42 -4.36 44.11
C LEU Q 111 7.82 -3.90 44.52
N LYS Q 112 8.50 -3.24 43.59
CA LYS Q 112 9.80 -2.64 43.85
C LYS Q 112 9.62 -1.14 44.03
N ARG Q 113 10.25 -0.59 45.06
CA ARG Q 113 10.17 0.84 45.37
C ARG Q 113 11.58 1.27 45.74
N ALA Q 114 11.76 2.55 46.05
CA ALA Q 114 13.07 3.05 46.39
C ALA Q 114 13.50 2.56 47.76
N ASP Q 115 14.81 2.42 47.93
CA ASP Q 115 15.38 1.89 49.16
C ASP Q 115 15.04 2.79 50.35
N ALA Q 116 14.90 2.17 51.51
CA ALA Q 116 14.57 2.87 52.74
C ALA Q 116 15.29 2.19 53.89
N ALA Q 117 15.93 2.97 54.75
CA ALA Q 117 16.66 2.42 55.88
C ALA Q 117 15.68 1.99 56.96
N PRO Q 118 15.99 0.92 57.69
CA PRO Q 118 15.07 0.43 58.71
C PRO Q 118 15.05 1.33 59.92
N THR Q 119 13.89 1.40 60.56
CA THR Q 119 13.73 2.12 61.83
C THR Q 119 13.78 1.10 62.94
N VAL Q 120 14.84 1.16 63.75
CA VAL Q 120 15.12 0.15 64.77
C VAL Q 120 14.78 0.73 66.13
N SER Q 121 14.12 -0.09 66.96
CA SER Q 121 13.76 0.32 68.31
C SER Q 121 13.90 -0.88 69.23
N ILE Q 122 14.52 -0.67 70.40
CA ILE Q 122 14.71 -1.74 71.37
C ILE Q 122 13.82 -1.46 72.57
N PHE Q 123 13.34 -2.54 73.19
CA PHE Q 123 12.51 -2.45 74.39
C PHE Q 123 12.91 -3.54 75.38
N PRO Q 124 13.34 -3.16 76.58
CA PRO Q 124 13.71 -4.15 77.59
C PRO Q 124 12.47 -4.82 78.17
N PRO Q 125 12.63 -5.87 78.98
CA PRO Q 125 11.46 -6.51 79.59
C PRO Q 125 10.72 -5.54 80.51
N SER Q 126 9.39 -5.63 80.49
CA SER Q 126 8.56 -4.76 81.29
C SER Q 126 8.66 -5.13 82.77
N SER Q 127 8.16 -4.22 83.62
CA SER Q 127 8.12 -4.49 85.05
C SER Q 127 7.17 -5.63 85.38
N GLU Q 128 6.10 -5.79 84.59
CA GLU Q 128 5.13 -6.85 84.85
C GLU Q 128 5.71 -8.23 84.55
N GLN Q 129 6.52 -8.34 83.49
CA GLN Q 129 7.08 -9.64 83.11
C GLN Q 129 8.11 -10.13 84.13
N LEU Q 130 8.87 -9.21 84.74
CA LEU Q 130 9.87 -9.61 85.72
C LEU Q 130 9.26 -10.21 86.97
N THR Q 131 7.97 -10.00 87.21
CA THR Q 131 7.30 -10.64 88.33
C THR Q 131 7.02 -12.11 88.10
N SER Q 132 7.01 -12.55 86.84
CA SER Q 132 6.80 -13.95 86.49
C SER Q 132 8.10 -14.76 86.44
N GLY Q 133 9.25 -14.11 86.54
CA GLY Q 133 10.52 -14.81 86.52
C GLY Q 133 11.23 -14.84 85.18
N GLY Q 134 10.72 -14.14 84.16
CA GLY Q 134 11.35 -14.11 82.87
C GLY Q 134 11.63 -12.68 82.42
N ALA Q 135 12.45 -12.58 81.38
CA ALA Q 135 12.83 -11.28 80.82
C ALA Q 135 13.02 -11.42 79.33
N SER Q 136 12.20 -10.71 78.55
CA SER Q 136 12.26 -10.73 77.10
C SER Q 136 12.54 -9.32 76.58
N VAL Q 137 13.58 -9.19 75.76
CA VAL Q 137 13.94 -7.93 75.13
C VAL Q 137 13.57 -8.01 73.66
N VAL Q 138 12.91 -6.97 73.16
CA VAL Q 138 12.34 -6.98 71.82
C VAL Q 138 13.03 -5.92 70.97
N CYS Q 139 13.20 -6.22 69.69
CA CYS Q 139 13.81 -5.31 68.72
C CYS Q 139 12.92 -5.25 67.49
N PHE Q 140 12.40 -4.06 67.21
CA PHE Q 140 11.54 -3.82 66.05
C PHE Q 140 12.35 -3.14 64.95
N LEU Q 141 12.20 -3.64 63.73
CA LEU Q 141 12.85 -3.11 62.54
C LEU Q 141 11.74 -2.80 61.54
N ASN Q 142 11.24 -1.57 61.55
CA ASN Q 142 10.05 -1.20 60.82
C ASN Q 142 10.39 -0.38 59.57
N ASN Q 143 9.64 -0.62 58.51
CA ASN Q 143 9.63 0.18 57.28
C ASN Q 143 11.03 0.22 56.64
N PHE Q 144 11.41 -0.94 56.10
CA PHE Q 144 12.67 -1.07 55.37
C PHE Q 144 12.42 -1.72 54.01
N TYR Q 145 13.42 -1.59 53.13
CA TYR Q 145 13.40 -2.21 51.82
C TYR Q 145 14.82 -2.31 51.31
N PRO Q 146 15.23 -3.44 50.69
CA PRO Q 146 14.40 -4.62 50.37
C PRO Q 146 14.06 -5.52 51.55
N LYS Q 147 13.49 -6.70 51.23
CA LYS Q 147 13.05 -7.62 52.27
C LYS Q 147 14.22 -8.27 52.99
N ASP Q 148 15.37 -8.40 52.33
CA ASP Q 148 16.49 -9.08 52.93
C ASP Q 148 17.10 -8.23 54.04
N ILE Q 149 17.25 -8.82 55.22
CA ILE Q 149 17.81 -8.13 56.37
C ILE Q 149 18.24 -9.20 57.37
N ASN Q 150 19.20 -8.86 58.22
CA ASN Q 150 19.73 -9.78 59.21
C ASN Q 150 19.76 -9.10 60.58
N VAL Q 151 19.43 -9.85 61.62
CA VAL Q 151 19.44 -9.35 62.99
C VAL Q 151 20.41 -10.21 63.79
N LYS Q 152 21.14 -9.57 64.70
CA LYS Q 152 22.08 -10.25 65.59
C LYS Q 152 21.99 -9.62 66.96
N TRP Q 153 21.70 -10.44 67.98
CA TRP Q 153 21.75 -10.01 69.36
C TRP Q 153 23.12 -10.31 69.94
N LYS Q 154 23.68 -9.36 70.67
CA LYS Q 154 24.96 -9.54 71.33
C LYS Q 154 24.90 -9.04 72.77
N ILE Q 155 25.37 -9.89 73.68
CA ILE Q 155 25.57 -9.54 75.09
C ILE Q 155 26.92 -10.11 75.47
N ASP Q 156 27.91 -9.25 75.69
CA ASP Q 156 27.78 -7.80 75.57
C ASP Q 156 27.72 -7.24 74.12
N GLY Q 157 28.60 -7.67 73.20
CA GLY Q 157 29.66 -8.64 73.40
C GLY Q 157 29.57 -9.82 72.43
N SER Q 158 29.25 -10.99 72.95
CA SER Q 158 29.16 -12.20 72.15
C SER Q 158 27.72 -12.48 71.76
N GLU Q 159 27.52 -12.99 70.55
CA GLU Q 159 26.18 -13.28 70.06
C GLU Q 159 25.60 -14.52 70.75
N ARG Q 160 24.32 -14.43 71.10
CA ARG Q 160 23.60 -15.53 71.75
C ARG Q 160 22.36 -15.81 70.93
N GLN Q 161 22.26 -17.03 70.39
CA GLN Q 161 21.16 -17.42 69.52
C GLN Q 161 20.13 -18.33 70.17
N ASN Q 162 20.35 -18.77 71.41
CA ASN Q 162 19.49 -19.77 72.03
C ASN Q 162 18.26 -19.14 72.67
N GLY Q 163 17.78 -18.02 72.12
CA GLY Q 163 16.59 -17.39 72.65
C GLY Q 163 15.90 -16.44 71.68
N VAL Q 164 16.37 -16.37 70.44
CA VAL Q 164 15.90 -15.40 69.48
C VAL Q 164 14.72 -15.99 68.70
N LEU Q 165 13.63 -15.23 68.61
CA LEU Q 165 12.48 -15.58 67.81
C LEU Q 165 12.17 -14.43 66.85
N ASN Q 166 12.14 -14.72 65.55
CA ASN Q 166 11.98 -13.71 64.52
C ASN Q 166 10.66 -13.88 63.80
N SER Q 167 10.08 -12.75 63.39
CA SER Q 167 8.82 -12.74 62.67
C SER Q 167 8.85 -11.61 61.65
N TRP Q 168 8.37 -11.90 60.44
CA TRP Q 168 8.33 -10.93 59.35
C TRP Q 168 6.90 -10.70 58.91
N THR Q 169 6.61 -9.48 58.47
CA THR Q 169 5.35 -9.15 57.83
C THR Q 169 5.54 -9.04 56.32
N ASP Q 170 4.42 -9.17 55.61
CA ASP Q 170 4.44 -9.02 54.16
C ASP Q 170 4.45 -7.54 53.80
N GLN Q 171 4.40 -7.27 52.48
CA GLN Q 171 4.40 -5.89 52.01
C GLN Q 171 3.18 -5.13 52.52
N ASP Q 172 3.43 -4.05 53.25
CA ASP Q 172 2.35 -3.19 53.73
C ASP Q 172 1.63 -2.55 52.56
N SER Q 173 0.30 -2.47 52.66
CA SER Q 173 -0.49 -1.85 51.60
C SER Q 173 -0.15 -0.37 51.41
N LYS Q 174 0.45 0.27 52.42
CA LYS Q 174 0.88 1.66 52.32
C LYS Q 174 2.41 1.69 52.14
N ASP Q 175 2.85 2.16 50.98
CA ASP Q 175 4.25 2.39 50.61
C ASP Q 175 5.04 1.11 50.41
N SER Q 176 4.42 -0.06 50.55
CA SER Q 176 5.04 -1.34 50.19
C SER Q 176 6.34 -1.59 50.95
N THR Q 177 6.35 -1.23 52.23
CA THR Q 177 7.51 -1.45 53.09
C THR Q 177 7.28 -2.67 53.97
N TYR Q 178 8.39 -3.31 54.34
CA TYR Q 178 8.39 -4.49 55.19
C TYR Q 178 8.68 -4.09 56.63
N SER Q 179 8.41 -5.03 57.55
CA SER Q 179 8.72 -4.85 58.96
C SER Q 179 9.11 -6.19 59.56
N MET Q 180 9.79 -6.14 60.69
CA MET Q 180 10.34 -7.34 61.31
C MET Q 180 10.41 -7.15 62.82
N SER Q 181 10.20 -8.25 63.55
CA SER Q 181 10.32 -8.28 64.99
C SER Q 181 11.24 -9.40 65.42
N SER Q 182 12.12 -9.11 66.37
CA SER Q 182 13.00 -10.13 66.95
C SER Q 182 12.92 -10.03 68.46
N THR Q 183 12.39 -11.07 69.10
CA THR Q 183 12.22 -11.12 70.54
C THR Q 183 13.15 -12.17 71.14
N LEU Q 184 14.05 -11.74 72.01
CA LEU Q 184 14.98 -12.62 72.70
C LEU Q 184 14.52 -12.79 74.14
N THR Q 185 14.18 -14.03 74.50
CA THR Q 185 13.60 -14.35 75.80
C THR Q 185 14.60 -15.15 76.63
N LEU Q 186 15.00 -14.61 77.78
CA LEU Q 186 15.85 -15.32 78.72
C LEU Q 186 15.21 -15.36 80.10
N THR Q 187 15.74 -16.23 80.95
CA THR Q 187 15.37 -16.27 82.34
C THR Q 187 15.84 -15.02 83.07
N LYS Q 188 15.24 -14.77 84.23
CA LYS Q 188 15.58 -13.59 85.03
C LYS Q 188 17.03 -13.65 85.50
N ASP Q 189 17.51 -14.84 85.84
CA ASP Q 189 18.89 -14.98 86.31
C ASP Q 189 19.89 -14.55 85.23
N GLU Q 190 19.71 -15.06 84.01
CA GLU Q 190 20.59 -14.66 82.91
C GLU Q 190 20.47 -13.18 82.59
N TYR Q 191 19.28 -12.61 82.79
CA TYR Q 191 19.11 -11.18 82.57
C TYR Q 191 19.88 -10.35 83.60
N GLU Q 192 19.84 -10.77 84.86
CA GLU Q 192 20.57 -10.06 85.91
C GLU Q 192 22.08 -10.30 85.86
N ARG Q 193 22.53 -11.22 85.02
CA ARG Q 193 23.95 -11.54 84.91
C ARG Q 193 24.67 -10.69 83.88
N HIS Q 194 23.95 -9.86 83.13
CA HIS Q 194 24.54 -9.00 82.11
C HIS Q 194 23.95 -7.61 82.22
N ASN Q 195 24.67 -6.63 81.69
CA ASN Q 195 24.29 -5.23 81.78
C ASN Q 195 23.93 -4.63 80.42
N SER Q 196 24.75 -4.84 79.40
CA SER Q 196 24.56 -4.24 78.09
C SER Q 196 23.94 -5.25 77.13
N TYR Q 197 22.90 -4.81 76.43
CA TYR Q 197 22.20 -5.63 75.44
C TYR Q 197 22.20 -4.88 74.11
N THR Q 198 22.62 -5.55 73.04
CA THR Q 198 22.74 -4.87 71.75
C THR Q 198 22.01 -5.62 70.67
N CYS Q 199 21.14 -4.92 69.94
CA CYS Q 199 20.47 -5.42 68.75
C CYS Q 199 21.11 -4.78 67.53
N GLU Q 200 21.62 -5.61 66.62
CA GLU Q 200 22.34 -5.16 65.44
C GLU Q 200 21.59 -5.60 64.20
N ALA Q 201 21.43 -4.68 63.25
CA ALA Q 201 20.71 -4.95 62.00
C ALA Q 201 21.66 -4.72 60.84
N THR Q 202 21.94 -5.78 60.09
CA THR Q 202 22.71 -5.68 58.85
C THR Q 202 21.74 -5.71 57.69
N HIS Q 203 21.76 -4.65 56.88
CA HIS Q 203 20.80 -4.46 55.80
C HIS Q 203 21.54 -4.07 54.54
N LYS Q 204 20.89 -4.31 53.40
CA LYS Q 204 21.52 -4.03 52.11
C LYS Q 204 21.72 -2.56 51.84
N THR Q 205 21.10 -1.66 52.62
CA THR Q 205 21.26 -0.24 52.43
C THR Q 205 22.56 0.26 53.07
N SER Q 206 23.07 1.36 52.53
CA SER Q 206 24.30 1.96 53.03
C SER Q 206 24.09 2.51 54.43
N THR Q 207 25.12 2.37 55.29
CA THR Q 207 26.37 1.68 55.01
C THR Q 207 26.76 0.84 56.21
N SER Q 208 27.15 -0.43 55.99
CA SER Q 208 27.67 -1.27 57.06
C SER Q 208 26.58 -1.57 58.08
N PRO Q 209 26.78 -2.46 59.04
CA PRO Q 209 25.69 -2.76 59.98
C PRO Q 209 25.25 -1.52 60.75
N ILE Q 210 23.94 -1.43 60.97
CA ILE Q 210 23.32 -0.39 61.77
C ILE Q 210 23.15 -0.95 63.18
N VAL Q 211 23.55 -0.17 64.19
CA VAL Q 211 23.64 -0.68 65.55
C VAL Q 211 22.66 0.07 66.44
N LYS Q 212 21.97 -0.68 67.31
CA LYS Q 212 21.22 -0.13 68.42
C LYS Q 212 21.55 -0.91 69.68
N SER Q 213 21.63 -0.22 70.81
CA SER Q 213 22.03 -0.87 72.04
C SER Q 213 21.40 -0.15 73.22
N PHE Q 214 21.38 -0.83 74.37
CA PHE Q 214 20.92 -0.19 75.59
C PHE Q 214 21.49 -0.94 76.79
N ASN Q 215 21.55 -0.21 77.90
CA ASN Q 215 21.92 -0.71 79.21
C ASN Q 215 20.68 -0.65 80.10
N ARG Q 216 20.82 -1.10 81.35
CA ARG Q 216 19.63 -1.19 82.20
C ARG Q 216 19.16 0.20 82.63
N ASN Q 217 20.09 1.08 82.96
CA ASN Q 217 19.75 2.46 83.30
C ASN Q 217 20.43 3.46 82.39
N GLU Q 218 21.75 3.35 82.24
CA GLU Q 218 22.60 4.22 81.41
C GLU Q 218 22.15 5.68 81.42
N VAL R 2 -18.82 -24.14 41.16
CA VAL R 2 -19.00 -22.69 41.24
C VAL R 2 -18.81 -22.29 42.70
N LYS R 3 -19.30 -23.12 43.61
CA LYS R 3 -19.23 -22.84 45.04
C LYS R 3 -18.84 -24.12 45.77
N LEU R 4 -17.74 -24.06 46.51
CA LEU R 4 -17.29 -25.13 47.40
C LEU R 4 -17.29 -24.60 48.81
N VAL R 5 -18.09 -25.20 49.68
CA VAL R 5 -18.27 -24.73 51.05
C VAL R 5 -17.65 -25.77 51.97
N GLU R 6 -16.58 -25.38 52.65
CA GLU R 6 -15.89 -26.26 53.59
C GLU R 6 -16.65 -26.32 54.92
N SER R 7 -16.37 -27.38 55.68
CA SER R 7 -16.97 -27.59 56.98
C SER R 7 -16.16 -28.65 57.69
N GLY R 8 -16.16 -28.62 59.03
CA GLY R 8 -15.44 -29.67 59.72
C GLY R 8 -13.95 -29.42 59.79
N GLY R 9 -13.35 -29.61 60.96
CA GLY R 9 -14.07 -29.98 62.17
C GLY R 9 -13.71 -29.11 63.34
N GLY R 10 -12.47 -28.64 63.35
CA GLY R 10 -11.99 -27.78 64.41
C GLY R 10 -10.50 -28.00 64.65
N LEU R 11 -10.13 -27.95 65.93
CA LEU R 11 -8.75 -28.15 66.38
C LEU R 11 -8.75 -29.29 67.40
N VAL R 12 -8.02 -30.37 67.08
CA VAL R 12 -8.17 -31.63 67.79
C VAL R 12 -6.80 -32.17 68.19
N LYS R 13 -6.80 -33.03 69.20
CA LYS R 13 -5.56 -33.59 69.72
C LYS R 13 -4.91 -34.51 68.69
N PRO R 14 -3.61 -34.74 68.81
CA PRO R 14 -2.95 -35.68 67.89
C PRO R 14 -3.34 -37.12 68.20
N GLY R 15 -3.38 -37.93 67.14
CA GLY R 15 -3.77 -39.32 67.27
C GLY R 15 -5.26 -39.57 67.38
N GLY R 16 -6.10 -38.56 67.11
CA GLY R 16 -7.53 -38.71 67.17
C GLY R 16 -8.13 -38.53 65.78
N SER R 17 -9.40 -38.93 65.66
CA SER R 17 -10.05 -38.86 64.37
C SER R 17 -10.64 -37.46 64.15
N LEU R 18 -11.03 -37.22 62.90
CA LEU R 18 -11.63 -35.94 62.50
C LEU R 18 -12.17 -36.06 61.08
N LYS R 19 -13.39 -35.58 60.85
CA LYS R 19 -14.04 -35.69 59.55
C LYS R 19 -14.23 -34.30 58.97
N LEU R 20 -13.87 -34.14 57.70
CA LEU R 20 -14.05 -32.88 56.99
C LEU R 20 -15.13 -33.05 55.94
N SER R 21 -16.03 -32.08 55.86
CA SER R 21 -17.13 -32.11 54.91
C SER R 21 -17.01 -30.95 53.93
N CYS R 22 -17.65 -31.13 52.77
CA CYS R 22 -17.58 -30.13 51.71
C CYS R 22 -18.87 -30.20 50.91
N ALA R 23 -19.62 -29.11 50.91
CA ALA R 23 -20.88 -29.00 50.16
C ALA R 23 -20.60 -28.28 48.86
N ALA R 24 -21.08 -28.84 47.75
CA ALA R 24 -20.84 -28.27 46.43
C ALA R 24 -22.13 -27.67 45.88
N SER R 25 -21.98 -26.62 45.08
CA SER R 25 -23.12 -25.94 44.49
C SER R 25 -22.70 -25.33 43.16
N GLY R 26 -23.61 -25.34 42.20
CA GLY R 26 -23.42 -24.67 40.93
C GLY R 26 -22.89 -25.53 39.81
N PHE R 27 -22.87 -26.85 39.96
CA PHE R 27 -22.36 -27.74 38.93
C PHE R 27 -22.82 -29.16 39.25
N PRO R 28 -22.89 -30.04 38.25
CA PRO R 28 -23.20 -31.45 38.52
C PRO R 28 -22.11 -32.12 39.32
N PHE R 29 -22.33 -32.24 40.63
CA PHE R 29 -21.30 -32.78 41.52
C PHE R 29 -20.91 -34.20 41.15
N SER R 30 -21.89 -35.02 40.75
CA SER R 30 -21.64 -36.42 40.46
C SER R 30 -20.89 -36.62 39.13
N ASP R 31 -20.60 -35.57 38.38
CA ASP R 31 -19.93 -35.70 37.10
C ASP R 31 -18.43 -35.41 37.17
N TYR R 32 -17.95 -34.84 38.27
CA TYR R 32 -16.55 -34.45 38.38
C TYR R 32 -15.81 -35.29 39.42
N THR R 33 -14.51 -35.39 39.22
CA THR R 33 -13.61 -36.03 40.18
C THR R 33 -13.18 -34.99 41.20
N MET R 34 -13.24 -35.35 42.47
CA MET R 34 -12.96 -34.40 43.53
C MET R 34 -11.63 -34.70 44.19
N SER R 35 -11.13 -33.75 44.96
CA SER R 35 -9.81 -33.91 45.58
C SER R 35 -9.70 -33.03 46.80
N TRP R 36 -8.81 -33.43 47.71
CA TRP R 36 -8.47 -32.67 48.90
C TRP R 36 -7.02 -32.22 48.77
N ILE R 37 -6.79 -30.91 48.97
CA ILE R 37 -5.47 -30.29 48.87
C ILE R 37 -5.24 -29.48 50.15
N ARG R 38 -4.14 -29.77 50.85
CA ARG R 38 -3.85 -29.09 52.10
C ARG R 38 -2.67 -28.13 51.94
N GLN R 39 -2.67 -27.07 52.75
CA GLN R 39 -1.61 -26.08 52.74
C GLN R 39 -0.92 -26.07 54.10
N THR R 40 0.38 -26.35 54.11
CA THR R 40 1.15 -26.42 55.35
C THR R 40 1.22 -25.04 56.00
N PRO R 41 1.53 -24.98 57.29
CA PRO R 41 1.74 -23.66 57.93
C PRO R 41 2.86 -22.87 57.31
N GLU R 42 3.83 -23.54 56.69
CA GLU R 42 4.91 -22.88 55.96
C GLU R 42 4.46 -22.39 54.58
N LYS R 43 3.16 -22.42 54.30
CA LYS R 43 2.60 -21.93 53.03
C LYS R 43 3.13 -22.75 51.85
N ARG R 44 3.11 -24.06 52.01
CA ARG R 44 3.39 -24.99 50.91
C ARG R 44 2.18 -25.89 50.70
N LEU R 45 1.81 -26.07 49.45
CA LEU R 45 0.60 -26.81 49.08
C LEU R 45 0.94 -28.27 48.79
N GLU R 46 0.12 -29.17 49.33
CA GLU R 46 0.31 -30.60 49.15
C GLU R 46 -1.01 -31.26 48.75
N TRP R 47 -0.92 -32.26 47.88
CA TRP R 47 -2.10 -33.00 47.45
C TRP R 47 -2.42 -34.09 48.46
N VAL R 48 -3.66 -34.13 48.92
CA VAL R 48 -4.07 -35.04 49.99
C VAL R 48 -4.80 -36.25 49.45
N ALA R 49 -5.80 -36.05 48.61
CA ALA R 49 -6.57 -37.20 48.14
C ALA R 49 -7.31 -36.85 46.87
N SER R 50 -7.82 -37.87 46.20
CA SER R 50 -8.74 -37.64 45.09
C SER R 50 -9.63 -38.85 44.90
N ILE R 51 -10.92 -38.59 44.67
CA ILE R 51 -11.94 -39.62 44.48
C ILE R 51 -12.63 -39.38 43.15
N SER R 52 -13.00 -40.47 42.48
CA SER R 52 -13.60 -40.41 41.16
C SER R 52 -15.00 -39.81 41.24
N SER R 53 -15.60 -39.62 40.06
CA SER R 53 -16.96 -39.09 39.97
C SER R 53 -17.94 -39.99 40.75
N GLY R 54 -17.86 -41.30 40.52
CA GLY R 54 -18.48 -42.25 41.42
C GLY R 54 -17.48 -42.64 42.51
N GLY R 55 -17.99 -42.85 43.72
CA GLY R 55 -17.13 -43.06 44.87
C GLY R 55 -16.40 -44.38 44.91
N THR R 56 -16.13 -44.98 43.75
CA THR R 56 -15.52 -46.31 43.68
C THR R 56 -14.00 -46.26 43.61
N TYR R 57 -13.43 -45.18 43.06
CA TYR R 57 -11.99 -45.09 42.83
C TYR R 57 -11.43 -43.93 43.65
N THR R 58 -10.52 -44.23 44.56
CA THR R 58 -9.83 -43.23 45.36
C THR R 58 -8.34 -43.46 45.25
N TYR R 59 -7.56 -42.39 45.37
CA TYR R 59 -6.12 -42.55 45.44
C TYR R 59 -5.50 -41.39 46.22
N TYR R 60 -4.39 -41.70 46.88
CA TYR R 60 -3.72 -40.85 47.85
C TYR R 60 -2.24 -40.82 47.53
N PRO R 61 -1.48 -39.93 48.16
CA PRO R 61 -0.02 -40.07 48.16
C PRO R 61 0.44 -41.06 49.22
N ASP R 62 1.66 -41.56 49.05
CA ASP R 62 2.21 -42.55 49.96
C ASP R 62 2.37 -42.01 51.37
N THR R 63 2.43 -40.69 51.53
CA THR R 63 2.63 -40.08 52.85
C THR R 63 1.39 -40.17 53.75
N VAL R 64 0.26 -40.66 53.23
CA VAL R 64 -0.98 -40.65 54.00
C VAL R 64 -1.83 -41.87 53.66
N LYS R 65 -1.20 -42.89 53.06
CA LYS R 65 -1.94 -44.02 52.49
C LYS R 65 -2.82 -44.72 53.53
N GLY R 66 -2.38 -44.80 54.77
CA GLY R 66 -3.09 -45.59 55.76
C GLY R 66 -4.01 -44.82 56.69
N ARG R 67 -3.83 -43.50 56.78
CA ARG R 67 -4.57 -42.73 57.79
C ARG R 67 -5.84 -42.10 57.25
N PHE R 68 -5.82 -41.55 56.04
CA PHE R 68 -6.96 -40.78 55.53
C PHE R 68 -7.83 -41.64 54.62
N THR R 69 -9.10 -41.26 54.52
CA THR R 69 -10.06 -41.98 53.71
C THR R 69 -11.04 -40.97 53.10
N ILE R 70 -10.89 -40.71 51.80
CA ILE R 70 -11.79 -39.79 51.11
C ILE R 70 -13.05 -40.53 50.68
N SER R 71 -14.19 -39.85 50.79
CA SER R 71 -15.45 -40.44 50.37
C SER R 71 -16.32 -39.33 49.78
N ARG R 72 -17.47 -39.73 49.22
CA ARG R 72 -18.39 -38.76 48.66
C ARG R 72 -19.79 -39.34 48.64
N ASP R 73 -20.77 -38.46 48.82
CA ASP R 73 -22.19 -38.81 48.69
C ASP R 73 -22.75 -37.94 47.58
N ASN R 74 -22.98 -38.53 46.41
CA ASN R 74 -23.49 -37.80 45.27
C ASN R 74 -24.95 -37.41 45.42
N ALA R 75 -25.71 -38.15 46.23
CA ALA R 75 -27.10 -37.78 46.46
C ALA R 75 -27.19 -36.54 47.34
N LYS R 76 -26.28 -36.40 48.29
CA LYS R 76 -26.21 -35.24 49.15
C LYS R 76 -25.26 -34.16 48.63
N ASN R 77 -24.58 -34.42 47.51
CA ASN R 77 -23.61 -33.49 46.93
C ASN R 77 -22.55 -33.08 47.95
N THR R 78 -21.92 -34.08 48.57
CA THR R 78 -20.98 -33.82 49.64
C THR R 78 -19.70 -34.64 49.44
N LEU R 79 -18.57 -34.04 49.83
CA LEU R 79 -17.27 -34.70 49.83
C LEU R 79 -16.77 -34.78 51.27
N TYR R 80 -16.14 -35.91 51.60
CA TYR R 80 -15.69 -36.16 52.96
C TYR R 80 -14.23 -36.57 52.98
N LEU R 81 -13.52 -36.14 54.03
CA LEU R 81 -12.15 -36.54 54.30
C LEU R 81 -12.09 -37.07 55.72
N GLN R 82 -11.89 -38.38 55.86
CA GLN R 82 -11.86 -39.05 57.16
C GLN R 82 -10.40 -39.21 57.58
N MET R 83 -9.95 -38.34 58.48
CA MET R 83 -8.59 -38.39 59.01
C MET R 83 -8.58 -39.11 60.35
N SER R 84 -7.55 -39.94 60.56
CA SER R 84 -7.43 -40.70 61.79
C SER R 84 -5.97 -40.87 62.15
N SER R 85 -5.69 -40.93 63.46
CA SER R 85 -4.34 -41.06 64.01
C SER R 85 -3.39 -40.01 63.44
N LEU R 86 -3.85 -38.76 63.45
CA LEU R 86 -3.08 -37.67 62.89
C LEU R 86 -1.83 -37.38 63.71
N LYS R 87 -0.80 -36.89 63.01
CA LYS R 87 0.42 -36.36 63.61
C LYS R 87 0.45 -34.84 63.50
N SER R 88 1.36 -34.24 64.27
CA SER R 88 1.50 -32.79 64.28
C SER R 88 1.90 -32.24 62.91
N GLU R 89 2.49 -33.06 62.05
CA GLU R 89 2.86 -32.62 60.71
C GLU R 89 1.65 -32.44 59.80
N ASP R 90 0.48 -32.90 60.20
CA ASP R 90 -0.73 -32.77 59.40
C ASP R 90 -1.47 -31.47 59.66
N THR R 91 -0.84 -30.52 60.34
CA THR R 91 -1.45 -29.21 60.55
C THR R 91 -1.53 -28.50 59.21
N ALA R 92 -2.73 -28.07 58.81
CA ALA R 92 -2.84 -27.48 57.49
C ALA R 92 -4.18 -26.79 57.32
N MET R 93 -4.23 -25.92 56.31
CA MET R 93 -5.47 -25.36 55.79
C MET R 93 -5.99 -26.30 54.69
N PHE R 94 -7.10 -26.98 54.95
CA PHE R 94 -7.59 -28.01 54.05
C PHE R 94 -8.60 -27.41 53.06
N TYR R 95 -8.35 -27.65 51.79
CA TYR R 95 -9.14 -27.12 50.68
C TYR R 95 -9.80 -28.25 49.91
N CYS R 96 -11.05 -28.01 49.53
CA CYS R 96 -11.87 -28.95 48.76
C CYS R 96 -11.89 -28.49 47.31
N THR R 97 -11.34 -29.30 46.42
CA THR R 97 -11.11 -28.89 45.05
C THR R 97 -11.78 -29.85 44.07
N ARG R 98 -12.10 -29.33 42.89
CA ARG R 98 -12.74 -30.08 41.83
C ARG R 98 -11.74 -30.36 40.72
N ALA R 99 -11.62 -31.63 40.32
CA ALA R 99 -10.69 -32.01 39.26
C ALA R 99 -11.40 -32.12 37.92
N SER R 100 -11.00 -33.09 37.10
CA SER R 100 -11.55 -33.22 35.76
C SER R 100 -12.89 -33.96 35.79
N PRO R 101 -13.76 -33.73 34.79
CA PRO R 101 -15.04 -34.43 34.74
C PRO R 101 -14.90 -35.91 34.41
N TYR R 102 -16.05 -36.61 34.32
CA TYR R 102 -16.00 -38.04 34.08
C TYR R 102 -15.50 -38.37 32.68
N TYR R 103 -15.84 -37.53 31.70
CA TYR R 103 -15.49 -37.82 30.31
C TYR R 103 -14.07 -37.42 29.95
N ASP R 104 -13.26 -37.03 30.94
CA ASP R 104 -11.85 -36.72 30.70
C ASP R 104 -10.97 -37.59 31.57
N TYR R 105 -9.77 -37.86 31.08
CA TYR R 105 -8.72 -38.42 31.91
C TYR R 105 -8.52 -37.50 33.11
N ASP R 106 -8.29 -38.09 34.29
CA ASP R 106 -8.07 -37.26 35.47
C ASP R 106 -6.81 -36.44 35.28
N GLU R 107 -6.94 -35.26 34.68
CA GLU R 107 -5.79 -34.47 34.28
C GLU R 107 -5.09 -33.84 35.47
N GLY R 108 -5.74 -33.78 36.63
CA GLY R 108 -5.08 -33.38 37.86
C GLY R 108 -4.99 -31.90 38.11
N TYR R 109 -5.56 -31.06 37.25
CA TYR R 109 -5.66 -29.65 37.54
C TYR R 109 -6.99 -29.37 38.23
N MET R 110 -6.95 -28.57 39.28
CA MET R 110 -8.13 -28.24 40.08
C MET R 110 -8.53 -26.81 39.78
N ASP R 111 -9.62 -26.65 39.04
CA ASP R 111 -10.05 -25.33 38.61
C ASP R 111 -10.70 -24.55 39.73
N TYR R 112 -11.54 -25.20 40.54
CA TYR R 112 -12.30 -24.53 41.58
C TYR R 112 -11.83 -24.99 42.94
N TRP R 113 -11.57 -24.03 43.83
CA TRP R 113 -11.12 -24.28 45.19
C TRP R 113 -12.17 -23.77 46.16
N GLY R 114 -12.17 -24.34 47.37
CA GLY R 114 -13.08 -23.92 48.41
C GLY R 114 -12.54 -22.76 49.21
N GLN R 115 -13.27 -22.42 50.27
CA GLN R 115 -12.83 -21.34 51.15
C GLN R 115 -11.73 -21.79 52.09
N GLY R 116 -11.75 -23.07 52.49
CA GLY R 116 -10.74 -23.63 53.35
C GLY R 116 -11.17 -23.80 54.79
N THR R 117 -10.70 -24.88 55.42
CA THR R 117 -10.89 -25.10 56.85
C THR R 117 -9.55 -25.48 57.46
N SER R 118 -9.04 -24.63 58.35
CA SER R 118 -7.75 -24.88 58.97
C SER R 118 -7.93 -25.84 60.15
N VAL R 119 -7.16 -26.92 60.13
CA VAL R 119 -7.10 -27.84 61.26
C VAL R 119 -5.67 -27.85 61.78
N THR R 120 -5.53 -27.78 63.10
CA THR R 120 -4.24 -27.84 63.77
C THR R 120 -4.32 -28.89 64.86
N VAL R 121 -3.22 -29.65 65.03
CA VAL R 121 -3.15 -30.76 65.97
C VAL R 121 -1.92 -30.55 66.84
N SER R 122 -2.12 -30.41 68.15
CA SER R 122 -1.02 -30.19 69.06
C SER R 122 -1.43 -30.63 70.45
N SER R 123 -0.42 -31.02 71.24
CA SER R 123 -0.64 -31.47 72.61
C SER R 123 -0.85 -30.33 73.59
N ALA R 124 -0.68 -29.08 73.15
CA ALA R 124 -0.79 -27.93 74.04
C ALA R 124 -2.21 -27.77 74.56
N LYS R 125 -2.31 -27.25 75.78
CA LYS R 125 -3.58 -27.00 76.45
C LYS R 125 -4.02 -25.55 76.24
N THR R 126 -5.28 -25.28 76.56
CA THR R 126 -5.82 -23.93 76.45
C THR R 126 -5.15 -23.01 77.45
N THR R 127 -4.53 -21.93 76.96
CA THR R 127 -3.80 -21.01 77.82
C THR R 127 -4.13 -19.57 77.44
N ALA R 128 -4.42 -18.75 78.46
CA ALA R 128 -4.67 -17.33 78.26
C ALA R 128 -3.36 -16.59 78.03
N PRO R 129 -3.36 -15.54 77.22
CA PRO R 129 -2.11 -14.82 76.93
C PRO R 129 -1.69 -13.89 78.07
N SER R 130 -0.38 -13.71 78.18
CA SER R 130 0.21 -12.72 79.08
C SER R 130 0.64 -11.51 78.27
N VAL R 131 0.07 -10.34 78.56
CA VAL R 131 0.32 -9.13 77.81
C VAL R 131 1.27 -8.24 78.58
N TYR R 132 2.31 -7.74 77.91
CA TYR R 132 3.34 -6.92 78.53
C TYR R 132 3.51 -5.63 77.73
N PRO R 133 3.55 -4.47 78.39
CA PRO R 133 3.81 -3.22 77.67
C PRO R 133 5.29 -2.98 77.46
N LEU R 134 5.60 -2.26 76.38
CA LEU R 134 6.98 -1.98 75.97
C LEU R 134 7.16 -0.46 75.89
N ALA R 135 7.83 0.11 76.90
CA ALA R 135 8.08 1.54 76.94
C ALA R 135 9.58 1.84 76.89
N PRO R 136 9.97 2.94 76.26
CA PRO R 136 11.39 3.34 76.23
C PRO R 136 11.87 3.86 77.58
N VAL R 137 12.97 3.28 78.07
CA VAL R 137 13.58 3.69 79.33
C VAL R 137 14.08 5.13 79.22
N CYS R 138 15.15 5.33 78.47
CA CYS R 138 15.71 6.66 78.25
C CYS R 138 15.41 7.13 76.84
N GLY R 139 15.81 8.37 76.54
CA GLY R 139 15.52 8.95 75.25
C GLY R 139 16.61 9.79 74.63
N GLY R 140 17.20 9.29 73.55
CA GLY R 140 18.11 10.06 72.72
C GLY R 140 17.44 10.33 71.37
N THR R 141 17.52 11.58 70.92
CA THR R 141 16.71 12.07 69.81
C THR R 141 15.23 11.75 70.06
N THR R 142 14.75 12.28 71.20
CA THR R 142 13.42 11.92 71.70
C THR R 142 12.28 12.35 70.79
N GLY R 143 12.53 13.24 69.83
CA GLY R 143 11.49 13.78 68.97
C GLY R 143 11.53 13.22 67.56
N SER R 144 10.34 13.12 66.95
CA SER R 144 10.18 12.72 65.55
C SER R 144 10.91 11.43 65.20
N SER R 145 10.37 10.29 65.63
CA SER R 145 9.16 10.20 66.46
C SER R 145 9.37 9.14 67.55
N VAL R 146 8.34 8.92 68.36
CA VAL R 146 8.40 7.94 69.44
C VAL R 146 7.69 6.67 68.99
N THR R 147 8.21 5.51 69.39
CA THR R 147 7.64 4.22 69.01
C THR R 147 7.43 3.40 70.28
N LEU R 148 6.18 2.96 70.49
CA LEU R 148 5.81 2.14 71.64
C LEU R 148 5.77 0.68 71.22
N GLY R 149 5.21 -0.16 72.10
CA GLY R 149 5.12 -1.58 71.81
C GLY R 149 4.25 -2.34 72.80
N CYS R 150 3.68 -3.45 72.34
CA CYS R 150 2.85 -4.30 73.16
C CYS R 150 3.10 -5.76 72.75
N LEU R 151 3.21 -6.64 73.76
CA LEU R 151 3.62 -8.01 73.56
C LEU R 151 2.56 -8.96 74.10
N VAL R 152 2.22 -9.97 73.31
CA VAL R 152 1.25 -11.00 73.67
C VAL R 152 1.99 -12.33 73.69
N LYS R 153 2.29 -12.83 74.88
CA LYS R 153 3.17 -13.98 75.05
C LYS R 153 2.42 -15.18 75.64
N GLY R 154 2.66 -16.35 75.05
CA GLY R 154 2.22 -17.61 75.63
C GLY R 154 0.73 -17.88 75.65
N TYR R 155 0.10 -17.93 74.49
CA TYR R 155 -1.31 -18.28 74.38
C TYR R 155 -1.49 -19.47 73.46
N PHE R 156 -2.64 -20.13 73.59
CA PHE R 156 -2.99 -21.28 72.77
C PHE R 156 -4.49 -21.58 72.91
N PRO R 157 -5.20 -21.82 71.80
CA PRO R 157 -4.65 -21.69 70.45
C PRO R 157 -4.92 -20.32 69.83
N GLU R 158 -4.46 -20.13 68.60
CA GLU R 158 -4.75 -18.92 67.85
C GLU R 158 -6.23 -18.86 67.48
N PRO R 159 -6.75 -17.66 67.14
CA PRO R 159 -6.10 -16.35 67.10
C PRO R 159 -6.51 -15.43 68.25
N VAL R 160 -5.95 -14.21 68.26
CA VAL R 160 -6.34 -13.17 69.20
C VAL R 160 -6.66 -11.91 68.40
N THR R 161 -7.36 -10.98 69.05
CA THR R 161 -7.72 -9.73 68.42
C THR R 161 -6.64 -8.68 68.70
N LEU R 162 -6.33 -7.88 67.68
CA LEU R 162 -5.22 -6.94 67.70
C LEU R 162 -5.77 -5.52 67.54
N THR R 163 -6.07 -4.85 68.65
CA THR R 163 -6.60 -3.49 68.53
C THR R 163 -5.81 -2.54 69.41
N TRP R 164 -5.75 -1.28 68.98
CA TRP R 164 -5.09 -0.20 69.71
C TRP R 164 -6.12 0.87 70.05
N ASN R 165 -6.25 1.18 71.35
CA ASN R 165 -7.14 2.22 71.85
C ASN R 165 -8.58 1.99 71.38
N SER R 166 -9.06 0.76 71.58
CA SER R 166 -10.44 0.39 71.28
C SER R 166 -10.77 0.63 69.80
N GLY R 167 -9.81 0.34 68.92
CA GLY R 167 -9.98 0.51 67.50
C GLY R 167 -9.52 1.83 66.96
N SER R 168 -9.14 2.77 67.82
CA SER R 168 -8.63 4.06 67.37
C SER R 168 -7.20 3.91 66.85
N LEU R 169 -6.62 5.04 66.45
CA LEU R 169 -5.24 5.09 65.98
C LEU R 169 -5.06 4.26 64.72
N SER R 170 -4.56 3.03 64.87
CA SER R 170 -4.42 2.06 63.77
C SER R 170 -3.43 2.53 62.70
N SER R 171 -3.01 3.79 62.76
CA SER R 171 -2.05 4.33 61.79
C SER R 171 -0.63 4.12 62.29
N GLY R 172 0.25 3.70 61.39
CA GLY R 172 1.62 3.42 61.78
C GLY R 172 1.77 2.21 62.66
N VAL R 173 0.79 1.31 62.66
CA VAL R 173 0.80 0.13 63.51
C VAL R 173 1.30 -1.06 62.70
N HIS R 174 2.21 -1.83 63.27
CA HIS R 174 2.72 -3.06 62.68
C HIS R 174 2.44 -4.20 63.65
N THR R 175 1.47 -5.04 63.30
CA THR R 175 1.14 -6.23 64.08
C THR R 175 1.69 -7.45 63.36
N PHE R 176 2.58 -8.18 64.02
CA PHE R 176 3.43 -9.24 63.52
C PHE R 176 2.77 -10.61 63.70
N PRO R 177 2.99 -11.51 62.75
CA PRO R 177 2.41 -12.86 62.85
C PRO R 177 2.96 -13.60 64.07
N ALA R 178 2.09 -14.43 64.66
CA ALA R 178 2.49 -15.22 65.81
C ALA R 178 3.50 -16.29 65.40
N LEU R 179 4.42 -16.59 66.30
CA LEU R 179 5.41 -17.65 66.11
C LEU R 179 5.26 -18.67 67.22
N LEU R 180 5.44 -19.95 66.86
CA LEU R 180 5.22 -21.05 67.78
C LEU R 180 6.56 -21.62 68.24
N GLN R 181 6.69 -21.82 69.54
CA GLN R 181 7.84 -22.51 70.12
C GLN R 181 7.38 -23.21 71.38
N SER R 182 7.85 -24.44 71.57
CA SER R 182 7.51 -25.25 72.74
C SER R 182 5.99 -25.34 72.91
N GLY R 183 5.28 -25.45 71.80
CA GLY R 183 3.83 -25.55 71.84
C GLY R 183 3.09 -24.31 72.29
N LEU R 184 3.73 -23.14 72.23
CA LEU R 184 3.08 -21.89 72.63
C LEU R 184 3.30 -20.83 71.56
N TYR R 185 2.33 -19.92 71.46
CA TYR R 185 2.38 -18.84 70.48
C TYR R 185 2.89 -17.55 71.11
N THR R 186 3.51 -16.71 70.28
CA THR R 186 3.99 -15.39 70.70
C THR R 186 3.74 -14.40 69.58
N LEU R 187 3.15 -13.25 69.91
CA LEU R 187 2.82 -12.21 68.95
C LEU R 187 3.26 -10.87 69.50
N SER R 188 3.64 -9.96 68.61
CA SER R 188 4.11 -8.64 69.00
C SER R 188 3.49 -7.59 68.10
N SER R 189 3.35 -6.38 68.64
CA SER R 189 2.82 -5.27 67.85
C SER R 189 3.51 -3.98 68.26
N SER R 190 3.86 -3.16 67.28
CA SER R 190 4.52 -1.88 67.51
C SER R 190 3.71 -0.75 66.90
N VAL R 191 3.77 0.41 67.53
CA VAL R 191 3.07 1.60 67.05
C VAL R 191 3.99 2.80 67.16
N THR R 192 3.94 3.69 66.16
CA THR R 192 4.77 4.87 66.10
C THR R 192 3.88 6.11 66.09
N VAL R 193 4.14 7.02 67.03
CA VAL R 193 3.40 8.27 67.15
C VAL R 193 4.39 9.40 67.42
N THR R 194 3.91 10.64 67.29
CA THR R 194 4.73 11.80 67.55
C THR R 194 5.11 11.85 69.03
N SER R 195 6.29 12.42 69.30
CA SER R 195 6.78 12.48 70.67
C SER R 195 5.90 13.36 71.55
N ASN R 196 5.21 14.32 70.97
CA ASN R 196 4.34 15.23 71.71
C ASN R 196 2.92 14.68 71.85
N THR R 197 2.69 13.43 71.45
CA THR R 197 1.40 12.77 71.62
C THR R 197 1.38 11.82 72.81
N TRP R 198 2.46 11.06 73.01
CA TRP R 198 2.61 10.13 74.11
C TRP R 198 3.84 10.50 74.94
N PRO R 199 3.77 10.41 76.28
CA PRO R 199 2.66 9.93 77.10
C PRO R 199 1.66 11.02 77.51
N SER R 200 1.57 12.09 76.73
CA SER R 200 0.62 13.16 77.05
C SER R 200 -0.81 12.63 77.03
N GLN R 201 -1.13 11.77 76.07
CA GLN R 201 -2.43 11.12 75.99
C GLN R 201 -2.26 9.62 76.19
N THR R 202 -3.29 8.99 76.76
CA THR R 202 -3.22 7.58 77.10
C THR R 202 -3.29 6.71 75.83
N ILE R 203 -2.40 5.74 75.76
CA ILE R 203 -2.35 4.76 74.67
C ILE R 203 -2.36 3.37 75.29
N THR R 204 -3.37 2.56 74.93
CA THR R 204 -3.53 1.22 75.49
C THR R 204 -3.72 0.22 74.36
N CYS R 205 -3.08 -0.95 74.49
CA CYS R 205 -3.27 -2.05 73.56
C CYS R 205 -4.33 -3.02 74.09
N ASN R 206 -5.24 -3.41 73.20
CA ASN R 206 -6.36 -4.30 73.50
C ASN R 206 -6.14 -5.64 72.82
N VAL R 207 -6.12 -6.70 73.62
CA VAL R 207 -5.90 -8.08 73.18
C VAL R 207 -7.03 -8.94 73.74
N ALA R 208 -7.78 -9.60 72.85
CA ALA R 208 -8.87 -10.49 73.24
C ALA R 208 -8.57 -11.91 72.77
N HIS R 209 -8.77 -12.89 73.65
CA HIS R 209 -8.58 -14.30 73.34
C HIS R 209 -9.88 -15.06 73.59
N PRO R 210 -10.66 -15.34 72.54
CA PRO R 210 -11.96 -16.02 72.75
C PRO R 210 -11.83 -17.48 73.15
N ALA R 211 -10.76 -18.16 72.75
CA ALA R 211 -10.64 -19.59 73.04
C ALA R 211 -10.66 -19.86 74.54
N SER R 212 -10.03 -18.99 75.33
CA SER R 212 -10.10 -19.06 76.78
C SER R 212 -11.11 -18.10 77.37
N SER R 213 -11.89 -17.41 76.51
CA SER R 213 -12.92 -16.47 76.95
C SER R 213 -12.35 -15.36 77.83
N THR R 214 -11.20 -14.82 77.43
CA THR R 214 -10.57 -13.74 78.17
C THR R 214 -10.40 -12.52 77.27
N LYS R 215 -10.30 -11.35 77.90
CA LYS R 215 -10.14 -10.09 77.19
C LYS R 215 -9.40 -9.13 78.09
N VAL R 216 -8.20 -8.73 77.69
CA VAL R 216 -7.33 -7.89 78.52
C VAL R 216 -6.92 -6.65 77.75
N ASP R 217 -6.98 -5.50 78.44
CA ASP R 217 -6.53 -4.22 77.92
C ASP R 217 -5.40 -3.70 78.80
N LYS R 218 -4.27 -3.39 78.20
CA LYS R 218 -3.07 -2.98 78.92
C LYS R 218 -2.65 -1.60 78.44
N LYS R 219 -2.54 -0.66 79.37
CA LYS R 219 -2.08 0.69 79.06
C LYS R 219 -0.60 0.80 79.35
N ILE R 220 0.13 1.47 78.45
CA ILE R 220 1.57 1.61 78.58
C ILE R 220 1.92 2.80 79.48
N ASP S 1 2.13 -12.58 11.30
CA ASP S 1 2.77 -13.80 11.78
C ASP S 1 4.04 -14.10 11.00
N VAL S 2 3.91 -14.91 9.95
CA VAL S 2 5.05 -15.24 9.11
C VAL S 2 5.50 -14.00 8.35
N VAL S 3 6.81 -13.85 8.19
CA VAL S 3 7.40 -12.71 7.50
C VAL S 3 8.04 -13.18 6.21
N MET S 4 7.91 -12.38 5.17
CA MET S 4 8.50 -12.67 3.85
C MET S 4 9.55 -11.61 3.58
N THR S 5 10.78 -12.05 3.29
CA THR S 5 11.89 -11.16 3.02
C THR S 5 12.40 -11.40 1.61
N GLN S 6 12.34 -10.36 0.78
CA GLN S 6 12.82 -10.44 -0.60
C GLN S 6 14.20 -9.80 -0.68
N THR S 7 15.07 -10.39 -1.50
CA THR S 7 16.42 -9.88 -1.71
C THR S 7 16.68 -9.81 -3.21
N PRO S 8 16.95 -8.63 -3.78
CA PRO S 8 16.91 -7.36 -3.05
C PRO S 8 15.57 -6.64 -3.23
N LEU S 9 15.47 -5.42 -2.71
CA LEU S 9 14.26 -4.64 -2.91
C LEU S 9 14.24 -3.92 -4.25
N SER S 10 15.42 -3.56 -4.76
CA SER S 10 15.56 -2.96 -6.08
C SER S 10 16.59 -3.76 -6.85
N LEU S 11 16.21 -4.26 -8.02
CA LEU S 11 17.07 -5.09 -8.86
C LEU S 11 17.21 -4.43 -10.23
N PRO S 12 18.18 -3.52 -10.41
CA PRO S 12 18.38 -2.90 -11.71
C PRO S 12 19.06 -3.86 -12.67
N VAL S 13 18.46 -4.06 -13.85
CA VAL S 13 19.00 -4.92 -14.89
C VAL S 13 18.72 -4.29 -16.24
N SER S 14 19.51 -4.68 -17.24
CA SER S 14 19.32 -4.27 -18.62
C SER S 14 18.50 -5.31 -19.38
N LEU S 15 17.94 -4.88 -20.50
CA LEU S 15 17.12 -5.77 -21.31
C LEU S 15 17.96 -6.91 -21.89
N GLY S 16 17.37 -8.10 -21.91
CA GLY S 16 18.06 -9.29 -22.37
C GLY S 16 18.85 -10.02 -21.30
N ASP S 17 18.98 -9.46 -20.11
CA ASP S 17 19.73 -10.07 -19.03
C ASP S 17 18.86 -11.06 -18.25
N GLN S 18 19.49 -11.74 -17.30
CA GLN S 18 18.80 -12.67 -16.41
C GLN S 18 18.44 -11.96 -15.10
N ALA S 19 17.27 -12.27 -14.57
CA ALA S 19 16.81 -11.69 -13.31
C ALA S 19 16.63 -12.78 -12.28
N SER S 20 16.98 -12.47 -11.03
CA SER S 20 16.86 -13.42 -9.93
C SER S 20 16.41 -12.67 -8.68
N ILE S 21 15.27 -13.05 -8.13
CA ILE S 21 14.73 -12.46 -6.91
C ILE S 21 14.66 -13.55 -5.85
N SER S 22 15.13 -13.23 -4.64
CA SER S 22 15.13 -14.18 -3.54
C SER S 22 13.98 -13.86 -2.59
N CYS S 23 13.43 -14.92 -1.99
CA CYS S 23 12.35 -14.79 -1.01
C CYS S 23 12.54 -15.85 0.07
N ARG S 24 12.65 -15.40 1.32
CA ARG S 24 12.78 -16.28 2.46
C ARG S 24 11.66 -16.03 3.46
N SER S 25 11.24 -17.09 4.13
CA SER S 25 10.18 -17.04 5.13
C SER S 25 10.71 -17.45 6.49
N SER S 26 9.98 -17.07 7.53
CA SER S 26 10.37 -17.41 8.90
C SER S 26 9.97 -18.84 9.28
N GLN S 27 8.98 -19.41 8.61
CA GLN S 27 8.48 -20.74 8.92
C GLN S 27 8.72 -21.68 7.73
N SER S 28 8.42 -22.96 7.96
CA SER S 28 8.78 -24.01 7.01
C SER S 28 8.05 -23.87 5.69
N LEU S 29 6.88 -23.22 5.68
CA LEU S 29 6.08 -22.98 4.48
C LEU S 29 5.56 -24.27 3.85
N VAL S 30 6.05 -25.42 4.29
CA VAL S 30 5.53 -26.71 3.82
C VAL S 30 4.34 -27.09 4.69
N HIS S 31 3.17 -27.22 4.07
CA HIS S 31 1.96 -27.48 4.81
C HIS S 31 1.91 -28.92 5.30
N SER S 32 1.09 -29.15 6.33
CA SER S 32 0.71 -30.51 6.72
C SER S 32 -0.23 -31.07 5.66
N ASN S 33 0.27 -31.15 4.43
CA ASN S 33 -0.53 -31.33 3.21
C ASN S 33 0.47 -31.44 2.07
N GLY S 34 0.00 -32.00 0.95
CA GLY S 34 0.87 -32.32 -0.17
C GLY S 34 1.91 -31.31 -0.59
N ASN S 35 1.50 -30.08 -0.87
CA ASN S 35 2.37 -29.11 -1.54
C ASN S 35 2.67 -27.91 -0.63
N THR S 36 3.52 -27.02 -1.14
CA THR S 36 3.86 -25.77 -0.50
C THR S 36 3.23 -24.62 -1.28
N TYR S 37 2.60 -23.70 -0.57
CA TYR S 37 1.74 -22.68 -1.17
C TYR S 37 2.47 -21.33 -1.17
N LEU S 38 3.46 -21.21 -2.04
CA LEU S 38 4.16 -19.95 -2.25
C LEU S 38 3.94 -19.47 -3.68
N HIS S 39 3.65 -18.18 -3.82
CA HIS S 39 3.28 -17.61 -5.11
C HIS S 39 4.10 -16.34 -5.39
N TRP S 40 4.10 -15.95 -6.65
CA TRP S 40 4.76 -14.75 -7.14
C TRP S 40 3.77 -13.93 -7.95
N TYR S 41 3.62 -12.66 -7.57
CA TYR S 41 2.76 -11.73 -8.27
C TYR S 41 3.59 -10.63 -8.92
N LEU S 42 3.03 -10.04 -9.97
CA LEU S 42 3.65 -8.93 -10.67
C LEU S 42 2.64 -7.80 -10.77
N GLN S 43 3.06 -6.61 -10.38
CA GLN S 43 2.26 -5.40 -10.50
C GLN S 43 3.04 -4.43 -11.37
N LYS S 44 2.42 -3.97 -12.46
CA LYS S 44 3.09 -3.05 -13.38
C LYS S 44 2.50 -1.66 -13.19
N SER S 45 3.35 -0.69 -12.85
CA SER S 45 2.98 0.72 -12.73
C SER S 45 1.78 0.82 -11.78
N GLY S 46 0.75 1.58 -12.13
CA GLY S 46 -0.41 1.70 -11.28
C GLY S 46 -1.65 0.92 -11.67
N GLN S 47 -1.62 -0.41 -11.52
CA GLN S 47 -2.74 -1.28 -11.84
C GLN S 47 -2.79 -2.41 -10.83
N SER S 48 -3.90 -3.14 -10.83
CA SER S 48 -4.03 -4.25 -9.92
C SER S 48 -2.91 -5.26 -10.16
N PRO S 49 -2.36 -5.87 -9.11
CA PRO S 49 -1.37 -6.92 -9.29
C PRO S 49 -1.99 -8.12 -9.97
N LYS S 50 -1.15 -8.89 -10.65
CA LYS S 50 -1.66 -10.01 -11.39
C LYS S 50 -0.77 -11.21 -11.12
N LEU S 51 -1.39 -12.38 -11.05
CA LEU S 51 -0.66 -13.58 -10.69
C LEU S 51 0.34 -13.93 -11.78
N LEU S 52 1.57 -14.19 -11.37
CA LEU S 52 2.64 -14.60 -12.27
C LEU S 52 2.93 -16.08 -12.16
N ILE S 53 3.18 -16.56 -10.94
CA ILE S 53 3.42 -17.98 -10.70
C ILE S 53 2.68 -18.38 -9.43
N TYR S 54 2.02 -19.54 -9.47
CA TYR S 54 1.34 -20.07 -8.29
C TYR S 54 1.96 -21.41 -7.92
N LYS S 55 2.03 -21.66 -6.62
CA LYS S 55 2.61 -22.88 -6.07
C LYS S 55 4.02 -23.11 -6.61
N VAL S 56 4.90 -22.17 -6.24
CA VAL S 56 6.36 -22.21 -6.38
C VAL S 56 6.84 -22.28 -7.84
N SER S 57 6.20 -23.12 -8.68
CA SER S 57 6.80 -23.38 -9.98
C SER S 57 5.78 -23.57 -11.10
N ASN S 58 4.53 -23.15 -10.93
CA ASN S 58 3.51 -23.31 -11.96
C ASN S 58 3.24 -21.96 -12.61
N ARG S 59 3.48 -21.87 -13.91
CA ARG S 59 3.20 -20.63 -14.64
C ARG S 59 1.69 -20.43 -14.77
N PHE S 60 1.26 -19.19 -14.58
CA PHE S 60 -0.14 -18.85 -14.76
C PHE S 60 -0.48 -18.80 -16.25
N SER S 61 -1.78 -18.80 -16.54
CA SER S 61 -2.26 -18.75 -17.91
C SER S 61 -1.83 -17.44 -18.57
N GLY S 62 -1.12 -17.53 -19.69
CA GLY S 62 -0.64 -16.37 -20.39
C GLY S 62 0.69 -15.82 -19.91
N VAL S 63 1.46 -16.60 -19.17
CA VAL S 63 2.77 -16.17 -18.66
C VAL S 63 3.85 -16.70 -19.59
N PRO S 64 4.74 -15.85 -20.09
CA PRO S 64 5.78 -16.32 -21.02
C PRO S 64 6.72 -17.32 -20.37
N ASP S 65 7.41 -18.08 -21.23
CA ASP S 65 8.35 -19.10 -20.75
C ASP S 65 9.52 -18.50 -20.00
N ARG S 66 9.77 -17.19 -20.16
CA ARG S 66 10.92 -16.57 -19.52
C ARG S 66 10.84 -16.65 -18.00
N PHE S 67 9.64 -16.51 -17.44
CA PHE S 67 9.47 -16.57 -16.00
C PHE S 67 9.60 -18.01 -15.52
N SER S 68 10.38 -18.21 -14.45
CA SER S 68 10.64 -19.54 -13.92
C SER S 68 10.80 -19.46 -12.41
N GLY S 69 9.91 -20.12 -11.68
CA GLY S 69 9.98 -20.15 -10.24
C GLY S 69 10.69 -21.39 -9.73
N SER S 70 11.38 -21.24 -8.60
CA SER S 70 12.15 -22.33 -8.03
C SER S 70 12.26 -22.11 -6.53
N GLY S 71 12.78 -23.12 -5.84
CA GLY S 71 13.00 -23.07 -4.41
C GLY S 71 12.22 -24.14 -3.68
N SER S 72 12.46 -24.20 -2.37
CA SER S 72 11.79 -25.14 -1.49
C SER S 72 12.03 -24.70 -0.05
N GLY S 73 11.33 -25.36 0.87
CA GLY S 73 11.45 -25.06 2.29
C GLY S 73 11.20 -23.61 2.61
N THR S 74 12.26 -22.88 2.97
CA THR S 74 12.17 -21.47 3.28
C THR S 74 12.89 -20.59 2.27
N ASP S 75 13.56 -21.17 1.27
CA ASP S 75 14.34 -20.41 0.32
C ASP S 75 13.75 -20.58 -1.08
N PHE S 76 13.32 -19.48 -1.68
CA PHE S 76 12.72 -19.50 -3.01
C PHE S 76 13.35 -18.43 -3.89
N THR S 77 13.34 -18.67 -5.19
CA THR S 77 13.91 -17.75 -6.16
C THR S 77 13.01 -17.67 -7.38
N LEU S 78 13.03 -16.51 -8.04
CA LEU S 78 12.30 -16.26 -9.28
C LEU S 78 13.30 -15.77 -10.33
N LYS S 79 13.32 -16.44 -11.47
CA LYS S 79 14.28 -16.16 -12.54
C LYS S 79 13.55 -15.70 -13.79
N ILE S 80 14.02 -14.62 -14.40
CA ILE S 80 13.54 -14.14 -15.68
C ILE S 80 14.64 -14.31 -16.71
N SER S 81 14.33 -15.03 -17.80
CA SER S 81 15.32 -15.32 -18.82
C SER S 81 15.79 -14.05 -19.52
N ARG S 82 14.85 -13.32 -20.14
CA ARG S 82 15.15 -12.07 -20.84
C ARG S 82 14.24 -10.98 -20.30
N VAL S 83 14.79 -10.08 -19.50
CA VAL S 83 14.00 -8.95 -19.02
C VAL S 83 13.65 -8.08 -20.22
N GLU S 84 12.38 -7.88 -20.46
CA GLU S 84 11.89 -7.10 -21.59
C GLU S 84 11.14 -5.86 -21.10
N ALA S 85 10.59 -5.12 -22.07
CA ALA S 85 9.91 -3.87 -21.75
C ALA S 85 8.74 -4.11 -20.81
N GLU S 86 7.86 -5.06 -21.14
CA GLU S 86 6.67 -5.30 -20.34
C GLU S 86 6.97 -6.22 -19.16
N ASP S 87 8.20 -6.14 -18.63
CA ASP S 87 8.57 -6.86 -17.43
C ASP S 87 8.89 -5.94 -16.26
N LEU S 88 8.72 -4.63 -16.42
CA LEU S 88 9.12 -3.67 -15.41
C LEU S 88 7.96 -3.44 -14.44
N GLY S 89 8.22 -3.68 -13.16
CA GLY S 89 7.21 -3.48 -12.14
C GLY S 89 7.68 -4.03 -10.81
N VAL S 90 6.79 -4.00 -9.84
CA VAL S 90 7.05 -4.52 -8.50
C VAL S 90 6.66 -5.99 -8.46
N TYR S 91 7.59 -6.83 -8.00
CA TYR S 91 7.38 -8.27 -7.87
C TYR S 91 7.13 -8.59 -6.40
N PHE S 92 5.97 -9.19 -6.12
CA PHE S 92 5.61 -9.57 -4.77
C PHE S 92 5.74 -11.08 -4.60
N CYS S 93 6.06 -11.49 -3.38
CA CYS S 93 6.24 -12.90 -3.03
C CYS S 93 5.30 -13.21 -1.89
N SER S 94 4.35 -14.11 -2.13
CA SER S 94 3.27 -14.37 -1.19
C SER S 94 3.33 -15.79 -0.64
N GLN S 95 2.89 -15.94 0.60
CA GLN S 95 2.72 -17.26 1.21
C GLN S 95 1.31 -17.35 1.77
N SER S 96 0.65 -18.47 1.47
CA SER S 96 -0.68 -18.77 1.95
C SER S 96 -0.76 -20.13 2.64
N THR S 97 0.39 -20.74 2.93
CA THR S 97 0.40 -22.01 3.64
C THR S 97 -0.14 -21.86 5.05
N HIS S 98 0.23 -20.77 5.72
CA HIS S 98 -0.18 -20.52 7.09
C HIS S 98 -1.08 -19.30 7.15
N VAL S 99 -2.10 -19.37 8.00
CA VAL S 99 -2.98 -18.23 8.25
C VAL S 99 -2.34 -17.36 9.32
N PRO S 100 -2.29 -16.03 9.14
CA PRO S 100 -2.85 -15.31 7.99
C PRO S 100 -1.97 -15.37 6.75
N PHE S 101 -2.60 -15.31 5.57
CA PHE S 101 -1.86 -15.20 4.32
C PHE S 101 -1.00 -13.95 4.34
N THR S 102 0.31 -14.11 4.23
CA THR S 102 1.22 -12.98 4.40
C THR S 102 2.14 -12.86 3.21
N PHE S 103 2.45 -11.62 2.83
CA PHE S 103 3.35 -11.36 1.72
C PHE S 103 4.00 -9.99 1.86
N GLY S 104 5.28 -9.92 1.50
CA GLY S 104 6.01 -8.68 1.32
C GLY S 104 7.15 -8.94 0.36
N ALA S 105 7.90 -7.88 0.05
CA ALA S 105 7.58 -6.53 0.48
C ALA S 105 7.61 -5.60 -0.73
N GLY S 106 7.83 -6.18 -1.91
CA GLY S 106 7.94 -5.42 -3.14
C GLY S 106 9.35 -5.42 -3.69
N THR S 107 9.50 -5.81 -4.95
CA THR S 107 10.80 -5.84 -5.62
C THR S 107 10.70 -5.09 -6.94
N LYS S 108 11.36 -3.94 -7.02
CA LYS S 108 11.31 -3.10 -8.21
C LYS S 108 12.31 -3.61 -9.24
N LEU S 109 11.81 -4.07 -10.38
CA LEU S 109 12.66 -4.47 -11.50
C LEU S 109 12.88 -3.24 -12.37
N GLU S 110 14.04 -2.61 -12.22
CA GLU S 110 14.33 -1.32 -12.84
C GLU S 110 15.39 -1.44 -13.93
N LEU S 111 15.48 -0.40 -14.74
CA LEU S 111 16.44 -0.33 -15.83
C LEU S 111 17.75 0.30 -15.34
N LYS S 112 18.85 -0.11 -15.97
CA LYS S 112 20.18 0.38 -15.62
C LYS S 112 20.63 1.50 -16.56
N ARG S 113 21.25 2.51 -15.95
CA ARG S 113 21.73 3.70 -16.63
C ARG S 113 23.14 4.00 -16.14
N ALA S 114 23.79 4.97 -16.77
CA ALA S 114 25.13 5.35 -16.34
C ALA S 114 25.01 6.21 -15.08
N ASP S 115 26.06 6.15 -14.25
CA ASP S 115 26.04 6.91 -13.02
C ASP S 115 25.94 8.40 -13.32
N ALA S 116 25.25 9.13 -12.45
CA ALA S 116 25.04 10.55 -12.64
C ALA S 116 24.98 11.24 -11.29
N ALA S 117 25.71 12.35 -11.18
CA ALA S 117 25.74 13.12 -9.95
C ALA S 117 24.45 13.96 -9.83
N PRO S 118 23.96 14.15 -8.61
CA PRO S 118 22.72 14.91 -8.44
C PRO S 118 22.93 16.40 -8.65
N THR S 119 21.89 17.05 -9.17
CA THR S 119 21.85 18.50 -9.32
C THR S 119 21.03 19.07 -8.16
N VAL S 120 21.69 19.83 -7.29
CA VAL S 120 21.09 20.31 -6.05
C VAL S 120 20.75 21.79 -6.21
N SER S 121 19.56 22.16 -5.71
CA SER S 121 19.11 23.55 -5.76
C SER S 121 18.34 23.87 -4.49
N ILE S 122 18.63 25.03 -3.90
CA ILE S 122 17.97 25.47 -2.68
C ILE S 122 17.07 26.66 -3.02
N PHE S 123 15.96 26.76 -2.28
CA PHE S 123 15.02 27.86 -2.42
C PHE S 123 14.53 28.30 -1.04
N PRO S 124 14.76 29.55 -0.66
CA PRO S 124 14.30 30.04 0.64
C PRO S 124 12.79 30.22 0.63
N PRO S 125 12.18 30.48 1.80
CA PRO S 125 10.73 30.70 1.82
C PRO S 125 10.33 31.91 0.99
N SER S 126 9.20 31.79 0.30
CA SER S 126 8.72 32.86 -0.55
C SER S 126 8.18 34.02 0.29
N SER S 127 8.00 35.16 -0.38
CA SER S 127 7.43 36.33 0.29
C SER S 127 5.99 36.10 0.69
N GLU S 128 5.26 35.28 -0.07
CA GLU S 128 3.85 35.02 0.25
C GLU S 128 3.70 34.17 1.51
N GLN S 129 4.59 33.19 1.69
CA GLN S 129 4.48 32.32 2.86
C GLN S 129 4.82 33.05 4.15
N LEU S 130 5.76 33.98 4.11
CA LEU S 130 6.12 34.73 5.31
C LEU S 130 5.01 35.66 5.78
N THR S 131 4.05 35.98 4.92
CA THR S 131 2.89 36.75 5.34
C THR S 131 1.88 35.90 6.12
N SER S 132 1.93 34.59 5.96
CA SER S 132 1.06 33.67 6.67
C SER S 132 1.63 33.20 8.01
N GLY S 133 2.88 33.53 8.30
CA GLY S 133 3.51 33.13 9.55
C GLY S 133 4.38 31.91 9.48
N GLY S 134 4.63 31.36 8.29
CA GLY S 134 5.47 30.20 8.14
C GLY S 134 6.59 30.46 7.14
N ALA S 135 7.58 29.57 7.17
CA ALA S 135 8.74 29.67 6.29
C ALA S 135 9.22 28.26 5.93
N SER S 136 9.16 27.91 4.65
CA SER S 136 9.61 26.61 4.17
C SER S 136 10.72 26.79 3.16
N VAL S 137 11.86 26.14 3.40
CA VAL S 137 13.01 26.15 2.50
C VAL S 137 13.10 24.77 1.84
N VAL S 138 13.25 24.76 0.53
CA VAL S 138 13.17 23.50 -0.23
C VAL S 138 14.52 23.23 -0.89
N CYS S 139 14.86 21.94 -0.97
CA CYS S 139 16.11 21.49 -1.57
C CYS S 139 15.79 20.36 -2.55
N PHE S 140 16.09 20.57 -3.83
CA PHE S 140 15.86 19.61 -4.88
C PHE S 140 17.17 18.92 -5.26
N LEU S 141 17.14 17.61 -5.39
CA LEU S 141 18.28 16.78 -5.80
C LEU S 141 17.81 16.00 -7.02
N ASN S 142 18.05 16.54 -8.20
CA ASN S 142 17.46 16.02 -9.43
C ASN S 142 18.47 15.25 -10.26
N ASN S 143 18.00 14.17 -10.89
CA ASN S 143 18.74 13.41 -11.90
C ASN S 143 20.05 12.85 -11.35
N PHE S 144 19.89 11.85 -10.47
CA PHE S 144 21.04 11.14 -9.91
C PHE S 144 20.86 9.63 -10.07
N TYR S 145 21.97 8.92 -9.89
CA TYR S 145 22.00 7.47 -9.94
C TYR S 145 23.24 7.00 -9.21
N PRO S 146 23.16 5.94 -8.39
CA PRO S 146 21.97 5.09 -8.14
C PRO S 146 20.90 5.74 -7.26
N LYS S 147 19.92 4.92 -6.86
CA LYS S 147 18.78 5.44 -6.09
C LYS S 147 19.18 5.86 -4.69
N ASP S 148 20.23 5.27 -4.13
CA ASP S 148 20.61 5.56 -2.75
C ASP S 148 21.23 6.94 -2.65
N ILE S 149 20.71 7.74 -1.70
CA ILE S 149 21.21 9.09 -1.48
C ILE S 149 20.74 9.53 -0.08
N ASN S 150 21.49 10.46 0.52
CA ASN S 150 21.18 10.97 1.85
C ASN S 150 21.25 12.49 1.86
N VAL S 151 20.32 13.12 2.58
CA VAL S 151 20.28 14.57 2.71
C VAL S 151 20.38 14.94 4.18
N LYS S 152 21.03 16.08 4.45
CA LYS S 152 21.18 16.62 5.80
C LYS S 152 21.01 18.13 5.75
N TRP S 153 20.07 18.65 6.52
CA TRP S 153 19.91 20.09 6.70
C TRP S 153 20.67 20.54 7.94
N LYS S 154 21.36 21.67 7.82
CA LYS S 154 22.07 22.24 8.97
C LYS S 154 21.82 23.74 9.07
N ILE S 155 21.48 24.16 10.30
CA ILE S 155 21.32 25.55 10.71
C ILE S 155 21.99 25.66 12.08
N ASP S 156 23.09 26.40 12.17
CA ASP S 156 23.69 27.11 11.04
C ASP S 156 24.47 26.21 10.07
N GLY S 157 25.33 25.29 10.54
CA GLY S 157 25.65 25.04 11.95
C GLY S 157 25.34 23.62 12.39
N SER S 158 24.33 23.48 13.25
CA SER S 158 23.93 22.21 13.81
C SER S 158 22.76 21.64 13.01
N GLU S 159 22.75 20.31 12.87
CA GLU S 159 21.69 19.66 12.11
C GLU S 159 20.38 19.67 12.88
N ARG S 160 19.30 19.98 12.17
CA ARG S 160 17.96 20.02 12.76
C ARG S 160 17.04 19.14 11.92
N GLN S 161 16.45 18.13 12.54
CA GLN S 161 15.58 17.18 11.86
C GLN S 161 14.11 17.39 12.21
N ASN S 162 13.79 18.32 13.10
CA ASN S 162 12.43 18.48 13.60
C ASN S 162 11.57 19.34 12.68
N GLY S 163 11.85 19.30 11.38
CA GLY S 163 11.05 20.04 10.42
C GLY S 163 11.20 19.54 9.00
N VAL S 164 11.94 18.46 8.80
CA VAL S 164 12.30 17.96 7.48
C VAL S 164 11.23 16.99 6.99
N LEU S 165 10.75 17.20 5.76
CA LEU S 165 9.84 16.28 5.09
C LEU S 165 10.46 15.91 3.74
N ASN S 166 10.66 14.62 3.51
CA ASN S 166 11.35 14.13 2.33
C ASN S 166 10.39 13.36 1.43
N SER S 167 10.63 13.46 0.13
CA SER S 167 9.84 12.77 -0.89
C SER S 167 10.74 12.38 -2.04
N TRP S 168 10.56 11.15 -2.54
CA TRP S 168 11.35 10.63 -3.64
C TRP S 168 10.44 10.30 -4.81
N THR S 169 10.97 10.44 -6.02
CA THR S 169 10.30 9.96 -7.22
C THR S 169 10.95 8.66 -7.68
N ASP S 170 10.20 7.89 -8.45
CA ASP S 170 10.69 6.64 -9.03
C ASP S 170 11.52 6.94 -10.27
N GLN S 171 11.96 5.87 -10.95
CA GLN S 171 12.76 6.03 -12.16
C GLN S 171 11.98 6.79 -13.21
N ASP S 172 12.51 7.93 -13.64
CA ASP S 172 11.89 8.70 -14.71
C ASP S 172 11.93 7.91 -16.02
N SER S 173 10.85 7.99 -16.79
CA SER S 173 10.80 7.31 -18.07
C SER S 173 11.86 7.81 -19.04
N LYS S 174 12.42 8.99 -18.79
CA LYS S 174 13.49 9.55 -19.62
C LYS S 174 14.82 9.35 -18.89
N ASP S 175 15.68 8.52 -19.47
CA ASP S 175 17.06 8.27 -19.03
C ASP S 175 17.15 7.53 -17.70
N SER S 176 16.02 7.16 -17.09
CA SER S 176 16.01 6.26 -15.92
C SER S 176 16.83 6.85 -14.76
N THR S 177 16.72 8.15 -14.56
CA THR S 177 17.37 8.82 -13.45
C THR S 177 16.36 9.11 -12.34
N TYR S 178 16.84 9.16 -11.11
CA TYR S 178 16.00 9.43 -9.95
C TYR S 178 16.05 10.91 -9.57
N SER S 179 15.11 11.33 -8.75
CA SER S 179 15.07 12.69 -8.23
C SER S 179 14.47 12.67 -6.83
N MET S 180 14.72 13.75 -6.09
CA MET S 180 14.31 13.82 -4.70
C MET S 180 14.03 15.28 -4.33
N SER S 181 13.05 15.47 -3.45
CA SER S 181 12.70 16.77 -2.91
C SER S 181 12.68 16.69 -1.39
N SER S 182 13.27 17.69 -0.73
CA SER S 182 13.28 17.77 0.73
C SER S 182 12.87 19.18 1.14
N THR S 183 11.74 19.29 1.84
CA THR S 183 11.21 20.57 2.28
C THR S 183 11.30 20.66 3.79
N LEU S 184 12.02 21.66 4.28
CA LEU S 184 12.17 21.93 5.71
C LEU S 184 11.30 23.12 6.08
N THR S 185 10.28 22.88 6.91
CA THR S 185 9.28 23.89 7.26
C THR S 185 9.44 24.28 8.72
N LEU S 186 9.70 25.56 8.97
CA LEU S 186 9.73 26.13 10.31
C LEU S 186 8.79 27.32 10.39
N THR S 187 8.50 27.73 11.62
CA THR S 187 7.73 28.93 11.86
C THR S 187 8.52 30.17 11.45
N LYS S 188 7.80 31.28 11.24
CA LYS S 188 8.43 32.52 10.83
C LYS S 188 9.39 33.03 11.89
N ASP S 189 9.05 32.86 13.16
CA ASP S 189 9.91 33.31 14.24
C ASP S 189 11.25 32.59 14.21
N GLU S 190 11.22 31.26 14.05
CA GLU S 190 12.46 30.49 13.96
C GLU S 190 13.25 30.87 12.72
N TYR S 191 12.56 31.27 11.65
CA TYR S 191 13.26 31.73 10.45
C TYR S 191 13.97 33.05 10.68
N GLU S 192 13.33 33.99 11.38
CA GLU S 192 13.95 35.28 11.64
C GLU S 192 15.03 35.20 12.71
N ARG S 193 15.17 34.08 13.40
CA ARG S 193 16.18 33.92 14.44
C ARG S 193 17.50 33.37 13.92
N HIS S 194 17.57 33.00 12.65
CA HIS S 194 18.78 32.47 12.05
C HIS S 194 19.01 33.14 10.69
N ASN S 195 20.27 33.10 10.25
CA ASN S 195 20.69 33.78 9.02
C ASN S 195 21.09 32.82 7.92
N SER S 196 21.96 31.85 8.21
CA SER S 196 22.51 30.94 7.20
C SER S 196 21.80 29.60 7.25
N TYR S 197 21.40 29.10 6.08
CA TYR S 197 20.74 27.80 5.94
C TYR S 197 21.51 26.96 4.93
N THR S 198 21.86 25.72 5.29
CA THR S 198 22.64 24.91 4.34
C THR S 198 22.02 23.53 4.17
N CYS S 199 21.82 23.15 2.91
CA CYS S 199 21.37 21.81 2.51
C CYS S 199 22.56 21.02 1.97
N GLU S 200 22.79 19.85 2.55
CA GLU S 200 23.93 19.01 2.23
C GLU S 200 23.44 17.69 1.65
N ALA S 201 24.05 17.25 0.56
CA ALA S 201 23.69 16.03 -0.14
C ALA S 201 24.90 15.09 -0.14
N THR S 202 24.75 13.94 0.51
CA THR S 202 25.76 12.89 0.49
C THR S 202 25.30 11.81 -0.47
N HIS S 203 26.13 11.51 -1.47
CA HIS S 203 25.78 10.58 -2.53
C HIS S 203 26.91 9.59 -2.73
N LYS S 204 26.58 8.44 -3.32
CA LYS S 204 27.56 7.37 -3.50
C LYS S 204 28.63 7.70 -4.52
N THR S 205 28.45 8.76 -5.32
CA THR S 205 29.44 9.15 -6.31
C THR S 205 30.57 9.96 -5.68
N SER S 206 31.74 9.89 -6.30
CA SER S 206 32.92 10.59 -5.82
C SER S 206 32.74 12.09 -5.94
N THR S 207 33.24 12.85 -4.95
CA THR S 207 33.87 12.32 -3.73
C THR S 207 33.40 13.15 -2.54
N SER S 208 33.05 12.49 -1.43
CA SER S 208 32.72 13.17 -0.17
C SER S 208 31.41 13.95 -0.31
N PRO S 209 30.83 14.46 0.79
CA PRO S 209 29.55 15.16 0.67
C PRO S 209 29.63 16.39 -0.23
N ILE S 210 28.56 16.60 -0.99
CA ILE S 210 28.37 17.78 -1.83
C ILE S 210 27.51 18.76 -1.05
N VAL S 211 27.93 20.03 -1.00
CA VAL S 211 27.30 21.01 -0.13
C VAL S 211 26.68 22.12 -0.97
N LYS S 212 25.48 22.55 -0.56
CA LYS S 212 24.87 23.78 -1.07
C LYS S 212 24.38 24.59 0.12
N SER S 213 24.49 25.92 0.02
CA SER S 213 24.17 26.77 1.15
C SER S 213 23.72 28.13 0.67
N PHE S 214 23.08 28.88 1.57
CA PHE S 214 22.76 30.27 1.28
C PHE S 214 22.62 31.04 2.59
N ASN S 215 22.80 32.35 2.51
CA ASN S 215 22.66 33.26 3.63
C ASN S 215 21.41 34.11 3.47
N ARG S 216 21.14 34.94 4.47
CA ARG S 216 19.90 35.72 4.49
C ARG S 216 19.94 36.89 3.52
N ASN S 217 21.11 37.50 3.33
CA ASN S 217 21.36 38.64 2.43
C ASN S 217 22.84 38.99 2.46
N VAL T 2 -14.06 -13.16 -15.53
CA VAL T 2 -13.21 -12.53 -16.53
C VAL T 2 -12.96 -11.10 -16.09
N LYS T 3 -13.94 -10.54 -15.39
CA LYS T 3 -13.91 -9.14 -14.95
C LYS T 3 -14.40 -9.00 -13.52
N LEU T 4 -13.58 -8.40 -12.67
CA LEU T 4 -13.94 -8.02 -11.32
C LEU T 4 -13.91 -6.49 -11.24
N VAL T 5 -15.06 -5.90 -10.96
CA VAL T 5 -15.25 -4.45 -10.95
C VAL T 5 -15.52 -4.02 -9.52
N GLU T 6 -14.61 -3.21 -8.98
CA GLU T 6 -14.74 -2.68 -7.63
C GLU T 6 -15.75 -1.55 -7.59
N SER T 7 -16.25 -1.28 -6.38
CA SER T 7 -17.24 -0.25 -6.14
C SER T 7 -17.25 0.01 -4.63
N GLY T 8 -17.67 1.22 -4.26
CA GLY T 8 -17.77 1.49 -2.84
C GLY T 8 -16.47 1.91 -2.18
N GLY T 9 -16.53 3.01 -1.44
CA GLY T 9 -17.49 4.05 -1.74
C GLY T 9 -16.94 5.46 -1.79
N GLY T 10 -15.94 5.74 -0.97
CA GLY T 10 -15.33 7.05 -0.99
C GLY T 10 -14.13 7.23 -0.07
N LEU T 11 -14.04 8.43 0.50
CA LEU T 11 -13.06 8.79 1.51
C LEU T 11 -13.86 9.27 2.70
N VAL T 12 -13.73 8.59 3.84
CA VAL T 12 -14.70 8.69 4.91
C VAL T 12 -13.98 8.97 6.24
N LYS T 13 -14.75 9.50 7.20
CA LYS T 13 -14.22 9.90 8.49
C LYS T 13 -13.72 8.68 9.27
N PRO T 14 -12.82 8.89 10.22
CA PRO T 14 -12.40 7.78 11.08
C PRO T 14 -13.47 7.40 12.09
N GLY T 15 -13.50 6.11 12.41
CA GLY T 15 -14.49 5.59 13.33
C GLY T 15 -15.88 5.39 12.75
N GLY T 16 -16.05 5.48 11.43
CA GLY T 16 -17.33 5.30 10.81
C GLY T 16 -17.33 4.08 9.90
N SER T 17 -18.54 3.68 9.50
CA SER T 17 -18.69 2.49 8.67
C SER T 17 -18.54 2.83 7.19
N LEU T 18 -18.43 1.78 6.38
CA LEU T 18 -18.28 1.87 4.93
C LEU T 18 -18.39 0.47 4.35
N LYS T 19 -19.15 0.33 3.27
CA LYS T 19 -19.38 -0.95 2.63
C LYS T 19 -18.76 -0.93 1.24
N LEU T 20 -18.02 -1.96 0.90
CA LEU T 20 -17.38 -2.09 -0.40
C LEU T 20 -18.05 -3.20 -1.18
N SER T 21 -18.34 -2.95 -2.46
CA SER T 21 -19.00 -3.91 -3.33
C SER T 21 -18.07 -4.31 -4.47
N CYS T 22 -18.37 -5.47 -5.06
CA CYS T 22 -17.54 -6.03 -6.13
C CYS T 22 -18.42 -6.86 -7.04
N ALA T 23 -18.51 -6.45 -8.31
CA ALA T 23 -19.29 -7.16 -9.31
C ALA T 23 -18.40 -8.06 -10.15
N ALA T 24 -18.79 -9.32 -10.29
CA ALA T 24 -18.02 -10.31 -11.03
C ALA T 24 -18.74 -10.66 -12.32
N SER T 25 -17.95 -11.00 -13.35
CA SER T 25 -18.50 -11.38 -14.64
C SER T 25 -17.53 -12.33 -15.32
N GLY T 26 -18.08 -13.29 -16.06
CA GLY T 26 -17.28 -14.18 -16.90
C GLY T 26 -16.88 -15.50 -16.29
N PHE T 27 -17.47 -15.89 -15.16
CA PHE T 27 -17.12 -17.16 -14.53
C PHE T 27 -18.21 -17.50 -13.52
N PRO T 28 -18.35 -18.78 -13.15
CA PRO T 28 -19.32 -19.13 -12.10
C PRO T 28 -18.93 -18.54 -10.75
N PHE T 29 -19.55 -17.42 -10.39
CA PHE T 29 -19.19 -16.72 -9.18
C PHE T 29 -19.43 -17.57 -7.94
N SER T 30 -20.54 -18.31 -7.91
CA SER T 30 -20.89 -19.09 -6.74
C SER T 30 -20.02 -20.32 -6.56
N ASP T 31 -19.09 -20.59 -7.48
CA ASP T 31 -18.23 -21.76 -7.41
C ASP T 31 -16.85 -21.46 -6.84
N TYR T 32 -16.47 -20.20 -6.71
CA TYR T 32 -15.15 -19.82 -6.24
C TYR T 32 -15.23 -19.14 -4.88
N THR T 33 -14.15 -19.25 -4.12
CA THR T 33 -13.99 -18.53 -2.86
C THR T 33 -13.35 -17.18 -3.13
N MET T 34 -13.89 -16.14 -2.51
CA MET T 34 -13.46 -14.78 -2.80
C MET T 34 -12.63 -14.23 -1.64
N SER T 35 -11.94 -13.12 -1.89
CA SER T 35 -11.07 -12.55 -0.88
C SER T 35 -10.86 -11.06 -1.14
N TRP T 36 -10.54 -10.33 -0.07
CA TRP T 36 -10.21 -8.92 -0.12
C TRP T 36 -8.75 -8.73 0.27
N ILE T 37 -8.00 -8.01 -0.57
CA ILE T 37 -6.58 -7.73 -0.36
C ILE T 37 -6.37 -6.23 -0.50
N ARG T 38 -5.79 -5.60 0.53
CA ARG T 38 -5.57 -4.16 0.50
C ARG T 38 -4.08 -3.83 0.38
N GLN T 39 -3.79 -2.68 -0.20
CA GLN T 39 -2.42 -2.19 -0.36
C GLN T 39 -2.26 -0.87 0.39
N THR T 40 -1.34 -0.86 1.36
CA THR T 40 -1.10 0.29 2.22
C THR T 40 -0.52 1.47 1.43
N PRO T 41 -0.58 2.68 1.99
CA PRO T 41 0.05 3.83 1.32
C PRO T 41 1.56 3.66 1.11
N GLU T 42 2.23 2.88 1.94
CA GLU T 42 3.62 2.54 1.69
C GLU T 42 3.78 1.47 0.61
N LYS T 43 2.70 1.15 -0.10
CA LYS T 43 2.71 0.22 -1.22
C LYS T 43 3.14 -1.18 -0.77
N ARG T 44 2.53 -1.64 0.31
CA ARG T 44 2.68 -3.00 0.78
C ARG T 44 1.31 -3.68 0.78
N LEU T 45 1.29 -4.93 0.30
CA LEU T 45 0.05 -5.67 0.13
C LEU T 45 -0.23 -6.49 1.37
N GLU T 46 -1.48 -6.45 1.85
CA GLU T 46 -1.89 -7.17 3.04
C GLU T 46 -3.20 -7.89 2.77
N TRP T 47 -3.34 -9.08 3.36
CA TRP T 47 -4.56 -9.87 3.20
C TRP T 47 -5.61 -9.40 4.20
N VAL T 48 -6.81 -9.10 3.69
CA VAL T 48 -7.87 -8.51 4.50
C VAL T 48 -8.92 -9.54 4.87
N ALA T 49 -9.44 -10.30 3.90
CA ALA T 49 -10.52 -11.22 4.23
C ALA T 49 -10.62 -12.31 3.18
N SER T 50 -11.37 -13.36 3.52
CA SER T 50 -11.72 -14.36 2.52
C SER T 50 -12.99 -15.09 2.94
N ILE T 51 -13.88 -15.31 1.97
CA ILE T 51 -15.16 -15.97 2.19
C ILE T 51 -15.28 -17.15 1.24
N SER T 52 -15.95 -18.20 1.72
CA SER T 52 -16.10 -19.43 0.97
C SER T 52 -17.02 -19.23 -0.24
N SER T 53 -17.12 -20.28 -1.05
CA SER T 53 -18.00 -20.23 -2.23
C SER T 53 -19.44 -19.98 -1.80
N GLY T 54 -19.91 -20.74 -0.81
CA GLY T 54 -21.13 -20.38 -0.10
C GLY T 54 -20.77 -19.50 1.10
N GLY T 55 -21.64 -18.55 1.39
CA GLY T 55 -21.34 -17.55 2.41
C GLY T 55 -21.30 -18.06 3.83
N THR T 56 -20.97 -19.34 4.03
CA THR T 56 -21.01 -19.92 5.36
C THR T 56 -19.69 -19.80 6.11
N TYR T 57 -18.56 -19.77 5.38
CA TYR T 57 -17.25 -19.77 6.01
C TYR T 57 -16.49 -18.51 5.62
N THR T 58 -16.13 -17.72 6.62
CA THR T 58 -15.33 -16.51 6.44
C THR T 58 -14.14 -16.56 7.39
N TYR T 59 -13.05 -15.93 6.99
CA TYR T 59 -11.92 -15.80 7.90
C TYR T 59 -11.08 -14.58 7.55
N TYR T 60 -10.48 -14.01 8.58
CA TYR T 60 -9.78 -12.74 8.57
C TYR T 60 -8.46 -12.91 9.29
N PRO T 61 -7.56 -11.93 9.20
CA PRO T 61 -6.44 -11.88 10.13
C PRO T 61 -6.85 -11.22 11.45
N ASP T 62 -6.06 -11.50 12.49
CA ASP T 62 -6.38 -10.99 13.82
C ASP T 62 -6.31 -9.47 13.88
N THR T 63 -5.60 -8.82 12.94
CA THR T 63 -5.50 -7.37 12.99
C THR T 63 -6.78 -6.66 12.61
N VAL T 64 -7.79 -7.38 12.12
CA VAL T 64 -9.02 -6.73 11.68
C VAL T 64 -10.20 -7.67 11.89
N LYS T 65 -9.99 -8.77 12.63
CA LYS T 65 -11.02 -9.80 12.72
C LYS T 65 -12.30 -9.27 13.35
N GLY T 66 -12.19 -8.25 14.21
CA GLY T 66 -13.35 -7.78 14.94
C GLY T 66 -14.08 -6.62 14.28
N ARG T 67 -13.41 -5.91 13.36
CA ARG T 67 -13.99 -4.73 12.74
C ARG T 67 -14.66 -5.02 11.40
N PHE T 68 -14.07 -5.87 10.57
CA PHE T 68 -14.54 -6.12 9.22
C PHE T 68 -15.40 -7.37 9.16
N THR T 69 -16.29 -7.41 8.16
CA THR T 69 -17.22 -8.52 7.97
C THR T 69 -17.41 -8.72 6.47
N ILE T 70 -16.82 -9.78 5.93
CA ILE T 70 -16.95 -10.09 4.51
C ILE T 70 -18.25 -10.86 4.28
N SER T 71 -18.93 -10.56 3.18
CA SER T 71 -20.16 -11.25 2.82
C SER T 71 -20.21 -11.39 1.30
N ARG T 72 -21.22 -12.09 0.82
CA ARG T 72 -21.36 -12.28 -0.61
C ARG T 72 -22.82 -12.57 -0.95
N ASP T 73 -23.24 -12.12 -2.12
CA ASP T 73 -24.55 -12.43 -2.68
C ASP T 73 -24.29 -13.17 -3.99
N ASN T 74 -24.46 -14.49 -3.95
CA ASN T 74 -24.24 -15.30 -5.15
C ASN T 74 -25.35 -15.11 -6.17
N ALA T 75 -26.54 -14.70 -5.73
CA ALA T 75 -27.61 -14.42 -6.67
C ALA T 75 -27.35 -13.13 -7.45
N LYS T 76 -26.72 -12.15 -6.80
CA LYS T 76 -26.35 -10.90 -7.46
C LYS T 76 -24.95 -10.92 -8.03
N ASN T 77 -24.20 -12.02 -7.83
CA ASN T 77 -22.81 -12.13 -8.26
C ASN T 77 -21.99 -10.97 -7.70
N THR T 78 -22.09 -10.75 -6.39
CA THR T 78 -21.46 -9.61 -5.76
C THR T 78 -20.74 -10.03 -4.49
N LEU T 79 -19.62 -9.36 -4.21
CA LEU T 79 -18.85 -9.56 -2.99
C LEU T 79 -18.87 -8.27 -2.19
N TYR T 80 -18.97 -8.40 -0.87
CA TYR T 80 -19.10 -7.24 0.01
C TYR T 80 -18.06 -7.29 1.11
N LEU T 81 -17.57 -6.11 1.49
CA LEU T 81 -16.66 -5.94 2.61
C LEU T 81 -17.25 -4.85 3.52
N GLN T 82 -17.72 -5.27 4.69
CA GLN T 82 -18.35 -4.37 5.65
C GLN T 82 -17.31 -3.91 6.66
N MET T 83 -16.80 -2.70 6.47
CA MET T 83 -15.84 -2.10 7.37
C MET T 83 -16.57 -1.16 8.33
N SER T 84 -16.16 -1.16 9.59
CA SER T 84 -16.80 -0.30 10.58
C SER T 84 -15.76 0.11 11.61
N SER T 85 -15.94 1.33 12.14
CA SER T 85 -15.02 1.91 13.12
C SER T 85 -13.58 1.84 12.62
N LEU T 86 -13.37 2.28 11.38
CA LEU T 86 -12.06 2.21 10.77
C LEU T 86 -11.07 3.11 11.53
N LYS T 87 -9.81 2.72 11.47
CA LYS T 87 -8.73 3.50 12.04
C LYS T 87 -7.98 4.21 10.93
N SER T 88 -7.18 5.21 11.30
CA SER T 88 -6.40 5.95 10.32
C SER T 88 -5.40 5.05 9.60
N GLU T 89 -5.00 3.95 10.23
CA GLU T 89 -4.06 3.00 9.64
C GLU T 89 -4.69 2.15 8.55
N ASP T 90 -6.02 2.15 8.43
CA ASP T 90 -6.72 1.32 7.45
C ASP T 90 -6.88 1.99 6.10
N THR T 91 -6.18 3.10 5.85
CA THR T 91 -6.19 3.72 4.54
C THR T 91 -5.45 2.82 3.56
N ALA T 92 -6.11 2.43 2.47
CA ALA T 92 -5.50 1.48 1.55
C ALA T 92 -6.30 1.43 0.26
N MET T 93 -5.65 0.88 -0.76
CA MET T 93 -6.31 0.53 -2.02
C MET T 93 -6.85 -0.89 -1.90
N PHE T 94 -8.18 -1.03 -1.87
CA PHE T 94 -8.82 -2.32 -1.60
C PHE T 94 -9.12 -3.03 -2.91
N TYR T 95 -8.67 -4.28 -3.01
CA TYR T 95 -8.78 -5.12 -4.20
C TYR T 95 -9.66 -6.33 -3.93
N CYS T 96 -10.50 -6.65 -4.91
CA CYS T 96 -11.41 -7.78 -4.86
C CYS T 96 -10.82 -8.91 -5.70
N THR T 97 -10.48 -10.02 -5.07
CA THR T 97 -9.73 -11.08 -5.72
C THR T 97 -10.47 -12.41 -5.61
N ARG T 98 -10.21 -13.28 -6.58
CA ARG T 98 -10.82 -14.60 -6.65
C ARG T 98 -9.78 -15.66 -6.30
N ALA T 99 -10.13 -16.53 -5.35
CA ALA T 99 -9.22 -17.59 -4.94
C ALA T 99 -9.53 -18.89 -5.64
N SER T 100 -9.39 -20.01 -4.93
CA SER T 100 -9.57 -21.33 -5.53
C SER T 100 -11.05 -21.71 -5.56
N PRO T 101 -11.45 -22.59 -6.49
CA PRO T 101 -12.85 -23.02 -6.55
C PRO T 101 -13.25 -23.90 -5.39
N TYR T 102 -14.50 -24.36 -5.37
CA TYR T 102 -15.00 -25.16 -4.26
C TYR T 102 -14.32 -26.53 -4.21
N TYR T 103 -14.01 -27.12 -5.37
CA TYR T 103 -13.48 -28.47 -5.43
C TYR T 103 -11.98 -28.54 -5.18
N ASP T 104 -11.35 -27.43 -4.80
CA ASP T 104 -9.94 -27.43 -4.43
C ASP T 104 -9.79 -26.90 -3.01
N TYR T 105 -8.75 -27.38 -2.33
CA TYR T 105 -8.33 -26.78 -1.07
C TYR T 105 -8.05 -25.29 -1.29
N ASP T 106 -8.39 -24.48 -0.30
CA ASP T 106 -8.15 -23.05 -0.42
C ASP T 106 -6.65 -22.79 -0.53
N GLU T 107 -6.13 -22.82 -1.76
CA GLU T 107 -4.69 -22.77 -1.97
C GLU T 107 -4.13 -21.37 -1.71
N GLY T 108 -4.99 -20.35 -1.68
CA GLY T 108 -4.61 -19.03 -1.24
C GLY T 108 -3.96 -18.15 -2.27
N TYR T 109 -3.80 -18.61 -3.51
CA TYR T 109 -3.36 -17.74 -4.59
C TYR T 109 -4.57 -17.17 -5.31
N MET T 110 -4.52 -15.88 -5.61
CA MET T 110 -5.62 -15.15 -6.24
C MET T 110 -5.24 -14.85 -7.69
N ASP T 111 -5.87 -15.55 -8.61
CA ASP T 111 -5.51 -15.41 -10.02
C ASP T 111 -6.03 -14.11 -10.61
N TYR T 112 -7.26 -13.73 -10.30
CA TYR T 112 -7.89 -12.56 -10.89
C TYR T 112 -8.11 -11.48 -9.83
N TRP T 113 -7.71 -10.26 -10.15
CA TRP T 113 -7.82 -9.11 -9.27
C TRP T 113 -8.76 -8.08 -9.90
N GLY T 114 -9.36 -7.23 -9.05
CA GLY T 114 -10.23 -6.18 -9.50
C GLY T 114 -9.43 -4.94 -9.86
N GLN T 115 -10.16 -3.85 -10.15
CA GLN T 115 -9.47 -2.61 -10.52
C GLN T 115 -8.93 -1.88 -9.30
N GLY T 116 -9.60 -2.01 -8.16
CA GLY T 116 -9.19 -1.39 -6.91
C GLY T 116 -10.02 -0.18 -6.55
N THR T 117 -10.31 -0.01 -5.27
CA THR T 117 -10.98 1.18 -4.76
C THR T 117 -10.24 1.66 -3.53
N SER T 118 -9.67 2.86 -3.61
CA SER T 118 -8.91 3.42 -2.51
C SER T 118 -9.84 4.06 -1.49
N VAL T 119 -9.70 3.67 -0.23
CA VAL T 119 -10.40 4.32 0.87
C VAL T 119 -9.37 4.93 1.80
N THR T 120 -9.62 6.16 2.23
CA THR T 120 -8.76 6.86 3.16
C THR T 120 -9.58 7.35 4.34
N VAL T 121 -9.00 7.30 5.53
CA VAL T 121 -9.69 7.65 6.77
C VAL T 121 -8.84 8.66 7.51
N SER T 122 -9.38 9.86 7.70
CA SER T 122 -8.67 10.92 8.41
C SER T 122 -9.70 11.93 8.92
N SER T 123 -9.37 12.58 10.03
CA SER T 123 -10.25 13.58 10.62
C SER T 123 -10.19 14.92 9.92
N ALA T 124 -9.24 15.12 9.02
CA ALA T 124 -9.07 16.40 8.37
C ALA T 124 -10.25 16.74 7.47
N LYS T 125 -10.57 18.03 7.40
CA LYS T 125 -11.61 18.56 6.55
C LYS T 125 -11.01 19.10 5.25
N THR T 126 -11.89 19.37 4.28
CA THR T 126 -11.45 19.89 3.00
C THR T 126 -10.83 21.28 3.18
N THR T 127 -9.58 21.44 2.75
CA THR T 127 -8.84 22.68 2.91
C THR T 127 -8.15 22.99 1.59
N ALA T 128 -8.24 24.26 1.16
CA ALA T 128 -7.60 24.67 -0.08
C ALA T 128 -6.09 24.82 0.11
N PRO T 129 -5.31 24.51 -0.90
CA PRO T 129 -3.85 24.59 -0.76
C PRO T 129 -3.33 26.01 -0.85
N SER T 130 -2.19 26.23 -0.20
CA SER T 130 -1.43 27.47 -0.33
C SER T 130 -0.26 27.22 -1.27
N VAL T 131 -0.22 27.94 -2.39
CA VAL T 131 0.78 27.75 -3.42
C VAL T 131 1.81 28.87 -3.32
N TYR T 132 3.09 28.50 -3.31
CA TYR T 132 4.17 29.45 -3.16
C TYR T 132 5.20 29.24 -4.26
N PRO T 133 5.66 30.31 -4.92
CA PRO T 133 6.73 30.19 -5.91
C PRO T 133 8.10 30.16 -5.26
N LEU T 134 9.04 29.50 -5.94
CA LEU T 134 10.40 29.31 -5.43
C LEU T 134 11.38 29.90 -6.44
N ALA T 135 11.90 31.09 -6.13
CA ALA T 135 12.89 31.72 -6.99
C ALA T 135 14.21 31.93 -6.27
N PRO T 136 15.33 31.81 -6.97
CA PRO T 136 16.65 32.10 -6.37
C PRO T 136 16.87 33.60 -6.23
N VAL T 137 17.28 34.03 -5.04
CA VAL T 137 17.57 35.44 -4.78
C VAL T 137 18.74 35.85 -5.68
N CYS T 138 19.94 35.37 -5.37
CA CYS T 138 21.13 35.61 -6.16
C CYS T 138 21.48 34.34 -6.95
N GLY T 139 22.54 34.42 -7.73
CA GLY T 139 22.88 33.30 -8.59
C GLY T 139 24.35 32.96 -8.69
N GLY T 140 24.72 31.80 -8.15
CA GLY T 140 26.03 31.21 -8.35
C GLY T 140 25.89 30.00 -9.26
N THR T 141 26.77 29.93 -10.26
CA THR T 141 26.59 29.03 -11.40
C THR T 141 25.18 29.21 -11.97
N THR T 142 24.85 30.46 -12.28
CA THR T 142 23.50 30.81 -12.71
C THR T 142 23.15 30.23 -14.07
N GLY T 143 24.14 29.81 -14.85
CA GLY T 143 23.93 29.34 -16.21
C GLY T 143 24.09 27.84 -16.36
N SER T 144 23.36 27.27 -17.31
CA SER T 144 23.43 25.86 -17.70
C SER T 144 23.37 24.94 -16.47
N SER T 145 22.17 24.85 -15.89
CA SER T 145 21.00 25.61 -16.32
C SER T 145 20.31 26.16 -15.08
N VAL T 146 19.20 26.86 -15.27
CA VAL T 146 18.46 27.43 -14.15
C VAL T 146 17.30 26.51 -13.80
N THR T 147 17.02 26.39 -12.51
CA THR T 147 15.96 25.51 -12.02
C THR T 147 15.05 26.32 -11.10
N LEU T 148 13.76 26.36 -11.43
CA LEU T 148 12.77 27.05 -10.63
C LEU T 148 12.05 26.05 -9.72
N GLY T 149 10.96 26.48 -9.12
CA GLY T 149 10.21 25.61 -8.24
C GLY T 149 8.86 26.17 -7.86
N CYS T 150 7.92 25.27 -7.55
CA CYS T 150 6.58 25.65 -7.15
C CYS T 150 6.13 24.67 -6.06
N LEU T 151 5.50 25.21 -5.01
CA LEU T 151 5.17 24.44 -3.82
C LEU T 151 3.68 24.53 -3.55
N VAL T 152 3.07 23.37 -3.27
CA VAL T 152 1.65 23.27 -2.96
C VAL T 152 1.55 22.70 -1.55
N LYS T 153 1.23 23.55 -0.58
CA LYS T 153 1.31 23.19 0.83
C LYS T 153 -0.08 23.18 1.48
N GLY T 154 -0.33 22.15 2.27
CA GLY T 154 -1.50 22.09 3.14
C GLY T 154 -2.84 21.98 2.45
N TYR T 155 -3.04 20.90 1.70
CA TYR T 155 -4.32 20.64 1.07
C TYR T 155 -4.85 19.26 1.49
N PHE T 156 -6.15 19.08 1.31
CA PHE T 156 -6.83 17.83 1.64
C PHE T 156 -8.21 17.82 1.00
N PRO T 157 -8.61 16.70 0.37
CA PRO T 157 -7.78 15.52 0.16
C PRO T 157 -7.08 15.50 -1.18
N GLU T 158 -6.33 14.43 -1.44
CA GLU T 158 -5.68 14.23 -2.73
C GLU T 158 -6.72 13.99 -3.83
N PRO T 159 -6.35 14.19 -5.10
CA PRO T 159 -5.08 14.72 -5.60
C PRO T 159 -5.19 16.15 -6.11
N VAL T 160 -4.09 16.73 -6.59
CA VAL T 160 -4.14 18.02 -7.25
C VAL T 160 -3.45 17.90 -8.61
N THR T 161 -3.82 18.79 -9.51
CA THR T 161 -3.22 18.83 -10.84
C THR T 161 -2.14 19.90 -10.88
N LEU T 162 -0.96 19.53 -11.39
CA LEU T 162 0.18 20.43 -11.48
C LEU T 162 0.65 20.48 -12.93
N THR T 163 0.59 21.66 -13.53
CA THR T 163 1.02 21.86 -14.90
C THR T 163 1.96 23.06 -14.94
N TRP T 164 2.84 23.10 -15.94
CA TRP T 164 3.75 24.22 -16.12
C TRP T 164 3.41 24.90 -17.43
N ASN T 165 3.16 26.21 -17.35
CA ASN T 165 2.80 27.03 -18.52
C ASN T 165 1.58 26.45 -19.22
N SER T 166 0.54 26.14 -18.43
CA SER T 166 -0.74 25.64 -18.95
C SER T 166 -0.55 24.36 -19.75
N GLY T 167 0.34 23.50 -19.29
CA GLY T 167 0.62 22.25 -19.96
C GLY T 167 1.78 22.29 -20.92
N SER T 168 2.37 23.46 -21.15
CA SER T 168 3.51 23.60 -22.04
C SER T 168 4.76 23.01 -21.41
N LEU T 169 5.87 23.10 -22.14
CA LEU T 169 7.18 22.69 -21.64
C LEU T 169 7.18 21.20 -21.31
N SER T 170 6.96 20.87 -20.03
CA SER T 170 6.87 19.50 -19.54
C SER T 170 8.20 18.76 -19.61
N SER T 171 9.19 19.35 -20.26
CA SER T 171 10.53 18.76 -20.35
C SER T 171 11.38 19.24 -19.18
N GLY T 172 12.10 18.29 -18.56
CA GLY T 172 12.90 18.62 -17.40
C GLY T 172 12.10 18.92 -16.16
N VAL T 173 10.84 18.48 -16.10
CA VAL T 173 9.95 18.75 -14.98
C VAL T 173 9.94 17.54 -14.06
N HIS T 174 10.08 17.78 -12.77
CA HIS T 174 9.99 16.73 -11.75
C HIS T 174 8.91 17.14 -10.75
N THR T 175 7.78 16.46 -10.80
CA THR T 175 6.69 16.66 -9.85
C THR T 175 6.70 15.50 -8.86
N PHE T 176 6.87 15.83 -7.59
CA PHE T 176 7.15 14.85 -6.54
C PHE T 176 5.85 14.41 -5.85
N PRO T 177 5.80 13.15 -5.43
CA PRO T 177 4.60 12.66 -4.74
C PRO T 177 4.35 13.42 -3.45
N ALA T 178 3.07 13.61 -3.13
CA ALA T 178 2.70 14.31 -1.91
C ALA T 178 3.05 13.50 -0.67
N LEU T 179 3.40 14.20 0.40
CA LEU T 179 3.66 13.59 1.70
C LEU T 179 2.68 14.15 2.72
N LEU T 180 2.21 13.30 3.62
CA LEU T 180 1.18 13.68 4.58
C LEU T 180 1.81 13.83 5.96
N GLN T 181 1.49 14.94 6.63
CA GLN T 181 1.88 15.19 8.00
C GLN T 181 0.84 16.10 8.64
N SER T 182 0.52 15.82 9.90
CA SER T 182 -0.46 16.58 10.67
C SER T 182 -1.80 16.65 9.93
N GLY T 183 -2.15 15.54 9.29
CA GLY T 183 -3.40 15.47 8.56
C GLY T 183 -3.49 16.35 7.34
N LEU T 184 -2.37 16.81 6.80
CA LEU T 184 -2.37 17.63 5.59
C LEU T 184 -1.30 17.13 4.62
N TYR T 185 -1.57 17.34 3.33
CA TYR T 185 -0.67 16.92 2.27
C TYR T 185 0.22 18.09 1.84
N THR T 186 1.40 17.73 1.35
CA THR T 186 2.35 18.71 0.82
C THR T 186 3.02 18.12 -0.42
N LEU T 187 3.05 18.91 -1.49
CA LEU T 187 3.62 18.48 -2.77
C LEU T 187 4.53 19.57 -3.30
N SER T 188 5.56 19.16 -4.02
CA SER T 188 6.55 20.09 -4.57
C SER T 188 6.85 19.72 -6.01
N SER T 189 7.23 20.72 -6.81
CA SER T 189 7.59 20.46 -8.19
C SER T 189 8.71 21.40 -8.61
N SER T 190 9.67 20.86 -9.34
CA SER T 190 10.81 21.63 -9.85
C SER T 190 10.86 21.53 -11.37
N VAL T 191 11.34 22.59 -12.00
CA VAL T 191 11.47 22.65 -13.45
C VAL T 191 12.82 23.25 -13.79
N THR T 192 13.46 22.71 -14.83
CA THR T 192 14.78 23.14 -15.27
C THR T 192 14.70 23.68 -16.70
N VAL T 193 15.18 24.91 -16.88
CA VAL T 193 15.21 25.58 -18.18
C VAL T 193 16.55 26.29 -18.33
N THR T 194 16.84 26.71 -19.56
CA THR T 194 18.07 27.44 -19.83
C THR T 194 18.07 28.78 -19.11
N SER T 195 19.27 29.25 -18.74
CA SER T 195 19.38 30.49 -17.98
C SER T 195 18.94 31.70 -18.78
N ASN T 196 19.04 31.65 -20.11
CA ASN T 196 18.66 32.77 -20.97
C ASN T 196 17.17 32.76 -21.32
N THR T 197 16.39 31.89 -20.72
CA THR T 197 14.94 31.85 -20.92
C THR T 197 14.17 32.50 -19.78
N TRP T 198 14.62 32.32 -18.54
CA TRP T 198 14.02 32.90 -17.35
C TRP T 198 15.01 33.80 -16.64
N PRO T 199 14.56 34.97 -16.13
CA PRO T 199 13.18 35.48 -16.14
C PRO T 199 12.84 36.29 -17.39
N SER T 200 13.55 36.05 -18.49
CA SER T 200 13.25 36.76 -19.73
C SER T 200 11.85 36.45 -20.22
N GLN T 201 11.42 35.19 -20.09
CA GLN T 201 10.07 34.77 -20.44
C GLN T 201 9.33 34.34 -19.19
N THR T 202 8.01 34.55 -19.20
CA THR T 202 7.20 34.26 -18.03
C THR T 202 7.07 32.75 -17.83
N ILE T 203 7.27 32.31 -16.60
CA ILE T 203 7.08 30.91 -16.20
C ILE T 203 6.13 30.88 -15.02
N THR T 204 5.00 30.22 -15.17
CA THR T 204 3.97 30.12 -14.14
C THR T 204 3.54 28.68 -13.95
N CYS T 205 3.39 28.27 -12.69
CA CYS T 205 2.86 26.96 -12.35
C CYS T 205 1.36 27.06 -12.12
N ASN T 206 0.62 26.12 -12.71
CA ASN T 206 -0.84 26.06 -12.61
C ASN T 206 -1.21 24.86 -11.75
N VAL T 207 -1.96 25.12 -10.69
CA VAL T 207 -2.37 24.08 -9.74
C VAL T 207 -3.88 24.12 -9.63
N ALA T 208 -4.52 22.99 -9.91
CA ALA T 208 -5.97 22.88 -9.82
C ALA T 208 -6.32 21.87 -8.74
N HIS T 209 -7.22 22.25 -7.84
CA HIS T 209 -7.71 21.38 -6.77
C HIS T 209 -9.23 21.26 -6.86
N PRO T 210 -9.76 20.18 -7.44
CA PRO T 210 -11.22 20.07 -7.57
C PRO T 210 -11.92 19.79 -6.24
N ALA T 211 -11.24 19.13 -5.29
CA ALA T 211 -11.88 18.79 -4.02
C ALA T 211 -12.35 20.03 -3.28
N SER T 212 -11.57 21.11 -3.33
CA SER T 212 -11.97 22.39 -2.76
C SER T 212 -12.50 23.35 -3.82
N SER T 213 -12.63 22.88 -5.06
CA SER T 213 -13.17 23.68 -6.17
C SER T 213 -12.38 24.96 -6.37
N THR T 214 -11.06 24.86 -6.32
CA THR T 214 -10.19 26.00 -6.54
C THR T 214 -9.23 25.72 -7.68
N LYS T 215 -8.73 26.80 -8.29
CA LYS T 215 -7.77 26.71 -9.39
C LYS T 215 -6.94 27.97 -9.37
N VAL T 216 -5.64 27.83 -9.12
CA VAL T 216 -4.75 28.97 -8.95
C VAL T 216 -3.57 28.84 -9.91
N ASP T 217 -3.21 29.96 -10.54
CA ASP T 217 -2.04 30.04 -11.40
C ASP T 217 -1.10 31.07 -10.80
N LYS T 218 0.14 30.66 -10.55
CA LYS T 218 1.12 31.50 -9.87
C LYS T 218 2.35 31.68 -10.76
N LYS T 219 2.71 32.93 -11.02
CA LYS T 219 3.91 33.22 -11.80
C LYS T 219 5.07 33.49 -10.87
N ILE T 220 6.24 32.95 -11.22
CA ILE T 220 7.43 33.09 -10.39
C ILE T 220 8.16 34.39 -10.71
N ASP U 1 43.10 36.13 -7.35
CA ASP U 1 41.77 35.94 -6.80
C ASP U 1 41.07 34.75 -7.46
N VAL U 2 40.28 35.02 -8.48
CA VAL U 2 39.60 33.96 -9.22
C VAL U 2 40.63 33.14 -10.00
N VAL U 3 40.41 31.83 -10.07
CA VAL U 3 41.30 30.93 -10.80
C VAL U 3 40.55 30.39 -12.01
N MET U 4 41.25 30.29 -13.13
CA MET U 4 40.71 29.75 -14.37
C MET U 4 41.45 28.47 -14.72
N THR U 5 40.70 27.39 -14.88
CA THR U 5 41.29 26.09 -15.21
C THR U 5 40.76 25.64 -16.56
N GLN U 6 41.67 25.47 -17.52
CA GLN U 6 41.31 25.01 -18.86
C GLN U 6 41.62 23.52 -18.97
N THR U 7 40.73 22.80 -19.67
CA THR U 7 40.89 21.37 -19.89
C THR U 7 40.67 21.09 -21.37
N PRO U 8 41.65 20.51 -22.08
CA PRO U 8 42.97 20.23 -21.52
C PRO U 8 43.99 21.32 -21.87
N LEU U 9 45.26 21.09 -21.51
CA LEU U 9 46.31 22.02 -21.89
C LEU U 9 46.82 21.73 -23.30
N SER U 10 46.76 20.47 -23.73
CA SER U 10 47.12 20.07 -25.08
C SER U 10 45.97 19.29 -25.68
N LEU U 11 45.47 19.76 -26.83
CA LEU U 11 44.33 19.16 -27.51
C LEU U 11 44.77 18.79 -28.93
N PRO U 12 45.29 17.58 -29.13
CA PRO U 12 45.70 17.18 -30.49
C PRO U 12 44.49 16.86 -31.34
N VAL U 13 44.42 17.49 -32.52
CA VAL U 13 43.34 17.28 -33.47
C VAL U 13 43.92 17.29 -34.88
N SER U 14 43.18 16.69 -35.81
CA SER U 14 43.54 16.71 -37.22
C SER U 14 42.80 17.84 -37.93
N LEU U 15 43.32 18.23 -39.09
CA LEU U 15 42.68 19.32 -39.84
C LEU U 15 41.30 18.90 -40.32
N GLY U 16 40.37 19.84 -40.25
CA GLY U 16 38.99 19.58 -40.62
C GLY U 16 38.12 19.06 -39.49
N ASP U 17 38.70 18.72 -38.34
CA ASP U 17 37.96 18.19 -37.22
C ASP U 17 37.39 19.33 -36.37
N GLN U 18 36.61 18.95 -35.36
CA GLN U 18 36.05 19.91 -34.41
C GLN U 18 36.93 19.97 -33.18
N ALA U 19 37.05 21.18 -32.61
CA ALA U 19 37.85 21.40 -31.41
C ALA U 19 36.96 21.89 -30.28
N SER U 20 37.27 21.45 -29.07
CA SER U 20 36.49 21.85 -27.89
C SER U 20 37.44 22.04 -26.73
N ILE U 21 37.46 23.25 -26.17
CA ILE U 21 38.28 23.60 -25.02
C ILE U 21 37.35 23.97 -23.88
N SER U 22 37.62 23.42 -22.69
CA SER U 22 36.81 23.70 -21.52
C SER U 22 37.51 24.71 -20.62
N CYS U 23 36.72 25.53 -19.94
CA CYS U 23 37.22 26.54 -19.03
C CYS U 23 36.28 26.65 -17.84
N ARG U 24 36.83 26.45 -16.64
CA ARG U 24 36.07 26.50 -15.39
C ARG U 24 36.63 27.57 -14.48
N SER U 25 35.75 28.21 -13.72
CA SER U 25 36.14 29.26 -12.79
C SER U 25 35.74 28.86 -11.37
N SER U 26 36.41 29.49 -10.40
CA SER U 26 36.12 29.23 -8.99
C SER U 26 34.92 30.02 -8.48
N GLN U 27 34.58 31.13 -9.14
CA GLN U 27 33.49 31.99 -8.72
C GLN U 27 32.43 32.04 -9.81
N SER U 28 31.31 32.69 -9.49
CA SER U 28 30.14 32.68 -10.37
C SER U 28 30.40 33.37 -11.70
N LEU U 29 31.37 34.29 -11.74
CA LEU U 29 31.77 35.02 -12.95
C LEU U 29 30.68 35.92 -13.50
N VAL U 30 29.47 35.86 -12.96
CA VAL U 30 28.39 36.76 -13.36
C VAL U 30 28.51 38.03 -12.52
N HIS U 31 28.66 39.16 -13.20
CA HIS U 31 28.91 40.42 -12.52
C HIS U 31 27.64 40.93 -11.85
N SER U 32 27.82 41.82 -10.87
CA SER U 32 26.70 42.58 -10.32
C SER U 32 26.24 43.58 -11.36
N ASN U 33 25.85 43.09 -12.53
CA ASN U 33 25.69 43.85 -13.74
C ASN U 33 25.20 42.89 -14.82
N GLY U 34 24.64 43.44 -15.89
CA GLY U 34 24.02 42.69 -16.96
C GLY U 34 24.74 41.45 -17.44
N ASN U 35 26.03 41.56 -17.76
CA ASN U 35 26.72 40.52 -18.51
C ASN U 35 27.75 39.80 -17.66
N THR U 36 28.30 38.74 -18.24
CA THR U 36 29.41 37.98 -17.67
C THR U 36 30.63 38.20 -18.56
N TYR U 37 31.77 38.48 -17.94
CA TYR U 37 32.96 38.93 -18.67
C TYR U 37 33.99 37.83 -18.75
N LEU U 38 33.70 36.83 -19.59
CA LEU U 38 34.65 35.78 -19.92
C LEU U 38 35.00 35.90 -21.39
N HIS U 39 36.29 35.80 -21.71
CA HIS U 39 36.78 36.02 -23.07
C HIS U 39 37.71 34.89 -23.46
N TRP U 40 37.95 34.80 -24.76
CA TRP U 40 38.87 33.82 -25.34
C TRP U 40 39.85 34.55 -26.24
N TYR U 41 41.13 34.34 -25.98
CA TYR U 41 42.21 34.91 -26.79
C TYR U 41 42.96 33.79 -27.50
N LEU U 42 43.58 34.14 -28.61
CA LEU U 42 44.39 33.22 -29.38
C LEU U 42 45.77 33.82 -29.60
N GLN U 43 46.79 33.07 -29.23
CA GLN U 43 48.18 33.41 -29.46
C GLN U 43 48.81 32.28 -30.23
N LYS U 44 49.47 32.59 -31.34
CA LYS U 44 50.07 31.57 -32.19
C LYS U 44 51.49 31.95 -32.60
N SER U 45 52.43 31.07 -32.25
CA SER U 45 53.87 31.19 -32.53
C SER U 45 54.51 32.28 -31.68
N GLY U 46 55.17 33.26 -32.31
CA GLY U 46 55.82 34.31 -31.54
C GLY U 46 55.02 35.59 -31.46
N GLN U 47 53.90 35.67 -32.20
CA GLN U 47 53.08 36.86 -32.17
C GLN U 47 52.46 37.04 -30.78
N SER U 48 52.07 38.27 -30.50
CA SER U 48 51.39 38.60 -29.27
C SER U 48 50.00 37.96 -29.28
N PRO U 49 49.41 37.73 -28.11
CA PRO U 49 48.03 37.24 -28.09
C PRO U 49 47.09 38.21 -28.77
N LYS U 50 45.97 37.66 -29.24
CA LYS U 50 44.97 38.45 -29.97
C LYS U 50 43.57 38.04 -29.52
N LEU U 51 42.66 39.01 -29.44
CA LEU U 51 41.31 38.74 -28.98
C LEU U 51 40.55 37.92 -30.00
N LEU U 52 39.93 36.83 -29.54
CA LEU U 52 39.12 35.98 -30.39
C LEU U 52 37.63 36.12 -30.14
N ILE U 53 37.20 35.99 -28.89
CA ILE U 53 35.79 36.14 -28.52
C ILE U 53 35.73 36.94 -27.23
N TYR U 54 34.80 37.90 -27.16
CA TYR U 54 34.58 38.68 -25.95
C TYR U 54 33.17 38.45 -25.44
N LYS U 55 33.02 38.43 -24.12
CA LYS U 55 31.74 38.20 -23.46
C LYS U 55 31.09 36.91 -23.95
N VAL U 56 31.78 35.80 -23.66
CA VAL U 56 31.31 34.41 -23.77
C VAL U 56 30.97 33.99 -25.20
N SER U 57 30.26 34.85 -25.96
CA SER U 57 29.72 34.35 -27.22
C SER U 57 29.72 35.39 -28.35
N ASN U 58 30.50 36.46 -28.24
CA ASN U 58 30.56 37.49 -29.27
C ASN U 58 31.88 37.37 -30.01
N ARG U 59 31.81 37.08 -31.31
CA ARG U 59 33.01 37.00 -32.13
C ARG U 59 33.62 38.37 -32.34
N PHE U 60 34.95 38.43 -32.28
CA PHE U 60 35.66 39.66 -32.54
C PHE U 60 35.62 39.97 -34.03
N SER U 61 35.97 41.22 -34.37
CA SER U 61 35.96 41.65 -35.77
C SER U 61 36.98 40.86 -36.58
N GLY U 62 36.51 40.22 -37.65
CA GLY U 62 37.37 39.44 -38.51
C GLY U 62 37.59 38.01 -38.08
N VAL U 63 36.75 37.47 -37.22
CA VAL U 63 36.87 36.09 -36.74
C VAL U 63 35.93 35.22 -37.55
N PRO U 64 36.41 34.13 -38.15
CA PRO U 64 35.54 33.29 -38.98
C PRO U 64 34.41 32.66 -38.18
N ASP U 65 33.38 32.23 -38.91
CA ASP U 65 32.22 31.62 -38.28
C ASP U 65 32.55 30.29 -37.60
N ARG U 66 33.69 29.68 -37.93
CA ARG U 66 34.03 28.40 -37.33
C ARG U 66 34.20 28.52 -35.83
N PHE U 67 34.76 29.63 -35.37
CA PHE U 67 34.93 29.84 -33.94
C PHE U 67 33.58 30.13 -33.31
N SER U 68 33.28 29.45 -32.21
CA SER U 68 31.99 29.58 -31.55
C SER U 68 32.19 29.43 -30.05
N GLY U 69 31.88 30.48 -29.31
CA GLY U 69 31.98 30.44 -27.87
C GLY U 69 30.66 30.09 -27.23
N SER U 70 30.74 29.39 -26.10
CA SER U 70 29.53 28.95 -25.41
C SER U 70 29.86 28.83 -23.93
N GLY U 71 28.81 28.64 -23.14
CA GLY U 71 28.93 28.47 -21.71
C GLY U 71 28.22 29.56 -20.94
N SER U 72 28.20 29.37 -19.63
CA SER U 72 27.56 30.30 -18.70
C SER U 72 27.98 29.91 -17.28
N GLY U 73 27.61 30.77 -16.34
CA GLY U 73 27.93 30.54 -14.93
C GLY U 73 29.41 30.33 -14.69
N THR U 74 29.80 29.10 -14.37
CA THR U 74 31.19 28.76 -14.14
C THR U 74 31.77 27.83 -15.20
N ASP U 75 30.95 27.36 -16.13
CA ASP U 75 31.37 26.38 -17.13
C ASP U 75 31.29 27.00 -18.52
N PHE U 76 32.43 27.07 -19.21
CA PHE U 76 32.49 27.66 -20.53
C PHE U 76 33.24 26.74 -21.48
N THR U 77 32.91 26.83 -22.76
CA THR U 77 33.54 26.01 -23.78
C THR U 77 33.78 26.83 -25.04
N LEU U 78 34.81 26.47 -25.78
CA LEU U 78 35.13 27.08 -27.07
C LEU U 78 35.19 25.97 -28.11
N LYS U 79 34.40 26.11 -29.17
CA LYS U 79 34.27 25.10 -30.22
C LYS U 79 34.74 25.66 -31.55
N ILE U 80 35.56 24.90 -32.26
CA ILE U 80 35.94 25.20 -33.63
C ILE U 80 35.31 24.16 -34.53
N SER U 81 34.52 24.62 -35.49
CA SER U 81 33.78 23.71 -36.36
C SER U 81 34.73 22.88 -37.22
N ARG U 82 35.54 23.55 -38.03
CA ARG U 82 36.51 22.90 -38.89
C ARG U 82 37.87 23.51 -38.62
N VAL U 83 38.71 22.78 -37.88
CA VAL U 83 40.06 23.26 -37.58
C VAL U 83 40.87 23.33 -38.86
N GLU U 84 41.47 24.49 -39.12
CA GLU U 84 42.25 24.73 -40.31
C GLU U 84 43.72 24.92 -39.93
N ALA U 85 44.54 25.15 -40.96
CA ALA U 85 45.98 25.29 -40.75
C ALA U 85 46.28 26.49 -39.86
N GLU U 86 45.73 27.65 -40.20
CA GLU U 86 46.04 28.89 -39.51
C GLU U 86 45.19 29.06 -38.25
N ASP U 87 44.84 27.95 -37.60
CA ASP U 87 44.12 27.97 -36.33
C ASP U 87 44.95 27.39 -35.19
N LEU U 88 46.21 27.05 -35.43
CA LEU U 88 47.04 26.33 -34.48
C LEU U 88 47.76 27.30 -33.55
N GLY U 89 47.56 27.13 -32.24
CA GLY U 89 48.21 27.98 -31.26
C GLY U 89 47.66 27.70 -29.87
N VAL U 90 48.10 28.52 -28.92
CA VAL U 90 47.62 28.44 -27.55
C VAL U 90 46.39 29.33 -27.41
N TYR U 91 45.31 28.75 -26.86
CA TYR U 91 44.07 29.45 -26.62
C TYR U 91 43.96 29.76 -25.13
N PHE U 92 43.82 31.05 -24.80
CA PHE U 92 43.69 31.47 -23.41
C PHE U 92 42.25 31.83 -23.09
N CYS U 93 41.87 31.61 -21.84
CA CYS U 93 40.52 31.85 -21.36
C CYS U 93 40.60 32.85 -20.21
N SER U 94 40.00 34.01 -20.39
CA SER U 94 40.16 35.14 -19.48
C SER U 94 38.87 35.47 -18.75
N GLN U 95 39.01 36.00 -17.54
CA GLN U 95 37.90 36.56 -16.79
C GLN U 95 38.28 37.95 -16.31
N SER U 96 37.37 38.90 -16.51
CA SER U 96 37.53 40.27 -16.05
C SER U 96 36.36 40.74 -15.21
N THR U 97 35.48 39.83 -14.80
CA THR U 97 34.35 40.20 -13.95
C THR U 97 34.82 40.66 -12.58
N HIS U 98 35.83 39.99 -12.03
CA HIS U 98 36.37 40.32 -10.71
C HIS U 98 37.79 40.83 -10.83
N VAL U 99 38.12 41.82 -10.01
CA VAL U 99 39.48 42.34 -9.94
C VAL U 99 40.30 41.46 -8.99
N PRO U 100 41.50 41.03 -9.36
CA PRO U 100 42.20 41.35 -10.62
C PRO U 100 41.73 40.53 -11.82
N PHE U 101 41.82 41.11 -13.01
CA PHE U 101 41.56 40.36 -14.23
C PHE U 101 42.50 39.17 -14.29
N THR U 102 41.94 37.97 -14.30
CA THR U 102 42.78 36.78 -14.20
C THR U 102 42.46 35.81 -15.33
N PHE U 103 43.50 35.15 -15.84
CA PHE U 103 43.34 34.17 -16.89
C PHE U 103 44.49 33.18 -16.88
N GLY U 104 44.16 31.91 -17.13
CA GLY U 104 45.13 30.87 -17.40
C GLY U 104 44.43 29.81 -18.23
N ALA U 105 45.20 28.79 -18.61
CA ALA U 105 46.63 28.74 -18.36
C ALA U 105 47.35 28.43 -19.67
N GLY U 106 46.56 28.36 -20.75
CA GLY U 106 47.09 28.03 -22.06
C GLY U 106 46.65 26.66 -22.54
N THR U 107 46.08 26.61 -23.74
CA THR U 107 45.63 25.36 -24.34
C THR U 107 46.24 25.23 -25.73
N LYS U 108 47.17 24.29 -25.88
CA LYS U 108 47.87 24.10 -27.15
C LYS U 108 47.01 23.28 -28.11
N LEU U 109 46.63 23.89 -29.23
CA LEU U 109 45.90 23.19 -30.27
C LEU U 109 46.94 22.60 -31.22
N GLU U 110 47.21 21.31 -31.07
CA GLU U 110 48.29 20.64 -31.79
C GLU U 110 47.72 19.65 -32.80
N LEU U 111 48.59 19.20 -33.71
CA LEU U 111 48.22 18.27 -34.75
C LEU U 111 48.42 16.82 -34.32
N LYS U 112 47.59 15.93 -34.89
CA LYS U 112 47.60 14.50 -34.65
C LYS U 112 48.34 13.74 -35.74
N ARG U 113 49.12 12.75 -35.33
CA ARG U 113 49.86 11.90 -36.26
C ARG U 113 49.92 10.48 -35.69
N ALA U 114 50.55 9.59 -36.45
CA ALA U 114 50.75 8.22 -35.98
C ALA U 114 51.90 8.19 -34.96
N ASP U 115 51.83 7.21 -34.06
CA ASP U 115 52.85 7.09 -33.01
C ASP U 115 54.22 6.84 -33.60
N ALA U 116 55.24 7.36 -32.92
CA ALA U 116 56.63 7.20 -33.36
C ALA U 116 57.52 7.10 -32.13
N ALA U 117 58.41 6.11 -32.14
CA ALA U 117 59.32 5.89 -31.03
C ALA U 117 60.46 6.89 -31.06
N PRO U 118 60.94 7.32 -29.88
CA PRO U 118 62.02 8.30 -29.84
C PRO U 118 63.35 7.68 -30.20
N THR U 119 64.22 8.50 -30.80
CA THR U 119 65.60 8.10 -31.07
C THR U 119 66.45 8.68 -29.96
N VAL U 120 67.01 7.81 -29.13
CA VAL U 120 67.71 8.19 -27.91
C VAL U 120 69.21 8.05 -28.13
N SER U 121 69.97 9.03 -27.63
CA SER U 121 71.42 9.02 -27.74
C SER U 121 72.02 9.62 -26.47
N ILE U 122 73.07 8.99 -25.96
CA ILE U 122 73.77 9.47 -24.77
C ILE U 122 75.12 10.00 -25.18
N PHE U 123 75.58 11.02 -24.45
CA PHE U 123 76.88 11.63 -24.67
C PHE U 123 77.54 11.91 -23.32
N PRO U 124 78.71 11.32 -23.08
CA PRO U 124 79.42 11.55 -21.83
C PRO U 124 80.05 12.94 -21.82
N PRO U 125 80.59 13.38 -20.68
CA PRO U 125 81.23 14.70 -20.66
C PRO U 125 82.40 14.76 -21.63
N SER U 126 82.55 15.91 -22.28
CA SER U 126 83.61 16.10 -23.25
C SER U 126 84.96 16.23 -22.55
N SER U 127 86.03 16.13 -23.33
CA SER U 127 87.37 16.30 -22.79
C SER U 127 87.58 17.72 -22.29
N GLU U 128 86.95 18.70 -22.94
CA GLU U 128 87.11 20.10 -22.53
C GLU U 128 86.41 20.37 -21.20
N GLN U 129 85.23 19.77 -21.00
CA GLN U 129 84.48 20.02 -19.78
C GLN U 129 85.16 19.42 -18.55
N LEU U 130 85.81 18.25 -18.71
CA LEU U 130 86.51 17.64 -17.59
C LEU U 130 87.70 18.46 -17.13
N THR U 131 88.20 19.35 -17.98
CA THR U 131 89.24 20.28 -17.60
C THR U 131 88.71 21.43 -16.75
N SER U 132 87.41 21.69 -16.79
CA SER U 132 86.77 22.75 -16.02
C SER U 132 86.33 22.30 -14.63
N GLY U 133 86.41 21.01 -14.33
CA GLY U 133 86.05 20.48 -13.03
C GLY U 133 84.64 19.94 -12.93
N GLY U 134 83.90 19.90 -14.05
CA GLY U 134 82.56 19.37 -14.04
C GLY U 134 82.41 18.29 -15.10
N ALA U 135 81.30 17.56 -14.99
CA ALA U 135 81.02 16.48 -15.94
C ALA U 135 79.51 16.41 -16.13
N SER U 136 79.06 16.67 -17.35
CA SER U 136 77.64 16.63 -17.70
C SER U 136 77.42 15.60 -18.77
N VAL U 137 76.47 14.69 -18.51
CA VAL U 137 76.07 13.65 -19.47
C VAL U 137 74.73 14.07 -20.04
N VAL U 138 74.62 14.04 -21.38
CA VAL U 138 73.44 14.55 -22.05
C VAL U 138 72.74 13.40 -22.77
N CYS U 139 71.42 13.46 -22.80
CA CYS U 139 70.59 12.42 -23.43
C CYS U 139 69.58 13.10 -24.33
N PHE U 140 69.65 12.81 -25.63
CA PHE U 140 68.73 13.36 -26.62
C PHE U 140 67.68 12.31 -26.97
N LEU U 141 66.41 12.73 -26.99
CA LEU U 141 65.27 11.90 -27.35
C LEU U 141 64.54 12.61 -28.48
N ASN U 142 64.86 12.27 -29.72
CA ASN U 142 64.42 13.03 -30.88
C ASN U 142 63.30 12.32 -31.63
N ASN U 143 62.35 13.11 -32.12
CA ASN U 143 61.33 12.67 -33.08
C ASN U 143 60.47 11.54 -32.49
N PHE U 144 59.65 11.91 -31.50
CA PHE U 144 58.71 10.98 -30.90
C PHE U 144 57.31 11.59 -30.87
N TYR U 145 56.33 10.71 -30.65
CA TYR U 145 54.94 11.10 -30.52
C TYR U 145 54.21 10.00 -29.78
N PRO U 146 53.31 10.32 -28.82
CA PRO U 146 52.86 11.67 -28.44
C PRO U 146 53.86 12.48 -27.61
N LYS U 147 53.36 13.61 -27.08
CA LYS U 147 54.21 14.55 -26.33
C LYS U 147 54.62 13.97 -24.99
N ASP U 148 53.81 13.09 -24.41
CA ASP U 148 54.08 12.56 -23.08
C ASP U 148 55.25 11.57 -23.14
N ILE U 149 56.23 11.78 -22.27
CA ILE U 149 57.40 10.90 -22.19
C ILE U 149 58.05 11.13 -20.84
N ASN U 150 58.76 10.13 -20.35
CA ASN U 150 59.43 10.23 -19.05
C ASN U 150 60.87 9.77 -19.17
N VAL U 151 61.77 10.47 -18.49
CA VAL U 151 63.18 10.14 -18.48
C VAL U 151 63.59 9.86 -17.04
N LYS U 152 64.51 8.91 -16.87
CA LYS U 152 65.04 8.53 -15.56
C LYS U 152 66.53 8.27 -15.72
N TRP U 153 67.34 9.00 -14.96
CA TRP U 153 68.78 8.75 -14.90
C TRP U 153 69.06 7.82 -13.74
N LYS U 154 69.92 6.83 -13.97
CA LYS U 154 70.31 5.91 -12.91
C LYS U 154 71.81 5.68 -12.91
N ILE U 155 72.40 5.81 -11.71
CA ILE U 155 73.78 5.45 -11.44
C ILE U 155 73.73 4.71 -10.10
N ASP U 156 73.97 3.40 -10.12
CA ASP U 156 74.27 2.63 -11.31
C ASP U 156 73.07 2.30 -12.23
N GLY U 157 71.91 1.84 -11.70
CA GLY U 157 71.64 1.60 -10.30
C GLY U 157 70.42 2.33 -9.78
N SER U 158 70.64 3.32 -8.92
CA SER U 158 69.55 4.06 -8.28
C SER U 158 69.25 5.35 -9.03
N GLU U 159 67.97 5.72 -9.03
CA GLU U 159 67.54 6.93 -9.73
C GLU U 159 68.04 8.17 -9.01
N ARG U 160 68.51 9.15 -9.78
CA ARG U 160 69.04 10.40 -9.25
C ARG U 160 68.32 11.56 -9.91
N GLN U 161 67.64 12.39 -9.09
CA GLN U 161 66.93 13.55 -9.58
C GLN U 161 67.63 14.86 -9.27
N ASN U 162 68.72 14.83 -8.50
CA ASN U 162 69.37 16.04 -8.01
C ASN U 162 70.39 16.62 -8.99
N GLY U 163 70.19 16.43 -10.29
CA GLY U 163 71.09 17.04 -11.26
C GLY U 163 70.53 17.12 -12.66
N VAL U 164 69.27 16.74 -12.83
CA VAL U 164 68.67 16.62 -14.15
C VAL U 164 68.00 17.93 -14.54
N LEU U 165 68.31 18.41 -15.74
CA LEU U 165 67.65 19.57 -16.33
C LEU U 165 67.09 19.16 -17.68
N ASN U 166 65.79 19.34 -17.87
CA ASN U 166 65.10 18.89 -19.06
C ASN U 166 64.57 20.06 -19.87
N SER U 167 64.54 19.88 -21.19
CA SER U 167 64.03 20.88 -22.11
C SER U 167 63.31 20.18 -23.26
N TRP U 168 62.15 20.70 -23.63
CA TRP U 168 61.33 20.10 -24.67
C TRP U 168 61.16 21.09 -25.82
N THR U 169 61.01 20.55 -27.03
CA THR U 169 60.65 21.38 -28.17
C THR U 169 59.17 21.17 -28.49
N ASP U 170 58.59 22.15 -29.18
CA ASP U 170 57.21 22.06 -29.61
C ASP U 170 57.10 21.19 -30.86
N GLN U 171 55.89 21.07 -31.39
CA GLN U 171 55.68 20.26 -32.59
C GLN U 171 56.48 20.82 -33.76
N ASP U 172 57.36 20.00 -34.31
CA ASP U 172 58.09 20.39 -35.50
C ASP U 172 57.14 20.54 -36.67
N SER U 173 57.33 21.59 -37.48
CA SER U 173 56.49 21.77 -38.64
C SER U 173 56.65 20.64 -39.65
N LYS U 174 57.74 19.89 -39.56
CA LYS U 174 57.99 18.73 -40.41
C LYS U 174 57.71 17.47 -39.59
N ASP U 175 56.69 16.72 -40.00
CA ASP U 175 56.28 15.42 -39.45
C ASP U 175 55.64 15.54 -38.07
N SER U 176 55.51 16.74 -37.50
CA SER U 176 54.73 16.98 -36.29
C SER U 176 55.19 16.11 -35.12
N THR U 177 56.49 15.92 -35.00
CA THR U 177 57.08 15.15 -33.90
C THR U 177 57.67 16.07 -32.85
N TYR U 178 57.72 15.58 -31.61
CA TYR U 178 58.31 16.29 -30.49
C TYR U 178 59.72 15.79 -30.26
N SER U 179 60.48 16.56 -29.48
CA SER U 179 61.83 16.16 -29.10
C SER U 179 62.14 16.70 -27.70
N MET U 180 63.15 16.10 -27.07
CA MET U 180 63.47 16.39 -25.68
C MET U 180 64.96 16.18 -25.44
N SER U 181 65.51 17.00 -24.54
CA SER U 181 66.89 16.90 -24.09
C SER U 181 66.91 16.85 -22.57
N SER U 182 67.75 15.96 -22.03
CA SER U 182 67.91 15.85 -20.58
C SER U 182 69.40 15.84 -20.27
N THR U 183 69.87 16.87 -19.56
CA THR U 183 71.27 17.01 -19.21
C THR U 183 71.44 16.83 -17.70
N LEU U 184 72.23 15.83 -17.32
CA LEU U 184 72.55 15.54 -15.93
C LEU U 184 73.97 16.01 -15.63
N THR U 185 74.10 16.97 -14.72
CA THR U 185 75.38 17.61 -14.42
C THR U 185 75.83 17.20 -13.03
N LEU U 186 77.02 16.58 -12.96
CA LEU U 186 77.66 16.22 -11.71
C LEU U 186 79.05 16.83 -11.65
N THR U 187 79.60 16.86 -10.44
CA THR U 187 81.00 17.26 -10.28
C THR U 187 81.92 16.19 -10.87
N LYS U 188 83.15 16.60 -11.17
CA LYS U 188 84.12 15.67 -11.75
C LYS U 188 84.46 14.55 -10.77
N ASP U 189 84.58 14.89 -9.48
CA ASP U 189 84.87 13.88 -8.47
C ASP U 189 83.75 12.84 -8.39
N GLU U 190 82.50 13.31 -8.32
CA GLU U 190 81.37 12.40 -8.28
C GLU U 190 81.27 11.60 -9.57
N TYR U 191 81.70 12.17 -10.69
CA TYR U 191 81.69 11.43 -11.95
C TYR U 191 82.72 10.31 -11.95
N GLU U 192 83.91 10.58 -11.40
CA GLU U 192 84.95 9.55 -11.34
C GLU U 192 84.68 8.48 -10.29
N ARG U 193 83.68 8.69 -9.43
CA ARG U 193 83.34 7.74 -8.37
C ARG U 193 82.32 6.70 -8.79
N HIS U 194 81.82 6.75 -10.02
CA HIS U 194 80.84 5.80 -10.52
C HIS U 194 81.29 5.32 -11.89
N ASN U 195 80.77 4.15 -12.28
CA ASN U 195 81.19 3.50 -13.52
C ASN U 195 80.10 3.44 -14.57
N SER U 196 78.89 3.01 -14.21
CA SER U 196 77.80 2.84 -15.18
C SER U 196 76.85 4.01 -15.08
N TYR U 197 76.51 4.59 -16.23
CA TYR U 197 75.56 5.70 -16.32
C TYR U 197 74.46 5.30 -17.29
N THR U 198 73.21 5.44 -16.86
CA THR U 198 72.10 4.98 -17.69
C THR U 198 71.05 6.07 -17.83
N CYS U 199 70.69 6.36 -19.08
CA CYS U 199 69.56 7.21 -19.42
C CYS U 199 68.42 6.31 -19.90
N GLU U 200 67.28 6.40 -19.22
CA GLU U 200 66.13 5.54 -19.47
C GLU U 200 64.95 6.40 -19.90
N ALA U 201 64.30 5.99 -20.98
CA ALA U 201 63.14 6.70 -21.52
C ALA U 201 61.96 5.75 -21.56
N THR U 202 60.93 6.03 -20.76
CA THR U 202 59.68 5.30 -20.82
C THR U 202 58.66 6.16 -21.56
N HIS U 203 58.12 5.61 -22.64
CA HIS U 203 57.23 6.32 -23.55
C HIS U 203 56.01 5.45 -23.81
N LYS U 204 54.92 6.08 -24.25
CA LYS U 204 53.69 5.33 -24.49
C LYS U 204 53.85 4.37 -25.67
N THR U 205 54.90 4.52 -26.45
CA THR U 205 55.23 3.64 -27.55
C THR U 205 55.94 2.39 -27.02
N SER U 206 55.82 1.31 -27.79
CA SER U 206 56.41 0.04 -27.43
C SER U 206 57.94 0.12 -27.38
N THR U 207 58.57 -0.62 -26.46
CA THR U 207 57.89 -1.44 -25.44
C THR U 207 58.67 -1.39 -24.12
N SER U 208 57.96 -1.21 -22.97
CA SER U 208 58.60 -1.26 -21.67
C SER U 208 59.62 -0.11 -21.59
N PRO U 209 60.27 0.14 -20.45
CA PRO U 209 61.24 1.24 -20.44
C PRO U 209 62.34 0.96 -21.46
N ILE U 210 62.75 2.00 -22.16
CA ILE U 210 63.83 1.94 -23.14
C ILE U 210 65.11 2.36 -22.43
N VAL U 211 66.17 1.57 -22.59
CA VAL U 211 67.39 1.76 -21.83
C VAL U 211 68.51 2.10 -22.79
N LYS U 212 69.30 3.11 -22.42
CA LYS U 212 70.58 3.38 -23.04
C LYS U 212 71.57 3.60 -21.91
N SER U 213 72.80 3.13 -22.09
CA SER U 213 73.76 3.18 -20.99
C SER U 213 75.17 3.26 -21.55
N PHE U 214 76.09 3.63 -20.68
CA PHE U 214 77.50 3.60 -21.05
C PHE U 214 78.35 3.47 -19.79
N ASN U 215 79.57 2.98 -20.01
CA ASN U 215 80.60 2.81 -18.99
C ASN U 215 81.71 3.83 -19.25
N ARG U 216 82.74 3.76 -18.43
CA ARG U 216 83.78 4.79 -18.47
C ARG U 216 84.60 4.71 -19.76
N ASN U 217 84.96 3.50 -20.19
CA ASN U 217 85.66 3.35 -21.45
C ASN U 217 84.98 2.32 -22.34
N GLU U 218 84.40 1.28 -21.71
CA GLU U 218 83.72 0.18 -22.38
C GLU U 218 84.38 -0.25 -23.70
N VAL V 2 44.80 50.66 -33.74
CA VAL V 2 45.25 50.05 -34.98
C VAL V 2 46.65 49.51 -34.75
N LYS V 3 47.50 50.33 -34.14
CA LYS V 3 48.88 49.96 -33.87
C LYS V 3 49.29 50.44 -32.48
N LEU V 4 49.74 49.50 -31.65
CA LEU V 4 50.32 49.77 -30.34
C LEU V 4 51.76 49.27 -30.36
N VAL V 5 52.72 50.18 -30.22
CA VAL V 5 54.13 49.82 -30.28
C VAL V 5 54.76 50.07 -28.92
N GLU V 6 55.15 49.00 -28.23
CA GLU V 6 55.85 49.14 -26.96
C GLU V 6 57.32 49.45 -27.20
N SER V 7 57.95 50.01 -26.17
CA SER V 7 59.36 50.36 -26.21
C SER V 7 59.80 50.58 -24.77
N GLY V 8 61.07 50.30 -24.51
CA GLY V 8 61.56 50.54 -23.16
C GLY V 8 61.12 49.45 -22.21
N GLY V 9 62.06 48.83 -21.51
CA GLY V 9 63.47 49.08 -21.71
C GLY V 9 64.23 47.80 -21.91
N GLY V 10 65.50 47.82 -21.53
CA GLY V 10 66.35 46.65 -21.63
C GLY V 10 66.04 45.56 -20.63
N LEU V 11 67.10 44.91 -20.13
CA LEU V 11 67.01 43.85 -19.13
C LEU V 11 67.88 44.30 -17.96
N VAL V 12 67.28 44.42 -16.77
CA VAL V 12 67.87 45.20 -15.70
C VAL V 12 67.93 44.39 -14.40
N LYS V 13 68.83 44.83 -13.51
CA LYS V 13 69.14 44.15 -12.26
C LYS V 13 67.95 44.20 -11.30
N PRO V 14 67.93 43.27 -10.33
CA PRO V 14 66.87 43.31 -9.30
C PRO V 14 67.06 44.46 -8.33
N GLY V 15 65.94 44.96 -7.84
CA GLY V 15 65.93 46.10 -6.92
C GLY V 15 66.13 47.44 -7.57
N GLY V 16 66.05 47.53 -8.90
CA GLY V 16 66.22 48.77 -9.62
C GLY V 16 64.95 49.18 -10.33
N SER V 17 64.93 50.44 -10.77
CA SER V 17 63.78 51.00 -11.45
C SER V 17 63.83 50.73 -12.95
N LEU V 18 62.72 50.98 -13.62
CA LEU V 18 62.60 50.81 -15.07
C LEU V 18 61.27 51.39 -15.52
N LYS V 19 61.30 52.14 -16.61
CA LYS V 19 60.12 52.78 -17.16
C LYS V 19 59.80 52.17 -18.52
N LEU V 20 58.54 51.81 -18.73
CA LEU V 20 58.09 51.22 -19.98
C LEU V 20 57.19 52.21 -20.70
N SER V 21 57.40 52.36 -22.00
CA SER V 21 56.62 53.27 -22.83
C SER V 21 55.86 52.50 -23.90
N CYS V 22 54.80 53.13 -24.39
CA CYS V 22 53.94 52.52 -25.40
C CYS V 22 53.32 53.64 -26.24
N ALA V 23 53.64 53.64 -27.53
CA ALA V 23 53.11 54.63 -28.45
C ALA V 23 51.91 54.06 -29.18
N ALA V 24 50.82 54.83 -29.22
CA ALA V 24 49.58 54.40 -29.84
C ALA V 24 49.34 55.16 -31.13
N SER V 25 48.70 54.48 -32.09
CA SER V 25 48.42 55.07 -33.39
C SER V 25 47.17 54.40 -33.97
N GLY V 26 46.37 55.20 -34.67
CA GLY V 26 45.25 54.68 -35.42
C GLY V 26 43.90 54.69 -34.74
N PHE V 27 43.75 55.40 -33.62
CA PHE V 27 42.49 55.46 -32.91
C PHE V 27 42.53 56.62 -31.93
N PRO V 28 41.36 57.13 -31.51
CA PRO V 28 41.36 58.18 -30.47
C PRO V 28 41.87 57.65 -29.14
N PHE V 29 43.14 57.93 -28.85
CA PHE V 29 43.78 57.38 -27.66
C PHE V 29 43.09 57.84 -26.38
N SER V 30 42.66 59.10 -26.34
CA SER V 30 42.08 59.66 -25.13
C SER V 30 40.68 59.15 -24.83
N ASP V 31 40.11 58.30 -25.67
CA ASP V 31 38.75 57.80 -25.46
C ASP V 31 38.69 56.42 -24.83
N TYR V 32 39.81 55.69 -24.80
CA TYR V 32 39.82 54.32 -24.30
C TYR V 32 40.62 54.21 -23.01
N THR V 33 40.26 53.22 -22.21
CA THR V 33 41.01 52.87 -21.01
C THR V 33 42.08 51.86 -21.38
N MET V 34 43.29 52.07 -20.88
CA MET V 34 44.44 51.28 -21.29
C MET V 34 44.83 50.31 -20.18
N SER V 35 45.66 49.34 -20.53
CA SER V 35 46.07 48.33 -19.56
C SER V 35 47.39 47.70 -19.99
N TRP V 36 48.11 47.17 -19.00
CA TRP V 36 49.34 46.43 -19.22
C TRP V 36 49.11 44.98 -18.82
N ILE V 37 49.45 44.06 -19.73
CA ILE V 37 49.33 42.62 -19.52
C ILE V 37 50.68 41.99 -19.83
N ARG V 38 51.23 41.25 -18.88
CA ARG V 38 52.54 40.63 -19.06
C ARG V 38 52.40 39.11 -19.20
N GLN V 39 53.36 38.52 -19.90
CA GLN V 39 53.41 37.07 -20.08
C GLN V 39 54.69 36.54 -19.44
N THR V 40 54.52 35.66 -18.46
CA THR V 40 55.66 35.11 -17.73
C THR V 40 56.51 34.23 -18.65
N PRO V 41 57.76 33.96 -18.28
CA PRO V 41 58.57 33.03 -19.08
C PRO V 41 57.98 31.64 -19.16
N GLU V 42 57.19 31.24 -18.17
CA GLU V 42 56.47 29.96 -18.20
C GLU V 42 55.23 30.00 -19.08
N LYS V 43 55.07 31.05 -19.88
CA LYS V 43 53.96 31.17 -20.83
C LYS V 43 52.61 31.22 -20.11
N ARG V 44 52.53 32.02 -19.05
CA ARG V 44 51.25 32.31 -18.40
C ARG V 44 51.04 33.82 -18.40
N LEU V 45 49.81 34.22 -18.74
CA LEU V 45 49.47 35.62 -18.91
C LEU V 45 48.90 36.19 -17.60
N GLU V 46 49.36 37.38 -17.22
CA GLU V 46 48.92 38.03 -16.00
C GLU V 46 48.59 39.50 -16.28
N TRP V 47 47.56 39.99 -15.59
CA TRP V 47 47.16 41.39 -15.72
C TRP V 47 48.03 42.26 -14.83
N VAL V 48 48.61 43.30 -15.40
CA VAL V 48 49.60 44.13 -14.71
C VAL V 48 49.00 45.43 -14.20
N ALA V 49 48.30 46.16 -15.07
CA ALA V 49 47.78 47.45 -14.65
C ALA V 49 46.65 47.89 -15.58
N SER V 50 45.90 48.90 -15.15
CA SER V 50 44.95 49.53 -16.05
C SER V 50 44.68 50.97 -15.59
N ILE V 51 44.62 51.88 -16.55
CA ILE V 51 44.39 53.29 -16.31
C ILE V 51 43.18 53.74 -17.11
N SER V 52 42.42 54.68 -16.54
CA SER V 52 41.20 55.17 -17.16
C SER V 52 41.52 55.97 -18.42
N SER V 53 40.46 56.37 -19.13
CA SER V 53 40.62 57.18 -20.34
C SER V 53 41.35 58.49 -20.00
N GLY V 54 40.90 59.17 -18.96
CA GLY V 54 41.69 60.22 -18.34
C GLY V 54 42.56 59.60 -17.26
N GLY V 55 43.77 60.13 -17.10
CA GLY V 55 44.73 59.51 -16.20
C GLY V 55 44.42 59.63 -14.72
N THR V 56 43.15 59.77 -14.36
CA THR V 56 42.76 59.98 -12.97
C THR V 56 42.49 58.69 -12.21
N TYR V 57 42.06 57.63 -12.89
CA TYR V 57 41.67 56.39 -12.24
C TYR V 57 42.59 55.27 -12.71
N THR V 58 43.32 54.68 -11.78
CA THR V 58 44.21 53.56 -12.05
C THR V 58 43.90 52.43 -11.08
N TYR V 59 44.15 51.19 -11.51
CA TYR V 59 44.04 50.07 -10.59
C TYR V 59 44.96 48.94 -11.05
N TYR V 60 45.45 48.20 -10.06
CA TYR V 60 46.49 47.20 -10.19
C TYR V 60 46.05 45.94 -9.44
N PRO V 61 46.74 44.83 -9.64
CA PRO V 61 46.61 43.70 -8.71
C PRO V 61 47.51 43.89 -7.50
N ASP V 62 47.18 43.16 -6.44
CA ASP V 62 47.94 43.27 -5.19
C ASP V 62 49.38 42.81 -5.33
N THR V 63 49.70 42.05 -6.38
CA THR V 63 51.05 41.55 -6.57
C THR V 63 52.04 42.64 -6.98
N VAL V 64 51.57 43.86 -7.25
CA VAL V 64 52.41 44.94 -7.75
C VAL V 64 51.90 46.26 -7.18
N LYS V 65 51.11 46.19 -6.10
CA LYS V 65 50.38 47.35 -5.62
C LYS V 65 51.31 48.51 -5.28
N GLY V 66 52.49 48.22 -4.75
CA GLY V 66 53.39 49.27 -4.31
C GLY V 66 54.48 49.60 -5.30
N ARG V 67 54.74 48.69 -6.24
CA ARG V 67 55.88 48.81 -7.13
C ARG V 67 55.55 49.48 -8.47
N PHE V 68 54.41 49.16 -9.07
CA PHE V 68 54.12 49.64 -10.41
C PHE V 68 53.21 50.86 -10.36
N THR V 69 53.33 51.71 -11.38
CA THR V 69 52.55 52.94 -11.48
C THR V 69 52.26 53.22 -12.94
N ILE V 70 51.03 52.98 -13.37
CA ILE V 70 50.64 53.24 -14.75
C ILE V 70 50.26 54.71 -14.90
N SER V 71 50.64 55.31 -16.02
CA SER V 71 50.31 56.69 -16.33
C SER V 71 50.06 56.81 -17.82
N ARG V 72 49.62 57.99 -18.25
CA ARG V 72 49.35 58.19 -19.67
C ARG V 72 49.45 59.67 -20.01
N ASP V 73 49.89 59.93 -21.24
CA ASP V 73 49.92 61.27 -21.82
C ASP V 73 49.01 61.23 -23.04
N ASN V 74 47.79 61.76 -22.90
CA ASN V 74 46.83 61.76 -24.00
C ASN V 74 47.20 62.76 -25.09
N ALA V 75 47.96 63.81 -24.77
CA ALA V 75 48.41 64.72 -25.80
C ALA V 75 49.46 64.08 -26.68
N LYS V 76 50.31 63.25 -26.11
CA LYS V 76 51.33 62.52 -26.85
C LYS V 76 50.88 61.14 -27.31
N ASN V 77 49.66 60.73 -26.94
CA ASN V 77 49.14 59.40 -27.26
C ASN V 77 50.09 58.30 -26.78
N THR V 78 50.46 58.37 -25.51
CA THR V 78 51.46 57.47 -24.96
C THR V 78 50.99 56.90 -23.63
N LEU V 79 51.35 55.64 -23.39
CA LEU V 79 51.07 54.95 -22.14
C LEU V 79 52.38 54.59 -21.46
N TYR V 80 52.43 54.72 -20.14
CA TYR V 80 53.65 54.49 -19.37
C TYR V 80 53.38 53.52 -18.23
N LEU V 81 54.37 52.67 -17.94
CA LEU V 81 54.33 51.79 -16.78
C LEU V 81 55.63 51.97 -16.01
N GLN V 82 55.56 52.56 -14.83
CA GLN V 82 56.73 52.86 -14.00
C GLN V 82 56.90 51.71 -13.00
N MET V 83 57.86 50.84 -13.28
CA MET V 83 58.19 49.73 -12.39
C MET V 83 59.39 50.13 -11.53
N SER V 84 59.34 49.74 -10.26
CA SER V 84 60.41 50.10 -9.33
C SER V 84 60.59 48.95 -8.34
N SER V 85 61.83 48.78 -7.89
CA SER V 85 62.21 47.71 -6.97
C SER V 85 61.71 46.36 -7.47
N LEU V 86 62.00 46.08 -8.75
CA LEU V 86 61.53 44.85 -9.36
C LEU V 86 62.15 43.64 -8.68
N LYS V 87 61.41 42.55 -8.66
CA LYS V 87 61.90 41.28 -8.14
C LYS V 87 62.15 40.32 -9.29
N SER V 88 62.85 39.23 -8.99
CA SER V 88 63.14 38.24 -10.03
C SER V 88 61.89 37.61 -10.62
N GLU V 89 60.77 37.63 -9.89
CA GLU V 89 59.53 37.07 -10.39
C GLU V 89 58.86 37.95 -11.45
N ASP V 90 59.31 39.20 -11.61
CA ASP V 90 58.68 40.12 -12.54
C ASP V 90 59.25 40.06 -13.95
N THR V 91 60.08 39.05 -14.25
CA THR V 91 60.57 38.89 -15.61
C THR V 91 59.41 38.46 -16.50
N ALA V 92 59.19 39.19 -17.59
CA ALA V 92 58.05 38.89 -18.44
C ALA V 92 58.17 39.65 -19.75
N MET V 93 57.40 39.19 -20.73
CA MET V 93 57.17 39.94 -21.97
C MET V 93 55.98 40.86 -21.71
N PHE V 94 56.23 42.16 -21.68
CA PHE V 94 55.21 43.12 -21.29
C PHE V 94 54.46 43.63 -22.52
N TYR V 95 53.14 43.52 -22.48
CA TYR V 95 52.27 43.86 -23.58
C TYR V 95 51.39 45.05 -23.21
N CYS V 96 51.23 45.96 -24.16
CA CYS V 96 50.44 47.17 -24.01
C CYS V 96 49.11 46.96 -24.72
N THR V 97 48.02 46.96 -23.97
CA THR V 97 46.71 46.57 -24.48
C THR V 97 45.69 47.67 -24.25
N ARG V 98 44.69 47.69 -25.14
CA ARG V 98 43.60 48.67 -25.12
C ARG V 98 42.30 47.99 -24.69
N ALA V 99 41.63 48.55 -23.70
CA ALA V 99 40.38 48.00 -23.19
C ALA V 99 39.15 48.70 -23.79
N SER V 100 38.12 48.89 -22.97
CA SER V 100 36.84 49.44 -23.39
C SER V 100 36.88 50.97 -23.42
N PRO V 101 36.04 51.61 -24.24
CA PRO V 101 35.99 53.08 -24.28
C PRO V 101 35.37 53.69 -23.04
N TYR V 102 35.27 55.03 -23.04
CA TYR V 102 34.74 55.74 -21.88
C TYR V 102 33.25 55.48 -21.70
N TYR V 103 32.51 55.33 -22.81
CA TYR V 103 31.06 55.20 -22.75
C TYR V 103 30.60 53.78 -22.43
N ASP V 104 31.53 52.88 -22.10
CA ASP V 104 31.19 51.54 -21.65
C ASP V 104 31.79 51.29 -20.28
N TYR V 105 31.14 50.41 -19.52
CA TYR V 105 31.75 49.88 -18.32
C TYR V 105 33.08 49.23 -18.71
N ASP V 106 34.09 49.39 -17.84
CA ASP V 106 35.38 48.78 -18.16
C ASP V 106 35.23 47.27 -18.20
N GLU V 107 34.89 46.74 -19.37
CA GLU V 107 34.52 45.33 -19.49
C GLU V 107 35.74 44.42 -19.36
N GLY V 108 36.94 44.94 -19.50
CA GLY V 108 38.14 44.21 -19.20
C GLY V 108 38.65 43.30 -20.29
N TYR V 109 38.02 43.29 -21.46
CA TYR V 109 38.60 42.58 -22.61
C TYR V 109 39.44 43.55 -23.42
N MET V 110 40.61 43.10 -23.83
CA MET V 110 41.56 43.91 -24.57
C MET V 110 41.60 43.43 -26.02
N ASP V 111 41.04 44.23 -26.92
CA ASP V 111 40.90 43.85 -28.31
C ASP V 111 42.22 43.93 -29.06
N TYR V 112 43.01 44.99 -28.83
CA TYR V 112 44.24 45.21 -29.58
C TYR V 112 45.43 45.07 -28.64
N TRP V 113 46.42 44.30 -29.08
CA TRP V 113 47.64 44.07 -28.32
C TRP V 113 48.84 44.64 -29.08
N GLY V 114 49.89 44.96 -28.34
CA GLY V 114 51.12 45.45 -28.92
C GLY V 114 52.05 44.32 -29.32
N GLN V 115 53.26 44.69 -29.74
CA GLN V 115 54.25 43.70 -30.10
C GLN V 115 54.92 43.08 -28.86
N GLY V 116 55.07 43.88 -27.81
CA GLY V 116 55.66 43.39 -26.58
C GLY V 116 57.09 43.82 -26.37
N THR V 117 57.47 44.09 -25.12
CA THR V 117 58.85 44.36 -24.75
C THR V 117 59.20 43.50 -23.55
N SER V 118 60.14 42.59 -23.73
CA SER V 118 60.53 41.69 -22.65
C SER V 118 61.52 42.35 -21.73
N VAL V 119 61.20 42.37 -20.44
CA VAL V 119 62.14 42.81 -19.41
C VAL V 119 62.42 41.63 -18.49
N THR V 120 63.69 41.43 -18.17
CA THR V 120 64.11 40.35 -17.29
C THR V 120 64.96 40.93 -16.18
N VAL V 121 64.82 40.34 -14.99
CA VAL V 121 65.46 40.81 -13.78
C VAL V 121 66.24 39.66 -13.17
N SER V 122 67.56 39.83 -13.08
CA SER V 122 68.43 38.80 -12.52
C SER V 122 69.73 39.44 -12.07
N SER V 123 70.33 38.84 -11.03
CA SER V 123 71.59 39.33 -10.47
C SER V 123 72.82 38.88 -11.25
N ALA V 124 72.67 37.97 -12.21
CA ALA V 124 73.79 37.42 -12.94
C ALA V 124 74.49 38.48 -13.79
N LYS V 125 75.80 38.31 -13.95
CA LYS V 125 76.61 39.19 -14.78
C LYS V 125 76.74 38.58 -16.18
N THR V 126 77.18 39.38 -17.13
CA THR V 126 77.37 38.90 -18.49
C THR V 126 78.52 37.89 -18.51
N THR V 127 78.22 36.68 -18.98
CA THR V 127 79.20 35.60 -18.99
C THR V 127 79.15 34.90 -20.35
N ALA V 128 80.33 34.66 -20.92
CA ALA V 128 80.41 33.97 -22.19
C ALA V 128 80.16 32.47 -21.99
N PRO V 129 79.54 31.81 -22.96
CA PRO V 129 79.21 30.40 -22.79
C PRO V 129 80.41 29.48 -22.97
N SER V 130 80.34 28.33 -22.31
CA SER V 130 81.29 27.25 -22.52
C SER V 130 80.65 26.22 -23.43
N VAL V 131 81.27 25.99 -24.58
CA VAL V 131 80.72 25.11 -25.61
C VAL V 131 81.48 23.79 -25.56
N TYR V 132 80.73 22.68 -25.54
CA TYR V 132 81.32 21.35 -25.43
C TYR V 132 80.77 20.47 -26.56
N PRO V 133 81.63 19.72 -27.24
CA PRO V 133 81.14 18.77 -28.25
C PRO V 133 80.71 17.45 -27.62
N LEU V 134 79.74 16.81 -28.27
CA LEU V 134 79.14 15.57 -27.78
C LEU V 134 79.28 14.49 -28.86
N ALA V 135 80.22 13.57 -28.65
CA ALA V 135 80.51 12.43 -29.50
C ALA V 135 80.32 11.10 -28.77
N PRO V 136 79.86 10.07 -29.47
CA PRO V 136 79.78 8.73 -28.87
C PRO V 136 81.16 8.10 -28.72
N VAL V 137 81.43 7.54 -27.54
CA VAL V 137 82.71 6.88 -27.27
C VAL V 137 82.88 5.68 -28.20
N CYS V 138 82.12 4.62 -27.96
CA CYS V 138 82.14 3.43 -28.81
C CYS V 138 80.89 3.39 -29.66
N GLY V 139 80.79 2.37 -30.51
CA GLY V 139 79.67 2.30 -31.43
C GLY V 139 79.09 0.92 -31.67
N GLY V 140 77.87 0.71 -31.19
CA GLY V 140 77.09 -0.46 -31.54
C GLY V 140 75.94 -0.03 -32.43
N THR V 141 75.77 -0.76 -33.54
CA THR V 141 74.93 -0.32 -34.66
C THR V 141 75.35 1.10 -35.06
N THR V 142 76.64 1.24 -35.36
CA THR V 142 77.24 2.55 -35.62
C THR V 142 76.69 3.21 -36.88
N GLY V 143 76.03 2.45 -37.74
CA GLY V 143 75.57 2.96 -39.02
C GLY V 143 74.06 3.15 -39.05
N SER V 144 73.61 4.11 -39.85
CA SER V 144 72.20 4.39 -40.11
C SER V 144 71.39 4.54 -38.81
N SER V 145 71.57 5.69 -38.16
CA SER V 145 72.51 6.73 -38.59
C SER V 145 73.27 7.24 -37.38
N VAL V 146 74.14 8.21 -37.58
CA VAL V 146 74.93 8.76 -36.48
C VAL V 146 74.32 10.08 -36.04
N THR V 147 74.35 10.33 -34.73
CA THR V 147 73.79 11.55 -34.15
C THR V 147 74.88 12.16 -33.26
N LEU V 148 75.24 13.41 -33.56
CA LEU V 148 76.26 14.14 -32.82
C LEU V 148 75.57 15.05 -31.80
N GLY V 149 76.33 15.97 -31.21
CA GLY V 149 75.74 16.88 -30.25
C GLY V 149 76.63 18.06 -29.94
N CYS V 150 76.01 19.17 -29.55
CA CYS V 150 76.75 20.37 -29.18
C CYS V 150 76.02 21.04 -28.01
N LEU V 151 76.79 21.46 -27.02
CA LEU V 151 76.24 21.97 -25.78
C LEU V 151 76.77 23.37 -25.51
N VAL V 152 75.88 24.28 -25.16
CA VAL V 152 76.19 25.67 -24.84
C VAL V 152 75.80 25.87 -23.38
N LYS V 153 76.78 25.88 -22.48
CA LYS V 153 76.53 25.82 -21.05
C LYS V 153 76.96 27.12 -20.37
N GLY V 154 76.09 27.63 -19.50
CA GLY V 154 76.45 28.70 -18.59
C GLY V 154 76.71 30.05 -19.22
N TYR V 155 75.71 30.61 -19.90
CA TYR V 155 75.83 31.94 -20.46
C TYR V 155 74.72 32.84 -19.95
N PHE V 156 74.94 34.14 -20.08
CA PHE V 156 73.99 35.16 -19.67
C PHE V 156 74.42 36.49 -20.27
N PRO V 157 73.49 37.29 -20.82
CA PRO V 157 72.09 36.90 -21.00
C PRO V 157 71.81 36.31 -22.38
N GLU V 158 70.55 35.95 -22.62
CA GLU V 158 70.13 35.48 -23.92
C GLU V 158 70.21 36.61 -24.94
N PRO V 159 70.23 36.29 -26.25
CA PRO V 159 70.26 34.95 -26.84
C PRO V 159 71.64 34.57 -27.39
N VAL V 160 71.74 33.37 -27.96
CA VAL V 160 72.92 32.93 -28.66
C VAL V 160 72.51 32.43 -30.04
N THR V 161 73.48 32.34 -30.94
CA THR V 161 73.23 31.85 -32.28
C THR V 161 73.47 30.36 -32.35
N LEU V 162 72.58 29.66 -33.05
CA LEU V 162 72.54 28.21 -33.11
C LEU V 162 72.75 27.79 -34.57
N THR V 163 74.00 27.60 -34.96
CA THR V 163 74.27 27.21 -36.35
C THR V 163 75.17 25.99 -36.41
N TRP V 164 75.02 25.22 -37.48
CA TRP V 164 75.87 24.07 -37.76
C TRP V 164 76.58 24.31 -39.09
N ASN V 165 77.91 24.27 -39.07
CA ASN V 165 78.74 24.45 -40.25
C ASN V 165 78.42 25.76 -40.97
N SER V 166 78.38 26.85 -40.21
CA SER V 166 78.21 28.20 -40.74
C SER V 166 76.91 28.33 -41.54
N GLY V 167 75.84 27.69 -41.05
CA GLY V 167 74.55 27.74 -41.72
C GLY V 167 74.29 26.60 -42.66
N SER V 168 75.27 25.74 -42.91
CA SER V 168 75.09 24.57 -43.75
C SER V 168 74.26 23.51 -43.01
N LEU V 169 74.07 22.37 -43.67
CA LEU V 169 73.34 21.25 -43.09
C LEU V 169 71.89 21.65 -42.83
N SER V 170 71.59 22.05 -41.59
CA SER V 170 70.29 22.55 -41.17
C SER V 170 69.20 21.48 -41.23
N SER V 171 69.50 20.34 -41.84
CA SER V 171 68.56 19.23 -41.89
C SER V 171 68.79 18.29 -40.72
N GLY V 172 67.69 17.88 -40.08
CA GLY V 172 67.81 17.01 -38.93
C GLY V 172 68.38 17.67 -37.69
N VAL V 173 68.33 19.00 -37.61
CA VAL V 173 68.88 19.73 -36.48
C VAL V 173 67.76 20.07 -35.51
N HIS V 174 67.99 19.80 -34.22
CA HIS V 174 67.05 20.13 -33.15
C HIS V 174 67.79 21.00 -32.13
N THR V 175 67.45 22.29 -32.10
CA THR V 175 67.97 23.21 -31.11
C THR V 175 66.87 23.47 -30.08
N PHE V 176 67.15 23.16 -28.87
CA PHE V 176 66.23 23.11 -27.74
C PHE V 176 66.24 24.42 -26.97
N PRO V 177 65.09 24.80 -26.42
CA PRO V 177 65.03 26.06 -25.66
C PRO V 177 65.94 26.03 -24.46
N ALA V 178 66.50 27.20 -24.13
CA ALA V 178 67.42 27.29 -23.01
C ALA V 178 66.67 27.10 -21.70
N LEU V 179 67.37 26.48 -20.74
CA LEU V 179 66.86 26.28 -19.39
C LEU V 179 67.81 26.97 -18.42
N LEU V 180 67.24 27.53 -17.35
CA LEU V 180 68.00 28.36 -16.42
C LEU V 180 68.33 27.59 -15.15
N GLN V 181 69.58 27.71 -14.72
CA GLN V 181 70.04 27.15 -13.45
C GLN V 181 71.13 28.07 -12.90
N SER V 182 71.06 28.35 -11.60
CA SER V 182 72.02 29.21 -10.92
C SER V 182 72.16 30.56 -11.63
N GLY V 183 71.05 31.08 -12.13
CA GLY V 183 71.06 32.36 -12.82
C GLY V 183 71.81 32.38 -14.14
N LEU V 184 72.02 31.21 -14.75
CA LEU V 184 72.71 31.10 -16.02
C LEU V 184 71.89 30.21 -16.95
N TYR V 185 72.03 30.45 -18.25
CA TYR V 185 71.28 29.70 -19.24
C TYR V 185 72.11 28.54 -19.79
N THR V 186 71.39 27.50 -20.22
CA THR V 186 72.00 26.33 -20.83
C THR V 186 71.13 25.89 -22.01
N LEU V 187 71.77 25.66 -23.15
CA LEU V 187 71.10 25.29 -24.38
C LEU V 187 71.83 24.11 -25.00
N SER V 188 71.09 23.28 -25.72
CA SER V 188 71.65 22.09 -26.34
C SER V 188 71.11 21.96 -27.75
N SER V 189 71.89 21.36 -28.63
CA SER V 189 71.45 21.13 -29.99
C SER V 189 72.02 19.81 -30.49
N SER V 190 71.19 19.03 -31.16
CA SER V 190 71.60 17.75 -31.71
C SER V 190 71.37 17.73 -33.22
N VAL V 191 72.23 17.01 -33.94
CA VAL V 191 72.14 16.88 -35.38
C VAL V 191 72.38 15.43 -35.75
N THR V 192 71.62 14.93 -36.73
CA THR V 192 71.70 13.54 -37.18
C THR V 192 72.11 13.52 -38.65
N VAL V 193 73.16 12.76 -38.94
CA VAL V 193 73.69 12.61 -40.29
C VAL V 193 74.02 11.14 -40.53
N THR V 194 74.23 10.82 -41.81
CA THR V 194 74.59 9.46 -42.19
C THR V 194 75.95 9.08 -41.62
N SER V 195 76.12 7.79 -41.35
CA SER V 195 77.36 7.31 -40.73
C SER V 195 78.56 7.52 -41.65
N ASN V 196 78.35 7.54 -42.97
CA ASN V 196 79.44 7.72 -43.92
C ASN V 196 79.74 9.18 -44.20
N THR V 197 79.11 10.11 -43.47
CA THR V 197 79.43 11.53 -43.59
C THR V 197 80.32 12.00 -42.45
N TRP V 198 80.07 11.54 -41.23
CA TRP V 198 80.86 11.83 -40.05
C TRP V 198 81.35 10.52 -39.44
N PRO V 199 82.61 10.47 -38.98
CA PRO V 199 83.60 11.55 -38.95
C PRO V 199 84.43 11.65 -40.23
N SER V 200 83.91 11.15 -41.36
CA SER V 200 84.64 11.25 -42.62
C SER V 200 84.86 12.71 -43.00
N GLN V 201 83.84 13.55 -42.80
CA GLN V 201 83.94 14.98 -43.02
C GLN V 201 83.73 15.71 -41.71
N THR V 202 84.37 16.87 -41.58
CA THR V 202 84.30 17.63 -40.33
C THR V 202 82.93 18.27 -40.15
N ILE V 203 82.40 18.16 -38.94
CA ILE V 203 81.15 18.79 -38.55
C ILE V 203 81.43 19.63 -37.31
N THR V 204 81.16 20.92 -37.39
CA THR V 204 81.42 21.85 -36.30
C THR V 204 80.18 22.68 -36.03
N CYS V 205 79.90 22.89 -34.74
CA CYS V 205 78.81 23.75 -34.32
C CYS V 205 79.32 25.16 -34.05
N ASN V 206 78.59 26.15 -34.55
CA ASN V 206 78.94 27.55 -34.41
C ASN V 206 77.94 28.19 -33.45
N VAL V 207 78.48 28.78 -32.38
CA VAL V 207 77.72 29.43 -31.32
C VAL V 207 78.28 30.83 -31.16
N ALA V 208 77.43 31.84 -31.31
CA ALA V 208 77.82 33.24 -31.15
C ALA V 208 77.05 33.86 -30.00
N HIS V 209 77.76 34.59 -29.15
CA HIS V 209 77.18 35.31 -28.02
C HIS V 209 77.53 36.78 -28.16
N PRO V 210 76.62 37.61 -28.66
CA PRO V 210 76.94 39.04 -28.87
C PRO V 210 77.08 39.82 -27.58
N ALA V 211 76.37 39.42 -26.52
CA ALA V 211 76.43 40.16 -25.27
C ALA V 211 77.85 40.23 -24.72
N SER V 212 78.61 39.14 -24.88
CA SER V 212 80.02 39.11 -24.51
C SER V 212 80.93 39.31 -25.70
N SER V 213 80.36 39.58 -26.88
CA SER V 213 81.14 39.82 -28.10
C SER V 213 82.07 38.65 -28.41
N THR V 214 81.55 37.44 -28.26
CA THR V 214 82.33 36.24 -28.53
C THR V 214 81.64 35.40 -29.59
N LYS V 215 82.43 34.58 -30.28
CA LYS V 215 81.94 33.69 -31.33
C LYS V 215 82.88 32.50 -31.37
N VAL V 216 82.37 31.31 -31.07
CA VAL V 216 83.18 30.11 -30.99
C VAL V 216 82.59 29.04 -31.89
N ASP V 217 83.47 28.37 -32.64
CA ASP V 217 83.10 27.24 -33.48
C ASP V 217 83.88 26.01 -32.99
N LYS V 218 83.15 24.94 -32.69
CA LYS V 218 83.74 23.75 -32.09
C LYS V 218 83.49 22.55 -32.96
N LYS V 219 84.57 21.86 -33.34
CA LYS V 219 84.47 20.61 -34.10
C LYS V 219 84.50 19.45 -33.12
N ILE V 220 83.69 18.43 -33.42
CA ILE V 220 83.53 17.32 -32.47
C ILE V 220 84.65 16.31 -32.61
N VAL V 221 84.93 15.85 -33.83
CA VAL V 221 85.92 14.81 -34.13
C VAL V 221 85.59 13.57 -33.29
N PRO V 222 86.39 12.48 -33.32
CA PRO V 222 86.10 11.51 -32.25
C PRO V 222 86.43 12.03 -30.86
N VAL W 2 43.17 59.95 22.27
CA VAL W 2 44.62 59.77 22.23
C VAL W 2 45.09 59.43 23.63
N LYS W 3 44.46 60.07 24.62
CA LYS W 3 44.81 59.91 26.02
C LYS W 3 43.55 59.84 26.86
N LEU W 4 43.38 58.73 27.58
CA LEU W 4 42.33 58.56 28.58
C LEU W 4 42.99 58.31 29.92
N VAL W 5 42.78 59.20 30.88
CA VAL W 5 43.42 59.13 32.19
C VAL W 5 42.32 58.88 33.22
N GLU W 6 42.38 57.72 33.85
CA GLU W 6 41.41 57.38 34.88
C GLU W 6 41.74 58.08 36.20
N SER W 7 40.72 58.18 37.04
CA SER W 7 40.81 58.84 38.34
C SER W 7 39.58 58.45 39.14
N GLY W 8 39.69 58.52 40.46
CA GLY W 8 38.52 58.24 41.27
C GLY W 8 38.26 56.77 41.52
N GLY W 9 38.10 56.41 42.78
CA GLY W 9 38.72 57.19 43.84
C GLY W 9 39.52 56.36 44.83
N GLY W 10 39.05 55.15 45.10
CA GLY W 10 39.78 54.27 45.98
C GLY W 10 39.22 52.87 46.11
N LEU W 11 39.38 52.32 47.32
CA LEU W 11 38.81 51.04 47.70
C LEU W 11 38.03 51.29 48.98
N VAL W 12 36.72 51.07 48.94
CA VAL W 12 35.81 51.63 49.93
C VAL W 12 34.90 50.53 50.47
N LYS W 13 34.30 50.81 51.64
CA LYS W 13 33.46 49.85 52.32
C LYS W 13 32.21 49.53 51.50
N PRO W 14 31.59 48.36 51.73
CA PRO W 14 30.36 48.02 51.02
C PRO W 14 29.17 48.85 51.50
N GLY W 15 28.25 49.10 50.59
CA GLY W 15 27.08 49.91 50.87
C GLY W 15 27.31 51.40 50.87
N GLY W 16 28.47 51.85 50.38
CA GLY W 16 28.80 53.26 50.34
C GLY W 16 28.96 53.75 48.90
N SER W 17 28.97 55.07 48.77
CA SER W 17 29.09 55.71 47.46
C SER W 17 30.55 55.85 47.06
N LEU W 18 30.77 56.21 45.80
CA LEU W 18 32.10 56.39 45.23
C LEU W 18 31.96 57.04 43.86
N LYS W 19 32.80 58.03 43.58
CA LYS W 19 32.76 58.78 42.34
C LYS W 19 34.01 58.52 41.52
N LEU W 20 33.82 58.21 40.24
CA LEU W 20 34.92 57.93 39.32
C LEU W 20 35.03 59.05 38.28
N SER W 21 36.25 59.48 38.01
CA SER W 21 36.51 60.54 37.04
C SER W 21 37.35 60.00 35.88
N CYS W 22 37.28 60.69 34.75
CA CYS W 22 38.00 60.28 33.55
C CYS W 22 38.31 61.52 32.72
N ALA W 23 39.60 61.81 32.53
CA ALA W 23 40.03 62.95 31.74
C ALA W 23 40.41 62.49 30.34
N ALA W 24 39.87 63.18 29.33
CA ALA W 24 40.11 62.85 27.93
C ALA W 24 40.99 63.89 27.27
N SER W 25 41.80 63.45 26.32
CA SER W 25 42.71 64.33 25.60
C SER W 25 42.96 63.77 24.21
N GLY W 26 43.11 64.67 23.24
CA GLY W 26 43.50 64.30 21.90
C GLY W 26 42.39 64.12 20.89
N PHE W 27 41.17 64.55 21.22
CA PHE W 27 40.03 64.42 20.31
C PHE W 27 38.92 65.34 20.81
N PRO W 28 37.99 65.73 19.94
CA PRO W 28 36.83 66.51 20.40
C PRO W 28 35.95 65.69 21.34
N PHE W 29 36.11 65.93 22.64
CA PHE W 29 35.41 65.11 23.63
C PHE W 29 33.90 65.24 23.48
N SER W 30 33.40 66.43 23.18
CA SER W 30 31.96 66.66 23.11
C SER W 30 31.32 66.03 21.87
N ASP W 31 32.11 65.42 20.98
CA ASP W 31 31.58 64.82 19.76
C ASP W 31 31.40 63.31 19.87
N TYR W 32 31.95 62.67 20.89
CA TYR W 32 31.89 61.23 21.03
C TYR W 32 31.05 60.83 22.22
N THR W 33 30.44 59.65 22.13
CA THR W 33 29.71 59.05 23.25
C THR W 33 30.65 58.21 24.08
N MET W 34 30.56 58.35 25.40
CA MET W 34 31.49 57.71 26.30
C MET W 34 30.80 56.54 27.01
N SER W 35 31.61 55.69 27.65
CA SER W 35 31.08 54.49 28.28
C SER W 35 32.03 54.01 29.36
N TRP W 36 31.48 53.26 30.31
CA TRP W 36 32.24 52.64 31.39
C TRP W 36 32.19 51.12 31.25
N ILE W 37 33.37 50.48 31.32
CA ILE W 37 33.50 49.04 31.22
C ILE W 37 34.32 48.55 32.41
N ARG W 38 33.77 47.60 33.16
CA ARG W 38 34.44 47.06 34.34
C ARG W 38 34.90 45.63 34.09
N GLN W 39 35.98 45.25 34.75
CA GLN W 39 36.55 43.91 34.67
C GLN W 39 36.52 43.28 36.06
N THR W 40 35.83 42.14 36.18
CA THR W 40 35.67 41.48 37.47
C THR W 40 37.02 40.99 37.99
N PRO W 41 37.12 40.71 39.29
CA PRO W 41 38.36 40.13 39.81
C PRO W 41 38.69 38.79 39.16
N GLU W 42 37.68 38.08 38.68
CA GLU W 42 37.87 36.88 37.89
C GLU W 42 38.27 37.18 36.46
N LYS W 43 38.58 38.44 36.15
CA LYS W 43 39.04 38.87 34.84
C LYS W 43 37.97 38.61 33.77
N ARG W 44 36.75 39.01 34.08
CA ARG W 44 35.64 38.99 33.14
C ARG W 44 35.13 40.41 32.94
N LEU W 45 34.88 40.77 31.69
CA LEU W 45 34.50 42.13 31.32
C LEU W 45 32.99 42.27 31.23
N GLU W 46 32.46 43.35 31.83
CA GLU W 46 31.04 43.65 31.81
C GLU W 46 30.84 45.13 31.48
N TRP W 47 29.78 45.42 30.74
CA TRP W 47 29.47 46.80 30.36
C TRP W 47 28.67 47.49 31.46
N VAL W 48 29.12 48.69 31.84
CA VAL W 48 28.58 49.39 33.00
C VAL W 48 27.61 50.50 32.60
N ALA W 49 28.03 51.39 31.69
CA ALA W 49 27.21 52.54 31.34
C ALA W 49 27.69 53.10 30.00
N SER W 50 26.87 53.97 29.42
CA SER W 50 27.25 54.74 28.24
C SER W 50 26.40 56.01 28.19
N ILE W 51 27.03 57.13 27.85
CA ILE W 51 26.38 58.43 27.80
C ILE W 51 26.58 59.04 26.42
N SER W 52 25.58 59.79 25.96
CA SER W 52 25.63 60.41 24.64
C SER W 52 26.68 61.52 24.61
N SER W 53 26.89 62.08 23.42
CA SER W 53 27.83 63.18 23.27
C SER W 53 27.45 64.35 24.16
N GLY W 54 26.17 64.74 24.12
CA GLY W 54 25.62 65.61 25.14
C GLY W 54 25.05 64.77 26.28
N GLY W 55 25.18 65.29 27.50
CA GLY W 55 24.83 64.51 28.67
C GLY W 55 23.34 64.27 28.89
N THR W 56 22.56 64.26 27.81
CA THR W 56 21.12 64.11 27.93
C THR W 56 20.65 62.65 27.84
N TYR W 57 21.40 61.79 27.14
CA TYR W 57 20.99 60.41 26.92
C TYR W 57 22.00 59.47 27.55
N THR W 58 21.54 58.68 28.52
CA THR W 58 22.34 57.67 29.19
C THR W 58 21.56 56.36 29.17
N TYR W 59 22.28 55.24 29.20
CA TYR W 59 21.63 53.94 29.35
C TYR W 59 22.60 52.96 30.00
N TYR W 60 22.03 52.05 30.78
CA TYR W 60 22.74 51.14 31.66
C TYR W 60 22.17 49.74 31.47
N PRO W 61 22.82 48.72 32.03
CA PRO W 61 22.14 47.44 32.18
C PRO W 61 21.27 47.44 33.42
N ASP W 62 20.30 46.52 33.43
CA ASP W 62 19.36 46.45 34.54
C ASP W 62 20.03 46.06 35.86
N THR W 63 21.23 45.48 35.79
CA THR W 63 21.92 45.06 37.00
C THR W 63 22.46 46.23 37.82
N VAL W 64 22.34 47.47 37.31
CA VAL W 64 22.93 48.61 37.99
C VAL W 64 22.07 49.86 37.77
N LYS W 65 20.82 49.65 37.34
CA LYS W 65 19.98 50.77 36.90
C LYS W 65 19.81 51.83 37.98
N GLY W 66 19.75 51.43 39.24
CA GLY W 66 19.45 52.37 40.31
C GLY W 66 20.66 52.90 41.05
N ARG W 67 21.79 52.22 40.95
CA ARG W 67 22.95 52.59 41.76
C ARG W 67 23.90 53.54 41.05
N PHE W 68 24.18 53.32 39.77
CA PHE W 68 25.18 54.10 39.06
C PHE W 68 24.53 55.21 38.24
N THR W 69 25.29 56.28 38.02
CA THR W 69 24.81 57.43 37.26
C THR W 69 25.97 58.01 36.48
N ILE W 70 26.00 57.79 35.16
CA ILE W 70 27.06 58.35 34.33
C ILE W 70 26.71 59.79 33.98
N SER W 71 27.73 60.65 33.97
CA SER W 71 27.55 62.05 33.61
C SER W 71 28.82 62.51 32.89
N ARG W 72 28.80 63.73 32.39
CA ARG W 72 29.96 64.25 31.68
C ARG W 72 29.97 65.77 31.74
N ASP W 73 31.18 66.33 31.77
CA ASP W 73 31.40 67.78 31.70
C ASP W 73 32.22 68.03 30.44
N ASN W 74 31.56 68.52 29.39
CA ASN W 74 32.23 68.76 28.12
C ASN W 74 33.19 69.95 28.18
N ALA W 75 32.96 70.90 29.10
CA ALA W 75 33.88 72.02 29.23
C ALA W 75 35.20 71.59 29.86
N LYS W 76 35.15 70.65 30.80
CA LYS W 76 36.35 70.13 31.44
C LYS W 76 36.92 68.90 30.75
N ASN W 77 36.25 68.40 29.71
CA ASN W 77 36.65 67.17 29.02
C ASN W 77 36.78 66.01 30.02
N THR W 78 35.72 65.80 30.80
CA THR W 78 35.75 64.82 31.88
C THR W 78 34.49 63.97 31.85
N LEU W 79 34.65 62.70 32.19
CA LEU W 79 33.56 61.75 32.32
C LEU W 79 33.46 61.28 33.76
N TYR W 80 32.24 61.11 34.25
CA TYR W 80 32.02 60.76 35.64
C TYR W 80 31.13 59.53 35.73
N LEU W 81 31.41 58.71 36.75
CA LEU W 81 30.57 57.56 37.09
C LEU W 81 30.25 57.66 38.57
N GLN W 82 28.99 57.95 38.89
CA GLN W 82 28.54 58.14 40.26
C GLN W 82 27.96 56.83 40.77
N MET W 83 28.75 56.11 41.56
CA MET W 83 28.33 54.85 42.16
C MET W 83 27.83 55.08 43.57
N SER W 84 26.77 54.37 43.94
CA SER W 84 26.16 54.52 45.26
C SER W 84 25.62 53.17 45.70
N SER W 85 25.64 52.95 47.02
CA SER W 85 25.18 51.70 47.62
C SER W 85 25.85 50.50 46.97
N LEU W 86 27.17 50.56 46.86
CA LEU W 86 27.91 49.50 46.19
C LEU W 86 27.78 48.19 46.95
N LYS W 87 27.77 47.09 46.21
CA LYS W 87 27.77 45.75 46.77
C LYS W 87 29.14 45.11 46.58
N SER W 88 29.38 44.02 47.31
CA SER W 88 30.65 43.31 47.16
C SER W 88 30.84 42.75 45.76
N GLU W 89 29.75 42.51 45.03
CA GLU W 89 29.83 42.00 43.67
C GLU W 89 30.30 43.05 42.67
N ASP W 90 30.35 44.32 43.06
CA ASP W 90 30.76 45.40 42.18
C ASP W 90 32.27 45.62 42.17
N THR W 91 33.04 44.68 42.71
CA THR W 91 34.49 44.77 42.69
C THR W 91 34.98 44.63 41.26
N ALA W 92 35.74 45.60 40.77
CA ALA W 92 36.16 45.54 39.37
C ALA W 92 37.24 46.58 39.09
N MET W 93 37.95 46.35 37.99
CA MET W 93 38.84 47.34 37.38
C MET W 93 38.03 48.13 36.37
N PHE W 94 37.79 49.41 36.66
CA PHE W 94 36.90 50.22 35.85
C PHE W 94 37.66 50.96 34.74
N TYR W 95 37.18 50.80 33.51
CA TYR W 95 37.82 51.38 32.34
C TYR W 95 36.92 52.42 31.70
N CYS W 96 37.51 53.52 31.25
CA CYS W 96 36.80 54.61 30.61
C CYS W 96 37.02 54.52 29.11
N THR W 97 35.95 54.27 28.35
CA THR W 97 36.07 53.97 26.94
C THR W 97 35.25 54.93 26.10
N ARG W 98 35.69 55.10 24.85
CA ARG W 98 35.04 55.98 23.89
C ARG W 98 34.35 55.16 22.81
N ALA W 99 33.07 55.46 22.57
CA ALA W 99 32.30 54.74 21.57
C ALA W 99 32.24 55.50 20.23
N SER W 100 31.08 55.43 19.57
CA SER W 100 30.95 56.04 18.25
C SER W 100 30.63 57.53 18.35
N PRO W 101 31.00 58.31 17.33
CA PRO W 101 30.70 59.76 17.34
C PRO W 101 29.23 60.09 17.16
N TYR W 102 28.93 61.39 17.13
CA TYR W 102 27.55 61.84 17.01
C TYR W 102 26.96 61.52 15.64
N TYR W 103 27.77 61.58 14.59
CA TYR W 103 27.26 61.40 13.23
C TYR W 103 27.09 59.94 12.85
N ASP W 104 27.28 59.02 13.78
CA ASP W 104 27.06 57.60 13.54
C ASP W 104 26.07 57.05 14.56
N TYR W 105 25.36 56.00 14.15
CA TYR W 105 24.59 55.21 15.10
C TYR W 105 25.53 54.72 16.19
N ASP W 106 25.04 54.71 17.44
CA ASP W 106 25.88 54.26 18.54
C ASP W 106 26.22 52.78 18.35
N GLU W 107 27.32 52.51 17.64
CA GLU W 107 27.62 51.14 17.24
C GLU W 107 28.11 50.28 18.39
N GLY W 108 28.54 50.88 19.50
CA GLY W 108 28.82 50.13 20.71
C GLY W 108 30.19 49.49 20.77
N TYR W 109 31.06 49.70 19.80
CA TYR W 109 32.43 49.25 19.89
C TYR W 109 33.27 50.39 20.48
N MET W 110 34.15 50.05 21.41
CA MET W 110 34.98 51.02 22.10
C MET W 110 36.43 50.86 21.64
N ASP W 111 36.89 51.81 20.82
CA ASP W 111 38.22 51.73 20.23
C ASP W 111 39.31 52.09 21.22
N TYR W 112 39.10 53.12 22.03
CA TYR W 112 40.12 53.64 22.93
C TYR W 112 39.73 53.35 24.37
N TRP W 113 40.66 52.80 25.14
CA TRP W 113 40.45 52.45 26.53
C TRP W 113 41.39 53.26 27.43
N GLY W 114 40.98 53.42 28.69
CA GLY W 114 41.78 54.11 29.68
C GLY W 114 42.77 53.18 30.35
N GLN W 115 43.44 53.70 31.38
CA GLN W 115 44.40 52.90 32.12
C GLN W 115 43.74 51.96 33.10
N GLY W 116 42.61 52.37 33.69
CA GLY W 116 41.87 51.55 34.62
C GLY W 116 42.06 51.98 36.06
N THR W 117 41.01 51.89 36.87
CA THR W 117 41.07 52.12 38.30
C THR W 117 40.33 51.00 39.00
N SER W 118 41.06 50.21 39.79
CA SER W 118 40.46 49.09 40.51
C SER W 118 39.81 49.58 41.78
N VAL W 119 38.52 49.25 41.96
CA VAL W 119 37.80 49.51 43.19
C VAL W 119 37.36 48.18 43.79
N THR W 120 37.55 48.02 45.09
CA THR W 120 37.13 46.82 45.80
C THR W 120 36.27 47.21 46.99
N VAL W 121 35.27 46.39 47.27
CA VAL W 121 34.29 46.65 48.32
C VAL W 121 34.22 45.41 49.21
N SER W 122 34.58 45.57 50.48
CA SER W 122 34.55 44.44 51.41
C SER W 122 34.44 44.97 52.84
N SER W 123 33.79 44.18 53.69
CA SER W 123 33.59 44.52 55.09
C SER W 123 34.80 44.23 55.97
N ALA W 124 35.82 43.56 55.43
CA ALA W 124 36.97 43.17 56.21
C ALA W 124 37.78 44.37 56.68
N LYS W 125 38.40 44.21 57.85
CA LYS W 125 39.29 45.20 58.44
C LYS W 125 40.73 44.88 58.03
N THR W 126 41.62 45.84 58.25
CA THR W 126 43.03 45.64 57.92
C THR W 126 43.57 44.52 58.80
N THR W 127 44.06 43.45 58.18
CA THR W 127 44.55 42.28 58.91
C THR W 127 45.86 41.81 58.32
N ALA W 128 46.83 41.55 59.19
CA ALA W 128 48.12 41.04 58.77
C ALA W 128 48.03 39.54 58.45
N PRO W 129 48.83 39.06 57.50
CA PRO W 129 48.75 37.64 57.14
C PRO W 129 49.47 36.76 58.16
N SER W 130 49.01 35.51 58.23
CA SER W 130 49.68 34.48 59.02
C SER W 130 50.52 33.62 58.08
N VAL W 131 51.83 33.60 58.30
CA VAL W 131 52.76 32.91 57.42
C VAL W 131 53.20 31.61 58.09
N TYR W 132 53.13 30.52 57.35
CA TYR W 132 53.47 29.19 57.86
C TYR W 132 54.45 28.50 56.92
N PRO W 133 55.51 27.90 57.43
CA PRO W 133 56.43 27.14 56.58
C PRO W 133 55.91 25.72 56.34
N LEU W 134 56.30 25.17 55.18
CA LEU W 134 55.85 23.85 54.74
C LEU W 134 57.06 22.95 54.52
N ALA W 135 57.30 22.02 55.45
CA ALA W 135 58.40 21.07 55.34
C ALA W 135 57.87 19.64 55.26
N PRO W 136 58.55 18.77 54.51
CA PRO W 136 58.15 17.36 54.44
C PRO W 136 58.50 16.60 55.72
N VAL W 137 57.54 15.80 56.18
CA VAL W 137 57.74 14.97 57.37
C VAL W 137 58.86 13.96 57.09
N CYS W 138 58.57 12.96 56.28
CA CYS W 138 59.54 11.95 55.87
C CYS W 138 59.96 12.19 54.43
N GLY W 139 60.89 11.35 53.95
CA GLY W 139 61.42 11.55 52.61
C GLY W 139 61.65 10.28 51.82
N GLY W 140 60.84 10.09 50.78
CA GLY W 140 61.05 9.05 49.79
C GLY W 140 61.46 9.69 48.47
N THR W 141 62.51 9.14 47.86
CA THR W 141 63.20 9.76 46.73
C THR W 141 63.57 11.20 47.10
N THR W 142 64.31 11.33 48.20
CA THR W 142 64.62 12.63 48.78
C THR W 142 65.52 13.47 47.88
N GLY W 143 66.16 12.88 46.88
CA GLY W 143 67.12 13.58 46.05
C GLY W 143 66.58 13.86 44.67
N SER W 144 67.06 14.98 44.10
CA SER W 144 66.75 15.41 42.73
C SER W 144 65.24 15.39 42.45
N SER W 145 64.54 16.37 43.02
CA SER W 145 65.10 17.36 43.93
C SER W 145 64.16 17.55 45.12
N VAL W 146 64.51 18.45 46.03
CA VAL W 146 63.67 18.73 47.19
C VAL W 146 62.87 19.99 46.94
N THR W 147 61.63 20.01 47.42
CA THR W 147 60.72 21.14 47.22
C THR W 147 60.15 21.56 48.56
N LEU W 148 60.36 22.83 48.91
CA LEU W 148 59.84 23.40 50.15
C LEU W 148 58.54 24.16 49.86
N GLY W 149 58.09 24.94 50.84
CA GLY W 149 56.88 25.71 50.67
C GLY W 149 56.66 26.72 51.76
N CYS W 150 55.94 27.79 51.43
CA CYS W 150 55.62 28.86 52.37
C CYS W 150 54.21 29.34 52.06
N LEU W 151 53.43 29.58 53.12
CA LEU W 151 52.01 29.87 52.99
C LEU W 151 51.67 31.22 53.60
N VAL W 152 50.90 32.02 52.87
CA VAL W 152 50.46 33.34 53.31
C VAL W 152 48.93 33.28 53.38
N LYS W 153 48.39 33.17 54.59
CA LYS W 153 46.98 32.90 54.79
C LYS W 153 46.30 34.06 55.51
N GLY W 154 45.13 34.45 55.01
CA GLY W 154 44.26 35.36 55.72
C GLY W 154 44.75 36.80 55.86
N TYR W 155 44.96 37.48 54.74
CA TYR W 155 45.34 38.88 54.75
C TYR W 155 44.34 39.70 53.94
N PHE W 156 44.37 41.01 54.18
CA PHE W 156 43.51 41.96 53.49
C PHE W 156 44.03 43.38 53.73
N PRO W 157 44.13 44.21 52.68
CA PRO W 157 43.88 43.83 51.29
C PRO W 157 45.15 43.42 50.57
N GLU W 158 45.02 43.07 49.28
CA GLU W 158 46.18 42.76 48.48
C GLU W 158 47.05 44.00 48.28
N PRO W 159 48.34 43.83 47.95
CA PRO W 159 49.10 42.59 47.80
C PRO W 159 50.05 42.32 48.97
N VAL W 160 50.80 41.24 48.89
CA VAL W 160 51.85 40.91 49.85
C VAL W 160 53.14 40.71 49.09
N THR W 161 54.26 40.74 49.83
CA THR W 161 55.57 40.58 49.21
C THR W 161 55.95 39.11 49.17
N LEU W 162 56.45 38.67 48.01
CA LEU W 162 56.76 37.27 47.75
C LEU W 162 58.24 37.18 47.39
N THR W 163 59.09 37.03 48.40
CA THR W 163 60.53 36.94 48.19
C THR W 163 61.09 35.74 48.95
N TRP W 164 62.16 35.16 48.40
CA TRP W 164 62.86 34.05 49.03
C TRP W 164 64.29 34.48 49.31
N ASN W 165 64.71 34.36 50.57
CA ASN W 165 66.07 34.70 51.01
C ASN W 165 66.42 36.14 50.64
N SER W 166 65.51 37.06 50.94
CA SER W 166 65.71 38.49 50.75
C SER W 166 66.04 38.83 49.29
N GLY W 167 65.41 38.12 48.36
CA GLY W 167 65.59 38.38 46.95
C GLY W 167 66.67 37.56 46.26
N SER W 168 67.44 36.76 47.00
CA SER W 168 68.46 35.95 46.32
C SER W 168 67.82 34.79 45.58
N LEU W 169 68.60 34.17 44.70
CA LEU W 169 68.19 32.98 43.96
C LEU W 169 66.93 33.25 43.13
N SER W 170 65.76 32.95 43.68
CA SER W 170 64.44 33.17 43.08
C SER W 170 64.18 32.27 41.87
N SER W 171 65.15 31.46 41.45
CA SER W 171 64.96 30.58 40.31
C SER W 171 64.30 29.28 40.76
N GLY W 172 63.35 28.80 39.94
CA GLY W 172 62.56 27.63 40.29
C GLY W 172 61.51 27.89 41.34
N VAL W 173 61.13 29.16 41.54
CA VAL W 173 60.13 29.56 42.51
C VAL W 173 58.81 29.75 41.79
N HIS W 174 57.73 29.21 42.35
CA HIS W 174 56.38 29.40 41.82
C HIS W 174 55.52 30.00 42.91
N THR W 175 55.21 31.30 42.77
CA THR W 175 54.31 32.00 43.69
C THR W 175 52.97 32.19 43.00
N PHE W 176 51.94 31.65 43.60
CA PHE W 176 50.60 31.49 43.06
C PHE W 176 49.70 32.67 43.41
N PRO W 177 48.79 33.02 42.50
CA PRO W 177 47.88 34.15 42.76
C PRO W 177 46.98 33.90 43.96
N ALA W 178 46.66 34.97 44.66
CA ALA W 178 45.78 34.89 45.82
C ALA W 178 44.35 34.55 45.42
N LEU W 179 43.67 33.81 46.28
CA LEU W 179 42.26 33.48 46.11
C LEU W 179 41.47 34.03 47.29
N LEU W 180 40.27 34.53 47.01
CA LEU W 180 39.46 35.22 48.02
C LEU W 180 38.31 34.34 48.48
N GLN W 181 38.12 34.25 49.79
CA GLN W 181 36.96 33.60 50.38
C GLN W 181 36.66 34.26 51.71
N SER W 182 35.37 34.50 51.97
CA SER W 182 34.92 35.13 53.22
C SER W 182 35.64 36.45 53.47
N GLY W 183 35.86 37.21 52.40
CA GLY W 183 36.53 38.49 52.52
C GLY W 183 37.99 38.45 52.91
N LEU W 184 38.66 37.32 52.74
CA LEU W 184 40.07 37.20 53.06
C LEU W 184 40.80 36.51 51.91
N TYR W 185 42.07 36.85 51.76
CA TYR W 185 42.92 36.33 50.69
C TYR W 185 43.80 35.19 51.21
N THR W 186 44.19 34.30 50.30
CA THR W 186 45.09 33.21 50.60
C THR W 186 46.07 33.04 49.45
N LEU W 187 47.37 32.98 49.78
CA LEU W 187 48.43 32.88 48.77
C LEU W 187 49.43 31.82 49.18
N SER W 188 50.05 31.19 48.19
CA SER W 188 51.00 30.11 48.41
C SER W 188 52.21 30.30 47.50
N SER W 189 53.37 29.83 47.95
CA SER W 189 54.58 29.90 47.16
C SER W 189 55.43 28.66 47.43
N SER W 190 55.99 28.10 46.36
CA SER W 190 56.85 26.93 46.44
C SER W 190 58.21 27.21 45.82
N VAL W 191 59.23 26.54 46.35
CA VAL W 191 60.61 26.67 45.85
C VAL W 191 61.22 25.28 45.79
N THR W 192 61.99 25.01 44.72
CA THR W 192 62.63 23.72 44.49
C THR W 192 64.14 23.91 44.42
N VAL W 193 64.86 23.16 45.24
CA VAL W 193 66.32 23.19 45.27
C VAL W 193 66.82 21.75 45.37
N THR W 194 68.13 21.59 45.13
CA THR W 194 68.75 20.27 45.23
C THR W 194 68.72 19.77 46.67
N SER W 195 68.65 18.45 46.82
CA SER W 195 68.55 17.86 48.15
C SER W 195 69.81 18.12 48.98
N ASN W 196 70.95 18.32 48.34
CA ASN W 196 72.21 18.55 49.03
C ASN W 196 72.44 20.01 49.39
N THR W 197 71.44 20.87 49.16
CA THR W 197 71.51 22.28 49.55
C THR W 197 70.74 22.60 50.82
N TRP W 198 69.58 21.98 51.01
CA TRP W 198 68.75 22.16 52.18
C TRP W 198 68.56 20.84 52.90
N PRO W 199 68.58 20.82 54.25
CA PRO W 199 68.70 21.97 55.15
C PRO W 199 70.15 22.36 55.47
N SER W 200 71.09 22.00 54.59
CA SER W 200 72.48 22.39 54.81
C SER W 200 72.64 23.91 54.82
N GLN W 201 71.92 24.61 53.94
CA GLN W 201 71.92 26.05 53.89
C GLN W 201 70.53 26.58 54.23
N THR W 202 70.50 27.77 54.85
CA THR W 202 69.26 28.35 55.32
C THR W 202 68.43 28.88 54.17
N ILE W 203 67.14 28.56 54.16
CA ILE W 203 66.17 29.06 53.19
C ILE W 203 65.00 29.65 53.96
N THR W 204 64.73 30.94 53.76
CA THR W 204 63.66 31.64 54.47
C THR W 204 62.79 32.39 53.49
N CYS W 205 61.47 32.34 53.69
CA CYS W 205 60.53 33.14 52.92
C CYS W 205 60.21 34.42 53.68
N ASN W 206 60.26 35.55 52.97
CA ASN W 206 60.01 36.86 53.55
C ASN W 206 58.71 37.41 52.98
N VAL W 207 57.78 37.78 53.86
CA VAL W 207 56.48 38.30 53.49
C VAL W 207 56.30 39.65 54.18
N ALA W 208 56.09 40.69 53.39
CA ALA W 208 55.85 42.03 53.90
C ALA W 208 54.46 42.50 53.48
N HIS W 209 53.72 43.06 54.43
CA HIS W 209 52.38 43.59 54.16
C HIS W 209 52.37 45.06 54.55
N PRO W 210 52.50 45.98 53.58
CA PRO W 210 52.55 47.41 53.94
C PRO W 210 51.23 47.96 54.43
N ALA W 211 50.10 47.39 54.00
CA ALA W 211 48.79 47.91 54.41
C ALA W 211 48.64 47.88 55.93
N SER W 212 49.15 46.84 56.58
CA SER W 212 49.17 46.75 58.03
C SER W 212 50.52 47.13 58.62
N SER W 213 51.47 47.56 57.78
CA SER W 213 52.80 47.98 58.22
C SER W 213 53.52 46.87 58.99
N THR W 214 53.44 45.64 58.47
CA THR W 214 54.09 44.49 59.08
C THR W 214 55.07 43.87 58.11
N LYS W 215 56.05 43.16 58.66
CA LYS W 215 57.08 42.49 57.86
C LYS W 215 57.59 41.30 58.65
N VAL W 216 57.36 40.10 58.14
CA VAL W 216 57.72 38.87 58.83
C VAL W 216 58.55 38.00 57.90
N ASP W 217 59.64 37.44 58.44
CA ASP W 217 60.49 36.51 57.73
C ASP W 217 60.51 35.18 58.49
N LYS W 218 60.19 34.10 57.79
CA LYS W 218 60.05 32.78 58.42
C LYS W 218 61.03 31.81 57.77
N LYS W 219 61.88 31.20 58.60
CA LYS W 219 62.83 30.19 58.15
C LYS W 219 62.26 28.80 58.39
N ILE W 220 62.47 27.91 57.42
CA ILE W 220 61.94 26.55 57.50
C ILE W 220 62.89 25.66 58.30
N ASP X 1 -20.52 33.41 23.29
CA ASP X 1 -19.73 33.07 22.12
C ASP X 1 -18.46 32.31 22.51
N VAL X 2 -17.36 33.04 22.66
CA VAL X 2 -16.10 32.44 23.07
C VAL X 2 -16.21 31.96 24.51
N VAL X 3 -15.59 30.82 24.80
CA VAL X 3 -15.59 30.24 26.13
C VAL X 3 -14.18 30.31 26.70
N MET X 4 -14.08 30.63 27.98
CA MET X 4 -12.80 30.73 28.68
C MET X 4 -12.73 29.63 29.73
N THR X 5 -11.67 28.82 29.67
CA THR X 5 -11.47 27.70 30.58
C THR X 5 -10.19 27.92 31.36
N GLN X 6 -10.30 28.01 32.69
CA GLN X 6 -9.16 28.18 33.56
C GLN X 6 -8.76 26.84 34.17
N THR X 7 -7.45 26.62 34.30
CA THR X 7 -6.92 25.40 34.89
C THR X 7 -5.87 25.77 35.91
N PRO X 8 -6.04 25.39 37.19
CA PRO X 8 -7.22 24.66 37.66
C PRO X 8 -8.25 25.61 38.28
N LEU X 9 -9.31 25.04 38.86
CA LEU X 9 -10.31 25.88 39.53
C LEU X 9 -9.90 26.19 40.96
N SER X 10 -9.18 25.27 41.63
CA SER X 10 -8.66 25.48 42.96
C SER X 10 -7.17 25.15 42.96
N LEU X 11 -6.34 26.12 43.37
CA LEU X 11 -4.89 25.96 43.38
C LEU X 11 -4.38 26.23 44.79
N PRO X 12 -4.31 25.21 45.65
CA PRO X 12 -3.77 25.41 47.00
C PRO X 12 -2.25 25.50 46.96
N VAL X 13 -1.71 26.57 47.56
CA VAL X 13 -0.27 26.79 47.60
C VAL X 13 0.12 27.36 48.96
N SER X 14 1.39 27.15 49.31
CA SER X 14 1.98 27.71 50.51
C SER X 14 2.71 29.00 50.19
N LEU X 15 2.99 29.78 51.24
CA LEU X 15 3.68 31.06 51.03
C LEU X 15 5.08 30.81 50.48
N GLY X 16 5.49 31.67 49.55
CA GLY X 16 6.79 31.53 48.91
C GLY X 16 6.83 30.64 47.69
N ASP X 17 5.73 29.95 47.38
CA ASP X 17 5.72 29.06 46.23
C ASP X 17 5.39 29.82 44.95
N GLN X 18 5.46 29.11 43.83
CA GLN X 18 5.10 29.65 42.53
C GLN X 18 3.69 29.25 42.18
N ALA X 19 2.96 30.16 41.54
CA ALA X 19 1.59 29.92 41.09
C ALA X 19 1.53 30.05 39.58
N SER X 20 0.74 29.19 38.95
CA SER X 20 0.57 29.21 37.50
C SER X 20 -0.87 28.85 37.19
N ILE X 21 -1.59 29.76 36.53
CA ILE X 21 -2.97 29.55 36.13
C ILE X 21 -3.02 29.56 34.60
N SER X 22 -3.70 28.58 34.02
CA SER X 22 -3.83 28.45 32.58
C SER X 22 -5.22 28.94 32.16
N CYS X 23 -5.28 29.49 30.95
CA CYS X 23 -6.54 29.97 30.38
C CYS X 23 -6.54 29.67 28.89
N ARG X 24 -7.53 28.92 28.45
CA ARG X 24 -7.68 28.55 27.04
C ARG X 24 -9.01 29.07 26.52
N SER X 25 -9.01 29.48 25.25
CA SER X 25 -10.19 30.01 24.58
C SER X 25 -10.56 29.13 23.40
N SER X 26 -11.82 29.25 22.97
CA SER X 26 -12.29 28.47 21.84
C SER X 26 -11.88 29.07 20.49
N GLN X 27 -11.62 30.38 20.45
CA GLN X 27 -11.24 31.06 19.21
C GLN X 27 -9.85 31.67 19.34
N SER X 28 -9.36 32.19 18.21
CA SER X 28 -7.97 32.64 18.11
C SER X 28 -7.64 33.80 19.02
N LEU X 29 -8.63 34.61 19.42
CA LEU X 29 -8.46 35.73 20.34
C LEU X 29 -7.57 36.85 19.79
N VAL X 30 -6.95 36.63 18.63
CA VAL X 30 -6.15 37.67 18.00
C VAL X 30 -7.08 38.56 17.18
N HIS X 31 -7.09 39.85 17.51
CA HIS X 31 -8.01 40.79 16.89
C HIS X 31 -7.57 41.10 15.46
N SER X 32 -8.52 41.57 14.65
CA SER X 32 -8.19 42.15 13.36
C SER X 32 -7.51 43.49 13.59
N ASN X 33 -6.39 43.46 14.32
CA ASN X 33 -5.76 44.63 14.92
C ASN X 33 -4.50 44.13 15.62
N GLY X 34 -3.60 45.07 15.93
CA GLY X 34 -2.30 44.79 16.49
C GLY X 34 -2.22 43.75 17.59
N ASN X 35 -3.06 43.87 18.61
CA ASN X 35 -2.88 43.13 19.85
C ASN X 35 -3.97 42.08 20.05
N THR X 36 -3.78 41.29 21.08
CA THR X 36 -4.75 40.30 21.55
C THR X 36 -5.31 40.80 22.87
N TYR X 37 -6.63 40.79 23.02
CA TYR X 37 -7.26 41.49 24.14
C TYR X 37 -7.72 40.48 25.18
N LEU X 38 -6.74 39.93 25.90
CA LEU X 38 -6.99 39.04 27.03
C LEU X 38 -6.49 39.71 28.31
N HIS X 39 -7.30 39.62 29.36
CA HIS X 39 -7.02 40.30 30.61
C HIS X 39 -7.19 39.33 31.78
N TRP X 40 -6.64 39.74 32.93
CA TRP X 40 -6.72 38.98 34.17
C TRP X 40 -7.21 39.92 35.27
N TYR X 41 -8.27 39.50 35.98
CA TYR X 41 -8.80 40.25 37.09
C TYR X 41 -8.61 39.47 38.38
N LEU X 42 -8.58 40.20 39.50
CA LEU X 42 -8.46 39.60 40.82
C LEU X 42 -9.56 40.11 41.73
N GLN X 43 -10.26 39.18 42.37
CA GLN X 43 -11.33 39.42 43.32
C GLN X 43 -10.96 38.74 44.63
N LYS X 44 -11.15 39.44 45.75
CA LYS X 44 -10.74 38.91 47.04
C LYS X 44 -11.90 38.95 48.02
N SER X 45 -12.27 37.76 48.51
CA SER X 45 -13.26 37.55 49.55
C SER X 45 -14.51 38.41 49.39
N GLY X 46 -14.56 39.56 50.04
CA GLY X 46 -15.73 40.40 49.87
C GLY X 46 -15.54 41.64 49.03
N GLN X 47 -14.41 41.77 48.33
CA GLN X 47 -14.24 43.02 47.61
C GLN X 47 -14.60 42.84 46.14
N SER X 48 -14.87 43.97 45.48
CA SER X 48 -15.17 43.97 44.06
C SER X 48 -13.95 43.51 43.27
N PRO X 49 -14.16 42.97 42.07
CA PRO X 49 -13.03 42.60 41.21
C PRO X 49 -12.18 43.83 40.89
N LYS X 50 -10.91 43.57 40.60
CA LYS X 50 -9.96 44.62 40.27
C LYS X 50 -9.06 44.15 39.14
N LEU X 51 -8.71 45.07 38.25
CA LEU X 51 -7.88 44.72 37.11
C LEU X 51 -6.47 44.37 37.57
N LEU X 52 -5.95 43.24 37.11
CA LEU X 52 -4.60 42.80 37.44
C LEU X 52 -3.64 42.94 36.26
N ILE X 53 -3.98 42.36 35.12
CA ILE X 53 -3.18 42.46 33.91
C ILE X 53 -4.12 42.66 32.72
N TYR X 54 -3.75 43.59 31.84
CA TYR X 54 -4.51 43.85 30.62
C TYR X 54 -3.64 43.56 29.41
N LYS X 55 -4.27 43.05 28.35
CA LYS X 55 -3.60 42.71 27.10
C LYS X 55 -2.42 41.76 27.36
N VAL X 56 -2.78 40.57 27.85
CA VAL X 56 -1.93 39.38 27.99
C VAL X 56 -0.75 39.59 28.94
N SER X 57 -0.06 40.72 28.86
CA SER X 57 1.21 40.82 29.58
C SER X 57 1.51 42.21 30.13
N ASN X 58 0.52 43.08 30.27
CA ASN X 58 0.74 44.43 30.77
C ASN X 58 0.22 44.53 32.20
N ARG X 59 1.14 44.80 33.13
CA ARG X 59 0.77 44.97 34.53
C ARG X 59 0.01 46.28 34.72
N PHE X 60 -1.04 46.23 35.54
CA PHE X 60 -1.79 47.43 35.86
C PHE X 60 -1.01 48.29 36.85
N SER X 61 -1.43 49.54 36.98
CA SER X 61 -0.78 50.48 37.90
C SER X 61 -0.92 49.99 39.33
N GLY X 62 0.20 49.83 40.01
CA GLY X 62 0.21 49.37 41.39
C GLY X 62 0.20 47.86 41.56
N VAL X 63 0.52 47.11 40.53
CA VAL X 63 0.57 45.65 40.59
C VAL X 63 2.03 45.24 40.77
N PRO X 64 2.35 44.42 41.78
CA PRO X 64 3.75 44.05 42.00
C PRO X 64 4.33 43.27 40.84
N ASP X 65 5.67 43.25 40.79
CA ASP X 65 6.38 42.57 39.71
C ASP X 65 6.16 41.06 39.75
N ARG X 66 5.66 40.51 40.86
CA ARG X 66 5.50 39.06 40.97
C ARG X 66 4.53 38.53 39.92
N PHE X 67 3.48 39.29 39.63
CA PHE X 67 2.50 38.87 38.63
C PHE X 67 3.09 39.04 37.23
N SER X 68 2.93 38.02 36.40
CA SER X 68 3.51 38.04 35.05
C SER X 68 2.57 37.26 34.14
N GLY X 69 1.98 37.96 33.18
CA GLY X 69 1.11 37.34 32.20
C GLY X 69 1.85 37.00 30.93
N SER X 70 1.45 35.90 30.29
CA SER X 70 2.09 35.44 29.07
C SER X 70 1.10 34.62 28.27
N GLY X 71 1.50 34.28 27.05
CA GLY X 71 0.70 33.47 26.16
C GLY X 71 0.38 34.19 24.86
N SER X 72 -0.29 33.45 23.98
CA SER X 72 -0.70 33.96 22.68
C SER X 72 -1.72 33.00 22.09
N GLY X 73 -2.33 33.41 20.99
CA GLY X 73 -3.33 32.60 20.32
C GLY X 73 -4.48 32.18 21.22
N THR X 74 -4.56 30.90 21.55
CA THR X 74 -5.60 30.38 22.42
C THR X 74 -5.09 29.92 23.77
N ASP X 75 -3.78 29.96 24.00
CA ASP X 75 -3.17 29.45 25.22
C ASP X 75 -2.51 30.60 25.97
N PHE X 76 -2.99 30.87 27.19
CA PHE X 76 -2.48 31.95 28.01
C PHE X 76 -2.21 31.43 29.41
N THR X 77 -1.25 32.07 30.09
CA THR X 77 -0.89 31.68 31.45
C THR X 77 -0.63 32.91 32.29
N LEU X 78 -0.88 32.78 33.59
CA LEU X 78 -0.60 33.81 34.58
C LEU X 78 0.26 33.19 35.67
N LYS X 79 1.43 33.79 35.92
CA LYS X 79 2.39 33.27 36.87
C LYS X 79 2.63 34.25 37.99
N ILE X 80 2.64 33.75 39.23
CA ILE X 80 2.98 34.52 40.41
C ILE X 80 4.30 33.98 40.95
N SER X 81 5.31 34.85 41.07
CA SER X 81 6.63 34.41 41.49
C SER X 81 6.62 33.86 42.91
N ARG X 82 6.25 34.69 43.88
CA ARG X 82 6.17 34.30 45.27
C ARG X 82 4.79 34.68 45.80
N VAL X 83 3.94 33.67 45.99
CA VAL X 83 2.58 33.90 46.50
C VAL X 83 2.65 34.44 47.91
N GLU X 84 1.97 35.56 48.14
CA GLU X 84 1.95 36.24 49.43
C GLU X 84 0.55 36.17 50.03
N ALA X 85 0.41 36.78 51.21
CA ALA X 85 -0.86 36.75 51.92
C ALA X 85 -1.96 37.44 51.11
N GLU X 86 -1.70 38.66 50.65
CA GLU X 86 -2.72 39.44 49.96
C GLU X 86 -2.77 39.08 48.48
N ASP X 87 -2.47 37.82 48.15
CA ASP X 87 -2.63 37.32 46.79
C ASP X 87 -3.69 36.23 46.70
N LEU X 88 -4.38 35.93 47.80
CA LEU X 88 -5.33 34.82 47.85
C LEU X 88 -6.71 35.32 47.45
N GLY X 89 -7.28 34.69 46.42
CA GLY X 89 -8.59 35.08 45.94
C GLY X 89 -8.90 34.37 44.65
N VAL X 90 -10.02 34.75 44.04
CA VAL X 90 -10.43 34.20 42.75
C VAL X 90 -9.80 35.03 41.64
N TYR X 91 -9.12 34.37 40.73
CA TYR X 91 -8.49 35.01 39.58
C TYR X 91 -9.34 34.74 38.35
N PHE X 92 -9.79 35.80 37.69
CA PHE X 92 -10.62 35.68 36.50
C PHE X 92 -9.80 35.97 35.24
N CYS X 93 -10.18 35.32 34.16
CA CYS X 93 -9.51 35.45 32.87
C CYS X 93 -10.54 35.92 31.84
N SER X 94 -10.34 37.11 31.30
CA SER X 94 -11.31 37.76 30.46
C SER X 94 -10.79 37.92 29.04
N GLN X 95 -11.71 37.91 28.08
CA GLN X 95 -11.40 38.22 26.70
C GLN X 95 -12.37 39.28 26.21
N SER X 96 -11.85 40.29 25.51
CA SER X 96 -12.67 41.33 24.91
C SER X 96 -12.39 41.49 23.43
N THR X 97 -11.68 40.55 22.82
CA THR X 97 -11.40 40.61 21.39
C THR X 97 -12.67 40.44 20.57
N HIS X 98 -13.55 39.53 20.98
CA HIS X 98 -14.77 39.23 20.26
C HIS X 98 -15.99 39.62 21.10
N VAL X 99 -17.01 40.13 20.45
CA VAL X 99 -18.28 40.43 21.12
C VAL X 99 -19.12 39.16 21.17
N PRO X 100 -19.73 38.82 22.31
CA PRO X 100 -19.72 39.61 23.54
C PRO X 100 -18.44 39.41 24.36
N PHE X 101 -18.06 40.44 25.13
CA PHE X 101 -16.96 40.28 26.07
C PHE X 101 -17.31 39.16 27.04
N THR X 102 -16.51 38.10 27.04
CA THR X 102 -16.83 36.90 27.80
C THR X 102 -15.65 36.53 28.69
N PHE X 103 -15.96 36.03 29.88
CA PHE X 103 -14.94 35.61 30.81
C PHE X 103 -15.49 34.57 31.78
N GLY X 104 -14.66 33.58 32.08
CA GLY X 104 -14.90 32.63 33.15
C GLY X 104 -13.56 32.09 33.61
N ALA X 105 -13.58 31.24 34.63
CA ALA X 105 -14.80 30.93 35.38
C ALA X 105 -14.51 31.09 36.87
N GLY X 106 -13.30 31.52 37.19
CA GLY X 106 -12.89 31.67 38.57
C GLY X 106 -11.86 30.64 39.00
N THR X 107 -10.73 31.10 39.54
CA THR X 107 -9.66 30.22 40.01
C THR X 107 -9.32 30.61 41.44
N LYS X 108 -9.66 29.75 42.39
CA LYS X 108 -9.43 30.05 43.80
C LYS X 108 -7.98 29.76 44.17
N LEU X 109 -7.25 30.81 44.52
CA LEU X 109 -5.90 30.67 45.05
C LEU X 109 -6.03 30.59 46.57
N GLU X 110 -5.92 29.38 47.10
CA GLU X 110 -6.19 29.09 48.50
C GLU X 110 -4.90 28.80 49.24
N LEU X 111 -4.98 28.81 50.57
CA LEU X 111 -3.81 28.55 51.39
C LEU X 111 -3.67 27.06 51.66
N LYS X 112 -2.43 26.61 51.74
CA LYS X 112 -2.12 25.21 52.01
C LYS X 112 -1.70 25.06 53.47
N ARG X 113 -2.31 24.10 54.16
CA ARG X 113 -2.00 23.77 55.55
C ARG X 113 -2.07 22.25 55.67
N ALA X 114 -1.79 21.72 56.85
CA ALA X 114 -1.82 20.28 57.03
C ALA X 114 -3.25 19.76 57.08
N ASP X 115 -3.41 18.51 56.63
CA ASP X 115 -4.72 17.88 56.57
C ASP X 115 -5.34 17.74 57.96
N ALA X 116 -6.67 17.79 57.99
CA ALA X 116 -7.42 17.68 59.23
C ALA X 116 -8.71 16.93 58.95
N ALA X 117 -9.02 15.96 59.81
CA ALA X 117 -10.22 15.16 59.62
C ALA X 117 -11.46 15.95 60.05
N PRO X 118 -12.58 15.76 59.36
CA PRO X 118 -13.79 16.51 59.70
C PRO X 118 -14.45 16.00 60.98
N THR X 119 -15.08 16.92 61.69
CA THR X 119 -15.90 16.61 62.85
C THR X 119 -17.34 16.60 62.40
N VAL X 120 -17.96 15.42 62.41
CA VAL X 120 -19.30 15.22 61.86
C VAL X 120 -20.30 15.13 62.98
N SER X 121 -21.45 15.78 62.80
CA SER X 121 -22.52 15.77 63.78
C SER X 121 -23.87 15.77 63.06
N ILE X 122 -24.78 14.92 63.55
CA ILE X 122 -26.12 14.82 62.98
C ILE X 122 -27.11 15.40 63.99
N PHE X 123 -28.18 15.97 63.47
CA PHE X 123 -29.25 16.52 64.27
C PHE X 123 -30.59 16.17 63.63
N PRO X 124 -31.46 15.44 64.32
CA PRO X 124 -32.76 15.08 63.75
C PRO X 124 -33.67 16.30 63.71
N PRO X 125 -34.82 16.20 63.07
CA PRO X 125 -35.76 17.33 63.07
C PRO X 125 -36.19 17.65 64.50
N SER X 126 -36.34 18.94 64.77
CA SER X 126 -36.69 19.37 66.11
C SER X 126 -38.13 18.98 66.45
N SER X 127 -38.46 19.07 67.73
CA SER X 127 -39.83 18.80 68.15
C SER X 127 -40.81 19.81 67.58
N GLU X 128 -40.35 21.05 67.40
CA GLU X 128 -41.23 22.08 66.85
C GLU X 128 -41.47 21.85 65.36
N GLN X 129 -40.45 21.40 64.63
CA GLN X 129 -40.60 21.21 63.19
C GLN X 129 -41.53 20.04 62.87
N LEU X 130 -41.47 18.97 63.67
CA LEU X 130 -42.36 17.84 63.42
C LEU X 130 -43.82 18.17 63.69
N THR X 131 -44.08 19.21 64.48
CA THR X 131 -45.44 19.68 64.69
C THR X 131 -45.95 20.52 63.53
N SER X 132 -45.06 21.05 62.69
CA SER X 132 -45.44 21.86 61.55
C SER X 132 -45.72 21.03 60.30
N GLY X 133 -45.43 19.73 60.33
CA GLY X 133 -45.66 18.85 59.20
C GLY X 133 -44.45 18.56 58.35
N GLY X 134 -43.27 19.05 58.74
CA GLY X 134 -42.05 18.77 58.01
C GLY X 134 -41.00 18.20 58.92
N ALA X 135 -39.96 17.63 58.31
CA ALA X 135 -38.86 17.04 59.08
C ALA X 135 -37.58 17.18 58.29
N SER X 136 -36.63 17.95 58.82
CA SER X 136 -35.34 18.15 58.19
C SER X 136 -34.24 17.68 59.14
N VAL X 137 -33.38 16.79 58.66
CA VAL X 137 -32.25 16.29 59.42
C VAL X 137 -30.98 16.92 58.84
N VAL X 138 -30.14 17.47 59.71
CA VAL X 138 -28.99 18.27 59.30
C VAL X 138 -27.72 17.54 59.73
N CYS X 139 -26.68 17.66 58.90
CA CYS X 139 -25.39 17.04 59.16
C CYS X 139 -24.30 18.09 58.93
N PHE X 140 -23.56 18.40 59.99
CA PHE X 140 -22.47 19.37 59.91
C PHE X 140 -21.14 18.65 59.85
N LEU X 141 -20.28 19.06 58.92
CA LEU X 141 -18.94 18.52 58.74
C LEU X 141 -17.99 19.70 58.84
N ASN X 142 -17.48 19.95 60.06
CA ASN X 142 -16.77 21.17 60.37
C ASN X 142 -15.27 20.93 60.49
N ASN X 143 -14.49 21.91 60.03
CA ASN X 143 -13.05 21.98 60.26
C ASN X 143 -12.33 20.77 59.67
N PHE X 144 -12.32 20.71 58.33
CA PHE X 144 -11.58 19.69 57.61
C PHE X 144 -10.72 20.33 56.53
N TYR X 145 -9.76 19.55 56.04
CA TYR X 145 -8.88 19.96 54.96
C TYR X 145 -8.31 18.70 54.35
N PRO X 146 -8.21 18.60 53.00
CA PRO X 146 -8.49 19.62 51.98
C PRO X 146 -9.97 19.89 51.70
N LYS X 147 -10.22 20.65 50.63
CA LYS X 147 -11.57 21.07 50.28
C LYS X 147 -12.42 19.90 49.78
N ASP X 148 -11.78 18.89 49.19
CA ASP X 148 -12.53 17.80 48.59
C ASP X 148 -13.15 16.92 49.67
N ILE X 149 -14.46 16.69 49.55
CA ILE X 149 -15.19 15.85 50.49
C ILE X 149 -16.49 15.45 49.82
N ASN X 150 -17.02 14.29 50.24
CA ASN X 150 -18.27 13.77 49.70
C ASN X 150 -19.16 13.30 50.84
N VAL X 151 -20.45 13.58 50.74
CA VAL X 151 -21.43 13.18 51.73
C VAL X 151 -22.48 12.31 51.06
N LYS X 152 -23.01 11.33 51.81
CA LYS X 152 -24.04 10.45 51.32
C LYS X 152 -25.07 10.24 52.43
N TRP X 153 -26.33 10.56 52.13
CA TRP X 153 -27.44 10.25 53.01
C TRP X 153 -28.04 8.91 52.61
N LYS X 154 -28.33 8.08 53.59
CA LYS X 154 -28.97 6.78 53.35
C LYS X 154 -30.09 6.57 54.35
N ILE X 155 -31.27 6.21 53.83
CA ILE X 155 -32.43 5.84 54.64
C ILE X 155 -33.03 4.59 54.03
N ASP X 156 -33.00 3.48 54.75
CA ASP X 156 -32.47 3.38 56.11
C ASP X 156 -30.93 3.35 56.25
N GLY X 157 -30.19 2.58 55.44
CA GLY X 157 -30.69 1.71 54.39
C GLY X 157 -30.11 2.05 53.03
N SER X 158 -30.96 2.55 52.14
CA SER X 158 -30.57 2.89 50.77
C SER X 158 -30.29 4.39 50.66
N GLU X 159 -29.34 4.75 49.81
CA GLU X 159 -28.98 6.14 49.62
C GLU X 159 -30.09 6.89 48.88
N ARG X 160 -30.40 8.09 49.35
CA ARG X 160 -31.45 8.92 48.77
C ARG X 160 -30.87 10.29 48.44
N GLN X 161 -30.96 10.68 47.17
CA GLN X 161 -30.44 11.97 46.72
C GLN X 161 -31.52 13.01 46.47
N ASN X 162 -32.80 12.62 46.57
CA ASN X 162 -33.91 13.48 46.18
C ASN X 162 -34.37 14.41 47.31
N GLY X 163 -33.47 14.83 48.19
CA GLY X 163 -33.85 15.76 49.24
C GLY X 163 -32.72 16.52 49.90
N VAL X 164 -31.51 16.36 49.38
CA VAL X 164 -30.31 16.90 50.02
C VAL X 164 -30.03 18.30 49.49
N LEU X 165 -29.81 19.23 50.41
CA LEU X 165 -29.39 20.60 50.09
C LEU X 165 -28.09 20.88 50.81
N ASN X 166 -27.05 21.23 50.06
CA ASN X 166 -25.70 21.38 50.59
C ASN X 166 -25.23 22.82 50.49
N SER X 167 -24.40 23.22 51.45
CA SER X 167 -23.82 24.55 51.47
C SER X 167 -22.41 24.45 52.03
N TRP X 168 -21.47 25.12 51.37
CA TRP X 168 -20.06 25.10 51.76
C TRP X 168 -19.59 26.51 52.09
N THR X 169 -18.64 26.59 53.00
CA THR X 169 -17.94 27.83 53.29
C THR X 169 -16.56 27.81 52.64
N ASP X 170 -16.01 29.01 52.44
CA ASP X 170 -14.66 29.14 51.91
C ASP X 170 -13.64 28.93 53.03
N GLN X 171 -12.36 29.10 52.70
CA GLN X 171 -11.33 28.92 53.71
C GLN X 171 -11.52 29.93 54.84
N ASP X 172 -11.72 29.41 56.05
CA ASP X 172 -11.83 30.27 57.21
C ASP X 172 -10.52 30.97 57.47
N SER X 173 -10.58 32.25 57.85
CA SER X 173 -9.36 32.99 58.16
C SER X 173 -8.62 32.38 59.34
N LYS X 174 -9.28 31.55 60.14
CA LYS X 174 -8.65 30.87 61.27
C LYS X 174 -8.33 29.44 60.84
N ASP X 175 -7.03 29.14 60.72
CA ASP X 175 -6.47 27.82 60.44
C ASP X 175 -6.80 27.30 59.05
N SER X 176 -7.51 28.07 58.22
CA SER X 176 -7.73 27.74 56.81
C SER X 176 -8.40 26.39 56.63
N THR X 177 -9.38 26.09 57.50
CA THR X 177 -10.14 24.87 57.42
C THR X 177 -11.51 25.14 56.79
N TYR X 178 -12.05 24.12 56.14
CA TYR X 178 -13.36 24.21 55.51
C TYR X 178 -14.44 23.63 56.42
N SER X 179 -15.68 23.94 56.08
CA SER X 179 -16.83 23.40 56.78
C SER X 179 -17.96 23.23 55.78
N MET X 180 -18.94 22.39 56.15
CA MET X 180 -20.00 22.04 55.24
C MET X 180 -21.26 21.74 56.03
N SER X 181 -22.41 22.10 55.45
CA SER X 181 -23.72 21.79 56.03
C SER X 181 -24.54 21.09 54.97
N SER X 182 -25.22 20.00 55.36
CA SER X 182 -26.09 19.25 54.47
C SER X 182 -27.42 19.01 55.17
N THR X 183 -28.49 19.57 54.63
CA THR X 183 -29.82 19.44 55.20
C THR X 183 -30.68 18.60 54.27
N LEU X 184 -31.17 17.48 54.78
CA LEU X 184 -32.06 16.60 54.03
C LEU X 184 -33.48 16.81 54.56
N THR X 185 -34.36 17.31 53.70
CA THR X 185 -35.71 17.71 54.10
C THR X 185 -36.73 16.74 53.52
N LEU X 186 -37.49 16.09 54.40
CA LEU X 186 -38.59 15.23 54.00
C LEU X 186 -39.87 15.70 54.68
N THR X 187 -40.99 15.22 54.17
CA THR X 187 -42.26 15.45 54.84
C THR X 187 -42.30 14.67 56.16
N LYS X 188 -43.20 15.10 57.05
CA LYS X 188 -43.32 14.45 58.34
C LYS X 188 -43.75 12.99 58.18
N ASP X 189 -44.64 12.71 57.23
CA ASP X 189 -45.10 11.34 57.00
C ASP X 189 -43.95 10.44 56.58
N GLU X 190 -43.14 10.88 55.59
CA GLU X 190 -42.01 10.08 55.16
C GLU X 190 -40.96 9.94 56.26
N TYR X 191 -40.83 10.95 57.13
CA TYR X 191 -39.90 10.82 58.25
C TYR X 191 -40.37 9.77 59.24
N GLU X 192 -41.67 9.73 59.51
CA GLU X 192 -42.21 8.72 60.43
C GLU X 192 -42.23 7.34 59.78
N ARG X 193 -41.95 7.26 58.48
CA ARG X 193 -41.97 6.01 57.73
C ARG X 193 -40.62 5.28 57.73
N HIS X 194 -39.59 5.86 58.32
CA HIS X 194 -38.28 5.24 58.38
C HIS X 194 -37.73 5.33 59.80
N ASN X 195 -36.80 4.42 60.10
CA ASN X 195 -36.24 4.29 61.44
C ASN X 195 -34.78 4.71 61.52
N SER X 196 -33.95 4.25 60.59
CA SER X 196 -32.52 4.53 60.63
C SER X 196 -32.18 5.66 59.66
N TYR X 197 -31.45 6.65 60.15
CA TYR X 197 -30.99 7.77 59.35
C TYR X 197 -29.49 7.87 59.50
N THR X 198 -28.77 7.89 58.38
CA THR X 198 -27.31 7.85 58.40
C THR X 198 -26.75 8.94 57.50
N CYS X 199 -25.84 9.74 58.05
CA CYS X 199 -25.05 10.70 57.29
C CYS X 199 -23.64 10.15 57.20
N GLU X 200 -23.15 9.96 55.97
CA GLU X 200 -21.85 9.34 55.74
C GLU X 200 -20.92 10.34 55.06
N ALA X 201 -19.70 10.43 55.55
CA ALA X 201 -18.70 11.37 55.04
C ALA X 201 -17.48 10.61 54.55
N THR X 202 -17.22 10.69 53.25
CA THR X 202 -16.01 10.15 52.65
C THR X 202 -15.06 11.32 52.38
N HIS X 203 -13.87 11.26 52.97
CA HIS X 203 -12.92 12.36 52.90
C HIS X 203 -11.54 11.83 52.54
N LYS X 204 -10.71 12.73 52.00
CA LYS X 204 -9.36 12.36 51.60
C LYS X 204 -8.47 12.00 52.78
N THR X 205 -8.90 12.27 54.00
CA THR X 205 -8.13 11.93 55.18
C THR X 205 -8.31 10.44 55.48
N SER X 206 -7.31 9.87 56.15
CA SER X 206 -7.33 8.45 56.47
C SER X 206 -8.47 8.12 57.44
N THR X 207 -9.14 6.99 57.21
CA THR X 207 -8.86 6.09 56.08
C THR X 207 -10.16 5.72 55.37
N SER X 208 -10.88 4.75 55.95
CA SER X 208 -12.18 4.36 55.45
C SER X 208 -13.20 5.47 55.72
N PRO X 209 -14.39 5.42 55.11
CA PRO X 209 -15.37 6.48 55.34
C PRO X 209 -15.78 6.56 56.80
N ILE X 210 -16.00 7.77 57.27
CA ILE X 210 -16.48 8.02 58.62
C ILE X 210 -17.99 8.18 58.57
N VAL X 211 -18.69 7.45 59.43
CA VAL X 211 -20.15 7.35 59.39
C VAL X 211 -20.70 7.88 60.71
N LYS X 212 -21.82 8.60 60.61
CA LYS X 212 -22.62 8.99 61.76
C LYS X 212 -24.06 8.62 61.47
N SER X 213 -24.77 8.18 62.51
CA SER X 213 -26.14 7.70 62.32
C SER X 213 -26.92 7.89 63.61
N PHE X 214 -28.25 7.77 63.48
CA PHE X 214 -29.14 7.75 64.63
C PHE X 214 -30.41 7.02 64.21
N ASN X 215 -31.12 6.48 65.20
CA ASN X 215 -32.38 5.81 64.96
C ASN X 215 -33.53 6.62 65.53
N ARG X 216 -34.71 6.45 64.92
CA ARG X 216 -35.88 7.23 65.27
C ARG X 216 -36.51 6.72 66.56
N ASN X 217 -36.65 7.61 67.54
CA ASN X 217 -37.35 7.32 68.79
C ASN X 217 -36.72 6.15 69.55
N GLU X 218 -35.42 6.28 69.80
CA GLU X 218 -34.68 5.19 70.42
C GLU X 218 -33.29 5.68 70.83
N CYS X 219 -32.75 5.08 71.89
CA CYS X 219 -31.34 5.23 72.26
C CYS X 219 -30.92 4.12 73.21
N VAL Y 2 -11.73 57.00 39.86
CA VAL Y 2 -11.15 56.96 41.19
C VAL Y 2 -12.16 56.25 42.08
N LYS Y 3 -13.42 56.66 41.97
CA LYS Y 3 -14.51 56.14 42.77
C LYS Y 3 -15.75 55.97 41.88
N LEU Y 4 -16.26 54.74 41.82
CA LEU Y 4 -17.51 54.42 41.14
C LEU Y 4 -18.49 53.89 42.17
N VAL Y 5 -19.61 54.60 42.36
CA VAL Y 5 -20.60 54.23 43.36
C VAL Y 5 -21.90 53.87 42.62
N GLU Y 6 -22.27 52.60 42.68
CA GLU Y 6 -23.53 52.15 42.11
C GLU Y 6 -24.69 52.46 43.05
N SER Y 7 -25.90 52.46 42.47
CA SER Y 7 -27.12 52.78 43.19
C SER Y 7 -28.29 52.29 42.36
N GLY Y 8 -29.41 52.03 43.02
CA GLY Y 8 -30.59 51.61 42.29
C GLY Y 8 -30.64 50.11 42.01
N GLY Y 9 -31.77 49.50 42.33
CA GLY Y 9 -32.61 50.04 43.40
C GLY Y 9 -33.09 49.07 44.45
N GLY Y 10 -33.36 47.82 44.06
CA GLY Y 10 -33.82 46.84 45.03
C GLY Y 10 -33.94 45.42 44.52
N LEU Y 11 -34.97 44.74 45.03
CA LEU Y 11 -35.33 43.39 44.61
C LEU Y 11 -36.78 43.46 44.15
N VAL Y 12 -37.02 43.09 42.90
CA VAL Y 12 -38.26 43.44 42.21
C VAL Y 12 -38.91 42.21 41.60
N LYS Y 13 -40.20 42.34 41.32
CA LYS Y 13 -41.01 41.24 40.81
C LYS Y 13 -40.51 40.81 39.43
N PRO Y 14 -40.81 39.58 39.02
CA PRO Y 14 -40.46 39.15 37.66
C PRO Y 14 -41.36 39.81 36.62
N GLY Y 15 -40.77 40.08 35.46
CA GLY Y 15 -41.50 40.75 34.40
C GLY Y 15 -41.68 42.24 34.59
N GLY Y 16 -40.97 42.85 35.54
CA GLY Y 16 -41.09 44.27 35.81
C GLY Y 16 -39.79 45.00 35.53
N SER Y 17 -39.89 46.33 35.47
CA SER Y 17 -38.76 47.18 35.14
C SER Y 17 -37.93 47.51 36.39
N LEU Y 18 -36.76 48.09 36.16
CA LEU Y 18 -35.83 48.51 37.20
C LEU Y 18 -34.72 49.33 36.57
N LYS Y 19 -34.37 50.44 37.20
CA LYS Y 19 -33.35 51.36 36.70
C LYS Y 19 -32.17 51.36 37.66
N LEU Y 20 -30.96 51.23 37.10
CA LEU Y 20 -29.73 51.24 37.87
C LEU Y 20 -28.94 52.51 37.56
N SER Y 21 -28.41 53.15 38.60
CA SER Y 21 -27.63 54.37 38.46
C SER Y 21 -26.21 54.15 38.95
N CYS Y 22 -25.31 55.01 38.50
CA CYS Y 22 -23.90 54.92 38.86
C CYS Y 22 -23.28 56.32 38.83
N ALA Y 23 -22.81 56.78 39.98
CA ALA Y 23 -22.16 58.08 40.10
C ALA Y 23 -20.65 57.91 40.07
N ALA Y 24 -19.99 58.70 39.24
CA ALA Y 24 -18.55 58.63 39.06
C ALA Y 24 -17.88 59.85 39.66
N SER Y 25 -16.66 59.66 40.14
CA SER Y 25 -15.90 60.75 40.76
C SER Y 25 -14.41 60.48 40.57
N GLY Y 26 -13.64 61.56 40.36
CA GLY Y 26 -12.20 61.48 40.31
C GLY Y 26 -11.60 61.35 38.93
N PHE Y 27 -12.37 61.57 37.87
CA PHE Y 27 -11.86 61.47 36.51
C PHE Y 27 -12.87 62.12 35.57
N PRO Y 28 -12.43 62.56 34.39
CA PRO Y 28 -13.37 63.09 33.39
C PRO Y 28 -14.33 62.02 32.89
N PHE Y 29 -15.56 62.03 33.42
CA PHE Y 29 -16.53 60.99 33.09
C PHE Y 29 -16.84 60.95 31.61
N SER Y 30 -16.96 62.12 30.97
CA SER Y 30 -17.36 62.19 29.57
C SER Y 30 -16.26 61.76 28.61
N ASP Y 31 -15.06 61.42 29.09
CA ASP Y 31 -13.96 61.04 28.21
C ASP Y 31 -13.78 59.53 28.08
N TYR Y 32 -14.43 58.74 28.92
CA TYR Y 32 -14.27 57.30 28.92
C TYR Y 32 -15.57 56.62 28.49
N THR Y 33 -15.42 55.43 27.92
CA THR Y 33 -16.55 54.58 27.60
C THR Y 33 -16.85 53.70 28.80
N MET Y 34 -18.14 53.59 29.13
CA MET Y 34 -18.54 52.89 30.34
C MET Y 34 -19.17 51.55 29.99
N SER Y 35 -19.31 50.71 31.01
CA SER Y 35 -19.81 49.36 30.82
C SER Y 35 -20.40 48.83 32.11
N TRP Y 36 -21.33 47.89 31.97
CA TRP Y 36 -21.94 47.20 33.10
C TRP Y 36 -21.54 45.73 33.10
N ILE Y 37 -21.09 45.24 34.26
CA ILE Y 37 -20.69 43.86 34.44
C ILE Y 37 -21.44 43.32 35.65
N ARG Y 38 -22.15 42.21 35.46
CA ARG Y 38 -22.93 41.62 36.54
C ARG Y 38 -22.27 40.32 36.98
N GLN Y 39 -22.43 40.01 38.27
CA GLN Y 39 -21.89 38.79 38.85
C GLN Y 39 -23.04 37.94 39.37
N THR Y 40 -23.19 36.75 38.81
CA THR Y 40 -24.28 35.86 39.17
C THR Y 40 -24.11 35.38 40.62
N PRO Y 41 -25.17 34.87 41.24
CA PRO Y 41 -25.03 34.26 42.57
C PRO Y 41 -24.05 33.10 42.58
N GLU Y 42 -23.80 32.48 41.43
CA GLU Y 42 -22.81 31.42 41.29
C GLU Y 42 -21.37 31.94 41.25
N LYS Y 43 -21.16 33.23 41.54
CA LYS Y 43 -19.82 33.83 41.52
C LYS Y 43 -19.21 33.72 40.12
N ARG Y 44 -20.03 34.06 39.13
CA ARG Y 44 -19.61 34.16 37.73
C ARG Y 44 -19.82 35.57 37.22
N LEU Y 45 -18.82 36.10 36.54
CA LEU Y 45 -18.85 37.46 36.01
C LEU Y 45 -19.30 37.42 34.56
N GLU Y 46 -20.26 38.28 34.21
CA GLU Y 46 -20.79 38.34 32.86
C GLU Y 46 -20.91 39.79 32.43
N TRP Y 47 -20.65 40.05 31.14
CA TRP Y 47 -20.73 41.39 30.59
C TRP Y 47 -22.16 41.74 30.19
N VAL Y 48 -22.62 42.91 30.64
CA VAL Y 48 -24.02 43.32 30.48
C VAL Y 48 -24.20 44.32 29.35
N ALA Y 49 -23.41 45.40 29.35
CA ALA Y 49 -23.57 46.46 28.37
C ALA Y 49 -22.28 47.28 28.31
N SER Y 50 -22.18 48.11 27.27
CA SER Y 50 -21.11 49.10 27.17
C SER Y 50 -21.59 50.23 26.29
N ILE Y 51 -21.30 51.47 26.70
CA ILE Y 51 -21.72 52.67 26.00
C ILE Y 51 -20.51 53.54 25.70
N SER Y 52 -20.57 54.26 24.58
CA SER Y 52 -19.47 55.12 24.17
C SER Y 52 -19.34 56.33 25.11
N SER Y 53 -18.29 57.12 24.87
CA SER Y 53 -18.07 58.32 25.68
C SER Y 53 -19.28 59.26 25.59
N GLY Y 54 -19.73 59.53 24.37
CA GLY Y 54 -21.04 60.11 24.17
C GLY Y 54 -22.07 59.01 24.00
N GLY Y 55 -23.28 59.27 24.49
CA GLY Y 55 -24.30 58.24 24.54
C GLY Y 55 -24.85 57.82 23.18
N THR Y 56 -24.04 57.94 22.13
CA THR Y 56 -24.48 57.66 20.78
C THR Y 56 -24.29 56.21 20.36
N TYR Y 57 -23.30 55.53 20.92
CA TYR Y 57 -22.96 54.16 20.52
C TYR Y 57 -23.08 53.24 21.72
N THR Y 58 -23.98 52.25 21.61
CA THR Y 58 -24.17 51.23 22.63
C THR Y 58 -24.16 49.85 21.97
N TYR Y 59 -23.74 48.84 22.74
CA TYR Y 59 -23.83 47.46 22.27
C TYR Y 59 -23.93 46.52 23.46
N TYR Y 60 -24.64 45.42 23.27
CA TYR Y 60 -25.02 44.48 24.31
C TYR Y 60 -24.76 43.06 23.83
N PRO Y 61 -24.82 42.07 24.73
CA PRO Y 61 -24.90 40.69 24.29
C PRO Y 61 -26.32 40.32 23.89
N ASP Y 62 -26.42 39.23 23.10
CA ASP Y 62 -27.71 38.80 22.57
C ASP Y 62 -28.68 38.36 23.67
N THR Y 63 -28.18 38.02 24.86
CA THR Y 63 -29.04 37.55 25.93
C THR Y 63 -29.89 38.64 26.56
N VAL Y 64 -29.70 39.90 26.17
CA VAL Y 64 -30.39 41.03 26.79
C VAL Y 64 -30.70 42.08 25.73
N LYS Y 65 -30.68 41.65 24.45
CA LYS Y 65 -30.73 42.60 23.35
C LYS Y 65 -31.98 43.48 23.40
N GLY Y 66 -33.11 42.92 23.83
CA GLY Y 66 -34.36 43.66 23.79
C GLY Y 66 -34.78 44.24 25.12
N ARG Y 67 -34.21 43.73 26.21
CA ARG Y 67 -34.67 44.07 27.54
C ARG Y 67 -33.87 45.21 28.18
N PHE Y 68 -32.55 45.22 28.00
CA PHE Y 68 -31.71 46.18 28.68
C PHE Y 68 -31.38 47.35 27.76
N THR Y 69 -31.13 48.51 28.36
CA THR Y 69 -30.83 49.73 27.62
C THR Y 69 -29.86 50.56 28.44
N ILE Y 70 -28.60 50.60 28.02
CA ILE Y 70 -27.60 51.40 28.73
C ILE Y 70 -27.67 52.84 28.25
N SER Y 71 -27.53 53.77 29.19
CA SER Y 71 -27.53 55.19 28.87
C SER Y 71 -26.57 55.90 29.81
N ARG Y 72 -26.37 57.20 29.57
CA ARG Y 72 -25.48 57.98 30.40
C ARG Y 72 -25.88 59.44 30.32
N ASP Y 73 -25.67 60.15 31.42
CA ASP Y 73 -25.85 61.60 31.49
C ASP Y 73 -24.50 62.21 31.83
N ASN Y 74 -23.83 62.79 30.83
CA ASN Y 74 -22.51 63.36 31.07
C ASN Y 74 -22.57 64.64 31.89
N ALA Y 75 -23.69 65.34 31.87
CA ALA Y 75 -23.83 66.54 32.69
C ALA Y 75 -23.95 66.19 34.17
N LYS Y 76 -24.60 65.08 34.49
CA LYS Y 76 -24.74 64.61 35.87
C LYS Y 76 -23.64 63.66 36.29
N ASN Y 77 -22.74 63.30 35.37
CA ASN Y 77 -21.68 62.31 35.64
C ASN Y 77 -22.28 61.01 36.17
N THR Y 78 -23.27 60.50 35.44
CA THR Y 78 -24.03 59.33 35.87
C THR Y 78 -24.19 58.36 34.72
N LEU Y 79 -24.17 57.07 35.05
CA LEU Y 79 -24.40 55.98 34.10
C LEU Y 79 -25.67 55.24 34.51
N TYR Y 80 -26.47 54.85 33.52
CA TYR Y 80 -27.75 54.22 33.77
C TYR Y 80 -27.88 52.91 33.01
N LEU Y 81 -28.57 51.95 33.63
CA LEU Y 81 -28.92 50.69 33.00
C LEU Y 81 -30.42 50.47 33.20
N GLN Y 82 -31.19 50.56 32.11
CA GLN Y 82 -32.64 50.42 32.15
C GLN Y 82 -33.00 48.98 31.82
N MET Y 83 -33.34 48.20 32.86
CA MET Y 83 -33.74 46.82 32.71
C MET Y 83 -35.26 46.73 32.71
N SER Y 84 -35.80 45.89 31.82
CA SER Y 84 -37.25 45.74 31.70
C SER Y 84 -37.59 44.31 31.33
N SER Y 85 -38.76 43.85 31.81
CA SER Y 85 -39.24 42.48 31.58
C SER Y 85 -38.18 41.46 31.98
N LEU Y 86 -37.61 41.64 33.16
CA LEU Y 86 -36.54 40.78 33.64
C LEU Y 86 -37.03 39.35 33.87
N LYS Y 87 -36.10 38.41 33.73
CA LYS Y 87 -36.31 37.02 34.09
C LYS Y 87 -35.59 36.72 35.39
N SER Y 88 -35.96 35.58 36.00
CA SER Y 88 -35.32 35.18 37.25
C SER Y 88 -33.83 34.92 37.06
N GLU Y 89 -33.39 34.61 35.84
CA GLU Y 89 -31.99 34.36 35.56
C GLU Y 89 -31.14 35.63 35.58
N ASP Y 90 -31.76 36.80 35.60
CA ASP Y 90 -31.04 38.06 35.59
C ASP Y 90 -30.65 38.53 37.00
N THR Y 91 -30.78 37.65 38.00
CA THR Y 91 -30.36 37.99 39.35
C THR Y 91 -28.85 38.09 39.40
N ALA Y 92 -28.34 39.23 39.87
CA ALA Y 92 -26.89 39.41 39.87
C ALA Y 92 -26.51 40.63 40.69
N MET Y 93 -25.23 40.66 41.06
CA MET Y 93 -24.57 41.83 41.64
C MET Y 93 -24.04 42.67 40.48
N PHE Y 94 -24.62 43.85 40.28
CA PHE Y 94 -24.30 44.66 39.10
C PHE Y 94 -23.17 45.63 39.44
N TYR Y 95 -22.13 45.63 38.61
CA TYR Y 95 -20.94 46.46 38.80
C TYR Y 95 -20.84 47.48 37.67
N CYS Y 96 -20.45 48.69 38.04
CA CYS Y 96 -20.30 49.80 37.10
C CYS Y 96 -18.81 49.99 36.83
N THR Y 97 -18.39 49.76 35.58
CA THR Y 97 -16.99 49.70 35.22
C THR Y 97 -16.66 50.70 34.13
N ARG Y 98 -15.40 51.12 34.10
CA ARG Y 98 -14.88 52.08 33.14
C ARG Y 98 -13.96 51.37 32.15
N ALA Y 99 -14.21 51.58 30.86
CA ALA Y 99 -13.39 50.96 29.81
C ALA Y 99 -12.33 51.93 29.31
N SER Y 100 -12.05 51.90 28.01
CA SER Y 100 -10.99 52.72 27.45
C SER Y 100 -11.49 54.14 27.15
N PRO Y 101 -10.58 55.13 27.14
CA PRO Y 101 -11.00 56.51 26.82
C PRO Y 101 -11.35 56.69 25.36
N TYR Y 102 -11.68 57.94 24.98
CA TYR Y 102 -12.11 58.23 23.62
C TYR Y 102 -10.97 58.06 22.62
N TYR Y 103 -9.74 58.39 23.00
CA TYR Y 103 -8.62 58.36 22.06
C TYR Y 103 -8.04 56.98 21.88
N ASP Y 104 -8.68 55.94 22.42
CA ASP Y 104 -8.25 54.57 22.23
C ASP Y 104 -9.38 53.74 21.63
N TYR Y 105 -8.99 52.69 20.90
CA TYR Y 105 -9.93 51.65 20.54
C TYR Y 105 -10.59 51.11 21.80
N ASP Y 106 -11.89 50.83 21.72
CA ASP Y 106 -12.57 50.27 22.89
C ASP Y 106 -11.98 48.90 23.18
N GLU Y 107 -10.90 48.86 23.95
CA GLU Y 107 -10.15 47.63 24.14
C GLU Y 107 -10.86 46.65 25.06
N GLY Y 108 -11.83 47.12 25.84
CA GLY Y 108 -12.66 46.21 26.60
C GLY Y 108 -12.10 45.75 27.93
N TYR Y 109 -10.94 46.26 28.34
CA TYR Y 109 -10.44 45.99 29.68
C TYR Y 109 -10.96 47.08 30.60
N MET Y 110 -11.46 46.67 31.76
CA MET Y 110 -12.07 47.58 32.72
C MET Y 110 -11.15 47.71 33.94
N ASP Y 111 -10.50 48.87 34.04
CA ASP Y 111 -9.50 49.08 35.09
C ASP Y 111 -10.15 49.32 36.45
N TYR Y 112 -11.21 50.11 36.51
CA TYR Y 112 -11.83 50.50 37.77
C TYR Y 112 -13.23 49.90 37.86
N TRP Y 113 -13.52 49.28 39.00
CA TRP Y 113 -14.82 48.69 39.28
C TRP Y 113 -15.47 49.42 40.45
N GLY Y 114 -16.79 49.37 40.50
CA GLY Y 114 -17.54 49.97 41.58
C GLY Y 114 -17.70 49.03 42.75
N GLN Y 115 -18.50 49.47 43.72
CA GLN Y 115 -18.78 48.65 44.89
C GLN Y 115 -19.85 47.59 44.59
N GLY Y 116 -20.79 47.89 43.72
CA GLY Y 116 -21.79 46.93 43.34
C GLY Y 116 -23.14 47.18 44.00
N THR Y 117 -24.20 46.88 43.25
CA THR Y 117 -25.56 46.91 43.76
C THR Y 117 -26.24 45.61 43.35
N SER Y 118 -26.61 44.81 44.34
CA SER Y 118 -27.24 43.52 44.07
C SER Y 118 -28.74 43.71 43.82
N VAL Y 119 -29.21 43.19 42.69
CA VAL Y 119 -30.63 43.14 42.39
C VAL Y 119 -31.03 41.67 42.28
N THR Y 120 -32.14 41.31 42.91
CA THR Y 120 -32.68 39.96 42.82
C THR Y 120 -34.13 40.06 42.41
N VAL Y 121 -34.56 39.12 41.56
CA VAL Y 121 -35.90 39.13 40.99
C VAL Y 121 -36.55 37.78 41.23
N SER Y 122 -37.66 37.77 41.97
CA SER Y 122 -38.36 36.52 42.27
C SER Y 122 -39.81 36.84 42.58
N SER Y 123 -40.68 35.86 42.29
CA SER Y 123 -42.10 36.00 42.55
C SER Y 123 -42.47 35.76 44.01
N ALA Y 124 -41.54 35.27 44.82
CA ALA Y 124 -41.83 34.96 46.21
C ALA Y 124 -42.15 36.22 47.00
N LYS Y 125 -43.03 36.06 47.99
CA LYS Y 125 -43.40 37.15 48.88
C LYS Y 125 -42.55 37.10 50.15
N THR Y 126 -42.61 38.20 50.91
CA THR Y 126 -41.85 38.29 52.16
C THR Y 126 -42.39 37.27 53.15
N THR Y 127 -41.51 36.41 53.64
CA THR Y 127 -41.88 35.33 54.55
C THR Y 127 -40.90 35.29 55.71
N ALA Y 128 -41.44 35.21 56.93
CA ALA Y 128 -40.61 35.12 58.12
C ALA Y 128 -40.04 33.71 58.28
N PRO Y 129 -38.83 33.60 58.81
CA PRO Y 129 -38.21 32.27 58.96
C PRO Y 129 -38.77 31.51 60.15
N SER Y 130 -38.73 30.18 60.03
CA SER Y 130 -39.03 29.28 61.13
C SER Y 130 -37.73 28.74 61.68
N VAL Y 131 -37.45 29.01 62.96
CA VAL Y 131 -36.20 28.66 63.60
C VAL Y 131 -36.42 27.42 64.47
N TYR Y 132 -35.53 26.45 64.33
CA TYR Y 132 -35.61 25.16 65.02
C TYR Y 132 -34.30 24.87 65.73
N PRO Y 133 -34.35 24.41 66.98
CA PRO Y 133 -33.13 24.03 67.68
C PRO Y 133 -32.67 22.63 67.33
N LEU Y 134 -31.35 22.44 67.38
CA LEU Y 134 -30.69 21.19 67.00
C LEU Y 134 -29.84 20.70 68.17
N ALA Y 135 -30.26 19.62 68.81
CA ALA Y 135 -29.54 19.02 69.92
C ALA Y 135 -28.98 17.65 69.53
N PRO Y 136 -27.83 17.25 70.10
CA PRO Y 136 -27.23 15.95 69.75
C PRO Y 136 -27.98 14.74 70.29
N VAL Y 137 -29.16 14.98 70.88
CA VAL Y 137 -30.06 13.95 71.40
C VAL Y 137 -29.41 13.09 72.47
N CYS Y 138 -28.62 12.10 72.05
CA CYS Y 138 -27.90 11.21 72.96
C CYS Y 138 -26.40 11.48 72.85
N GLY Y 139 -25.62 10.75 73.66
CA GLY Y 139 -24.21 11.02 73.66
C GLY Y 139 -23.27 9.84 73.75
N GLY Y 140 -22.57 9.57 72.66
CA GLY Y 140 -21.43 8.66 72.64
C GLY Y 140 -20.18 9.51 72.45
N THR Y 141 -19.19 9.26 73.29
CA THR Y 141 -18.06 10.18 73.47
C THR Y 141 -18.61 11.58 73.71
N THR Y 142 -19.47 11.67 74.74
CA THR Y 142 -20.21 12.90 75.00
C THR Y 142 -19.31 14.05 75.39
N GLY Y 143 -18.06 13.80 75.77
CA GLY Y 143 -17.16 14.83 76.23
C GLY Y 143 -16.10 15.15 75.19
N SER Y 144 -15.66 16.42 75.19
CA SER Y 144 -14.59 16.91 74.34
C SER Y 144 -14.78 16.53 72.87
N SER Y 145 -15.73 17.21 72.22
CA SER Y 145 -16.60 18.22 72.83
C SER Y 145 -18.00 18.03 72.29
N VAL Y 146 -18.94 18.88 72.71
CA VAL Y 146 -20.31 18.82 72.22
C VAL Y 146 -20.51 19.89 71.18
N THR Y 147 -21.27 19.56 70.13
CA THR Y 147 -21.53 20.49 69.03
C THR Y 147 -23.04 20.53 68.82
N LEU Y 148 -23.62 21.72 68.96
CA LEU Y 148 -25.06 21.94 68.75
C LEU Y 148 -25.31 22.59 67.39
N GLY Y 149 -26.54 23.06 67.19
CA GLY Y 149 -26.92 23.66 65.94
C GLY Y 149 -28.24 24.40 66.05
N CYS Y 150 -28.42 25.33 65.13
CA CYS Y 150 -29.62 26.15 65.00
C CYS Y 150 -29.93 26.29 63.52
N LEU Y 151 -31.22 26.15 63.17
CA LEU Y 151 -31.62 26.10 61.77
C LEU Y 151 -32.65 27.19 61.48
N VAL Y 152 -32.45 27.90 60.38
CA VAL Y 152 -33.30 28.98 59.93
C VAL Y 152 -33.90 28.57 58.59
N LYS Y 153 -35.18 28.22 58.59
CA LYS Y 153 -35.83 27.60 57.44
C LYS Y 153 -36.89 28.52 56.86
N GLY Y 154 -36.89 28.65 55.52
CA GLY Y 154 -37.99 29.27 54.81
C GLY Y 154 -38.18 30.77 55.01
N TYR Y 155 -37.18 31.58 54.66
CA TYR Y 155 -37.32 33.03 54.73
C TYR Y 155 -37.03 33.65 53.38
N PHE Y 156 -37.51 34.89 53.22
CA PHE Y 156 -37.32 35.68 52.00
C PHE Y 156 -37.69 37.13 52.27
N PRO Y 157 -36.87 38.09 51.81
CA PRO Y 157 -35.57 37.87 51.18
C PRO Y 157 -34.41 37.97 52.16
N GLU Y 158 -33.19 37.80 51.67
CA GLU Y 158 -32.01 37.96 52.50
C GLU Y 158 -31.85 39.43 52.90
N PRO Y 159 -31.06 39.72 53.96
CA PRO Y 159 -30.33 38.78 54.84
C PRO Y 159 -30.96 38.59 56.22
N VAL Y 160 -30.33 37.76 57.03
CA VAL Y 160 -30.71 37.53 58.42
C VAL Y 160 -29.48 37.72 59.30
N THR Y 161 -29.72 37.88 60.61
CA THR Y 161 -28.66 38.07 61.58
C THR Y 161 -28.20 36.74 62.15
N LEU Y 162 -26.89 36.60 62.32
CA LEU Y 162 -26.25 35.34 62.73
C LEU Y 162 -25.52 35.56 64.06
N THR Y 163 -26.25 35.37 65.17
CA THR Y 163 -25.69 35.54 66.50
C THR Y 163 -26.02 34.37 67.41
N TRP Y 164 -25.12 34.11 68.36
CA TRP Y 164 -25.33 33.14 69.42
C TRP Y 164 -25.28 33.86 70.76
N ASN Y 165 -26.33 33.67 71.57
CA ASN Y 165 -26.43 34.29 72.90
C ASN Y 165 -26.32 35.81 72.82
N SER Y 166 -27.12 36.39 71.91
CA SER Y 166 -27.23 37.85 71.76
C SER Y 166 -25.88 38.49 71.41
N GLY Y 167 -25.09 37.80 70.58
CA GLY Y 167 -23.81 38.31 70.14
C GLY Y 167 -22.63 37.86 70.95
N SER Y 168 -22.85 37.17 72.07
CA SER Y 168 -21.76 36.64 72.88
C SER Y 168 -21.14 35.43 72.18
N LEU Y 169 -20.16 34.83 72.86
CA LEU Y 169 -19.49 33.62 72.38
C LEU Y 169 -18.77 33.88 71.06
N SER Y 170 -19.43 33.56 69.94
CA SER Y 170 -18.90 33.81 68.59
C SER Y 170 -17.67 32.97 68.28
N SER Y 171 -17.11 32.29 69.27
CA SER Y 171 -15.96 31.42 69.09
C SER Y 171 -16.43 30.01 68.76
N GLY Y 172 -15.78 29.40 67.77
CA GLY Y 172 -16.17 28.07 67.35
C GLY Y 172 -17.51 28.01 66.64
N VAL Y 173 -17.97 29.13 66.10
CA VAL Y 173 -19.26 29.23 65.43
C VAL Y 173 -19.04 29.14 63.93
N HIS Y 174 -19.84 28.32 63.26
CA HIS Y 174 -19.81 28.20 61.80
C HIS Y 174 -21.20 28.55 61.29
N THR Y 175 -21.33 29.72 60.66
CA THR Y 175 -22.58 30.13 60.04
C THR Y 175 -22.44 29.98 58.53
N PHE Y 176 -23.28 29.15 57.95
CA PHE Y 176 -23.19 28.71 56.56
C PHE Y 176 -24.03 29.60 55.66
N PRO Y 177 -23.58 29.81 54.42
CA PRO Y 177 -24.36 30.62 53.48
C PRO Y 177 -25.71 30.00 53.21
N ALA Y 178 -26.71 30.86 53.01
CA ALA Y 178 -28.06 30.38 52.75
C ALA Y 178 -28.15 29.70 51.40
N LEU Y 179 -29.03 28.70 51.32
CA LEU Y 179 -29.32 28.00 50.07
C LEU Y 179 -30.80 28.16 49.77
N LEU Y 180 -31.12 28.31 48.48
CA LEU Y 180 -32.46 28.64 48.03
C LEU Y 180 -33.15 27.41 47.42
N GLN Y 181 -34.41 27.21 47.79
CA GLN Y 181 -35.24 26.19 47.18
C GLN Y 181 -36.69 26.68 47.20
N SER Y 182 -37.39 26.45 46.08
CA SER Y 182 -38.78 26.86 45.92
C SER Y 182 -38.98 28.35 46.25
N GLY Y 183 -38.01 29.17 45.84
CA GLY Y 183 -38.09 30.60 46.06
C GLY Y 183 -37.98 31.06 47.50
N LEU Y 184 -37.45 30.22 48.39
CA LEU Y 184 -37.22 30.60 49.78
C LEU Y 184 -35.82 30.20 50.19
N TYR Y 185 -35.26 30.94 51.15
CA TYR Y 185 -33.91 30.72 51.63
C TYR Y 185 -33.92 29.89 52.90
N THR Y 186 -32.83 29.16 53.11
CA THR Y 186 -32.63 28.37 54.33
C THR Y 186 -31.17 28.49 54.75
N LEU Y 187 -30.94 28.79 56.02
CA LEU Y 187 -29.60 28.98 56.56
C LEU Y 187 -29.47 28.22 57.87
N SER Y 188 -28.26 27.75 58.14
CA SER Y 188 -27.98 26.98 59.34
C SER Y 188 -26.65 27.44 59.94
N SER Y 189 -26.54 27.29 61.25
CA SER Y 189 -25.32 27.64 61.97
C SER Y 189 -25.11 26.64 63.10
N SER Y 190 -23.86 26.22 63.28
CA SER Y 190 -23.50 25.27 64.31
C SER Y 190 -22.45 25.89 65.23
N VAL Y 191 -22.48 25.47 66.49
CA VAL Y 191 -21.54 25.96 67.50
C VAL Y 191 -21.01 24.78 68.31
N THR Y 192 -19.72 24.82 68.62
CA THR Y 192 -19.03 23.76 69.34
C THR Y 192 -18.48 24.33 70.64
N VAL Y 193 -18.83 23.69 71.76
CA VAL Y 193 -18.37 24.09 73.08
C VAL Y 193 -17.99 22.84 73.86
N THR Y 194 -17.29 23.06 74.97
CA THR Y 194 -16.88 21.97 75.84
C THR Y 194 -18.10 21.31 76.47
N SER Y 195 -17.96 20.01 76.78
CA SER Y 195 -19.08 19.26 77.33
C SER Y 195 -19.51 19.78 78.68
N ASN Y 196 -18.59 20.41 79.42
CA ASN Y 196 -18.89 20.94 80.75
C ASN Y 196 -19.50 22.33 80.71
N THR Y 197 -19.80 22.85 79.51
CA THR Y 197 -20.46 24.14 79.38
C THR Y 197 -21.95 24.01 79.06
N TRP Y 198 -22.34 23.06 78.22
CA TRP Y 198 -23.73 22.81 77.88
C TRP Y 198 -24.12 21.39 78.23
N PRO Y 199 -25.32 21.16 78.79
CA PRO Y 199 -26.36 22.16 79.05
C PRO Y 199 -26.22 22.85 80.40
N SER Y 200 -25.00 22.87 80.95
CA SER Y 200 -24.77 23.56 82.22
C SER Y 200 -25.06 25.05 82.08
N GLN Y 201 -24.71 25.64 80.94
CA GLN Y 201 -24.99 27.03 80.64
C GLN Y 201 -25.97 27.11 79.47
N THR Y 202 -26.81 28.14 79.50
CA THR Y 202 -27.84 28.30 78.47
C THR Y 202 -27.21 28.76 77.17
N ILE Y 203 -27.59 28.11 76.07
CA ILE Y 203 -27.16 28.49 74.73
C ILE Y 203 -28.41 28.66 73.86
N THR Y 204 -28.61 29.86 73.33
CA THR Y 204 -29.76 30.19 72.51
C THR Y 204 -29.29 30.88 71.23
N CYS Y 205 -29.87 30.54 70.09
CA CYS Y 205 -29.57 31.23 68.84
C CYS Y 205 -30.61 32.31 68.62
N ASN Y 206 -30.15 33.49 68.23
CA ASN Y 206 -31.01 34.64 67.97
C ASN Y 206 -31.01 34.92 66.48
N VAL Y 207 -32.19 34.94 65.88
CA VAL Y 207 -32.35 35.14 64.43
C VAL Y 207 -33.30 36.32 64.22
N ALA Y 208 -32.83 37.35 63.54
CA ALA Y 208 -33.62 38.52 63.22
C ALA Y 208 -33.77 38.65 61.71
N HIS Y 209 -34.98 38.90 61.25
CA HIS Y 209 -35.26 39.11 59.83
C HIS Y 209 -35.91 40.49 59.68
N PRO Y 210 -35.14 41.50 59.27
CA PRO Y 210 -35.73 42.85 59.17
C PRO Y 210 -36.70 42.99 58.01
N ALA Y 211 -36.54 42.19 56.96
CA ALA Y 211 -37.44 42.30 55.80
C ALA Y 211 -38.88 42.03 56.20
N SER Y 212 -39.10 41.09 57.11
CA SER Y 212 -40.42 40.82 57.67
C SER Y 212 -40.60 41.45 59.05
N SER Y 213 -39.62 42.23 59.51
CA SER Y 213 -39.69 42.94 60.81
C SER Y 213 -39.93 41.96 61.96
N THR Y 214 -39.21 40.85 61.97
CA THR Y 214 -39.35 39.85 63.03
C THR Y 214 -38.01 39.62 63.71
N LYS Y 215 -38.08 39.13 64.95
CA LYS Y 215 -36.90 38.81 65.74
C LYS Y 215 -37.28 37.70 66.72
N VAL Y 216 -36.66 36.53 66.56
CA VAL Y 216 -37.00 35.35 67.35
C VAL Y 216 -35.72 34.81 67.98
N ASP Y 217 -35.83 34.43 69.26
CA ASP Y 217 -34.73 33.80 69.98
C ASP Y 217 -35.16 32.41 70.44
N LYS Y 218 -34.38 31.39 70.08
CA LYS Y 218 -34.73 30.00 70.36
C LYS Y 218 -33.62 29.36 71.18
N LYS Y 219 -33.97 28.79 72.33
CA LYS Y 219 -33.03 28.12 73.20
C LYS Y 219 -33.01 26.62 72.93
N ILE Y 220 -31.81 26.05 72.92
CA ILE Y 220 -31.63 24.62 72.68
C ILE Y 220 -31.75 23.85 73.98
N ASP Z 1 -25.49 24.88 -19.96
CA ASP Z 1 -24.07 24.80 -19.61
C ASP Z 1 -23.87 24.07 -18.28
N VAL Z 2 -23.80 24.86 -17.20
CA VAL Z 2 -23.64 24.28 -15.87
C VAL Z 2 -24.90 23.54 -15.48
N VAL Z 3 -24.73 22.41 -14.79
CA VAL Z 3 -25.82 21.57 -14.34
C VAL Z 3 -25.90 21.63 -12.82
N MET Z 4 -27.12 21.64 -12.29
CA MET Z 4 -27.37 21.68 -10.87
C MET Z 4 -27.97 20.35 -10.43
N THR Z 5 -27.34 19.72 -9.45
CA THR Z 5 -27.78 18.41 -8.95
C THR Z 5 -28.16 18.54 -7.48
N GLN Z 6 -29.43 18.28 -7.18
CA GLN Z 6 -29.93 18.32 -5.81
C GLN Z 6 -30.04 16.90 -5.25
N THR Z 7 -29.71 16.76 -3.97
CA THR Z 7 -29.79 15.48 -3.27
C THR Z 7 -30.52 15.70 -1.96
N PRO Z 8 -31.66 15.02 -1.73
CA PRO Z 8 -32.28 14.14 -2.73
C PRO Z 8 -33.39 14.85 -3.51
N LEU Z 9 -34.10 14.10 -4.36
CA LEU Z 9 -35.23 14.69 -5.08
C LEU Z 9 -36.50 14.65 -4.25
N SER Z 10 -36.67 13.65 -3.41
CA SER Z 10 -37.79 13.56 -2.48
C SER Z 10 -37.26 13.31 -1.09
N LEU Z 11 -37.58 14.21 -0.15
CA LEU Z 11 -37.10 14.13 1.23
C LEU Z 11 -38.31 14.13 2.17
N PRO Z 12 -38.88 12.97 2.48
CA PRO Z 12 -40.01 12.93 3.42
C PRO Z 12 -39.50 13.12 4.85
N VAL Z 13 -40.11 14.08 5.55
CA VAL Z 13 -39.75 14.38 6.94
C VAL Z 13 -41.03 14.72 7.71
N SER Z 14 -40.94 14.57 9.03
CA SER Z 14 -42.02 14.92 9.94
C SER Z 14 -41.83 16.33 10.48
N LEU Z 15 -42.92 16.89 11.01
CA LEU Z 15 -42.90 18.25 11.55
C LEU Z 15 -41.99 18.32 12.78
N GLY Z 16 -41.26 19.43 12.88
CA GLY Z 16 -40.34 19.65 13.98
C GLY Z 16 -38.92 19.16 13.76
N ASP Z 17 -38.67 18.43 12.67
CA ASP Z 17 -37.33 17.92 12.40
C ASP Z 17 -36.50 18.95 11.65
N GLN Z 18 -35.22 18.62 11.45
CA GLN Z 18 -34.30 19.43 10.68
C GLN Z 18 -34.21 18.90 9.26
N ALA Z 19 -34.07 19.82 8.30
CA ALA Z 19 -33.97 19.46 6.88
C ALA Z 19 -32.64 19.93 6.32
N SER Z 20 -32.07 19.13 5.42
CA SER Z 20 -30.80 19.46 4.77
C SER Z 20 -30.87 18.98 3.33
N ILE Z 21 -30.71 19.91 2.38
CA ILE Z 21 -30.73 19.61 0.96
C ILE Z 21 -29.37 19.96 0.38
N SER Z 22 -28.82 19.05 -0.43
CA SER Z 22 -27.51 19.26 -1.04
C SER Z 22 -27.68 19.70 -2.49
N CYS Z 23 -26.75 20.53 -2.96
CA CYS Z 23 -26.74 21.04 -4.33
C CYS Z 23 -25.30 21.15 -4.81
N ARG Z 24 -24.99 20.47 -5.91
CA ARG Z 24 -23.66 20.53 -6.52
C ARG Z 24 -23.74 20.99 -7.96
N SER Z 25 -22.72 21.74 -8.37
CA SER Z 25 -22.58 22.29 -9.72
C SER Z 25 -21.31 21.75 -10.37
N SER Z 26 -21.27 21.85 -11.70
CA SER Z 26 -20.11 21.38 -12.45
C SER Z 26 -18.95 22.37 -12.47
N GLN Z 27 -19.19 23.65 -12.25
CA GLN Z 27 -18.14 24.66 -12.30
C GLN Z 27 -17.97 25.32 -10.94
N SER Z 28 -16.93 26.16 -10.83
CA SER Z 28 -16.52 26.70 -9.55
C SER Z 28 -17.58 27.61 -8.93
N LEU Z 29 -18.44 28.20 -9.76
CA LEU Z 29 -19.54 29.06 -9.31
C LEU Z 29 -19.07 30.34 -8.62
N VAL Z 30 -17.77 30.46 -8.36
CA VAL Z 30 -17.24 31.69 -7.78
C VAL Z 30 -16.94 32.66 -8.92
N HIS Z 31 -17.60 33.81 -8.90
CA HIS Z 31 -17.50 34.76 -10.00
C HIS Z 31 -16.17 35.50 -9.97
N SER Z 32 -15.82 36.07 -11.12
CA SER Z 32 -14.71 37.02 -11.20
C SER Z 32 -15.13 38.30 -10.48
N ASN Z 33 -15.43 38.19 -9.20
CA ASN Z 33 -16.13 39.17 -8.38
C ASN Z 33 -16.18 38.58 -6.97
N GLY Z 34 -16.40 39.44 -5.99
CA GLY Z 34 -16.31 39.07 -4.59
C GLY Z 34 -16.91 37.75 -4.15
N ASN Z 35 -18.20 37.54 -4.41
CA ASN Z 35 -18.96 36.44 -3.84
C ASN Z 35 -19.45 35.49 -4.94
N THR Z 36 -20.12 34.42 -4.50
CA THR Z 36 -20.70 33.39 -5.35
C THR Z 36 -22.21 33.53 -5.42
N TYR Z 37 -22.77 33.42 -6.63
CA TYR Z 37 -24.18 33.76 -6.83
C TYR Z 37 -25.01 32.48 -6.98
N LEU Z 38 -25.22 31.81 -5.85
CA LEU Z 38 -26.09 30.65 -5.78
C LEU Z 38 -27.30 30.98 -4.91
N HIS Z 39 -28.48 30.58 -5.36
CA HIS Z 39 -29.72 30.96 -4.70
C HIS Z 39 -30.60 29.74 -4.45
N TRP Z 40 -31.59 29.93 -3.57
CA TRP Z 40 -32.56 28.91 -3.21
C TRP Z 40 -33.96 29.47 -3.37
N TYR Z 41 -34.79 28.77 -4.12
CA TYR Z 41 -36.18 29.14 -4.36
C TYR Z 41 -37.12 28.11 -3.75
N LEU Z 42 -38.34 28.55 -3.46
CA LEU Z 42 -39.38 27.68 -2.92
C LEU Z 42 -40.66 27.83 -3.73
N GLN Z 43 -41.20 26.69 -4.18
CA GLN Z 43 -42.46 26.61 -4.91
C GLN Z 43 -43.38 25.63 -4.18
N LYS Z 44 -44.60 26.06 -3.89
CA LYS Z 44 -45.51 25.21 -3.12
C LYS Z 44 -46.88 25.20 -3.75
N SER Z 45 -47.36 23.99 -4.07
CA SER Z 45 -48.68 23.69 -4.58
C SER Z 45 -48.83 24.17 -6.02
N GLY Z 46 -49.88 24.92 -6.31
CA GLY Z 46 -50.11 25.43 -7.64
C GLY Z 46 -49.69 26.86 -7.87
N GLN Z 47 -48.87 27.41 -6.98
CA GLN Z 47 -48.43 28.80 -7.12
C GLN Z 47 -47.01 28.84 -7.68
N SER Z 48 -46.65 30.02 -8.18
CA SER Z 48 -45.33 30.27 -8.71
C SER Z 48 -44.26 30.14 -7.63
N PRO Z 49 -43.02 29.84 -8.03
CA PRO Z 49 -41.93 29.79 -7.05
C PRO Z 49 -41.73 31.13 -6.36
N LYS Z 50 -41.11 31.08 -5.19
CA LYS Z 50 -40.87 32.27 -4.38
C LYS Z 50 -39.45 32.21 -3.83
N LEU Z 51 -38.82 33.37 -3.74
CA LEU Z 51 -37.43 33.45 -3.32
C LEU Z 51 -37.29 33.09 -1.84
N LEU Z 52 -36.33 32.21 -1.55
CA LEU Z 52 -36.01 31.83 -0.18
C LEU Z 52 -34.71 32.42 0.29
N ILE Z 53 -33.61 32.19 -0.44
CA ILE Z 53 -32.30 32.73 -0.08
C ILE Z 53 -31.59 33.19 -1.34
N TYR Z 54 -30.93 34.35 -1.26
CA TYR Z 54 -30.13 34.87 -2.36
C TYR Z 54 -28.66 34.95 -1.93
N LYS Z 55 -27.77 34.67 -2.88
CA LYS Z 55 -26.32 34.67 -2.66
C LYS Z 55 -25.95 33.77 -1.47
N VAL Z 56 -26.24 32.48 -1.64
CA VAL Z 56 -25.78 31.36 -0.82
C VAL Z 56 -26.25 31.45 0.63
N SER Z 57 -26.17 32.64 1.25
CA SER Z 57 -26.37 32.69 2.70
C SER Z 57 -27.09 33.95 3.18
N ASN Z 58 -27.76 34.68 2.30
CA ASN Z 58 -28.49 35.89 2.69
C ASN Z 58 -29.98 35.59 2.66
N ARG Z 59 -30.64 35.69 3.82
CA ARG Z 59 -32.07 35.48 3.91
C ARG Z 59 -32.83 36.63 3.26
N PHE Z 60 -33.85 36.30 2.48
CA PHE Z 60 -34.68 37.31 1.84
C PHE Z 60 -35.64 37.95 2.86
N SER Z 61 -36.19 39.09 2.47
CA SER Z 61 -37.14 39.80 3.31
C SER Z 61 -38.40 38.97 3.53
N GLY Z 62 -38.73 38.72 4.79
CA GLY Z 62 -39.89 37.93 5.13
C GLY Z 62 -39.66 36.44 5.18
N VAL Z 63 -38.41 36.00 5.23
CA VAL Z 63 -38.06 34.59 5.32
C VAL Z 63 -37.75 34.27 6.78
N PRO Z 64 -38.37 33.24 7.37
CA PRO Z 64 -38.12 32.95 8.79
C PRO Z 64 -36.66 32.62 9.06
N ASP Z 65 -36.28 32.78 10.33
CA ASP Z 65 -34.90 32.52 10.75
C ASP Z 65 -34.49 31.06 10.60
N ARG Z 66 -35.45 30.15 10.49
CA ARG Z 66 -35.12 28.72 10.43
C ARG Z 66 -34.31 28.39 9.19
N PHE Z 67 -34.62 29.04 8.07
CA PHE Z 67 -33.92 28.76 6.82
C PHE Z 67 -32.50 29.33 6.88
N SER Z 68 -31.52 28.51 6.50
CA SER Z 68 -30.12 28.89 6.56
C SER Z 68 -29.38 28.23 5.41
N GLY Z 69 -28.84 29.03 4.51
CA GLY Z 69 -28.06 28.54 3.39
C GLY Z 69 -26.58 28.57 3.68
N SER Z 70 -25.86 27.60 3.12
CA SER Z 70 -24.43 27.48 3.35
C SER Z 70 -23.80 26.78 2.15
N GLY Z 71 -22.48 26.76 2.13
CA GLY Z 71 -21.71 26.10 1.09
C GLY Z 71 -20.79 27.07 0.37
N SER Z 72 -20.01 26.50 -0.54
CA SER Z 72 -19.05 27.28 -1.33
C SER Z 72 -18.57 26.42 -2.49
N GLY Z 73 -17.83 27.05 -3.40
CA GLY Z 73 -17.30 26.38 -4.56
C GLY Z 73 -18.37 25.68 -5.38
N THR Z 74 -18.37 24.34 -5.35
CA THR Z 74 -19.36 23.56 -6.06
C THR Z 74 -20.29 22.81 -5.12
N ASP Z 75 -20.08 22.88 -3.81
CA ASP Z 75 -20.87 22.11 -2.84
C ASP Z 75 -21.63 23.08 -1.94
N PHE Z 76 -22.96 23.00 -1.98
CA PHE Z 76 -23.81 23.87 -1.18
C PHE Z 76 -24.87 23.04 -0.47
N THR Z 77 -25.34 23.56 0.67
CA THR Z 77 -26.34 22.90 1.48
C THR Z 77 -27.33 23.93 1.99
N LEU Z 78 -28.58 23.49 2.19
CA LEU Z 78 -29.63 24.32 2.75
C LEU Z 78 -30.23 23.60 3.95
N LYS Z 79 -30.26 24.27 5.09
CA LYS Z 79 -30.74 23.68 6.34
C LYS Z 79 -31.96 24.43 6.83
N ILE Z 80 -33.00 23.68 7.21
CA ILE Z 80 -34.19 24.21 7.84
C ILE Z 80 -34.21 23.69 9.28
N SER Z 81 -34.29 24.61 10.24
CA SER Z 81 -34.21 24.23 11.65
C SER Z 81 -35.40 23.35 12.04
N ARG Z 82 -36.61 23.90 11.93
CA ARG Z 82 -37.83 23.17 12.28
C ARG Z 82 -38.79 23.24 11.09
N VAL Z 83 -38.92 22.13 10.36
CA VAL Z 83 -39.86 22.07 9.25
C VAL Z 83 -41.27 22.19 9.79
N GLU Z 84 -42.03 23.13 9.25
CA GLU Z 84 -43.38 23.40 9.70
C GLU Z 84 -44.37 23.04 8.60
N ALA Z 85 -45.66 23.28 8.88
CA ALA Z 85 -46.72 22.89 7.97
C ALA Z 85 -46.60 23.60 6.62
N GLU Z 86 -46.49 24.92 6.64
CA GLU Z 86 -46.48 25.69 5.41
C GLU Z 86 -45.08 25.74 4.80
N ASP Z 87 -44.30 24.67 4.96
CA ASP Z 87 -42.99 24.56 4.34
C ASP Z 87 -42.93 23.47 3.28
N LEU Z 88 -44.07 22.85 2.95
CA LEU Z 88 -44.10 21.70 2.06
C LEU Z 88 -44.16 22.15 0.61
N GLY Z 89 -43.20 21.72 -0.18
CA GLY Z 89 -43.16 22.07 -1.59
C GLY Z 89 -41.85 21.65 -2.21
N VAL Z 90 -41.67 22.05 -3.46
CA VAL Z 90 -40.45 21.79 -4.21
C VAL Z 90 -39.47 22.92 -3.95
N TYR Z 91 -38.24 22.56 -3.56
CA TYR Z 91 -37.16 23.50 -3.30
C TYR Z 91 -36.20 23.46 -4.49
N PHE Z 92 -35.99 24.62 -5.11
CA PHE Z 92 -35.09 24.72 -6.25
C PHE Z 92 -33.78 25.38 -5.84
N CYS Z 93 -32.72 24.98 -6.54
CA CYS Z 93 -31.37 25.47 -6.31
C CYS Z 93 -30.85 26.07 -7.61
N SER Z 94 -30.59 27.37 -7.61
CA SER Z 94 -30.29 28.11 -8.82
C SER Z 94 -28.87 28.63 -8.83
N GLN Z 95 -28.31 28.72 -10.04
CA GLN Z 95 -27.02 29.36 -10.24
C GLN Z 95 -27.14 30.38 -11.36
N SER Z 96 -26.63 31.59 -11.10
CA SER Z 96 -26.60 32.68 -12.08
C SER Z 96 -25.20 33.27 -12.22
N THR Z 97 -24.18 32.63 -11.65
CA THR Z 97 -22.82 33.14 -11.79
C THR Z 97 -22.35 33.05 -13.24
N HIS Z 98 -22.70 31.97 -13.93
CA HIS Z 98 -22.30 31.74 -15.31
C HIS Z 98 -23.52 31.78 -16.21
N VAL Z 99 -23.34 32.34 -17.40
CA VAL Z 99 -24.41 32.39 -18.40
C VAL Z 99 -24.43 31.06 -19.16
N PRO Z 100 -25.61 30.46 -19.37
CA PRO Z 100 -26.96 30.91 -18.99
C PRO Z 100 -27.33 30.64 -17.54
N PHE Z 101 -28.21 31.48 -16.98
CA PHE Z 101 -28.76 31.22 -15.65
C PHE Z 101 -29.46 29.87 -15.65
N THR Z 102 -28.96 28.94 -14.85
CA THR Z 102 -29.49 27.58 -14.90
C THR Z 102 -29.85 27.09 -13.50
N PHE Z 103 -30.94 26.33 -13.42
CA PHE Z 103 -31.36 25.71 -12.17
C PHE Z 103 -32.20 24.49 -12.44
N GLY Z 104 -31.98 23.45 -11.63
CA GLY Z 104 -32.83 22.27 -11.57
C GLY Z 104 -32.66 21.65 -10.20
N ALA Z 105 -33.41 20.58 -9.96
CA ALA Z 105 -34.43 20.08 -10.87
C ALA Z 105 -35.73 19.87 -10.11
N GLY Z 106 -35.73 20.30 -8.84
CA GLY Z 106 -36.87 20.13 -7.97
C GLY Z 106 -36.64 19.14 -6.85
N THR Z 107 -36.90 19.56 -5.61
CA THR Z 107 -36.73 18.72 -4.43
C THR Z 107 -38.03 18.75 -3.64
N LYS Z 108 -38.74 17.63 -3.63
CA LYS Z 108 -40.05 17.55 -2.99
C LYS Z 108 -39.88 17.31 -1.48
N LEU Z 109 -40.32 18.29 -0.68
CA LEU Z 109 -40.35 18.16 0.77
C LEU Z 109 -41.73 17.62 1.14
N GLU Z 110 -41.80 16.32 1.44
CA GLU Z 110 -43.08 15.64 1.65
C GLU Z 110 -43.23 15.26 3.12
N LEU Z 111 -44.48 14.96 3.49
CA LEU Z 111 -44.81 14.58 4.86
C LEU Z 111 -44.72 13.07 5.03
N LYS Z 112 -44.37 12.64 6.24
CA LYS Z 112 -44.25 11.23 6.56
C LYS Z 112 -45.50 10.73 7.28
N ARG Z 113 -46.01 9.57 6.84
CA ARG Z 113 -47.19 8.95 7.43
C ARG Z 113 -46.93 7.45 7.52
N ALA Z 114 -47.87 6.71 8.08
CA ALA Z 114 -47.73 5.27 8.20
C ALA Z 114 -47.98 4.57 6.87
N ASP Z 115 -47.33 3.42 6.70
CA ASP Z 115 -47.46 2.66 5.46
C ASP Z 115 -48.90 2.22 5.24
N ALA Z 116 -49.28 2.13 3.96
CA ALA Z 116 -50.64 1.74 3.58
C ALA Z 116 -50.59 0.94 2.29
N ALA Z 117 -51.30 -0.19 2.26
CA ALA Z 117 -51.35 -1.04 1.07
C ALA Z 117 -52.30 -0.44 0.04
N PRO Z 118 -52.00 -0.57 -1.25
CA PRO Z 118 -52.87 0.02 -2.27
C PRO Z 118 -54.16 -0.78 -2.44
N THR Z 119 -55.23 -0.06 -2.80
CA THR Z 119 -56.50 -0.65 -3.16
C THR Z 119 -56.60 -0.68 -4.68
N VAL Z 120 -56.59 -1.89 -5.25
CA VAL Z 120 -56.51 -2.07 -6.70
C VAL Z 120 -57.88 -2.46 -7.24
N SER Z 121 -58.25 -1.86 -8.37
CA SER Z 121 -59.52 -2.15 -9.03
C SER Z 121 -59.31 -2.12 -10.55
N ILE Z 122 -59.87 -3.11 -11.23
CA ILE Z 122 -59.77 -3.20 -12.68
C ILE Z 122 -61.12 -2.93 -13.30
N PHE Z 123 -61.11 -2.34 -14.50
CA PHE Z 123 -62.31 -2.06 -15.27
C PHE Z 123 -62.06 -2.36 -16.74
N PRO Z 124 -62.84 -3.28 -17.32
CA PRO Z 124 -62.68 -3.61 -18.75
C PRO Z 124 -63.24 -2.50 -19.62
N PRO Z 125 -63.01 -2.55 -20.93
CA PRO Z 125 -63.59 -1.53 -21.81
C PRO Z 125 -65.11 -1.56 -21.78
N SER Z 126 -65.71 -0.38 -21.83
CA SER Z 126 -67.15 -0.26 -21.79
C SER Z 126 -67.77 -0.70 -23.12
N SER Z 127 -69.09 -0.90 -23.10
CA SER Z 127 -69.81 -1.27 -24.32
C SER Z 127 -69.79 -0.12 -25.34
N GLU Z 128 -69.76 1.13 -24.87
CA GLU Z 128 -69.77 2.26 -25.79
C GLU Z 128 -68.45 2.37 -26.54
N GLN Z 129 -67.32 2.09 -25.88
CA GLN Z 129 -66.02 2.21 -26.53
C GLN Z 129 -65.82 1.14 -27.59
N LEU Z 130 -66.35 -0.06 -27.38
CA LEU Z 130 -66.20 -1.13 -28.37
C LEU Z 130 -66.96 -0.83 -29.65
N THR Z 131 -67.91 0.09 -29.62
CA THR Z 131 -68.58 0.53 -30.83
C THR Z 131 -67.71 1.46 -31.68
N SER Z 132 -66.70 2.07 -31.07
CA SER Z 132 -65.77 2.95 -31.77
C SER Z 132 -64.56 2.22 -32.35
N GLY Z 133 -64.38 0.94 -32.02
CA GLY Z 133 -63.28 0.17 -32.53
C GLY Z 133 -62.07 0.03 -31.62
N GLY Z 134 -62.15 0.53 -30.38
CA GLY Z 134 -61.04 0.42 -29.45
C GLY Z 134 -61.49 -0.22 -28.15
N ALA Z 135 -60.51 -0.62 -27.35
CA ALA Z 135 -60.78 -1.26 -26.06
C ALA Z 135 -59.70 -0.86 -25.07
N SER Z 136 -60.08 -0.15 -24.02
CA SER Z 136 -59.15 0.31 -22.99
C SER Z 136 -59.53 -0.27 -21.65
N VAL Z 137 -58.57 -0.94 -21.00
CA VAL Z 137 -58.77 -1.50 -19.66
C VAL Z 137 -58.00 -0.63 -18.67
N VAL Z 138 -58.66 -0.27 -17.58
CA VAL Z 138 -58.12 0.70 -16.62
C VAL Z 138 -57.88 0.00 -15.29
N CYS Z 139 -56.82 0.41 -14.60
CA CYS Z 139 -56.46 -0.14 -13.30
C CYS Z 139 -56.16 1.01 -12.34
N PHE Z 140 -56.94 1.09 -11.27
CA PHE Z 140 -56.76 2.11 -10.24
C PHE Z 140 -56.07 1.50 -9.03
N LEU Z 141 -55.05 2.20 -8.53
CA LEU Z 141 -54.28 1.82 -7.34
C LEU Z 141 -54.39 2.99 -6.38
N ASN Z 142 -55.38 2.95 -5.49
CA ASN Z 142 -55.75 4.10 -4.69
C ASN Z 142 -55.28 3.95 -3.26
N ASN Z 143 -54.86 5.08 -2.67
CA ASN Z 143 -54.59 5.20 -1.24
C ASN Z 143 -53.51 4.22 -0.78
N PHE Z 144 -52.29 4.51 -1.22
CA PHE Z 144 -51.11 3.76 -0.81
C PHE Z 144 -50.03 4.71 -0.32
N TYR Z 145 -49.07 4.14 0.41
CA TYR Z 145 -47.93 4.91 0.89
C TYR Z 145 -46.81 3.94 1.21
N PRO Z 146 -45.55 4.25 0.85
CA PRO Z 146 -45.08 5.49 0.22
C PRO Z 146 -45.44 5.65 -1.26
N LYS Z 147 -44.84 6.67 -1.88
CA LYS Z 147 -45.16 7.02 -3.27
C LYS Z 147 -44.66 5.96 -4.25
N ASP Z 148 -43.58 5.25 -3.89
CA ASP Z 148 -42.99 4.30 -4.83
C ASP Z 148 -43.90 3.08 -4.99
N ILE Z 149 -44.21 2.73 -6.24
CA ILE Z 149 -45.06 1.60 -6.55
C ILE Z 149 -44.82 1.23 -8.00
N ASN Z 150 -45.07 -0.03 -8.35
CA ASN Z 150 -44.87 -0.53 -9.70
C ASN Z 150 -46.11 -1.28 -10.15
N VAL Z 151 -46.47 -1.10 -11.42
CA VAL Z 151 -47.62 -1.77 -12.02
C VAL Z 151 -47.12 -2.62 -13.19
N LYS Z 152 -47.75 -3.77 -13.39
CA LYS Z 152 -47.41 -4.67 -14.47
C LYS Z 152 -48.68 -5.25 -15.08
N TRP Z 153 -48.85 -5.04 -16.38
CA TRP Z 153 -49.90 -5.67 -17.17
C TRP Z 153 -49.33 -6.90 -17.85
N LYS Z 154 -50.08 -8.00 -17.82
CA LYS Z 154 -49.68 -9.23 -18.50
C LYS Z 154 -50.87 -9.84 -19.20
N ILE Z 155 -50.69 -10.20 -20.47
CA ILE Z 155 -51.68 -10.92 -21.26
C ILE Z 155 -50.95 -12.04 -21.97
N ASP Z 156 -51.22 -13.30 -21.58
CA ASP Z 156 -52.17 -13.66 -20.53
C ASP Z 156 -51.71 -13.40 -19.08
N GLY Z 157 -50.47 -13.76 -18.69
CA GLY Z 157 -49.47 -14.40 -19.52
C GLY Z 157 -48.19 -13.59 -19.59
N SER Z 158 -47.91 -13.03 -20.77
CA SER Z 158 -46.70 -12.25 -21.00
C SER Z 158 -47.01 -10.76 -20.86
N GLU Z 159 -46.05 -10.01 -20.32
CA GLU Z 159 -46.24 -8.58 -20.12
C GLU Z 159 -46.17 -7.83 -21.45
N ARG Z 160 -47.07 -6.86 -21.61
CA ARG Z 160 -47.16 -6.06 -22.83
C ARG Z 160 -47.07 -4.59 -22.44
N GLN Z 161 -46.06 -3.89 -22.98
CA GLN Z 161 -45.82 -2.49 -22.69
C GLN Z 161 -46.26 -1.56 -23.82
N ASN Z 162 -46.72 -2.11 -24.95
CA ASN Z 162 -47.01 -1.30 -26.12
C ASN Z 162 -48.42 -0.69 -26.04
N GLY Z 163 -48.91 -0.44 -24.83
CA GLY Z 163 -50.20 0.18 -24.66
C GLY Z 163 -50.44 0.80 -23.30
N VAL Z 164 -49.42 0.82 -22.45
CA VAL Z 164 -49.57 1.23 -21.06
C VAL Z 164 -49.32 2.74 -20.95
N LEU Z 165 -50.27 3.44 -20.32
CA LEU Z 165 -50.11 4.85 -19.99
C LEU Z 165 -50.37 5.03 -18.51
N ASN Z 166 -49.40 5.60 -17.80
CA ASN Z 166 -49.47 5.73 -16.35
C ASN Z 166 -49.58 7.19 -15.94
N SER Z 167 -50.30 7.42 -14.84
CA SER Z 167 -50.49 8.76 -14.30
C SER Z 167 -50.59 8.67 -12.78
N TRP Z 168 -49.93 9.60 -12.10
CA TRP Z 168 -49.92 9.66 -10.64
C TRP Z 168 -50.55 10.96 -10.17
N THR Z 169 -51.19 10.91 -9.01
CA THR Z 169 -51.69 12.11 -8.34
C THR Z 169 -50.74 12.50 -7.21
N ASP Z 170 -50.82 13.76 -6.82
CA ASP Z 170 -50.01 14.25 -5.72
C ASP Z 170 -50.64 13.88 -4.38
N GLN Z 171 -50.00 14.33 -3.30
CA GLN Z 171 -50.51 14.06 -1.95
C GLN Z 171 -51.89 14.68 -1.75
N ASP Z 172 -52.87 13.84 -1.45
CA ASP Z 172 -54.20 14.32 -1.14
C ASP Z 172 -54.18 15.15 0.14
N SER Z 173 -54.93 16.25 0.15
CA SER Z 173 -55.00 17.09 1.34
C SER Z 173 -55.58 16.36 2.55
N LYS Z 174 -56.30 15.27 2.32
CA LYS Z 174 -56.83 14.45 3.41
C LYS Z 174 -55.98 13.19 3.54
N ASP Z 175 -55.29 13.07 4.68
CA ASP Z 175 -54.49 11.92 5.10
C ASP Z 175 -53.20 11.74 4.30
N SER Z 176 -52.92 12.62 3.32
CA SER Z 176 -51.62 12.68 2.65
C SER Z 176 -51.26 11.35 1.99
N THR Z 177 -52.24 10.68 1.41
CA THR Z 177 -52.01 9.44 0.69
C THR Z 177 -51.98 9.66 -0.81
N TYR Z 178 -51.26 8.80 -1.51
CA TYR Z 178 -51.13 8.86 -2.96
C TYR Z 178 -52.11 7.92 -3.65
N SER Z 179 -52.27 8.14 -4.96
CA SER Z 179 -53.08 7.28 -5.81
C SER Z 179 -52.46 7.26 -7.20
N MET Z 180 -52.83 6.26 -7.98
CA MET Z 180 -52.23 6.04 -9.29
C MET Z 180 -53.24 5.39 -10.22
N SER Z 181 -53.14 5.73 -11.51
CA SER Z 181 -53.96 5.12 -12.55
C SER Z 181 -53.06 4.61 -13.67
N SER Z 182 -53.37 3.40 -14.16
CA SER Z 182 -52.67 2.82 -15.28
C SER Z 182 -53.69 2.32 -16.27
N THR Z 183 -53.71 2.92 -17.46
CA THR Z 183 -54.66 2.58 -18.51
C THR Z 183 -53.93 1.93 -19.67
N LEU Z 184 -54.30 0.68 -19.97
CA LEU Z 184 -53.74 -0.07 -21.08
C LEU Z 184 -54.76 -0.11 -22.22
N THR Z 185 -54.41 0.48 -23.35
CA THR Z 185 -55.32 0.64 -24.48
C THR Z 185 -54.88 -0.27 -25.63
N LEU Z 186 -55.76 -1.17 -26.04
CA LEU Z 186 -55.53 -2.03 -27.18
C LEU Z 186 -56.66 -1.87 -28.20
N THR Z 187 -56.39 -2.36 -29.41
CA THR Z 187 -57.42 -2.42 -30.44
C THR Z 187 -58.47 -3.47 -30.06
N LYS Z 188 -59.63 -3.35 -30.69
CA LYS Z 188 -60.73 -4.29 -30.41
C LYS Z 188 -60.35 -5.71 -30.83
N ASP Z 189 -59.63 -5.85 -31.94
CA ASP Z 189 -59.21 -7.17 -32.40
C ASP Z 189 -58.29 -7.84 -31.37
N GLU Z 190 -57.28 -7.11 -30.90
CA GLU Z 190 -56.38 -7.66 -29.89
C GLU Z 190 -57.13 -7.94 -28.59
N TYR Z 191 -58.16 -7.16 -28.28
CA TYR Z 191 -58.96 -7.42 -27.08
C TYR Z 191 -59.75 -8.73 -27.23
N GLU Z 192 -60.35 -8.96 -28.39
CA GLU Z 192 -61.08 -10.19 -28.62
C GLU Z 192 -60.17 -11.38 -28.88
N ARG Z 193 -58.87 -11.16 -29.02
CA ARG Z 193 -57.90 -12.22 -29.26
C ARG Z 193 -57.36 -12.83 -27.97
N HIS Z 194 -57.75 -12.28 -26.82
CA HIS Z 194 -57.32 -12.77 -25.52
C HIS Z 194 -58.52 -12.83 -24.61
N ASN Z 195 -58.41 -13.65 -23.55
CA ASN Z 195 -59.52 -13.90 -22.63
C ASN Z 195 -59.30 -13.31 -21.25
N SER Z 196 -58.13 -13.55 -20.66
CA SER Z 196 -57.85 -13.13 -19.29
C SER Z 196 -56.98 -11.87 -19.28
N TYR Z 197 -57.41 -10.88 -18.49
CA TYR Z 197 -56.64 -9.66 -18.31
C TYR Z 197 -56.40 -9.45 -16.81
N THR Z 198 -55.14 -9.26 -16.43
CA THR Z 198 -54.76 -9.14 -15.03
C THR Z 198 -53.86 -7.93 -14.84
N CYS Z 199 -54.21 -7.11 -13.85
CA CYS Z 199 -53.39 -5.98 -13.42
C CYS Z 199 -52.70 -6.34 -12.12
N GLU Z 200 -51.38 -6.20 -12.11
CA GLU Z 200 -50.56 -6.60 -10.97
C GLU Z 200 -49.90 -5.36 -10.38
N ALA Z 201 -49.96 -5.24 -9.05
CA ALA Z 201 -49.40 -4.12 -8.32
C ALA Z 201 -48.36 -4.62 -7.34
N THR Z 202 -47.11 -4.24 -7.55
CA THR Z 202 -46.02 -4.51 -6.62
C THR Z 202 -45.72 -3.24 -5.84
N HIS Z 203 -45.79 -3.32 -4.52
CA HIS Z 203 -45.63 -2.15 -3.66
C HIS Z 203 -44.62 -2.49 -2.56
N LYS Z 204 -44.03 -1.44 -2.00
CA LYS Z 204 -42.98 -1.62 -1.01
C LYS Z 204 -43.49 -2.19 0.31
N THR Z 205 -44.79 -2.22 0.53
CA THR Z 205 -45.32 -2.76 1.78
C THR Z 205 -45.43 -4.28 1.73
N SER Z 206 -45.34 -4.90 2.91
CA SER Z 206 -45.42 -6.34 3.05
C SER Z 206 -46.83 -6.83 2.72
N THR Z 207 -46.94 -8.00 2.07
CA THR Z 207 -45.83 -8.80 1.56
C THR Z 207 -46.23 -9.35 0.19
N SER Z 208 -45.24 -9.56 -0.71
CA SER Z 208 -45.41 -10.20 -2.01
C SER Z 208 -46.27 -9.37 -2.95
N PRO Z 209 -46.29 -9.67 -4.25
CA PRO Z 209 -47.10 -8.87 -5.19
C PRO Z 209 -48.58 -8.98 -4.88
N ILE Z 210 -49.30 -7.87 -5.06
CA ILE Z 210 -50.74 -7.82 -4.94
C ILE Z 210 -51.32 -7.98 -6.33
N VAL Z 211 -52.28 -8.90 -6.49
CA VAL Z 211 -52.78 -9.28 -7.80
C VAL Z 211 -54.26 -8.96 -7.93
N LYS Z 212 -54.66 -8.44 -9.08
CA LYS Z 212 -56.07 -8.35 -9.46
C LYS Z 212 -56.23 -8.86 -10.88
N SER Z 213 -57.34 -9.53 -11.15
CA SER Z 213 -57.52 -10.14 -12.47
C SER Z 213 -59.00 -10.24 -12.80
N PHE Z 214 -59.28 -10.44 -14.08
CA PHE Z 214 -60.64 -10.71 -14.54
C PHE Z 214 -60.60 -11.43 -15.87
N ASN Z 215 -61.67 -12.17 -16.15
CA ASN Z 215 -61.92 -12.90 -17.39
C ASN Z 215 -63.07 -12.23 -18.14
N ARG Z 216 -63.42 -12.80 -19.29
CA ARG Z 216 -64.45 -12.19 -20.12
C ARG Z 216 -65.85 -12.35 -19.53
N ASN Z 217 -65.98 -13.08 -18.43
CA ASN Z 217 -67.23 -13.24 -17.68
C ASN Z 217 -67.01 -14.17 -16.51
N VAL AA 2 -44.31 44.63 -6.13
CA VAL AA 2 -45.33 44.29 -5.15
C VAL AA 2 -46.29 43.32 -5.81
N LYS AA 3 -46.63 43.63 -7.06
CA LYS AA 3 -47.58 42.85 -7.84
C LYS AA 3 -47.09 42.72 -9.27
N LEU AA 4 -47.00 41.47 -9.74
CA LEU AA 4 -46.68 41.14 -11.12
C LEU AA 4 -47.89 40.45 -11.75
N VAL AA 5 -48.44 41.06 -12.78
CA VAL AA 5 -49.66 40.58 -13.44
C VAL AA 5 -49.28 40.12 -14.85
N GLU AA 6 -49.44 38.82 -15.09
CA GLU AA 6 -49.12 38.23 -16.38
C GLU AA 6 -50.23 38.49 -17.41
N SER AA 7 -49.86 38.34 -18.67
CA SER AA 7 -50.75 38.58 -19.80
C SER AA 7 -50.13 37.96 -21.05
N GLY AA 8 -50.96 37.63 -22.03
CA GLY AA 8 -50.42 37.14 -23.27
C GLY AA 8 -50.09 35.66 -23.34
N GLY AA 9 -50.56 35.01 -24.41
CA GLY AA 9 -51.78 35.44 -25.07
C GLY AA 9 -52.79 34.38 -25.41
N GLY AA 10 -52.33 33.19 -25.80
CA GLY AA 10 -53.25 32.11 -26.11
C GLY AA 10 -52.65 30.76 -26.41
N LEU AA 11 -53.29 30.03 -27.32
CA LEU AA 11 -52.82 28.74 -27.82
C LEU AA 11 -52.77 28.84 -29.34
N VAL AA 12 -51.58 28.68 -29.91
CA VAL AA 12 -51.34 29.02 -31.31
C VAL AA 12 -50.63 27.86 -31.99
N LYS AA 13 -50.77 27.82 -33.32
CA LYS AA 13 -50.20 26.75 -34.13
C LYS AA 13 -48.67 26.81 -34.11
N PRO AA 14 -48.01 25.69 -34.42
CA PRO AA 14 -46.54 25.71 -34.49
C PRO AA 14 -46.06 26.47 -35.71
N GLY AA 15 -44.90 27.10 -35.56
CA GLY AA 15 -44.35 27.94 -36.60
C GLY AA 15 -44.97 29.31 -36.70
N GLY AA 16 -45.77 29.71 -35.71
CA GLY AA 16 -46.42 31.01 -35.70
C GLY AA 16 -45.91 31.86 -34.55
N SER AA 17 -46.25 33.15 -34.61
CA SER AA 17 -45.80 34.10 -33.61
C SER AA 17 -46.75 34.13 -32.41
N LEU AA 18 -46.29 34.80 -31.35
CA LEU AA 18 -47.05 34.94 -30.12
C LEU AA 18 -46.34 35.96 -29.22
N LYS AA 19 -47.10 36.88 -28.64
CA LYS AA 19 -46.55 37.95 -27.81
C LYS AA 19 -47.03 37.80 -26.37
N LEU AA 20 -46.09 37.89 -25.42
CA LEU AA 20 -46.41 37.81 -24.01
C LEU AA 20 -46.20 39.17 -23.35
N SER AA 21 -47.16 39.59 -22.52
CA SER AA 21 -47.10 40.86 -21.83
C SER AA 21 -47.07 40.65 -20.32
N CYS AA 22 -46.59 41.67 -19.62
CA CYS AA 22 -46.45 41.62 -18.16
C CYS AA 22 -46.56 43.02 -17.60
N ALA AA 23 -47.58 43.27 -16.78
CA ALA AA 23 -47.80 44.55 -16.14
C ALA AA 23 -47.28 44.49 -14.71
N ALA AA 24 -46.48 45.49 -14.32
CA ALA AA 24 -45.89 45.55 -12.99
C ALA AA 24 -46.54 46.66 -12.18
N SER AA 25 -46.59 46.47 -10.86
CA SER AA 25 -47.19 47.45 -9.97
C SER AA 25 -46.52 47.38 -8.60
N GLY AA 26 -46.38 48.54 -7.97
CA GLY AA 26 -45.91 48.63 -6.60
C GLY AA 26 -44.44 48.92 -6.41
N PHE AA 27 -43.73 49.31 -7.48
CA PHE AA 27 -42.31 49.62 -7.38
C PHE AA 27 -41.90 50.39 -8.64
N PRO AA 28 -40.80 51.14 -8.59
CA PRO AA 28 -40.31 51.81 -9.81
C PRO AA 28 -39.90 50.81 -10.87
N PHE AA 29 -40.77 50.58 -11.84
CA PHE AA 29 -40.53 49.57 -12.87
C PHE AA 29 -39.29 49.87 -13.69
N SER AA 30 -39.06 51.14 -14.01
CA SER AA 30 -37.96 51.52 -14.88
C SER AA 30 -36.59 51.42 -14.22
N ASP AA 31 -36.53 51.05 -12.93
CA ASP AA 31 -35.26 50.97 -12.22
C ASP AA 31 -34.70 49.56 -12.12
N TYR AA 32 -35.48 48.54 -12.45
CA TYR AA 32 -35.06 47.15 -12.30
C TYR AA 32 -34.91 46.47 -13.65
N THR AA 33 -34.03 45.47 -13.69
CA THR AA 33 -33.85 44.62 -14.85
C THR AA 33 -34.80 43.44 -14.76
N MET AA 34 -35.45 43.12 -15.87
CA MET AA 34 -36.49 42.10 -15.86
C MET AA 34 -36.01 40.82 -16.55
N SER AA 35 -36.75 39.74 -16.31
CA SER AA 35 -36.37 38.44 -16.87
C SER AA 35 -37.59 37.55 -16.96
N TRP AA 36 -37.52 36.58 -17.88
CA TRP AA 36 -38.57 35.58 -18.09
C TRP AA 36 -38.05 34.20 -17.70
N ILE AA 37 -38.82 33.48 -16.89
CA ILE AA 37 -38.48 32.12 -16.48
C ILE AA 37 -39.67 31.22 -16.78
N ARG AA 38 -39.46 30.18 -17.59
CA ARG AA 38 -40.54 29.28 -17.98
C ARG AA 38 -40.36 27.93 -17.30
N GLN AA 39 -41.48 27.27 -17.06
CA GLN AA 39 -41.50 25.94 -16.44
C GLN AA 39 -42.15 24.96 -17.41
N THR AA 40 -41.39 23.95 -17.84
CA THR AA 40 -41.87 22.97 -18.79
C THR AA 40 -42.99 22.12 -18.18
N PRO AA 41 -43.76 21.41 -19.01
CA PRO AA 41 -44.75 20.47 -18.46
C PRO AA 41 -44.13 19.43 -17.55
N GLU AA 42 -42.84 19.15 -17.68
CA GLU AA 42 -42.12 18.29 -16.76
C GLU AA 42 -41.84 18.99 -15.43
N LYS AA 43 -42.35 20.21 -15.27
CA LYS AA 43 -42.23 20.99 -14.04
C LYS AA 43 -40.76 21.22 -13.69
N ARG AA 44 -39.98 21.59 -14.70
CA ARG AA 44 -38.59 21.96 -14.52
C ARG AA 44 -38.40 23.39 -15.02
N LEU AA 45 -37.65 24.19 -14.28
CA LEU AA 45 -37.55 25.63 -14.54
C LEU AA 45 -36.38 25.96 -15.45
N GLU AA 46 -36.64 26.83 -16.44
CA GLU AA 46 -35.64 27.25 -17.40
C GLU AA 46 -35.67 28.77 -17.56
N TRP AA 47 -34.49 29.36 -17.75
CA TRP AA 47 -34.35 30.79 -17.99
C TRP AA 47 -34.53 31.09 -19.48
N VAL AA 48 -35.39 32.06 -19.79
CA VAL AA 48 -35.78 32.34 -21.17
C VAL AA 48 -35.05 33.56 -21.72
N ALA AA 49 -35.11 34.68 -21.02
CA ALA AA 49 -34.51 35.92 -21.50
C ALA AA 49 -34.36 36.87 -20.33
N SER AA 50 -33.57 37.92 -20.55
CA SER AA 50 -33.51 39.00 -19.56
C SER AA 50 -33.10 40.30 -20.25
N ILE AA 51 -33.76 41.39 -19.84
CA ILE AA 51 -33.53 42.70 -20.42
C ILE AA 51 -33.19 43.68 -19.30
N SER AA 52 -32.32 44.63 -19.62
CA SER AA 52 -31.87 45.63 -18.66
C SER AA 52 -32.99 46.60 -18.30
N SER AA 53 -32.70 47.48 -17.35
CA SER AA 53 -33.68 48.50 -16.95
C SER AA 53 -34.09 49.36 -18.13
N GLY AA 54 -33.12 49.83 -18.91
CA GLY AA 54 -33.39 50.39 -20.23
C GLY AA 54 -33.32 49.30 -21.28
N GLY AA 55 -34.19 49.43 -22.28
CA GLY AA 55 -34.34 48.38 -23.28
C GLY AA 55 -33.19 48.22 -24.26
N THR AA 56 -31.98 48.61 -23.85
CA THR AA 56 -30.83 48.56 -24.74
C THR AA 56 -30.06 47.25 -24.63
N TYR AA 57 -30.10 46.58 -23.48
CA TYR AA 57 -29.31 45.39 -23.22
C TYR AA 57 -30.23 44.19 -22.97
N THR AA 58 -30.11 43.18 -23.82
CA THR AA 58 -30.85 41.93 -23.69
C THR AA 58 -29.89 40.75 -23.79
N TYR AA 59 -30.24 39.64 -23.15
CA TYR AA 59 -29.47 38.42 -23.36
C TYR AA 59 -30.34 37.19 -23.13
N TYR AA 60 -30.01 36.12 -23.87
CA TYR AA 60 -30.77 34.90 -24.00
C TYR AA 60 -29.84 33.71 -23.85
N PRO AA 61 -30.38 32.50 -23.69
CA PRO AA 61 -29.58 31.30 -23.89
C PRO AA 61 -29.52 30.91 -25.37
N ASP AA 62 -28.52 30.10 -25.71
CA ASP AA 62 -28.32 29.69 -27.09
C ASP AA 62 -29.48 28.83 -27.61
N THR AA 63 -30.26 28.23 -26.71
CA THR AA 63 -31.38 27.37 -27.12
C THR AA 63 -32.54 28.16 -27.69
N VAL AA 64 -32.49 29.49 -27.68
CA VAL AA 64 -33.62 30.31 -28.08
C VAL AA 64 -33.09 31.57 -28.76
N LYS AA 65 -31.82 31.52 -29.17
CA LYS AA 65 -31.11 32.71 -29.63
C LYS AA 65 -31.81 33.40 -30.80
N GLY AA 66 -32.42 32.62 -31.69
CA GLY AA 66 -32.98 33.18 -32.90
C GLY AA 66 -34.48 33.42 -32.90
N ARG AA 67 -35.21 32.78 -31.98
CA ARG AA 67 -36.67 32.81 -32.05
C ARG AA 67 -37.30 33.91 -31.20
N PHE AA 68 -36.80 34.15 -30.00
CA PHE AA 68 -37.45 35.07 -29.07
C PHE AA 68 -36.77 36.43 -29.10
N THR AA 69 -37.55 37.46 -28.72
CA THR AA 69 -37.06 38.83 -28.68
C THR AA 69 -37.74 39.52 -27.51
N ILE AA 70 -37.00 39.74 -26.43
CA ILE AA 70 -37.54 40.39 -25.24
C ILE AA 70 -37.47 41.90 -25.43
N SER AA 71 -38.51 42.59 -24.96
CA SER AA 71 -38.56 44.04 -25.01
C SER AA 71 -39.29 44.54 -23.77
N ARG AA 72 -39.32 45.86 -23.62
CA ARG AA 72 -40.01 46.46 -22.49
C ARG AA 72 -40.40 47.88 -22.82
N ASP AA 73 -41.53 48.32 -22.28
CA ASP AA 73 -41.98 49.70 -22.38
C ASP AA 73 -42.07 50.25 -20.95
N ASN AA 74 -41.10 51.06 -20.57
CA ASN AA 74 -41.09 51.64 -19.23
C ASN AA 74 -42.15 52.71 -19.06
N ALA AA 75 -42.60 53.33 -20.17
CA ALA AA 75 -43.68 54.29 -20.08
C ALA AA 75 -45.00 53.61 -19.78
N LYS AA 76 -45.21 52.41 -20.32
CA LYS AA 76 -46.41 51.62 -20.05
C LYS AA 76 -46.23 50.67 -18.88
N ASN AA 77 -45.03 50.60 -18.30
CA ASN AA 77 -44.72 49.65 -17.23
C ASN AA 77 -45.06 48.23 -17.65
N THR AA 78 -44.56 47.84 -18.82
CA THR AA 78 -44.91 46.56 -19.41
C THR AA 78 -43.66 45.86 -19.93
N LEU AA 79 -43.66 44.53 -19.82
CA LEU AA 79 -42.60 43.69 -20.36
C LEU AA 79 -43.18 42.79 -21.43
N TYR AA 80 -42.42 42.59 -22.52
CA TYR AA 80 -42.90 41.85 -23.67
C TYR AA 80 -41.90 40.76 -24.05
N LEU AA 81 -42.44 39.63 -24.51
CA LEU AA 81 -41.65 38.54 -25.07
C LEU AA 81 -42.24 38.18 -26.43
N GLN AA 82 -41.49 38.47 -27.49
CA GLN AA 82 -41.92 38.25 -28.87
C GLN AA 82 -41.38 36.90 -29.33
N MET AA 83 -42.24 35.89 -29.32
CA MET AA 83 -41.89 34.54 -29.75
C MET AA 83 -42.33 34.31 -31.20
N SER AA 84 -41.50 33.62 -31.97
CA SER AA 84 -41.81 33.35 -33.37
C SER AA 84 -41.24 32.00 -33.77
N SER AA 85 -41.94 31.33 -34.70
CA SER AA 85 -41.57 30.01 -35.21
C SER AA 85 -41.32 29.01 -34.09
N LEU AA 86 -42.25 28.96 -33.15
CA LEU AA 86 -42.12 28.09 -31.99
C LEU AA 86 -42.20 26.62 -32.39
N LYS AA 87 -41.52 25.78 -31.62
CA LYS AA 87 -41.62 24.33 -31.71
C LYS AA 87 -42.37 23.78 -30.50
N SER AA 88 -42.76 22.51 -30.60
CA SER AA 88 -43.49 21.86 -29.52
C SER AA 88 -42.68 21.80 -28.23
N GLU AA 89 -41.35 21.88 -28.31
CA GLU AA 89 -40.53 21.86 -27.10
C GLU AA 89 -40.63 23.17 -26.31
N ASP AA 90 -41.22 24.21 -26.88
CA ASP AA 90 -41.34 25.50 -26.22
C ASP AA 90 -42.62 25.60 -25.39
N THR AA 91 -43.31 24.49 -25.15
CA THR AA 91 -44.49 24.49 -24.31
C THR AA 91 -44.09 24.73 -22.86
N ALA AA 92 -44.69 25.75 -22.22
CA ALA AA 92 -44.25 26.07 -20.87
C ALA AA 92 -45.20 27.05 -20.20
N MET AA 93 -45.10 27.09 -18.87
CA MET AA 93 -45.72 28.12 -18.05
C MET AA 93 -44.72 29.27 -17.88
N PHE AA 94 -45.02 30.41 -18.48
CA PHE AA 94 -44.08 31.53 -18.52
C PHE AA 94 -44.31 32.47 -17.35
N TYR AA 95 -43.23 32.77 -16.62
CA TYR AA 95 -43.25 33.61 -15.43
C TYR AA 95 -42.45 34.88 -15.67
N CYS AA 96 -43.00 36.00 -15.19
CA CYS AA 96 -42.41 37.32 -15.33
C CYS AA 96 -41.77 37.74 -14.01
N THR AA 97 -40.46 37.90 -14.01
CA THR AA 97 -39.70 38.11 -12.78
C THR AA 97 -38.85 39.38 -12.85
N ARG AA 98 -38.57 39.93 -11.67
CA ARG AA 98 -37.76 41.13 -11.52
C ARG AA 98 -36.40 40.76 -10.95
N ALA AA 99 -35.33 41.27 -11.56
CA ALA AA 99 -33.98 41.00 -11.07
C ALA AA 99 -33.47 42.14 -10.21
N SER AA 100 -32.18 42.45 -10.33
CA SER AA 100 -31.54 43.46 -9.51
C SER AA 100 -31.78 44.86 -10.07
N PRO AA 101 -31.73 45.90 -9.20
CA PRO AA 101 -31.90 47.27 -9.68
C PRO AA 101 -30.70 47.76 -10.50
N TYR AA 102 -30.77 49.02 -10.94
CA TYR AA 102 -29.71 49.56 -11.78
C TYR AA 102 -28.41 49.75 -11.01
N TYR AA 103 -28.50 50.12 -9.73
CA TYR AA 103 -27.31 50.46 -8.95
C TYR AA 103 -26.57 49.24 -8.41
N ASP AA 104 -26.98 48.03 -8.81
CA ASP AA 104 -26.29 46.81 -8.43
C ASP AA 104 -25.87 46.04 -9.69
N TYR AA 105 -24.80 45.26 -9.55
CA TYR AA 105 -24.47 44.28 -10.57
C TYR AA 105 -25.66 43.37 -10.80
N ASP AA 106 -25.90 43.01 -12.07
CA ASP AA 106 -27.02 42.13 -12.38
C ASP AA 106 -26.79 40.76 -11.75
N GLU AA 107 -27.22 40.61 -10.50
CA GLU AA 107 -26.91 39.40 -9.75
C GLU AA 107 -27.73 38.21 -10.20
N GLY AA 108 -28.83 38.42 -10.90
CA GLY AA 108 -29.55 37.35 -11.55
C GLY AA 108 -30.50 36.55 -10.68
N TYR AA 109 -30.67 36.91 -9.41
CA TYR AA 109 -31.68 36.29 -8.57
C TYR AA 109 -32.96 37.11 -8.64
N MET AA 110 -34.09 36.42 -8.69
CA MET AA 110 -35.40 37.02 -8.90
C MET AA 110 -36.16 37.05 -7.58
N ASP AA 111 -36.41 38.25 -7.05
CA ASP AA 111 -37.07 38.36 -5.76
C ASP AA 111 -38.55 38.00 -5.87
N TYR AA 112 -39.23 38.55 -6.88
CA TYR AA 112 -40.68 38.44 -7.02
C TYR AA 112 -41.06 37.72 -8.31
N TRP AA 113 -42.01 36.80 -8.21
CA TRP AA 113 -42.56 36.09 -9.36
C TRP AA 113 -44.02 36.47 -9.58
N GLY AA 114 -44.45 36.33 -10.84
CA GLY AA 114 -45.83 36.56 -11.22
C GLY AA 114 -46.67 35.30 -11.06
N GLN AA 115 -47.90 35.37 -11.56
CA GLN AA 115 -48.77 34.21 -11.48
C GLN AA 115 -48.48 33.17 -12.56
N GLY AA 116 -48.04 33.60 -13.73
CA GLY AA 116 -47.69 32.69 -14.80
C GLY AA 116 -48.76 32.63 -15.88
N THR AA 117 -48.31 32.45 -17.13
CA THR AA 117 -49.20 32.23 -18.26
C THR AA 117 -48.69 31.03 -19.07
N SER AA 118 -49.49 29.98 -19.11
CA SER AA 118 -49.10 28.76 -19.81
C SER AA 118 -49.41 28.87 -21.30
N VAL AA 119 -48.41 28.62 -22.14
CA VAL AA 119 -48.57 28.54 -23.57
C VAL AA 119 -48.22 27.13 -24.03
N THR AA 120 -49.07 26.56 -24.88
CA THR AA 120 -48.87 25.25 -25.47
C THR AA 120 -48.97 25.33 -26.98
N VAL AA 121 -48.10 24.61 -27.68
CA VAL AA 121 -48.00 24.65 -29.13
C VAL AA 121 -47.98 23.21 -29.65
N SER AA 122 -48.97 22.86 -30.48
CA SER AA 122 -49.04 21.51 -31.04
C SER AA 122 -49.86 21.55 -32.32
N SER AA 123 -49.55 20.62 -33.23
CA SER AA 123 -50.23 20.52 -34.51
C SER AA 123 -51.59 19.85 -34.41
N ALA AA 124 -51.94 19.26 -33.27
CA ALA AA 124 -53.20 18.57 -33.12
C ALA AA 124 -54.37 19.55 -33.21
N LYS AA 125 -55.50 19.06 -33.70
CA LYS AA 125 -56.69 19.88 -33.83
C LYS AA 125 -57.58 19.72 -32.60
N THR AA 126 -58.48 20.69 -32.41
CA THR AA 126 -59.41 20.66 -31.29
C THR AA 126 -60.42 19.53 -31.48
N THR AA 127 -60.50 18.64 -30.50
CA THR AA 127 -61.40 17.49 -30.57
C THR AA 127 -62.11 17.32 -29.23
N ALA AA 128 -63.41 17.04 -29.31
CA ALA AA 128 -64.21 16.82 -28.10
C ALA AA 128 -63.93 15.44 -27.52
N PRO AA 129 -63.99 15.31 -26.19
CA PRO AA 129 -63.64 14.04 -25.56
C PRO AA 129 -64.73 12.99 -25.70
N SER AA 130 -64.30 11.73 -25.69
CA SER AA 130 -65.20 10.58 -25.61
C SER AA 130 -65.16 10.06 -24.18
N VAL AA 131 -66.32 10.07 -23.52
CA VAL AA 131 -66.45 9.70 -22.11
C VAL AA 131 -67.03 8.30 -22.02
N TYR AA 132 -66.40 7.44 -21.22
CA TYR AA 132 -66.81 6.06 -21.08
C TYR AA 132 -66.97 5.72 -19.59
N PRO AA 133 -68.06 5.05 -19.21
CA PRO AA 133 -68.22 4.63 -17.82
C PRO AA 133 -67.49 3.32 -17.55
N LEU AA 134 -67.09 3.16 -16.29
CA LEU AA 134 -66.30 2.00 -15.84
C LEU AA 134 -67.06 1.32 -14.70
N ALA AA 135 -67.67 0.17 -15.01
CA ALA AA 135 -68.41 -0.59 -14.01
C ALA AA 135 -67.79 -1.97 -13.78
N PRO AA 136 -67.85 -2.47 -12.55
CA PRO AA 136 -67.34 -3.83 -12.25
C PRO AA 136 -68.26 -4.91 -12.81
N VAL AA 137 -67.66 -5.84 -13.55
CA VAL AA 137 -68.40 -6.96 -14.14
C VAL AA 137 -68.99 -7.84 -13.03
N CYS AA 138 -68.14 -8.58 -12.34
CA CYS AA 138 -68.55 -9.43 -11.23
C CYS AA 138 -68.10 -8.81 -9.92
N GLY AA 139 -68.47 -9.46 -8.81
CA GLY AA 139 -68.15 -8.93 -7.51
C GLY AA 139 -67.75 -9.94 -6.46
N GLY AA 140 -66.47 -9.94 -6.10
CA GLY AA 140 -65.97 -10.68 -4.96
C GLY AA 140 -65.56 -9.71 -3.86
N THR AA 141 -66.01 -10.02 -2.63
CA THR AA 141 -65.95 -9.07 -1.52
C THR AA 141 -66.60 -7.74 -1.94
N THR AA 142 -67.86 -7.86 -2.35
CA THR AA 142 -68.57 -6.74 -2.96
C THR AA 142 -68.81 -5.59 -2.00
N GLY AA 143 -68.66 -5.80 -0.69
CA GLY AA 143 -68.98 -4.79 0.31
C GLY AA 143 -67.75 -4.15 0.91
N SER AA 144 -67.89 -2.89 1.29
CA SER AA 144 -66.86 -2.11 1.99
C SER AA 144 -65.51 -2.18 1.28
N SER AA 145 -65.40 -1.48 0.16
CA SER AA 145 -66.49 -0.72 -0.46
C SER AA 145 -66.46 -0.93 -1.97
N VAL AA 146 -67.38 -0.29 -2.69
CA VAL AA 146 -67.43 -0.41 -4.15
C VAL AA 146 -66.81 0.84 -4.75
N THR AA 147 -66.11 0.66 -5.87
CA THR AA 147 -65.41 1.75 -6.56
C THR AA 147 -65.82 1.75 -8.02
N LEU AA 148 -66.32 2.88 -8.49
CA LEU AA 148 -66.73 3.06 -9.88
C LEU AA 148 -65.60 3.74 -10.66
N GLY AA 149 -65.90 4.19 -11.87
CA GLY AA 149 -64.90 4.86 -12.67
C GLY AA 149 -65.49 5.57 -13.87
N CYS AA 150 -64.81 6.63 -14.31
CA CYS AA 150 -65.22 7.40 -15.47
C CYS AA 150 -63.98 7.84 -16.22
N LEU AA 151 -64.03 7.73 -17.54
CA LEU AA 151 -62.88 7.94 -18.41
C LEU AA 151 -63.19 9.04 -19.42
N VAL AA 152 -62.25 9.97 -19.56
CA VAL AA 152 -62.34 11.07 -20.52
C VAL AA 152 -61.19 10.88 -21.48
N LYS AA 153 -61.47 10.37 -22.67
CA LYS AA 153 -60.44 9.93 -23.59
C LYS AA 153 -60.42 10.78 -24.85
N GLY AA 154 -59.23 11.19 -25.28
CA GLY AA 154 -59.05 11.81 -26.58
C GLY AA 154 -59.65 13.19 -26.75
N TYR AA 155 -59.20 14.14 -25.95
CA TYR AA 155 -59.63 15.53 -26.09
C TYR AA 155 -58.43 16.45 -26.29
N PHE AA 156 -58.72 17.64 -26.83
CA PHE AA 156 -57.71 18.66 -27.07
C PHE AA 156 -58.40 19.99 -27.36
N PRO AA 157 -57.95 21.09 -26.75
CA PRO AA 157 -56.90 21.09 -25.74
C PRO AA 157 -57.46 21.05 -24.31
N GLU AA 158 -56.58 21.07 -23.33
CA GLU AA 158 -57.00 21.12 -21.94
C GLU AA 158 -57.64 22.47 -21.64
N PRO AA 159 -58.43 22.57 -20.55
CA PRO AA 159 -58.84 21.53 -19.60
C PRO AA 159 -60.28 21.06 -19.80
N VAL AA 160 -60.71 20.12 -18.94
CA VAL AA 160 -62.09 19.65 -18.90
C VAL AA 160 -62.58 19.76 -17.46
N THR AA 161 -63.91 19.71 -17.30
CA THR AA 161 -64.52 19.81 -15.98
C THR AA 161 -64.67 18.42 -15.37
N LEU AA 162 -64.30 18.30 -14.08
CA LEU AA 162 -64.28 17.03 -13.38
C LEU AA 162 -65.16 17.12 -12.13
N THR AA 163 -66.46 16.83 -12.30
CA THR AA 163 -67.41 16.84 -11.20
C THR AA 163 -68.24 15.56 -11.25
N TRP AA 164 -68.68 15.13 -10.06
CA TRP AA 164 -69.51 13.93 -9.91
C TRP AA 164 -70.88 14.30 -9.35
N ASN AA 165 -71.94 13.89 -10.05
CA ASN AA 165 -73.32 14.11 -9.63
C ASN AA 165 -73.62 15.60 -9.41
N SER AA 166 -73.25 16.41 -10.40
CA SER AA 166 -73.56 17.84 -10.41
C SER AA 166 -72.97 18.54 -9.19
N GLY AA 167 -71.77 18.11 -8.79
CA GLY AA 167 -71.07 18.69 -7.66
C GLY AA 167 -71.34 18.01 -6.34
N SER AA 168 -72.27 17.06 -6.29
CA SER AA 168 -72.54 16.31 -5.07
C SER AA 168 -71.43 15.28 -4.83
N LEU AA 169 -71.59 14.49 -3.77
CA LEU AA 169 -70.67 13.41 -3.45
C LEU AA 169 -69.28 13.97 -3.17
N SER AA 170 -68.40 13.92 -4.18
CA SER AA 170 -67.06 14.50 -4.10
C SER AA 170 -66.17 13.81 -3.07
N SER AA 171 -66.74 12.95 -2.24
CA SER AA 171 -65.99 12.22 -1.23
C SER AA 171 -65.47 10.91 -1.80
N GLY AA 172 -64.21 10.61 -1.49
CA GLY AA 172 -63.59 9.41 -2.03
C GLY AA 172 -63.30 9.48 -3.51
N VAL AA 173 -63.22 10.68 -4.08
CA VAL AA 173 -62.99 10.86 -5.51
C VAL AA 173 -61.51 11.16 -5.74
N HIS AA 174 -60.93 10.45 -6.70
CA HIS AA 174 -59.55 10.69 -7.14
C HIS AA 174 -59.60 10.96 -8.64
N THR AA 175 -59.37 12.21 -9.03
CA THR AA 175 -59.30 12.59 -10.43
C THR AA 175 -57.84 12.79 -10.81
N PHE AA 176 -57.38 12.01 -11.76
CA PHE AA 176 -55.97 11.90 -12.10
C PHE AA 176 -55.60 12.84 -13.25
N PRO AA 177 -54.38 13.37 -13.22
CA PRO AA 177 -53.94 14.28 -14.28
C PRO AA 177 -53.91 13.62 -15.64
N ALA AA 178 -54.22 14.40 -16.66
CA ALA AA 178 -54.22 13.89 -18.04
C ALA AA 178 -52.80 13.61 -18.51
N LEU AA 179 -52.69 12.60 -19.37
CA LEU AA 179 -51.43 12.24 -20.00
C LEU AA 179 -51.55 12.41 -21.51
N LEU AA 180 -50.49 12.88 -22.14
CA LEU AA 180 -50.49 13.22 -23.56
C LEU AA 180 -49.74 12.16 -24.34
N GLN AA 181 -50.34 11.70 -25.44
CA GLN AA 181 -49.68 10.81 -26.37
C GLN AA 181 -50.28 11.02 -27.76
N SER AA 182 -49.42 11.06 -28.77
CA SER AA 182 -49.82 11.26 -30.16
C SER AA 182 -50.70 12.50 -30.31
N GLY AA 183 -50.36 13.55 -29.57
CA GLY AA 183 -51.11 14.79 -29.63
C GLY AA 183 -52.51 14.74 -29.07
N LEU AA 184 -52.81 13.76 -28.21
CA LEU AA 184 -54.12 13.66 -27.59
C LEU AA 184 -53.97 13.43 -26.09
N TYR AA 185 -54.96 13.92 -25.34
CA TYR AA 185 -54.96 13.81 -23.89
C TYR AA 185 -55.84 12.65 -23.43
N THR AA 186 -55.52 12.11 -22.27
CA THR AA 186 -56.31 11.05 -21.64
C THR AA 186 -56.38 11.32 -20.15
N LEU AA 187 -57.59 11.31 -19.60
CA LEU AA 187 -57.81 11.59 -18.19
C LEU AA 187 -58.77 10.54 -17.61
N SER AA 188 -58.58 10.23 -16.33
CA SER AA 188 -59.39 9.24 -15.64
C SER AA 188 -59.77 9.75 -14.26
N SER AA 189 -60.91 9.28 -13.78
CA SER AA 189 -61.39 9.63 -12.45
C SER AA 189 -62.09 8.44 -11.82
N SER AA 190 -61.80 8.20 -10.54
CA SER AA 190 -62.40 7.10 -9.80
C SER AA 190 -63.13 7.64 -8.58
N VAL AA 191 -64.19 6.94 -8.18
CA VAL AA 191 -64.98 7.31 -7.02
C VAL AA 191 -65.29 6.05 -6.21
N THR AA 192 -65.24 6.18 -4.89
CA THR AA 192 -65.47 5.07 -3.97
C THR AA 192 -66.69 5.39 -3.11
N VAL AA 193 -67.66 4.47 -3.11
CA VAL AA 193 -68.88 4.61 -2.32
C VAL AA 193 -69.20 3.26 -1.69
N THR AA 194 -70.11 3.29 -0.72
CA THR AA 194 -70.55 2.07 -0.06
C THR AA 194 -71.27 1.15 -1.05
N SER AA 195 -71.17 -0.15 -0.81
CA SER AA 195 -71.79 -1.11 -1.73
C SER AA 195 -73.30 -0.99 -1.76
N ASN AA 196 -73.90 -0.50 -0.68
CA ASN AA 196 -75.35 -0.34 -0.60
C ASN AA 196 -75.83 1.01 -1.14
N THR AA 197 -74.93 1.79 -1.73
CA THR AA 197 -75.30 3.05 -2.37
C THR AA 197 -75.39 2.95 -3.88
N TRP AA 198 -74.47 2.22 -4.51
CA TRP AA 198 -74.45 2.00 -5.94
C TRP AA 198 -74.55 0.51 -6.25
N PRO AA 199 -75.33 0.10 -7.26
CA PRO AA 199 -76.12 0.96 -8.15
C PRO AA 199 -77.52 1.28 -7.60
N SER AA 200 -77.67 1.19 -6.27
CA SER AA 200 -78.96 1.54 -5.66
C SER AA 200 -79.33 2.99 -5.94
N GLN AA 201 -78.34 3.88 -5.92
CA GLN AA 201 -78.54 5.28 -6.24
C GLN AA 201 -77.78 5.62 -7.53
N THR AA 202 -78.32 6.55 -8.30
CA THR AA 202 -77.72 6.89 -9.58
C THR AA 202 -76.45 7.71 -9.35
N ILE AA 203 -75.38 7.33 -10.04
CA ILE AA 203 -74.11 8.04 -10.00
C ILE AA 203 -73.69 8.31 -11.44
N THR AA 204 -73.54 9.59 -11.79
CA THR AA 204 -73.17 9.99 -13.15
C THR AA 204 -72.00 10.96 -13.10
N CYS AA 205 -71.05 10.77 -14.01
CA CYS AA 205 -69.94 11.70 -14.17
C CYS AA 205 -70.28 12.68 -15.29
N ASN AA 206 -70.07 13.97 -15.02
CA ASN AA 206 -70.35 15.04 -15.97
C ASN AA 206 -69.04 15.67 -16.43
N VAL AA 207 -68.85 15.73 -17.74
CA VAL AA 207 -67.63 16.24 -18.35
C VAL AA 207 -68.00 17.38 -19.29
N ALA AA 208 -67.41 18.55 -19.07
CA ALA AA 208 -67.61 19.73 -19.89
C ALA AA 208 -66.32 20.10 -20.57
N HIS AA 209 -66.39 20.38 -21.87
CA HIS AA 209 -65.23 20.81 -22.66
C HIS AA 209 -65.55 22.16 -23.29
N PRO AA 210 -65.09 23.27 -22.70
CA PRO AA 210 -65.44 24.58 -23.25
C PRO AA 210 -64.75 24.90 -24.56
N ALA AA 211 -63.56 24.33 -24.81
CA ALA AA 211 -62.83 24.64 -26.04
C ALA AA 211 -63.64 24.27 -27.27
N SER AA 212 -64.35 23.14 -27.22
CA SER AA 212 -65.25 22.73 -28.28
C SER AA 212 -66.72 23.05 -27.96
N SER AA 213 -66.98 23.73 -26.84
CA SER AA 213 -68.33 24.12 -26.45
C SER AA 213 -69.26 22.93 -26.34
N THR AA 214 -68.79 21.85 -25.72
CA THR AA 214 -69.59 20.64 -25.55
C THR AA 214 -69.75 20.32 -24.07
N LYS AA 215 -70.81 19.58 -23.77
CA LYS AA 215 -71.14 19.20 -22.39
C LYS AA 215 -71.86 17.86 -22.42
N VAL AA 216 -71.25 16.84 -21.83
CA VAL AA 216 -71.78 15.48 -21.86
C VAL AA 216 -71.86 14.96 -20.43
N ASP AA 217 -72.97 14.32 -20.10
CA ASP AA 217 -73.17 13.68 -18.80
C ASP AA 217 -73.41 12.19 -19.03
N LYS AA 218 -72.60 11.35 -18.39
CA LYS AA 218 -72.62 9.92 -18.60
C LYS AA 218 -72.90 9.21 -17.28
N LYS AA 219 -73.93 8.36 -17.28
CA LYS AA 219 -74.29 7.56 -16.12
C LYS AA 219 -73.67 6.17 -16.23
N ILE AA 220 -73.16 5.67 -15.11
CA ILE AA 220 -72.49 4.36 -15.09
C ILE AA 220 -73.52 3.25 -14.90
N ASP BA 1 14.10 26.26 -38.94
CA ASP BA 1 14.34 26.28 -37.51
C ASP BA 1 13.36 25.38 -36.77
N VAL BA 2 12.24 25.96 -36.32
CA VAL BA 2 11.22 25.18 -35.63
C VAL BA 2 10.58 24.21 -36.61
N VAL BA 3 10.28 23.00 -36.12
CA VAL BA 3 9.69 21.95 -36.95
C VAL BA 3 8.27 21.69 -36.48
N MET BA 4 7.37 21.43 -37.44
CA MET BA 4 5.98 21.12 -37.17
C MET BA 4 5.72 19.68 -37.59
N THR BA 5 5.21 18.87 -36.67
CA THR BA 5 4.93 17.46 -36.94
C THR BA 5 3.44 17.21 -36.78
N GLN BA 6 2.80 16.79 -37.86
CA GLN BA 6 1.38 16.47 -37.87
C GLN BA 6 1.18 14.96 -37.78
N THR BA 7 0.16 14.54 -37.04
CA THR BA 7 -0.17 13.13 -36.88
C THR BA 7 -1.67 12.95 -37.13
N PRO BA 8 -2.07 12.13 -38.12
CA PRO BA 8 -1.14 11.46 -39.04
C PRO BA 8 -1.00 12.20 -40.36
N LEU BA 9 -0.26 11.60 -41.30
CA LEU BA 9 -0.13 12.18 -42.63
C LEU BA 9 -1.30 11.82 -43.53
N SER BA 10 -1.88 10.63 -43.33
CA SER BA 10 -3.08 10.20 -44.06
C SER BA 10 -4.11 9.76 -43.05
N LEU BA 11 -5.30 10.37 -43.09
CA LEU BA 11 -6.38 10.08 -42.16
C LEU BA 11 -7.62 9.68 -42.95
N PRO BA 12 -7.78 8.40 -43.28
CA PRO BA 12 -8.98 7.97 -44.00
C PRO BA 12 -10.20 7.95 -43.08
N VAL BA 13 -11.26 8.64 -43.50
CA VAL BA 13 -12.50 8.71 -42.76
C VAL BA 13 -13.68 8.69 -43.73
N SER BA 14 -14.84 8.29 -43.21
CA SER BA 14 -16.08 8.30 -43.97
C SER BA 14 -16.85 9.58 -43.67
N LEU BA 15 -17.81 9.88 -44.55
CA LEU BA 15 -18.62 11.07 -44.39
C LEU BA 15 -19.49 10.95 -43.15
N GLY BA 16 -19.63 12.05 -42.42
CA GLY BA 16 -20.40 12.07 -41.19
C GLY BA 16 -19.61 11.73 -39.95
N ASP BA 17 -18.37 11.30 -40.08
CA ASP BA 17 -17.55 10.93 -38.93
C ASP BA 17 -16.85 12.17 -38.35
N GLN BA 18 -16.17 11.96 -37.23
CA GLN BA 18 -15.38 13.00 -36.60
C GLN BA 18 -13.92 12.88 -37.01
N ALA BA 19 -13.27 14.02 -37.20
CA ALA BA 19 -11.87 14.07 -37.60
C ALA BA 19 -11.04 14.77 -36.54
N SER BA 20 -9.83 14.27 -36.32
CA SER BA 20 -8.92 14.85 -35.33
C SER BA 20 -7.50 14.77 -35.90
N ILE BA 21 -6.86 15.92 -36.05
CA ILE BA 21 -5.49 16.01 -36.54
C ILE BA 21 -4.64 16.61 -35.44
N SER BA 22 -3.48 15.99 -35.18
CA SER BA 22 -2.57 16.47 -34.15
C SER BA 22 -1.41 17.23 -34.79
N CYS BA 23 -0.92 18.23 -34.06
CA CYS BA 23 0.22 19.03 -34.50
C CYS BA 23 1.06 19.40 -33.29
N ARG BA 24 2.32 19.01 -33.32
CA ARG BA 24 3.27 19.32 -32.26
C ARG BA 24 4.46 20.08 -32.82
N SER BA 25 4.99 20.98 -32.01
CA SER BA 25 6.13 21.82 -32.39
C SER BA 25 7.31 21.55 -31.46
N SER BA 26 8.50 21.94 -31.92
CA SER BA 26 9.71 21.75 -31.12
C SER BA 26 9.88 22.80 -30.04
N GLN BA 27 9.25 23.96 -30.16
CA GLN BA 27 9.38 25.04 -29.19
C GLN BA 27 8.03 25.35 -28.56
N SER BA 28 8.06 26.22 -27.55
CA SER BA 28 6.87 26.49 -26.74
C SER BA 28 5.76 27.17 -27.54
N LEU BA 29 6.10 27.85 -28.64
CA LEU BA 29 5.15 28.50 -29.52
C LEU BA 29 4.39 29.65 -28.86
N VAL BA 30 4.55 29.83 -27.56
CA VAL BA 30 3.93 30.95 -26.86
C VAL BA 30 4.86 32.15 -26.97
N HIS BA 31 4.36 33.22 -27.57
CA HIS BA 31 5.18 34.39 -27.86
C HIS BA 31 5.44 35.17 -26.58
N SER BA 32 6.50 36.00 -26.62
CA SER BA 32 6.71 37.00 -25.58
C SER BA 32 5.64 38.08 -25.73
N ASN BA 33 4.37 37.66 -25.63
CA ASN BA 33 3.22 38.44 -26.05
C ASN BA 33 1.99 37.62 -25.71
N GLY BA 34 0.84 38.30 -25.66
CA GLY BA 34 -0.42 37.72 -25.24
C GLY BA 34 -0.76 36.35 -25.78
N ASN BA 35 -0.70 36.18 -27.10
CA ASN BA 35 -1.30 35.02 -27.74
C ASN BA 35 -0.24 34.10 -28.34
N THR BA 36 -0.71 32.95 -28.83
CA THR BA 36 0.10 31.97 -29.54
C THR BA 36 -0.33 31.99 -31.00
N TYR BA 37 0.63 32.03 -31.92
CA TYR BA 37 0.36 32.30 -33.31
C TYR BA 37 0.51 31.02 -34.13
N LEU BA 38 -0.45 30.12 -33.94
CA LEU BA 38 -0.55 28.87 -34.68
C LEU BA 38 -1.82 28.88 -35.54
N HIS BA 39 -1.70 28.43 -36.78
CA HIS BA 39 -2.79 28.50 -37.73
C HIS BA 39 -2.99 27.15 -38.43
N TRP BA 40 -4.15 27.00 -39.04
CA TRP BA 40 -4.52 25.81 -39.82
C TRP BA 40 -5.00 26.27 -41.18
N TYR BA 41 -4.41 25.72 -42.24
CA TYR BA 41 -4.77 26.01 -43.61
C TYR BA 41 -5.31 24.76 -44.30
N LEU BA 42 -6.11 24.98 -45.35
CA LEU BA 42 -6.68 23.90 -46.15
C LEU BA 42 -6.40 24.15 -47.64
N GLN BA 43 -5.84 23.14 -48.30
CA GLN BA 43 -5.57 23.17 -49.74
C GLN BA 43 -6.25 21.99 -50.39
N LYS BA 44 -6.96 22.22 -51.49
CA LYS BA 44 -7.69 21.16 -52.15
C LYS BA 44 -7.43 21.23 -53.64
N SER BA 45 -7.33 20.04 -54.27
CA SER BA 45 -6.98 19.90 -55.68
C SER BA 45 -5.67 20.62 -55.98
N GLY BA 46 -5.61 21.34 -57.09
CA GLY BA 46 -4.42 22.09 -57.46
C GLY BA 46 -4.52 23.56 -57.10
N GLN BA 47 -5.46 23.91 -56.22
CA GLN BA 47 -5.68 25.31 -55.87
C GLN BA 47 -4.76 25.72 -54.73
N SER BA 48 -4.59 27.04 -54.59
CA SER BA 48 -3.79 27.57 -53.52
C SER BA 48 -4.39 27.22 -52.16
N PRO BA 49 -3.57 27.15 -51.12
CA PRO BA 49 -4.09 26.94 -49.77
C PRO BA 49 -5.00 28.09 -49.38
N LYS BA 50 -5.87 27.82 -48.40
CA LYS BA 50 -6.83 28.81 -47.93
C LYS BA 50 -6.86 28.78 -46.41
N LEU BA 51 -6.99 29.95 -45.80
CA LEU BA 51 -6.96 30.04 -44.35
C LEU BA 51 -8.21 29.40 -43.75
N LEU BA 52 -8.00 28.53 -42.77
CA LEU BA 52 -9.08 27.88 -42.05
C LEU BA 52 -9.22 28.40 -40.63
N ILE BA 53 -8.15 28.40 -39.85
CA ILE BA 53 -8.17 28.89 -38.48
C ILE BA 53 -6.90 29.70 -38.23
N TYR BA 54 -7.04 30.84 -37.57
CA TYR BA 54 -5.91 31.65 -37.16
C TYR BA 54 -5.90 31.75 -35.63
N LYS BA 55 -4.71 31.76 -35.06
CA LYS BA 55 -4.52 31.80 -33.61
C LYS BA 55 -5.30 30.68 -32.91
N VAL BA 56 -4.91 29.44 -33.26
CA VAL BA 56 -5.30 28.19 -32.60
C VAL BA 56 -6.80 27.91 -32.67
N SER BA 57 -7.65 28.91 -32.43
CA SER BA 57 -9.06 28.59 -32.24
C SER BA 57 -10.03 29.63 -32.81
N ASN BA 58 -9.59 30.49 -33.71
CA ASN BA 58 -10.46 31.50 -34.31
C ASN BA 58 -10.81 31.08 -35.73
N ARG BA 59 -12.10 30.84 -35.98
CA ARG BA 59 -12.55 30.49 -37.31
C ARG BA 59 -12.48 31.68 -38.26
N PHE BA 60 -12.03 31.42 -39.48
CA PHE BA 60 -11.99 32.45 -40.51
C PHE BA 60 -13.40 32.73 -41.03
N SER BA 61 -13.55 33.86 -41.72
CA SER BA 61 -14.83 34.25 -42.27
C SER BA 61 -15.30 33.24 -43.31
N GLY BA 62 -16.50 32.70 -43.11
CA GLY BA 62 -17.06 31.72 -44.02
C GLY BA 62 -16.66 30.29 -43.75
N VAL BA 63 -16.17 30.00 -42.56
CA VAL BA 63 -15.77 28.64 -42.18
C VAL BA 63 -16.91 28.00 -41.39
N PRO BA 64 -17.37 26.81 -41.77
CA PRO BA 64 -18.49 26.18 -41.07
C PRO BA 64 -18.18 25.92 -39.61
N ASP BA 65 -19.25 25.74 -38.84
CA ASP BA 65 -19.13 25.49 -37.40
C ASP BA 65 -18.46 24.16 -37.09
N ARG BA 66 -18.38 23.25 -38.07
CA ARG BA 66 -17.82 21.93 -37.83
C ARG BA 66 -16.35 22.01 -37.43
N PHE BA 67 -15.60 22.93 -38.05
CA PHE BA 67 -14.17 23.03 -37.74
C PHE BA 67 -13.98 23.68 -36.37
N SER BA 68 -13.12 23.06 -35.56
CA SER BA 68 -12.86 23.55 -34.20
C SER BA 68 -11.41 23.25 -33.84
N GLY BA 69 -10.63 24.30 -33.64
CA GLY BA 69 -9.24 24.16 -33.23
C GLY BA 69 -9.09 24.30 -31.73
N SER BA 70 -8.11 23.57 -31.19
CA SER BA 70 -7.86 23.59 -29.75
C SER BA 70 -6.40 23.22 -29.52
N GLY BA 71 -5.97 23.37 -28.27
CA GLY BA 71 -4.62 23.03 -27.87
C GLY BA 71 -3.88 24.22 -27.30
N SER BA 72 -2.67 23.95 -26.84
CA SER BA 72 -1.80 24.97 -26.27
C SER BA 72 -0.38 24.43 -26.17
N GLY BA 73 0.54 25.32 -25.81
CA GLY BA 73 1.93 24.98 -25.66
C GLY BA 73 2.55 24.35 -26.90
N THR BA 74 2.83 23.05 -26.82
CA THR BA 74 3.41 22.32 -27.93
C THR BA 74 2.44 21.30 -28.53
N ASP BA 75 1.25 21.15 -27.96
CA ASP BA 75 0.29 20.15 -28.42
C ASP BA 75 -0.98 20.84 -28.89
N PHE BA 76 -1.31 20.67 -30.17
CA PHE BA 76 -2.51 21.28 -30.75
C PHE BA 76 -3.27 20.23 -31.54
N THR BA 77 -4.58 20.43 -31.63
CA THR BA 77 -5.47 19.51 -32.35
C THR BA 77 -6.52 20.29 -33.12
N LEU BA 78 -6.95 19.71 -34.24
CA LEU BA 78 -8.03 20.25 -35.06
C LEU BA 78 -9.08 19.18 -35.24
N LYS BA 79 -10.33 19.51 -34.90
CA LYS BA 79 -11.44 18.56 -34.96
C LYS BA 79 -12.48 19.04 -35.95
N ILE BA 80 -12.94 18.12 -36.80
CA ILE BA 80 -14.05 18.36 -37.72
C ILE BA 80 -15.23 17.51 -37.24
N SER BA 81 -16.37 18.16 -36.99
CA SER BA 81 -17.52 17.45 -36.45
C SER BA 81 -18.03 16.40 -37.42
N ARG BA 82 -18.44 16.83 -38.61
CA ARG BA 82 -18.95 15.92 -39.65
C ARG BA 82 -18.17 16.18 -40.93
N VAL BA 83 -17.25 15.28 -41.26
CA VAL BA 83 -16.47 15.41 -42.47
C VAL BA 83 -17.41 15.27 -43.67
N GLU BA 84 -17.40 16.27 -44.54
CA GLU BA 84 -18.27 16.30 -45.71
C GLU BA 84 -17.44 16.26 -46.99
N ALA BA 85 -18.12 16.33 -48.12
CA ALA BA 85 -17.47 16.20 -49.42
C ALA BA 85 -16.43 17.29 -49.65
N GLU BA 86 -16.83 18.56 -49.45
CA GLU BA 86 -15.94 19.66 -49.77
C GLU BA 86 -14.98 19.96 -48.62
N ASP BA 87 -14.60 18.93 -47.87
CA ASP BA 87 -13.58 19.05 -46.83
C ASP BA 87 -12.33 18.25 -47.13
N LEU BA 88 -12.25 17.62 -48.30
CA LEU BA 88 -11.16 16.71 -48.63
C LEU BA 88 -9.99 17.47 -49.23
N GLY BA 89 -8.82 17.34 -48.62
CA GLY BA 89 -7.64 18.01 -49.10
C GLY BA 89 -6.51 17.85 -48.10
N VAL BA 90 -5.42 18.56 -48.38
CA VAL BA 90 -4.27 18.58 -47.49
C VAL BA 90 -4.46 19.70 -46.48
N TYR BA 91 -4.33 19.35 -45.20
CA TYR BA 91 -4.45 20.29 -44.10
C TYR BA 91 -3.06 20.63 -43.59
N PHE BA 92 -2.71 21.91 -43.59
CA PHE BA 92 -1.41 22.35 -43.12
C PHE BA 92 -1.54 23.00 -41.75
N CYS BA 93 -0.48 22.86 -40.95
CA CYS BA 93 -0.41 23.40 -39.60
C CYS BA 93 0.80 24.32 -39.53
N SER BA 94 0.55 25.61 -39.29
CA SER BA 94 1.59 26.62 -39.40
C SER BA 94 1.87 27.27 -38.05
N GLN BA 95 3.11 27.71 -37.89
CA GLN BA 95 3.51 28.51 -36.74
C GLN BA 95 4.23 29.75 -37.24
N SER BA 96 3.86 30.91 -36.67
CA SER BA 96 4.47 32.18 -36.98
C SER BA 96 4.92 32.91 -35.72
N THR BA 97 4.95 32.22 -34.57
CA THR BA 97 5.41 32.84 -33.34
C THR BA 97 6.90 33.17 -33.40
N HIS BA 98 7.70 32.29 -34.00
CA HIS BA 98 9.14 32.47 -34.10
C HIS BA 98 9.54 32.65 -35.54
N VAL BA 99 10.52 33.53 -35.76
CA VAL BA 99 11.09 33.72 -37.10
C VAL BA 99 12.18 32.67 -37.33
N PRO BA 100 12.19 32.00 -38.48
CA PRO BA 100 11.27 32.21 -39.61
C PRO BA 100 9.92 31.53 -39.41
N PHE BA 101 8.87 32.11 -39.99
CA PHE BA 101 7.56 31.46 -39.99
C PHE BA 101 7.67 30.10 -40.65
N THR BA 102 7.39 29.03 -39.89
CA THR BA 102 7.62 27.69 -40.38
C THR BA 102 6.34 26.85 -40.25
N PHE BA 103 6.14 25.95 -41.20
CA PHE BA 103 4.98 25.08 -41.20
C PHE BA 103 5.26 23.78 -41.93
N GLY BA 104 4.73 22.70 -41.38
CA GLY BA 104 4.69 21.41 -42.02
C GLY BA 104 3.52 20.62 -41.46
N ALA BA 105 3.32 19.41 -41.97
CA ALA BA 105 4.09 18.90 -43.10
C ALA BA 105 3.14 18.37 -44.17
N GLY BA 106 1.84 18.53 -43.93
CA GLY BA 106 0.82 18.04 -44.84
C GLY BA 106 0.04 16.86 -44.28
N THR BA 107 -1.28 16.97 -44.25
CA THR BA 107 -2.16 15.92 -43.76
C THR BA 107 -3.22 15.66 -44.81
N LYS BA 108 -3.15 14.49 -45.44
CA LYS BA 108 -4.09 14.13 -46.49
C LYS BA 108 -5.39 13.64 -45.86
N LEU BA 109 -6.48 14.37 -46.08
CA LEU BA 109 -7.80 13.95 -45.63
C LEU BA 109 -8.43 13.15 -46.77
N GLU BA 110 -8.39 11.83 -46.65
CA GLU BA 110 -8.82 10.92 -47.69
C GLU BA 110 -10.10 10.20 -47.27
N LEU BA 111 -10.73 9.57 -48.24
CA LEU BA 111 -11.98 8.86 -48.02
C LEU BA 111 -11.73 7.44 -47.59
N LYS BA 112 -12.68 6.90 -46.83
CA LYS BA 112 -12.62 5.52 -46.38
C LYS BA 112 -13.43 4.69 -47.38
N ARG BA 113 -12.86 3.57 -47.79
CA ARG BA 113 -13.47 2.73 -48.82
C ARG BA 113 -13.37 1.27 -48.40
N ALA BA 114 -14.02 0.41 -49.17
CA ALA BA 114 -13.96 -1.02 -48.92
C ALA BA 114 -12.64 -1.57 -49.44
N ASP BA 115 -12.17 -2.65 -48.81
CA ASP BA 115 -10.90 -3.23 -49.21
C ASP BA 115 -10.97 -3.70 -50.66
N ALA BA 116 -9.85 -3.58 -51.36
CA ALA BA 116 -9.80 -3.96 -52.76
C ALA BA 116 -8.41 -4.49 -53.09
N ALA BA 117 -8.36 -5.65 -53.75
CA ALA BA 117 -7.08 -6.23 -54.13
C ALA BA 117 -6.52 -5.50 -55.35
N PRO BA 118 -5.19 -5.34 -55.43
CA PRO BA 118 -4.61 -4.65 -56.57
C PRO BA 118 -4.61 -5.52 -57.82
N THR BA 119 -4.74 -4.85 -58.96
CA THR BA 119 -4.63 -5.51 -60.27
C THR BA 119 -3.25 -5.20 -60.83
N VAL BA 120 -2.42 -6.24 -60.95
CA VAL BA 120 -1.02 -6.07 -61.32
C VAL BA 120 -0.83 -6.50 -62.77
N SER BA 121 -0.06 -5.72 -63.53
CA SER BA 121 0.24 -6.01 -64.92
C SER BA 121 1.67 -5.60 -65.23
N ILE BA 122 2.40 -6.47 -65.93
CA ILE BA 122 3.78 -6.21 -66.30
C ILE BA 122 3.86 -5.98 -67.81
N PHE BA 123 4.80 -5.13 -68.21
CA PHE BA 123 5.07 -4.84 -69.62
C PHE BA 123 6.57 -4.76 -69.86
N PRO BA 124 7.10 -5.61 -70.75
CA PRO BA 124 8.54 -5.58 -71.04
C PRO BA 124 8.90 -4.37 -71.89
N PRO BA 125 10.19 -4.11 -72.09
CA PRO BA 125 10.59 -2.98 -72.95
C PRO BA 125 10.09 -3.16 -74.37
N SER BA 126 9.70 -2.05 -74.98
CA SER BA 126 9.17 -2.09 -76.34
C SER BA 126 10.27 -2.37 -77.36
N SER BA 127 9.84 -2.72 -78.57
CA SER BA 127 10.78 -2.94 -79.66
C SER BA 127 11.47 -1.65 -80.07
N GLU BA 128 10.77 -0.52 -79.97
CA GLU BA 128 11.37 0.76 -80.37
C GLU BA 128 12.44 1.19 -79.38
N GLN BA 129 12.21 0.97 -78.09
CA GLN BA 129 13.16 1.39 -77.07
C GLN BA 129 14.45 0.58 -77.14
N LEU BA 130 14.36 -0.72 -77.46
CA LEU BA 130 15.54 -1.55 -77.57
C LEU BA 130 16.43 -1.15 -78.75
N THR BA 131 15.88 -0.40 -79.71
CA THR BA 131 16.67 0.13 -80.80
C THR BA 131 17.52 1.32 -80.38
N SER BA 132 17.17 1.98 -79.29
CA SER BA 132 17.91 3.12 -78.77
C SER BA 132 19.02 2.72 -77.79
N GLY BA 133 19.09 1.46 -77.39
CA GLY BA 133 20.12 1.00 -76.48
C GLY BA 133 19.72 0.89 -75.02
N GLY BA 134 18.43 1.12 -74.69
CA GLY BA 134 17.97 1.01 -73.33
C GLY BA 134 16.81 0.04 -73.22
N ALA BA 135 16.50 -0.34 -71.98
CA ALA BA 135 15.42 -1.29 -71.73
C ALA BA 135 14.73 -0.94 -70.41
N SER BA 136 13.45 -0.57 -70.50
CA SER BA 136 12.65 -0.24 -69.32
C SER BA 136 11.48 -1.21 -69.23
N VAL BA 137 11.35 -1.88 -68.10
CA VAL BA 137 10.23 -2.78 -67.83
C VAL BA 137 9.32 -2.10 -66.82
N VAL BA 138 8.01 -2.10 -67.11
CA VAL BA 138 7.07 -1.34 -66.30
C VAL BA 138 6.11 -2.29 -65.61
N CYS BA 139 5.72 -1.93 -64.39
CA CYS BA 139 4.80 -2.71 -63.58
C CYS BA 139 3.73 -1.77 -63.04
N PHE BA 140 2.48 -2.02 -63.45
CA PHE BA 140 1.34 -1.22 -63.01
C PHE BA 140 0.57 -1.99 -61.94
N LEU BA 141 0.24 -1.30 -60.86
CA LEU BA 141 -0.54 -1.84 -59.75
C LEU BA 141 -1.76 -0.93 -59.61
N ASN BA 142 -2.84 -1.30 -60.28
CA ASN BA 142 -3.98 -0.41 -60.45
C ASN BA 142 -5.15 -0.84 -59.56
N ASN BA 143 -5.86 0.17 -59.05
CA ASN BA 143 -7.13 0.00 -58.35
C ASN BA 143 -6.96 -0.90 -57.12
N PHE BA 144 -6.28 -0.34 -56.12
CA PHE BA 144 -6.08 -1.02 -54.85
C PHE BA 144 -6.48 -0.10 -53.70
N TYR BA 145 -6.67 -0.73 -52.53
CA TYR BA 145 -6.99 -0.02 -51.30
C TYR BA 145 -6.65 -0.95 -50.14
N PRO BA 146 -6.03 -0.45 -49.05
CA PRO BA 146 -5.67 0.96 -48.80
C PRO BA 146 -4.47 1.48 -49.59
N LYS BA 147 -4.01 2.68 -49.21
CA LYS BA 147 -2.93 3.35 -49.92
C LYS BA 147 -1.59 2.66 -49.68
N ASP BA 148 -1.42 2.00 -48.55
CA ASP BA 148 -0.14 1.39 -48.20
C ASP BA 148 0.13 0.17 -49.08
N ILE BA 149 1.31 0.13 -49.70
CA ILE BA 149 1.70 -0.98 -50.57
C ILE BA 149 3.21 -0.96 -50.71
N ASN BA 150 3.80 -2.12 -50.99
CA ASN BA 150 5.23 -2.24 -51.18
C ASN BA 150 5.53 -3.04 -52.44
N VAL BA 151 6.55 -2.62 -53.17
CA VAL BA 151 6.96 -3.25 -54.42
C VAL BA 151 8.40 -3.74 -54.28
N LYS BA 152 8.69 -4.88 -54.91
CA LYS BA 152 10.03 -5.46 -54.91
C LYS BA 152 10.32 -6.04 -56.29
N TRP BA 153 11.40 -5.56 -56.91
CA TRP BA 153 11.94 -6.13 -58.14
C TRP BA 153 13.07 -7.09 -57.79
N LYS BA 154 13.08 -8.25 -58.44
CA LYS BA 154 14.14 -9.24 -58.26
C LYS BA 154 14.55 -9.81 -59.59
N ILE BA 155 15.86 -9.88 -59.85
CA ILE BA 155 16.42 -10.52 -61.03
C ILE BA 155 17.58 -11.38 -60.55
N ASP BA 156 17.44 -12.70 -60.61
CA ASP BA 156 16.25 -13.38 -61.11
C ASP BA 156 15.04 -13.40 -60.15
N GLY BA 157 15.20 -13.69 -58.85
CA GLY BA 157 16.46 -14.01 -58.20
C GLY BA 157 16.78 -13.03 -57.07
N SER BA 158 17.81 -12.22 -57.27
CA SER BA 158 18.23 -11.24 -56.29
C SER BA 158 17.64 -9.88 -56.61
N GLU BA 159 17.28 -9.14 -55.57
CA GLU BA 159 16.68 -7.82 -55.76
C GLU BA 159 17.70 -6.79 -56.20
N ARG BA 160 17.30 -5.96 -57.16
CA ARG BA 160 18.13 -4.88 -57.68
C ARG BA 160 17.34 -3.58 -57.59
N GLN BA 161 17.87 -2.61 -56.86
CA GLN BA 161 17.20 -1.32 -56.65
C GLN BA 161 17.80 -0.19 -57.47
N ASN BA 162 18.86 -0.44 -58.22
CA ASN BA 162 19.59 0.62 -58.90
C ASN BA 162 18.95 0.99 -60.24
N GLY BA 163 17.63 0.85 -60.34
CA GLY BA 163 16.95 1.23 -61.57
C GLY BA 163 15.46 1.48 -61.42
N VAL BA 164 14.96 1.44 -60.19
CA VAL BA 164 13.53 1.51 -59.93
C VAL BA 164 13.12 2.97 -59.76
N LEU BA 165 12.08 3.38 -60.49
CA LEU BA 165 11.47 4.70 -60.34
C LEU BA 165 9.98 4.50 -60.10
N ASN BA 166 9.47 5.04 -59.00
CA ASN BA 166 8.09 4.82 -58.60
C ASN BA 166 7.30 6.12 -58.66
N SER BA 167 6.01 5.99 -59.00
CA SER BA 167 5.10 7.12 -59.06
C SER BA 167 3.72 6.67 -58.62
N TRP BA 168 3.07 7.47 -57.79
CA TRP BA 168 1.75 7.17 -57.27
C TRP BA 168 0.75 8.23 -57.69
N THR BA 169 -0.50 7.82 -57.86
CA THR BA 169 -1.60 8.73 -58.09
C THR BA 169 -2.41 8.91 -56.80
N ASP BA 170 -3.15 10.01 -56.74
CA ASP BA 170 -4.01 10.28 -55.59
C ASP BA 170 -5.30 9.48 -55.71
N GLN BA 171 -6.20 9.68 -54.75
CA GLN BA 171 -7.48 8.99 -54.76
C GLN BA 171 -8.27 9.31 -56.02
N ASP BA 172 -8.58 8.28 -56.80
CA ASP BA 172 -9.40 8.47 -57.98
C ASP BA 172 -10.79 8.97 -57.59
N SER BA 173 -11.31 9.94 -58.35
CA SER BA 173 -12.64 10.46 -58.09
C SER BA 173 -13.72 9.39 -58.28
N LYS BA 174 -13.43 8.32 -59.00
CA LYS BA 174 -14.35 7.21 -59.20
C LYS BA 174 -13.93 6.06 -58.29
N ASP BA 175 -14.79 5.73 -57.32
CA ASP BA 175 -14.67 4.60 -56.40
C ASP BA 175 -13.54 4.76 -55.39
N SER BA 176 -12.81 5.88 -55.40
CA SER BA 176 -11.84 6.23 -54.36
C SER BA 176 -10.75 5.15 -54.22
N THR BA 177 -10.30 4.62 -55.35
CA THR BA 177 -9.23 3.64 -55.39
C THR BA 177 -7.91 4.30 -55.81
N TYR BA 178 -6.81 3.70 -55.35
CA TYR BA 178 -5.47 4.18 -55.66
C TYR BA 178 -4.87 3.40 -56.82
N SER BA 179 -3.78 3.93 -57.36
CA SER BA 179 -3.04 3.26 -58.42
C SER BA 179 -1.56 3.60 -58.26
N MET BA 180 -0.71 2.78 -58.88
CA MET BA 180 0.73 2.89 -58.70
C MET BA 180 1.45 2.41 -59.95
N SER BA 181 2.59 3.06 -60.24
CA SER BA 181 3.46 2.67 -61.33
C SER BA 181 4.89 2.52 -60.83
N SER BA 182 5.55 1.45 -61.26
CA SER BA 182 6.96 1.23 -60.96
C SER BA 182 7.68 0.85 -62.25
N THR BA 183 8.58 1.71 -62.71
CA THR BA 183 9.32 1.50 -63.94
C THR BA 183 10.79 1.26 -63.61
N LEU BA 184 11.30 0.10 -63.98
CA LEU BA 184 12.70 -0.28 -63.77
C LEU BA 184 13.45 -0.16 -65.08
N THR BA 185 14.41 0.76 -65.15
CA THR BA 185 15.13 1.07 -66.37
C THR BA 185 16.59 0.65 -66.23
N LEU BA 186 17.01 -0.30 -67.07
CA LEU BA 186 18.41 -0.73 -67.15
C LEU BA 186 18.89 -0.62 -68.59
N THR BA 187 20.20 -0.72 -68.76
CA THR BA 187 20.81 -0.76 -70.08
C THR BA 187 20.43 -2.05 -70.81
N LYS BA 188 20.58 -2.01 -72.14
CA LYS BA 188 20.23 -3.16 -72.96
C LYS BA 188 21.12 -4.36 -72.66
N ASP BA 189 22.40 -4.12 -72.39
CA ASP BA 189 23.32 -5.22 -72.09
C ASP BA 189 22.89 -5.94 -70.81
N GLU BA 190 22.60 -5.19 -69.76
CA GLU BA 190 22.14 -5.80 -68.51
C GLU BA 190 20.80 -6.51 -68.71
N TYR BA 191 19.97 -6.01 -69.62
CA TYR BA 191 18.71 -6.67 -69.92
C TYR BA 191 18.92 -8.02 -70.62
N GLU BA 192 19.85 -8.06 -71.57
CA GLU BA 192 20.14 -9.30 -72.28
C GLU BA 192 20.95 -10.31 -71.46
N ARG BA 193 21.42 -9.90 -70.28
CA ARG BA 193 22.21 -10.78 -69.42
C ARG BA 193 21.34 -11.59 -68.46
N HIS BA 194 20.03 -11.38 -68.46
CA HIS BA 194 19.10 -12.12 -67.63
C HIS BA 194 17.90 -12.54 -68.47
N ASN BA 195 17.20 -13.56 -68.01
CA ASN BA 195 16.09 -14.15 -68.76
C ASN BA 195 14.73 -13.91 -68.11
N SER BA 196 14.61 -14.16 -66.81
CA SER BA 196 13.33 -14.07 -66.12
C SER BA 196 13.25 -12.75 -65.35
N TYR BA 197 12.13 -12.05 -65.52
CA TYR BA 197 11.88 -10.79 -64.83
C TYR BA 197 10.55 -10.88 -64.08
N THR BA 198 10.58 -10.57 -62.79
CA THR BA 198 9.41 -10.70 -61.93
C THR BA 198 9.20 -9.42 -61.12
N CYS BA 199 7.98 -8.91 -61.15
CA CYS BA 199 7.54 -7.79 -60.33
C CYS BA 199 6.70 -8.34 -59.18
N GLU BA 200 7.09 -8.01 -57.95
CA GLU BA 200 6.43 -8.54 -56.76
C GLU BA 200 5.77 -7.41 -55.99
N ALA BA 201 4.51 -7.62 -55.62
CA ALA BA 201 3.72 -6.64 -54.89
C ALA BA 201 3.23 -7.26 -53.59
N THR BA 202 3.68 -6.72 -52.46
CA THR BA 202 3.13 -7.09 -51.15
C THR BA 202 2.20 -5.97 -50.69
N HIS BA 203 0.95 -6.31 -50.40
CA HIS BA 203 -0.09 -5.35 -50.09
C HIS BA 203 -0.80 -5.78 -48.81
N LYS BA 204 -1.46 -4.81 -48.17
CA LYS BA 204 -2.13 -5.04 -46.91
C LYS BA 204 -3.34 -5.96 -47.01
N THR BA 205 -3.80 -6.28 -48.22
CA THR BA 205 -4.95 -7.16 -48.35
C THR BA 205 -4.54 -8.63 -48.20
N SER BA 206 -5.48 -9.42 -47.69
CA SER BA 206 -5.24 -10.84 -47.47
C SER BA 206 -5.17 -11.60 -48.79
N THR BA 207 -4.23 -12.55 -48.89
CA THR BA 207 -3.19 -12.81 -47.91
C THR BA 207 -1.90 -13.02 -48.71
N SER BA 208 -0.75 -13.11 -48.03
CA SER BA 208 0.56 -13.43 -48.60
C SER BA 208 0.99 -12.49 -49.72
N PRO BA 209 2.27 -12.47 -50.10
CA PRO BA 209 2.68 -11.59 -51.21
C PRO BA 209 2.08 -12.04 -52.53
N ILE BA 210 1.70 -11.07 -53.35
CA ILE BA 210 1.22 -11.33 -54.70
C ILE BA 210 2.37 -11.12 -55.68
N VAL BA 211 2.59 -12.08 -56.57
CA VAL BA 211 3.72 -12.08 -57.48
C VAL BA 211 3.21 -12.09 -58.92
N LYS BA 212 3.89 -11.34 -59.79
CA LYS BA 212 3.68 -11.45 -61.23
C LYS BA 212 5.05 -11.57 -61.89
N SER BA 213 5.12 -12.36 -62.97
CA SER BA 213 6.42 -12.61 -63.59
C SER BA 213 6.25 -12.89 -65.07
N PHE BA 214 7.36 -12.79 -65.80
CA PHE BA 214 7.40 -13.17 -67.20
C PHE BA 214 8.84 -13.50 -67.58
N ASN BA 215 8.97 -14.30 -68.63
CA ASN BA 215 10.25 -14.70 -69.20
C ASN BA 215 10.43 -14.04 -70.57
N ARG BA 216 11.57 -14.33 -71.21
CA ARG BA 216 11.90 -13.69 -72.48
C ARG BA 216 11.07 -14.22 -73.65
N ASN BA 217 10.18 -15.19 -73.40
CA ASN BA 217 9.28 -15.73 -74.42
C ASN BA 217 8.40 -16.81 -73.81
N VAL CA 2 -9.08 40.85 -52.17
CA VAL CA 2 -10.21 40.24 -52.86
C VAL CA 2 -9.66 39.40 -54.00
N LYS CA 3 -8.67 39.96 -54.69
CA LYS CA 3 -8.05 39.31 -55.85
C LYS CA 3 -6.55 39.53 -55.80
N LEU CA 4 -5.80 38.43 -55.84
CA LEU CA 4 -4.36 38.44 -55.99
C LEU CA 4 -4.03 37.74 -57.30
N VAL CA 5 -3.44 38.48 -58.23
CA VAL CA 5 -3.14 38.00 -59.58
C VAL CA 5 -1.62 37.91 -59.69
N GLU CA 6 -1.11 36.70 -59.83
CA GLU CA 6 0.32 36.48 -59.96
C GLU CA 6 0.80 36.81 -61.37
N SER CA 7 2.11 37.04 -61.47
CA SER CA 7 2.78 37.37 -62.72
C SER CA 7 4.27 37.18 -62.49
N GLY CA 8 5.02 36.94 -63.55
CA GLY CA 8 6.45 36.85 -63.35
C GLY CA 8 6.97 35.50 -62.86
N GLY CA 9 8.00 35.00 -63.53
CA GLY CA 9 8.23 35.35 -64.91
C GLY CA 9 8.47 34.19 -65.85
N GLY CA 10 9.14 33.14 -65.38
CA GLY CA 10 9.32 31.98 -66.25
C GLY CA 10 9.99 30.78 -65.63
N LEU CA 11 10.75 30.08 -66.47
CA LEU CA 11 11.58 28.95 -66.07
C LEU CA 11 12.98 29.25 -66.57
N VAL CA 12 13.95 29.39 -65.66
CA VAL CA 12 15.22 30.03 -66.00
C VAL CA 12 16.39 29.17 -65.55
N LYS CA 13 17.53 29.42 -66.19
CA LYS CA 13 18.75 28.65 -65.94
C LYS CA 13 19.27 28.91 -64.52
N PRO CA 14 20.09 28.00 -64.00
CA PRO CA 14 20.68 28.22 -62.67
C PRO CA 14 21.74 29.32 -62.69
N GLY CA 15 21.83 30.03 -61.58
CA GLY CA 15 22.75 31.15 -61.46
C GLY CA 15 22.28 32.43 -62.10
N GLY CA 16 21.00 32.51 -62.49
CA GLY CA 16 20.45 33.69 -63.11
C GLY CA 16 19.37 34.32 -62.27
N SER CA 17 19.01 35.55 -62.64
CA SER CA 17 18.01 36.32 -61.91
C SER CA 17 16.60 35.99 -62.38
N LEU CA 18 15.62 36.48 -61.62
CA LEU CA 18 14.21 36.28 -61.91
C LEU CA 18 13.34 37.17 -61.02
N LYS CA 19 12.36 37.86 -61.60
CA LYS CA 19 11.51 38.78 -60.89
C LYS CA 19 10.07 38.28 -60.88
N LEU CA 20 9.44 38.29 -59.71
CA LEU CA 20 8.04 37.89 -59.57
C LEU CA 20 7.20 39.10 -59.22
N SER CA 21 6.05 39.24 -59.89
CA SER CA 21 5.12 40.34 -59.67
C SER CA 21 3.79 39.81 -59.17
N CYS CA 22 3.04 40.69 -58.50
CA CYS CA 22 1.75 40.33 -57.92
C CYS CA 22 0.87 41.57 -57.88
N ALA CA 23 -0.24 41.53 -58.60
CA ALA CA 23 -1.19 42.64 -58.64
C ALA CA 23 -2.35 42.36 -57.69
N ALA CA 24 -2.67 43.33 -56.85
CA ALA CA 24 -3.73 43.19 -55.86
C ALA CA 24 -4.93 44.04 -56.26
N SER CA 25 -6.12 43.58 -55.88
CA SER CA 25 -7.35 44.30 -56.18
C SER CA 25 -8.40 43.99 -55.12
N GLY CA 26 -9.20 45.00 -54.78
CA GLY CA 26 -10.33 44.84 -53.90
C GLY CA 26 -10.10 45.16 -52.45
N PHE CA 27 -8.99 45.81 -52.10
CA PHE CA 27 -8.70 46.15 -50.71
C PHE CA 27 -7.59 47.20 -50.70
N PRO CA 28 -7.48 47.98 -49.61
CA PRO CA 28 -6.36 48.94 -49.50
C PRO CA 28 -5.01 48.24 -49.40
N PHE CA 29 -4.30 48.17 -50.51
CA PHE CA 29 -3.04 47.43 -50.57
C PHE CA 29 -2.01 48.01 -49.61
N SER CA 30 -1.95 49.34 -49.49
CA SER CA 30 -0.92 49.99 -48.69
C SER CA 30 -1.13 49.84 -47.19
N ASP CA 31 -2.22 49.21 -46.74
CA ASP CA 31 -2.48 49.08 -45.31
C ASP CA 31 -2.06 47.73 -44.73
N TYR CA 32 -1.75 46.75 -45.56
CA TYR CA 32 -1.38 45.41 -45.10
C TYR CA 32 0.07 45.10 -45.44
N THR CA 33 0.68 44.26 -44.62
CA THR CA 33 2.02 43.74 -44.90
C THR CA 33 1.89 42.46 -45.70
N MET CA 34 2.73 42.31 -46.71
CA MET CA 34 2.60 41.22 -47.66
C MET CA 34 3.69 40.18 -47.41
N SER CA 35 3.51 39.01 -48.01
CA SER CA 35 4.45 37.91 -47.79
C SER CA 35 4.38 36.95 -48.98
N TRP CA 36 5.47 36.20 -49.17
CA TRP CA 36 5.57 35.20 -50.22
C TRP CA 36 5.65 33.81 -49.60
N ILE CA 37 4.82 32.89 -50.08
CA ILE CA 37 4.82 31.51 -49.60
C ILE CA 37 4.98 30.59 -50.80
N ARG CA 38 6.01 29.75 -50.77
CA ARG CA 38 6.31 28.85 -51.88
C ARG CA 38 6.00 27.41 -51.51
N GLN CA 39 5.66 26.63 -52.52
CA GLN CA 39 5.36 25.21 -52.37
C GLN CA 39 6.36 24.41 -53.19
N THR CA 40 7.11 23.53 -52.53
CA THR CA 40 8.13 22.75 -53.23
C THR CA 40 7.49 21.83 -54.25
N PRO CA 41 8.26 21.33 -55.23
CA PRO CA 41 7.67 20.38 -56.18
C PRO CA 41 7.18 19.11 -55.52
N GLU CA 42 7.77 18.72 -54.39
CA GLU CA 42 7.27 17.61 -53.59
C GLU CA 42 6.11 18.01 -52.67
N LYS CA 43 5.51 19.18 -52.90
CA LYS CA 43 4.32 19.65 -52.18
C LYS CA 43 4.60 19.93 -50.70
N ARG CA 44 5.64 20.72 -50.44
CA ARG CA 44 5.92 21.24 -49.11
C ARG CA 44 5.87 22.76 -49.15
N LEU CA 45 5.21 23.37 -48.18
CA LEU CA 45 5.00 24.81 -48.15
C LEU CA 45 6.08 25.48 -47.30
N GLU CA 46 6.66 26.56 -47.82
CA GLU CA 46 7.72 27.29 -47.12
C GLU CA 46 7.48 28.79 -47.19
N TRP CA 47 7.85 29.49 -46.12
CA TRP CA 47 7.75 30.95 -46.08
C TRP CA 47 8.99 31.55 -46.72
N VAL CA 48 8.79 32.48 -47.65
CA VAL CA 48 9.87 33.02 -48.46
C VAL CA 48 10.33 34.39 -47.96
N ALA CA 49 9.39 35.33 -47.80
CA ALA CA 49 9.75 36.69 -47.43
C ALA CA 49 8.51 37.39 -46.90
N SER CA 50 8.71 38.53 -46.25
CA SER CA 50 7.59 39.38 -45.89
C SER CA 50 8.05 40.82 -45.76
N ILE CA 51 7.23 41.74 -46.28
CA ILE CA 51 7.52 43.17 -46.28
C ILE CA 51 6.37 43.89 -45.59
N SER CA 52 6.72 44.96 -44.87
CA SER CA 52 5.75 45.72 -44.10
C SER CA 52 4.80 46.48 -45.03
N SER CA 53 3.81 47.14 -44.41
CA SER CA 53 2.86 47.94 -45.19
C SER CA 53 3.56 49.00 -46.01
N GLY CA 54 4.49 49.73 -45.40
CA GLY CA 54 5.44 50.54 -46.14
C GLY CA 54 6.68 49.73 -46.46
N GLY CA 55 7.25 49.97 -47.63
CA GLY CA 55 8.34 49.16 -48.12
C GLY CA 55 9.67 49.33 -47.40
N THR CA 56 9.62 49.73 -46.14
CA THR CA 56 10.85 49.99 -45.38
C THR CA 56 11.34 48.78 -44.60
N TYR CA 57 10.45 47.88 -44.20
CA TYR CA 57 10.81 46.75 -43.34
C TYR CA 57 10.56 45.44 -44.08
N THR CA 58 11.63 44.66 -44.28
CA THR CA 58 11.55 43.36 -44.91
C THR CA 58 12.26 42.35 -44.02
N TYR CA 59 11.83 41.09 -44.10
CA TYR CA 59 12.56 40.04 -43.41
C TYR CA 59 12.35 38.70 -44.11
N TYR CA 60 13.39 37.87 -44.04
CA TYR CA 60 13.55 36.63 -44.78
C TYR CA 60 14.03 35.56 -43.82
N PRO CA 61 14.01 34.29 -44.23
CA PRO CA 61 14.74 33.27 -43.49
C PRO CA 61 16.22 33.25 -43.87
N ASP CA 62 17.02 32.64 -42.99
CA ASP CA 62 18.45 32.57 -43.22
C ASP CA 62 18.81 31.74 -44.44
N THR CA 63 17.91 30.86 -44.89
CA THR CA 63 18.18 30.01 -46.04
C THR CA 63 18.16 30.79 -47.36
N VAL CA 64 17.78 32.06 -47.34
CA VAL CA 64 17.62 32.83 -48.58
C VAL CA 64 17.98 34.29 -48.32
N LYS CA 65 18.68 34.54 -47.21
CA LYS CA 65 18.89 35.91 -46.74
C LYS CA 65 19.57 36.80 -47.78
N GLY CA 66 20.47 36.23 -48.59
CA GLY CA 66 21.25 37.02 -49.52
C GLY CA 66 20.73 37.02 -50.94
N ARG CA 67 19.87 36.06 -51.27
CA ARG CA 67 19.46 35.87 -52.66
C ARG CA 67 18.18 36.62 -53.02
N PHE CA 68 17.19 36.62 -52.14
CA PHE CA 68 15.89 37.20 -52.45
C PHE CA 68 15.77 38.60 -51.88
N THR CA 69 14.93 39.42 -52.53
CA THR CA 69 14.71 40.80 -52.11
C THR CA 69 13.26 41.15 -52.41
N ILE CA 70 12.43 41.22 -51.38
CA ILE CA 70 11.03 41.57 -51.55
C ILE CA 70 10.89 43.09 -51.59
N SER CA 71 9.99 43.56 -52.45
CA SER CA 71 9.72 45.00 -52.55
C SER CA 71 8.24 45.18 -52.85
N ARG CA 72 7.81 46.44 -52.86
CA ARG CA 72 6.40 46.72 -53.12
C ARG CA 72 6.24 48.14 -53.64
N ASP CA 73 5.23 48.31 -54.50
CA ASP CA 73 4.83 49.62 -55.00
C ASP CA 73 3.38 49.82 -54.56
N ASN CA 74 3.18 50.63 -53.52
CA ASN CA 74 1.84 50.87 -53.01
C ASN CA 74 1.02 51.75 -53.94
N ALA CA 75 1.67 52.57 -54.77
CA ALA CA 75 0.94 53.37 -55.74
C ALA CA 75 0.40 52.50 -56.87
N LYS CA 76 1.13 51.46 -57.25
CA LYS CA 76 0.68 50.53 -58.27
C LYS CA 76 -0.07 49.34 -57.69
N ASN CA 77 -0.17 49.24 -56.37
CA ASN CA 77 -0.79 48.09 -55.70
C ASN CA 77 -0.14 46.79 -56.15
N THR CA 78 1.20 46.75 -56.09
CA THR CA 78 1.95 45.63 -56.62
C THR CA 78 3.00 45.17 -55.62
N LEU CA 79 3.23 43.86 -55.60
CA LEU CA 79 4.26 43.23 -54.78
C LEU CA 79 5.27 42.55 -55.68
N TYR CA 80 6.56 42.65 -55.31
CA TYR CA 80 7.63 42.11 -56.11
C TYR CA 80 8.51 41.22 -55.25
N LEU CA 81 9.03 40.14 -55.86
CA LEU CA 81 10.01 39.26 -55.25
C LEU CA 81 11.17 39.12 -56.22
N GLN CA 82 12.31 39.72 -55.87
CA GLN CA 82 13.49 39.73 -56.73
C GLN CA 82 14.42 38.60 -56.30
N MET CA 83 14.40 37.51 -57.05
CA MET CA 83 15.25 36.36 -56.81
C MET CA 83 16.49 36.46 -57.70
N SER CA 84 17.65 36.13 -57.14
CA SER CA 84 18.89 36.22 -57.88
C SER CA 84 19.82 35.10 -57.44
N SER CA 85 20.65 34.64 -58.38
CA SER CA 85 21.58 33.53 -58.15
C SER CA 85 20.83 32.32 -57.58
N LEU CA 86 19.72 31.99 -58.21
CA LEU CA 86 18.88 30.90 -57.73
C LEU CA 86 19.59 29.56 -57.84
N LYS CA 87 19.26 28.65 -56.93
CA LYS CA 87 19.72 27.28 -56.97
C LYS CA 87 18.57 26.36 -57.38
N SER CA 88 18.93 25.13 -57.76
CA SER CA 88 17.92 24.16 -58.15
C SER CA 88 16.96 23.82 -57.02
N GLU CA 89 17.37 24.01 -55.76
CA GLU CA 89 16.51 23.74 -54.62
C GLU CA 89 15.42 24.78 -54.44
N ASP CA 90 15.50 25.91 -55.14
CA ASP CA 90 14.51 26.98 -55.04
C ASP CA 90 13.36 26.80 -56.02
N THR CA 91 13.24 25.63 -56.63
CA THR CA 91 12.13 25.34 -57.53
C THR CA 91 10.83 25.28 -56.74
N ALA CA 92 9.83 26.05 -57.14
CA ALA CA 92 8.62 26.07 -56.33
C ALA CA 92 7.48 26.75 -57.06
N MET CA 93 6.27 26.49 -56.57
CA MET CA 93 5.07 27.24 -56.92
C MET CA 93 4.97 28.43 -55.97
N PHE CA 94 5.15 29.64 -56.48
CA PHE CA 94 5.21 30.82 -55.64
C PHE CA 94 3.85 31.47 -55.51
N TYR CA 95 3.43 31.70 -54.26
CA TYR CA 95 2.15 32.26 -53.92
C TYR CA 95 2.33 33.62 -53.24
N CYS CA 96 1.47 34.56 -53.61
CA CYS CA 96 1.48 35.92 -53.09
C CYS CA 96 0.39 36.06 -52.04
N THR CA 97 0.77 36.32 -50.81
CA THR CA 97 -0.13 36.25 -49.67
C THR CA 97 -0.17 37.58 -48.91
N ARG CA 98 -1.31 37.81 -48.26
CA ARG CA 98 -1.59 39.02 -47.50
C ARG CA 98 -1.61 38.69 -46.01
N ALA CA 99 -0.83 39.44 -45.23
CA ALA CA 99 -0.76 39.22 -43.79
C ALA CA 99 -1.66 40.17 -43.00
N SER CA 100 -1.19 40.62 -41.84
CA SER CA 100 -1.96 41.45 -40.93
C SER CA 100 -1.89 42.93 -41.33
N PRO CA 101 -2.90 43.72 -40.96
CA PRO CA 101 -2.87 45.16 -41.28
C PRO CA 101 -1.84 45.93 -40.48
N TYR CA 102 -1.77 47.24 -40.70
CA TYR CA 102 -0.79 48.07 -40.01
C TYR CA 102 -1.11 48.19 -38.53
N TYR CA 103 -2.39 48.24 -38.17
CA TYR CA 103 -2.80 48.47 -36.78
C TYR CA 103 -2.76 47.19 -35.94
N ASP CA 104 -2.21 46.10 -36.47
CA ASP CA 104 -2.05 44.86 -35.74
C ASP CA 104 -0.58 44.46 -35.70
N TYR CA 105 -0.21 43.74 -34.65
CA TYR CA 105 1.06 43.04 -34.64
C TYR CA 105 1.15 42.13 -35.87
N ASP CA 106 2.33 42.05 -36.47
CA ASP CA 106 2.47 41.20 -37.64
C ASP CA 106 2.23 39.75 -37.22
N GLU CA 107 0.96 39.34 -37.22
CA GLU CA 107 0.57 38.06 -36.64
C GLU CA 107 0.97 36.87 -37.51
N GLY CA 108 1.27 37.09 -38.79
CA GLY CA 108 1.85 36.05 -39.60
C GLY CA 108 0.88 35.05 -40.20
N TYR CA 109 -0.43 35.24 -40.02
CA TYR CA 109 -1.41 34.43 -40.73
C TYR CA 109 -1.82 35.12 -42.02
N MET CA 110 -1.92 34.35 -43.09
CA MET CA 110 -2.22 34.86 -44.42
C MET CA 110 -3.64 34.50 -44.79
N ASP CA 111 -4.52 35.50 -44.80
CA ASP CA 111 -5.94 35.27 -45.06
C ASP CA 111 -6.20 35.02 -46.53
N TYR CA 112 -5.59 35.80 -47.41
CA TYR CA 112 -5.83 35.72 -48.85
C TYR CA 112 -4.57 35.25 -49.56
N TRP CA 113 -4.72 34.27 -50.44
CA TRP CA 113 -3.63 33.70 -51.22
C TRP CA 113 -3.87 33.99 -52.69
N GLY CA 114 -2.80 34.00 -53.47
CA GLY CA 114 -2.90 34.20 -54.90
C GLY CA 114 -3.14 32.89 -55.64
N GLN CA 115 -3.13 32.98 -56.97
CA GLN CA 115 -3.32 31.79 -57.77
C GLN CA 115 -2.04 30.97 -57.88
N GLY CA 116 -0.88 31.63 -57.88
CA GLY CA 116 0.40 30.96 -57.91
C GLY CA 116 1.09 31.02 -59.26
N THR CA 117 2.41 31.14 -59.25
CA THR CA 117 3.23 31.05 -60.45
C THR CA 117 4.39 30.11 -60.16
N SER CA 118 4.45 29.00 -60.86
CA SER CA 118 5.51 28.01 -60.66
C SER CA 118 6.74 28.42 -61.44
N VAL CA 119 7.88 28.49 -60.74
CA VAL CA 119 9.17 28.70 -61.38
C VAL CA 119 10.05 27.49 -61.08
N THR CA 120 10.71 26.99 -62.12
CA THR CA 120 11.64 25.88 -62.00
C THR CA 120 12.98 26.27 -62.59
N VAL CA 121 14.05 25.83 -61.92
CA VAL CA 121 15.42 26.16 -62.29
C VAL CA 121 16.22 24.86 -62.34
N SER CA 122 16.77 24.56 -63.51
CA SER CA 122 17.54 23.34 -63.69
C SER CA 122 18.50 23.54 -64.85
N SER CA 123 19.62 22.82 -64.80
CA SER CA 123 20.63 22.94 -65.85
C SER CA 123 20.26 22.19 -67.13
N ALA CA 124 19.24 21.34 -67.09
CA ALA CA 124 18.85 20.60 -68.29
C ALA CA 124 18.24 21.54 -69.32
N LYS CA 125 18.51 21.25 -70.59
CA LYS CA 125 17.95 21.99 -71.70
C LYS CA 125 16.74 21.26 -72.29
N THR CA 126 16.05 21.95 -73.19
CA THR CA 126 14.83 21.42 -73.80
C THR CA 126 15.12 20.15 -74.59
N THR CA 127 14.40 19.08 -74.26
CA THR CA 127 14.55 17.77 -74.88
C THR CA 127 13.16 17.22 -75.18
N ALA CA 128 12.99 16.70 -76.40
CA ALA CA 128 11.73 16.10 -76.79
C ALA CA 128 11.57 14.71 -76.17
N PRO CA 129 10.35 14.31 -75.84
CA PRO CA 129 10.15 13.01 -75.20
C PRO CA 129 10.22 11.86 -76.21
N SER CA 130 10.65 10.70 -75.72
CA SER CA 130 10.59 9.46 -76.47
C SER CA 130 9.41 8.64 -75.97
N VAL CA 131 8.44 8.39 -76.83
CA VAL CA 131 7.22 7.69 -76.47
C VAL CA 131 7.29 6.26 -76.99
N TYR CA 132 7.02 5.29 -76.13
CA TYR CA 132 7.11 3.89 -76.48
C TYR CA 132 5.81 3.19 -76.10
N PRO CA 133 5.23 2.38 -76.97
CA PRO CA 133 4.05 1.60 -76.60
C PRO CA 133 4.42 0.31 -75.88
N LEU CA 134 3.52 -0.12 -74.99
CA LEU CA 134 3.73 -1.30 -74.15
C LEU CA 134 2.58 -2.28 -74.39
N ALA CA 135 2.88 -3.37 -75.11
CA ALA CA 135 1.90 -4.40 -75.43
C ALA CA 135 2.23 -5.72 -74.75
N PRO CA 136 1.21 -6.50 -74.38
CA PRO CA 136 1.45 -7.80 -73.74
C PRO CA 136 1.97 -8.84 -74.73
N VAL CA 137 3.10 -9.46 -74.38
CA VAL CA 137 3.71 -10.51 -75.18
C VAL CA 137 2.78 -11.72 -75.22
N CYS CA 138 2.66 -12.41 -74.09
CA CYS CA 138 1.78 -13.56 -73.95
C CYS CA 138 0.55 -13.17 -73.12
N GLY CA 139 -0.38 -14.12 -72.98
CA GLY CA 139 -1.61 -13.83 -72.28
C GLY CA 139 -2.15 -14.95 -71.41
N GLY CA 140 -2.10 -14.76 -70.10
CA GLY CA 140 -2.78 -15.62 -69.14
C GLY CA 140 -3.94 -14.88 -68.50
N THR CA 141 -5.10 -15.55 -68.44
CA THR CA 141 -6.36 -14.92 -68.10
C THR CA 141 -6.58 -13.67 -68.95
N THR CA 142 -6.57 -13.89 -70.27
CA THR CA 142 -6.59 -12.80 -71.24
C THR CA 142 -7.89 -11.99 -71.19
N GLY CA 143 -8.95 -12.50 -70.56
CA GLY CA 143 -10.24 -11.85 -70.56
C GLY CA 143 -10.55 -11.21 -69.23
N SER CA 144 -11.30 -10.11 -69.28
CA SER CA 144 -11.81 -9.39 -68.11
C SER CA 144 -10.71 -9.11 -67.09
N SER CA 145 -9.84 -8.15 -67.43
CA SER CA 145 -9.85 -7.44 -68.70
C SER CA 145 -8.42 -7.33 -69.22
N VAL CA 146 -8.23 -6.67 -70.36
CA VAL CA 146 -6.91 -6.47 -70.94
C VAL CA 146 -6.42 -5.08 -70.59
N THR CA 147 -5.12 -4.95 -70.33
CA THR CA 147 -4.51 -3.68 -69.93
C THR CA 147 -3.32 -3.40 -70.83
N LEU CA 148 -3.35 -2.24 -71.49
CA LEU CA 148 -2.29 -1.78 -72.36
C LEU CA 148 -1.39 -0.80 -71.60
N GLY CA 149 -0.52 -0.11 -72.32
CA GLY CA 149 0.36 0.87 -71.69
C GLY CA 149 1.08 1.74 -72.69
N CYS CA 150 1.42 2.96 -72.26
CA CYS CA 150 2.16 3.91 -73.07
C CYS CA 150 3.12 4.68 -72.17
N LEU CA 151 4.34 4.88 -72.65
CA LEU CA 151 5.42 5.44 -71.85
C LEU CA 151 5.96 6.70 -72.52
N VAL CA 152 6.13 7.76 -71.72
CA VAL CA 152 6.70 9.02 -72.18
C VAL CA 152 7.98 9.21 -71.39
N LYS CA 153 9.13 8.95 -72.02
CA LYS CA 153 10.40 8.86 -71.32
C LYS CA 153 11.35 9.97 -71.77
N GLY CA 154 12.01 10.58 -70.80
CA GLY CA 154 13.12 11.48 -71.06
C GLY CA 154 12.76 12.78 -71.75
N TYR CA 155 11.92 13.59 -71.11
CA TYR CA 155 11.57 14.90 -71.64
C TYR CA 155 11.87 15.99 -70.61
N PHE CA 156 11.98 17.21 -71.11
CA PHE CA 156 12.24 18.40 -70.31
C PHE CA 156 11.96 19.64 -71.14
N PRO CA 157 11.25 20.64 -70.57
CA PRO CA 157 10.63 20.57 -69.25
C PRO CA 157 9.17 20.14 -69.31
N GLU CA 158 8.51 20.09 -68.15
CA GLU CA 158 7.09 19.80 -68.09
C GLU CA 158 6.31 20.95 -68.72
N PRO CA 159 5.03 20.72 -69.10
CA PRO CA 159 4.25 19.48 -69.06
C PRO CA 159 4.10 18.79 -70.41
N VAL CA 160 3.36 17.68 -70.40
CA VAL CA 160 3.00 16.95 -71.61
C VAL CA 160 1.49 16.80 -71.66
N THR CA 161 1.00 16.41 -72.82
CA THR CA 161 -0.44 16.22 -73.04
C THR CA 161 -0.84 14.78 -72.70
N LEU CA 162 -1.98 14.64 -72.02
CA LEU CA 162 -2.43 13.35 -71.50
C LEU CA 162 -3.76 13.01 -72.18
N THR CA 163 -3.67 12.40 -73.38
CA THR CA 163 -4.84 11.99 -74.13
C THR CA 163 -4.67 10.57 -74.66
N TRP CA 164 -5.78 9.86 -74.77
CA TRP CA 164 -5.84 8.54 -75.40
C TRP CA 164 -6.79 8.60 -76.58
N ASN CA 165 -6.30 8.23 -77.75
CA ASN CA 165 -7.11 8.20 -78.98
C ASN CA 165 -7.75 9.57 -79.25
N SER CA 166 -6.91 10.62 -79.20
CA SER CA 166 -7.31 11.99 -79.51
C SER CA 166 -8.42 12.48 -78.57
N GLY CA 167 -8.34 12.09 -77.30
CA GLY CA 167 -9.28 12.55 -76.30
C GLY CA 167 -10.49 11.66 -76.07
N SER CA 168 -10.68 10.62 -76.86
CA SER CA 168 -11.81 9.71 -76.66
C SER CA 168 -11.53 8.80 -75.45
N LEU CA 169 -12.48 7.89 -75.20
CA LEU CA 169 -12.37 6.90 -74.13
C LEU CA 169 -12.32 7.56 -72.76
N SER CA 170 -11.11 7.77 -72.24
CA SER CA 170 -10.86 8.42 -70.96
C SER CA 170 -11.35 7.57 -69.78
N SER CA 171 -12.07 6.50 -70.06
CA SER CA 171 -12.56 5.59 -69.03
C SER CA 171 -11.54 4.49 -68.78
N GLY CA 172 -11.30 4.20 -67.49
CA GLY CA 172 -10.32 3.20 -67.13
C GLY CA 172 -8.88 3.59 -67.39
N VAL CA 173 -8.60 4.88 -67.51
CA VAL CA 173 -7.26 5.37 -67.79
C VAL CA 173 -6.62 5.85 -66.50
N HIS CA 174 -5.37 5.42 -66.26
CA HIS CA 174 -4.58 5.88 -65.13
C HIS CA 174 -3.29 6.47 -65.67
N THR CA 175 -3.18 7.80 -65.66
CA THR CA 175 -1.97 8.51 -66.03
C THR CA 175 -1.31 9.04 -64.77
N PHE CA 176 -0.11 8.62 -64.54
CA PHE CA 176 0.70 8.76 -63.34
C PHE CA 176 1.60 9.99 -63.41
N PRO CA 177 1.84 10.63 -62.27
CA PRO CA 177 2.69 11.82 -62.25
C PRO CA 177 4.11 11.52 -62.67
N ALA CA 178 4.73 12.50 -63.33
CA ALA CA 178 6.10 12.36 -63.79
C ALA CA 178 7.07 12.35 -62.61
N LEU CA 179 8.16 11.61 -62.77
CA LEU CA 179 9.24 11.57 -61.79
C LEU CA 179 10.53 12.07 -62.44
N LEU CA 180 11.32 12.80 -61.66
CA LEU CA 180 12.53 13.43 -62.15
C LEU CA 180 13.76 12.67 -61.65
N GLN CA 181 14.68 12.38 -62.57
CA GLN CA 181 15.97 11.80 -62.21
C GLN CA 181 17.00 12.25 -63.24
N SER CA 182 18.18 12.61 -62.75
CA SER CA 182 19.29 13.06 -63.60
C SER CA 182 18.85 14.19 -64.54
N GLY CA 183 18.01 15.09 -64.02
CA GLY CA 183 17.55 16.21 -64.82
C GLY CA 183 16.62 15.86 -65.94
N LEU CA 184 15.98 14.70 -65.90
CA LEU CA 184 15.02 14.29 -66.94
C LEU CA 184 13.75 13.78 -66.28
N TYR CA 185 12.63 13.95 -66.99
CA TYR CA 185 11.32 13.53 -66.52
C TYR CA 185 10.94 12.19 -67.14
N THR CA 186 10.11 11.43 -66.41
CA THR CA 186 9.58 10.17 -66.91
C THR CA 186 8.13 10.04 -66.47
N LEU CA 187 7.25 9.72 -67.41
CA LEU CA 187 5.83 9.58 -67.16
C LEU CA 187 5.33 8.30 -67.81
N SER CA 188 4.31 7.70 -67.18
CA SER CA 188 3.74 6.45 -67.66
C SER CA 188 2.23 6.53 -67.58
N SER CA 189 1.55 5.79 -68.46
CA SER CA 189 0.10 5.75 -68.44
C SER CA 189 -0.37 4.37 -68.84
N SER CA 190 -1.37 3.86 -68.12
CA SER CA 190 -1.95 2.55 -68.40
C SER CA 190 -3.45 2.69 -68.64
N VAL CA 191 -3.99 1.82 -69.48
CA VAL CA 191 -5.42 1.83 -69.80
C VAL CA 191 -5.92 0.38 -69.80
N THR CA 192 -7.12 0.18 -69.26
CA THR CA 192 -7.74 -1.13 -69.16
C THR CA 192 -9.04 -1.13 -69.94
N VAL CA 193 -9.18 -2.09 -70.85
CA VAL CA 193 -10.37 -2.25 -71.68
C VAL CA 193 -10.71 -3.74 -71.74
N THR CA 194 -11.92 -4.02 -72.23
CA THR CA 194 -12.36 -5.40 -72.38
C THR CA 194 -11.49 -6.12 -73.41
N SER CA 195 -11.33 -7.44 -73.23
CA SER CA 195 -10.46 -8.22 -74.10
C SER CA 195 -10.98 -8.26 -75.54
N ASN CA 196 -12.29 -8.11 -75.73
CA ASN CA 196 -12.89 -8.16 -77.05
C ASN CA 196 -12.90 -6.81 -77.76
N THR CA 197 -12.24 -5.79 -77.19
CA THR CA 197 -12.11 -4.49 -77.83
C THR CA 197 -10.75 -4.28 -78.47
N TRP CA 198 -9.67 -4.72 -77.82
CA TRP CA 198 -8.31 -4.61 -78.31
C TRP CA 198 -7.69 -6.00 -78.43
N PRO CA 199 -6.92 -6.27 -79.50
CA PRO CA 199 -6.54 -5.35 -80.57
C PRO CA 199 -7.52 -5.32 -81.74
N SER CA 200 -8.79 -5.67 -81.49
CA SER CA 200 -9.79 -5.62 -82.54
C SER CA 200 -9.97 -4.21 -83.06
N GLN CA 201 -9.93 -3.22 -82.18
CA GLN CA 201 -10.01 -1.81 -82.55
C GLN CA 201 -8.69 -1.13 -82.24
N THR CA 202 -8.36 -0.12 -83.04
CA THR CA 202 -7.08 0.56 -82.89
C THR CA 202 -7.09 1.43 -81.63
N ILE CA 203 -6.03 1.31 -80.83
CA ILE CA 203 -5.84 2.13 -79.64
C ILE CA 203 -4.47 2.79 -79.73
N THR CA 204 -4.45 4.12 -79.74
CA THR CA 204 -3.22 4.89 -79.86
C THR CA 204 -3.16 5.96 -78.77
N CYS CA 205 -1.97 6.11 -78.18
CA CYS CA 205 -1.73 7.19 -77.22
C CYS CA 205 -1.12 8.38 -77.94
N ASN CA 206 -1.65 9.56 -77.65
CA ASN CA 206 -1.22 10.81 -78.28
C ASN CA 206 -0.50 11.66 -77.24
N VAL CA 207 0.75 12.04 -77.55
CA VAL CA 207 1.59 12.81 -76.64
C VAL CA 207 2.05 14.07 -77.39
N ALA CA 208 1.73 15.23 -76.83
CA ALA CA 208 2.15 16.52 -77.37
C ALA CA 208 3.06 17.20 -76.38
N HIS CA 209 4.19 17.71 -76.86
CA HIS CA 209 5.14 18.44 -76.02
C HIS CA 209 5.35 19.84 -76.60
N PRO CA 210 4.69 20.86 -76.05
CA PRO CA 210 4.83 22.21 -76.63
C PRO CA 210 6.20 22.84 -76.37
N ALA CA 211 6.87 22.46 -75.29
CA ALA CA 211 8.17 23.06 -74.97
C ALA CA 211 9.17 22.83 -76.09
N SER CA 212 9.14 21.65 -76.70
CA SER CA 212 9.97 21.36 -77.86
C SER CA 212 9.20 21.49 -79.17
N SER CA 213 7.95 21.94 -79.11
CA SER CA 213 7.11 22.14 -80.30
C SER CA 213 6.99 20.86 -81.10
N THR CA 214 6.78 19.74 -80.41
CA THR CA 214 6.64 18.44 -81.06
C THR CA 214 5.30 17.82 -80.71
N LYS CA 215 4.85 16.91 -81.56
CA LYS CA 215 3.57 16.22 -81.37
C LYS CA 215 3.67 14.85 -82.02
N VAL CA 216 3.57 13.79 -81.21
CA VAL CA 216 3.73 12.42 -81.67
C VAL CA 216 2.53 11.60 -81.24
N ASP CA 217 2.01 10.79 -82.16
CA ASP CA 217 0.93 9.86 -81.88
C ASP CA 217 1.43 8.45 -82.15
N LYS CA 218 1.32 7.57 -81.15
CA LYS CA 218 1.88 6.23 -81.23
C LYS CA 218 0.77 5.21 -81.04
N LYS CA 219 0.61 4.31 -82.00
CA LYS CA 219 -0.37 3.24 -81.92
C LYS CA 219 0.27 1.96 -81.39
N ILE CA 220 -0.44 1.26 -80.51
CA ILE CA 220 0.09 0.04 -79.90
C ILE CA 220 -0.19 -1.15 -80.80
N ASP DA 1 21.64 39.25 29.18
CA ASP DA 1 20.70 38.94 28.10
C ASP DA 1 21.32 37.91 27.16
N VAL DA 2 21.94 38.39 26.07
CA VAL DA 2 22.62 37.51 25.14
C VAL DA 2 23.87 36.94 25.79
N VAL DA 3 24.17 35.68 25.50
CA VAL DA 3 25.34 35.01 26.04
C VAL DA 3 26.33 34.76 24.91
N MET DA 4 27.61 34.94 25.20
CA MET DA 4 28.69 34.74 24.24
C MET DA 4 29.55 33.56 24.69
N THR DA 5 29.74 32.60 23.79
CA THR DA 5 30.52 31.40 24.07
C THR DA 5 31.72 31.37 23.14
N GLN DA 6 32.92 31.40 23.71
CA GLN DA 6 34.15 31.33 22.95
C GLN DA 6 34.72 29.92 23.02
N THR DA 7 35.27 29.45 21.90
CA THR DA 7 35.86 28.12 21.81
C THR DA 7 37.23 28.22 21.17
N PRO DA 8 38.31 27.80 21.86
CA PRO DA 8 38.29 27.32 23.23
C PRO DA 8 38.69 28.42 24.22
N LEU DA 9 38.87 28.06 25.49
CA LEU DA 9 39.35 29.04 26.46
C LEU DA 9 40.87 29.13 26.44
N SER DA 10 41.55 28.04 26.11
CA SER DA 10 43.00 28.02 25.95
C SER DA 10 43.32 27.40 24.59
N LEU DA 11 44.05 28.14 23.76
CA LEU DA 11 44.40 27.70 22.41
C LEU DA 11 45.92 27.72 22.26
N PRO DA 12 46.61 26.64 22.60
CA PRO DA 12 48.07 26.60 22.45
C PRO DA 12 48.48 26.41 21.00
N VAL DA 13 49.32 27.31 20.50
CA VAL DA 13 49.86 27.26 19.15
C VAL DA 13 51.31 27.73 19.18
N SER DA 14 52.06 27.33 18.17
CA SER DA 14 53.44 27.78 17.99
C SER DA 14 53.49 28.96 17.04
N LEU DA 15 54.59 29.70 17.09
CA LEU DA 15 54.76 30.86 16.24
C LEU DA 15 54.82 30.45 14.77
N GLY DA 16 54.18 31.24 13.91
CA GLY DA 16 54.10 30.95 12.50
C GLY DA 16 52.92 30.08 12.10
N ASP DA 17 52.20 29.52 13.07
CA ASP DA 17 51.04 28.68 12.79
C ASP DA 17 49.79 29.54 12.63
N GLN DA 18 48.68 28.88 12.30
CA GLN DA 18 47.39 29.55 12.17
C GLN DA 18 46.60 29.42 13.46
N ALA DA 19 45.88 30.49 13.81
CA ALA DA 19 45.05 30.51 15.00
C ALA DA 19 43.61 30.73 14.59
N SER DA 20 42.69 30.06 15.28
CA SER DA 20 41.26 30.20 15.00
C SER DA 20 40.49 30.15 16.32
N ILE DA 21 39.77 31.23 16.62
CA ILE DA 21 38.96 31.33 17.82
C ILE DA 21 37.50 31.45 17.39
N SER DA 22 36.63 30.66 18.00
CA SER DA 22 35.21 30.68 17.68
C SER DA 22 34.43 31.45 18.73
N CYS DA 23 33.36 32.10 18.27
CA CYS DA 23 32.47 32.85 19.14
C CYS DA 23 31.05 32.65 18.65
N ARG DA 24 30.19 32.11 19.51
CA ARG DA 24 28.80 31.85 19.18
C ARG DA 24 27.89 32.61 20.14
N SER DA 25 26.76 33.08 19.63
CA SER DA 25 25.80 33.84 20.41
C SER DA 25 24.47 33.14 20.47
N SER DA 26 23.67 33.51 21.46
CA SER DA 26 22.34 32.93 21.64
C SER DA 26 21.28 33.56 20.75
N GLN DA 27 21.50 34.79 20.29
CA GLN DA 27 20.54 35.50 19.46
C GLN DA 27 21.15 35.82 18.10
N SER DA 28 20.30 36.34 17.22
CA SER DA 28 20.69 36.53 15.82
C SER DA 28 21.82 37.52 15.65
N LEU DA 29 21.99 38.45 16.61
CA LEU DA 29 23.06 39.43 16.60
C LEU DA 29 22.98 40.42 15.44
N VAL DA 30 22.07 40.20 14.50
CA VAL DA 30 21.86 41.13 13.40
C VAL DA 30 20.86 42.19 13.87
N HIS DA 31 21.29 43.45 13.84
CA HIS DA 31 20.49 44.54 14.38
C HIS DA 31 19.33 44.87 13.45
N SER DA 32 18.31 45.53 14.02
CA SER DA 32 17.26 46.15 13.22
C SER DA 32 17.85 47.33 12.45
N ASN DA 33 18.85 47.04 11.62
CA ASN DA 33 19.77 47.99 11.02
C ASN DA 33 20.68 47.16 10.12
N GLY DA 34 21.34 47.83 9.17
CA GLY DA 34 22.12 47.17 8.14
C GLY DA 34 23.03 46.01 8.51
N ASN DA 35 23.92 46.21 9.47
CA ASN DA 35 25.03 45.27 9.71
C ASN DA 35 24.89 44.62 11.09
N THR DA 36 25.82 43.71 11.37
CA THR DA 36 25.91 43.01 12.65
C THR DA 36 27.09 43.56 13.43
N TYR DA 37 26.88 43.86 14.71
CA TYR DA 37 27.85 44.62 15.50
C TYR DA 37 28.54 43.67 16.48
N LEU DA 38 29.44 42.85 15.95
CA LEU DA 38 30.28 41.98 16.76
C LEU DA 38 31.74 42.42 16.63
N HIS DA 39 32.45 42.45 17.76
CA HIS DA 39 33.81 42.98 17.80
C HIS DA 39 34.74 42.00 18.51
N TRP DA 40 36.05 42.22 18.32
CA TRP DA 40 37.10 41.44 18.95
C TRP DA 40 38.09 42.39 19.61
N TYR DA 41 38.36 42.16 20.90
CA TYR DA 41 39.32 42.92 21.67
C TYR DA 41 40.47 42.02 22.09
N LEU DA 42 41.61 42.65 22.37
CA LEU DA 42 42.79 41.94 22.84
C LEU DA 42 43.32 42.60 24.11
N GLN DA 43 43.47 41.81 25.17
CA GLN DA 43 43.98 42.24 26.46
C GLN DA 43 45.18 41.40 26.86
N LYS DA 44 46.26 42.07 27.26
CA LYS DA 44 47.51 41.44 27.72
C LYS DA 44 48.58 42.47 28.08
N SER DA 45 49.01 42.47 29.34
CA SER DA 45 48.58 41.52 30.35
C SER DA 45 48.37 42.32 31.62
N GLY DA 46 49.26 43.29 31.85
CA GLY DA 46 49.09 44.17 32.97
C GLY DA 46 48.53 45.51 32.50
N GLN DA 47 48.09 45.53 31.24
CA GLN DA 47 47.50 46.69 30.59
C GLN DA 47 46.01 46.48 30.29
N SER DA 48 45.34 47.59 30.02
CA SER DA 48 43.93 47.63 29.64
C SER DA 48 43.67 46.91 28.32
N PRO DA 49 42.44 46.45 28.10
CA PRO DA 49 42.08 45.86 26.80
C PRO DA 49 42.22 46.86 25.67
N LYS DA 50 42.36 46.33 24.46
CA LYS DA 50 42.54 47.16 23.27
C LYS DA 50 41.71 46.60 22.13
N LEU DA 51 41.13 47.49 21.32
CA LEU DA 51 40.28 47.07 20.22
C LEU DA 51 41.12 46.42 19.13
N LEU DA 52 40.68 45.25 18.66
CA LEU DA 52 41.35 44.55 17.58
C LEU DA 52 40.57 44.64 16.26
N ILE DA 53 39.30 44.23 16.27
CA ILE DA 53 38.46 44.29 15.07
C ILE DA 53 37.07 44.79 15.47
N TYR DA 54 36.50 45.68 14.67
CA TYR DA 54 35.14 46.15 14.89
C TYR DA 54 34.29 45.75 13.69
N LYS DA 55 33.03 45.38 13.98
CA LYS DA 55 32.08 44.95 12.97
C LYS DA 55 32.65 43.81 12.11
N VAL DA 56 32.92 42.69 12.80
CA VAL DA 56 33.23 41.38 12.24
C VAL DA 56 34.51 41.35 11.40
N SER DA 57 34.72 42.35 10.53
CA SER DA 57 35.77 42.18 9.54
C SER DA 57 36.54 43.46 9.20
N ASN DA 58 36.49 44.48 10.05
CA ASN DA 58 37.20 45.73 9.82
C ASN DA 58 38.41 45.80 10.75
N ARG DA 59 39.60 45.85 10.17
CA ARG DA 59 40.81 45.98 10.98
C ARG DA 59 40.89 47.37 11.58
N PHE DA 60 41.26 47.43 12.86
CA PHE DA 60 41.44 48.70 13.52
C PHE DA 60 42.75 49.35 13.09
N SER DA 61 42.87 50.65 13.37
CA SER DA 61 44.08 51.39 13.02
C SER DA 61 45.29 50.84 13.75
N GLY DA 62 46.30 50.45 12.99
CA GLY DA 62 47.51 49.88 13.55
C GLY DA 62 47.47 48.39 13.82
N VAL DA 63 46.52 47.68 13.21
CA VAL DA 63 46.40 46.24 13.37
C VAL DA 63 47.05 45.55 12.17
N PRO DA 64 47.97 44.61 12.38
CA PRO DA 64 48.63 43.96 11.26
C PRO DA 64 47.67 43.19 10.38
N ASP DA 65 48.10 42.92 9.15
CA ASP DA 65 47.28 42.21 8.18
C ASP DA 65 46.99 40.76 8.61
N ARG DA 66 47.75 40.24 9.58
CA ARG DA 66 47.59 38.84 9.97
C ARG DA 66 46.21 38.58 10.56
N PHE DA 67 45.67 39.53 11.32
CA PHE DA 67 44.36 39.35 11.93
C PHE DA 67 43.26 39.47 10.87
N SER DA 68 42.32 38.52 10.90
CA SER DA 68 41.25 38.46 9.92
C SER DA 68 40.00 37.92 10.59
N GLY DA 69 38.96 38.74 10.66
CA GLY DA 69 37.69 38.34 11.24
C GLY DA 69 36.70 37.86 10.20
N SER DA 70 35.85 36.92 10.61
CA SER DA 70 34.86 36.34 9.72
C SER DA 70 33.68 35.84 10.54
N GLY DA 71 32.63 35.44 9.83
CA GLY DA 71 31.42 34.90 10.44
C GLY DA 71 30.20 35.71 10.09
N SER DA 72 29.05 35.21 10.54
CA SER DA 72 27.77 35.86 10.30
C SER DA 72 26.73 35.23 11.23
N GLY DA 73 25.55 35.84 11.26
CA GLY DA 73 24.45 35.37 12.07
C GLY DA 73 24.80 35.21 13.54
N THR DA 74 24.89 33.97 14.01
CA THR DA 74 25.25 33.68 15.38
C THR DA 74 26.62 33.02 15.51
N ASP DA 75 27.28 32.72 14.39
CA ASP DA 75 28.54 31.99 14.41
C ASP DA 75 29.63 32.88 13.82
N PHE DA 76 30.66 33.16 14.61
CA PHE DA 76 31.76 34.03 14.21
C PHE DA 76 33.09 33.36 14.51
N THR DA 77 34.11 33.73 13.73
CA THR DA 77 35.45 33.18 13.90
C THR DA 77 36.47 34.30 13.70
N LEU DA 78 37.60 34.17 14.39
CA LEU DA 78 38.73 35.08 14.27
C LEU DA 78 39.96 34.26 13.94
N LYS DA 79 40.63 34.61 12.85
CA LYS DA 79 41.77 33.85 12.33
C LYS DA 79 43.02 34.73 12.36
N ILE DA 80 44.11 34.18 12.87
CA ILE DA 80 45.42 34.82 12.85
C ILE DA 80 46.32 34.01 11.93
N SER DA 81 46.89 34.67 10.91
CA SER DA 81 47.69 33.97 9.92
C SER DA 81 48.97 33.41 10.53
N ARG DA 82 49.83 34.28 11.08
CA ARG DA 82 51.08 33.87 11.71
C ARG DA 82 51.14 34.50 13.10
N VAL DA 83 50.92 33.68 14.13
CA VAL DA 83 50.99 34.17 15.50
C VAL DA 83 52.43 34.58 15.82
N GLU DA 84 52.60 35.80 16.29
CA GLU DA 84 53.90 36.36 16.61
C GLU DA 84 54.02 36.60 18.11
N ALA DA 85 55.18 37.17 18.50
CA ALA DA 85 55.48 37.36 19.91
C ALA DA 85 54.46 38.27 20.60
N GLU DA 86 54.19 39.43 19.99
CA GLU DA 86 53.32 40.42 20.62
C GLU DA 86 51.84 40.11 20.36
N ASP DA 87 51.50 38.83 20.25
CA ASP DA 87 50.11 38.41 20.11
C ASP DA 87 49.60 37.59 21.29
N LEU DA 88 50.39 37.46 22.36
CA LEU DA 88 50.05 36.56 23.45
C LEU DA 88 49.17 37.28 24.46
N GLY DA 89 47.97 36.75 24.68
CA GLY DA 89 47.06 37.36 25.64
C GLY DA 89 45.67 36.76 25.55
N VAL DA 90 44.75 37.37 26.30
CA VAL DA 90 43.35 36.98 26.32
C VAL DA 90 42.60 37.75 25.24
N TYR DA 91 41.88 37.02 24.39
CA TYR DA 91 41.07 37.58 23.31
C TYR DA 91 39.60 37.56 23.72
N PHE DA 92 38.98 38.73 23.71
CA PHE DA 92 37.56 38.86 24.05
C PHE DA 92 36.71 39.08 22.81
N CYS DA 93 35.47 38.59 22.87
CA CYS DA 93 34.52 38.68 21.78
C CYS DA 93 33.27 39.38 22.29
N SER DA 94 32.96 40.54 21.72
CA SER DA 94 31.92 41.41 22.24
C SER DA 94 30.76 41.54 21.27
N GLN DA 95 29.56 41.73 21.83
CA GLN DA 95 28.37 42.05 21.04
C GLN DA 95 27.71 43.28 21.64
N SER DA 96 27.33 44.22 20.76
CA SER DA 96 26.62 45.43 21.15
C SER DA 96 25.33 45.61 20.33
N THR DA 97 24.90 44.58 19.60
CA THR DA 97 23.66 44.69 18.84
C THR DA 97 22.45 44.84 19.75
N HIS DA 98 22.43 44.12 20.86
CA HIS DA 98 21.31 44.16 21.80
C HIS DA 98 21.78 44.76 23.12
N VAL DA 99 20.91 45.56 23.73
CA VAL DA 99 21.16 46.12 25.06
C VAL DA 99 20.74 45.07 26.08
N PRO DA 100 21.56 44.77 27.10
CA PRO DA 100 22.87 45.37 27.35
C PRO DA 100 24.00 44.80 26.49
N PHE DA 101 25.00 45.62 26.23
CA PHE DA 101 26.22 45.17 25.54
C PHE DA 101 26.87 44.05 26.34
N THR DA 102 26.98 42.86 25.73
CA THR DA 102 27.46 41.71 26.48
C THR DA 102 28.63 41.06 25.75
N PHE DA 103 29.59 40.56 26.53
CA PHE DA 103 30.76 39.88 25.97
C PHE DA 103 31.36 38.92 26.99
N GLY DA 104 31.81 37.78 26.47
CA GLY DA 104 32.63 36.83 27.21
C GLY DA 104 33.45 36.05 26.21
N ALA DA 105 34.30 35.16 26.73
CA ALA DA 105 34.55 35.03 28.16
C ALA DA 105 36.04 35.07 28.43
N GLY DA 106 36.81 35.29 27.37
CA GLY DA 106 38.26 35.30 27.46
C GLY DA 106 38.90 34.10 26.79
N THR DA 107 39.84 34.34 25.88
CA THR DA 107 40.53 33.26 25.16
C THR DA 107 42.02 33.49 25.28
N LYS DA 108 42.70 32.61 26.02
CA LYS DA 108 44.13 32.73 26.27
C LYS DA 108 44.89 32.18 25.06
N LEU DA 109 45.64 33.05 24.39
CA LEU DA 109 46.51 32.63 23.29
C LEU DA 109 47.87 32.27 23.86
N GLU DA 110 48.11 30.97 24.03
CA GLU DA 110 49.29 30.44 24.69
C GLU DA 110 50.18 29.70 23.69
N LEU DA 111 51.41 29.43 24.12
CA LEU DA 111 52.39 28.76 23.29
C LEU DA 111 52.26 27.24 23.40
N LYS DA 112 52.63 26.55 22.33
CA LYS DA 112 52.57 25.09 22.27
C LYS DA 112 53.94 24.51 22.62
N ARG DA 113 53.95 23.51 23.50
CA ARG DA 113 55.18 22.87 23.95
C ARG DA 113 54.96 21.37 24.03
N ALA DA 114 56.02 20.66 24.38
CA ALA DA 114 55.98 19.21 24.55
C ALA DA 114 55.34 18.84 25.88
N ASP DA 115 54.75 17.65 25.92
CA ASP DA 115 54.08 17.16 27.11
C ASP DA 115 55.05 17.00 28.27
N ALA DA 116 54.56 17.23 29.48
CA ALA DA 116 55.37 17.13 30.69
C ALA DA 116 54.52 16.64 31.85
N ALA DA 117 55.03 15.65 32.58
CA ALA DA 117 54.32 15.09 33.72
C ALA DA 117 54.45 16.02 34.94
N PRO DA 118 53.41 16.13 35.76
CA PRO DA 118 53.48 17.03 36.93
C PRO DA 118 54.32 16.45 38.06
N THR DA 119 54.97 17.35 38.79
CA THR DA 119 55.69 17.01 40.01
C THR DA 119 54.84 17.39 41.21
N VAL DA 120 54.37 16.40 41.95
CA VAL DA 120 53.41 16.59 43.04
C VAL DA 120 54.14 16.46 44.38
N SER DA 121 53.81 17.36 45.32
CA SER DA 121 54.38 17.34 46.66
C SER DA 121 53.32 17.74 47.66
N ILE DA 122 53.24 17.01 48.77
CA ILE DA 122 52.26 17.28 49.83
C ILE DA 122 52.99 17.82 51.06
N PHE DA 123 52.30 18.69 51.79
CA PHE DA 123 52.81 19.26 53.04
C PHE DA 123 51.72 19.34 54.09
N PRO DA 124 51.89 18.70 55.24
CA PRO DA 124 50.88 18.76 56.30
C PRO DA 124 50.88 20.12 56.98
N PRO DA 125 49.89 20.39 57.83
CA PRO DA 125 49.88 21.68 58.54
C PRO DA 125 51.08 21.86 59.44
N SER DA 126 51.58 23.10 59.49
CA SER DA 126 52.75 23.42 60.29
C SER DA 126 52.41 23.41 61.78
N SER DA 127 53.46 23.40 62.61
CA SER DA 127 53.28 23.45 64.05
C SER DA 127 52.73 24.80 64.51
N GLU DA 128 53.06 25.89 63.81
CA GLU DA 128 52.59 27.20 64.22
C GLU DA 128 51.09 27.36 63.98
N GLN DA 129 50.59 26.81 62.86
CA GLN DA 129 49.16 26.94 62.57
C GLN DA 129 48.32 26.11 63.54
N LEU DA 130 48.83 24.97 63.99
CA LEU DA 130 48.11 24.12 64.92
C LEU DA 130 47.95 24.77 66.29
N THR DA 131 48.75 25.79 66.60
CA THR DA 131 48.57 26.54 67.84
C THR DA 131 47.40 27.50 67.79
N SER DA 132 46.94 27.86 66.59
CA SER DA 132 45.79 28.74 66.43
C SER DA 132 44.47 27.99 66.37
N GLY DA 133 44.49 26.66 66.30
CA GLY DA 133 43.28 25.87 66.25
C GLY DA 133 42.87 25.40 64.86
N GLY DA 134 43.69 25.61 63.83
CA GLY DA 134 43.37 25.15 62.50
C GLY DA 134 44.48 24.28 61.94
N ALA DA 135 44.15 23.59 60.85
CA ALA DA 135 45.12 22.70 60.20
C ALA DA 135 44.86 22.69 58.71
N SER DA 136 45.84 23.15 57.92
CA SER DA 136 45.74 23.19 56.47
C SER DA 136 46.82 22.33 55.84
N VAL DA 137 46.41 21.40 54.98
CA VAL DA 137 47.33 20.52 54.26
C VAL DA 137 47.35 20.97 52.80
N VAL DA 138 48.55 21.12 52.24
CA VAL DA 138 48.71 21.71 50.91
C VAL DA 138 49.29 20.68 49.96
N CYS DA 139 48.86 20.77 48.70
CA CYS DA 139 49.33 19.88 47.63
C CYS DA 139 49.73 20.75 46.44
N PHE DA 140 51.01 20.69 46.08
CA PHE DA 140 51.56 21.43 44.95
C PHE DA 140 51.76 20.51 43.76
N LEU DA 141 51.33 20.97 42.59
CA LEU DA 141 51.49 20.25 41.32
C LEU DA 141 52.23 21.18 40.36
N ASN DA 142 53.56 21.04 40.32
CA ASN DA 142 54.43 21.98 39.63
C ASN DA 142 54.95 21.41 38.32
N ASN DA 143 55.07 22.28 37.32
CA ASN DA 143 55.75 22.00 36.05
C ASN DA 143 55.09 20.84 35.31
N PHE DA 144 53.88 21.12 34.82
CA PHE DA 144 53.15 20.18 33.99
C PHE DA 144 52.66 20.86 32.71
N TYR DA 145 52.30 20.03 31.73
CA TYR DA 145 51.75 20.50 30.46
C TYR DA 145 51.01 19.34 29.83
N PRO DA 146 49.81 19.55 29.24
CA PRO DA 146 49.11 20.83 29.05
C PRO DA 146 48.46 21.42 30.30
N LYS DA 147 47.64 22.45 30.08
CA LYS DA 147 47.02 23.18 31.18
C LYS DA 147 45.99 22.34 31.92
N ASP DA 148 45.35 21.39 31.23
CA ASP DA 148 44.29 20.61 31.84
C ASP DA 148 44.84 19.60 32.84
N ILE DA 149 44.29 19.62 34.06
CA ILE DA 149 44.68 18.70 35.11
C ILE DA 149 43.58 18.69 36.15
N ASN DA 150 43.45 17.58 36.88
CA ASN DA 150 42.44 17.46 37.91
C ASN DA 150 43.05 16.90 39.20
N VAL DA 151 42.60 17.45 40.33
CA VAL DA 151 43.08 17.03 41.64
C VAL DA 151 41.88 16.54 42.46
N LYS DA 152 42.14 15.55 43.30
CA LYS DA 152 41.13 14.98 44.19
C LYS DA 152 41.78 14.69 45.54
N TRP DA 153 41.22 15.26 46.60
CA TRP DA 153 41.63 14.95 47.96
C TRP DA 153 40.77 13.82 48.51
N LYS DA 154 41.40 12.87 49.20
CA LYS DA 154 40.65 11.80 49.84
C LYS DA 154 41.16 11.56 51.26
N ILE DA 155 40.19 11.51 52.18
CA ILE DA 155 40.38 11.13 53.57
C ILE DA 155 39.20 10.24 53.92
N ASP DA 156 39.43 8.94 54.11
CA ASP DA 156 40.74 8.32 54.00
C ASP DA 156 41.22 8.10 52.55
N GLY DA 157 40.39 7.60 51.62
CA GLY DA 157 39.01 7.19 51.84
C GLY DA 157 38.01 7.91 50.94
N SER DA 158 37.17 8.76 51.55
CA SER DA 158 36.13 9.49 50.83
C SER DA 158 36.59 10.90 50.48
N GLU DA 159 36.16 11.38 49.33
CA GLU DA 159 36.53 12.71 48.87
C GLU DA 159 35.80 13.79 49.67
N ARG DA 160 36.53 14.85 50.01
CA ARG DA 160 35.99 15.99 50.74
C ARG DA 160 36.26 17.25 49.95
N GLN DA 161 35.20 17.96 49.56
CA GLN DA 161 35.31 19.17 48.76
C GLN DA 161 35.06 20.45 49.53
N ASN DA 162 34.66 20.37 50.80
CA ASN DA 162 34.26 21.55 51.57
C ASN DA 162 35.45 22.24 52.23
N GLY DA 163 36.63 22.19 51.64
CA GLY DA 163 37.78 22.87 52.19
C GLY DA 163 38.90 23.11 51.20
N VAL DA 164 38.67 22.79 49.93
CA VAL DA 164 39.72 22.84 48.92
C VAL DA 164 39.72 24.23 48.29
N LEU DA 165 40.91 24.84 48.22
CA LEU DA 165 41.11 26.11 47.55
C LEU DA 165 42.20 25.92 46.51
N ASN DA 166 41.88 26.23 45.26
CA ASN DA 166 42.80 25.98 44.15
C ASN DA 166 43.25 27.29 43.53
N SER DA 167 44.49 27.30 43.04
CA SER DA 167 45.08 28.45 42.40
C SER DA 167 45.98 27.97 41.26
N TRP DA 168 45.87 28.65 40.12
CA TRP DA 168 46.64 28.29 38.94
C TRP DA 168 47.50 29.47 38.51
N THR DA 169 48.67 29.16 37.96
CA THR DA 169 49.52 30.16 37.34
C THR DA 169 49.41 30.07 35.82
N ASP DA 170 49.76 31.17 35.15
CA ASP DA 170 49.79 31.19 33.70
C ASP DA 170 51.08 30.55 33.20
N GLN DA 171 51.28 30.58 31.89
CA GLN DA 171 52.48 29.98 31.29
C GLN DA 171 53.74 30.64 31.84
N ASP DA 172 54.61 29.82 32.43
CA ASP DA 172 55.87 30.31 32.94
C ASP DA 172 56.75 30.83 31.81
N SER DA 173 57.43 31.96 32.07
CA SER DA 173 58.31 32.53 31.06
C SER DA 173 59.46 31.59 30.70
N LYS DA 174 59.78 30.63 31.57
CA LYS DA 174 60.79 29.62 31.29
C LYS DA 174 60.10 28.31 30.93
N ASP DA 175 60.24 27.89 29.68
CA ASP DA 175 59.79 26.61 29.15
C ASP DA 175 58.26 26.48 29.08
N SER DA 176 57.52 27.51 29.47
CA SER DA 176 56.07 27.57 29.26
C SER DA 176 55.33 26.41 29.94
N THR DA 177 55.75 26.08 31.15
CA THR DA 177 55.09 25.03 31.93
C THR DA 177 54.15 25.67 32.97
N TYR DA 178 53.11 24.93 33.31
CA TYR DA 178 52.11 25.39 34.28
C TYR DA 178 52.40 24.83 35.67
N SER DA 179 51.74 25.42 36.66
CA SER DA 179 51.80 24.96 38.03
C SER DA 179 50.46 25.23 38.70
N MET DA 180 50.21 24.51 39.80
CA MET DA 180 48.92 24.57 40.47
C MET DA 180 49.12 24.30 41.96
N SER DA 181 48.29 24.95 42.77
CA SER DA 181 48.27 24.72 44.22
C SER DA 181 46.86 24.42 44.67
N SER DA 182 46.73 23.42 45.54
CA SER DA 182 45.45 23.08 46.15
C SER DA 182 45.66 22.94 47.64
N THR DA 183 45.06 23.84 48.42
CA THR DA 183 45.20 23.84 49.87
C THR DA 183 43.86 23.48 50.49
N LEU DA 184 43.84 22.39 51.25
CA LEU DA 184 42.65 21.92 51.92
C LEU DA 184 42.76 22.28 53.41
N THR DA 185 41.85 23.13 53.87
CA THR DA 185 41.90 23.70 55.21
C THR DA 185 40.78 23.09 56.05
N LEU DA 186 41.16 22.44 57.14
CA LEU DA 186 40.21 21.87 58.09
C LEU DA 186 40.45 22.45 59.49
N THR DA 187 39.45 22.26 60.34
CA THR DA 187 39.61 22.59 61.75
C THR DA 187 40.58 21.59 62.39
N LYS DA 188 41.14 21.99 63.53
CA LYS DA 188 42.09 21.12 64.22
C LYS DA 188 41.40 19.84 64.71
N ASP DA 189 40.15 19.95 65.16
CA ASP DA 189 39.43 18.77 65.62
C ASP DA 189 39.21 17.76 64.50
N GLU DA 190 38.72 18.23 63.35
CA GLU DA 190 38.51 17.33 62.22
C GLU DA 190 39.82 16.77 61.70
N TYR DA 191 40.91 17.54 61.81
CA TYR DA 191 42.21 17.03 61.38
C TYR DA 191 42.68 15.92 62.31
N GLU DA 192 42.46 16.07 63.62
CA GLU DA 192 42.85 15.04 64.57
C GLU DA 192 41.93 13.82 64.52
N ARG DA 193 40.84 13.88 63.77
CA ARG DA 193 39.90 12.76 63.67
C ARG DA 193 40.28 11.78 62.55
N HIS DA 194 41.30 12.08 61.77
CA HIS DA 194 41.74 11.22 60.68
C HIS DA 194 43.25 11.07 60.73
N ASN DA 195 43.75 9.98 60.13
CA ASN DA 195 45.17 9.66 60.16
C ASN DA 195 45.84 9.74 58.80
N SER DA 196 45.25 9.15 57.77
CA SER DA 196 45.84 9.10 56.44
C SER DA 196 45.22 10.15 55.55
N TYR DA 197 46.05 10.92 54.85
CA TYR DA 197 45.60 11.97 53.95
C TYR DA 197 46.23 11.74 52.58
N THR DA 198 45.41 11.71 51.52
CA THR DA 198 45.99 11.45 50.21
C THR DA 198 45.51 12.46 49.18
N CYS DA 199 46.47 13.06 48.47
CA CYS DA 199 46.22 13.95 47.35
C CYS DA 199 46.52 13.20 46.05
N GLU DA 200 45.52 13.14 45.17
CA GLU DA 200 45.61 12.38 43.93
C GLU DA 200 45.50 13.34 42.75
N ALA DA 201 46.40 13.19 41.78
CA ALA DA 201 46.44 14.05 40.60
C ALA DA 201 46.26 13.20 39.35
N THR DA 202 45.17 13.43 38.62
CA THR DA 202 44.96 12.82 37.32
C THR DA 202 45.24 13.87 36.25
N HIS DA 203 46.15 13.54 35.33
CA HIS DA 203 46.64 14.48 34.35
C HIS DA 203 46.60 13.85 32.96
N LYS DA 204 46.59 14.71 31.95
CA LYS DA 204 46.48 14.31 30.55
C LYS DA 204 47.70 13.57 30.02
N THR DA 205 48.82 13.55 30.75
CA THR DA 205 49.99 12.86 30.23
C THR DA 205 49.84 11.36 30.43
N SER DA 206 50.41 10.59 29.50
CA SER DA 206 50.31 9.14 29.57
C SER DA 206 51.19 8.59 30.69
N THR DA 207 50.64 7.68 31.49
CA THR DA 207 49.21 7.36 31.47
C THR DA 207 48.72 7.17 32.91
N SER DA 208 47.39 7.02 33.09
CA SER DA 208 46.71 6.71 34.35
C SER DA 208 46.95 7.73 35.45
N PRO DA 209 46.14 7.73 36.52
CA PRO DA 209 46.31 8.71 37.60
C PRO DA 209 47.62 8.53 38.37
N ILE DA 210 48.21 9.65 38.76
CA ILE DA 210 49.38 9.68 39.65
C ILE DA 210 48.88 9.99 41.06
N VAL DA 211 49.36 9.22 42.05
CA VAL DA 211 48.85 9.30 43.42
C VAL DA 211 49.97 9.73 44.36
N LYS DA 212 49.63 10.59 45.32
CA LYS DA 212 50.52 10.93 46.43
C LYS DA 212 49.77 10.85 47.74
N SER DA 213 50.45 10.40 48.80
CA SER DA 213 49.77 10.21 50.08
C SER DA 213 50.76 10.37 51.22
N PHE DA 214 50.21 10.57 52.42
CA PHE DA 214 51.04 10.55 53.63
C PHE DA 214 50.16 10.23 54.83
N ASN DA 215 50.81 9.70 55.87
CA ASN DA 215 50.21 9.36 57.15
C ASN DA 215 50.73 10.28 58.23
N ARG DA 216 50.27 10.04 59.47
CA ARG DA 216 50.60 10.90 60.60
C ARG DA 216 52.06 10.75 61.03
N ASN DA 217 52.84 9.91 60.34
CA ASN DA 217 54.27 9.73 60.60
C ASN DA 217 54.84 8.71 59.63
#